data_7B12
#
_entry.id   7B12
#
_cell.length_a   118.995
_cell.length_b   201.736
_cell.length_c   161.932
_cell.angle_alpha   90.000
_cell.angle_beta   106.830
_cell.angle_gamma   90.000
#
_symmetry.space_group_name_H-M   'P 1 21 1'
#
loop_
_entity.id
_entity.type
_entity.pdbx_description
1 polymer 'Proteasome subunit beta type-1'
2 polymer 'Proteasome subunit beta type-4'
3 polymer 'Proteasome subunit alpha type-6'
4 polymer 'Proteasome subunit alpha type-2'
5 polymer 'Proteasome subunit alpha type-4'
6 polymer 'Proteasome subunit alpha type-7'
7 polymer 'Proteasome subunit alpha type-5'
8 polymer 'Proteasome subunit alpha type-1'
9 polymer 'Proteasome subunit alpha type-3'
10 polymer 'Proteasome subunit beta type-9'
11 polymer 'Proteasome subunit beta type-3'
12 polymer 'Proteasome subunit beta type-2'
13 polymer 'Proteasome subunit beta type-8'
14 polymer 'Proteasome subunit beta type-10'
15 non-polymer 'SULFATE ION'
16 non-polymer 'SODIUM ION'
17 non-polymer '((R)-2-(3-ethylphenyl)-1-((S)-3-phenyl-2-(pyrazine-2-carboxamido)propanamido)ethyl)boronic acid'
18 water water
#
loop_
_entity_poly.entity_id
_entity_poly.type
_entity_poly.pdbx_seq_one_letter_code
_entity_poly.pdbx_strand_id
1 'polypeptide(L)'
;RFSPYVFNGGTILAIAGEDFAIVASDTRLSEGFSIHTRDSPKCYKLTDKTVIGCSGFHGDCLTLTKIIEARLKMYKHSNN
KAMTTGAIAAMLSTILYSRRFFPYYVYNIIGGLDEEGKGAVYSFDPVGSYQRDSFKAGGSASAMLQPLLDNQVGFKNMQN
VEHVPLSLDRAMRLVKDVFISAAERDVYTGDALRICIVTKEGIREETVSLRKD
;
1,M
2 'polypeptide(L)'
;TQNPMVTGTSVLGVKFEGGVVIAADMLGSYGSLARFRNISRIMRVNNSTMLGASGDYADFQYLKQVLGQMVIDEELLGDG
HSYSPRAIHSWLTRAMYSRRSKMNPLWNTMVIGGYADGESFLGYVDMLGVAYEAPSLATGYGAYLAQPLLREVLEKQPVL
SQTEARDLVERCMRVLYYRDARSYNRFQIATVTEKGVEIEGPLSTETNWDIAHM
;
2,N
3 'polypeptide(L)'
;GSSAGFDRHITIFSPEGRLYQVEYAFKAINQGGLTSVAVRGKDCAVIVTQKKVPDKLLDSSTVTHLFKITENIGCVMTGM
TADSRSQVQRARYEAANWKYKYGYEIPVDMLCKRIADISQVYTQNAEMRPLGCCMILIGIDEEQGPQVYKCDPAGYYCGF
KATAAGVKQTESTSFLEKKVKKKFDWTFEQTVETAITCLSTVLSIDFKPSEIEVGVVTVENPKFRILTEAEIDAHLVALA
ER
;
A,O
4 'polypeptide(L)'
;GYSFSLTTFSPSGKLVQIEYALAAVAGGAPSVGIKAANGVVLATEKKQKSILYDERSVHKVEPITKHIGLVYSGMGPDYR
VLVHRARKLAQQYYLVYQEPIPTAQLVQRVASVMQEYTQSGGVRPFGVSLLICGWNEGRPYLFQSDPSGAYFAWKATAMG
KNYVNGKTFLEKRYNEDLELEDAIHTAILTLKESFEGQMTEDNIEVGICNEAGFRRLTPTEVKDYLAAI
;
B,P
5 'polypeptide(L)'
;SRRYDSRTTIFSPEGRLYQVEYAMEAIGHAGTCLGILANDGVLLAAERRNIHKLLDEVFFSEKIYKLNEDMACSVAGITS
DANVLTNELRLIAQRYLLQYQEPIPCEQLVTALCDIKQAYTQFGGKRPFGVSLLYIGWDKHYGFQLYQSDPSGNYGGWKA
TCIGNNSAAAVSMLKQDYKEGEMTLKSALALAIKVLNKTMDVSKLSAEKVEIATLTRENGKTVIRVLKQKEVEQLIKKHE
EEEAKAER
;
C,Q
6 'polypeptide(L)'
;SYDRAITVFSPDGHLFQVEYAQEAVKKGSTAVGVRGRDIVVLGVEKKSVAKLQDERTVRKICALDDNVCMAFAGLTADAR
IVINRARVECQSHRLTVEDPVTVEYITRYIASLKQRYTQSNGRRPFGISALIVGFDFDGTPRLYQTDPSGTYHAWKANAI
GRGAKSVREFLEKNYTDEAIETDDLTIKLVIKALLEVVQSGGKNIELAVMRRDQSLKILNPEEIEKYVAEIEKEK
;
D,r
7 'polypeptide(L)'
;DRGVNTFSPEGRLFQVEYAIEAIKLGSTAIGIQTSEGVCLAVEKRITSPLMEPSSIEKIVEIDAHIGCAMSGLIADAKTL
IDKARVETQNHWFTYNETMTVESVTQAVSNLALQFGEEDADPGAMSRPFGVALLFGGVDEKGPQLFHMDPSGTFVQCDAR
AIGSASEGAQSSLQEVYHKSMTLKEAIKSSLIILKQVMEEKLNATNIELATVQPGQNFHMFTKEELEEVIKD
;
E,s
8 'polypeptide(L)'
;NQYDNDVTVWSPQGRIHQIEYAMEAVKQGSATVGLKSKTHAVLVALKRAQSELAAHQKKILHVDNHIGISIAGLTADARL
LCNFMRQECLDSRFVFDRPLPVSRLVSLIGSKTQIPTQRYGRRPYGVGLLIAGYDDMGPHIFQTCPSANYFDCRAMSIGA
RSQSARTYLERHMSEFMECNLNELVKHGLRALRETLPAEQDLTTKNVSIGIVGKDLEFTIYDDDDVSPFLEGLEER
;
F,T
9 'polypeptide(L)'
;SIGTGYDLSASTFSPDGRVFQVEYAMKAVENSSTAIGIRCKDGVVFGVEKLVLSKLYEEGSNKRLFNVDRHVGMAVAGLL
ADARSLADIAREEASNFRSNFGYNIPLKHLADRVAMYVHAYTLYSAVRPFGCSFMLGSYSVNDGAQLYMIDPSGVSYGYW
GCAIGKARQAAKTEIEKLQMKEMTCRDIVKEVAKIIYIVHDEVKDKAFELELSWVGELTNGRHEIVPKDIREEAEKYAKE
SLKE
;
G,U
10 'polypeptide(L)'
;TTIMAVEFDGGVVMGSDSRVSAGEAVVNRVFDKLSPLHERIYCALSGSAADAQAVADMAAYQLELHGIELEEPPLVLAAA
NVVRNISYKYREDLSAHLMVAGWDQREGGQVYGTLGGMLTRQPFAIGGSGSTFIYGYVDAAYKPGMSPEECRRFTTDAIA
LAMSRDGSSGGVIYLVTITAAGVDHRVILGNELPKFYDE
;
H,V
11 'polypeptide(L)'
;SIMSYNGGAVMAMKGKNCVAIAADRRFGIQAQMVTTDFQKIFPMGDRLYIGLAGLATDVQTVAQRLKFRLNLYELKEGRQ
IKPYTLMSMVANLLYEKRFGPYYTEPVIAGLDPKTFKPFICSLDLIGCPMVTDDFVVSGTCAEQMYGMCESLWEPNMDPD
HLFETISQAMLNAVDRDAVSGMGVIVHIIEKDKITTRTLKARMD
;
J,X
12 'polypeptide(L)'
;MEYLIGIQGPDYVLVASDRVAASNIVQMKDDHDKMFKMSEKILLLCVGEAGDTVQFAEYIQKNVQLYKMRNGYELSPTAA
ANFTRRNLADCLRSRTPYHVNLLLAGYDEHEGPALYYMDYLAALAKAPFAAHGYGAFLTLSILDRYYTPTISRERAVELL
RKCLEELQKRFILNLPTFSVRIIDKNGIHDLDNISFP
;
K,Y
13 'polypeptide(L)'
;TTTLAFKFQHGVIAAVDSRASAGSYISALRVNKVIEINPYLLGTMSGCAADCQYWERLLAKECRLYYLRNGERISVSAAS
KLLSNMMCQYRGMGLSMGSMICGWDKKGPGLYYVDEHGTRLSGNMFSTGSGNTYAYGVMDSGYRPNLSPEEAYDLGRRAI
AYATHRDSYSGGVVNMYHMKEDGWVKVESTDVSDLLHQYREAN
;
L,Z
14 'polypeptide(L)'
;TTIAGLVFQDGVILGADTRATNDSVVADKSCEKIHFIAPKIYCCGAGVAADAEMTTRMVASKMELHALSTGREPRVATVT
RILRQTLFRYQGHVGASLIVGGVDLTGPQLYGVHPHGSYSRLPFTALGSGQDAALAVLEDRFQPNMTLEAAQGLLVEAVT
AGILGDLGSGGNVDACVITKTGAKLLRTLSSPTEPVKRSGRYHFVPGTTAVLTQTVKPLTLEL
;
i,w
#
# COMPACT_ATOMS: atom_id res chain seq x y z
N ARG A 1 8.19 -10.11 -5.65
CA ARG A 1 7.47 -10.42 -6.88
C ARG A 1 8.48 -10.70 -8.00
N PHE A 2 8.18 -11.70 -8.82
CA PHE A 2 9.07 -12.06 -9.92
C PHE A 2 8.77 -11.15 -11.12
N SER A 3 9.83 -10.64 -11.77
CA SER A 3 9.63 -9.82 -12.97
C SER A 3 10.14 -10.63 -14.12
N PRO A 4 9.31 -10.84 -15.15
CA PRO A 4 9.76 -11.63 -16.32
C PRO A 4 10.68 -10.87 -17.27
N TYR A 5 11.13 -9.67 -16.91
CA TYR A 5 11.97 -8.88 -17.78
C TYR A 5 13.25 -8.42 -17.10
N VAL A 6 14.26 -8.17 -17.92
CA VAL A 6 15.55 -7.62 -17.54
C VAL A 6 16.05 -6.80 -18.75
N PHE A 7 16.80 -5.73 -18.48
CA PHE A 7 17.30 -4.90 -19.55
C PHE A 7 18.75 -5.28 -19.86
N ASN A 8 19.00 -5.81 -21.08
CA ASN A 8 20.34 -6.26 -21.48
C ASN A 8 21.09 -5.27 -22.41
N GLY A 9 20.47 -4.15 -22.71
CA GLY A 9 21.09 -3.08 -23.49
C GLY A 9 21.45 -3.40 -24.92
N GLY A 10 22.34 -2.58 -25.47
CA GLY A 10 22.75 -2.71 -26.85
C GLY A 10 22.05 -1.73 -27.76
N THR A 11 22.77 -1.28 -28.78
CA THR A 11 22.27 -0.32 -29.77
C THR A 11 22.24 -0.91 -31.18
N ILE A 12 21.17 -0.64 -31.90
CA ILE A 12 20.99 -1.04 -33.27
C ILE A 12 20.71 0.22 -34.10
N LEU A 13 21.02 0.18 -35.40
CA LEU A 13 20.84 1.33 -36.29
C LEU A 13 20.75 0.82 -37.73
N ALA A 14 19.88 1.41 -38.57
CA ALA A 14 19.81 1.01 -39.98
C ALA A 14 19.72 2.21 -40.89
N ILE A 15 20.28 2.12 -42.12
CA ILE A 15 20.21 3.18 -43.11
C ILE A 15 19.78 2.58 -44.47
N ALA A 16 18.78 3.18 -45.09
CA ALA A 16 18.31 2.76 -46.40
C ALA A 16 18.93 3.66 -47.48
N GLY A 17 19.70 3.06 -48.37
CA GLY A 17 20.35 3.76 -49.47
C GLY A 17 19.70 3.45 -50.81
N GLU A 18 20.23 4.03 -51.90
CA GLU A 18 19.66 3.84 -53.25
C GLU A 18 19.57 2.38 -53.68
N ASP A 19 20.63 1.64 -53.44
CA ASP A 19 20.73 0.23 -53.82
C ASP A 19 21.27 -0.64 -52.70
N PHE A 20 21.20 -0.18 -51.46
CA PHE A 20 21.75 -0.90 -50.33
C PHE A 20 20.97 -0.60 -49.05
N ALA A 21 21.22 -1.37 -47.99
CA ALA A 21 20.66 -1.13 -46.68
C ALA A 21 21.69 -1.62 -45.65
N ILE A 22 22.02 -0.81 -44.64
CA ILE A 22 22.97 -1.20 -43.60
C ILE A 22 22.21 -1.45 -42.29
N VAL A 23 22.51 -2.52 -41.55
CA VAL A 23 21.91 -2.75 -40.23
C VAL A 23 23.11 -3.00 -39.32
N ALA A 24 23.32 -2.18 -38.32
CA ALA A 24 24.47 -2.28 -37.45
C ALA A 24 24.10 -2.40 -35.97
N SER A 25 25.01 -2.93 -35.15
CA SER A 25 24.82 -3.04 -33.71
C SER A 25 26.16 -3.15 -33.02
N ASP A 26 26.22 -2.83 -31.75
CA ASP A 26 27.37 -3.12 -30.93
C ASP A 26 27.24 -4.66 -30.49
N THR A 27 28.26 -5.19 -29.82
CA THR A 27 28.24 -6.60 -29.45
C THR A 27 28.24 -6.84 -27.95
N ARG A 28 27.76 -5.88 -27.15
CA ARG A 28 27.76 -6.03 -25.69
C ARG A 28 26.46 -6.53 -25.15
N LEU A 29 26.53 -7.51 -24.25
CA LEU A 29 25.35 -7.98 -23.54
C LEU A 29 25.60 -7.64 -22.09
N SER A 30 24.70 -6.87 -21.45
CA SER A 30 24.85 -6.35 -20.07
C SER A 30 23.70 -6.77 -19.19
N GLU A 31 23.85 -6.61 -17.90
CA GLU A 31 22.79 -6.85 -16.92
C GLU A 31 23.23 -6.04 -15.71
N GLY A 32 22.40 -5.08 -15.27
CA GLY A 32 22.77 -4.18 -14.17
C GLY A 32 24.03 -3.39 -14.47
N PHE A 33 25.10 -3.62 -13.70
CA PHE A 33 26.44 -3.03 -13.91
C PHE A 33 27.47 -4.09 -14.42
N SER A 34 26.97 -5.25 -14.83
CA SER A 34 27.82 -6.38 -15.31
C SER A 34 27.76 -6.56 -16.83
N ILE A 35 28.81 -7.15 -17.41
CA ILE A 35 28.87 -7.47 -18.82
C ILE A 35 28.76 -9.01 -18.89
N HIS A 36 27.76 -9.50 -19.59
CA HIS A 36 27.54 -10.93 -19.74
C HIS A 36 28.58 -11.47 -20.67
N THR A 37 28.65 -10.88 -21.88
CA THR A 37 29.57 -11.22 -22.95
C THR A 37 29.85 -9.98 -23.80
N ARG A 38 31.03 -9.96 -24.44
CA ARG A 38 31.43 -8.86 -25.34
C ARG A 38 31.20 -9.21 -26.84
N ASP A 39 30.80 -10.46 -27.13
CA ASP A 39 30.57 -10.95 -28.47
C ASP A 39 29.11 -11.39 -28.56
N SER A 40 28.23 -10.42 -28.61
CA SER A 40 26.80 -10.62 -28.77
C SER A 40 26.27 -9.61 -29.79
N PRO A 41 26.52 -9.86 -31.08
CA PRO A 41 25.99 -8.95 -32.11
C PRO A 41 24.45 -9.05 -32.20
N LYS A 42 23.78 -7.91 -32.40
CA LYS A 42 22.31 -7.92 -32.45
C LYS A 42 21.76 -8.03 -33.88
N CYS A 43 22.58 -8.47 -34.88
CA CYS A 43 22.13 -8.57 -36.27
C CYS A 43 21.87 -9.99 -36.67
N TYR A 44 20.73 -10.20 -37.31
CA TYR A 44 20.28 -11.50 -37.70
C TYR A 44 19.91 -11.53 -39.21
N LYS A 45 20.61 -12.36 -40.04
CA LYS A 45 20.30 -12.49 -41.47
C LYS A 45 19.00 -13.32 -41.58
N LEU A 46 18.03 -12.84 -42.35
CA LEU A 46 16.73 -13.53 -42.46
C LEU A 46 16.56 -14.16 -43.83
N THR A 47 16.73 -13.35 -44.85
CA THR A 47 16.74 -13.77 -46.25
C THR A 47 18.02 -13.18 -46.87
N ASP A 48 18.35 -13.56 -48.10
CA ASP A 48 19.48 -12.97 -48.79
C ASP A 48 19.31 -11.46 -49.08
N LYS A 49 18.11 -10.89 -48.82
CA LYS A 49 17.91 -9.46 -48.97
C LYS A 49 17.24 -8.78 -47.76
N THR A 50 17.20 -9.48 -46.61
CA THR A 50 16.60 -8.93 -45.40
C THR A 50 17.36 -9.36 -44.15
N VAL A 51 17.72 -8.40 -43.33
CA VAL A 51 18.41 -8.60 -42.04
C VAL A 51 17.65 -7.79 -40.98
N ILE A 52 17.79 -8.17 -39.72
CA ILE A 52 17.08 -7.49 -38.65
C ILE A 52 17.96 -7.22 -37.45
N GLY A 53 17.74 -6.07 -36.81
CA GLY A 53 18.44 -5.68 -35.60
C GLY A 53 17.48 -5.79 -34.43
N CYS A 54 17.87 -6.47 -33.36
CA CYS A 54 17.01 -6.67 -32.19
C CYS A 54 17.74 -6.28 -30.91
N SER A 55 17.07 -5.55 -30.04
CA SER A 55 17.67 -5.02 -28.82
C SER A 55 16.62 -4.90 -27.70
N GLY A 56 17.02 -5.13 -26.46
CA GLY A 56 16.12 -5.01 -25.32
C GLY A 56 16.33 -6.12 -24.31
N PHE A 57 15.31 -6.96 -24.11
CA PHE A 57 15.43 -8.08 -23.18
C PHE A 57 15.94 -9.25 -24.04
N HIS A 58 17.13 -9.80 -23.74
CA HIS A 58 17.72 -10.85 -24.54
C HIS A 58 16.86 -12.12 -24.68
N GLY A 59 16.10 -12.47 -23.65
CA GLY A 59 15.24 -13.66 -23.69
C GLY A 59 14.21 -13.55 -24.78
N ASP A 60 13.63 -12.33 -24.92
CA ASP A 60 12.65 -12.00 -25.94
C ASP A 60 13.30 -11.85 -27.29
N CYS A 61 14.54 -11.35 -27.35
CA CYS A 61 15.31 -11.25 -28.60
C CYS A 61 15.52 -12.62 -29.17
N LEU A 62 15.96 -13.58 -28.34
CA LEU A 62 16.20 -14.95 -28.83
C LEU A 62 14.93 -15.63 -29.31
N THR A 63 13.84 -15.43 -28.60
CA THR A 63 12.57 -16.05 -28.93
C THR A 63 11.98 -15.46 -30.19
N LEU A 64 11.80 -14.14 -30.26
CA LEU A 64 11.23 -13.50 -31.44
C LEU A 64 12.08 -13.82 -32.71
N THR A 65 13.41 -13.98 -32.51
CA THR A 65 14.40 -14.35 -33.53
C THR A 65 14.04 -15.74 -34.12
N LYS A 66 13.92 -16.78 -33.25
CA LYS A 66 13.59 -18.15 -33.65
C LYS A 66 12.20 -18.23 -34.27
N ILE A 67 11.21 -17.45 -33.77
CA ILE A 67 9.85 -17.40 -34.32
C ILE A 67 9.86 -16.81 -35.73
N ILE A 68 10.63 -15.72 -35.95
CA ILE A 68 10.76 -15.10 -37.27
C ILE A 68 11.38 -16.12 -38.23
N GLU A 69 12.47 -16.77 -37.80
CA GLU A 69 13.16 -17.82 -38.57
C GLU A 69 12.17 -18.94 -38.96
N ALA A 70 11.41 -19.48 -38.02
CA ALA A 70 10.40 -20.50 -38.29
C ALA A 70 9.29 -20.04 -39.24
N ARG A 71 8.78 -18.80 -39.06
CA ARG A 71 7.70 -18.27 -39.89
C ARG A 71 8.11 -18.08 -41.34
N LEU A 72 9.39 -17.69 -41.61
CA LEU A 72 9.85 -17.53 -42.99
C LEU A 72 9.84 -18.89 -43.69
N LYS A 73 10.29 -19.94 -42.99
CA LYS A 73 10.31 -21.30 -43.58
C LYS A 73 8.87 -21.72 -43.88
N MET A 74 7.95 -21.42 -42.97
CA MET A 74 6.55 -21.79 -43.14
C MET A 74 5.97 -21.08 -44.36
N TYR A 75 6.32 -19.80 -44.57
CA TYR A 75 5.83 -19.03 -45.69
C TYR A 75 6.37 -19.58 -47.01
N LYS A 76 7.68 -19.94 -47.04
CA LYS A 76 8.34 -20.51 -48.22
C LYS A 76 7.65 -21.81 -48.57
N HIS A 77 7.37 -22.68 -47.59
CA HIS A 77 6.68 -23.94 -47.86
C HIS A 77 5.27 -23.68 -48.40
N SER A 78 4.55 -22.71 -47.80
CA SER A 78 3.19 -22.43 -48.23
C SER A 78 3.08 -21.72 -49.62
N ASN A 79 4.00 -20.80 -49.93
CA ASN A 79 3.90 -20.00 -51.16
C ASN A 79 4.94 -20.29 -52.23
N ASN A 80 5.89 -21.16 -51.95
CA ASN A 80 6.95 -21.55 -52.86
C ASN A 80 7.75 -20.33 -53.35
N LYS A 81 8.01 -19.40 -52.41
CA LYS A 81 8.83 -18.20 -52.63
C LYS A 81 9.29 -17.60 -51.30
N ALA A 82 10.40 -16.87 -51.34
CA ALA A 82 10.92 -16.21 -50.16
C ALA A 82 10.09 -14.99 -49.85
N MET A 83 9.97 -14.66 -48.55
CA MET A 83 9.23 -13.51 -48.11
C MET A 83 9.98 -12.23 -48.45
N THR A 84 9.29 -11.25 -49.05
CA THR A 84 9.89 -9.97 -49.35
C THR A 84 10.15 -9.17 -48.03
N THR A 85 10.95 -8.09 -48.10
CA THR A 85 11.23 -7.28 -46.91
C THR A 85 9.92 -6.72 -46.30
N GLY A 86 9.03 -6.24 -47.15
CA GLY A 86 7.74 -5.70 -46.74
C GLY A 86 6.84 -6.73 -46.07
N ALA A 87 6.85 -7.99 -46.54
CA ALA A 87 6.03 -9.05 -45.96
C ALA A 87 6.58 -9.45 -44.60
N ILE A 88 7.93 -9.48 -44.45
CA ILE A 88 8.52 -9.76 -43.13
C ILE A 88 8.14 -8.63 -42.16
N ALA A 89 8.20 -7.34 -42.60
CA ALA A 89 7.81 -6.23 -41.72
C ALA A 89 6.33 -6.31 -41.31
N ALA A 90 5.42 -6.52 -42.28
CA ALA A 90 4.01 -6.64 -42.01
C ALA A 90 3.71 -7.81 -41.08
N MET A 91 4.47 -8.90 -41.18
CA MET A 91 4.25 -10.08 -40.36
C MET A 91 4.72 -9.85 -38.95
N LEU A 92 5.91 -9.24 -38.79
CA LEU A 92 6.50 -8.95 -37.49
C LEU A 92 5.57 -8.08 -36.66
N SER A 93 4.89 -7.13 -37.30
CA SER A 93 3.89 -6.30 -36.61
C SER A 93 2.78 -7.15 -35.98
N THR A 94 2.33 -8.21 -36.68
CA THR A 94 1.25 -9.07 -36.15
C THR A 94 1.75 -9.98 -35.01
N ILE A 95 3.00 -10.42 -35.11
CA ILE A 95 3.63 -11.25 -34.11
C ILE A 95 3.82 -10.40 -32.84
N LEU A 96 4.34 -9.17 -32.98
CA LEU A 96 4.53 -8.28 -31.85
C LEU A 96 3.17 -7.93 -31.20
N TYR A 97 2.15 -7.59 -32.01
CA TYR A 97 0.83 -7.27 -31.44
C TYR A 97 0.12 -8.52 -30.87
N SER A 98 0.55 -9.74 -31.23
CA SER A 98 -0.04 -10.95 -30.62
C SER A 98 0.27 -10.98 -29.11
N ARG A 99 1.33 -10.25 -28.67
CA ARG A 99 1.76 -10.11 -27.29
C ARG A 99 1.47 -8.68 -26.74
N ARG A 100 0.40 -8.02 -27.24
CA ARG A 100 -0.02 -6.69 -26.80
C ARG A 100 -0.21 -6.65 -25.27
N PHE A 101 -0.65 -7.76 -24.65
CA PHE A 101 -0.87 -7.77 -23.21
C PHE A 101 0.29 -8.43 -22.41
N PHE A 102 1.32 -8.93 -23.06
CA PHE A 102 2.53 -9.45 -22.38
C PHE A 102 3.61 -9.24 -23.42
N PRO A 103 4.03 -7.98 -23.64
CA PRO A 103 4.93 -7.69 -24.75
C PRO A 103 6.27 -8.39 -24.79
N TYR A 104 6.85 -8.42 -26.03
CA TYR A 104 8.21 -8.82 -26.30
C TYR A 104 8.93 -7.50 -26.05
N TYR A 105 9.84 -7.45 -25.07
CA TYR A 105 10.59 -6.23 -24.80
C TYR A 105 11.75 -6.20 -25.80
N VAL A 106 11.43 -5.92 -27.07
CA VAL A 106 12.38 -5.88 -28.19
C VAL A 106 12.11 -4.66 -29.07
N TYR A 107 13.18 -3.98 -29.48
CA TYR A 107 13.18 -2.88 -30.44
C TYR A 107 13.74 -3.47 -31.73
N ASN A 108 12.94 -3.50 -32.78
CA ASN A 108 13.31 -4.13 -34.04
C ASN A 108 13.51 -3.12 -35.13
N ILE A 109 14.53 -3.30 -35.95
CA ILE A 109 14.76 -2.45 -37.12
C ILE A 109 15.12 -3.38 -38.26
N ILE A 110 14.22 -3.56 -39.21
CA ILE A 110 14.46 -4.40 -40.40
C ILE A 110 15.16 -3.53 -41.42
N GLY A 111 16.08 -4.13 -42.16
CA GLY A 111 16.83 -3.48 -43.23
C GLY A 111 17.08 -4.45 -44.37
N GLY A 112 16.77 -4.04 -45.58
CA GLY A 112 17.01 -4.87 -46.75
C GLY A 112 16.65 -4.18 -48.04
N LEU A 113 16.31 -4.95 -49.08
CA LEU A 113 15.93 -4.35 -50.36
C LEU A 113 14.45 -4.52 -50.62
N ASP A 114 13.85 -3.55 -51.32
CA ASP A 114 12.45 -3.70 -51.73
C ASP A 114 12.37 -4.45 -53.09
N GLU A 115 11.16 -4.65 -53.65
CA GLU A 115 11.02 -5.34 -54.94
C GLU A 115 11.63 -4.56 -56.13
N GLU A 116 11.91 -3.26 -55.96
CA GLU A 116 12.58 -2.47 -56.99
C GLU A 116 14.13 -2.45 -56.78
N GLY A 117 14.65 -3.22 -55.81
CA GLY A 117 16.07 -3.27 -55.53
C GLY A 117 16.61 -2.10 -54.73
N LYS A 118 15.71 -1.27 -54.20
CA LYS A 118 16.03 -0.07 -53.41
C LYS A 118 16.12 -0.38 -51.93
N GLY A 119 16.83 0.46 -51.19
CA GLY A 119 16.99 0.28 -49.76
C GLY A 119 15.71 0.48 -49.03
N ALA A 120 15.45 -0.37 -48.07
CA ALA A 120 14.23 -0.35 -47.27
C ALA A 120 14.62 -0.55 -45.83
N VAL A 121 14.08 0.29 -44.94
CA VAL A 121 14.25 0.21 -43.48
C VAL A 121 12.85 0.26 -42.87
N TYR A 122 12.54 -0.62 -41.93
CA TYR A 122 11.25 -0.64 -41.24
C TYR A 122 11.56 -0.62 -39.75
N SER A 123 11.05 0.37 -38.99
CA SER A 123 11.36 0.45 -37.56
C SER A 123 10.14 0.15 -36.73
N PHE A 124 10.33 -0.60 -35.63
CA PHE A 124 9.25 -1.11 -34.82
C PHE A 124 9.32 -0.70 -33.35
N ASP A 125 8.18 -0.75 -32.67
CA ASP A 125 8.11 -0.53 -31.23
C ASP A 125 7.71 -1.90 -30.59
N PRO A 126 8.03 -2.15 -29.30
CA PRO A 126 7.75 -3.47 -28.73
C PRO A 126 6.37 -4.07 -29.01
N VAL A 127 5.31 -3.26 -29.23
CA VAL A 127 3.97 -3.82 -29.39
C VAL A 127 3.50 -3.89 -30.85
N GLY A 128 4.33 -3.49 -31.81
CA GLY A 128 4.02 -3.73 -33.21
C GLY A 128 3.75 -2.60 -34.15
N SER A 129 3.88 -1.32 -33.71
CA SER A 129 3.63 -0.23 -34.65
C SER A 129 4.90 -0.06 -35.42
N TYR A 130 4.80 0.05 -36.75
CA TYR A 130 5.95 0.22 -37.59
C TYR A 130 5.70 1.18 -38.74
N GLN A 131 6.77 1.61 -39.40
CA GLN A 131 6.73 2.47 -40.56
C GLN A 131 8.00 2.26 -41.37
N ARG A 132 7.97 2.63 -42.67
CA ARG A 132 9.19 2.57 -43.48
C ARG A 132 9.96 3.85 -43.22
N ASP A 133 11.29 3.74 -43.07
CA ASP A 133 12.17 4.90 -42.84
C ASP A 133 13.35 5.01 -43.79
N SER A 134 13.88 6.23 -43.90
CA SER A 134 15.11 6.47 -44.62
C SER A 134 16.31 5.94 -43.77
N PHE A 135 16.19 6.01 -42.44
CA PHE A 135 17.18 5.59 -41.44
C PHE A 135 16.50 5.61 -40.07
N LYS A 136 17.09 4.88 -39.11
CA LYS A 136 16.59 4.88 -37.71
C LYS A 136 17.65 4.31 -36.76
N ALA A 137 17.57 4.70 -35.48
CA ALA A 137 18.37 4.15 -34.38
C ALA A 137 17.40 3.58 -33.32
N GLY A 138 17.82 2.50 -32.66
CA GLY A 138 17.09 1.82 -31.60
C GLY A 138 18.03 1.29 -30.53
N GLY A 139 17.49 0.85 -29.39
CA GLY A 139 18.31 0.34 -28.31
C GLY A 139 18.82 1.42 -27.36
N SER A 140 19.68 1.04 -26.39
CA SER A 140 20.14 1.92 -25.31
C SER A 140 20.64 3.33 -25.75
N ALA A 141 21.44 3.42 -26.80
CA ALA A 141 21.92 4.73 -27.23
C ALA A 141 21.12 5.33 -28.38
N SER A 142 19.89 4.87 -28.58
CA SER A 142 18.95 5.32 -29.60
C SER A 142 18.82 6.83 -29.64
N ALA A 143 18.60 7.45 -28.50
CA ALA A 143 18.40 8.89 -28.41
C ALA A 143 19.65 9.72 -28.59
N MET A 144 20.84 9.11 -28.51
CA MET A 144 22.08 9.84 -28.74
C MET A 144 22.34 9.90 -30.26
N LEU A 145 22.14 8.77 -30.95
CA LEU A 145 22.43 8.65 -32.38
C LEU A 145 21.36 9.20 -33.27
N GLN A 146 20.07 9.18 -32.81
CA GLN A 146 18.99 9.65 -33.68
C GLN A 146 19.12 11.12 -34.09
N PRO A 147 19.47 12.05 -33.20
CA PRO A 147 19.60 13.44 -33.63
C PRO A 147 20.71 13.61 -34.64
N LEU A 148 21.84 12.86 -34.53
CA LEU A 148 22.89 12.99 -35.53
C LEU A 148 22.47 12.40 -36.88
N LEU A 149 21.67 11.31 -36.90
CA LEU A 149 21.17 10.74 -38.15
C LEU A 149 20.23 11.78 -38.81
N ASP A 150 19.34 12.40 -38.03
CA ASP A 150 18.43 13.44 -38.49
C ASP A 150 19.21 14.57 -39.17
N ASN A 151 20.33 14.97 -38.58
CA ASN A 151 21.15 16.03 -39.12
C ASN A 151 21.99 15.65 -40.37
N GLN A 152 22.89 14.69 -40.21
CA GLN A 152 23.82 14.29 -41.23
C GLN A 152 23.23 13.47 -42.34
N VAL A 153 22.24 12.62 -42.03
CA VAL A 153 21.67 11.78 -43.07
C VAL A 153 20.35 12.38 -43.62
N GLY A 154 19.62 13.14 -42.81
CA GLY A 154 18.38 13.80 -43.22
C GLY A 154 18.53 15.27 -43.63
N PHE A 155 19.73 15.86 -43.41
CA PHE A 155 20.06 17.25 -43.74
C PHE A 155 19.22 18.29 -42.99
N LYS A 156 18.61 17.91 -41.87
CA LYS A 156 17.73 18.77 -41.09
C LYS A 156 18.52 19.84 -40.35
N ASN A 157 17.99 21.08 -40.35
CA ASN A 157 18.59 22.25 -39.71
C ASN A 157 19.77 22.85 -40.48
N MET A 158 19.94 22.46 -41.75
CA MET A 158 21.02 22.98 -42.57
C MET A 158 20.50 23.77 -43.77
N GLN A 159 20.72 25.09 -43.79
CA GLN A 159 20.29 25.96 -44.90
C GLN A 159 21.38 26.03 -45.95
N ASN A 160 21.02 26.28 -47.23
CA ASN A 160 22.01 26.43 -48.30
C ASN A 160 22.97 25.22 -48.37
N VAL A 161 22.43 24.01 -48.17
CA VAL A 161 23.24 22.81 -48.22
C VAL A 161 22.80 21.93 -49.39
N GLU A 162 23.76 21.39 -50.15
CA GLU A 162 23.42 20.53 -51.26
C GLU A 162 23.00 19.17 -50.73
N HIS A 163 21.76 18.77 -51.03
CA HIS A 163 21.22 17.50 -50.57
C HIS A 163 21.78 16.30 -51.38
N VAL A 164 23.07 15.94 -51.18
CA VAL A 164 23.63 14.79 -51.89
C VAL A 164 23.20 13.48 -51.17
N PRO A 165 22.54 12.54 -51.88
CA PRO A 165 22.15 11.28 -51.23
C PRO A 165 23.39 10.50 -50.75
N LEU A 166 23.25 9.74 -49.67
CA LEU A 166 24.37 9.03 -49.08
C LEU A 166 24.84 7.83 -49.89
N SER A 167 26.16 7.68 -49.97
CA SER A 167 26.73 6.52 -50.64
C SER A 167 27.07 5.46 -49.59
N LEU A 168 27.27 4.19 -50.00
CA LEU A 168 27.62 3.10 -49.09
C LEU A 168 28.89 3.42 -48.31
N ASP A 169 29.86 4.02 -48.96
CA ASP A 169 31.13 4.40 -48.32
C ASP A 169 30.94 5.48 -47.24
N ARG A 170 30.10 6.46 -47.53
CA ARG A 170 29.84 7.59 -46.66
C ARG A 170 28.95 7.21 -45.48
N ALA A 171 27.99 6.29 -45.72
CA ALA A 171 27.09 5.78 -44.69
C ALA A 171 27.85 4.84 -43.76
N MET A 172 28.75 4.02 -44.31
CA MET A 172 29.60 3.13 -43.51
C MET A 172 30.48 3.96 -42.59
N ARG A 173 31.01 5.08 -43.07
CA ARG A 173 31.85 5.96 -42.26
C ARG A 173 31.05 6.63 -41.18
N LEU A 174 29.80 7.02 -41.47
CA LEU A 174 28.94 7.65 -40.49
C LEU A 174 28.52 6.62 -39.42
N VAL A 175 28.26 5.35 -39.80
CA VAL A 175 27.87 4.30 -38.83
C VAL A 175 29.03 4.07 -37.86
N LYS A 176 30.23 3.94 -38.39
CA LYS A 176 31.43 3.77 -37.59
C LYS A 176 31.64 4.96 -36.65
N ASP A 177 31.34 6.22 -37.07
CA ASP A 177 31.55 7.37 -36.19
C ASP A 177 30.44 7.55 -35.13
N VAL A 178 29.20 7.11 -35.41
CA VAL A 178 28.13 7.27 -34.42
C VAL A 178 28.26 6.24 -33.34
N PHE A 179 28.64 5.00 -33.68
CA PHE A 179 28.84 3.98 -32.65
C PHE A 179 30.04 4.34 -31.76
N ILE A 180 31.05 5.05 -32.28
CA ILE A 180 32.17 5.50 -31.46
C ILE A 180 31.68 6.54 -30.43
N SER A 181 30.78 7.43 -30.83
CA SER A 181 30.19 8.40 -29.91
C SER A 181 29.23 7.75 -28.92
N ALA A 182 28.53 6.68 -29.35
CA ALA A 182 27.59 5.95 -28.50
C ALA A 182 28.35 5.17 -27.45
N ALA A 183 29.49 4.56 -27.82
CA ALA A 183 30.35 3.84 -26.88
C ALA A 183 31.04 4.78 -25.86
N GLU A 184 31.19 6.07 -26.19
CA GLU A 184 31.81 7.04 -25.29
C GLU A 184 30.87 7.47 -24.17
N ARG A 185 29.54 7.50 -24.44
CA ARG A 185 28.56 8.04 -23.52
C ARG A 185 27.52 7.05 -22.99
N ASP A 186 27.18 5.97 -23.71
CA ASP A 186 26.21 4.99 -23.21
C ASP A 186 26.98 3.86 -22.60
N VAL A 187 26.74 3.57 -21.32
CA VAL A 187 27.46 2.49 -20.66
C VAL A 187 27.09 1.15 -21.21
N TYR A 188 25.90 0.98 -21.81
CA TYR A 188 25.43 -0.28 -22.41
C TYR A 188 25.87 -0.56 -23.87
N THR A 189 26.62 0.38 -24.46
CA THR A 189 27.12 0.29 -25.83
C THR A 189 28.63 0.20 -25.77
N GLY A 190 29.21 -0.78 -26.47
CA GLY A 190 30.65 -0.95 -26.50
C GLY A 190 31.13 -2.25 -27.07
N ASP A 191 32.39 -2.57 -26.78
CA ASP A 191 33.19 -3.76 -27.17
C ASP A 191 33.50 -3.87 -28.68
N ALA A 192 32.49 -3.95 -29.57
CA ALA A 192 32.74 -4.03 -31.02
C ALA A 192 31.47 -3.60 -31.79
N LEU A 193 31.58 -3.34 -33.10
CA LEU A 193 30.47 -2.92 -33.96
C LEU A 193 30.29 -3.91 -35.16
N ARG A 194 29.13 -4.57 -35.23
CA ARG A 194 28.83 -5.51 -36.30
C ARG A 194 28.04 -4.72 -37.34
N ILE A 195 28.50 -4.70 -38.58
CA ILE A 195 27.79 -4.00 -39.65
C ILE A 195 27.32 -5.01 -40.69
N CYS A 196 26.01 -5.07 -40.96
CA CYS A 196 25.52 -5.93 -42.03
C CYS A 196 25.15 -5.06 -43.26
N ILE A 197 25.76 -5.35 -44.40
CA ILE A 197 25.47 -4.59 -45.62
C ILE A 197 24.66 -5.44 -46.58
N VAL A 198 23.48 -4.96 -47.01
CA VAL A 198 22.64 -5.73 -47.92
C VAL A 198 22.61 -5.01 -49.24
N THR A 199 23.03 -5.73 -50.31
CA THR A 199 23.08 -5.27 -51.70
C THR A 199 22.52 -6.38 -52.65
N LYS A 200 22.41 -6.11 -53.97
CA LYS A 200 21.97 -7.12 -54.94
C LYS A 200 22.80 -8.42 -54.86
N GLU A 201 24.07 -8.26 -54.52
CA GLU A 201 25.06 -9.33 -54.40
C GLU A 201 24.91 -10.17 -53.10
N GLY A 202 24.14 -9.67 -52.14
CA GLY A 202 23.91 -10.36 -50.88
C GLY A 202 24.40 -9.59 -49.67
N ILE A 203 24.61 -10.32 -48.58
CA ILE A 203 25.01 -9.71 -47.34
C ILE A 203 26.45 -9.96 -46.98
N ARG A 204 27.12 -8.88 -46.54
CA ARG A 204 28.53 -8.95 -46.06
C ARG A 204 28.56 -8.33 -44.66
N GLU A 205 29.38 -8.89 -43.77
CA GLU A 205 29.51 -8.45 -42.40
C GLU A 205 30.88 -7.81 -42.16
N GLU A 206 30.89 -6.72 -41.42
CA GLU A 206 32.14 -6.05 -41.06
C GLU A 206 32.12 -5.89 -39.53
N THR A 207 33.27 -6.06 -38.86
CA THR A 207 33.31 -5.91 -37.40
C THR A 207 34.41 -4.99 -36.98
N VAL A 208 34.08 -3.75 -36.61
CA VAL A 208 35.05 -2.75 -36.16
C VAL A 208 35.07 -2.76 -34.63
N SER A 209 36.23 -2.57 -33.99
CA SER A 209 36.31 -2.59 -32.52
C SER A 209 35.91 -1.26 -31.89
N LEU A 210 35.18 -1.32 -30.76
CA LEU A 210 34.71 -0.21 -29.89
C LEU A 210 35.34 -0.34 -28.47
N ARG A 211 35.24 0.73 -27.65
CA ARG A 211 35.74 0.77 -26.28
C ARG A 211 35.25 -0.42 -25.44
N LYS A 212 36.17 -1.02 -24.66
CA LYS A 212 35.90 -2.18 -23.82
C LYS A 212 35.39 -1.86 -22.43
N ASP A 213 35.41 -0.59 -21.99
CA ASP A 213 34.84 -0.23 -20.68
C ASP A 213 33.37 0.30 -20.82
N THR B 1 8.05 -21.78 -9.35
CA THR B 1 8.62 -21.31 -8.09
C THR B 1 8.75 -19.83 -8.11
N GLN B 2 7.96 -19.16 -7.31
CA GLN B 2 7.98 -17.69 -7.19
C GLN B 2 8.97 -17.24 -6.08
N ASN B 3 9.27 -18.13 -5.13
CA ASN B 3 10.11 -17.84 -3.99
C ASN B 3 11.01 -19.04 -3.76
N PRO B 4 12.31 -18.91 -4.05
CA PRO B 4 13.22 -20.05 -3.87
C PRO B 4 13.41 -20.41 -2.40
N MET B 5 13.78 -21.67 -2.13
CA MET B 5 13.98 -22.11 -0.72
C MET B 5 15.46 -22.42 -0.43
N VAL B 6 15.96 -23.60 -0.85
CA VAL B 6 17.35 -23.95 -0.59
C VAL B 6 18.09 -23.61 -1.86
N THR B 7 19.01 -22.64 -1.82
CA THR B 7 19.70 -22.15 -3.02
C THR B 7 21.21 -22.41 -3.10
N GLY B 8 21.72 -22.51 -4.32
CA GLY B 8 23.15 -22.64 -4.59
C GLY B 8 23.70 -21.32 -5.07
N THR B 9 24.97 -21.03 -4.78
CA THR B 9 25.60 -19.78 -5.19
C THR B 9 26.29 -19.94 -6.59
N SER B 10 27.31 -19.13 -6.94
CA SER B 10 28.03 -19.14 -8.20
C SER B 10 28.39 -20.52 -8.73
N VAL B 11 28.39 -20.63 -10.06
CA VAL B 11 28.83 -21.78 -10.83
C VAL B 11 29.87 -21.19 -11.80
N LEU B 12 31.10 -21.74 -11.81
CA LEU B 12 32.18 -21.21 -12.64
C LEU B 12 32.39 -22.05 -13.88
N GLY B 13 32.93 -21.45 -14.93
CA GLY B 13 33.21 -22.17 -16.17
C GLY B 13 34.27 -21.51 -17.05
N VAL B 14 35.17 -22.30 -17.62
CA VAL B 14 36.20 -21.77 -18.52
C VAL B 14 36.64 -22.84 -19.52
N LYS B 15 36.67 -22.51 -20.81
CA LYS B 15 37.07 -23.53 -21.80
C LYS B 15 38.57 -23.46 -22.06
N PHE B 16 39.18 -24.63 -22.20
CA PHE B 16 40.61 -24.76 -22.41
C PHE B 16 40.84 -25.49 -23.75
N GLU B 17 42.12 -25.78 -24.10
CA GLU B 17 42.38 -26.48 -25.35
C GLU B 17 42.14 -27.94 -25.15
N GLY B 18 40.99 -28.41 -25.65
CA GLY B 18 40.62 -29.83 -25.58
C GLY B 18 39.44 -30.15 -24.69
N GLY B 19 38.78 -29.13 -24.17
CA GLY B 19 37.61 -29.34 -23.33
C GLY B 19 37.16 -28.12 -22.57
N VAL B 20 36.31 -28.33 -21.55
CA VAL B 20 35.77 -27.28 -20.69
C VAL B 20 35.79 -27.74 -19.22
N VAL B 21 36.05 -26.81 -18.29
CA VAL B 21 36.03 -27.11 -16.86
C VAL B 21 34.97 -26.24 -16.17
N ILE B 22 34.18 -26.85 -15.29
CA ILE B 22 33.10 -26.18 -14.55
C ILE B 22 33.25 -26.46 -13.05
N ALA B 23 32.99 -25.46 -12.20
CA ALA B 23 33.15 -25.65 -10.76
C ALA B 23 31.98 -25.13 -9.97
N ALA B 24 31.69 -25.74 -8.83
CA ALA B 24 30.58 -25.30 -7.98
C ALA B 24 30.71 -25.84 -6.56
N ASP B 25 30.47 -25.02 -5.53
CA ASP B 25 30.49 -25.53 -4.15
C ASP B 25 29.30 -26.46 -3.91
N MET B 26 29.40 -27.28 -2.87
CA MET B 26 28.40 -28.29 -2.58
C MET B 26 27.47 -27.83 -1.47
N LEU B 27 27.06 -26.57 -1.52
CA LEU B 27 26.22 -25.99 -0.49
C LEU B 27 24.85 -25.61 -0.99
N GLY B 28 23.86 -25.89 -0.16
CA GLY B 28 22.48 -25.47 -0.29
C GLY B 28 22.13 -24.60 0.92
N SER B 29 21.85 -23.30 0.69
CA SER B 29 21.57 -22.38 1.78
C SER B 29 20.08 -22.04 1.88
N TYR B 30 19.61 -21.87 3.11
CA TYR B 30 18.25 -21.46 3.38
C TYR B 30 18.45 -20.09 3.95
N GLY B 31 18.52 -19.10 3.08
CA GLY B 31 18.82 -17.75 3.49
C GLY B 31 20.30 -17.69 3.79
N SER B 32 20.63 -17.26 4.99
CA SER B 32 22.02 -17.21 5.44
C SER B 32 22.47 -18.56 6.00
N LEU B 33 21.54 -19.46 6.38
CA LEU B 33 21.88 -20.75 6.97
C LEU B 33 22.48 -21.72 5.98
N ALA B 34 23.68 -22.24 6.28
CA ALA B 34 24.32 -23.27 5.48
C ALA B 34 23.64 -24.57 5.89
N ARG B 35 22.45 -24.86 5.35
CA ARG B 35 21.64 -25.99 5.76
C ARG B 35 22.15 -27.33 5.21
N PHE B 36 22.56 -27.40 3.92
CA PHE B 36 23.10 -28.65 3.36
C PHE B 36 24.51 -28.38 2.86
N ARG B 37 25.57 -28.85 3.56
CA ARG B 37 26.95 -28.57 3.15
C ARG B 37 27.60 -29.64 2.28
N ASN B 38 26.81 -30.56 1.73
CA ASN B 38 27.37 -31.64 0.93
C ASN B 38 26.39 -32.12 -0.16
N ILE B 39 25.82 -31.21 -0.96
CA ILE B 39 24.92 -31.57 -2.06
C ILE B 39 25.62 -31.26 -3.38
N SER B 40 25.56 -32.14 -4.39
CA SER B 40 26.22 -31.87 -5.66
C SER B 40 25.34 -30.96 -6.48
N ARG B 41 25.92 -29.90 -7.01
CA ARG B 41 25.19 -28.98 -7.88
C ARG B 41 25.60 -29.08 -9.36
N ILE B 42 26.39 -30.10 -9.70
CA ILE B 42 26.89 -30.40 -11.04
C ILE B 42 26.28 -31.72 -11.51
N MET B 43 26.05 -31.82 -12.81
CA MET B 43 25.41 -32.97 -13.42
C MET B 43 26.09 -33.32 -14.73
N ARG B 44 26.27 -34.64 -15.02
CA ARG B 44 26.78 -35.03 -16.31
C ARG B 44 25.51 -35.22 -17.13
N VAL B 45 25.31 -34.45 -18.22
CA VAL B 45 24.10 -34.57 -19.03
C VAL B 45 24.21 -35.82 -19.92
N ASN B 46 25.27 -35.89 -20.70
CA ASN B 46 25.64 -37.01 -21.55
C ASN B 46 27.18 -37.04 -21.63
N ASN B 47 27.77 -37.86 -22.50
CA ASN B 47 29.21 -38.01 -22.55
C ASN B 47 29.97 -36.80 -23.09
N SER B 48 29.27 -35.85 -23.70
CA SER B 48 29.88 -34.65 -24.20
C SER B 48 29.34 -33.40 -23.52
N THR B 49 28.32 -33.50 -22.63
CA THR B 49 27.73 -32.32 -22.01
C THR B 49 27.66 -32.48 -20.49
N MET B 50 27.78 -31.35 -19.80
CA MET B 50 27.73 -31.25 -18.34
C MET B 50 27.13 -29.91 -17.93
N LEU B 51 26.36 -29.93 -16.86
CA LEU B 51 25.63 -28.76 -16.41
C LEU B 51 25.83 -28.47 -14.91
N GLY B 52 26.02 -27.21 -14.54
CA GLY B 52 26.13 -26.75 -13.15
C GLY B 52 25.02 -25.75 -12.88
N ALA B 53 24.41 -25.75 -11.67
CA ALA B 53 23.29 -24.85 -11.43
C ALA B 53 23.27 -24.03 -10.13
N SER B 54 22.88 -22.77 -10.28
CA SER B 54 22.73 -21.87 -9.16
C SER B 54 21.22 -21.75 -8.86
N GLY B 55 20.88 -21.07 -7.78
CA GLY B 55 19.50 -20.89 -7.40
C GLY B 55 18.90 -22.11 -6.75
N ASP B 56 17.57 -22.20 -6.75
CA ASP B 56 16.81 -23.24 -6.11
C ASP B 56 17.22 -24.68 -6.43
N TYR B 57 17.53 -25.47 -5.39
CA TYR B 57 17.91 -26.87 -5.54
C TYR B 57 16.77 -27.80 -5.97
N ALA B 58 15.54 -27.61 -5.49
CA ALA B 58 14.42 -28.47 -5.88
C ALA B 58 14.14 -28.35 -7.36
N ASP B 59 14.31 -27.12 -7.93
CA ASP B 59 14.10 -26.86 -9.36
C ASP B 59 15.27 -27.43 -10.18
N PHE B 60 16.50 -27.43 -9.62
CA PHE B 60 17.66 -28.00 -10.29
C PHE B 60 17.42 -29.51 -10.38
N GLN B 61 17.07 -30.15 -9.25
CA GLN B 61 16.79 -31.59 -9.21
C GLN B 61 15.70 -32.03 -10.18
N TYR B 62 14.72 -31.16 -10.40
CA TYR B 62 13.64 -31.37 -11.35
C TYR B 62 14.20 -31.37 -12.76
N LEU B 63 15.04 -30.37 -13.11
CA LEU B 63 15.64 -30.27 -14.43
C LEU B 63 16.58 -31.46 -14.68
N LYS B 64 17.34 -31.88 -13.70
CA LYS B 64 18.24 -33.02 -13.75
C LYS B 64 17.40 -34.30 -13.98
N GLN B 65 16.16 -34.34 -13.49
CA GLN B 65 15.23 -35.44 -13.72
C GLN B 65 14.80 -35.38 -15.18
N VAL B 66 14.24 -34.24 -15.63
CA VAL B 66 13.76 -34.07 -16.99
C VAL B 66 14.87 -34.32 -18.02
N LEU B 67 16.06 -33.66 -17.86
CA LEU B 67 17.18 -33.86 -18.74
C LEU B 67 17.61 -35.31 -18.75
N GLY B 68 17.82 -35.88 -17.57
CA GLY B 68 18.27 -37.27 -17.40
C GLY B 68 17.44 -38.25 -18.18
N GLN B 69 16.12 -38.07 -18.13
CA GLN B 69 15.17 -38.90 -18.84
C GLN B 69 15.28 -38.67 -20.35
N MET B 70 15.41 -37.42 -20.82
CA MET B 70 15.56 -37.10 -22.25
C MET B 70 16.72 -37.85 -22.86
N VAL B 71 17.83 -37.98 -22.10
CA VAL B 71 19.03 -38.67 -22.51
C VAL B 71 18.76 -40.16 -22.62
N ILE B 72 18.15 -40.75 -21.59
CA ILE B 72 17.73 -42.15 -21.58
C ILE B 72 16.86 -42.46 -22.80
N ASP B 73 15.88 -41.57 -23.08
CA ASP B 73 14.93 -41.62 -24.17
C ASP B 73 15.67 -41.72 -25.47
N GLU B 74 16.65 -40.84 -25.69
CA GLU B 74 17.45 -40.81 -26.91
C GLU B 74 18.22 -42.09 -27.12
N GLU B 75 18.96 -42.52 -26.07
CA GLU B 75 19.81 -43.71 -26.05
C GLU B 75 19.06 -45.00 -26.34
N LEU B 76 17.74 -45.10 -26.07
CA LEU B 76 16.98 -46.29 -26.43
C LEU B 76 16.90 -46.43 -27.95
N LEU B 77 16.88 -45.31 -28.69
CA LEU B 77 16.81 -45.38 -30.16
C LEU B 77 18.10 -45.99 -30.77
N GLY B 78 19.26 -45.56 -30.28
CA GLY B 78 20.54 -46.06 -30.76
C GLY B 78 20.74 -45.85 -32.24
N ASP B 79 20.41 -44.67 -32.73
CA ASP B 79 20.47 -44.35 -34.15
C ASP B 79 21.73 -43.60 -34.62
N GLY B 80 22.72 -43.48 -33.76
CA GLY B 80 23.95 -42.77 -34.10
C GLY B 80 23.82 -41.26 -34.02
N HIS B 81 22.77 -40.77 -33.36
CA HIS B 81 22.54 -39.35 -33.16
C HIS B 81 22.42 -39.12 -31.67
N SER B 82 23.04 -38.04 -31.19
CA SER B 82 22.96 -37.71 -29.77
C SER B 82 22.96 -36.20 -29.59
N TYR B 83 22.37 -35.71 -28.49
CA TYR B 83 22.31 -34.29 -28.25
C TYR B 83 23.67 -33.71 -28.05
N SER B 84 24.02 -32.73 -28.89
CA SER B 84 25.26 -32.00 -28.73
C SER B 84 25.15 -31.13 -27.50
N PRO B 85 26.28 -30.64 -26.92
CA PRO B 85 26.18 -29.69 -25.81
C PRO B 85 25.34 -28.45 -26.19
N ARG B 86 25.54 -27.97 -27.42
CA ARG B 86 24.84 -26.84 -28.00
C ARG B 86 23.33 -27.08 -28.10
N ALA B 87 22.90 -28.33 -28.38
CA ALA B 87 21.47 -28.71 -28.45
C ALA B 87 20.84 -28.73 -27.06
N ILE B 88 21.60 -29.19 -26.05
CA ILE B 88 21.11 -29.19 -24.67
C ILE B 88 20.95 -27.73 -24.21
N HIS B 89 21.92 -26.86 -24.59
CA HIS B 89 21.84 -25.43 -24.28
C HIS B 89 20.63 -24.78 -24.97
N SER B 90 20.35 -25.16 -26.23
CA SER B 90 19.19 -24.63 -26.95
C SER B 90 17.89 -25.05 -26.25
N TRP B 91 17.73 -26.37 -25.91
CA TRP B 91 16.53 -26.90 -25.24
C TRP B 91 16.32 -26.17 -23.94
N LEU B 92 17.41 -26.03 -23.14
CA LEU B 92 17.34 -25.44 -21.81
C LEU B 92 16.94 -23.97 -21.84
N THR B 93 17.24 -23.24 -22.93
CA THR B 93 16.82 -21.85 -23.08
C THR B 93 15.33 -21.83 -23.28
N ARG B 94 14.83 -22.66 -24.23
CA ARG B 94 13.40 -22.77 -24.51
C ARG B 94 12.64 -23.21 -23.29
N ALA B 95 13.21 -24.11 -22.49
CA ALA B 95 12.55 -24.56 -21.25
C ALA B 95 12.43 -23.41 -20.21
N MET B 96 13.53 -22.64 -19.99
CA MET B 96 13.49 -21.54 -19.02
C MET B 96 12.56 -20.43 -19.48
N TYR B 97 12.65 -20.05 -20.76
CA TYR B 97 11.79 -19.01 -21.30
C TYR B 97 10.33 -19.37 -21.21
N SER B 98 10.01 -20.63 -21.49
CA SER B 98 8.64 -21.15 -21.48
C SER B 98 8.03 -21.01 -20.11
N ARG B 99 8.80 -21.35 -19.07
CA ARG B 99 8.38 -21.24 -17.67
C ARG B 99 8.27 -19.80 -17.24
N ARG B 100 9.18 -18.94 -17.72
CA ARG B 100 9.16 -17.48 -17.42
C ARG B 100 7.86 -16.89 -17.95
N SER B 101 7.49 -17.28 -19.18
CA SER B 101 6.31 -16.77 -19.86
C SER B 101 5.02 -17.27 -19.27
N LYS B 102 5.03 -18.39 -18.54
CA LYS B 102 3.83 -18.84 -17.83
C LYS B 102 3.83 -18.22 -16.40
N MET B 103 4.77 -17.29 -16.07
CA MET B 103 4.92 -16.63 -14.79
C MET B 103 5.15 -17.60 -13.65
N ASN B 104 5.80 -18.71 -13.95
CA ASN B 104 6.14 -19.77 -13.00
C ASN B 104 7.57 -20.20 -13.37
N PRO B 105 8.57 -19.40 -13.02
CA PRO B 105 9.95 -19.75 -13.43
C PRO B 105 10.54 -20.91 -12.64
N LEU B 106 11.57 -21.51 -13.21
CA LEU B 106 12.38 -22.49 -12.51
C LEU B 106 13.51 -21.56 -12.03
N TRP B 107 13.65 -21.39 -10.71
CA TRP B 107 14.60 -20.45 -10.13
C TRP B 107 16.08 -20.86 -10.23
N ASN B 108 16.62 -20.98 -11.48
CA ASN B 108 18.01 -21.36 -11.68
C ASN B 108 18.76 -20.46 -12.67
N THR B 109 20.08 -20.43 -12.54
CA THR B 109 21.03 -19.83 -13.47
C THR B 109 22.07 -20.93 -13.70
N MET B 110 22.14 -21.45 -14.91
CA MET B 110 23.00 -22.59 -15.18
C MET B 110 24.11 -22.33 -16.16
N VAL B 111 25.15 -23.15 -16.05
CA VAL B 111 26.30 -23.14 -16.94
C VAL B 111 26.44 -24.51 -17.60
N ILE B 112 26.47 -24.53 -18.93
CA ILE B 112 26.61 -25.76 -19.68
C ILE B 112 27.98 -25.81 -20.34
N GLY B 113 28.73 -26.84 -20.06
CA GLY B 113 30.04 -27.07 -20.64
C GLY B 113 29.99 -28.31 -21.52
N GLY B 114 30.72 -28.26 -22.62
CA GLY B 114 30.74 -29.37 -23.55
C GLY B 114 31.96 -29.49 -24.42
N TYR B 115 32.07 -30.62 -25.11
CA TYR B 115 33.14 -30.84 -26.05
C TYR B 115 32.64 -31.77 -27.12
N ALA B 116 32.35 -31.23 -28.32
CA ALA B 116 31.86 -32.02 -29.45
C ALA B 116 32.57 -31.63 -30.71
N ASP B 117 33.08 -32.65 -31.44
CA ASP B 117 33.81 -32.50 -32.71
C ASP B 117 35.00 -31.57 -32.59
N GLY B 118 35.80 -31.80 -31.56
CA GLY B 118 36.98 -30.99 -31.34
C GLY B 118 36.76 -29.57 -30.87
N GLU B 119 35.48 -29.17 -30.69
CA GLU B 119 35.13 -27.82 -30.27
C GLU B 119 34.67 -27.78 -28.84
N SER B 120 35.18 -26.81 -28.08
CA SER B 120 34.76 -26.59 -26.71
C SER B 120 33.46 -25.76 -26.73
N PHE B 121 32.56 -26.02 -25.78
CA PHE B 121 31.31 -25.29 -25.68
C PHE B 121 31.12 -24.77 -24.24
N LEU B 122 30.68 -23.51 -24.08
CA LEU B 122 30.38 -22.96 -22.76
C LEU B 122 29.20 -22.01 -22.94
N GLY B 123 28.05 -22.34 -22.37
CA GLY B 123 26.85 -21.53 -22.51
C GLY B 123 26.13 -21.25 -21.20
N TYR B 124 25.55 -20.05 -21.09
CA TYR B 124 24.84 -19.55 -19.90
C TYR B 124 23.34 -19.50 -20.18
N VAL B 125 22.50 -19.92 -19.23
CA VAL B 125 21.03 -19.86 -19.39
C VAL B 125 20.49 -19.45 -18.04
N ASP B 126 19.65 -18.40 -17.96
CA ASP B 126 19.07 -18.00 -16.67
C ASP B 126 17.54 -18.25 -16.62
N MET B 127 16.89 -18.00 -15.45
CA MET B 127 15.48 -18.24 -15.23
C MET B 127 14.54 -17.51 -16.17
N LEU B 128 15.02 -16.50 -16.92
CA LEU B 128 14.22 -15.74 -17.88
C LEU B 128 14.40 -16.17 -19.34
N GLY B 129 15.34 -17.07 -19.62
CA GLY B 129 15.61 -17.47 -20.98
C GLY B 129 16.70 -16.66 -21.65
N VAL B 130 17.54 -15.97 -20.87
CA VAL B 130 18.67 -15.21 -21.41
C VAL B 130 19.79 -16.23 -21.57
N ALA B 131 20.25 -16.42 -22.80
CA ALA B 131 21.30 -17.36 -23.06
C ALA B 131 22.35 -16.75 -23.97
N TYR B 132 23.58 -17.24 -23.84
CA TYR B 132 24.72 -16.78 -24.62
C TYR B 132 25.89 -17.70 -24.41
N GLU B 133 26.88 -17.62 -25.29
CA GLU B 133 28.10 -18.39 -25.16
C GLU B 133 29.22 -17.45 -24.81
N ALA B 134 30.22 -17.94 -24.06
CA ALA B 134 31.37 -17.13 -23.72
C ALA B 134 32.61 -18.00 -23.47
N PRO B 135 33.83 -17.45 -23.58
CA PRO B 135 35.03 -18.25 -23.26
C PRO B 135 35.12 -18.60 -21.76
N SER B 136 34.50 -17.78 -20.89
CA SER B 136 34.41 -18.05 -19.48
C SER B 136 33.10 -17.52 -18.95
N LEU B 137 32.53 -18.18 -17.93
CA LEU B 137 31.29 -17.76 -17.31
C LEU B 137 31.44 -17.79 -15.79
N ALA B 138 30.61 -17.00 -15.11
CA ALA B 138 30.52 -17.03 -13.66
C ALA B 138 29.11 -16.52 -13.26
N THR B 139 28.31 -17.38 -12.62
CA THR B 139 26.93 -17.00 -12.22
C THR B 139 26.88 -16.37 -10.82
N GLY B 140 25.75 -15.78 -10.47
CA GLY B 140 25.56 -15.18 -9.16
C GLY B 140 26.59 -14.13 -8.83
N TYR B 141 27.07 -14.18 -7.59
CA TYR B 141 28.09 -13.27 -7.07
C TYR B 141 29.46 -13.49 -7.78
N GLY B 142 29.66 -14.66 -8.38
CA GLY B 142 30.84 -14.98 -9.14
C GLY B 142 31.01 -14.06 -10.33
N ALA B 143 29.92 -13.49 -10.88
CA ALA B 143 30.02 -12.54 -11.99
C ALA B 143 30.77 -11.24 -11.62
N TYR B 144 30.90 -10.97 -10.30
CA TYR B 144 31.55 -9.81 -9.73
C TYR B 144 32.94 -10.13 -9.20
N LEU B 145 33.14 -11.35 -8.68
CA LEU B 145 34.43 -11.73 -8.11
C LEU B 145 35.30 -12.56 -9.05
N ALA B 146 34.80 -13.71 -9.52
CA ALA B 146 35.54 -14.62 -10.35
C ALA B 146 35.62 -14.23 -11.81
N GLN B 147 34.54 -13.66 -12.42
CA GLN B 147 34.63 -13.31 -13.85
C GLN B 147 35.77 -12.33 -14.15
N PRO B 148 36.03 -11.29 -13.35
CA PRO B 148 37.21 -10.43 -13.59
C PRO B 148 38.55 -11.18 -13.59
N LEU B 149 38.71 -12.27 -12.81
CA LEU B 149 39.99 -13.01 -12.77
C LEU B 149 40.13 -13.93 -13.99
N LEU B 150 39.01 -14.58 -14.39
CA LEU B 150 38.98 -15.42 -15.57
C LEU B 150 39.28 -14.57 -16.81
N ARG B 151 38.61 -13.42 -16.94
CA ARG B 151 38.83 -12.53 -18.08
C ARG B 151 40.22 -11.90 -18.10
N GLU B 152 40.82 -11.70 -16.94
CA GLU B 152 42.13 -11.10 -16.81
C GLU B 152 43.16 -12.03 -17.41
N VAL B 153 43.06 -13.33 -17.08
CA VAL B 153 43.96 -14.34 -17.59
C VAL B 153 43.68 -14.56 -19.05
N LEU B 154 42.42 -14.73 -19.42
CA LEU B 154 42.05 -15.00 -20.81
C LEU B 154 42.42 -13.84 -21.77
N GLU B 155 42.68 -12.63 -21.23
CA GLU B 155 43.08 -11.48 -22.00
C GLU B 155 44.57 -11.62 -22.37
N LYS B 156 45.42 -11.91 -21.36
CA LYS B 156 46.85 -12.10 -21.58
C LYS B 156 47.07 -13.33 -22.45
N GLN B 157 46.36 -14.45 -22.17
CA GLN B 157 46.52 -15.70 -22.91
C GLN B 157 45.15 -16.38 -23.19
N PRO B 158 44.63 -16.23 -24.42
CA PRO B 158 43.30 -16.76 -24.76
C PRO B 158 43.12 -18.28 -24.75
N VAL B 159 44.20 -19.00 -25.04
CA VAL B 159 44.20 -20.47 -25.09
C VAL B 159 44.90 -21.03 -23.85
N LEU B 160 44.13 -21.61 -22.91
CA LEU B 160 44.73 -22.19 -21.71
C LEU B 160 44.78 -23.69 -21.87
N SER B 161 45.79 -24.33 -21.26
CA SER B 161 45.83 -25.78 -21.27
C SER B 161 44.84 -26.30 -20.19
N GLN B 162 44.65 -27.62 -20.11
CA GLN B 162 43.77 -28.17 -19.09
C GLN B 162 44.31 -27.86 -17.68
N THR B 163 45.63 -27.86 -17.51
CA THR B 163 46.23 -27.56 -16.22
C THR B 163 46.09 -26.07 -15.90
N GLU B 164 46.44 -25.17 -16.87
CA GLU B 164 46.33 -23.71 -16.69
C GLU B 164 44.93 -23.28 -16.25
N ALA B 165 43.88 -23.83 -16.89
CA ALA B 165 42.47 -23.57 -16.56
C ALA B 165 42.13 -24.12 -15.16
N ARG B 166 42.55 -25.36 -14.85
CA ARG B 166 42.30 -25.99 -13.56
C ARG B 166 42.85 -25.17 -12.38
N ASP B 167 44.06 -24.63 -12.52
CA ASP B 167 44.67 -23.82 -11.46
C ASP B 167 43.97 -22.48 -11.33
N LEU B 168 43.48 -21.92 -12.45
CA LEU B 168 42.75 -20.67 -12.50
C LEU B 168 41.40 -20.86 -11.76
N VAL B 169 40.76 -22.01 -11.94
CA VAL B 169 39.50 -22.29 -11.29
C VAL B 169 39.71 -22.48 -9.77
N GLU B 170 40.84 -23.09 -9.36
CA GLU B 170 41.11 -23.24 -7.93
C GLU B 170 41.36 -21.88 -7.26
N ARG B 171 42.03 -20.96 -7.99
CA ARG B 171 42.27 -19.61 -7.49
C ARG B 171 40.96 -18.85 -7.33
N CYS B 172 40.01 -19.07 -8.24
CA CYS B 172 38.70 -18.41 -8.22
C CYS B 172 37.84 -18.94 -7.10
N MET B 173 37.93 -20.23 -6.79
CA MET B 173 37.13 -20.79 -5.70
C MET B 173 37.60 -20.28 -4.35
N ARG B 174 38.92 -20.03 -4.20
CA ARG B 174 39.57 -19.50 -3.00
C ARG B 174 39.02 -18.10 -2.75
N VAL B 175 39.00 -17.24 -3.79
CA VAL B 175 38.46 -15.89 -3.70
C VAL B 175 36.99 -15.94 -3.33
N LEU B 176 36.18 -16.74 -4.02
CA LEU B 176 34.74 -16.89 -3.70
C LEU B 176 34.48 -17.32 -2.26
N TYR B 177 35.29 -18.24 -1.72
CA TYR B 177 35.14 -18.68 -0.33
C TYR B 177 35.43 -17.51 0.65
N TYR B 178 36.37 -16.62 0.31
CA TYR B 178 36.71 -15.48 1.13
C TYR B 178 35.67 -14.36 1.09
N ARG B 179 35.07 -14.15 -0.08
CA ARG B 179 34.23 -12.98 -0.33
C ARG B 179 32.75 -13.21 -0.37
N ASP B 180 32.31 -14.39 -0.82
CA ASP B 180 30.88 -14.70 -0.89
C ASP B 180 30.46 -15.26 0.46
N ALA B 181 29.51 -14.58 1.10
CA ALA B 181 28.97 -15.00 2.40
C ALA B 181 27.91 -16.10 2.28
N ARG B 182 27.68 -16.64 1.08
CA ARG B 182 26.77 -17.77 0.83
C ARG B 182 27.54 -18.99 0.25
N SER B 183 28.87 -19.03 0.39
CA SER B 183 29.72 -20.10 -0.11
C SER B 183 30.18 -21.07 0.99
N TYR B 184 30.87 -22.15 0.61
CA TYR B 184 31.38 -23.12 1.56
C TYR B 184 32.68 -23.69 1.05
N ASN B 185 33.60 -24.05 1.95
CA ASN B 185 34.88 -24.63 1.50
C ASN B 185 34.78 -26.13 1.12
N ARG B 186 33.79 -26.46 0.31
CA ARG B 186 33.61 -27.81 -0.22
C ARG B 186 33.06 -27.63 -1.64
N PHE B 187 33.78 -28.09 -2.68
CA PHE B 187 33.32 -27.89 -4.04
C PHE B 187 33.66 -29.03 -5.00
N GLN B 188 33.15 -28.95 -6.23
CA GLN B 188 33.39 -29.95 -7.25
C GLN B 188 33.96 -29.31 -8.51
N ILE B 189 34.85 -30.05 -9.19
CA ILE B 189 35.45 -29.59 -10.44
C ILE B 189 35.07 -30.66 -11.45
N ALA B 190 34.24 -30.31 -12.45
CA ALA B 190 33.84 -31.25 -13.49
C ALA B 190 34.54 -30.86 -14.79
N THR B 191 35.08 -31.85 -15.53
CA THR B 191 35.80 -31.58 -16.76
C THR B 191 35.30 -32.44 -17.91
N VAL B 192 35.08 -31.84 -19.09
CA VAL B 192 34.64 -32.58 -20.29
C VAL B 192 35.71 -32.46 -21.38
N THR B 193 36.28 -33.59 -21.79
CA THR B 193 37.32 -33.65 -22.83
C THR B 193 36.86 -34.71 -23.89
N GLU B 194 37.75 -35.20 -24.78
CA GLU B 194 37.42 -36.24 -25.77
C GLU B 194 36.94 -37.52 -25.00
N LYS B 195 37.64 -37.84 -23.87
CA LYS B 195 37.38 -38.98 -23.00
C LYS B 195 36.01 -38.99 -22.37
N GLY B 196 35.40 -37.80 -22.21
CA GLY B 196 34.06 -37.65 -21.67
C GLY B 196 34.03 -36.70 -20.49
N VAL B 197 32.97 -36.79 -19.68
CA VAL B 197 32.74 -35.97 -18.49
C VAL B 197 33.29 -36.63 -17.20
N GLU B 198 34.10 -35.89 -16.46
CA GLU B 198 34.70 -36.37 -15.23
C GLU B 198 34.43 -35.38 -14.10
N ILE B 199 33.59 -35.76 -13.11
CA ILE B 199 33.26 -34.94 -11.95
C ILE B 199 34.16 -35.32 -10.77
N GLU B 200 34.92 -34.35 -10.21
CA GLU B 200 35.83 -34.59 -9.09
C GLU B 200 35.36 -33.89 -7.84
N GLY B 201 35.45 -34.58 -6.71
CA GLY B 201 35.03 -34.01 -5.45
C GLY B 201 35.10 -34.97 -4.27
N PRO B 202 34.94 -34.46 -3.03
CA PRO B 202 34.81 -33.05 -2.65
C PRO B 202 36.18 -32.42 -2.56
N LEU B 203 36.32 -31.18 -3.03
CA LEU B 203 37.60 -30.47 -2.98
C LEU B 203 37.51 -29.28 -2.04
N SER B 204 38.66 -28.77 -1.61
CA SER B 204 38.72 -27.63 -0.70
C SER B 204 39.95 -26.82 -1.01
N THR B 205 39.85 -25.50 -0.99
CA THR B 205 41.02 -24.66 -1.19
C THR B 205 41.69 -24.39 0.15
N GLU B 206 43.03 -24.34 0.17
CA GLU B 206 43.78 -24.03 1.38
C GLU B 206 43.64 -22.54 1.62
N THR B 207 43.39 -22.16 2.89
CA THR B 207 43.16 -20.75 3.23
C THR B 207 44.34 -20.11 4.00
N ASN B 208 44.45 -18.77 3.94
CA ASN B 208 45.50 -18.05 4.63
C ASN B 208 44.85 -16.89 5.37
N TRP B 209 45.10 -16.83 6.68
CA TRP B 209 44.50 -15.78 7.50
C TRP B 209 45.56 -14.96 8.23
N ASP B 210 46.74 -14.77 7.62
CA ASP B 210 47.82 -13.97 8.20
C ASP B 210 47.45 -12.50 8.32
N ILE B 211 46.52 -12.01 7.46
CA ILE B 211 46.05 -10.63 7.52
C ILE B 211 45.42 -10.30 8.89
N ALA B 212 44.93 -11.33 9.64
CA ALA B 212 44.38 -11.17 10.99
C ALA B 212 45.46 -10.58 11.94
N HIS B 213 46.73 -10.90 11.69
CA HIS B 213 47.84 -10.41 12.49
C HIS B 213 48.44 -9.11 11.93
N MET B 214 47.63 -8.28 11.26
CA MET B 214 48.10 -7.02 10.69
C MET B 214 47.38 -5.81 11.30
N GLY C 1 50.83 54.30 38.14
CA GLY C 1 49.87 53.21 38.28
C GLY C 1 48.44 53.67 38.53
N SER C 2 47.85 54.40 37.56
CA SER C 2 46.52 55.00 37.67
C SER C 2 45.29 54.07 37.53
N SER C 3 44.16 54.53 38.12
CA SER C 3 42.86 53.90 38.06
C SER C 3 41.82 54.93 37.53
N ALA C 4 40.81 54.44 36.81
CA ALA C 4 39.72 55.21 36.23
C ALA C 4 38.51 54.30 36.09
N GLY C 5 37.41 54.65 36.71
CA GLY C 5 36.19 53.84 36.62
C GLY C 5 36.25 52.55 37.41
N PHE C 6 35.72 51.47 36.84
CA PHE C 6 35.70 50.18 37.52
C PHE C 6 36.85 49.27 37.08
N ASP C 7 38.03 49.84 36.83
CA ASP C 7 39.17 49.05 36.34
C ASP C 7 39.84 48.19 37.44
N ARG C 8 39.52 48.43 38.71
CA ARG C 8 40.04 47.59 39.80
C ARG C 8 38.97 46.58 40.30
N HIS C 9 37.74 46.61 39.75
CA HIS C 9 36.62 45.77 40.15
C HIS C 9 36.30 44.72 39.11
N ILE C 10 36.42 45.07 37.83
CA ILE C 10 36.14 44.20 36.71
C ILE C 10 37.31 44.11 35.72
N THR C 11 37.29 43.11 34.81
CA THR C 11 38.34 42.96 33.82
C THR C 11 38.09 43.85 32.63
N ILE C 12 38.42 45.13 32.80
CA ILE C 12 38.42 46.21 31.82
C ILE C 12 39.77 46.90 31.96
N PHE C 13 40.31 47.43 30.87
CA PHE C 13 41.64 48.07 30.90
C PHE C 13 41.75 49.26 31.83
N SER C 14 42.92 49.45 32.41
CA SER C 14 43.23 50.59 33.24
C SER C 14 43.87 51.68 32.34
N PRO C 15 44.06 52.94 32.77
CA PRO C 15 44.64 53.94 31.88
C PRO C 15 46.00 53.55 31.28
N GLU C 16 46.74 52.65 31.97
CA GLU C 16 48.05 52.18 31.46
C GLU C 16 47.99 50.89 30.60
N GLY C 17 46.79 50.36 30.38
CA GLY C 17 46.58 49.15 29.62
C GLY C 17 46.73 47.88 30.44
N ARG C 18 46.60 47.99 31.77
CA ARG C 18 46.71 46.85 32.68
C ARG C 18 45.35 46.28 33.05
N LEU C 19 45.35 45.05 33.56
CA LEU C 19 44.12 44.42 34.00
C LEU C 19 44.29 44.11 35.48
N TYR C 20 44.01 45.10 36.32
CA TYR C 20 44.15 44.98 37.77
C TYR C 20 43.51 43.73 38.36
N GLN C 21 42.30 43.33 37.90
CA GLN C 21 41.65 42.12 38.40
C GLN C 21 42.47 40.85 38.11
N VAL C 22 43.17 40.82 36.97
CA VAL C 22 44.04 39.70 36.60
C VAL C 22 45.28 39.73 37.51
N GLU C 23 45.86 40.93 37.75
CA GLU C 23 46.98 41.11 38.65
C GLU C 23 46.66 40.60 40.05
N TYR C 24 45.44 40.87 40.54
CA TYR C 24 44.96 40.43 41.87
C TYR C 24 44.85 38.89 41.94
N ALA C 25 44.46 38.23 40.82
CA ALA C 25 44.37 36.77 40.74
C ALA C 25 45.74 36.10 40.95
N PHE C 26 46.84 36.80 40.61
CA PHE C 26 48.20 36.28 40.82
C PHE C 26 48.57 36.32 42.29
N LYS C 27 48.07 37.33 43.02
CA LYS C 27 48.23 37.51 44.45
C LYS C 27 47.36 36.49 45.22
N ALA C 28 46.27 35.99 44.62
CA ALA C 28 45.38 34.97 45.20
C ALA C 28 46.09 33.62 45.27
N ILE C 29 46.97 33.33 44.30
CA ILE C 29 47.77 32.12 44.30
C ILE C 29 48.62 32.01 45.58
N ASN C 30 49.20 33.14 46.00
CA ASN C 30 50.03 33.19 47.21
C ASN C 30 49.23 33.07 48.50
N GLN C 31 47.91 33.38 48.47
CA GLN C 31 47.00 33.27 49.61
C GLN C 31 46.95 31.85 50.17
N GLY C 32 47.18 30.84 49.33
CA GLY C 32 47.21 29.45 49.75
C GLY C 32 48.34 29.13 50.72
N GLY C 33 49.41 29.93 50.68
CA GLY C 33 50.57 29.78 51.56
C GLY C 33 51.65 28.86 51.04
N LEU C 34 51.31 27.96 50.11
CA LEU C 34 52.26 26.98 49.61
C LEU C 34 53.09 27.51 48.41
N THR C 35 54.18 26.78 48.06
CA THR C 35 55.10 26.99 46.93
C THR C 35 55.21 25.64 46.15
N SER C 36 55.45 25.67 44.83
CA SER C 36 55.58 24.44 44.03
C SER C 36 56.75 24.54 43.07
N VAL C 37 57.46 23.43 42.83
CA VAL C 37 58.61 23.37 41.94
C VAL C 37 58.44 22.25 40.92
N ALA C 38 58.86 22.48 39.68
CA ALA C 38 58.80 21.45 38.64
C ALA C 38 60.10 21.46 37.83
N VAL C 39 60.77 20.32 37.70
CA VAL C 39 62.04 20.25 36.95
C VAL C 39 61.92 19.16 35.87
N ARG C 40 62.48 19.44 34.69
CA ARG C 40 62.48 18.54 33.55
C ARG C 40 63.89 17.97 33.39
N GLY C 41 63.99 16.67 33.22
CA GLY C 41 65.26 15.99 33.05
C GLY C 41 65.46 15.38 31.68
N LYS C 42 66.59 14.67 31.51
CA LYS C 42 66.97 14.05 30.25
C LYS C 42 65.89 13.08 29.76
N ASP C 43 65.26 12.35 30.71
CA ASP C 43 64.23 11.37 30.40
C ASP C 43 63.20 11.20 31.53
N CYS C 44 62.74 12.34 32.11
CA CYS C 44 61.77 12.40 33.21
C CYS C 44 61.27 13.86 33.48
N ALA C 45 60.22 14.02 34.29
CA ALA C 45 59.71 15.32 34.67
C ALA C 45 59.08 15.16 36.06
N VAL C 46 59.53 15.94 37.03
CA VAL C 46 59.10 15.84 38.42
C VAL C 46 58.46 17.15 38.96
N ILE C 47 57.35 17.03 39.72
CA ILE C 47 56.63 18.15 40.37
C ILE C 47 56.63 17.91 41.89
N VAL C 48 57.02 18.92 42.70
CA VAL C 48 57.01 18.77 44.17
C VAL C 48 56.46 20.03 44.87
N THR C 49 55.55 19.87 45.85
CA THR C 49 54.91 20.97 46.58
C THR C 49 54.85 20.70 48.10
N GLN C 50 54.50 21.71 48.91
CA GLN C 50 54.36 21.57 50.37
C GLN C 50 53.12 20.73 50.70
N LYS C 51 53.12 20.09 51.86
CA LYS C 51 51.99 19.28 52.30
C LYS C 51 51.72 19.65 53.77
N LYS C 52 51.02 20.76 53.99
CA LYS C 52 50.74 21.24 55.33
C LYS C 52 49.43 20.65 55.87
N VAL C 53 49.55 19.68 56.80
CA VAL C 53 48.41 19.05 57.47
C VAL C 53 48.52 19.45 58.95
N PRO C 54 47.89 20.58 59.33
CA PRO C 54 48.07 21.11 60.70
C PRO C 54 47.41 20.30 61.83
N ASP C 55 46.17 19.81 61.63
CA ASP C 55 45.51 19.01 62.66
C ASP C 55 45.62 17.54 62.28
N LYS C 56 45.85 16.68 63.27
CA LYS C 56 45.84 15.24 63.04
C LYS C 56 44.41 14.77 62.69
N LEU C 57 43.38 15.63 62.93
CA LEU C 57 41.97 15.39 62.64
C LEU C 57 41.67 15.23 61.15
N LEU C 58 42.56 15.66 60.26
CA LEU C 58 42.37 15.49 58.83
C LEU C 58 42.80 14.05 58.41
N ASP C 59 42.28 13.56 57.28
CA ASP C 59 42.71 12.29 56.71
C ASP C 59 43.78 12.76 55.73
N SER C 60 45.07 12.63 56.11
CA SER C 60 46.26 13.10 55.35
C SER C 60 46.27 12.75 53.85
N SER C 61 45.67 11.62 53.46
CA SER C 61 45.64 11.21 52.05
C SER C 61 44.69 12.05 51.19
N THR C 62 43.71 12.75 51.80
CA THR C 62 42.80 13.62 51.07
C THR C 62 43.35 15.04 50.89
N VAL C 63 44.43 15.38 51.60
CA VAL C 63 45.04 16.68 51.48
C VAL C 63 46.13 16.60 50.41
N THR C 64 45.81 17.09 49.20
CA THR C 64 46.73 17.03 48.07
C THR C 64 46.58 18.21 47.09
N HIS C 65 47.68 18.51 46.42
CA HIS C 65 47.77 19.52 45.39
C HIS C 65 48.21 18.89 44.01
N LEU C 66 48.59 17.60 44.02
CA LEU C 66 48.95 16.81 42.86
C LEU C 66 47.69 16.09 42.35
N PHE C 67 47.50 16.06 41.02
CA PHE C 67 46.32 15.42 40.44
C PHE C 67 46.65 14.67 39.18
N LYS C 68 45.92 13.59 38.91
CA LYS C 68 46.08 12.83 37.69
C LYS C 68 45.06 13.41 36.71
N ILE C 69 45.52 14.00 35.60
CA ILE C 69 44.60 14.52 34.59
C ILE C 69 44.22 13.34 33.73
N THR C 70 45.20 12.66 33.14
CA THR C 70 45.04 11.44 32.31
C THR C 70 46.06 10.37 32.82
N GLU C 71 46.09 9.17 32.22
CA GLU C 71 47.07 8.15 32.61
C GLU C 71 48.52 8.65 32.55
N ASN C 72 48.86 9.39 31.48
CA ASN C 72 50.22 9.89 31.29
C ASN C 72 50.40 11.37 31.62
N ILE C 73 49.34 12.09 32.05
CA ILE C 73 49.48 13.50 32.41
C ILE C 73 49.06 13.76 33.84
N GLY C 74 49.93 14.43 34.57
CA GLY C 74 49.67 14.84 35.95
C GLY C 74 49.92 16.32 36.13
N CYS C 75 49.43 16.87 37.26
CA CYS C 75 49.59 18.30 37.48
C CYS C 75 49.75 18.69 38.94
N VAL C 76 50.45 19.81 39.17
CA VAL C 76 50.55 20.38 40.50
C VAL C 76 49.83 21.71 40.46
N MET C 77 48.82 21.88 41.31
CA MET C 77 48.06 23.12 41.36
C MET C 77 48.57 24.00 42.46
N THR C 78 48.68 25.31 42.22
CA THR C 78 49.09 26.24 43.27
C THR C 78 48.10 27.41 43.37
N GLY C 79 47.61 27.70 44.57
CA GLY C 79 46.66 28.79 44.76
C GLY C 79 45.42 28.44 45.56
N MET C 80 44.29 29.07 45.20
CA MET C 80 43.00 28.81 45.84
C MET C 80 42.59 27.40 45.52
N THR C 81 42.52 26.55 46.55
CA THR C 81 42.24 25.11 46.46
C THR C 81 40.97 24.77 45.65
N ALA C 82 39.79 25.40 45.92
CA ALA C 82 38.58 25.07 45.14
C ALA C 82 38.68 25.53 43.68
N ASP C 83 39.32 26.67 43.44
CA ASP C 83 39.60 27.16 42.09
C ASP C 83 40.50 26.15 41.37
N SER C 84 41.51 25.63 42.08
CA SER C 84 42.39 24.58 41.59
C SER C 84 41.62 23.30 41.24
N ARG C 85 40.71 22.80 42.13
CA ARG C 85 39.92 21.59 41.84
C ARG C 85 39.09 21.80 40.58
N SER C 86 38.44 22.96 40.46
CA SER C 86 37.63 23.34 39.30
C SER C 86 38.42 23.21 38.00
N GLN C 87 39.65 23.72 37.97
CA GLN C 87 40.52 23.67 36.81
C GLN C 87 40.98 22.25 36.51
N VAL C 88 41.19 21.42 37.55
CA VAL C 88 41.57 20.03 37.34
C VAL C 88 40.40 19.25 36.72
N GLN C 89 39.13 19.52 37.16
CA GLN C 89 37.97 18.85 36.57
C GLN C 89 37.87 19.19 35.08
N ARG C 90 38.00 20.47 34.73
CA ARG C 90 37.98 20.94 33.34
C ARG C 90 39.13 20.32 32.52
N ALA C 91 40.35 20.24 33.10
CA ALA C 91 41.51 19.64 32.42
C ALA C 91 41.21 18.21 32.07
N ARG C 92 40.64 17.45 33.02
CA ARG C 92 40.23 16.06 32.83
C ARG C 92 39.16 15.95 31.74
N TYR C 93 38.21 16.89 31.72
CA TYR C 93 37.15 16.87 30.72
C TYR C 93 37.70 17.10 29.31
N GLU C 94 38.47 18.17 29.14
CA GLU C 94 39.07 18.56 27.89
C GLU C 94 39.96 17.44 27.33
N ALA C 95 40.74 16.77 28.21
CA ALA C 95 41.60 15.68 27.80
C ALA C 95 40.82 14.48 27.31
N ALA C 96 39.77 14.03 28.06
CA ALA C 96 38.93 12.88 27.68
C ALA C 96 38.16 13.19 26.41
N ASN C 97 37.68 14.44 26.28
CA ASN C 97 36.95 14.90 25.13
C ASN C 97 37.85 14.87 23.90
N TRP C 98 39.11 15.34 24.02
CA TRP C 98 40.11 15.32 22.94
C TRP C 98 40.31 13.90 22.34
N LYS C 99 40.59 12.90 23.17
CA LYS C 99 40.76 11.53 22.73
C LYS C 99 39.48 10.98 22.04
N TYR C 100 38.32 11.45 22.48
CA TYR C 100 37.05 11.01 21.91
C TYR C 100 36.86 11.54 20.48
N LYS C 101 37.22 12.79 20.22
CA LYS C 101 37.04 13.41 18.91
C LYS C 101 38.15 13.07 17.97
N TYR C 102 39.40 12.98 18.48
CA TYR C 102 40.58 12.83 17.64
C TYR C 102 41.25 11.46 17.65
N GLY C 103 40.84 10.58 18.55
CA GLY C 103 41.38 9.23 18.62
C GLY C 103 42.80 9.09 19.11
N TYR C 104 43.33 10.12 19.75
CA TYR C 104 44.67 10.08 20.32
C TYR C 104 44.75 10.93 21.58
N GLU C 105 45.61 10.55 22.51
CA GLU C 105 45.73 11.25 23.78
C GLU C 105 46.23 12.68 23.59
N ILE C 106 45.62 13.65 24.29
CA ILE C 106 46.01 15.06 24.22
C ILE C 106 47.47 15.37 24.59
N PRO C 107 48.22 16.08 23.71
CA PRO C 107 49.60 16.48 24.07
C PRO C 107 49.62 17.43 25.26
N VAL C 108 50.65 17.36 26.14
CA VAL C 108 50.79 18.24 27.32
C VAL C 108 50.59 19.72 26.96
N ASP C 109 51.24 20.14 25.89
CA ASP C 109 51.12 21.52 25.44
C ASP C 109 49.69 21.88 25.02
N MET C 110 48.97 20.99 24.31
CA MET C 110 47.60 21.25 23.87
C MET C 110 46.61 21.39 25.01
N LEU C 111 46.78 20.58 26.07
CA LEU C 111 45.97 20.66 27.29
C LEU C 111 46.30 21.95 28.04
N CYS C 112 47.55 22.37 28.05
CA CYS C 112 47.94 23.64 28.66
C CYS C 112 47.35 24.78 27.86
N LYS C 113 47.58 24.85 26.53
CA LYS C 113 47.02 25.89 25.66
C LYS C 113 45.49 25.98 25.85
N ARG C 114 44.82 24.81 25.93
CA ARG C 114 43.37 24.73 26.10
C ARG C 114 42.92 25.35 27.41
N ILE C 115 43.51 24.92 28.53
CA ILE C 115 43.16 25.47 29.84
C ILE C 115 43.47 26.97 29.89
N ALA C 116 44.60 27.39 29.28
CA ALA C 116 45.01 28.79 29.21
C ALA C 116 44.01 29.64 28.40
N ASP C 117 43.46 29.07 27.33
CA ASP C 117 42.48 29.75 26.49
C ASP C 117 41.18 29.91 27.26
N ILE C 118 40.77 28.88 28.05
CA ILE C 118 39.57 28.95 28.88
C ILE C 118 39.74 30.09 29.91
N SER C 119 40.93 30.16 30.55
CA SER C 119 41.32 31.19 31.52
C SER C 119 41.31 32.60 30.93
N GLN C 120 41.60 32.73 29.64
CA GLN C 120 41.60 34.03 28.98
C GLN C 120 40.18 34.62 28.93
N VAL C 121 39.16 33.78 28.77
CA VAL C 121 37.78 34.24 28.67
C VAL C 121 37.37 35.10 29.87
N TYR C 122 37.79 34.64 31.05
CA TYR C 122 37.56 35.31 32.34
C TYR C 122 38.23 36.67 32.40
N THR C 123 39.37 36.80 31.71
CA THR C 123 40.22 37.98 31.54
C THR C 123 39.55 39.05 30.63
N GLN C 124 38.60 38.62 29.76
CA GLN C 124 37.94 39.51 28.80
C GLN C 124 36.49 39.81 29.09
N ASN C 125 35.74 38.83 29.67
CA ASN C 125 34.32 39.00 30.05
C ASN C 125 34.27 39.49 31.47
N ALA C 126 33.44 40.51 31.75
CA ALA C 126 33.39 41.14 33.07
C ALA C 126 32.55 40.46 34.12
N GLU C 127 31.56 39.65 33.72
CA GLU C 127 30.64 39.05 34.69
C GLU C 127 31.23 37.94 35.57
N MET C 128 32.48 37.54 35.34
CA MET C 128 33.12 36.53 36.19
C MET C 128 34.58 36.90 36.49
N ARG C 129 35.13 36.31 37.55
CA ARG C 129 36.51 36.62 37.96
C ARG C 129 37.48 35.56 37.51
N PRO C 130 38.76 35.93 37.30
CA PRO C 130 39.77 34.88 36.96
C PRO C 130 39.87 33.83 38.07
N LEU C 131 40.50 32.67 37.78
CA LEU C 131 40.70 31.70 38.85
C LEU C 131 41.99 32.06 39.61
N GLY C 132 41.95 32.06 40.94
CA GLY C 132 43.14 32.39 41.72
C GLY C 132 44.11 31.23 41.86
N CYS C 133 44.52 30.65 40.71
CA CYS C 133 45.38 29.47 40.74
C CYS C 133 46.23 29.31 39.47
N CYS C 134 47.29 28.51 39.62
CA CYS C 134 48.35 28.23 38.67
C CYS C 134 48.35 26.73 38.43
N MET C 135 48.38 26.26 37.17
CA MET C 135 48.45 24.82 36.88
C MET C 135 49.79 24.48 36.24
N ILE C 136 50.48 23.45 36.73
CA ILE C 136 51.72 22.99 36.13
C ILE C 136 51.48 21.55 35.71
N LEU C 137 51.61 21.22 34.41
CA LEU C 137 51.39 19.86 33.88
C LEU C 137 52.71 19.17 33.48
N ILE C 138 52.83 17.87 33.76
CA ILE C 138 54.00 17.09 33.35
C ILE C 138 53.52 15.86 32.54
N GLY C 139 54.36 15.41 31.63
CA GLY C 139 54.06 14.24 30.81
C GLY C 139 55.16 13.93 29.82
N ILE C 140 55.25 12.68 29.35
CA ILE C 140 56.28 12.28 28.37
C ILE C 140 55.72 12.28 26.94
N ASP C 141 56.24 13.12 26.05
CA ASP C 141 55.80 13.22 24.66
C ASP C 141 56.43 12.11 23.80
N GLU C 142 55.63 11.56 22.89
CA GLU C 142 56.10 10.45 22.03
C GLU C 142 57.31 10.91 21.20
N GLU C 143 57.28 12.12 20.65
CA GLU C 143 58.43 12.60 19.83
C GLU C 143 59.14 13.81 20.46
N GLN C 144 58.63 14.35 21.57
CA GLN C 144 59.29 15.56 22.17
C GLN C 144 59.94 15.25 23.53
N GLY C 145 59.82 14.01 24.03
CA GLY C 145 60.39 13.68 25.33
C GLY C 145 59.66 14.32 26.49
N PRO C 146 60.29 14.41 27.67
CA PRO C 146 59.60 14.99 28.83
C PRO C 146 59.17 16.47 28.71
N GLN C 147 57.92 16.78 29.10
CA GLN C 147 57.32 18.11 28.99
C GLN C 147 56.89 18.67 30.35
N VAL C 148 57.16 19.97 30.57
CA VAL C 148 56.75 20.73 31.75
C VAL C 148 56.09 22.00 31.24
N TYR C 149 54.80 22.20 31.51
CA TYR C 149 54.05 23.38 31.04
C TYR C 149 53.33 24.05 32.21
N LYS C 150 53.18 25.38 32.17
CA LYS C 150 52.48 26.09 33.25
C LYS C 150 51.53 27.14 32.67
N CYS C 151 50.32 27.31 33.24
CA CYS C 151 49.42 28.37 32.79
C CYS C 151 48.95 29.26 33.96
N ASP C 152 48.69 30.51 33.63
CA ASP C 152 48.40 31.63 34.52
C ASP C 152 46.93 31.99 34.57
N PRO C 153 46.49 32.68 35.65
CA PRO C 153 45.15 33.30 35.64
C PRO C 153 45.01 34.38 34.55
N ALA C 154 46.15 34.84 33.98
CA ALA C 154 46.19 35.80 32.87
C ALA C 154 45.83 35.17 31.54
N GLY C 155 45.94 33.85 31.43
CA GLY C 155 45.73 33.14 30.20
C GLY C 155 47.05 32.83 29.49
N TYR C 156 48.19 33.32 30.02
CA TYR C 156 49.48 33.03 29.41
C TYR C 156 49.83 31.55 29.72
N TYR C 157 50.65 30.95 28.87
CA TYR C 157 51.12 29.59 29.09
C TYR C 157 52.48 29.42 28.41
N CYS C 158 53.28 28.47 28.90
CA CYS C 158 54.59 28.20 28.30
C CYS C 158 55.15 26.84 28.72
N GLY C 159 56.17 26.38 28.00
CA GLY C 159 56.97 25.20 28.32
C GLY C 159 58.22 25.62 29.09
N PHE C 160 58.75 24.74 29.96
CA PHE C 160 59.91 25.07 30.78
C PHE C 160 60.90 23.93 30.97
N LYS C 161 62.17 24.30 31.18
CA LYS C 161 63.23 23.37 31.60
C LYS C 161 63.01 23.08 33.13
N ALA C 162 62.56 24.11 33.86
CA ALA C 162 62.23 24.10 35.27
C ALA C 162 61.35 25.32 35.55
N THR C 163 60.46 25.19 36.52
CA THR C 163 59.53 26.28 36.87
C THR C 163 59.11 26.23 38.35
N ALA C 164 58.50 27.32 38.82
CA ALA C 164 57.99 27.45 40.17
C ALA C 164 56.67 28.29 40.19
N ALA C 165 55.90 28.15 41.29
CA ALA C 165 54.66 28.88 41.51
C ALA C 165 54.45 29.06 43.02
N GLY C 166 53.64 30.04 43.41
CA GLY C 166 53.34 30.25 44.83
C GLY C 166 54.14 31.33 45.53
N VAL C 167 54.08 31.32 46.87
CA VAL C 167 54.71 32.29 47.77
C VAL C 167 56.17 32.62 47.45
N LYS C 168 57.01 31.57 47.31
CA LYS C 168 58.42 31.80 47.04
C LYS C 168 58.81 31.46 45.61
N GLN C 169 57.94 31.80 44.62
CA GLN C 169 58.17 31.54 43.21
C GLN C 169 59.43 32.22 42.70
N THR C 170 59.59 33.50 43.02
CA THR C 170 60.74 34.32 42.54
C THR C 170 62.07 33.75 43.03
N GLU C 171 62.14 33.37 44.30
CA GLU C 171 63.35 32.78 44.89
C GLU C 171 63.60 31.39 44.32
N SER C 172 62.53 30.61 44.14
CA SER C 172 62.64 29.26 43.59
C SER C 172 63.14 29.31 42.16
N THR C 173 62.69 30.29 41.37
CA THR C 173 63.15 30.44 39.99
C THR C 173 64.58 30.92 39.99
N SER C 174 64.95 31.86 40.88
CA SER C 174 66.34 32.36 41.01
C SER C 174 67.30 31.19 41.28
N PHE C 175 66.89 30.27 42.17
CA PHE C 175 67.65 29.07 42.50
C PHE C 175 67.69 28.12 41.31
N LEU C 176 66.53 27.80 40.72
CA LEU C 176 66.46 26.87 39.60
C LEU C 176 67.30 27.31 38.41
N GLU C 177 67.41 28.62 38.15
CA GLU C 177 68.24 29.08 37.03
C GLU C 177 69.74 28.94 37.31
N LYS C 178 70.14 28.99 38.59
CA LYS C 178 71.53 28.85 39.00
C LYS C 178 72.03 27.40 38.85
N LYS C 179 71.14 26.41 38.98
CA LYS C 179 71.52 25.00 38.86
C LYS C 179 71.51 24.55 37.38
N VAL C 180 70.58 25.09 36.56
CA VAL C 180 70.51 24.75 35.14
C VAL C 180 71.69 25.37 34.37
N LYS C 181 72.25 26.50 34.85
CA LYS C 181 73.41 27.16 34.23
C LYS C 181 74.64 26.23 34.32
N LYS C 182 74.87 25.60 35.50
CA LYS C 182 75.96 24.65 35.70
C LYS C 182 75.50 23.27 35.22
N PHE C 184 75.31 19.54 34.72
CA PHE C 184 74.99 18.25 35.32
C PHE C 184 74.35 17.28 34.34
N ASP C 185 74.52 15.97 34.58
CA ASP C 185 73.82 14.96 33.80
C ASP C 185 72.41 14.96 34.42
N TRP C 186 71.38 15.42 33.67
CA TRP C 186 70.02 15.55 34.21
C TRP C 186 69.26 14.24 34.34
N THR C 187 69.78 13.35 35.19
CA THR C 187 69.24 12.04 35.48
C THR C 187 67.97 12.16 36.35
N PHE C 188 67.28 11.04 36.59
CA PHE C 188 66.07 11.02 37.40
C PHE C 188 66.38 11.46 38.84
N GLU C 189 67.52 11.02 39.40
CA GLU C 189 67.89 11.39 40.75
C GLU C 189 68.29 12.86 40.80
N GLN C 190 69.03 13.34 39.78
CA GLN C 190 69.45 14.75 39.73
C GLN C 190 68.27 15.69 39.46
N THR C 191 67.20 15.20 38.82
CA THR C 191 66.02 16.00 38.54
C THR C 191 65.15 16.06 39.79
N VAL C 192 64.97 14.91 40.47
CA VAL C 192 64.20 14.81 41.70
C VAL C 192 64.84 15.62 42.83
N GLU C 193 66.15 15.43 43.07
CA GLU C 193 66.85 16.12 44.16
C GLU C 193 66.86 17.62 43.98
N THR C 194 67.09 18.12 42.74
CA THR C 194 67.10 19.56 42.42
C THR C 194 65.80 20.21 42.84
N ALA C 195 64.68 19.51 42.61
CA ALA C 195 63.34 19.97 42.95
C ALA C 195 63.12 19.97 44.46
N ILE C 196 63.59 18.94 45.19
CA ILE C 196 63.41 18.86 46.63
C ILE C 196 64.25 19.91 47.35
N THR C 197 65.53 20.03 46.98
CA THR C 197 66.42 21.02 47.62
C THR C 197 66.13 22.46 47.17
N CYS C 198 65.30 22.67 46.15
CA CYS C 198 64.89 24.03 45.78
C CYS C 198 63.83 24.46 46.77
N LEU C 199 62.82 23.60 47.02
CA LEU C 199 61.76 23.90 47.97
C LEU C 199 62.34 24.05 49.37
N SER C 200 63.28 23.18 49.74
CA SER C 200 63.90 23.20 51.05
C SER C 200 64.79 24.44 51.34
N THR C 201 65.68 24.82 50.41
CA THR C 201 66.55 25.98 50.61
C THR C 201 65.80 27.30 50.50
N VAL C 202 64.71 27.34 49.73
CA VAL C 202 63.93 28.55 49.51
C VAL C 202 62.97 28.78 50.68
N LEU C 203 62.42 27.72 51.26
CA LEU C 203 61.54 27.83 52.42
C LEU C 203 62.31 27.73 53.75
N SER C 204 63.61 27.36 53.71
CA SER C 204 64.50 27.17 54.86
C SER C 204 63.90 26.14 55.82
N ILE C 205 63.49 24.98 55.27
CA ILE C 205 62.87 23.85 55.99
C ILE C 205 63.56 22.54 55.63
N ASP C 206 64.14 21.83 56.60
CA ASP C 206 64.73 20.51 56.35
C ASP C 206 63.58 19.50 56.46
N PHE C 207 63.08 19.06 55.31
CA PHE C 207 61.88 18.25 55.19
C PHE C 207 61.86 16.87 55.81
N LYS C 208 60.66 16.50 56.26
CA LYS C 208 60.22 15.20 56.76
C LYS C 208 59.36 14.60 55.62
N PRO C 209 59.30 13.26 55.46
CA PRO C 209 58.55 12.68 54.32
C PRO C 209 57.07 13.05 54.18
N SER C 210 56.43 13.47 55.27
CA SER C 210 55.03 13.87 55.23
C SER C 210 54.84 15.37 54.91
N GLU C 211 55.92 16.16 54.88
CA GLU C 211 55.88 17.60 54.63
C GLU C 211 55.87 18.00 53.14
N ILE C 212 56.17 17.07 52.23
CA ILE C 212 56.16 17.38 50.80
C ILE C 212 55.47 16.27 50.00
N GLU C 213 55.02 16.57 48.77
CA GLU C 213 54.47 15.54 47.89
C GLU C 213 55.16 15.60 46.52
N VAL C 214 55.66 14.44 46.05
CA VAL C 214 56.41 14.36 44.79
C VAL C 214 55.62 13.56 43.76
N GLY C 215 55.60 14.04 42.52
CA GLY C 215 54.92 13.40 41.38
C GLY C 215 55.87 13.31 40.21
N VAL C 216 55.90 12.16 39.49
CA VAL C 216 56.85 11.99 38.39
C VAL C 216 56.30 11.20 37.17
N VAL C 217 56.85 11.52 35.98
CA VAL C 217 56.61 10.83 34.70
C VAL C 217 58.01 10.45 34.17
N THR C 218 58.18 9.20 33.73
CA THR C 218 59.49 8.71 33.28
C THR C 218 59.38 8.23 31.84
N VAL C 219 60.48 8.24 31.05
CA VAL C 219 60.40 7.73 29.68
C VAL C 219 60.13 6.19 29.68
N GLU C 220 60.76 5.48 30.62
CA GLU C 220 60.59 4.04 30.85
C GLU C 220 59.17 3.72 31.35
N ASN C 221 58.57 4.60 32.20
CA ASN C 221 57.20 4.44 32.75
C ASN C 221 56.47 5.77 32.66
N PRO C 222 55.87 6.06 31.47
CA PRO C 222 55.21 7.35 31.25
C PRO C 222 53.97 7.61 32.08
N LYS C 223 53.40 6.58 32.71
CA LYS C 223 52.20 6.76 33.56
C LYS C 223 52.56 7.66 34.75
N PHE C 224 51.78 8.72 34.97
CA PHE C 224 51.97 9.65 36.07
C PHE C 224 51.90 8.89 37.40
N ARG C 225 53.03 8.84 38.12
CA ARG C 225 53.10 8.14 39.40
C ARG C 225 53.37 9.13 40.57
N ILE C 226 52.62 9.01 41.66
CA ILE C 226 52.80 9.88 42.83
C ILE C 226 53.65 9.07 43.83
N LEU C 227 54.77 9.68 44.34
CA LEU C 227 55.71 9.01 45.24
C LEU C 227 55.17 8.72 46.66
N THR C 228 55.50 7.54 47.21
CA THR C 228 55.15 7.10 48.57
C THR C 228 55.98 7.91 49.59
N GLU C 229 55.58 7.91 50.88
CA GLU C 229 56.37 8.59 51.91
C GLU C 229 57.76 7.89 52.04
N ALA C 230 57.81 6.56 51.86
CA ALA C 230 59.04 5.78 51.91
C ALA C 230 59.96 6.13 50.72
N GLU C 231 59.36 6.36 49.53
CA GLU C 231 60.06 6.77 48.30
C GLU C 231 60.58 8.21 48.46
N ILE C 232 59.76 9.09 49.06
CA ILE C 232 60.13 10.47 49.36
C ILE C 232 61.28 10.48 50.37
N ASP C 233 61.25 9.56 51.34
CA ASP C 233 62.29 9.43 52.36
C ASP C 233 63.61 8.95 51.75
N ALA C 234 63.56 7.98 50.82
CA ALA C 234 64.76 7.47 50.15
C ALA C 234 65.54 8.58 49.43
N HIS C 235 64.84 9.61 48.97
CA HIS C 235 65.48 10.75 48.31
C HIS C 235 65.98 11.73 49.36
N LEU C 236 65.16 11.99 50.39
CA LEU C 236 65.50 12.91 51.47
C LEU C 236 66.76 12.49 52.21
N VAL C 237 66.91 11.18 52.51
CA VAL C 237 68.08 10.66 53.23
C VAL C 237 69.36 10.73 52.39
N ALA C 238 69.26 10.40 51.09
CA ALA C 238 70.39 10.47 50.15
C ALA C 238 70.89 11.92 49.96
N LEU C 239 69.97 12.89 50.09
CA LEU C 239 70.24 14.33 50.00
C LEU C 239 71.03 14.82 51.24
N ALA C 240 70.76 14.22 52.41
CA ALA C 240 71.45 14.54 53.65
C ALA C 240 72.86 13.94 53.67
N GLU C 241 73.06 12.76 53.01
CA GLU C 241 74.35 12.07 52.92
C GLU C 241 75.43 12.99 52.35
N GLY D 1 24.94 36.75 31.11
CA GLY D 1 26.06 37.68 31.09
C GLY D 1 25.67 39.15 31.26
N TYR D 2 26.62 40.08 31.00
CA TYR D 2 26.37 41.52 31.08
C TYR D 2 25.97 41.94 29.69
N SER D 3 24.70 42.33 29.48
CA SER D 3 24.24 42.67 28.12
C SER D 3 24.56 44.08 27.62
N PHE D 4 25.15 44.95 28.44
CA PHE D 4 25.45 46.35 28.11
C PHE D 4 26.89 46.55 27.67
N SER D 5 27.16 47.57 26.84
CA SER D 5 28.55 47.84 26.41
C SER D 5 29.43 48.23 27.59
N LEU D 6 30.71 47.87 27.53
CA LEU D 6 31.73 48.27 28.51
C LEU D 6 32.64 49.41 27.93
N THR D 7 32.57 49.67 26.59
CA THR D 7 33.25 50.74 25.88
C THR D 7 32.18 51.75 25.47
N THR D 8 32.25 52.96 26.02
CA THR D 8 31.29 54.03 25.73
C THR D 8 32.03 55.34 25.39
N PHE D 9 31.31 56.31 24.83
CA PHE D 9 31.89 57.59 24.47
C PHE D 9 32.00 58.51 25.66
N SER D 10 33.20 59.03 25.92
CA SER D 10 33.45 60.01 26.98
C SER D 10 32.86 61.36 26.51
N PRO D 11 32.58 62.33 27.41
CA PRO D 11 32.01 63.62 26.95
C PRO D 11 32.81 64.34 25.87
N SER D 12 34.14 64.10 25.79
CA SER D 12 34.94 64.70 24.74
C SER D 12 34.84 63.99 23.37
N GLY D 13 34.16 62.84 23.32
CA GLY D 13 33.94 62.07 22.11
C GLY D 13 34.89 60.92 21.88
N LYS D 14 35.60 60.50 22.92
CA LYS D 14 36.58 59.42 22.78
C LYS D 14 36.08 58.09 23.33
N LEU D 15 36.44 57.00 22.65
CA LEU D 15 36.10 55.66 23.13
C LEU D 15 37.29 55.24 23.98
N VAL D 16 37.31 55.71 25.23
CA VAL D 16 38.42 55.57 26.17
C VAL D 16 38.90 54.11 26.38
N GLN D 17 38.02 53.09 26.41
CA GLN D 17 38.50 51.70 26.54
C GLN D 17 39.40 51.27 25.35
N ILE D 18 39.09 51.78 24.14
CA ILE D 18 39.90 51.51 22.96
C ILE D 18 41.25 52.22 23.10
N GLU D 19 41.26 53.44 23.65
CA GLU D 19 42.48 54.23 23.90
C GLU D 19 43.36 53.48 24.92
N TYR D 20 42.75 52.95 25.99
CA TYR D 20 43.45 52.17 27.02
C TYR D 20 43.94 50.82 26.49
N ALA D 21 43.24 50.20 25.51
CA ALA D 21 43.66 48.95 24.86
C ALA D 21 44.90 49.22 24.00
N LEU D 22 44.93 50.37 23.32
CA LEU D 22 46.09 50.80 22.53
C LEU D 22 47.31 51.02 23.43
N ALA D 23 47.11 51.38 24.70
CA ALA D 23 48.22 51.57 25.64
C ALA D 23 48.85 50.22 25.96
N ALA D 24 48.03 49.15 26.07
CA ALA D 24 48.52 47.80 26.30
C ALA D 24 49.44 47.35 25.16
N VAL D 25 49.09 47.73 23.93
CA VAL D 25 49.86 47.45 22.72
C VAL D 25 51.18 48.18 22.75
N ALA D 26 51.15 49.50 23.04
CA ALA D 26 52.32 50.37 23.11
C ALA D 26 53.34 50.01 24.19
N GLY D 27 52.95 49.15 25.13
CA GLY D 27 53.81 48.63 26.18
C GLY D 27 54.27 47.20 25.96
N GLY D 28 53.86 46.57 24.86
CA GLY D 28 54.25 45.20 24.54
C GLY D 28 55.60 45.12 23.84
N ALA D 29 56.14 43.88 23.68
CA ALA D 29 57.45 43.73 23.02
C ALA D 29 57.34 44.15 21.56
N PRO D 30 58.39 44.77 20.99
CA PRO D 30 58.28 45.28 19.62
C PRO D 30 58.14 44.22 18.55
N SER D 31 57.42 44.57 17.47
CA SER D 31 57.20 43.76 16.27
C SER D 31 57.42 44.64 15.02
N VAL D 32 57.90 44.04 13.90
CA VAL D 32 58.19 44.75 12.64
C VAL D 32 57.64 43.96 11.45
N GLY D 33 57.15 44.67 10.44
CA GLY D 33 56.68 44.10 9.21
C GLY D 33 57.27 44.90 8.07
N ILE D 34 57.85 44.23 7.06
CA ILE D 34 58.46 44.93 5.92
C ILE D 34 58.02 44.24 4.64
N LYS D 35 57.35 44.99 3.75
CA LYS D 35 56.91 44.49 2.46
C LYS D 35 58.02 44.70 1.42
N ALA D 36 58.75 43.63 1.11
CA ALA D 36 59.81 43.63 0.09
C ALA D 36 59.14 43.56 -1.32
N ALA D 37 59.90 43.66 -2.42
CA ALA D 37 59.36 43.56 -3.76
C ALA D 37 58.88 42.13 -4.05
N ASN D 38 59.64 41.13 -3.61
CA ASN D 38 59.31 39.73 -3.87
C ASN D 38 58.85 38.93 -2.63
N GLY D 39 58.46 39.62 -1.56
CA GLY D 39 58.04 38.95 -0.34
C GLY D 39 57.70 39.89 0.79
N VAL D 40 57.47 39.33 2.01
CA VAL D 40 57.14 40.02 3.28
C VAL D 40 57.91 39.42 4.48
N VAL D 41 58.48 40.29 5.35
CA VAL D 41 59.15 39.86 6.60
C VAL D 41 58.30 40.28 7.81
N LEU D 42 58.29 39.44 8.84
CA LEU D 42 57.63 39.70 10.13
C LEU D 42 58.68 39.35 11.18
N ALA D 43 59.02 40.30 12.04
CA ALA D 43 60.07 40.11 13.04
C ALA D 43 59.60 40.58 14.40
N THR D 44 60.01 39.88 15.46
CA THR D 44 59.59 40.26 16.81
C THR D 44 60.63 39.94 17.86
N GLU D 45 60.52 40.59 19.01
CA GLU D 45 61.36 40.35 20.15
C GLU D 45 60.70 39.21 20.95
N LYS D 46 61.35 38.08 21.01
CA LYS D 46 60.89 36.91 21.73
C LYS D 46 61.78 36.68 22.97
N LYS D 47 62.18 37.75 23.64
CA LYS D 47 63.03 37.65 24.83
C LYS D 47 62.19 37.30 26.08
N GLN D 48 62.44 36.10 26.65
CA GLN D 48 61.73 35.66 27.86
C GLN D 48 62.57 35.95 29.12
N LYS D 49 61.90 36.06 30.28
CA LYS D 49 62.44 36.44 31.60
C LYS D 49 63.70 35.68 32.08
N SER D 50 63.89 34.39 31.72
CA SER D 50 65.03 33.63 32.21
C SER D 50 65.45 32.46 31.31
N ILE D 51 66.62 31.83 31.60
CA ILE D 51 67.10 30.67 30.87
C ILE D 51 66.08 29.50 31.02
N LEU D 52 65.41 29.40 32.19
CA LEU D 52 64.42 28.37 32.52
C LEU D 52 63.24 28.23 31.51
N TYR D 53 62.95 29.31 30.75
CA TYR D 53 61.87 29.29 29.76
C TYR D 53 62.29 28.48 28.55
N ASP D 54 61.46 27.52 28.11
CA ASP D 54 61.76 26.75 26.91
C ASP D 54 61.32 27.64 25.76
N GLU D 55 62.26 28.38 25.16
CA GLU D 55 61.94 29.32 24.07
C GLU D 55 61.16 28.67 22.92
N ARG D 56 61.54 27.45 22.52
CA ARG D 56 60.99 26.65 21.42
C ARG D 56 59.54 26.15 21.59
N SER D 57 58.96 26.30 22.80
CA SER D 57 57.64 25.80 23.17
C SER D 57 56.43 26.59 22.65
N VAL D 58 56.50 27.92 22.63
CA VAL D 58 55.39 28.76 22.15
C VAL D 58 55.96 29.77 21.14
N HIS D 59 55.13 30.23 20.18
CA HIS D 59 55.55 31.16 19.13
C HIS D 59 54.75 32.46 19.08
N LYS D 60 55.37 33.51 18.57
CA LYS D 60 54.70 34.79 18.38
C LYS D 60 54.35 34.90 16.90
N VAL D 61 55.30 34.53 15.99
CA VAL D 61 55.05 34.53 14.55
C VAL D 61 54.28 33.25 14.21
N GLU D 62 53.01 33.38 13.80
CA GLU D 62 52.18 32.21 13.54
C GLU D 62 51.59 32.10 12.15
N PRO D 63 51.46 30.87 11.62
CA PRO D 63 50.76 30.69 10.36
C PRO D 63 49.24 30.77 10.55
N ILE D 64 48.51 31.21 9.52
CA ILE D 64 47.04 31.25 9.55
C ILE D 64 46.52 30.18 8.57
N THR D 65 47.07 30.20 7.35
CA THR D 65 46.87 29.27 6.27
C THR D 65 48.25 29.20 5.53
N LYS D 66 48.31 28.50 4.39
CA LYS D 66 49.55 28.29 3.66
C LYS D 66 50.25 29.57 3.22
N HIS D 67 49.47 30.59 2.84
CA HIS D 67 49.98 31.84 2.29
C HIS D 67 49.89 33.07 3.21
N ILE D 68 49.19 32.99 4.38
CA ILE D 68 49.04 34.10 5.36
C ILE D 68 49.80 33.78 6.65
N GLY D 69 50.40 34.82 7.23
CA GLY D 69 51.14 34.76 8.49
C GLY D 69 50.77 35.89 9.43
N LEU D 70 51.23 35.81 10.69
CA LEU D 70 50.83 36.79 11.71
C LEU D 70 51.90 37.06 12.79
N VAL D 71 51.84 38.28 13.34
CA VAL D 71 52.67 38.76 14.49
C VAL D 71 51.85 39.82 15.27
N TYR D 72 52.22 40.12 16.52
CA TYR D 72 51.44 41.06 17.33
C TYR D 72 52.30 41.88 18.29
N SER D 73 51.66 42.84 18.95
CA SER D 73 52.18 43.64 20.04
C SER D 73 51.06 43.78 21.06
N GLY D 74 51.37 43.48 22.32
CA GLY D 74 50.39 43.60 23.38
C GLY D 74 50.18 42.34 24.18
N MET D 75 48.90 42.03 24.42
CA MET D 75 48.45 40.90 25.22
C MET D 75 48.53 39.58 24.48
N GLY D 76 49.46 38.76 24.92
CA GLY D 76 49.70 37.43 24.39
C GLY D 76 48.48 36.55 24.33
N PRO D 77 47.75 36.34 25.44
CA PRO D 77 46.56 35.48 25.41
C PRO D 77 45.44 35.99 24.51
N ASP D 78 45.31 37.33 24.38
CA ASP D 78 44.31 37.93 23.48
C ASP D 78 44.63 37.55 22.04
N TYR D 79 45.93 37.60 21.67
CA TYR D 79 46.42 37.24 20.35
C TYR D 79 45.98 35.85 19.94
N ARG D 80 46.14 34.86 20.83
CA ARG D 80 45.77 33.49 20.56
C ARG D 80 44.32 33.34 20.15
N VAL D 81 43.43 34.16 20.71
CA VAL D 81 42.02 34.15 20.37
C VAL D 81 41.84 34.57 18.90
N LEU D 82 42.49 35.64 18.51
CA LEU D 82 42.44 36.13 17.15
C LEU D 82 43.13 35.17 16.19
N VAL D 83 44.20 34.45 16.60
CA VAL D 83 44.86 33.48 15.73
C VAL D 83 43.89 32.38 15.39
N HIS D 84 43.25 31.76 16.41
CA HIS D 84 42.25 30.71 16.14
C HIS D 84 41.12 31.20 15.25
N ARG D 85 40.60 32.39 15.53
CA ARG D 85 39.50 32.97 14.77
C ARG D 85 39.90 33.20 13.32
N ALA D 86 41.10 33.71 13.08
CA ALA D 86 41.67 33.99 11.76
C ALA D 86 41.85 32.70 10.96
N ARG D 87 42.43 31.67 11.58
CA ARG D 87 42.60 30.37 10.94
C ARG D 87 41.23 29.78 10.54
N LYS D 88 40.23 29.90 11.41
CA LYS D 88 38.89 29.43 11.16
C LYS D 88 38.28 30.19 9.97
N LEU D 89 38.32 31.53 10.01
CA LEU D 89 37.82 32.41 8.94
C LEU D 89 38.46 32.09 7.60
N ALA D 90 39.76 31.78 7.59
CA ALA D 90 40.48 31.43 6.36
C ALA D 90 40.00 30.09 5.77
N GLN D 91 39.55 29.18 6.62
CA GLN D 91 39.01 27.89 6.17
C GLN D 91 37.62 28.07 5.64
N GLN D 92 36.80 28.95 6.26
CA GLN D 92 35.44 29.20 5.77
C GLN D 92 35.47 29.75 4.35
N TYR D 93 36.44 30.62 4.04
CA TYR D 93 36.57 31.20 2.71
C TYR D 93 36.98 30.13 1.73
N TYR D 94 38.00 29.35 2.09
CA TYR D 94 38.49 28.29 1.24
C TYR D 94 37.43 27.24 0.97
N LEU D 95 36.59 26.93 1.95
CA LEU D 95 35.53 25.94 1.76
C LEU D 95 34.51 26.41 0.72
N VAL D 96 34.17 27.71 0.71
CA VAL D 96 33.20 28.24 -0.24
C VAL D 96 33.78 28.55 -1.61
N TYR D 97 34.88 29.31 -1.65
CA TYR D 97 35.44 29.80 -2.90
C TYR D 97 36.55 28.93 -3.52
N GLN D 98 37.07 27.95 -2.78
CA GLN D 98 38.08 27.00 -3.25
C GLN D 98 39.30 27.72 -3.80
N GLU D 99 39.67 28.81 -3.14
CA GLU D 99 40.77 29.69 -3.53
C GLU D 99 41.37 30.24 -2.28
N PRO D 100 42.72 30.37 -2.16
CA PRO D 100 43.30 30.97 -0.94
C PRO D 100 42.73 32.35 -0.67
N ILE D 101 42.30 32.60 0.56
CA ILE D 101 41.73 33.90 0.94
C ILE D 101 42.69 35.06 0.65
N PRO D 102 42.19 36.09 -0.06
CA PRO D 102 43.00 37.31 -0.25
C PRO D 102 43.35 37.92 1.12
N THR D 103 44.58 38.47 1.29
CA THR D 103 45.03 39.04 2.57
C THR D 103 44.14 40.19 3.02
N ALA D 104 43.66 41.04 2.09
CA ALA D 104 42.74 42.12 2.44
C ALA D 104 41.45 41.56 3.04
N GLN D 105 40.98 40.41 2.48
CA GLN D 105 39.80 39.73 2.92
C GLN D 105 39.99 39.14 4.29
N LEU D 106 41.15 38.48 4.56
CA LEU D 106 41.36 37.94 5.92
C LEU D 106 41.37 39.07 6.95
N VAL D 107 42.20 40.12 6.71
CA VAL D 107 42.37 41.31 7.53
C VAL D 107 41.04 41.98 7.82
N GLN D 108 40.18 42.11 6.79
CA GLN D 108 38.82 42.67 6.98
C GLN D 108 37.95 41.82 7.92
N ARG D 109 37.91 40.48 7.67
CA ARG D 109 37.13 39.58 8.51
C ARG D 109 37.59 39.61 9.98
N VAL D 110 38.91 39.59 10.23
CA VAL D 110 39.51 39.59 11.56
C VAL D 110 39.23 40.92 12.23
N ALA D 111 39.42 42.04 11.48
CA ALA D 111 39.15 43.39 11.99
C ALA D 111 37.68 43.58 12.43
N SER D 112 36.76 42.84 11.79
CA SER D 112 35.32 42.86 12.17
C SER D 112 35.14 42.28 13.58
N VAL D 113 35.87 41.21 13.90
CA VAL D 113 35.80 40.58 15.21
C VAL D 113 36.36 41.54 16.27
N MET D 114 37.43 42.27 15.93
CA MET D 114 38.00 43.24 16.84
C MET D 114 37.01 44.36 17.13
N GLN D 115 36.30 44.86 16.09
CA GLN D 115 35.27 45.91 16.26
C GLN D 115 34.17 45.41 17.20
N GLU D 116 33.78 44.14 17.06
CA GLU D 116 32.74 43.53 17.88
C GLU D 116 33.02 43.67 19.37
N TYR D 117 34.27 43.47 19.80
CA TYR D 117 34.63 43.56 21.20
C TYR D 117 34.68 45.02 21.72
N THR D 118 34.43 46.00 20.84
CA THR D 118 34.34 47.42 21.26
C THR D 118 32.88 47.87 21.45
N GLN D 119 31.90 47.03 21.11
CA GLN D 119 30.51 47.40 21.15
C GLN D 119 29.67 46.35 21.82
N SER D 120 30.00 45.06 21.62
CA SER D 120 29.23 43.98 22.23
C SER D 120 29.29 44.07 23.75
N GLY D 121 28.23 43.61 24.38
CA GLY D 121 28.07 43.74 25.82
C GLY D 121 28.94 42.88 26.69
N GLY D 122 29.42 43.49 27.77
CA GLY D 122 30.16 42.81 28.83
C GLY D 122 31.51 42.26 28.51
N VAL D 123 32.12 42.76 27.44
CA VAL D 123 33.47 42.41 27.01
C VAL D 123 34.32 43.69 26.85
N ARG D 124 35.62 43.57 26.99
CA ARG D 124 36.54 44.68 26.77
C ARG D 124 37.18 44.48 25.36
N PRO D 125 37.69 45.55 24.74
CA PRO D 125 38.37 45.36 23.45
C PRO D 125 39.65 44.51 23.61
N PHE D 126 40.18 43.93 22.51
CA PHE D 126 41.41 43.15 22.61
C PHE D 126 42.60 44.11 22.86
N GLY D 127 43.54 43.70 23.69
CA GLY D 127 44.72 44.52 23.98
C GLY D 127 45.82 44.12 23.05
N VAL D 128 45.50 44.04 21.75
CA VAL D 128 46.45 43.58 20.78
C VAL D 128 46.31 44.30 19.45
N SER D 129 47.44 44.50 18.78
CA SER D 129 47.47 45.05 17.44
C SER D 129 48.24 44.01 16.62
N LEU D 130 47.64 43.57 15.51
CA LEU D 130 48.23 42.46 14.71
C LEU D 130 48.86 42.95 13.41
N LEU D 131 50.01 42.38 13.06
CA LEU D 131 50.66 42.64 11.75
C LEU D 131 50.39 41.39 10.92
N ILE D 132 49.67 41.54 9.80
CA ILE D 132 49.27 40.36 8.99
C ILE D 132 49.94 40.43 7.61
N CYS D 133 50.62 39.35 7.22
CA CYS D 133 51.29 39.32 5.93
C CYS D 133 50.76 38.19 5.06
N GLY D 134 50.73 38.40 3.77
CA GLY D 134 50.25 37.38 2.83
C GLY D 134 50.78 37.47 1.41
N TRP D 135 50.46 36.47 0.59
CA TRP D 135 50.86 36.45 -0.79
C TRP D 135 49.69 35.97 -1.60
N ASN D 136 49.14 36.84 -2.45
CA ASN D 136 48.03 36.51 -3.34
C ASN D 136 48.01 37.42 -4.57
N GLU D 137 47.47 36.88 -5.69
CA GLU D 137 47.48 37.52 -7.01
C GLU D 137 48.93 37.96 -7.40
N GLY D 138 49.88 37.05 -7.08
CA GLY D 138 51.31 37.19 -7.32
C GLY D 138 51.99 38.38 -6.65
N ARG D 139 51.36 38.97 -5.60
CA ARG D 139 51.98 40.14 -4.97
C ARG D 139 51.95 40.08 -3.43
N PRO D 140 52.96 40.69 -2.75
CA PRO D 140 52.95 40.65 -1.28
C PRO D 140 52.03 41.68 -0.62
N TYR D 141 51.55 41.36 0.61
CA TYR D 141 50.67 42.23 1.37
C TYR D 141 51.12 42.35 2.81
N LEU D 142 50.99 43.55 3.38
CA LEU D 142 51.32 43.80 4.77
C LEU D 142 50.22 44.68 5.37
N PHE D 143 49.50 44.15 6.36
CA PHE D 143 48.43 44.87 7.01
C PHE D 143 48.62 44.93 8.50
N GLN D 144 47.91 45.85 9.14
CA GLN D 144 47.91 46.00 10.58
C GLN D 144 46.47 46.18 10.98
N SER D 145 46.08 45.58 12.09
CA SER D 145 44.70 45.70 12.61
C SER D 145 44.86 46.06 14.06
N ASP D 146 44.17 47.12 14.52
CA ASP D 146 44.36 47.59 15.89
C ASP D 146 43.11 47.32 16.78
N PRO D 147 43.19 47.56 18.11
CA PRO D 147 42.07 47.23 18.99
C PRO D 147 40.70 47.85 18.68
N SER D 148 40.63 48.95 17.92
CA SER D 148 39.34 49.53 17.54
C SER D 148 38.59 48.70 16.46
N GLY D 149 39.37 47.95 15.66
CA GLY D 149 38.90 47.15 14.54
C GLY D 149 39.28 47.77 13.21
N ALA D 150 40.15 48.83 13.23
CA ALA D 150 40.64 49.56 12.06
C ALA D 150 41.86 48.87 11.47
N TYR D 151 41.92 48.80 10.15
CA TYR D 151 43.03 48.16 9.48
C TYR D 151 43.75 49.11 8.57
N PHE D 152 45.04 48.86 8.37
CA PHE D 152 45.92 49.71 7.58
C PHE D 152 46.83 48.89 6.73
N ALA D 153 47.04 49.27 5.45
CA ALA D 153 47.98 48.55 4.58
C ALA D 153 49.31 49.27 4.62
N TRP D 154 50.36 48.60 5.07
CA TRP D 154 51.67 49.21 5.19
C TRP D 154 52.69 48.66 4.22
N LYS D 155 53.70 49.50 3.90
CA LYS D 155 54.89 49.13 3.13
C LYS D 155 55.95 48.60 4.13
N ALA D 156 56.01 49.17 5.34
CA ALA D 156 56.86 48.80 6.46
C ALA D 156 56.34 49.53 7.72
N THR D 157 56.34 48.86 8.90
CA THR D 157 55.89 49.53 10.15
C THR D 157 56.38 48.81 11.44
N ALA D 158 56.27 49.50 12.60
CA ALA D 158 56.68 49.00 13.91
C ALA D 158 55.53 49.15 14.91
N MET D 159 55.49 48.23 15.88
CA MET D 159 54.50 48.22 16.95
C MET D 159 55.20 47.97 18.31
N GLY D 160 54.51 48.24 19.41
CA GLY D 160 55.05 47.99 20.73
C GLY D 160 56.11 48.98 21.20
N LYS D 161 56.88 48.59 22.22
CA LYS D 161 57.94 49.41 22.81
C LYS D 161 58.88 50.00 21.75
N ASN D 162 59.05 51.34 21.79
CA ASN D 162 59.82 52.17 20.87
C ASN D 162 59.37 52.06 19.40
N TYR D 163 58.03 52.11 19.16
CA TYR D 163 57.53 52.02 17.79
C TYR D 163 57.69 53.35 17.05
N VAL D 164 57.67 54.50 17.75
CA VAL D 164 57.82 55.81 17.10
C VAL D 164 59.17 55.93 16.43
N ASN D 165 60.22 55.43 17.11
CA ASN D 165 61.59 55.45 16.63
C ASN D 165 61.83 54.44 15.52
N GLY D 166 61.23 53.26 15.68
CA GLY D 166 61.35 52.21 14.67
C GLY D 166 60.66 52.60 13.39
N LYS D 167 59.53 53.31 13.50
CA LYS D 167 58.76 53.73 12.33
C LYS D 167 59.53 54.83 11.56
N THR D 168 60.25 55.75 12.27
CA THR D 168 61.09 56.77 11.59
C THR D 168 62.33 56.12 10.99
N PHE D 169 62.89 55.13 11.68
CA PHE D 169 64.04 54.37 11.26
C PHE D 169 63.72 53.63 9.97
N LEU D 170 62.55 52.98 9.89
CA LEU D 170 62.15 52.26 8.69
C LEU D 170 61.96 53.19 7.50
N GLU D 171 61.35 54.35 7.74
CA GLU D 171 61.07 55.31 6.66
C GLU D 171 62.35 55.77 5.99
N LYS D 172 63.31 56.24 6.80
CA LYS D 172 64.57 56.71 6.24
C LYS D 172 65.50 55.58 5.79
N ARG D 173 65.64 54.52 6.60
CA ARG D 173 66.55 53.44 6.27
C ARG D 173 66.29 52.78 4.92
N TYR D 174 65.08 52.21 4.69
CA TYR D 174 64.86 51.53 3.42
C TYR D 174 63.57 51.96 2.69
N ASN D 175 63.50 51.65 1.38
CA ASN D 175 62.35 51.95 0.52
C ASN D 175 62.15 50.85 -0.56
N GLU D 176 61.15 51.01 -1.49
CA GLU D 176 60.80 50.03 -2.54
C GLU D 176 62.03 49.51 -3.28
N ASP D 177 61.87 48.31 -3.92
CA ASP D 177 62.94 47.59 -4.62
C ASP D 177 63.71 46.65 -3.69
N LEU D 178 63.30 46.51 -2.42
CA LEU D 178 63.96 45.65 -1.46
C LEU D 178 63.80 44.20 -1.86
N GLU D 179 64.89 43.44 -1.86
CA GLU D 179 64.78 42.00 -2.07
C GLU D 179 64.40 41.49 -0.66
N LEU D 180 63.73 40.32 -0.58
CA LEU D 180 63.35 39.74 0.71
C LEU D 180 64.60 39.47 1.58
N GLU D 181 65.76 39.16 0.95
CA GLU D 181 67.03 38.93 1.66
C GLU D 181 67.55 40.21 2.32
N ASP D 182 67.25 41.37 1.73
CA ASP D 182 67.61 42.68 2.22
C ASP D 182 66.63 43.11 3.30
N ALA D 183 65.33 42.83 3.11
CA ALA D 183 64.26 43.18 4.04
C ALA D 183 64.38 42.49 5.39
N ILE D 184 64.82 41.21 5.42
CA ILE D 184 64.98 40.49 6.68
C ILE D 184 66.05 41.16 7.53
N HIS D 185 67.15 41.53 6.88
CA HIS D 185 68.27 42.21 7.53
C HIS D 185 67.84 43.53 8.16
N THR D 186 67.04 44.31 7.44
CA THR D 186 66.50 45.59 7.91
C THR D 186 65.56 45.38 9.11
N ALA D 187 64.71 44.34 9.07
CA ALA D 187 63.78 44.08 10.16
C ALA D 187 64.55 43.78 11.45
N ILE D 188 65.59 42.95 11.37
CA ILE D 188 66.43 42.64 12.52
C ILE D 188 67.20 43.90 13.03
N LEU D 189 67.64 44.81 12.12
CA LEU D 189 68.32 46.05 12.55
C LEU D 189 67.31 47.00 13.22
N THR D 190 66.05 47.02 12.76
CA THR D 190 65.01 47.84 13.38
C THR D 190 64.80 47.36 14.84
N LEU D 191 64.77 46.03 15.04
CA LEU D 191 64.62 45.42 16.36
C LEU D 191 65.85 45.67 17.24
N LYS D 192 67.05 45.63 16.66
CA LYS D 192 68.28 45.90 17.41
C LYS D 192 68.27 47.35 18.03
N GLU D 193 67.45 48.27 17.45
CA GLU D 193 67.32 49.66 17.92
C GLU D 193 66.66 49.76 19.29
N SER D 194 65.87 48.75 19.69
CA SER D 194 65.17 48.79 20.98
C SER D 194 65.71 47.74 21.95
N PHE D 195 66.12 46.58 21.43
CA PHE D 195 66.64 45.42 22.16
C PHE D 195 67.70 45.74 23.21
N GLU D 196 67.51 45.21 24.42
CA GLU D 196 68.44 45.36 25.53
C GLU D 196 69.18 44.04 25.77
N GLY D 197 70.40 43.91 25.23
CA GLY D 197 71.18 42.70 25.40
C GLY D 197 71.77 42.14 24.10
N GLN D 198 72.28 40.90 24.15
CA GLN D 198 72.83 40.28 22.95
C GLN D 198 71.67 39.58 22.26
N MET D 199 71.44 39.94 21.01
CA MET D 199 70.35 39.43 20.19
C MET D 199 70.75 38.11 19.47
N THR D 200 70.23 36.98 19.96
CA THR D 200 70.46 35.61 19.46
C THR D 200 69.24 35.04 18.70
N GLU D 201 69.42 33.89 18.02
CA GLU D 201 68.38 33.17 17.28
C GLU D 201 67.32 32.50 18.18
N ASP D 202 67.36 32.74 19.50
CA ASP D 202 66.41 32.21 20.47
C ASP D 202 65.59 33.35 21.14
N ASN D 203 66.02 34.63 21.00
CA ASN D 203 65.32 35.76 21.57
C ASN D 203 64.68 36.70 20.52
N ILE D 204 64.78 36.36 19.23
CA ILE D 204 64.09 37.08 18.17
C ILE D 204 63.35 36.06 17.35
N GLU D 205 62.24 36.44 16.71
CA GLU D 205 61.49 35.49 15.88
C GLU D 205 61.13 36.10 14.52
N VAL D 206 61.46 35.41 13.45
CA VAL D 206 61.19 35.92 12.11
C VAL D 206 60.32 34.96 11.29
N GLY D 207 59.47 35.52 10.46
CA GLY D 207 58.62 34.80 9.53
C GLY D 207 58.67 35.48 8.17
N ILE D 208 58.64 34.69 7.10
CA ILE D 208 58.66 35.23 5.74
C ILE D 208 57.45 34.72 4.94
N CYS D 209 57.10 35.46 3.90
CA CYS D 209 56.02 35.09 3.02
C CYS D 209 56.46 35.43 1.58
N ASN D 210 56.31 34.50 0.64
CA ASN D 210 56.68 34.75 -0.75
C ASN D 210 55.82 33.86 -1.71
N GLU D 211 56.29 33.60 -2.96
CA GLU D 211 55.62 32.75 -3.93
C GLU D 211 55.30 31.36 -3.32
N ALA D 212 56.20 30.86 -2.45
CA ALA D 212 56.13 29.56 -1.77
C ALA D 212 55.27 29.53 -0.49
N GLY D 213 54.50 30.59 -0.26
CA GLY D 213 53.66 30.72 0.93
C GLY D 213 54.38 31.36 2.08
N PHE D 214 53.79 31.25 3.28
CA PHE D 214 54.32 31.80 4.52
C PHE D 214 54.97 30.68 5.34
N ARG D 215 56.09 31.01 5.99
CA ARG D 215 56.76 30.10 6.90
C ARG D 215 57.63 30.89 7.88
N ARG D 216 57.81 30.32 9.05
CA ARG D 216 58.63 30.88 10.11
C ARG D 216 60.09 30.47 9.85
N LEU D 217 61.03 31.42 9.90
CA LEU D 217 62.44 31.11 9.72
C LEU D 217 62.94 30.23 10.86
N THR D 218 63.81 29.24 10.56
CA THR D 218 64.40 28.37 11.59
C THR D 218 65.47 29.14 12.38
N PRO D 219 65.84 28.72 13.61
CA PRO D 219 66.88 29.47 14.35
C PRO D 219 68.24 29.48 13.63
N THR D 220 68.51 28.45 12.81
CA THR D 220 69.75 28.36 12.02
C THR D 220 69.76 29.42 10.91
N GLU D 221 68.57 29.72 10.33
CA GLU D 221 68.40 30.75 9.31
C GLU D 221 68.56 32.12 9.96
N VAL D 222 67.95 32.32 11.14
CA VAL D 222 68.10 33.56 11.90
C VAL D 222 69.56 33.76 12.30
N LYS D 223 70.26 32.69 12.70
CA LYS D 223 71.67 32.72 13.09
C LYS D 223 72.54 33.23 11.96
N ASP D 224 72.27 32.82 10.72
CA ASP D 224 73.05 33.30 9.58
C ASP D 224 72.75 34.75 9.24
N TYR D 225 71.53 35.23 9.56
CA TYR D 225 71.19 36.64 9.38
C TYR D 225 71.91 37.49 10.45
N LEU D 226 72.02 36.95 11.68
CA LEU D 226 72.71 37.57 12.81
C LEU D 226 74.25 37.53 12.68
N ALA D 227 74.78 36.58 11.86
CA ALA D 227 76.22 36.50 11.56
C ALA D 227 76.69 37.76 10.81
N ALA D 228 75.79 38.37 10.01
CA ALA D 228 76.04 39.61 9.27
C ALA D 228 75.70 40.90 10.06
N ILE D 229 75.21 40.76 11.31
CA ILE D 229 74.82 41.88 12.16
C ILE D 229 75.72 41.91 13.39
N SER E 1 26.32 44.33 38.68
CA SER E 1 25.78 44.49 37.32
C SER E 1 25.14 45.85 37.10
N ARG E 2 24.20 46.26 37.98
CA ARG E 2 23.61 47.60 37.93
C ARG E 2 24.72 48.66 38.09
N ARG E 3 25.74 48.37 38.94
CA ARG E 3 26.90 49.24 39.22
C ARG E 3 27.67 49.52 37.94
N TYR E 4 27.94 48.49 37.14
CA TYR E 4 28.76 48.65 35.94
C TYR E 4 28.00 49.14 34.73
N ASP E 5 26.67 49.27 34.79
CA ASP E 5 25.90 49.69 33.62
C ASP E 5 26.04 51.17 33.33
N SER E 6 26.42 51.46 32.11
CA SER E 6 26.66 52.79 31.58
C SER E 6 25.39 53.58 31.37
N ARG E 7 24.23 52.89 31.17
CA ARG E 7 22.90 53.47 30.86
C ARG E 7 22.96 54.26 29.55
N THR E 8 23.33 53.59 28.44
CA THR E 8 23.52 54.27 27.15
C THR E 8 22.22 54.66 26.42
N THR E 9 21.10 54.01 26.76
CA THR E 9 19.82 54.24 26.08
C THR E 9 18.81 55.00 26.96
N ILE E 10 19.26 56.01 27.72
CA ILE E 10 18.37 56.75 28.60
C ILE E 10 18.44 58.27 28.40
N PHE E 11 17.33 58.95 28.67
CA PHE E 11 17.21 60.40 28.57
C PHE E 11 17.81 61.12 29.77
N SER E 12 18.44 62.28 29.53
CA SER E 12 19.02 63.17 30.52
C SER E 12 17.90 64.15 30.97
N PRO E 13 18.08 64.92 32.07
CA PRO E 13 16.98 65.80 32.53
C PRO E 13 16.40 66.77 31.50
N GLU E 14 17.16 67.17 30.47
CA GLU E 14 16.63 68.10 29.46
C GLU E 14 16.09 67.40 28.20
N GLY E 15 15.86 66.08 28.26
CA GLY E 15 15.41 65.31 27.12
C GLY E 15 16.53 65.05 26.12
N ARG E 16 17.76 64.87 26.61
CA ARG E 16 18.91 64.64 25.73
C ARG E 16 19.42 63.24 25.86
N LEU E 17 19.91 62.68 24.76
CA LEU E 17 20.48 61.34 24.79
C LEU E 17 22.01 61.55 24.73
N TYR E 18 22.66 61.57 25.91
CA TYR E 18 24.07 61.87 26.02
C TYR E 18 25.00 61.03 25.17
N GLN E 19 24.85 59.70 25.09
CA GLN E 19 25.76 58.88 24.25
C GLN E 19 25.69 59.27 22.78
N VAL E 20 24.49 59.67 22.32
CA VAL E 20 24.28 60.12 20.97
C VAL E 20 25.04 61.42 20.76
N GLU E 21 24.97 62.35 21.71
CA GLU E 21 25.66 63.64 21.66
C GLU E 21 27.17 63.51 21.74
N TYR E 22 27.67 62.54 22.53
CA TYR E 22 29.11 62.29 22.65
C TYR E 22 29.64 61.59 21.39
N ALA E 23 28.76 60.83 20.72
CA ALA E 23 29.12 60.14 19.45
C ALA E 23 29.40 61.21 18.38
N MET E 24 28.59 62.26 18.37
CA MET E 24 28.75 63.38 17.40
C MET E 24 30.09 64.08 17.62
N GLU E 25 30.51 64.22 18.88
CA GLU E 25 31.81 64.87 19.16
C GLU E 25 32.91 64.09 18.44
N ALA E 26 32.81 62.75 18.44
CA ALA E 26 33.80 61.89 17.78
C ALA E 26 33.92 62.22 16.31
N ILE E 27 32.78 62.48 15.65
CA ILE E 27 32.67 62.80 14.24
C ILE E 27 33.34 64.15 13.92
N GLY E 28 33.26 65.11 14.84
CA GLY E 28 33.94 66.39 14.67
C GLY E 28 35.46 66.23 14.60
N HIS E 29 36.01 65.19 15.22
CA HIS E 29 37.46 64.92 15.22
C HIS E 29 37.93 64.16 13.98
N ALA E 30 37.01 63.49 13.29
CA ALA E 30 37.28 62.76 12.06
C ALA E 30 37.57 63.73 10.90
N GLY E 31 38.20 63.24 9.84
CA GLY E 31 38.51 64.09 8.69
C GLY E 31 37.29 64.63 7.97
N THR E 32 37.37 65.92 7.53
CA THR E 32 36.34 66.68 6.82
C THR E 32 35.88 65.87 5.62
N CYS E 33 34.59 65.84 5.36
CA CYS E 33 34.03 65.04 4.29
C CYS E 33 32.81 65.80 3.79
N LEU E 34 32.80 66.23 2.51
CA LEU E 34 31.70 67.04 1.97
C LEU E 34 31.09 66.46 0.73
N GLY E 35 29.81 66.76 0.54
CA GLY E 35 29.06 66.29 -0.62
C GLY E 35 28.37 67.47 -1.28
N ILE E 36 28.37 67.50 -2.62
CA ILE E 36 27.77 68.57 -3.42
C ILE E 36 26.95 67.97 -4.56
N LEU E 37 25.68 68.40 -4.67
CA LEU E 37 24.78 67.94 -5.73
C LEU E 37 24.90 68.88 -6.93
N ALA E 38 24.90 68.34 -8.14
CA ALA E 38 24.95 69.10 -9.37
C ALA E 38 23.84 68.60 -10.35
N ASN E 39 23.61 69.29 -11.49
CA ASN E 39 22.58 68.87 -12.45
C ASN E 39 22.96 67.63 -13.25
N ASP E 40 24.25 67.51 -13.59
CA ASP E 40 24.81 66.39 -14.36
C ASP E 40 25.46 65.29 -13.52
N GLY E 41 25.38 65.39 -12.21
CA GLY E 41 25.96 64.39 -11.32
C GLY E 41 25.98 64.82 -9.87
N VAL E 42 26.70 64.08 -9.04
CA VAL E 42 26.80 64.36 -7.60
C VAL E 42 28.20 63.88 -7.12
N LEU E 43 28.86 64.62 -6.23
CA LEU E 43 30.23 64.26 -5.82
C LEU E 43 30.45 64.11 -4.32
N LEU E 44 31.56 63.47 -3.95
CA LEU E 44 32.00 63.28 -2.58
C LEU E 44 33.48 63.69 -2.50
N ALA E 45 33.81 64.63 -1.62
CA ALA E 45 35.18 65.07 -1.45
C ALA E 45 35.58 65.00 0.04
N ALA E 46 36.49 64.06 0.40
CA ALA E 46 36.92 63.87 1.77
C ALA E 46 38.43 64.02 2.00
N GLU E 47 38.77 64.50 3.21
CA GLU E 47 40.16 64.66 3.68
C GLU E 47 40.69 63.25 4.00
N ARG E 48 41.92 62.95 3.58
CA ARG E 48 42.51 61.62 3.87
C ARG E 48 43.30 61.70 5.18
N ARG E 49 42.98 60.83 6.14
CA ARG E 49 43.71 60.80 7.44
C ARG E 49 44.81 59.73 7.44
N ASN E 50 44.82 58.82 6.45
CA ASN E 50 45.86 57.82 6.39
C ASN E 50 46.87 58.49 5.42
N ILE E 51 47.63 59.47 5.92
CA ILE E 51 48.54 60.24 5.09
C ILE E 51 50.02 60.10 5.48
N HIS E 52 50.47 58.87 5.79
CA HIS E 52 51.85 58.59 6.16
C HIS E 52 52.63 58.05 4.95
N LYS E 53 53.93 58.33 4.87
CA LYS E 53 54.78 57.91 3.74
C LYS E 53 54.94 56.38 3.55
N LEU E 54 54.92 55.61 4.65
CA LEU E 54 55.07 54.17 4.57
C LEU E 54 53.74 53.38 4.39
N LEU E 55 52.65 54.06 4.01
CA LEU E 55 51.39 53.37 3.76
C LEU E 55 51.41 52.77 2.34
N ASP E 56 50.92 51.53 2.22
CA ASP E 56 50.87 50.76 0.93
C ASP E 56 49.81 51.27 -0.08
N GLU E 57 48.67 51.77 0.38
CA GLU E 57 47.59 52.22 -0.54
C GLU E 57 47.12 51.09 -1.48
N VAL E 58 46.73 49.94 -0.91
CA VAL E 58 46.23 48.74 -1.67
C VAL E 58 44.84 48.96 -2.29
N PHE E 59 43.90 49.55 -1.55
CA PHE E 59 42.52 49.79 -1.95
C PHE E 59 42.36 51.01 -2.87
N PHE E 60 41.23 51.08 -3.58
CA PHE E 60 40.93 52.17 -4.51
C PHE E 60 40.55 53.48 -3.77
N SER E 61 40.23 53.39 -2.46
CA SER E 61 39.79 54.50 -1.61
C SER E 61 40.20 54.30 -0.13
N GLU E 62 39.88 55.27 0.70
CA GLU E 62 40.10 55.25 2.13
C GLU E 62 38.76 55.44 2.85
N LYS E 63 37.97 56.47 2.42
CA LYS E 63 36.68 56.87 2.99
C LYS E 63 35.52 56.64 2.02
N ILE E 64 35.77 56.50 0.70
CA ILE E 64 34.69 56.32 -0.27
C ILE E 64 34.34 54.81 -0.47
N TYR E 65 33.05 54.43 -0.26
CA TYR E 65 32.54 53.05 -0.35
C TYR E 65 31.43 52.90 -1.39
N LYS E 66 31.58 51.99 -2.36
CA LYS E 66 30.50 51.73 -3.31
C LYS E 66 29.48 50.87 -2.54
N LEU E 67 28.18 51.15 -2.68
CA LEU E 67 27.16 50.38 -1.95
C LEU E 67 26.31 49.52 -2.90
N ASN E 68 25.94 50.12 -3.99
CA ASN E 68 24.98 49.64 -4.98
C ASN E 68 25.62 49.92 -6.36
N GLU E 69 24.95 49.53 -7.43
CA GLU E 69 25.36 49.88 -8.79
C GLU E 69 25.15 51.40 -9.01
N ASP E 70 24.12 51.99 -8.36
CA ASP E 70 23.77 53.40 -8.45
C ASP E 70 24.16 54.26 -7.24
N MET E 71 24.74 53.69 -6.17
CA MET E 71 25.07 54.47 -4.96
C MET E 71 26.45 54.27 -4.34
N ALA E 72 26.96 55.33 -3.73
CA ALA E 72 28.25 55.32 -3.03
C ALA E 72 28.11 56.14 -1.74
N CYS E 73 29.08 56.04 -0.81
CA CYS E 73 29.02 56.80 0.43
C CYS E 73 30.40 57.14 0.99
N SER E 74 30.45 58.14 1.86
CA SER E 74 31.68 58.46 2.58
C SER E 74 31.39 58.57 4.08
N VAL E 75 32.42 58.33 4.91
CA VAL E 75 32.23 58.29 6.36
C VAL E 75 33.09 59.29 7.16
N ALA E 76 32.62 59.64 8.34
CA ALA E 76 33.33 60.52 9.26
C ALA E 76 33.03 60.00 10.67
N GLY E 77 34.04 59.47 11.32
CA GLY E 77 33.90 58.96 12.67
C GLY E 77 34.79 57.77 12.94
N ILE E 78 34.28 56.80 13.71
CA ILE E 78 35.03 55.59 14.03
C ILE E 78 35.03 54.71 12.77
N THR E 79 36.20 54.52 12.13
CA THR E 79 36.26 53.79 10.86
C THR E 79 35.80 52.35 10.97
N SER E 80 36.05 51.69 12.12
CA SER E 80 35.61 50.30 12.29
C SER E 80 34.09 50.23 12.38
N ASP E 81 33.46 51.22 13.01
CA ASP E 81 32.01 51.35 13.11
C ASP E 81 31.43 51.57 11.71
N ALA E 82 32.09 52.40 10.90
CA ALA E 82 31.73 52.71 9.51
C ALA E 82 31.82 51.49 8.61
N ASN E 83 32.74 50.55 8.92
CA ASN E 83 32.87 49.32 8.13
C ASN E 83 31.59 48.48 8.37
N VAL E 84 31.13 48.38 9.63
CA VAL E 84 29.92 47.67 9.95
C VAL E 84 28.72 48.22 9.15
N LEU E 85 28.52 49.52 9.23
CA LEU E 85 27.40 50.21 8.60
C LEU E 85 27.42 50.12 7.08
N THR E 86 28.59 50.29 6.44
CA THR E 86 28.68 50.19 4.98
C THR E 86 28.39 48.78 4.52
N ASN E 87 28.86 47.76 5.26
CA ASN E 87 28.60 46.35 4.93
C ASN E 87 27.12 46.06 5.07
N GLU E 88 26.44 46.64 6.07
CA GLU E 88 25.01 46.46 6.25
C GLU E 88 24.23 47.15 5.12
N LEU E 89 24.70 48.32 4.68
CA LEU E 89 24.12 49.06 3.57
C LEU E 89 24.13 48.21 2.30
N ARG E 90 25.25 47.51 2.04
CA ARG E 90 25.39 46.62 0.86
C ARG E 90 24.39 45.44 0.88
N LEU E 91 24.09 44.92 2.10
CA LEU E 91 23.17 43.80 2.32
C LEU E 91 21.73 44.25 2.17
N ILE E 92 21.41 45.47 2.61
CA ILE E 92 20.06 46.01 2.47
C ILE E 92 19.79 46.23 0.97
N ALA E 93 20.76 46.79 0.24
CA ALA E 93 20.62 47.04 -1.20
C ALA E 93 20.42 45.74 -1.99
N GLN E 94 21.01 44.62 -1.54
CA GLN E 94 20.84 43.35 -2.22
C GLN E 94 19.56 42.62 -1.83
N ARG E 95 19.06 42.87 -0.61
CA ARG E 95 17.79 42.29 -0.20
C ARG E 95 16.63 42.92 -0.98
N TYR E 96 16.75 44.24 -1.28
CA TYR E 96 15.75 44.97 -2.06
C TYR E 96 15.81 44.45 -3.47
N LEU E 97 17.02 44.41 -4.08
CA LEU E 97 17.19 43.92 -5.45
C LEU E 97 16.67 42.49 -5.67
N LEU E 98 16.92 41.60 -4.72
CA LEU E 98 16.46 40.22 -4.83
C LEU E 98 14.92 40.16 -4.87
N GLN E 99 14.28 41.02 -4.06
CA GLN E 99 12.83 41.02 -3.90
C GLN E 99 12.04 41.73 -5.03
N TYR E 100 12.49 42.92 -5.42
CA TYR E 100 11.77 43.71 -6.41
C TYR E 100 12.37 43.63 -7.82
N GLN E 101 13.63 43.17 -7.95
CA GLN E 101 14.40 43.08 -9.18
C GLN E 101 14.53 44.44 -9.84
N GLU E 102 14.85 45.43 -9.01
CA GLU E 102 15.12 46.84 -9.31
C GLU E 102 16.04 47.31 -8.18
N PRO E 103 16.95 48.25 -8.45
CA PRO E 103 17.86 48.72 -7.37
C PRO E 103 17.11 49.55 -6.34
N ILE E 104 17.53 49.48 -5.05
CA ILE E 104 16.89 50.22 -3.98
C ILE E 104 16.92 51.76 -4.20
N PRO E 105 15.75 52.43 -4.16
CA PRO E 105 15.73 53.89 -4.28
C PRO E 105 16.54 54.53 -3.13
N CYS E 106 17.37 55.51 -3.44
CA CYS E 106 18.33 56.18 -2.54
C CYS E 106 17.84 56.44 -1.11
N GLU E 107 16.76 57.23 -0.94
CA GLU E 107 16.22 57.56 0.38
C GLU E 107 15.88 56.32 1.19
N GLN E 108 15.41 55.24 0.55
CA GLN E 108 15.04 54.02 1.25
C GLN E 108 16.24 53.33 1.88
N LEU E 109 17.38 53.34 1.20
CA LEU E 109 18.58 52.71 1.74
C LEU E 109 19.06 53.48 2.96
N VAL E 110 19.00 54.84 2.91
CA VAL E 110 19.39 55.67 4.03
C VAL E 110 18.47 55.43 5.23
N THR E 111 17.13 55.41 5.02
CA THR E 111 16.18 55.19 6.12
C THR E 111 16.43 53.84 6.80
N ALA E 112 16.61 52.78 6.02
CA ALA E 112 16.84 51.45 6.60
C ALA E 112 18.02 51.39 7.59
N LEU E 113 19.17 52.01 7.25
CA LEU E 113 20.35 52.03 8.14
C LEU E 113 20.06 52.92 9.34
N CYS E 114 19.40 54.07 9.11
CA CYS E 114 19.00 54.99 10.15
C CYS E 114 18.05 54.35 11.17
N ASP E 115 17.29 53.31 10.76
CA ASP E 115 16.42 52.59 11.69
C ASP E 115 17.24 51.65 12.60
N ILE E 116 18.39 51.18 12.12
CA ILE E 116 19.34 50.38 12.91
C ILE E 116 20.06 51.34 13.87
N LYS E 117 20.50 52.52 13.38
CA LYS E 117 21.17 53.50 14.22
C LYS E 117 20.26 54.00 15.36
N GLN E 118 18.98 54.22 15.06
CA GLN E 118 17.99 54.68 16.01
C GLN E 118 17.80 53.60 17.08
N ALA E 119 17.71 52.32 16.69
CA ALA E 119 17.55 51.22 17.63
C ALA E 119 18.66 51.21 18.68
N TYR E 120 19.90 51.59 18.29
CA TYR E 120 21.03 51.67 19.22
C TYR E 120 20.89 52.79 20.27
N THR E 121 20.00 53.77 20.02
CA THR E 121 19.69 54.88 20.92
C THR E 121 18.49 54.56 21.84
N GLN E 122 17.59 53.66 21.42
CA GLN E 122 16.39 53.35 22.22
C GLN E 122 16.44 52.07 23.03
N PHE E 123 17.18 51.03 22.59
CA PHE E 123 17.24 49.77 23.35
C PHE E 123 18.54 48.98 23.18
N GLY E 124 18.76 48.00 24.05
CA GLY E 124 19.91 47.13 23.95
C GLY E 124 21.03 47.39 24.93
N GLY E 125 21.12 48.62 25.42
CA GLY E 125 22.15 48.98 26.37
C GLY E 125 23.54 49.07 25.79
N LYS E 126 23.66 49.11 24.47
CA LYS E 126 24.96 49.21 23.80
C LYS E 126 25.25 50.67 23.44
N ARG E 127 26.53 51.01 23.23
CA ARG E 127 26.88 52.36 22.80
C ARG E 127 26.45 52.52 21.32
N PRO E 128 26.24 53.76 20.81
CA PRO E 128 25.84 53.91 19.41
C PRO E 128 27.03 53.76 18.44
N PHE E 129 26.74 53.85 17.15
CA PHE E 129 27.78 53.84 16.14
C PHE E 129 28.31 55.27 16.03
N GLY E 130 29.63 55.45 16.12
CA GLY E 130 30.20 56.79 16.07
C GLY E 130 30.47 57.27 14.67
N VAL E 131 29.46 57.19 13.79
CA VAL E 131 29.63 57.52 12.38
C VAL E 131 28.54 58.41 11.84
N SER E 132 28.95 59.29 10.96
CA SER E 132 28.07 60.11 10.15
C SER E 132 28.41 59.72 8.70
N LEU E 133 27.39 59.69 7.84
CA LEU E 133 27.59 59.27 6.46
C LEU E 133 27.07 60.29 5.49
N LEU E 134 27.68 60.35 4.33
CA LEU E 134 27.22 61.20 3.25
C LEU E 134 26.97 60.22 2.11
N TYR E 135 25.74 60.18 1.58
CA TYR E 135 25.40 59.21 0.54
C TYR E 135 25.17 59.93 -0.77
N ILE E 136 25.74 59.41 -1.87
CA ILE E 136 25.48 59.96 -3.19
C ILE E 136 24.83 58.89 -4.05
N GLY E 137 23.91 59.29 -4.92
CA GLY E 137 23.23 58.31 -5.75
C GLY E 137 22.33 58.80 -6.85
N TRP E 138 21.73 57.82 -7.55
CA TRP E 138 20.80 58.04 -8.64
C TRP E 138 19.69 57.01 -8.55
N ASP E 139 18.44 57.46 -8.67
CA ASP E 139 17.31 56.53 -8.76
C ASP E 139 16.25 57.07 -9.75
N LYS E 140 15.36 56.19 -10.21
CA LYS E 140 14.34 56.57 -11.19
C LYS E 140 13.22 57.47 -10.65
N HIS E 141 13.29 57.88 -9.38
CA HIS E 141 12.24 58.68 -8.78
C HIS E 141 12.68 60.10 -8.56
N TYR E 142 13.88 60.31 -8.02
CA TYR E 142 14.35 61.65 -7.75
C TYR E 142 15.71 61.99 -8.37
N GLY E 143 16.23 61.13 -9.24
CA GLY E 143 17.48 61.36 -9.93
C GLY E 143 18.70 61.46 -9.03
N PHE E 144 19.56 62.45 -9.27
CA PHE E 144 20.76 62.62 -8.46
C PHE E 144 20.38 63.08 -7.08
N GLN E 145 20.86 62.36 -6.05
CA GLN E 145 20.54 62.65 -4.66
C GLN E 145 21.76 62.68 -3.75
N LEU E 146 21.68 63.48 -2.67
CA LEU E 146 22.76 63.57 -1.69
C LEU E 146 22.13 63.52 -0.29
N TYR E 147 22.50 62.53 0.54
CA TYR E 147 21.95 62.38 1.89
C TYR E 147 23.02 62.53 2.97
N GLN E 148 22.59 62.69 4.20
CA GLN E 148 23.46 62.77 5.35
C GLN E 148 22.74 62.15 6.52
N SER E 149 23.45 61.35 7.31
CA SER E 149 22.87 60.73 8.49
C SER E 149 23.91 60.75 9.58
N ASP E 150 23.46 60.98 10.83
CA ASP E 150 24.33 61.14 12.04
C ASP E 150 24.12 59.95 13.00
N PRO E 151 24.89 59.80 14.12
CA PRO E 151 24.73 58.62 14.99
C PRO E 151 23.35 58.44 15.59
N SER E 152 22.52 59.49 15.61
CA SER E 152 21.17 59.41 16.18
C SER E 152 20.16 58.61 15.36
N GLY E 153 20.51 58.34 14.11
CA GLY E 153 19.62 57.72 13.15
C GLY E 153 18.75 58.75 12.45
N ASN E 154 19.12 60.02 12.52
CA ASN E 154 18.38 61.08 11.87
C ASN E 154 19.07 61.32 10.52
N TYR E 155 18.29 61.63 9.48
CA TYR E 155 18.86 61.86 8.15
C TYR E 155 18.21 63.06 7.45
N GLY E 156 18.80 63.48 6.34
CA GLY E 156 18.24 64.55 5.53
C GLY E 156 18.85 64.58 4.15
N GLY E 157 18.09 65.13 3.20
CA GLY E 157 18.53 65.33 1.83
C GLY E 157 19.15 66.71 1.70
N TRP E 158 20.23 66.83 0.91
CA TRP E 158 20.93 68.10 0.77
C TRP E 158 21.36 68.38 -0.65
N LYS E 159 21.58 69.66 -0.93
CA LYS E 159 22.12 70.15 -2.20
C LYS E 159 23.68 70.35 -2.07
N ALA E 160 24.18 70.49 -0.84
CA ALA E 160 25.57 70.56 -0.44
C ALA E 160 25.58 70.38 1.09
N THR E 161 26.52 69.61 1.61
CA THR E 161 26.66 69.38 3.05
C THR E 161 28.08 68.96 3.42
N CYS E 162 28.42 69.09 4.70
CA CYS E 162 29.73 68.71 5.19
C CYS E 162 29.60 68.10 6.60
N ILE E 163 30.46 67.12 6.90
CA ILE E 163 30.60 66.42 8.19
C ILE E 163 32.12 66.30 8.50
N GLY E 164 32.45 65.93 9.73
CA GLY E 164 33.84 65.80 10.13
C GLY E 164 34.39 67.11 10.63
N ASN E 165 35.72 67.22 10.63
CA ASN E 165 36.41 68.40 11.14
C ASN E 165 36.01 69.66 10.41
N ASN E 166 35.92 70.79 11.16
CA ASN E 166 35.50 72.09 10.63
C ASN E 166 34.27 72.02 9.72
N SER E 167 33.33 71.10 10.01
CA SER E 167 32.10 70.94 9.24
C SER E 167 31.33 72.28 9.20
N ALA E 168 31.21 72.94 10.36
CA ALA E 168 30.49 74.19 10.49
C ALA E 168 31.01 75.27 9.54
N ALA E 169 32.33 75.46 9.47
CA ALA E 169 32.95 76.45 8.62
C ALA E 169 32.72 76.16 7.14
N ALA E 170 32.78 74.88 6.79
CA ALA E 170 32.56 74.41 5.42
C ALA E 170 31.12 74.61 4.98
N VAL E 171 30.14 74.43 5.88
CA VAL E 171 28.73 74.62 5.53
C VAL E 171 28.42 76.12 5.32
N SER E 172 29.07 77.01 6.08
CA SER E 172 28.88 78.45 5.88
C SER E 172 29.53 78.89 4.55
N MET E 173 30.68 78.28 4.21
CA MET E 173 31.40 78.53 2.97
C MET E 173 30.65 77.98 1.75
N LEU E 174 30.02 76.79 1.89
CA LEU E 174 29.22 76.18 0.82
C LEU E 174 27.92 76.98 0.63
N LYS E 175 27.31 77.45 1.72
CA LYS E 175 26.11 78.28 1.76
C LYS E 175 26.27 79.55 0.88
N GLN E 176 27.45 80.17 0.91
CA GLN E 176 27.70 81.37 0.12
C GLN E 176 27.94 81.08 -1.37
N ASP E 177 28.81 80.11 -1.70
CA ASP E 177 29.16 79.84 -3.09
C ASP E 177 28.24 78.85 -3.84
N TYR E 178 27.21 78.26 -3.20
CA TYR E 178 26.35 77.29 -3.90
C TYR E 178 25.18 77.97 -4.67
N LYS E 179 25.16 77.79 -5.99
CA LYS E 179 24.16 78.35 -6.89
C LYS E 179 23.15 77.27 -7.28
N GLU E 180 22.11 77.13 -6.45
CA GLU E 180 21.04 76.16 -6.61
C GLU E 180 20.47 76.10 -8.04
N GLY E 181 20.52 74.91 -8.61
CA GLY E 181 19.99 74.64 -9.94
C GLY E 181 20.93 74.98 -11.07
N GLU E 182 21.87 75.91 -10.83
CA GLU E 182 22.83 76.32 -11.87
C GLU E 182 24.19 75.64 -11.71
N MET E 183 24.26 74.55 -10.94
CA MET E 183 25.53 73.88 -10.68
C MET E 183 25.79 72.72 -11.59
N THR E 184 27.03 72.57 -12.01
CA THR E 184 27.45 71.43 -12.80
C THR E 184 28.63 70.77 -12.10
N LEU E 185 28.91 69.50 -12.42
CA LEU E 185 30.01 68.74 -11.84
C LEU E 185 31.35 69.47 -11.96
N LYS E 186 31.54 70.22 -13.06
CA LYS E 186 32.74 71.02 -13.30
C LYS E 186 32.88 72.18 -12.28
N SER E 187 31.80 72.93 -12.04
CA SER E 187 31.80 74.05 -11.10
C SER E 187 31.77 73.57 -9.65
N ALA E 188 31.07 72.47 -9.39
CA ALA E 188 30.97 71.89 -8.05
C ALA E 188 32.29 71.29 -7.62
N LEU E 189 33.05 70.69 -8.57
CA LEU E 189 34.37 70.15 -8.24
C LEU E 189 35.32 71.30 -7.85
N ALA E 190 35.20 72.48 -8.53
CA ALA E 190 35.99 73.66 -8.20
C ALA E 190 35.69 74.13 -6.78
N LEU E 191 34.39 74.11 -6.42
CA LEU E 191 33.87 74.50 -5.11
C LEU E 191 34.32 73.51 -4.03
N ALA E 192 34.36 72.21 -4.36
CA ALA E 192 34.80 71.18 -3.42
C ALA E 192 36.24 71.45 -2.98
N ILE E 193 37.14 71.75 -3.93
CA ILE E 193 38.53 72.05 -3.58
C ILE E 193 38.64 73.38 -2.86
N LYS E 194 37.89 74.41 -3.33
CA LYS E 194 37.88 75.73 -2.69
C LYS E 194 37.56 75.64 -1.19
N VAL E 195 36.57 74.78 -0.84
CA VAL E 195 36.15 74.58 0.54
C VAL E 195 37.18 73.80 1.36
N LEU E 196 37.59 72.60 0.88
CA LEU E 196 38.57 71.75 1.58
C LEU E 196 39.90 72.49 1.81
N ASN E 197 40.27 73.42 0.93
CA ASN E 197 41.51 74.19 1.09
C ASN E 197 41.45 75.02 2.38
N LYS E 198 40.32 75.70 2.62
CA LYS E 198 40.16 76.54 3.81
C LYS E 198 39.90 75.72 5.08
N THR E 199 39.16 74.59 4.98
CA THR E 199 38.83 73.78 6.16
C THR E 199 39.92 72.79 6.60
N MET E 200 41.07 72.78 5.91
CA MET E 200 42.19 71.90 6.26
C MET E 200 43.39 72.70 6.76
N LEU E 205 47.89 71.28 0.66
CA LEU E 205 46.72 70.54 0.20
C LEU E 205 47.10 69.60 -0.96
N SER E 206 47.97 68.62 -0.70
CA SER E 206 48.42 67.72 -1.75
C SER E 206 47.30 66.79 -2.21
N ALA E 207 47.41 66.23 -3.43
CA ALA E 207 46.42 65.24 -3.89
C ALA E 207 46.48 63.95 -3.05
N GLU E 208 47.48 63.84 -2.14
CA GLU E 208 47.68 62.75 -1.18
C GLU E 208 46.79 62.98 0.07
N LYS E 209 46.52 64.25 0.42
CA LYS E 209 45.71 64.63 1.57
C LYS E 209 44.18 64.74 1.26
N VAL E 210 43.78 64.65 -0.03
CA VAL E 210 42.39 64.76 -0.50
C VAL E 210 41.96 63.43 -1.21
N GLU E 211 40.64 63.22 -1.40
CA GLU E 211 40.12 62.05 -2.08
C GLU E 211 38.73 62.36 -2.66
N ILE E 212 38.61 62.49 -3.98
CA ILE E 212 37.34 62.85 -4.61
C ILE E 212 36.70 61.67 -5.39
N ALA E 213 35.37 61.65 -5.50
CA ALA E 213 34.64 60.64 -6.26
C ALA E 213 33.40 61.29 -6.87
N THR E 214 33.01 60.86 -8.08
CA THR E 214 31.82 61.40 -8.73
C THR E 214 30.86 60.32 -9.18
N LEU E 215 29.58 60.68 -9.26
CA LEU E 215 28.52 59.78 -9.69
C LEU E 215 27.83 60.49 -10.84
N THR E 216 27.84 59.87 -12.03
CA THR E 216 27.28 60.45 -13.26
C THR E 216 26.40 59.45 -14.04
N ARG E 217 25.73 59.89 -15.12
CA ARG E 217 24.88 59.01 -15.92
C ARG E 217 25.38 58.91 -17.37
N GLU E 218 25.99 57.77 -17.72
CA GLU E 218 26.53 57.56 -19.06
C GLU E 218 25.83 56.40 -19.77
N ASN E 219 25.09 56.72 -20.84
CA ASN E 219 24.37 55.73 -21.67
C ASN E 219 23.30 54.97 -20.87
N GLY E 220 22.57 55.65 -19.98
CA GLY E 220 21.52 55.00 -19.19
C GLY E 220 21.98 54.09 -18.07
N LYS E 221 23.27 54.17 -17.73
CA LYS E 221 23.90 53.41 -16.66
C LYS E 221 24.68 54.39 -15.78
N THR E 222 24.66 54.15 -14.47
CA THR E 222 25.35 55.03 -13.52
C THR E 222 26.84 54.73 -13.52
N VAL E 223 27.67 55.79 -13.48
CA VAL E 223 29.11 55.66 -13.46
C VAL E 223 29.69 56.28 -12.20
N ILE E 224 30.23 55.44 -11.31
CA ILE E 224 30.85 55.92 -10.07
C ILE E 224 32.35 55.87 -10.29
N ARG E 225 33.06 56.98 -10.04
CA ARG E 225 34.51 56.98 -10.24
C ARG E 225 35.28 57.83 -9.24
N VAL E 226 36.25 57.22 -8.54
CA VAL E 226 37.11 57.98 -7.64
C VAL E 226 38.19 58.61 -8.56
N LEU E 227 38.38 59.95 -8.48
CA LEU E 227 39.34 60.62 -9.36
C LEU E 227 40.78 60.25 -9.01
N LYS E 228 41.62 60.18 -10.04
CA LYS E 228 43.06 59.84 -9.88
C LYS E 228 43.78 61.03 -9.23
N GLN E 229 44.95 60.79 -8.65
CA GLN E 229 45.72 61.86 -7.96
C GLN E 229 46.07 62.97 -8.96
N LYS E 230 46.45 62.60 -10.19
CA LYS E 230 46.79 63.59 -11.25
C LYS E 230 45.56 64.44 -11.55
N GLU E 231 44.37 63.81 -11.62
CA GLU E 231 43.13 64.52 -11.92
C GLU E 231 42.91 65.56 -10.81
N VAL E 232 43.08 65.13 -9.54
CA VAL E 232 42.94 65.98 -8.34
C VAL E 232 44.00 67.09 -8.35
N GLU E 233 45.22 66.77 -8.84
CA GLU E 233 46.28 67.77 -8.94
C GLU E 233 45.90 68.84 -9.93
N GLN E 234 45.38 68.45 -11.10
CA GLN E 234 44.94 69.42 -12.12
C GLN E 234 43.79 70.32 -11.60
N LEU E 235 42.92 69.78 -10.74
CA LEU E 235 41.83 70.54 -10.15
C LEU E 235 42.33 71.50 -9.06
N ILE E 236 43.39 71.12 -8.34
CA ILE E 236 43.97 71.96 -7.30
C ILE E 236 44.77 73.12 -7.89
N LYS E 237 45.54 72.86 -8.97
CA LYS E 237 46.32 73.92 -9.61
C LYS E 237 45.45 74.88 -10.41
N LYS E 238 44.28 74.42 -10.91
CA LYS E 238 43.33 75.31 -11.59
C LYS E 238 42.68 76.30 -10.60
N HIS E 239 42.69 75.97 -9.29
CA HIS E 239 42.18 76.78 -8.20
C HIS E 239 43.33 77.63 -7.64
N GLU E 240 44.54 77.03 -7.49
CA GLU E 240 45.76 77.72 -7.05
C GLU E 240 46.06 78.91 -8.00
N GLU E 241 45.79 78.75 -9.31
CA GLU E 241 45.95 79.79 -10.32
C GLU E 241 44.95 80.93 -10.11
N GLU E 242 43.66 80.60 -9.90
CA GLU E 242 42.57 81.56 -9.67
C GLU E 242 42.72 82.32 -8.35
N GLU E 243 43.35 81.69 -7.35
CA GLU E 243 43.59 82.28 -6.03
C GLU E 243 44.72 83.34 -6.11
N ALA E 244 45.74 83.08 -6.95
CA ALA E 244 46.85 84.02 -7.15
C ALA E 244 46.41 85.23 -8.01
N LYS E 245 45.47 85.01 -8.94
CA LYS E 245 44.95 86.06 -9.82
C LYS E 245 43.77 86.79 -9.15
N SER F 1 19.71 39.05 26.43
CA SER F 1 18.95 40.30 26.27
C SER F 1 19.12 41.27 27.44
N TYR F 2 18.93 42.57 27.14
CA TYR F 2 19.08 43.69 28.04
C TYR F 2 17.81 43.94 28.84
N ASP F 3 17.75 43.37 30.03
CA ASP F 3 16.59 43.50 30.89
C ASP F 3 16.86 44.47 32.02
N ARG F 4 16.95 45.76 31.69
CA ARG F 4 17.20 46.77 32.71
C ARG F 4 15.98 47.64 32.77
N ALA F 5 15.48 47.91 33.99
CA ALA F 5 14.35 48.81 34.13
C ALA F 5 14.85 50.24 33.87
N ILE F 6 14.39 50.86 32.77
CA ILE F 6 14.79 52.21 32.41
C ILE F 6 13.82 53.22 33.04
N THR F 7 12.51 53.04 32.82
CA THR F 7 11.51 53.94 33.38
C THR F 7 10.99 53.39 34.69
N VAL F 8 11.32 54.07 35.81
CA VAL F 8 10.87 53.67 37.15
C VAL F 8 10.25 54.88 37.91
N PHE F 9 9.57 54.61 39.03
CA PHE F 9 8.98 55.64 39.86
C PHE F 9 10.03 56.24 40.76
N SER F 10 10.02 57.55 40.87
CA SER F 10 10.87 58.34 41.75
C SER F 10 10.11 58.49 43.09
N PRO F 11 10.78 58.84 44.22
CA PRO F 11 10.07 58.90 45.51
C PRO F 11 8.81 59.75 45.58
N ASP F 12 8.75 60.81 44.78
CA ASP F 12 7.55 61.67 44.72
C ASP F 12 6.46 61.16 43.76
N GLY F 13 6.58 59.94 43.25
CA GLY F 13 5.61 59.37 42.35
C GLY F 13 5.78 59.71 40.89
N HIS F 14 6.93 60.28 40.49
CA HIS F 14 7.15 60.66 39.08
C HIS F 14 7.80 59.56 38.26
N LEU F 15 7.55 59.55 36.95
CA LEU F 15 8.24 58.62 36.04
C LEU F 15 9.22 59.52 35.31
N PHE F 16 10.39 59.73 35.91
CA PHE F 16 11.35 60.68 35.38
C PHE F 16 11.70 60.50 33.89
N GLN F 17 11.88 59.25 33.38
CA GLN F 17 12.19 59.07 31.94
C GLN F 17 11.10 59.58 30.98
N VAL F 18 9.84 59.56 31.41
CA VAL F 18 8.71 60.06 30.62
C VAL F 18 8.66 61.61 30.64
N GLU F 19 9.01 62.21 31.77
CA GLU F 19 9.07 63.66 31.88
C GLU F 19 10.28 64.18 31.07
N TYR F 20 11.39 63.43 31.04
CA TYR F 20 12.55 63.80 30.21
C TYR F 20 12.18 63.64 28.71
N ALA F 21 11.36 62.63 28.37
CA ALA F 21 10.84 62.45 27.02
C ALA F 21 9.89 63.63 26.65
N GLN F 22 9.15 64.19 27.64
CA GLN F 22 8.30 65.36 27.40
C GLN F 22 9.16 66.58 27.14
N GLU F 23 10.28 66.72 27.86
CA GLU F 23 11.23 67.82 27.65
C GLU F 23 11.82 67.78 26.23
N ALA F 24 11.96 66.58 25.64
CA ALA F 24 12.44 66.43 24.26
C ALA F 24 11.36 66.84 23.25
N VAL F 25 10.07 66.63 23.59
CA VAL F 25 8.95 67.01 22.76
C VAL F 25 8.88 68.54 22.69
N LYS F 26 9.01 69.19 23.85
CA LYS F 26 9.00 70.64 24.03
C LYS F 26 10.08 71.36 23.20
N LYS F 27 11.15 70.64 22.82
CA LYS F 27 12.22 71.22 22.02
C LYS F 27 12.05 71.03 20.51
N GLY F 28 11.04 70.26 20.08
CA GLY F 28 10.77 70.01 18.66
C GLY F 28 10.08 71.19 17.98
N SER F 29 9.93 71.13 16.65
CA SER F 29 9.25 72.19 15.92
C SER F 29 7.76 72.19 16.22
N THR F 30 7.13 73.36 16.17
CA THR F 30 5.72 73.56 16.47
C THR F 30 4.76 72.89 15.47
N ALA F 31 3.92 72.01 15.96
CA ALA F 31 2.92 71.33 15.13
C ALA F 31 1.56 71.73 15.63
N VAL F 32 0.69 72.20 14.73
CA VAL F 32 -0.66 72.68 15.03
C VAL F 32 -1.70 71.85 14.24
N GLY F 33 -2.81 71.53 14.87
CA GLY F 33 -3.88 70.79 14.23
C GLY F 33 -5.21 71.46 14.55
N VAL F 34 -6.01 71.79 13.55
CA VAL F 34 -7.33 72.41 13.75
C VAL F 34 -8.40 71.51 13.10
N ARG F 35 -9.41 71.10 13.86
CA ARG F 35 -10.46 70.24 13.32
C ARG F 35 -11.65 71.07 12.85
N GLY F 36 -12.04 70.88 11.60
CA GLY F 36 -13.16 71.60 11.00
C GLY F 36 -14.43 70.77 10.78
N ARG F 37 -15.26 71.19 9.80
CA ARG F 37 -16.50 70.47 9.48
C ARG F 37 -16.30 69.62 8.23
N ASP F 38 -15.70 70.23 7.20
CA ASP F 38 -15.46 69.58 5.93
C ASP F 38 -13.98 69.24 5.68
N ILE F 39 -13.04 69.83 6.46
CA ILE F 39 -11.59 69.61 6.33
C ILE F 39 -10.93 69.65 7.71
N VAL F 40 -9.89 68.81 7.95
CA VAL F 40 -9.05 68.83 9.15
C VAL F 40 -7.65 69.21 8.65
N VAL F 41 -7.08 70.33 9.16
CA VAL F 41 -5.77 70.87 8.72
C VAL F 41 -4.67 70.66 9.79
N LEU F 42 -3.42 70.43 9.33
CA LEU F 42 -2.19 70.26 10.12
C LEU F 42 -1.13 71.23 9.57
N GLY F 43 -0.41 71.92 10.45
CA GLY F 43 0.63 72.86 10.06
C GLY F 43 1.86 72.74 10.94
N VAL F 44 3.09 72.79 10.34
CA VAL F 44 4.36 72.64 11.08
C VAL F 44 5.30 73.77 10.69
N GLU F 45 6.09 74.31 11.63
CA GLU F 45 7.07 75.35 11.33
C GLU F 45 8.36 74.75 10.71
N LYS F 46 9.15 75.57 9.99
CA LYS F 46 10.40 75.14 9.33
C LYS F 46 11.64 75.83 9.91
N ALA F 50 17.49 75.07 6.55
CA ALA F 50 18.69 75.45 5.80
C ALA F 50 18.41 75.62 4.30
N LYS F 51 19.01 76.64 3.66
CA LYS F 51 18.81 76.88 2.23
C LYS F 51 19.36 75.74 1.36
N LEU F 52 20.42 75.07 1.84
CA LEU F 52 21.00 73.94 1.11
C LEU F 52 20.29 72.61 1.43
N GLN F 53 19.17 72.62 2.17
CA GLN F 53 18.46 71.38 2.52
C GLN F 53 17.27 71.10 1.59
N ASP F 54 16.99 69.80 1.36
CA ASP F 54 15.87 69.32 0.55
C ASP F 54 14.64 69.23 1.44
N GLU F 55 13.66 70.13 1.21
CA GLU F 55 12.42 70.25 1.98
C GLU F 55 11.61 68.98 2.01
N ARG F 56 11.64 68.23 0.91
CA ARG F 56 10.88 67.00 0.80
C ARG F 56 11.30 65.96 1.84
N THR F 57 12.60 65.84 2.12
CA THR F 57 13.16 64.85 3.04
C THR F 57 13.03 65.19 4.53
N VAL F 58 12.51 66.38 4.84
CA VAL F 58 12.37 66.82 6.22
C VAL F 58 10.90 67.23 6.53
N ARG F 59 9.92 66.57 5.89
CA ARG F 59 8.51 66.85 6.14
C ARG F 59 8.04 66.15 7.42
N LYS F 60 7.27 66.86 8.24
CA LYS F 60 6.79 66.32 9.50
C LYS F 60 5.28 65.96 9.51
N ILE F 61 4.62 66.01 8.34
CA ILE F 61 3.24 65.61 8.19
C ILE F 61 3.28 64.35 7.34
N CYS F 62 2.79 63.23 7.88
CA CYS F 62 2.86 61.94 7.22
C CYS F 62 1.52 61.30 7.06
N ALA F 63 1.33 60.68 5.90
CA ALA F 63 0.12 59.93 5.59
C ALA F 63 0.27 58.58 6.24
N LEU F 64 -0.68 58.20 7.12
CA LEU F 64 -0.62 56.89 7.77
C LEU F 64 -1.36 55.85 6.93
N ASP F 65 -2.52 56.23 6.42
CA ASP F 65 -3.37 55.43 5.53
C ASP F 65 -4.11 56.45 4.58
N ASP F 66 -5.11 56.01 3.81
CA ASP F 66 -5.87 56.92 2.95
C ASP F 66 -6.83 57.83 3.77
N ASN F 67 -7.35 57.32 4.88
CA ASN F 67 -8.33 58.04 5.67
C ASN F 67 -7.80 58.72 6.96
N VAL F 68 -6.49 58.63 7.20
CA VAL F 68 -5.88 59.18 8.41
C VAL F 68 -4.44 59.58 8.19
N CYS F 69 -4.01 60.68 8.81
CA CYS F 69 -2.62 61.10 8.74
C CYS F 69 -2.18 61.77 10.08
N MET F 70 -0.87 62.11 10.24
CA MET F 70 -0.41 62.67 11.50
C MET F 70 0.77 63.63 11.40
N ALA F 71 0.95 64.47 12.42
CA ALA F 71 2.09 65.38 12.55
C ALA F 71 2.81 65.07 13.87
N PHE F 72 4.07 65.50 14.02
CA PHE F 72 4.83 65.22 15.25
C PHE F 72 5.71 66.37 15.77
N ALA F 73 6.14 66.26 17.03
CA ALA F 73 7.05 67.21 17.66
C ALA F 73 7.99 66.39 18.53
N GLY F 74 9.28 66.62 18.39
CA GLY F 74 10.28 65.91 19.17
C GLY F 74 11.33 65.22 18.31
N LEU F 75 11.89 64.12 18.83
CA LEU F 75 12.93 63.35 18.14
C LEU F 75 12.43 62.76 16.81
N THR F 76 12.99 63.27 15.70
CA THR F 76 12.60 62.89 14.34
C THR F 76 12.84 61.41 14.01
N ALA F 77 13.97 60.85 14.47
CA ALA F 77 14.27 59.43 14.25
C ALA F 77 13.31 58.54 15.05
N ASP F 78 12.92 58.98 16.26
CA ASP F 78 11.94 58.27 17.10
C ASP F 78 10.59 58.29 16.41
N ALA F 79 10.21 59.44 15.86
CA ALA F 79 8.96 59.62 15.17
C ALA F 79 8.85 58.76 13.95
N ARG F 80 9.95 58.54 13.24
CA ARG F 80 9.94 57.71 12.03
C ARG F 80 9.56 56.25 12.37
N ILE F 81 10.08 55.76 13.50
CA ILE F 81 9.79 54.40 13.96
C ILE F 81 8.31 54.25 14.36
N VAL F 82 7.72 55.28 14.96
CA VAL F 82 6.31 55.25 15.35
C VAL F 82 5.40 55.31 14.12
N ILE F 83 5.73 56.22 13.18
CA ILE F 83 5.01 56.45 11.91
C ILE F 83 5.00 55.18 11.04
N ASN F 84 6.11 54.44 11.04
CA ASN F 84 6.19 53.22 10.26
C ASN F 84 5.47 52.08 10.93
N ARG F 85 5.52 52.00 12.28
CA ARG F 85 4.79 50.94 13.00
C ARG F 85 3.28 51.16 12.89
N ALA F 86 2.83 52.44 12.81
CA ALA F 86 1.41 52.77 12.62
C ALA F 86 0.96 52.41 11.19
N ARG F 87 1.83 52.67 10.18
CA ARG F 87 1.56 52.33 8.78
C ARG F 87 1.37 50.84 8.60
N VAL F 88 2.18 50.03 9.30
CA VAL F 88 2.06 48.60 9.25
C VAL F 88 0.75 48.16 9.89
N GLU F 89 0.42 48.74 11.05
CA GLU F 89 -0.82 48.40 11.76
C GLU F 89 -2.08 48.78 10.99
N CYS F 90 -2.01 49.82 10.16
CA CYS F 90 -3.15 50.20 9.33
C CYS F 90 -3.48 49.10 8.33
N GLN F 91 -2.45 48.55 7.68
CA GLN F 91 -2.64 47.49 6.71
C GLN F 91 -2.93 46.16 7.40
N SER F 92 -2.27 45.90 8.54
CA SER F 92 -2.54 44.67 9.28
C SER F 92 -4.01 44.65 9.78
N HIS F 93 -4.62 45.84 10.02
CA HIS F 93 -6.03 45.97 10.42
C HIS F 93 -6.95 45.70 9.22
N ARG F 94 -6.55 46.12 8.01
CA ARG F 94 -7.31 45.82 6.80
C ARG F 94 -7.23 44.34 6.45
N LEU F 95 -6.13 43.67 6.78
CA LEU F 95 -5.99 42.25 6.50
C LEU F 95 -6.85 41.39 7.43
N THR F 96 -6.96 41.83 8.68
CA THR F 96 -7.59 41.06 9.73
C THR F 96 -9.15 41.22 9.78
N VAL F 97 -9.70 42.47 9.72
CA VAL F 97 -11.16 42.67 9.76
C VAL F 97 -11.75 43.26 8.49
N GLU F 98 -10.89 43.53 7.50
CA GLU F 98 -11.26 44.06 6.16
C GLU F 98 -11.91 45.44 6.33
N ASP F 99 -11.65 46.10 7.45
CA ASP F 99 -12.29 47.41 7.71
C ASP F 99 -11.19 48.46 7.89
N PRO F 100 -11.23 49.60 7.18
CA PRO F 100 -10.21 50.61 7.31
C PRO F 100 -10.18 51.17 8.74
N VAL F 101 -8.97 51.45 9.23
CA VAL F 101 -8.76 51.92 10.63
C VAL F 101 -9.52 53.23 10.87
N THR F 102 -10.19 53.32 12.03
CA THR F 102 -10.89 54.53 12.47
C THR F 102 -9.81 55.49 13.04
N VAL F 103 -9.94 56.83 12.95
CA VAL F 103 -8.90 57.74 13.49
C VAL F 103 -8.63 57.46 14.99
N GLU F 104 -9.63 56.95 15.74
CA GLU F 104 -9.41 56.61 17.15
C GLU F 104 -8.57 55.32 17.29
N TYR F 105 -8.80 54.32 16.42
CA TYR F 105 -8.09 53.04 16.48
C TYR F 105 -6.60 53.18 16.42
N ILE F 106 -6.09 53.84 15.38
CA ILE F 106 -4.65 54.01 15.21
C ILE F 106 -4.05 54.93 16.27
N THR F 107 -4.87 55.85 16.85
CA THR F 107 -4.40 56.75 17.91
C THR F 107 -4.22 55.90 19.19
N ARG F 108 -5.22 55.05 19.50
CA ARG F 108 -5.21 54.11 20.59
C ARG F 108 -4.01 53.15 20.41
N TYR F 109 -3.72 52.72 19.14
CA TYR F 109 -2.57 51.88 18.80
C TYR F 109 -1.25 52.59 19.13
N ILE F 110 -1.02 53.80 18.57
CA ILE F 110 0.19 54.61 18.79
C ILE F 110 0.38 54.85 20.28
N ALA F 111 -0.71 55.16 20.98
CA ALA F 111 -0.70 55.41 22.42
C ALA F 111 -0.31 54.16 23.20
N SER F 112 -0.79 52.99 22.77
CA SER F 112 -0.48 51.73 23.41
C SER F 112 1.01 51.42 23.24
N LEU F 113 1.54 51.65 22.02
CA LEU F 113 2.96 51.45 21.72
C LEU F 113 3.80 52.38 22.63
N LYS F 114 3.40 53.65 22.72
CA LYS F 114 4.09 54.61 23.55
C LYS F 114 4.10 54.20 25.02
N GLN F 115 2.95 53.81 25.58
CA GLN F 115 2.85 53.37 26.97
C GLN F 115 3.80 52.21 27.26
N ARG F 116 3.82 51.19 26.38
CA ARG F 116 4.64 50.00 26.50
C ARG F 116 6.12 50.31 26.68
N TYR F 117 6.62 51.35 26.00
CA TYR F 117 8.02 51.76 26.11
C TYR F 117 8.36 52.47 27.45
N THR F 118 7.33 52.84 28.21
CA THR F 118 7.42 53.40 29.58
C THR F 118 7.33 52.29 30.64
N GLN F 119 6.97 51.04 30.26
CA GLN F 119 6.83 49.96 31.21
C GLN F 119 7.55 48.66 30.84
N SER F 120 8.38 48.63 29.76
CA SER F 120 9.11 47.39 29.43
C SER F 120 10.63 47.56 29.54
N ASN F 121 11.31 46.47 29.88
CA ASN F 121 12.75 46.48 30.12
C ASN F 121 13.65 46.73 28.92
N GLY F 122 14.70 47.50 29.15
CA GLY F 122 15.72 47.77 28.15
C GLY F 122 15.38 48.83 27.14
N ARG F 123 14.23 49.49 27.30
CA ARG F 123 13.80 50.52 26.36
C ARG F 123 13.52 51.86 27.08
N ARG F 124 13.86 52.98 26.40
CA ARG F 124 13.52 54.30 26.92
C ARG F 124 12.25 54.76 26.16
N PRO F 125 11.45 55.68 26.74
CA PRO F 125 10.24 56.11 26.04
C PRO F 125 10.51 56.82 24.71
N PHE F 126 9.49 56.95 23.88
CA PHE F 126 9.63 57.65 22.61
C PHE F 126 9.59 59.14 22.92
N GLY F 127 10.59 59.90 22.50
CA GLY F 127 10.62 61.33 22.75
C GLY F 127 9.80 62.15 21.75
N ILE F 128 8.54 61.73 21.50
CA ILE F 128 7.64 62.40 20.57
C ILE F 128 6.17 62.50 21.06
N SER F 129 5.50 63.55 20.58
CA SER F 129 4.07 63.77 20.69
C SER F 129 3.55 63.80 19.24
N ALA F 130 2.29 63.42 19.03
CA ALA F 130 1.72 63.38 17.70
C ALA F 130 0.31 63.97 17.65
N LEU F 131 -0.03 64.63 16.54
CA LEU F 131 -1.37 65.16 16.31
C LEU F 131 -1.93 64.35 15.13
N ILE F 132 -2.84 63.39 15.42
CA ILE F 132 -3.41 62.50 14.42
C ILE F 132 -4.78 62.96 13.90
N VAL F 133 -4.85 63.42 12.64
CA VAL F 133 -6.10 63.89 12.05
C VAL F 133 -6.66 62.89 11.00
N GLY F 134 -7.93 63.06 10.63
CA GLY F 134 -8.54 62.20 9.61
C GLY F 134 -10.05 62.16 9.67
N PHE F 135 -10.69 61.64 8.61
CA PHE F 135 -12.15 61.51 8.58
C PHE F 135 -12.49 60.05 8.67
N ASP F 136 -13.41 59.70 9.55
CA ASP F 136 -13.83 58.31 9.71
C ASP F 136 -14.60 57.78 8.49
N PHE F 137 -14.99 56.48 8.50
CA PHE F 137 -15.78 55.93 7.39
C PHE F 137 -17.16 56.61 7.28
N ASP F 138 -17.73 57.10 8.42
CA ASP F 138 -19.01 57.82 8.38
C ASP F 138 -18.87 59.35 8.10
N GLY F 139 -17.68 59.77 7.68
CA GLY F 139 -17.37 61.15 7.34
C GLY F 139 -17.24 62.10 8.51
N THR F 140 -17.06 61.58 9.73
CA THR F 140 -16.93 62.44 10.92
C THR F 140 -15.48 62.94 11.03
N PRO F 141 -15.26 64.27 11.19
CA PRO F 141 -13.87 64.77 11.29
C PRO F 141 -13.29 64.53 12.67
N ARG F 142 -12.04 64.07 12.74
CA ARG F 142 -11.37 63.79 14.02
C ARG F 142 -10.00 64.42 14.13
N LEU F 143 -9.55 64.67 15.36
CA LEU F 143 -8.22 65.20 15.66
C LEU F 143 -7.86 64.66 17.03
N TYR F 144 -6.80 63.85 17.11
CA TYR F 144 -6.35 63.28 18.38
C TYR F 144 -4.90 63.67 18.72
N GLN F 145 -4.47 63.52 19.99
CA GLN F 145 -3.11 63.88 20.41
C GLN F 145 -2.51 62.85 21.38
N THR F 146 -1.30 62.37 21.09
CA THR F 146 -0.61 61.40 21.96
C THR F 146 0.66 62.01 22.61
N ASP F 147 1.21 61.36 23.63
CA ASP F 147 2.40 61.88 24.32
C ASP F 147 3.30 60.73 24.81
N PRO F 148 4.58 61.01 25.16
CA PRO F 148 5.45 59.91 25.61
C PRO F 148 4.89 58.95 26.66
N SER F 149 3.99 59.38 27.55
CA SER F 149 3.41 58.52 28.59
C SER F 149 2.42 57.48 28.06
N GLY F 150 1.81 57.80 26.94
CA GLY F 150 0.82 56.92 26.35
C GLY F 150 -0.61 57.46 26.42
N THR F 151 -0.80 58.63 27.06
CA THR F 151 -2.14 59.19 27.13
C THR F 151 -2.56 59.84 25.81
N TYR F 152 -3.85 59.79 25.51
CA TYR F 152 -4.38 60.37 24.29
C TYR F 152 -5.77 60.95 24.50
N HIS F 153 -6.09 62.01 23.76
CA HIS F 153 -7.39 62.69 23.85
C HIS F 153 -7.73 63.27 22.48
N ALA F 154 -9.01 63.63 22.29
CA ALA F 154 -9.46 64.30 21.08
C ALA F 154 -9.47 65.81 21.32
N TRP F 155 -9.36 66.58 20.24
CA TRP F 155 -9.36 68.03 20.35
C TRP F 155 -10.10 68.69 19.18
N LYS F 156 -10.62 69.88 19.43
CA LYS F 156 -11.21 70.77 18.45
C LYS F 156 -10.03 71.43 17.69
N ALA F 157 -8.93 71.72 18.41
CA ALA F 157 -7.67 72.28 17.94
C ALA F 157 -6.59 72.03 19.02
N ASN F 158 -5.33 71.82 18.61
CA ASN F 158 -4.24 71.64 19.57
C ASN F 158 -2.86 72.04 19.00
N ALA F 159 -1.84 72.15 19.86
CA ALA F 159 -0.50 72.50 19.43
C ALA F 159 0.54 71.79 20.29
N ILE F 160 1.65 71.35 19.67
CA ILE F 160 2.74 70.64 20.37
C ILE F 160 4.12 71.12 19.92
N GLY F 161 5.09 71.12 20.84
CA GLY F 161 6.45 71.54 20.50
C GLY F 161 6.87 72.90 21.01
N ARG F 162 7.95 73.45 20.43
CA ARG F 162 8.54 74.75 20.80
C ARG F 162 7.54 75.87 20.65
N GLY F 163 6.90 76.24 21.75
CA GLY F 163 5.92 77.31 21.74
C GLY F 163 4.48 76.84 21.69
N ALA F 164 4.23 75.61 22.18
CA ALA F 164 2.89 75.03 22.22
C ALA F 164 1.95 75.80 23.15
N LYS F 165 2.48 76.39 24.25
CA LYS F 165 1.65 77.11 25.21
C LYS F 165 1.04 78.37 24.64
N SER F 166 1.82 79.16 23.90
CA SER F 166 1.33 80.39 23.30
C SER F 166 0.39 80.14 22.11
N VAL F 167 0.61 79.07 21.33
CA VAL F 167 -0.28 78.75 20.21
C VAL F 167 -1.60 78.19 20.75
N ARG F 168 -1.56 77.40 21.86
CA ARG F 168 -2.76 76.87 22.50
C ARG F 168 -3.60 78.03 23.01
N GLU F 169 -2.95 79.04 23.63
CA GLU F 169 -3.64 80.22 24.15
C GLU F 169 -4.31 81.00 23.03
N PHE F 170 -3.66 81.10 21.85
CA PHE F 170 -4.24 81.78 20.69
C PHE F 170 -5.44 80.99 20.15
N LEU F 171 -5.29 79.66 19.98
CA LEU F 171 -6.32 78.77 19.45
C LEU F 171 -7.53 78.65 20.39
N GLU F 172 -7.33 78.79 21.69
CA GLU F 172 -8.43 78.75 22.66
C GLU F 172 -9.35 79.97 22.47
N LYS F 173 -8.74 81.14 22.20
CA LYS F 173 -9.46 82.40 21.99
C LYS F 173 -9.92 82.61 20.54
N ASN F 174 -9.38 81.85 19.58
CA ASN F 174 -9.73 82.05 18.17
C ASN F 174 -10.50 80.90 17.50
N TYR F 175 -10.72 79.76 18.19
CA TYR F 175 -11.49 78.67 17.59
C TYR F 175 -13.00 78.95 17.76
N THR F 176 -13.60 79.52 16.72
CA THR F 176 -15.01 79.88 16.69
C THR F 176 -15.76 79.10 15.59
N ASP F 177 -17.11 79.05 15.67
CA ASP F 177 -17.93 78.42 14.62
C ASP F 177 -17.79 79.20 13.28
N GLU F 178 -17.53 80.54 13.36
CA GLU F 178 -17.32 81.42 12.21
C GLU F 178 -16.05 81.00 11.44
N ALA F 179 -14.96 80.66 12.17
CA ALA F 179 -13.70 80.20 11.56
C ALA F 179 -13.86 78.80 10.95
N ILE F 180 -14.74 77.96 11.51
CA ILE F 180 -15.02 76.63 10.99
C ILE F 180 -15.82 76.72 9.67
N GLU F 181 -16.78 77.69 9.57
CA GLU F 181 -17.72 77.91 8.45
C GLU F 181 -17.12 77.73 7.03
N THR F 182 -16.04 78.46 6.67
CA THR F 182 -15.43 78.31 5.35
C THR F 182 -14.23 77.34 5.44
N ASP F 183 -13.98 76.49 4.42
CA ASP F 183 -12.82 75.59 4.47
C ASP F 183 -11.50 76.37 4.40
N ASP F 184 -11.50 77.50 3.68
CA ASP F 184 -10.36 78.42 3.61
C ASP F 184 -10.19 79.22 4.93
N LEU F 185 -11.27 79.37 5.71
CA LEU F 185 -11.21 80.03 7.02
C LEU F 185 -10.59 79.10 8.08
N THR F 186 -10.76 77.77 7.93
CA THR F 186 -10.14 76.79 8.81
C THR F 186 -8.62 76.81 8.55
N ILE F 187 -8.23 76.87 7.25
CA ILE F 187 -6.84 76.92 6.81
C ILE F 187 -6.16 78.20 7.31
N LYS F 188 -6.90 79.33 7.29
CA LYS F 188 -6.41 80.63 7.74
C LYS F 188 -6.16 80.63 9.25
N LEU F 189 -6.93 79.85 10.03
CA LEU F 189 -6.76 79.76 11.48
C LEU F 189 -5.42 79.10 11.80
N VAL F 190 -5.06 78.04 11.05
CA VAL F 190 -3.81 77.32 11.25
C VAL F 190 -2.64 78.22 10.92
N ILE F 191 -2.68 78.90 9.76
CA ILE F 191 -1.60 79.79 9.36
C ILE F 191 -1.46 80.96 10.32
N LYS F 192 -2.57 81.55 10.77
CA LYS F 192 -2.52 82.66 11.71
C LYS F 192 -1.95 82.21 13.06
N ALA F 193 -2.30 80.99 13.51
CA ALA F 193 -1.81 80.44 14.79
C ALA F 193 -0.32 80.19 14.73
N LEU F 194 0.17 79.68 13.59
CA LEU F 194 1.60 79.41 13.40
C LEU F 194 2.37 80.73 13.26
N LEU F 195 1.77 81.75 12.60
CA LEU F 195 2.40 83.05 12.42
C LEU F 195 2.76 83.76 13.73
N GLU F 196 2.07 83.38 14.83
CA GLU F 196 2.32 83.88 16.17
C GLU F 196 3.69 83.40 16.70
N VAL F 197 4.23 82.27 16.18
CA VAL F 197 5.54 81.74 16.56
C VAL F 197 6.58 82.03 15.45
N VAL F 198 6.23 81.74 14.18
CA VAL F 198 7.14 81.98 13.07
C VAL F 198 7.40 83.48 12.83
N LYS F 203 8.60 81.29 3.74
CA LYS F 203 8.96 79.88 3.50
C LYS F 203 9.24 79.11 4.79
N ASN F 204 8.60 79.51 5.89
CA ASN F 204 8.82 78.85 7.17
C ASN F 204 7.61 78.05 7.68
N ILE F 205 6.64 77.74 6.80
CA ILE F 205 5.47 76.93 7.18
C ILE F 205 5.28 75.77 6.20
N GLU F 206 4.83 74.66 6.73
CA GLU F 206 4.48 73.41 6.05
C GLU F 206 3.00 73.22 6.36
N LEU F 207 2.16 73.08 5.33
CA LEU F 207 0.72 72.94 5.54
C LEU F 207 0.10 71.87 4.66
N ALA F 208 -0.68 70.98 5.25
CA ALA F 208 -1.38 69.91 4.53
C ALA F 208 -2.85 69.85 4.96
N VAL F 209 -3.77 69.54 4.04
CA VAL F 209 -5.20 69.50 4.34
C VAL F 209 -5.81 68.18 3.92
N MET F 210 -6.78 67.68 4.70
CA MET F 210 -7.46 66.44 4.34
C MET F 210 -8.93 66.74 4.26
N ARG F 211 -9.47 66.83 3.04
CA ARG F 211 -10.90 67.09 2.82
C ARG F 211 -11.58 65.73 2.71
N ARG F 212 -12.61 65.50 3.54
CA ARG F 212 -13.37 64.26 3.70
C ARG F 212 -12.92 63.05 2.82
N ASP F 213 -13.53 62.81 1.64
CA ASP F 213 -13.20 61.64 0.84
C ASP F 213 -11.96 61.79 -0.02
N GLN F 214 -11.51 63.05 -0.28
CA GLN F 214 -10.32 63.26 -1.10
C GLN F 214 -9.00 62.97 -0.33
N SER F 215 -7.90 62.75 -1.07
CA SER F 215 -6.60 62.44 -0.52
C SER F 215 -5.95 63.60 0.26
N LEU F 216 -4.86 63.29 1.01
CA LEU F 216 -4.11 64.27 1.80
C LEU F 216 -3.40 65.22 0.84
N LYS F 217 -3.80 66.51 0.85
CA LYS F 217 -3.22 67.51 -0.04
C LYS F 217 -2.18 68.41 0.64
N ILE F 218 -0.90 68.24 0.31
CA ILE F 218 0.17 69.06 0.88
C ILE F 218 0.32 70.32 0.02
N LEU F 219 -0.25 71.45 0.49
CA LEU F 219 -0.28 72.78 -0.18
C LEU F 219 1.09 73.33 -0.59
N ASN F 220 1.23 73.76 -1.87
CA ASN F 220 2.49 74.28 -2.39
C ASN F 220 2.85 75.68 -1.81
N PRO F 221 4.15 76.11 -1.87
CA PRO F 221 4.50 77.41 -1.26
C PRO F 221 3.73 78.62 -1.78
N GLU F 222 3.42 78.62 -3.09
CA GLU F 222 2.66 79.70 -3.75
C GLU F 222 1.23 79.71 -3.19
N GLU F 223 0.62 78.51 -3.02
CA GLU F 223 -0.72 78.38 -2.45
C GLU F 223 -0.74 78.86 -1.01
N ILE F 224 0.33 78.59 -0.25
CA ILE F 224 0.50 79.03 1.14
C ILE F 224 0.58 80.57 1.16
N GLU F 225 1.38 81.14 0.25
CA GLU F 225 1.53 82.58 0.13
C GLU F 225 0.25 83.28 -0.29
N LYS F 226 -0.68 82.56 -0.94
CA LYS F 226 -2.00 83.08 -1.32
C LYS F 226 -2.79 83.40 -0.05
N TYR F 227 -2.74 82.50 0.95
CA TYR F 227 -3.42 82.70 2.22
C TYR F 227 -2.65 83.67 3.11
N VAL F 228 -1.31 83.61 3.09
CA VAL F 228 -0.45 84.49 3.90
C VAL F 228 -0.67 85.98 3.56
N ALA F 229 -0.90 86.28 2.26
CA ALA F 229 -1.15 87.64 1.80
C ALA F 229 -2.47 88.20 2.36
N GLU F 230 -3.52 87.37 2.39
CA GLU F 230 -4.83 87.76 2.91
C GLU F 230 -4.86 87.94 4.43
N ILE F 231 -3.91 87.32 5.15
CA ILE F 231 -3.81 87.43 6.60
C ILE F 231 -3.31 88.83 6.97
N GLU F 232 -2.33 89.35 6.24
CA GLU F 232 -1.81 90.69 6.48
C GLU F 232 -2.87 91.77 6.14
N LYS F 233 -3.72 91.50 5.12
CA LYS F 233 -4.78 92.40 4.67
C LYS F 233 -5.92 92.54 5.68
N GLU F 234 -6.38 91.42 6.26
CA GLU F 234 -7.48 91.43 7.22
C GLU F 234 -7.13 92.12 8.55
N ASP G 1 22.09 53.47 42.49
CA ASP G 1 20.83 52.85 42.08
C ASP G 1 20.52 51.52 42.84
N ARG G 2 19.26 51.12 42.84
CA ARG G 2 18.78 49.91 43.49
C ARG G 2 17.76 49.21 42.58
N GLY G 3 17.61 47.91 42.74
CA GLY G 3 16.68 47.15 41.90
C GLY G 3 15.23 47.51 42.14
N VAL G 4 14.37 47.32 41.12
CA VAL G 4 12.95 47.61 41.29
C VAL G 4 12.27 46.69 42.34
N ASN G 5 12.92 45.58 42.68
CA ASN G 5 12.44 44.63 43.67
C ASN G 5 13.26 44.75 44.96
N THR G 6 13.58 45.97 45.37
CA THR G 6 14.32 46.21 46.61
C THR G 6 13.31 46.55 47.72
N PHE G 7 13.51 45.96 48.90
CA PHE G 7 12.68 46.22 50.05
C PHE G 7 13.32 47.35 50.87
N SER G 8 12.46 48.20 51.43
CA SER G 8 12.86 49.27 52.34
C SER G 8 13.05 48.61 53.71
N PRO G 9 13.81 49.25 54.62
CA PRO G 9 14.01 48.65 55.96
C PRO G 9 12.72 48.36 56.74
N GLU G 10 11.58 48.92 56.29
CA GLU G 10 10.26 48.73 56.90
C GLU G 10 9.48 47.52 56.35
N GLY G 11 9.96 46.93 55.26
CA GLY G 11 9.31 45.76 54.68
C GLY G 11 8.40 46.05 53.51
N ARG G 12 8.58 47.21 52.86
CA ARG G 12 7.79 47.52 51.67
C ARG G 12 8.69 47.80 50.46
N LEU G 13 8.29 47.35 49.28
CA LEU G 13 9.07 47.56 48.06
C LEU G 13 9.02 49.03 47.71
N PHE G 14 10.20 49.65 47.53
CA PHE G 14 10.26 51.07 47.21
C PHE G 14 9.45 51.45 45.97
N GLN G 15 9.46 50.61 44.93
CA GLN G 15 8.72 50.92 43.71
C GLN G 15 7.21 50.97 43.93
N VAL G 16 6.67 50.08 44.78
CA VAL G 16 5.24 50.06 45.11
C VAL G 16 4.82 51.28 45.95
N GLU G 17 5.71 51.69 46.89
CA GLU G 17 5.53 52.86 47.74
C GLU G 17 5.38 54.10 46.86
N TYR G 18 6.25 54.25 45.87
CA TYR G 18 6.28 55.41 44.99
C TYR G 18 5.13 55.45 44.00
N ALA G 19 4.63 54.25 43.58
CA ALA G 19 3.49 54.09 42.69
C ALA G 19 2.20 54.57 43.36
N ILE G 20 2.09 54.39 44.70
CA ILE G 20 0.99 54.83 45.56
C ILE G 20 1.01 56.38 45.63
N GLU G 21 2.21 56.98 45.69
CA GLU G 21 2.41 58.43 45.68
C GLU G 21 1.95 59.03 44.34
N ALA G 22 2.13 58.30 43.24
CA ALA G 22 1.67 58.76 41.93
C ALA G 22 0.15 58.92 41.91
N ILE G 23 -0.59 58.06 42.64
CA ILE G 23 -2.05 58.14 42.73
C ILE G 23 -2.52 59.42 43.41
N LYS G 24 -1.72 59.95 44.34
CA LYS G 24 -2.02 61.24 44.98
C LYS G 24 -2.04 62.41 43.99
N LEU G 25 -1.53 62.21 42.76
CA LEU G 25 -1.51 63.21 41.69
C LEU G 25 -2.73 63.10 40.73
N GLY G 26 -3.41 61.95 40.73
CA GLY G 26 -4.55 61.71 39.85
C GLY G 26 -5.86 62.30 40.29
N SER G 27 -6.82 62.42 39.33
CA SER G 27 -8.18 62.95 39.51
C SER G 27 -8.90 62.20 40.58
N THR G 28 -9.68 62.92 41.36
CA THR G 28 -10.42 62.33 42.46
C THR G 28 -11.70 61.63 41.93
N ALA G 29 -11.93 60.40 42.42
CA ALA G 29 -13.05 59.52 42.04
C ALA G 29 -13.66 58.90 43.28
N ILE G 30 -14.99 58.75 43.28
CA ILE G 30 -15.74 58.19 44.41
C ILE G 30 -16.64 56.99 43.97
N GLY G 31 -16.79 56.02 44.86
CA GLY G 31 -17.69 54.89 44.66
C GLY G 31 -18.51 54.67 45.91
N ILE G 32 -19.83 54.41 45.77
CA ILE G 32 -20.73 54.17 46.91
C ILE G 32 -21.55 52.92 46.63
N GLN G 33 -21.50 51.92 47.53
CA GLN G 33 -22.24 50.66 47.38
C GLN G 33 -23.54 50.70 48.16
N THR G 34 -24.63 50.57 47.42
CA THR G 34 -25.95 50.67 48.01
C THR G 34 -26.76 49.40 47.71
N SER G 35 -27.79 49.12 48.53
CA SER G 35 -28.70 47.98 48.37
C SER G 35 -29.39 47.95 46.98
N GLU G 36 -29.56 49.14 46.38
CA GLU G 36 -30.19 49.38 45.10
C GLU G 36 -29.19 49.50 43.92
N GLY G 37 -27.90 49.38 44.18
CA GLY G 37 -26.88 49.49 43.15
C GLY G 37 -25.63 50.24 43.57
N VAL G 38 -24.56 50.14 42.75
CA VAL G 38 -23.31 50.86 43.05
C VAL G 38 -23.22 52.09 42.16
N CYS G 39 -22.77 53.20 42.75
CA CYS G 39 -22.59 54.46 42.05
C CYS G 39 -21.10 54.80 41.89
N LEU G 40 -20.68 55.25 40.70
CA LEU G 40 -19.29 55.63 40.41
C LEU G 40 -19.27 57.03 39.87
N ALA G 41 -18.40 57.90 40.40
CA ALA G 41 -18.30 59.29 39.93
C ALA G 41 -16.87 59.74 39.88
N VAL G 42 -16.48 60.52 38.86
CA VAL G 42 -15.08 60.97 38.74
C VAL G 42 -14.97 62.36 38.13
N GLU G 43 -14.01 63.17 38.61
CA GLU G 43 -13.77 64.47 37.99
C GLU G 43 -12.85 64.23 36.78
N LYS G 44 -13.20 64.83 35.62
CA LYS G 44 -12.41 64.64 34.42
C LYS G 44 -11.09 65.41 34.49
N ARG G 45 -11.12 66.63 35.08
CA ARG G 45 -9.96 67.52 35.21
C ARG G 45 -9.57 67.98 33.81
N ILE G 46 -10.48 68.72 33.15
CA ILE G 46 -10.24 69.20 31.78
C ILE G 46 -9.34 70.45 31.84
N THR G 47 -8.31 70.51 30.99
CA THR G 47 -7.34 71.62 31.03
C THR G 47 -7.49 72.66 29.92
N SER G 48 -8.39 72.44 28.96
CA SER G 48 -8.55 73.37 27.83
C SER G 48 -9.94 73.26 27.25
N PRO G 49 -10.56 74.40 26.89
CA PRO G 49 -11.88 74.33 26.22
C PRO G 49 -11.81 73.56 24.88
N LEU G 50 -10.62 73.58 24.22
CA LEU G 50 -10.35 72.89 22.97
C LEU G 50 -10.35 71.36 23.12
N MET G 51 -10.12 70.84 24.33
CA MET G 51 -10.13 69.41 24.59
C MET G 51 -11.56 68.87 24.56
N GLU G 52 -11.79 67.74 23.88
CA GLU G 52 -13.11 67.13 23.83
C GLU G 52 -13.39 66.43 25.15
N PRO G 53 -14.44 66.87 25.88
CA PRO G 53 -14.74 66.24 27.18
C PRO G 53 -15.11 64.76 27.07
N SER G 54 -15.70 64.37 25.94
CA SER G 54 -16.10 62.99 25.64
C SER G 54 -14.92 62.03 25.53
N SER G 55 -13.73 62.57 25.14
CA SER G 55 -12.49 61.82 24.96
C SER G 55 -11.76 61.47 26.27
N ILE G 56 -12.30 61.88 27.42
CA ILE G 56 -11.78 61.51 28.72
C ILE G 56 -12.74 60.43 29.23
N GLU G 57 -12.29 59.17 29.27
CA GLU G 57 -13.15 58.07 29.74
C GLU G 57 -12.55 57.42 31.01
N LYS G 58 -12.74 58.08 32.16
CA LYS G 58 -12.22 57.60 33.44
C LYS G 58 -13.16 56.59 34.15
N ILE G 59 -14.40 56.43 33.65
CA ILE G 59 -15.32 55.39 34.09
C ILE G 59 -15.52 54.46 32.87
N VAL G 60 -15.19 53.16 32.98
CA VAL G 60 -15.34 52.24 31.86
C VAL G 60 -16.23 51.04 32.19
N GLU G 61 -16.79 50.39 31.17
CA GLU G 61 -17.59 49.20 31.37
C GLU G 61 -16.69 48.00 31.16
N ILE G 62 -16.59 47.12 32.16
CA ILE G 62 -15.77 45.91 32.05
C ILE G 62 -16.62 44.79 31.39
N ASP G 63 -17.87 44.71 31.80
CA ASP G 63 -18.91 43.81 31.33
C ASP G 63 -20.26 44.49 31.71
N ALA G 64 -21.38 43.93 31.26
CA ALA G 64 -22.71 44.48 31.54
C ALA G 64 -23.01 44.69 33.02
N HIS G 65 -22.47 43.84 33.89
CA HIS G 65 -22.73 43.99 35.33
C HIS G 65 -21.57 44.62 36.11
N ILE G 66 -20.45 45.01 35.45
CA ILE G 66 -19.30 45.58 36.15
C ILE G 66 -18.74 46.83 35.48
N GLY G 67 -18.46 47.83 36.30
CA GLY G 67 -17.87 49.08 35.87
C GLY G 67 -16.58 49.36 36.61
N CYS G 68 -15.81 50.32 36.12
CA CYS G 68 -14.54 50.64 36.75
C CYS G 68 -14.22 52.11 36.77
N ALA G 69 -13.77 52.57 37.92
CA ALA G 69 -13.34 53.94 38.12
C ALA G 69 -11.83 53.92 38.31
N MET G 70 -11.10 54.85 37.67
CA MET G 70 -9.65 54.84 37.76
C MET G 70 -9.02 56.17 38.13
N SER G 71 -7.83 56.11 38.73
CA SER G 71 -7.08 57.31 39.08
C SER G 71 -5.58 57.03 39.05
N GLY G 72 -4.80 58.05 38.72
CA GLY G 72 -3.37 57.92 38.65
C GLY G 72 -2.89 58.13 37.24
N LEU G 73 -2.04 57.23 36.75
CA LEU G 73 -1.52 57.32 35.40
C LEU G 73 -2.54 56.66 34.50
N ILE G 74 -3.30 57.48 33.75
CA ILE G 74 -4.40 57.04 32.90
C ILE G 74 -3.97 55.97 31.86
N ALA G 75 -2.73 56.05 31.35
CA ALA G 75 -2.25 55.10 30.34
C ALA G 75 -1.93 53.73 30.93
N ASP G 76 -1.45 53.68 32.20
CA ASP G 76 -1.20 52.42 32.88
C ASP G 76 -2.51 51.68 33.14
N ALA G 77 -3.60 52.42 33.35
CA ALA G 77 -4.92 51.86 33.60
C ALA G 77 -5.50 51.22 32.37
N LYS G 78 -5.24 51.78 31.17
CA LYS G 78 -5.78 51.23 29.93
C LYS G 78 -5.37 49.77 29.68
N THR G 79 -4.16 49.38 30.12
CA THR G 79 -3.64 48.02 29.97
C THR G 79 -4.39 47.04 30.88
N LEU G 80 -4.63 47.45 32.14
CA LEU G 80 -5.33 46.62 33.11
C LEU G 80 -6.82 46.53 32.77
N ILE G 81 -7.41 47.57 32.14
CA ILE G 81 -8.82 47.54 31.77
C ILE G 81 -9.05 46.49 30.71
N ASP G 82 -8.15 46.45 29.71
CA ASP G 82 -8.21 45.45 28.65
C ASP G 82 -7.99 44.06 29.23
N LYS G 83 -7.07 43.92 30.19
CA LYS G 83 -6.84 42.61 30.84
C LYS G 83 -8.09 42.14 31.55
N ALA G 84 -8.87 43.07 32.14
CA ALA G 84 -10.11 42.74 32.82
C ALA G 84 -11.19 42.34 31.83
N ARG G 85 -11.38 43.09 30.72
CA ARG G 85 -12.37 42.74 29.70
C ARG G 85 -12.07 41.38 29.03
N VAL G 86 -10.80 41.08 28.75
CA VAL G 86 -10.40 39.82 28.13
C VAL G 86 -10.76 38.66 29.09
N GLU G 87 -10.45 38.84 30.39
CA GLU G 87 -10.69 37.88 31.47
C GLU G 87 -12.13 37.48 31.55
N THR G 88 -13.07 38.46 31.56
CA THR G 88 -14.51 38.20 31.64
C THR G 88 -15.00 37.41 30.44
N GLN G 89 -14.45 37.67 29.25
CA GLN G 89 -14.90 36.97 28.05
C GLN G 89 -14.28 35.58 27.91
N ASN G 90 -13.09 35.37 28.48
CA ASN G 90 -12.48 34.05 28.50
C ASN G 90 -13.24 33.16 29.50
N HIS G 91 -13.74 33.75 30.61
CA HIS G 91 -14.56 33.06 31.63
C HIS G 91 -15.94 32.75 31.04
N TRP G 92 -16.51 33.70 30.28
CA TRP G 92 -17.78 33.47 29.60
C TRP G 92 -17.63 32.32 28.59
N PHE G 93 -16.53 32.32 27.83
CA PHE G 93 -16.30 31.29 26.85
C PHE G 93 -16.17 29.90 27.49
N THR G 94 -15.33 29.79 28.52
CA THR G 94 -15.02 28.52 29.18
C THR G 94 -16.15 27.98 30.02
N TYR G 95 -16.83 28.86 30.79
CA TYR G 95 -17.83 28.47 31.76
C TYR G 95 -19.28 28.91 31.50
N ASN G 96 -19.56 29.61 30.40
CA ASN G 96 -20.92 30.08 30.08
C ASN G 96 -21.59 30.84 31.23
N GLU G 97 -20.87 31.80 31.82
CA GLU G 97 -21.41 32.57 32.92
C GLU G 97 -20.63 33.87 33.13
N THR G 98 -21.18 34.75 33.98
CA THR G 98 -20.52 35.99 34.31
C THR G 98 -19.62 35.79 35.54
N MET G 99 -18.63 36.68 35.75
CA MET G 99 -17.75 36.58 36.88
C MET G 99 -18.30 37.43 37.99
N THR G 100 -17.95 37.09 39.22
CA THR G 100 -18.32 37.91 40.36
C THR G 100 -17.42 39.18 40.32
N VAL G 101 -17.86 40.27 40.97
CA VAL G 101 -17.07 41.51 41.02
C VAL G 101 -15.70 41.23 41.65
N GLU G 102 -15.67 40.41 42.70
CA GLU G 102 -14.46 40.03 43.42
C GLU G 102 -13.52 39.25 42.55
N SER G 103 -14.06 38.32 41.74
CA SER G 103 -13.26 37.50 40.83
C SER G 103 -12.55 38.32 39.79
N VAL G 104 -13.21 39.37 39.30
CA VAL G 104 -12.61 40.26 38.32
C VAL G 104 -11.54 41.09 39.02
N THR G 105 -11.87 41.64 40.20
CA THR G 105 -10.92 42.43 40.98
C THR G 105 -9.63 41.64 41.30
N GLN G 106 -9.79 40.34 41.65
CA GLN G 106 -8.69 39.42 41.96
C GLN G 106 -7.85 39.15 40.74
N ALA G 107 -8.51 38.97 39.58
CA ALA G 107 -7.80 38.72 38.33
C ALA G 107 -6.86 39.91 37.99
N VAL G 108 -7.36 41.15 38.06
CA VAL G 108 -6.54 42.32 37.80
C VAL G 108 -5.42 42.44 38.82
N SER G 109 -5.73 42.12 40.08
CA SER G 109 -4.82 42.15 41.22
C SER G 109 -3.63 41.22 41.11
N ASN G 110 -3.79 40.07 40.42
CA ASN G 110 -2.68 39.14 40.25
C ASN G 110 -1.53 39.73 39.44
N LEU G 111 -1.80 40.73 38.58
CA LEU G 111 -0.76 41.36 37.74
C LEU G 111 0.03 42.45 38.46
N ALA G 112 -0.21 42.69 39.75
CA ALA G 112 0.43 43.82 40.44
C ALA G 112 1.95 43.72 40.69
N LEU G 113 2.45 42.65 41.35
CA LEU G 113 3.88 42.56 41.65
C LEU G 113 4.65 41.77 40.58
N GLN G 114 4.12 41.78 39.34
CA GLN G 114 4.64 41.12 38.17
C GLN G 114 5.49 42.08 37.39
N PHE G 115 6.51 42.57 38.05
CA PHE G 115 7.48 43.47 37.49
C PHE G 115 8.88 43.03 37.93
N GLY G 116 9.90 43.37 37.15
CA GLY G 116 11.26 42.98 37.47
C GLY G 116 12.26 43.21 36.37
N GLU G 117 13.55 42.97 36.67
CA GLU G 117 14.62 43.13 35.70
C GLU G 117 15.24 41.76 35.35
N GLU G 118 16.06 41.19 36.26
CA GLU G 118 16.68 39.90 36.01
C GLU G 118 15.70 38.75 36.14
N ASP G 119 15.94 37.69 35.33
CA ASP G 119 15.20 36.42 35.27
C ASP G 119 13.75 36.54 34.75
N ALA G 120 13.46 37.58 33.94
CA ALA G 120 12.10 37.79 33.41
C ALA G 120 11.98 37.60 31.87
N ASP G 121 10.75 37.30 31.38
CA ASP G 121 10.44 37.06 29.96
C ASP G 121 10.67 38.33 29.12
N ALA G 124 6.75 41.28 31.01
CA ALA G 124 8.12 41.72 31.26
C ALA G 124 8.12 43.20 31.60
N MET G 125 7.24 43.56 32.59
CA MET G 125 7.05 44.90 33.13
C MET G 125 8.25 45.30 33.95
N SER G 126 8.72 46.51 33.77
CA SER G 126 9.87 47.02 34.48
C SER G 126 9.50 47.61 35.82
N ARG G 127 8.29 48.17 35.95
CA ARG G 127 7.82 48.87 37.13
C ARG G 127 6.32 48.56 37.40
N PRO G 128 5.78 48.90 38.60
CA PRO G 128 4.36 48.63 38.85
C PRO G 128 3.44 49.59 38.08
N PHE G 129 2.12 49.38 38.22
CA PHE G 129 1.16 50.22 37.56
C PHE G 129 0.83 51.37 38.50
N GLY G 130 0.95 52.61 38.04
CA GLY G 130 0.66 53.77 38.87
C GLY G 130 -0.81 54.12 38.92
N VAL G 131 -1.66 53.13 39.17
CA VAL G 131 -3.12 53.31 39.15
C VAL G 131 -3.81 52.73 40.35
N ALA G 132 -4.96 53.29 40.72
CA ALA G 132 -5.88 52.75 41.72
C ALA G 132 -7.22 52.52 40.99
N LEU G 133 -7.92 51.44 41.31
CA LEU G 133 -9.19 51.14 40.65
C LEU G 133 -10.31 50.92 41.64
N LEU G 134 -11.53 51.24 41.22
CA LEU G 134 -12.75 50.98 41.99
C LEU G 134 -13.63 50.12 41.07
N PHE G 135 -13.98 48.91 41.50
CA PHE G 135 -14.82 48.01 40.72
C PHE G 135 -16.20 47.96 41.32
N GLY G 136 -17.15 48.66 40.69
CA GLY G 136 -18.53 48.65 41.15
C GLY G 136 -19.40 47.85 40.22
N GLY G 137 -20.08 46.85 40.76
CA GLY G 137 -20.95 46.00 39.97
C GLY G 137 -21.93 45.18 40.77
N VAL G 138 -22.79 44.41 40.10
CA VAL G 138 -23.77 43.57 40.77
C VAL G 138 -23.62 42.08 40.38
N ASP G 139 -23.71 41.18 41.36
CA ASP G 139 -23.64 39.73 41.15
C ASP G 139 -24.66 39.04 42.10
N GLU G 140 -24.55 37.72 42.34
CA GLU G 140 -25.48 37.03 43.23
C GLU G 140 -25.38 37.48 44.69
N LYS G 141 -24.18 37.96 45.09
CA LYS G 141 -23.97 38.52 46.43
C LYS G 141 -24.55 39.95 46.56
N GLY G 142 -25.17 40.46 45.50
CA GLY G 142 -25.76 41.78 45.46
C GLY G 142 -24.80 42.81 44.90
N PRO G 143 -25.08 44.10 45.17
CA PRO G 143 -24.17 45.14 44.69
C PRO G 143 -22.88 45.07 45.50
N GLN G 144 -21.74 45.13 44.80
CA GLN G 144 -20.40 45.06 45.40
C GLN G 144 -19.51 46.17 44.83
N LEU G 145 -18.69 46.80 45.68
CA LEU G 145 -17.74 47.83 45.28
C LEU G 145 -16.38 47.43 45.86
N PHE G 146 -15.34 47.35 45.02
CA PHE G 146 -14.01 46.91 45.44
C PHE G 146 -12.93 47.93 45.14
N HIS G 147 -11.98 48.09 46.03
CA HIS G 147 -10.87 49.01 45.81
C HIS G 147 -9.61 48.17 45.60
N MET G 148 -8.69 48.65 44.73
CA MET G 148 -7.42 48.02 44.46
C MET G 148 -6.33 49.09 44.26
N ASP G 149 -5.11 48.83 44.76
CA ASP G 149 -3.98 49.77 44.65
C ASP G 149 -2.74 49.07 44.01
N PRO G 150 -1.64 49.78 43.68
CA PRO G 150 -0.47 49.11 43.08
C PRO G 150 0.19 47.99 43.91
N SER G 151 -0.18 47.77 45.16
CA SER G 151 0.38 46.66 45.95
C SER G 151 -0.32 45.30 45.69
N GLY G 152 -1.33 45.30 44.82
CA GLY G 152 -2.16 44.14 44.56
C GLY G 152 -3.17 43.89 45.66
N THR G 153 -3.27 44.77 46.66
CA THR G 153 -4.21 44.58 47.75
C THR G 153 -5.60 45.06 47.37
N PHE G 154 -6.56 44.14 47.32
CA PHE G 154 -7.93 44.49 47.02
C PHE G 154 -8.84 44.24 48.22
N VAL G 155 -9.73 45.18 48.48
CA VAL G 155 -10.66 45.10 49.60
C VAL G 155 -12.06 45.52 49.18
N GLN G 156 -13.08 45.02 49.87
CA GLN G 156 -14.45 45.42 49.54
C GLN G 156 -14.83 46.67 50.34
N CYS G 157 -15.43 47.68 49.69
CA CYS G 157 -15.76 48.93 50.35
C CYS G 157 -17.21 49.29 50.26
N ASP G 158 -17.73 49.89 51.32
CA ASP G 158 -19.07 50.45 51.35
C ASP G 158 -18.97 51.79 50.60
N ALA G 159 -17.97 52.62 50.93
CA ALA G 159 -17.71 53.85 50.21
C ALA G 159 -16.21 54.09 50.18
N ARG G 160 -15.69 54.55 49.04
CA ARG G 160 -14.27 54.80 48.89
C ARG G 160 -14.02 55.93 47.92
N ALA G 161 -12.97 56.70 48.19
CA ALA G 161 -12.51 57.79 47.37
C ALA G 161 -11.03 57.58 47.09
N ILE G 162 -10.62 57.90 45.87
CA ILE G 162 -9.23 57.76 45.44
C ILE G 162 -8.80 59.02 44.71
N GLY G 163 -7.51 59.32 44.75
CA GLY G 163 -6.97 60.48 44.04
C GLY G 163 -6.44 61.58 44.93
N SER G 164 -6.20 62.74 44.34
CA SER G 164 -5.64 63.92 45.00
C SER G 164 -6.35 64.29 46.29
N ALA G 165 -7.68 64.38 46.28
CA ALA G 165 -8.41 64.75 47.48
C ALA G 165 -9.06 63.54 48.14
N SER G 166 -8.30 62.42 48.25
CA SER G 166 -8.79 61.18 48.86
C SER G 166 -9.07 61.35 50.35
N GLU G 167 -8.17 62.01 51.08
CA GLU G 167 -8.31 62.24 52.54
C GLU G 167 -9.59 62.98 52.89
N GLY G 168 -9.84 64.09 52.23
CA GLY G 168 -11.01 64.92 52.41
C GLY G 168 -12.30 64.28 51.97
N ALA G 169 -12.35 63.70 50.76
CA ALA G 169 -13.57 63.06 50.25
C ALA G 169 -14.02 61.88 51.10
N GLN G 170 -13.07 61.07 51.60
CA GLN G 170 -13.39 59.94 52.46
C GLN G 170 -13.96 60.41 53.79
N SER G 171 -13.42 61.52 54.34
CA SER G 171 -13.89 62.12 55.58
C SER G 171 -15.37 62.51 55.42
N SER G 172 -15.71 63.16 54.29
CA SER G 172 -17.07 63.58 53.97
C SER G 172 -17.98 62.37 53.77
N LEU G 173 -17.50 61.34 53.05
CA LEU G 173 -18.24 60.10 52.81
C LEU G 173 -18.63 59.43 54.14
N GLN G 174 -17.67 59.34 55.09
CA GLN G 174 -17.81 58.76 56.43
C GLN G 174 -18.94 59.43 57.24
N GLU G 175 -19.04 60.75 57.14
CA GLU G 175 -20.07 61.48 57.86
C GLU G 175 -21.49 61.32 57.26
N VAL G 176 -21.60 61.01 55.96
CA VAL G 176 -22.90 60.92 55.30
C VAL G 176 -23.34 59.44 54.94
N TYR G 177 -22.41 58.46 54.92
CA TYR G 177 -22.77 57.09 54.57
C TYR G 177 -23.50 56.31 55.66
N HIS G 178 -24.64 55.73 55.30
CA HIS G 178 -25.42 54.80 56.12
C HIS G 178 -25.60 53.55 55.22
N LYS G 179 -25.61 52.35 55.80
CA LYS G 179 -25.78 51.13 54.99
C LYS G 179 -27.16 51.03 54.29
N SER G 180 -28.19 51.74 54.79
CA SER G 180 -29.56 51.77 54.26
C SER G 180 -29.85 52.94 53.28
N MET G 181 -28.83 53.75 52.94
CA MET G 181 -28.94 54.91 52.05
C MET G 181 -29.34 54.51 50.61
N THR G 182 -30.34 55.20 50.01
CA THR G 182 -30.84 54.95 48.65
C THR G 182 -29.82 55.31 47.60
N LEU G 183 -29.94 54.72 46.39
CA LEU G 183 -29.03 55.02 45.29
C LEU G 183 -29.17 56.48 44.83
N LYS G 184 -30.36 57.09 44.99
CA LYS G 184 -30.59 58.51 44.69
C LYS G 184 -29.73 59.36 45.63
N GLU G 185 -29.74 59.02 46.93
CA GLU G 185 -28.94 59.71 47.96
C GLU G 185 -27.45 59.47 47.76
N ALA G 186 -27.07 58.29 47.25
CA ALA G 186 -25.69 57.90 46.97
C ALA G 186 -25.10 58.76 45.84
N ILE G 187 -25.89 59.00 44.79
CA ILE G 187 -25.49 59.82 43.66
C ILE G 187 -25.36 61.27 44.12
N LYS G 188 -26.34 61.76 44.89
CA LYS G 188 -26.32 63.15 45.38
C LYS G 188 -25.09 63.42 46.24
N SER G 189 -24.82 62.54 47.22
CA SER G 189 -23.67 62.69 48.12
C SER G 189 -22.38 62.71 47.33
N SER G 190 -22.24 61.80 46.36
CA SER G 190 -21.00 61.71 45.54
C SER G 190 -20.82 63.02 44.77
N LEU G 191 -21.89 63.54 44.16
CA LEU G 191 -21.83 64.82 43.40
C LEU G 191 -21.50 65.99 44.33
N ILE G 192 -22.12 66.05 45.51
CA ILE G 192 -21.85 67.16 46.47
C ILE G 192 -20.39 67.09 46.92
N ILE G 193 -19.91 65.89 47.28
CA ILE G 193 -18.54 65.68 47.71
C ILE G 193 -17.54 65.95 46.59
N LEU G 194 -17.92 65.64 45.35
CA LEU G 194 -17.05 65.90 44.20
C LEU G 194 -16.98 67.39 43.92
N LYS G 195 -18.12 68.10 44.02
CA LYS G 195 -18.18 69.55 43.82
C LYS G 195 -17.26 70.27 44.82
N GLN G 196 -17.29 69.81 46.08
CA GLN G 196 -16.50 70.37 47.16
C GLN G 196 -14.99 70.29 46.92
N VAL G 197 -14.48 69.12 46.48
CA VAL G 197 -13.04 68.91 46.32
C VAL G 197 -12.41 69.50 45.05
N MET G 198 -13.18 69.75 43.97
CA MET G 198 -12.57 70.26 42.72
C MET G 198 -12.35 71.75 42.69
N GLU G 199 -11.25 72.17 42.03
CA GLU G 199 -10.88 73.58 41.87
C GLU G 199 -11.86 74.25 40.89
N GLU G 200 -12.11 73.59 39.74
CA GLU G 200 -13.06 74.09 38.75
C GLU G 200 -14.52 73.86 39.20
N LYS G 201 -15.49 74.63 38.67
CA LYS G 201 -16.90 74.41 39.04
C LYS G 201 -17.41 73.10 38.42
N LEU G 202 -18.44 72.49 39.01
CA LEU G 202 -18.99 71.24 38.49
C LEU G 202 -20.06 71.50 37.43
N ASN G 203 -20.05 70.70 36.37
CA ASN G 203 -21.06 70.77 35.32
C ASN G 203 -21.24 69.41 34.62
N ALA G 204 -22.29 69.26 33.79
CA ALA G 204 -22.58 68.01 33.09
C ALA G 204 -21.49 67.56 32.12
N THR G 205 -20.61 68.48 31.69
CA THR G 205 -19.49 68.16 30.78
C THR G 205 -18.11 68.19 31.50
N ASN G 206 -18.11 68.28 32.83
CA ASN G 206 -16.92 68.36 33.67
C ASN G 206 -16.64 67.06 34.43
N ILE G 207 -17.69 66.26 34.70
CA ILE G 207 -17.57 65.02 35.47
C ILE G 207 -18.22 63.81 34.78
N GLU G 208 -17.95 62.59 35.28
CA GLU G 208 -18.54 61.36 34.79
C GLU G 208 -19.27 60.65 35.94
N LEU G 209 -20.43 60.06 35.64
CA LEU G 209 -21.23 59.34 36.63
C LEU G 209 -21.80 58.08 36.00
N ALA G 210 -21.65 56.96 36.70
CA ALA G 210 -22.16 55.65 36.23
C ALA G 210 -22.81 54.91 37.40
N THR G 211 -23.95 54.25 37.14
CA THR G 211 -24.65 53.49 38.20
C THR G 211 -24.90 52.06 37.73
N VAL G 212 -24.58 51.07 38.58
CA VAL G 212 -24.85 49.64 38.24
C VAL G 212 -25.94 49.15 39.22
N GLN G 213 -27.10 48.77 38.69
CA GLN G 213 -28.23 48.32 39.54
C GLN G 213 -28.79 47.01 39.00
N PRO G 214 -29.25 46.08 39.86
CA PRO G 214 -29.78 44.80 39.39
C PRO G 214 -31.00 45.05 38.50
N GLY G 215 -31.03 44.40 37.34
CA GLY G 215 -32.15 44.52 36.38
C GLY G 215 -32.03 45.74 35.46
N GLN G 216 -31.04 46.60 35.70
CA GLN G 216 -30.87 47.79 34.82
C GLN G 216 -29.55 47.73 34.07
N ASN G 217 -28.56 47.00 34.61
CA ASN G 217 -27.19 46.80 34.06
C ASN G 217 -26.30 48.04 34.25
N PHE G 218 -25.09 48.03 33.68
CA PHE G 218 -24.18 49.19 33.80
C PHE G 218 -24.68 50.32 32.91
N HIS G 219 -24.76 51.53 33.45
CA HIS G 219 -25.22 52.71 32.67
C HIS G 219 -24.27 53.90 32.87
N MET G 220 -23.93 54.59 31.78
CA MET G 220 -23.09 55.80 31.85
C MET G 220 -24.05 56.98 31.66
N PHE G 221 -24.16 57.84 32.66
CA PHE G 221 -25.13 58.97 32.61
C PHE G 221 -24.80 59.93 31.47
N THR G 222 -25.84 60.30 30.72
CA THR G 222 -25.73 61.26 29.62
C THR G 222 -25.60 62.71 30.15
N LYS G 223 -25.24 63.69 29.28
CA LYS G 223 -25.15 65.10 29.70
C LYS G 223 -26.52 65.60 30.14
N GLU G 224 -27.58 65.18 29.43
CA GLU G 224 -28.95 65.55 29.75
C GLU G 224 -29.37 64.98 31.11
N GLU G 225 -28.88 63.77 31.45
CA GLU G 225 -29.12 63.10 32.73
C GLU G 225 -28.31 63.72 33.86
N LEU G 226 -27.07 64.10 33.57
CA LEU G 226 -26.18 64.75 34.51
C LEU G 226 -26.70 66.13 34.86
N GLU G 227 -27.31 66.84 33.88
CA GLU G 227 -27.88 68.15 34.11
C GLU G 227 -29.07 68.06 35.07
N GLU G 228 -29.93 67.04 34.88
CA GLU G 228 -31.08 66.82 35.74
C GLU G 228 -30.63 66.48 37.19
N VAL G 229 -29.52 65.75 37.34
CA VAL G 229 -29.00 65.37 38.65
C VAL G 229 -28.44 66.60 39.34
N ILE G 230 -27.63 67.40 38.62
CA ILE G 230 -27.03 68.65 39.14
C ILE G 230 -28.11 69.68 39.53
N LYS G 231 -29.26 69.67 38.84
CA LYS G 231 -30.38 70.54 39.19
C LYS G 231 -30.78 70.40 40.69
N ASP G 232 -30.83 69.14 41.21
CA ASP G 232 -31.14 68.86 42.63
C ASP G 232 -29.88 68.97 43.52
N ASN H 1 24.74 50.22 54.54
CA ASN H 1 24.85 51.30 53.57
C ASN H 1 24.88 50.73 52.15
N GLN H 2 25.91 49.91 51.82
CA GLN H 2 26.08 49.25 50.50
C GLN H 2 25.60 47.81 50.49
N TYR H 3 25.45 47.20 51.68
CA TYR H 3 25.03 45.81 51.82
C TYR H 3 23.51 45.66 51.99
N ASP H 4 22.74 46.73 51.68
CA ASP H 4 21.29 46.79 51.80
C ASP H 4 20.58 46.50 50.51
N ASN H 5 21.16 46.89 49.37
CA ASN H 5 20.58 46.86 48.04
C ASN H 5 20.13 45.48 47.46
N ASP H 6 21.01 44.45 47.44
CA ASP H 6 20.67 43.19 46.80
C ASP H 6 20.77 41.97 47.67
N VAL H 7 19.94 40.95 47.40
CA VAL H 7 19.96 39.72 48.19
C VAL H 7 21.24 38.91 48.02
N THR H 8 21.95 39.11 46.90
CA THR H 8 23.21 38.40 46.66
C THR H 8 24.38 38.98 47.44
N VAL H 9 24.20 40.13 48.12
CA VAL H 9 25.29 40.75 48.86
C VAL H 9 25.22 40.36 50.32
N TRP H 10 26.32 39.77 50.78
CA TRP H 10 26.56 39.38 52.15
C TRP H 10 27.16 40.61 52.81
N SER H 11 26.70 40.94 54.02
CA SER H 11 27.26 42.04 54.78
C SER H 11 28.57 41.53 55.45
N PRO H 12 29.50 42.40 55.84
CA PRO H 12 30.73 41.91 56.50
C PRO H 12 30.50 41.17 57.83
N GLN H 13 29.26 41.14 58.32
CA GLN H 13 28.82 40.44 59.53
C GLN H 13 28.26 39.03 59.23
N GLY H 14 28.18 38.63 57.97
CA GLY H 14 27.58 37.35 57.62
C GLY H 14 26.07 37.43 57.74
N ARG H 15 25.49 38.53 57.26
CA ARG H 15 24.06 38.80 57.28
C ARG H 15 23.60 39.25 55.91
N ILE H 16 22.31 39.00 55.59
CA ILE H 16 21.77 39.46 54.31
C ILE H 16 20.66 40.41 54.65
N HIS H 17 20.93 41.72 54.55
CA HIS H 17 19.99 42.73 54.97
C HIS H 17 18.66 42.69 54.20
N GLN H 18 18.66 42.35 52.91
CA GLN H 18 17.41 42.25 52.15
C GLN H 18 16.43 41.21 52.72
N ILE H 19 16.96 40.08 53.23
CA ILE H 19 16.16 39.05 53.86
C ILE H 19 15.55 39.60 55.13
N GLU H 20 16.36 40.33 55.93
CA GLU H 20 15.90 40.94 57.17
C GLU H 20 14.83 42.02 56.92
N TYR H 21 14.95 42.76 55.79
CA TYR H 21 13.99 43.81 55.43
C TYR H 21 12.67 43.23 55.01
N ALA H 22 12.70 42.07 54.34
CA ALA H 22 11.52 41.33 53.90
C ALA H 22 10.78 40.77 55.10
N MET H 23 11.52 40.35 56.14
CA MET H 23 10.89 39.85 57.35
C MET H 23 10.12 40.94 58.10
N GLU H 24 10.53 42.19 57.93
CA GLU H 24 9.83 43.32 58.51
C GLU H 24 8.40 43.45 57.93
N ALA H 25 8.13 42.89 56.75
CA ALA H 25 6.79 42.91 56.17
C ALA H 25 5.86 42.07 57.04
N VAL H 26 6.31 40.85 57.46
CA VAL H 26 5.54 39.90 58.29
C VAL H 26 5.16 40.54 59.61
N LYS H 27 6.16 41.13 60.34
CA LYS H 27 5.96 41.82 61.63
C LYS H 27 4.99 43.00 61.54
N GLN H 28 4.76 43.53 60.33
CA GLN H 28 3.88 44.66 60.15
C GLN H 28 2.46 44.27 59.72
N GLY H 29 2.24 43.00 59.32
CA GLY H 29 0.89 42.48 59.05
C GLY H 29 0.17 42.25 60.37
N SER H 30 -1.20 42.22 60.41
CA SER H 30 -1.90 42.04 61.70
C SER H 30 -1.74 40.64 62.25
N ALA H 31 -1.79 40.49 63.58
CA ALA H 31 -1.56 39.23 64.29
C ALA H 31 -2.38 38.01 63.82
N THR H 32 -1.71 36.86 63.80
CA THR H 32 -2.37 35.60 63.52
C THR H 32 -1.80 34.55 64.47
N VAL H 33 -2.62 33.60 64.83
CA VAL H 33 -2.30 32.60 65.83
C VAL H 33 -2.71 31.27 65.28
N GLY H 34 -1.84 30.31 65.42
CA GLY H 34 -2.13 28.95 65.04
C GLY H 34 -1.78 28.03 66.17
N LEU H 35 -2.64 27.07 66.48
CA LEU H 35 -2.36 26.12 67.55
C LEU H 35 -3.00 24.75 67.28
N LYS H 36 -2.53 23.69 67.96
CA LYS H 36 -3.06 22.36 67.71
C LYS H 36 -3.27 21.53 68.95
N SER H 37 -4.26 20.65 68.86
CA SER H 37 -4.61 19.67 69.88
C SER H 37 -4.23 18.25 69.30
N LYS H 38 -4.65 17.16 69.96
CA LYS H 38 -4.35 15.82 69.47
C LYS H 38 -5.15 15.48 68.21
N THR H 39 -6.29 16.17 67.97
CA THR H 39 -7.13 15.90 66.82
C THR H 39 -7.32 17.09 65.90
N HIS H 40 -7.06 18.34 66.35
CA HIS H 40 -7.32 19.49 65.48
C HIS H 40 -6.18 20.52 65.34
N ALA H 41 -6.21 21.31 64.25
CA ALA H 41 -5.27 22.41 63.98
C ALA H 41 -6.14 23.65 63.73
N VAL H 42 -5.93 24.69 64.51
CA VAL H 42 -6.74 25.89 64.44
C VAL H 42 -5.92 27.09 64.01
N LEU H 43 -6.52 27.95 63.20
CA LEU H 43 -5.92 29.20 62.78
C LEU H 43 -6.90 30.27 63.21
N VAL H 44 -6.44 31.22 64.02
CA VAL H 44 -7.26 32.34 64.48
C VAL H 44 -6.48 33.61 64.09
N ALA H 45 -7.11 34.55 63.36
CA ALA H 45 -6.40 35.77 62.95
C ALA H 45 -7.23 37.04 63.12
N LEU H 46 -6.56 38.18 63.35
CA LEU H 46 -7.19 39.49 63.46
C LEU H 46 -7.23 40.11 62.05
N LYS H 47 -8.39 40.61 61.62
CA LYS H 47 -8.55 41.24 60.32
C LYS H 47 -8.61 42.80 60.48
N ARG H 48 -7.66 43.53 59.90
CA ARG H 48 -7.65 45.00 59.97
C ARG H 48 -8.60 45.60 58.90
N ALA H 49 -9.15 46.78 59.18
CA ALA H 49 -10.01 47.49 58.22
C ALA H 49 -9.29 48.78 57.80
N GLN H 50 -9.21 49.06 56.49
CA GLN H 50 -8.48 50.25 55.97
C GLN H 50 -9.21 51.60 56.15
N SER H 51 -10.38 51.56 56.83
CA SER H 51 -11.35 52.62 57.15
C SER H 51 -12.60 51.93 57.69
N GLU H 52 -13.50 52.70 58.31
CA GLU H 52 -14.76 52.15 58.80
C GLU H 52 -15.59 51.60 57.61
N LEU H 53 -15.58 52.32 56.47
CA LEU H 53 -16.31 51.98 55.25
C LEU H 53 -15.73 50.78 54.51
N ALA H 54 -14.42 50.55 54.60
CA ALA H 54 -13.80 49.37 53.98
C ALA H 54 -14.03 48.10 54.84
N ALA H 55 -13.90 46.91 54.24
CA ALA H 55 -14.09 45.63 54.90
C ALA H 55 -12.78 45.12 55.52
N HIS H 56 -12.88 44.14 56.43
CA HIS H 56 -11.72 43.57 57.09
C HIS H 56 -11.12 42.54 56.13
N GLN H 57 -9.85 42.74 55.70
CA GLN H 57 -9.13 41.91 54.71
C GLN H 57 -9.11 40.40 55.03
N LYS H 58 -9.23 39.54 54.01
CA LYS H 58 -9.20 38.09 54.17
C LYS H 58 -7.83 37.61 54.63
N LYS H 59 -7.67 37.26 55.91
CA LYS H 59 -6.37 36.81 56.45
C LYS H 59 -6.15 35.28 56.33
N ILE H 60 -7.23 34.50 56.13
CA ILE H 60 -7.21 33.03 56.06
C ILE H 60 -7.71 32.51 54.70
N LEU H 61 -6.88 31.71 54.01
CA LEU H 61 -7.22 31.18 52.69
C LEU H 61 -7.17 29.62 52.65
N HIS H 62 -7.96 29.00 51.74
CA HIS H 62 -8.02 27.53 51.55
C HIS H 62 -6.84 27.04 50.69
N VAL H 63 -6.20 25.90 51.04
CA VAL H 63 -5.12 25.35 50.20
C VAL H 63 -5.57 23.99 49.61
N ASP H 64 -6.10 23.12 50.44
CA ASP H 64 -6.68 21.84 50.02
C ASP H 64 -7.74 21.39 51.07
N ASN H 65 -8.32 20.19 50.92
CA ASN H 65 -9.31 19.68 51.87
C ASN H 65 -8.69 19.40 53.23
N HIS H 66 -7.38 19.15 53.27
CA HIS H 66 -6.69 18.90 54.54
C HIS H 66 -5.72 20.03 54.96
N ILE H 67 -5.61 21.11 54.18
CA ILE H 67 -4.65 22.18 54.48
C ILE H 67 -5.30 23.56 54.28
N GLY H 68 -5.01 24.45 55.22
CA GLY H 68 -5.45 25.84 55.18
C GLY H 68 -4.36 26.74 55.70
N ILE H 69 -4.30 28.01 55.28
CA ILE H 69 -3.25 28.92 55.75
C ILE H 69 -3.75 30.29 56.29
N SER H 70 -2.91 30.98 57.08
CA SER H 70 -3.14 32.36 57.48
C SER H 70 -1.89 33.15 57.14
N ILE H 71 -2.09 34.31 56.51
CA ILE H 71 -1.02 35.12 55.97
C ILE H 71 -0.66 36.33 56.81
N ALA H 72 0.57 36.85 56.65
CA ALA H 72 1.09 38.07 57.29
C ALA H 72 2.17 38.65 56.38
N GLY H 73 1.87 39.78 55.78
CA GLY H 73 2.83 40.42 54.89
C GLY H 73 2.23 40.90 53.58
N LEU H 74 3.05 40.88 52.51
CA LEU H 74 2.64 41.31 51.18
C LEU H 74 1.53 40.38 50.69
N THR H 75 0.29 40.91 50.53
CA THR H 75 -0.88 40.13 50.13
C THR H 75 -0.72 39.54 48.72
N ALA H 76 0.01 40.22 47.83
CA ALA H 76 0.26 39.71 46.47
C ALA H 76 1.22 38.53 46.52
N ASP H 77 2.20 38.56 47.43
CA ASP H 77 3.13 37.43 47.60
C ASP H 77 2.45 36.26 48.28
N ALA H 78 1.51 36.55 49.18
CA ALA H 78 0.72 35.56 49.86
C ALA H 78 -0.15 34.82 48.84
N ARG H 79 -0.72 35.52 47.84
CA ARG H 79 -1.51 34.90 46.77
C ARG H 79 -0.66 34.03 45.88
N LEU H 80 0.58 34.48 45.63
CA LEU H 80 1.55 33.75 44.83
C LEU H 80 1.88 32.44 45.54
N LEU H 81 2.19 32.51 46.82
CA LEU H 81 2.49 31.34 47.60
C LEU H 81 1.30 30.44 47.78
N CYS H 82 0.09 31.00 47.88
CA CYS H 82 -1.12 30.20 48.05
C CYS H 82 -1.41 29.34 46.82
N ASN H 83 -1.30 29.92 45.62
CA ASN H 83 -1.53 29.21 44.37
C ASN H 83 -0.48 28.15 44.08
N PHE H 84 0.76 28.35 44.56
CA PHE H 84 1.82 27.36 44.42
C PHE H 84 1.44 26.16 45.31
N MET H 85 1.01 26.43 46.57
CA MET H 85 0.60 25.42 47.53
C MET H 85 -0.63 24.62 47.04
N ARG H 86 -1.68 25.33 46.57
CA ARG H 86 -2.91 24.77 46.02
C ARG H 86 -2.58 23.84 44.87
N GLN H 87 -1.64 24.27 43.99
CA GLN H 87 -1.22 23.53 42.81
C GLN H 87 -0.39 22.31 43.16
N GLU H 88 0.56 22.44 44.10
CA GLU H 88 1.37 21.31 44.55
C GLU H 88 0.51 20.19 45.12
N CYS H 89 -0.57 20.58 45.83
CA CYS H 89 -1.58 19.73 46.42
C CYS H 89 -2.39 19.03 45.31
N LEU H 90 -2.75 19.76 44.25
CA LEU H 90 -3.49 19.22 43.12
C LEU H 90 -2.68 18.19 42.42
N ASP H 91 -1.37 18.46 42.22
CA ASP H 91 -0.45 17.55 41.54
C ASP H 91 -0.39 16.21 42.27
N SER H 92 -0.28 16.24 43.62
CA SER H 92 -0.20 15.05 44.46
C SER H 92 -1.45 14.18 44.39
N ARG H 93 -2.65 14.78 44.38
CA ARG H 93 -3.90 14.03 44.27
C ARG H 93 -4.10 13.55 42.84
N PHE H 94 -3.60 14.28 41.83
CA PHE H 94 -3.72 13.85 40.45
C PHE H 94 -2.83 12.61 40.25
N VAL H 95 -1.55 12.72 40.62
CA VAL H 95 -0.57 11.66 40.46
C VAL H 95 -0.80 10.44 41.37
N PHE H 96 -0.89 10.68 42.71
CA PHE H 96 -0.99 9.65 43.76
C PHE H 96 -2.36 9.34 44.35
N ASP H 97 -3.35 10.21 44.14
CA ASP H 97 -4.70 9.97 44.65
C ASP H 97 -4.72 9.88 46.18
N ARG H 98 -3.90 10.73 46.80
CA ARG H 98 -3.78 10.81 48.27
C ARG H 98 -3.40 12.25 48.61
N PRO H 99 -3.81 12.82 49.77
CA PRO H 99 -3.40 14.16 50.16
C PRO H 99 -1.87 14.30 50.24
N LEU H 100 -1.35 15.47 49.85
CA LEU H 100 0.08 15.74 49.97
C LEU H 100 0.42 15.86 51.44
N PRO H 101 1.33 15.02 51.97
CA PRO H 101 1.70 15.14 53.40
C PRO H 101 2.14 16.56 53.74
N VAL H 102 1.49 17.18 54.73
CA VAL H 102 1.72 18.57 55.17
C VAL H 102 3.21 18.96 55.30
N SER H 103 4.04 18.12 55.94
CA SER H 103 5.46 18.41 56.08
C SER H 103 6.15 18.46 54.72
N ARG H 104 5.69 17.65 53.76
CA ARG H 104 6.25 17.65 52.41
C ARG H 104 5.91 18.92 51.68
N LEU H 105 4.69 19.45 51.85
CA LEU H 105 4.28 20.70 51.22
C LEU H 105 5.16 21.84 51.71
N VAL H 106 5.39 21.88 53.03
CA VAL H 106 6.19 22.90 53.69
C VAL H 106 7.63 22.89 53.23
N SER H 107 8.20 21.69 52.93
CA SER H 107 9.57 21.56 52.37
C SER H 107 9.65 22.20 51.00
N LEU H 108 8.61 22.01 50.19
CA LEU H 108 8.52 22.60 48.86
C LEU H 108 8.44 24.12 48.94
N ILE H 109 7.79 24.66 49.97
CA ILE H 109 7.73 26.11 50.17
C ILE H 109 9.13 26.63 50.51
N GLY H 110 9.83 25.93 51.41
CA GLY H 110 11.19 26.32 51.78
C GLY H 110 12.18 26.22 50.62
N SER H 111 11.95 25.26 49.72
CA SER H 111 12.83 25.05 48.59
C SER H 111 12.58 26.12 47.52
N LYS H 112 11.28 26.40 47.26
CA LYS H 112 10.74 27.39 46.33
C LYS H 112 11.09 28.83 46.73
N THR H 113 11.00 29.17 48.03
CA THR H 113 11.26 30.53 48.47
C THR H 113 12.77 30.82 48.71
N GLN H 114 13.63 29.78 48.74
CA GLN H 114 15.07 30.00 48.93
C GLN H 114 15.72 30.48 47.64
N ILE H 115 15.26 29.95 46.50
CA ILE H 115 15.77 30.28 45.16
C ILE H 115 15.98 31.83 44.95
N PRO H 116 14.99 32.72 45.19
CA PRO H 116 15.25 34.15 44.97
C PRO H 116 16.12 34.84 46.04
N THR H 117 16.49 34.13 47.12
CA THR H 117 17.41 34.68 48.10
C THR H 117 18.89 34.54 47.64
N GLN H 118 19.17 33.84 46.54
CA GLN H 118 20.54 33.63 46.06
C GLN H 118 20.74 34.05 44.61
N ARG H 119 19.80 34.82 44.05
CA ARG H 119 19.83 35.19 42.63
C ARG H 119 19.71 36.71 42.48
N TYR H 120 20.64 37.34 41.71
CA TYR H 120 20.71 38.78 41.52
C TYR H 120 19.51 39.35 40.82
N GLY H 121 19.01 40.49 41.30
CA GLY H 121 17.82 41.12 40.74
C GLY H 121 16.51 40.51 41.21
N ARG H 122 16.61 39.44 41.99
CA ARG H 122 15.49 38.74 42.56
C ARG H 122 15.37 39.14 44.04
N ARG H 123 14.20 38.92 44.63
CA ARG H 123 13.94 39.31 46.01
C ARG H 123 13.25 38.20 46.75
N PRO H 124 13.42 38.10 48.09
CA PRO H 124 12.67 37.08 48.83
C PRO H 124 11.17 37.37 48.84
N TYR H 125 10.36 36.42 49.31
CA TYR H 125 8.93 36.63 49.41
C TYR H 125 8.69 37.50 50.65
N GLY H 126 7.87 38.54 50.55
CA GLY H 126 7.54 39.39 51.69
C GLY H 126 6.35 38.86 52.47
N VAL H 127 6.23 37.53 52.54
CA VAL H 127 5.11 36.85 53.20
C VAL H 127 5.57 35.80 54.24
N GLY H 128 4.86 35.75 55.35
CA GLY H 128 5.07 34.76 56.40
C GLY H 128 3.74 34.05 56.57
N LEU H 129 3.72 32.70 56.60
CA LEU H 129 2.47 31.95 56.73
C LEU H 129 2.42 31.10 58.00
N LEU H 130 1.19 30.81 58.47
CA LEU H 130 0.91 29.84 59.53
C LEU H 130 0.06 28.79 58.77
N ILE H 131 0.50 27.54 58.75
CA ILE H 131 -0.17 26.49 57.98
C ILE H 131 -0.87 25.49 58.92
N ALA H 132 -2.15 25.22 58.68
CA ALA H 132 -2.91 24.27 59.49
C ALA H 132 -3.21 23.06 58.62
N GLY H 133 -2.86 21.88 59.10
CA GLY H 133 -3.09 20.68 58.31
C GLY H 133 -3.36 19.43 59.09
N TYR H 134 -3.82 18.39 58.39
CA TYR H 134 -4.10 17.11 59.00
C TYR H 134 -3.74 16.00 57.98
N ASP H 135 -2.99 14.98 58.44
CA ASP H 135 -2.62 13.87 57.58
C ASP H 135 -2.46 12.57 58.41
N ASP H 136 -1.69 11.57 57.96
CA ASP H 136 -1.46 10.34 58.72
C ASP H 136 -0.72 10.59 60.04
N MET H 137 -0.04 11.74 60.19
CA MET H 137 0.63 12.07 61.45
C MET H 137 -0.21 13.02 62.33
N GLY H 138 -1.52 13.01 62.15
CA GLY H 138 -2.41 13.87 62.89
C GLY H 138 -2.36 15.32 62.45
N PRO H 139 -2.69 16.25 63.36
CA PRO H 139 -2.71 17.66 62.99
C PRO H 139 -1.35 18.34 63.10
N HIS H 140 -1.15 19.39 62.29
CA HIS H 140 0.11 20.10 62.27
C HIS H 140 -0.09 21.59 62.20
N ILE H 141 0.87 22.34 62.74
CA ILE H 141 0.93 23.79 62.66
C ILE H 141 2.35 24.11 62.20
N PHE H 142 2.50 24.74 61.03
CA PHE H 142 3.81 25.10 60.51
C PHE H 142 3.95 26.62 60.34
N GLN H 143 5.18 27.11 60.32
CA GLN H 143 5.43 28.54 60.17
C GLN H 143 6.47 28.74 59.10
N THR H 144 6.15 29.55 58.08
CA THR H 144 7.13 29.86 57.04
C THR H 144 7.47 31.35 57.10
N CYS H 145 8.63 31.76 56.60
CA CYS H 145 9.05 33.17 56.68
C CYS H 145 9.66 33.67 55.35
N PRO H 146 9.82 35.01 55.14
CA PRO H 146 10.54 35.51 53.95
C PRO H 146 11.97 34.99 53.84
N SER H 147 12.60 34.62 54.97
CA SER H 147 13.86 33.85 54.99
C SER H 147 13.32 32.45 54.66
N ALA H 148 13.87 31.69 53.69
CA ALA H 148 13.21 30.41 53.31
C ALA H 148 13.18 29.29 54.38
N ASN H 149 13.44 29.63 55.67
CA ASN H 149 13.40 28.72 56.81
C ASN H 149 11.94 28.47 57.25
N TYR H 150 11.64 27.27 57.77
CA TYR H 150 10.30 26.88 58.20
C TYR H 150 10.36 26.09 59.51
N PHE H 151 9.25 26.09 60.26
CA PHE H 151 9.25 25.47 61.58
C PHE H 151 8.04 24.62 61.87
N ASP H 152 8.25 23.50 62.54
CA ASP H 152 7.17 22.64 62.98
C ASP H 152 6.81 23.20 64.38
N CYS H 153 5.53 23.57 64.59
CA CYS H 153 5.11 24.22 65.81
C CYS H 153 4.02 23.50 66.56
N ARG H 154 4.05 23.60 67.89
CA ARG H 154 2.98 23.10 68.77
C ARG H 154 1.84 24.19 68.83
N ALA H 155 2.23 25.47 68.68
CA ALA H 155 1.43 26.69 68.60
C ALA H 155 2.35 27.82 68.11
N MET H 156 1.78 28.93 67.59
CA MET H 156 2.60 30.01 67.05
C MET H 156 1.80 31.29 66.77
N SER H 157 2.53 32.44 66.69
CA SER H 157 1.98 33.74 66.35
C SER H 157 2.95 34.63 65.59
N ILE H 158 2.51 35.16 64.44
CA ILE H 158 3.32 36.05 63.61
C ILE H 158 2.56 37.39 63.38
N GLY H 159 3.31 38.48 63.22
CA GLY H 159 2.70 39.79 62.97
C GLY H 159 2.83 40.82 64.05
N ALA H 160 2.09 41.92 63.86
CA ALA H 160 2.04 43.07 64.74
C ALA H 160 1.54 42.64 66.09
N ARG H 161 2.35 42.93 67.14
CA ARG H 161 2.12 42.64 68.56
C ARG H 161 2.08 41.13 68.88
N SER H 162 2.56 40.26 67.94
CA SER H 162 2.54 38.81 68.11
C SER H 162 3.37 38.29 69.30
N GLN H 163 4.21 39.14 69.91
CA GLN H 163 4.97 38.74 71.10
C GLN H 163 4.02 38.44 72.26
N SER H 164 2.98 39.30 72.41
CA SER H 164 1.98 39.19 73.46
C SER H 164 1.21 37.90 73.31
N ALA H 165 0.87 37.51 72.08
CA ALA H 165 0.15 36.28 71.80
C ALA H 165 1.02 35.05 72.06
N ARG H 166 2.32 35.13 71.71
CA ARG H 166 3.29 34.06 71.89
C ARG H 166 3.40 33.66 73.36
N THR H 167 3.41 34.67 74.24
CA THR H 167 3.49 34.51 75.69
C THR H 167 2.30 33.70 76.26
N TYR H 168 1.09 33.95 75.75
CA TYR H 168 -0.09 33.21 76.19
C TYR H 168 0.03 31.75 75.73
N LEU H 169 0.49 31.53 74.49
CA LEU H 169 0.63 30.18 73.93
C LEU H 169 1.70 29.37 74.68
N GLU H 170 2.76 30.02 75.14
CA GLU H 170 3.82 29.34 75.88
C GLU H 170 3.32 28.97 77.29
N ARG H 171 2.53 29.86 77.91
CA ARG H 171 2.01 29.63 79.26
C ARG H 171 0.88 28.61 79.31
N HIS H 172 0.10 28.50 78.23
CA HIS H 172 -1.01 27.55 78.20
C HIS H 172 -0.73 26.29 77.36
N MET H 173 0.48 26.20 76.76
CA MET H 173 1.02 25.15 75.92
C MET H 173 0.65 23.74 76.36
N SER H 174 0.79 23.45 77.65
CA SER H 174 0.52 22.14 78.23
C SER H 174 -0.94 21.68 78.09
N GLU H 175 -1.90 22.62 78.14
CA GLU H 175 -3.33 22.28 78.06
C GLU H 175 -3.83 21.94 76.67
N PHE H 176 -3.11 22.39 75.62
CA PHE H 176 -3.51 22.27 74.21
C PHE H 176 -3.76 20.86 73.69
N MET H 177 -2.86 19.88 73.94
CA MET H 177 -3.07 18.54 73.40
C MET H 177 -4.36 17.86 73.87
N GLU H 178 -4.72 17.97 75.16
CA GLU H 178 -5.96 17.35 75.64
C GLU H 178 -7.23 18.22 75.46
N CYS H 179 -7.08 19.42 74.87
CA CYS H 179 -8.17 20.36 74.61
C CYS H 179 -9.21 19.79 73.65
N ASN H 180 -10.47 20.17 73.86
CA ASN H 180 -11.52 19.86 72.89
C ASN H 180 -11.51 21.00 71.83
N LEU H 181 -12.31 20.93 70.75
CA LEU H 181 -12.33 21.99 69.74
C LEU H 181 -12.73 23.38 70.34
N ASN H 182 -13.86 23.48 71.09
CA ASN H 182 -14.28 24.77 71.69
C ASN H 182 -13.19 25.40 72.55
N GLU H 183 -12.52 24.58 73.38
CA GLU H 183 -11.45 25.06 74.26
C GLU H 183 -10.19 25.42 73.47
N LEU H 184 -9.80 24.61 72.47
CA LEU H 184 -8.62 24.89 71.66
C LEU H 184 -8.80 26.21 70.90
N VAL H 185 -10.00 26.43 70.31
CA VAL H 185 -10.29 27.66 69.59
C VAL H 185 -10.26 28.85 70.54
N LYS H 186 -10.85 28.71 71.76
CA LYS H 186 -10.86 29.77 72.77
C LYS H 186 -9.44 30.13 73.18
N HIS H 187 -8.53 29.15 73.32
CA HIS H 187 -7.12 29.41 73.62
C HIS H 187 -6.50 30.31 72.54
N GLY H 188 -6.80 29.99 71.28
CA GLY H 188 -6.36 30.75 70.12
C GLY H 188 -6.88 32.17 70.18
N LEU H 189 -8.17 32.32 70.51
CA LEU H 189 -8.81 33.65 70.61
C LEU H 189 -8.14 34.49 71.71
N ARG H 190 -7.84 33.87 72.87
CA ARG H 190 -7.20 34.59 73.96
C ARG H 190 -5.82 35.06 73.60
N ALA H 191 -5.02 34.24 72.88
CA ALA H 191 -3.70 34.67 72.43
C ALA H 191 -3.83 35.83 71.45
N LEU H 192 -4.81 35.74 70.55
CA LEU H 192 -5.07 36.80 69.56
C LEU H 192 -5.45 38.09 70.26
N ARG H 193 -6.33 38.01 71.27
CA ARG H 193 -6.78 39.20 71.96
C ARG H 193 -5.70 39.84 72.83
N GLU H 194 -4.64 39.08 73.21
CA GLU H 194 -3.55 39.68 73.99
C GLU H 194 -2.73 40.68 73.17
N THR H 195 -2.67 40.49 71.83
CA THR H 195 -1.98 41.42 70.95
C THR H 195 -2.79 42.71 70.86
N LEU H 196 -4.14 42.60 70.75
CA LEU H 196 -5.08 43.71 70.64
C LEU H 196 -4.87 44.76 71.71
N PRO H 197 -5.10 46.04 71.38
CA PRO H 197 -4.95 47.10 72.40
C PRO H 197 -5.81 46.89 73.64
N ALA H 198 -5.50 47.63 74.73
CA ALA H 198 -6.24 47.52 75.98
C ALA H 198 -7.70 47.98 75.83
N GLU H 199 -7.92 48.99 74.99
CA GLU H 199 -9.24 49.58 74.71
C GLU H 199 -10.08 48.76 73.71
N GLN H 200 -9.43 47.84 72.97
CA GLN H 200 -10.04 47.02 71.93
C GLN H 200 -10.23 45.54 72.34
N ASP H 201 -11.39 44.94 71.96
CA ASP H 201 -11.71 43.52 72.18
C ASP H 201 -11.98 42.79 70.83
N LEU H 202 -12.15 41.45 70.86
CA LEU H 202 -12.47 40.63 69.70
C LEU H 202 -13.88 40.94 69.18
N THR H 203 -14.14 40.67 67.88
CA THR H 203 -15.43 41.04 67.28
C THR H 203 -15.89 40.08 66.19
N THR H 204 -17.22 39.94 66.02
CA THR H 204 -17.80 39.17 64.92
C THR H 204 -17.60 39.90 63.56
N LYS H 205 -16.68 40.88 63.48
CA LYS H 205 -16.35 41.64 62.30
C LYS H 205 -14.83 41.56 62.06
N ASN H 206 -14.01 41.61 63.13
CA ASN H 206 -12.56 41.54 62.96
C ASN H 206 -11.95 40.15 63.25
N VAL H 207 -12.74 39.18 63.72
CA VAL H 207 -12.22 37.84 63.98
C VAL H 207 -12.46 36.87 62.77
N SER H 208 -11.46 36.01 62.49
CA SER H 208 -11.51 34.99 61.47
C SER H 208 -10.92 33.69 62.01
N ILE H 209 -11.61 32.57 61.78
CA ILE H 209 -11.18 31.27 62.28
C ILE H 209 -11.10 30.24 61.13
N GLY H 210 -10.13 29.35 61.20
CA GLY H 210 -9.96 28.26 60.25
C GLY H 210 -9.72 26.98 61.02
N ILE H 211 -10.53 25.93 60.77
CA ILE H 211 -10.37 24.66 61.49
C ILE H 211 -10.23 23.45 60.55
N VAL H 212 -9.25 22.57 60.83
CA VAL H 212 -9.01 21.30 60.14
C VAL H 212 -8.68 20.23 61.20
N GLY H 213 -9.18 19.01 61.03
CA GLY H 213 -8.92 17.94 61.97
C GLY H 213 -9.39 16.57 61.54
N LYS H 214 -9.37 15.61 62.49
CA LYS H 214 -9.74 14.20 62.31
C LYS H 214 -10.97 13.97 61.43
N ASP H 215 -12.13 14.63 61.71
CA ASP H 215 -13.30 14.45 60.83
C ASP H 215 -13.66 15.70 59.99
N LEU H 216 -13.13 16.87 60.36
CA LEU H 216 -13.45 18.11 59.67
C LEU H 216 -12.44 18.52 58.61
N GLU H 217 -12.91 18.81 57.39
CA GLU H 217 -12.07 19.34 56.31
C GLU H 217 -11.79 20.80 56.63
N PHE H 218 -10.74 21.41 56.05
CA PHE H 218 -10.45 22.82 56.36
C PHE H 218 -11.66 23.76 56.08
N THR H 219 -12.20 24.35 57.17
CA THR H 219 -13.37 25.23 57.11
C THR H 219 -13.03 26.63 57.64
N ILE H 220 -13.51 27.68 56.96
CA ILE H 220 -13.28 29.07 57.40
C ILE H 220 -14.58 29.72 57.92
N TYR H 221 -14.55 30.15 59.19
CA TYR H 221 -15.64 30.83 59.89
C TYR H 221 -15.30 32.30 59.92
N ASP H 222 -16.25 33.20 59.54
CA ASP H 222 -15.90 34.62 59.49
C ASP H 222 -16.73 35.63 60.31
N ASP H 223 -18.07 35.65 60.19
CA ASP H 223 -18.83 36.67 60.92
C ASP H 223 -19.86 36.02 61.89
N ASP H 224 -21.09 35.67 61.43
CA ASP H 224 -22.05 35.01 62.35
C ASP H 224 -21.66 33.56 62.65
N ASP H 225 -20.85 32.93 61.74
CA ASP H 225 -20.28 31.59 61.88
C ASP H 225 -19.18 31.56 62.98
N VAL H 226 -18.59 32.73 63.29
CA VAL H 226 -17.59 32.95 64.32
C VAL H 226 -18.27 33.12 65.71
N SER H 227 -19.48 33.70 65.75
CA SER H 227 -20.26 33.97 66.96
C SER H 227 -20.27 32.81 67.98
N PRO H 228 -20.58 31.54 67.63
CA PRO H 228 -20.56 30.48 68.67
C PRO H 228 -19.26 30.39 69.47
N PHE H 229 -18.10 30.62 68.85
CA PHE H 229 -16.82 30.55 69.56
C PHE H 229 -16.60 31.75 70.48
N LEU H 230 -16.88 32.97 69.98
CA LEU H 230 -16.72 34.17 70.79
C LEU H 230 -17.67 34.17 72.01
N GLU H 231 -18.80 33.44 71.95
CA GLU H 231 -19.77 33.37 73.04
C GLU H 231 -19.28 32.69 74.32
N GLY H 232 -18.03 32.26 74.37
CA GLY H 232 -17.47 31.61 75.54
C GLY H 232 -16.47 32.49 76.28
N LEU H 233 -15.87 33.46 75.56
CA LEU H 233 -14.90 34.39 76.11
C LEU H 233 -15.51 35.20 77.23
N GLU H 234 -14.72 35.44 78.26
CA GLU H 234 -15.19 35.96 79.54
C GLU H 234 -14.42 37.07 80.25
N GLU H 235 -13.21 37.45 79.80
CA GLU H 235 -12.38 38.38 80.64
C GLU H 235 -11.32 39.20 79.85
N ARG H 236 -10.62 40.09 80.57
CA ARG H 236 -9.57 41.02 80.13
C ARG H 236 -9.48 41.21 78.60
N ILE I 2 37.15 44.77 53.84
CA ILE I 2 37.63 46.01 53.22
C ILE I 2 36.50 46.68 52.43
N GLY I 3 35.78 47.58 53.12
CA GLY I 3 34.63 48.29 52.57
C GLY I 3 34.92 49.37 51.56
N THR I 4 35.38 48.97 50.34
CA THR I 4 35.69 49.91 49.25
C THR I 4 35.22 49.35 47.88
N GLY I 5 34.10 48.65 47.88
CA GLY I 5 33.56 48.06 46.67
C GLY I 5 34.15 46.69 46.36
N TYR I 6 35.40 46.45 46.80
CA TYR I 6 36.08 45.18 46.57
C TYR I 6 35.42 43.96 47.24
N ASP I 7 34.41 44.20 48.10
CA ASP I 7 33.72 43.17 48.86
C ASP I 7 32.23 43.02 48.55
N LEU I 8 31.73 43.53 47.40
CA LEU I 8 30.28 43.44 47.09
C LEU I 8 29.89 42.33 46.11
N SER I 9 30.87 41.76 45.39
CA SER I 9 30.65 40.74 44.38
C SER I 9 31.61 39.58 44.50
N ALA I 10 31.16 38.38 44.13
CA ALA I 10 32.05 37.22 44.12
C ALA I 10 32.89 37.19 42.78
N SER I 11 32.56 38.03 41.78
CA SER I 11 33.36 38.13 40.56
C SER I 11 34.41 39.26 40.68
N THR I 12 34.73 39.69 41.92
CA THR I 12 35.68 40.76 42.22
C THR I 12 36.67 40.35 43.28
N PHE I 13 37.96 40.37 42.94
CA PHE I 13 39.06 40.13 43.87
C PHE I 13 39.42 41.47 44.51
N SER I 14 39.88 41.43 45.75
CA SER I 14 40.36 42.62 46.43
C SER I 14 41.86 42.77 46.06
N PRO I 15 42.46 43.96 46.27
CA PRO I 15 43.87 44.13 45.89
C PRO I 15 44.84 43.12 46.52
N ASP I 16 44.51 42.57 47.70
CA ASP I 16 45.38 41.56 48.32
C ASP I 16 45.06 40.10 47.86
N GLY I 17 44.26 39.95 46.79
CA GLY I 17 43.90 38.67 46.20
C GLY I 17 42.84 37.89 46.96
N ARG I 18 41.86 38.57 47.56
CA ARG I 18 40.81 37.88 48.32
C ARG I 18 39.42 38.04 47.73
N VAL I 19 38.52 37.09 48.02
CA VAL I 19 37.14 37.19 47.57
C VAL I 19 36.34 37.34 48.85
N PHE I 20 36.04 38.59 49.21
CA PHE I 20 35.37 38.89 50.47
C PHE I 20 33.95 38.37 50.56
N GLN I 21 33.21 38.25 49.44
CA GLN I 21 31.85 37.70 49.47
C GLN I 21 31.81 36.27 50.02
N VAL I 22 32.86 35.48 49.74
CA VAL I 22 32.99 34.12 50.24
C VAL I 22 33.34 34.14 51.73
N GLU I 23 34.24 35.07 52.14
CA GLU I 23 34.66 35.26 53.53
C GLU I 23 33.50 35.70 54.43
N TYR I 24 32.63 36.60 53.92
CA TYR I 24 31.43 37.04 54.62
C TYR I 24 30.42 35.90 54.69
N ALA I 25 30.36 35.03 53.67
CA ALA I 25 29.49 33.86 53.69
C ALA I 25 30.03 32.84 54.74
N MET I 26 31.36 32.73 54.88
CA MET I 26 31.97 31.85 55.87
C MET I 26 31.62 32.31 57.27
N LYS I 27 31.47 33.65 57.47
CA LYS I 27 31.10 34.29 58.74
C LYS I 27 29.69 33.91 59.16
N ALA I 28 28.78 33.61 58.21
CA ALA I 28 27.42 33.20 58.54
C ALA I 28 27.40 31.81 59.22
N VAL I 29 28.37 30.94 58.88
CA VAL I 29 28.52 29.61 59.46
C VAL I 29 29.10 29.76 60.87
N GLU I 30 30.17 30.58 61.01
CA GLU I 30 30.83 30.82 62.29
C GLU I 30 29.90 31.39 63.33
N ASN I 31 28.93 32.19 62.90
CA ASN I 31 27.93 32.74 63.81
C ASN I 31 26.92 31.68 64.28
N SER I 32 26.72 30.63 63.49
CA SER I 32 25.78 29.54 63.78
C SER I 32 26.29 28.53 64.83
N SER I 33 25.35 27.72 65.35
CA SER I 33 25.51 26.65 66.33
C SER I 33 26.49 25.57 65.86
N THR I 34 27.19 24.92 66.80
CA THR I 34 28.20 23.91 66.46
C THR I 34 27.65 22.52 66.09
N ALA I 35 28.23 21.94 65.01
CA ALA I 35 27.97 20.59 64.50
C ALA I 35 29.31 19.85 64.47
N ILE I 36 29.33 18.59 64.94
CA ILE I 36 30.55 17.79 64.97
C ILE I 36 30.32 16.42 64.34
N GLY I 37 31.38 15.85 63.79
CA GLY I 37 31.34 14.53 63.16
C GLY I 37 32.63 13.78 63.42
N ILE I 38 32.53 12.50 63.80
CA ILE I 38 33.73 11.71 64.13
C ILE I 38 33.76 10.39 63.34
N ARG I 39 34.91 10.09 62.73
CA ARG I 39 35.11 8.86 61.98
C ARG I 39 35.85 7.86 62.86
N CYS I 40 35.27 6.68 63.06
CA CYS I 40 35.90 5.64 63.90
C CYS I 40 36.11 4.29 63.15
N LYS I 41 36.72 3.29 63.82
CA LYS I 41 37.04 1.98 63.28
C LYS I 41 35.91 1.32 62.47
N ASP I 42 34.62 1.50 62.85
CA ASP I 42 33.52 0.86 62.11
C ASP I 42 32.37 1.77 61.64
N GLY I 43 32.65 3.05 61.40
CA GLY I 43 31.63 3.98 60.94
C GLY I 43 31.90 5.45 61.19
N VAL I 44 30.86 6.28 60.98
CA VAL I 44 30.89 7.75 61.15
C VAL I 44 29.70 8.17 62.01
N VAL I 45 29.91 9.12 62.95
CA VAL I 45 28.84 9.56 63.84
C VAL I 45 28.69 11.10 63.81
N PHE I 46 27.46 11.61 63.70
CA PHE I 46 27.17 13.05 63.72
C PHE I 46 26.43 13.49 64.99
N GLY I 47 26.78 14.68 65.47
CA GLY I 47 26.12 15.31 66.61
C GLY I 47 25.97 16.81 66.41
N VAL I 48 24.78 17.35 66.71
CA VAL I 48 24.53 18.79 66.50
C VAL I 48 23.91 19.46 67.72
N GLU I 49 24.48 20.60 68.11
CA GLU I 49 23.96 21.46 69.17
C GLU I 49 22.82 22.25 68.50
N LYS I 50 21.58 21.77 68.59
CA LYS I 50 20.45 22.44 67.94
C LYS I 50 19.78 23.33 68.96
N LEU I 51 20.18 24.62 69.01
CA LEU I 51 19.63 25.57 69.98
C LEU I 51 18.10 25.71 69.84
N VAL I 52 17.38 25.69 71.00
CA VAL I 52 15.93 25.83 71.10
C VAL I 52 15.58 27.32 71.10
N LEU I 53 15.21 27.87 69.92
CA LEU I 53 14.87 29.29 69.78
C LEU I 53 13.56 29.63 70.53
N SER I 54 12.61 28.68 70.57
CA SER I 54 11.35 28.91 71.26
C SER I 54 10.79 27.63 71.86
N LYS I 55 10.22 27.73 73.07
CA LYS I 55 9.56 26.59 73.69
C LYS I 55 8.35 26.10 72.82
N LEU I 56 7.81 26.99 71.97
CA LEU I 56 6.69 26.77 71.06
C LEU I 56 6.99 25.75 69.95
N TYR I 57 8.25 25.66 69.52
CA TYR I 57 8.61 24.72 68.45
C TYR I 57 8.51 23.27 68.89
N GLU I 58 8.29 22.37 67.93
CA GLU I 58 8.16 20.94 68.18
C GLU I 58 9.51 20.29 68.43
N GLU I 59 9.52 19.14 69.13
CA GLU I 59 10.78 18.41 69.34
C GLU I 59 11.11 17.78 68.02
N GLY I 60 12.23 18.19 67.44
CA GLY I 60 12.62 17.69 66.13
C GLY I 60 12.37 18.68 65.01
N SER I 61 12.05 19.94 65.34
CA SER I 61 11.86 20.99 64.33
C SER I 61 13.25 21.48 63.91
N ASN I 62 13.41 21.89 62.63
CA ASN I 62 14.69 22.36 62.06
C ASN I 62 15.78 21.27 62.15
N LYS I 63 15.49 20.04 61.71
CA LYS I 63 16.50 18.97 61.76
C LYS I 63 17.78 19.36 60.96
N ARG I 64 18.90 19.63 61.63
CA ARG I 64 20.19 19.97 60.99
C ARG I 64 20.97 18.72 60.49
N LEU I 65 20.36 17.55 60.55
CA LEU I 65 20.92 16.29 60.09
C LEU I 65 19.96 15.76 58.98
N PHE I 66 20.51 15.33 57.83
CA PHE I 66 19.67 14.89 56.72
C PHE I 66 20.16 13.60 56.11
N ASN I 67 19.27 12.86 55.44
CA ASN I 67 19.70 11.68 54.70
C ASN I 67 19.83 12.17 53.28
N VAL I 68 21.06 12.25 52.77
CA VAL I 68 21.35 12.67 51.39
C VAL I 68 21.20 11.48 50.40
N ASP I 69 21.45 10.25 50.89
CA ASP I 69 21.24 8.97 50.22
C ASP I 69 21.02 7.89 51.33
N ARG I 70 20.58 6.67 50.96
CA ARG I 70 20.39 5.62 51.97
C ARG I 70 21.67 5.33 52.80
N HIS I 71 22.85 5.52 52.20
CA HIS I 71 24.12 5.33 52.90
C HIS I 71 24.85 6.63 53.29
N VAL I 72 24.32 7.80 52.89
CA VAL I 72 25.01 9.05 53.14
C VAL I 72 24.20 9.95 54.03
N GLY I 73 24.88 10.60 54.99
CA GLY I 73 24.29 11.55 55.92
C GLY I 73 24.93 12.92 55.83
N MET I 74 24.19 13.97 56.20
CA MET I 74 24.69 15.34 56.11
C MET I 74 24.43 16.10 57.38
N ALA I 75 25.47 16.72 57.93
CA ALA I 75 25.40 17.55 59.14
C ALA I 75 25.66 19.00 58.72
N VAL I 76 24.75 19.95 59.04
CA VAL I 76 24.85 21.35 58.60
C VAL I 76 25.06 22.36 59.73
N ALA I 77 25.59 23.54 59.38
CA ALA I 77 25.88 24.67 60.25
C ALA I 77 25.90 25.89 59.32
N GLY I 78 25.05 26.87 59.60
CA GLY I 78 24.96 28.06 58.77
C GLY I 78 23.54 28.45 58.47
N LEU I 79 23.32 29.15 57.36
CA LEU I 79 21.99 29.60 56.94
C LEU I 79 21.16 28.39 56.45
N LEU I 80 20.26 27.86 57.30
CA LEU I 80 19.45 26.64 57.08
C LEU I 80 18.78 26.49 55.71
N ALA I 81 18.20 27.57 55.12
CA ALA I 81 17.58 27.44 53.81
C ALA I 81 18.63 27.13 52.71
N ASP I 82 19.87 27.65 52.87
CA ASP I 82 20.98 27.37 51.96
C ASP I 82 21.37 25.92 52.18
N ALA I 83 21.56 25.51 53.46
CA ALA I 83 21.91 24.15 53.88
C ALA I 83 20.94 23.08 53.33
N ARG I 84 19.63 23.36 53.38
CA ARG I 84 18.61 22.45 52.85
C ARG I 84 18.60 22.40 51.33
N SER I 85 18.95 23.53 50.68
CA SER I 85 19.06 23.59 49.22
C SER I 85 20.27 22.76 48.78
N LEU I 86 21.33 22.71 49.58
CA LEU I 86 22.50 21.90 49.28
C LEU I 86 22.17 20.42 49.50
N ALA I 87 21.31 20.09 50.46
CA ALA I 87 20.88 18.73 50.72
C ALA I 87 20.13 18.16 49.49
N ASP I 88 19.29 18.98 48.85
CA ASP I 88 18.55 18.61 47.65
C ASP I 88 19.51 18.42 46.46
N ILE I 89 20.55 19.26 46.33
CA ILE I 89 21.55 19.11 45.28
C ILE I 89 22.28 17.78 45.50
N ALA I 90 22.85 17.58 46.71
CA ALA I 90 23.54 16.36 47.11
C ALA I 90 22.72 15.13 46.86
N ARG I 91 21.40 15.16 47.19
CA ARG I 91 20.44 14.07 46.97
C ARG I 91 20.34 13.74 45.51
N GLU I 92 20.13 14.74 44.66
CA GLU I 92 20.01 14.56 43.22
C GLU I 92 21.31 14.06 42.60
N GLU I 93 22.43 14.47 43.14
CA GLU I 93 23.73 14.01 42.67
C GLU I 93 23.88 12.49 42.94
N ALA I 94 23.47 12.03 44.11
CA ALA I 94 23.54 10.62 44.47
C ALA I 94 22.56 9.79 43.59
N SER I 95 21.36 10.34 43.39
CA SER I 95 20.29 9.77 42.56
C SER I 95 20.76 9.63 41.12
N ASN I 96 21.47 10.63 40.60
CA ASN I 96 21.96 10.60 39.23
C ASN I 96 23.11 9.61 39.05
N PHE I 97 23.91 9.34 40.11
CA PHE I 97 24.98 8.35 40.00
C PHE I 97 24.39 6.93 39.81
N ARG I 98 23.38 6.57 40.60
CA ARG I 98 22.75 5.26 40.50
C ARG I 98 22.08 5.07 39.14
N SER I 99 21.43 6.11 38.62
CA SER I 99 20.80 6.05 37.30
C SER I 99 21.85 5.90 36.18
N ASN I 100 23.06 6.38 36.40
CA ASN I 100 24.12 6.31 35.41
C ASN I 100 24.96 5.04 35.46
N PHE I 101 25.29 4.58 36.67
CA PHE I 101 26.23 3.48 36.88
C PHE I 101 25.67 2.26 37.61
N GLY I 102 24.44 2.34 38.12
CA GLY I 102 23.76 1.21 38.74
C GLY I 102 24.21 0.78 40.13
N TYR I 103 24.87 1.66 40.87
CA TYR I 103 25.31 1.35 42.25
C TYR I 103 25.42 2.62 43.10
N ASN I 104 25.53 2.48 44.43
CA ASN I 104 25.60 3.64 45.35
C ASN I 104 26.80 4.58 45.11
N ILE I 105 26.54 5.88 45.03
CA ILE I 105 27.59 6.86 44.83
C ILE I 105 28.67 6.81 45.92
N PRO I 106 29.94 6.64 45.50
CA PRO I 106 31.04 6.64 46.49
C PRO I 106 31.13 8.01 47.18
N LEU I 107 31.29 8.05 48.53
CA LEU I 107 31.29 9.31 49.30
C LEU I 107 32.26 10.38 48.80
N LYS I 108 33.56 10.05 48.54
CA LYS I 108 34.47 11.09 48.00
C LYS I 108 33.93 11.68 46.69
N HIS I 109 33.39 10.83 45.81
CA HIS I 109 32.79 11.32 44.57
C HIS I 109 31.63 12.28 44.81
N LEU I 110 30.68 11.93 45.70
CA LEU I 110 29.58 12.84 46.04
C LEU I 110 30.10 14.17 46.60
N ALA I 111 31.07 14.10 47.54
CA ALA I 111 31.71 15.28 48.12
C ALA I 111 32.30 16.17 47.03
N ASP I 112 32.98 15.58 46.04
CA ASP I 112 33.59 16.27 44.91
C ASP I 112 32.55 16.95 44.04
N ARG I 113 31.50 16.23 43.66
CA ARG I 113 30.44 16.78 42.82
C ARG I 113 29.72 17.96 43.48
N VAL I 114 29.24 17.79 44.74
CA VAL I 114 28.53 18.83 45.48
C VAL I 114 29.42 20.02 45.79
N ALA I 115 30.71 19.78 46.10
CA ALA I 115 31.66 20.87 46.37
C ALA I 115 31.86 21.77 45.17
N MET I 116 31.64 21.27 43.94
CA MET I 116 31.80 22.07 42.74
C MET I 116 30.52 22.85 42.39
N TYR I 117 29.33 22.39 42.86
CA TYR I 117 28.09 23.19 42.73
C TYR I 117 28.27 24.38 43.71
N VAL I 118 28.85 24.14 44.93
CA VAL I 118 29.17 25.17 45.89
C VAL I 118 30.18 26.14 45.27
N HIS I 119 31.31 25.64 44.73
CA HIS I 119 32.35 26.45 44.11
C HIS I 119 31.79 27.40 43.05
N ALA I 120 30.88 26.91 42.24
CA ALA I 120 30.25 27.64 41.16
C ALA I 120 29.61 28.93 41.62
N TYR I 121 29.06 28.94 42.83
CA TYR I 121 28.43 30.16 43.37
C TYR I 121 29.45 31.18 43.94
N THR I 122 30.77 30.90 43.83
CA THR I 122 31.86 31.76 44.31
C THR I 122 32.61 32.44 43.16
N LEU I 123 31.98 32.59 41.96
CA LEU I 123 32.66 33.18 40.79
C LEU I 123 31.92 34.35 40.13
N TYR I 124 30.68 34.64 40.52
CA TYR I 124 29.87 35.58 39.76
C TYR I 124 29.16 36.66 40.55
N SER I 125 28.88 37.79 39.88
CA SER I 125 28.07 38.84 40.46
C SER I 125 26.59 38.41 40.47
N ALA I 126 26.18 37.58 39.49
CA ALA I 126 24.83 37.05 39.29
C ALA I 126 24.31 36.21 40.43
N VAL I 127 25.18 35.49 41.15
CA VAL I 127 24.73 34.63 42.25
C VAL I 127 25.54 34.90 43.56
N ARG I 128 25.06 34.38 44.68
CA ARG I 128 25.62 34.57 46.01
C ARG I 128 26.22 33.26 46.52
N PRO I 129 27.39 33.25 47.15
CA PRO I 129 27.90 32.00 47.74
C PRO I 129 26.94 31.41 48.80
N PHE I 130 27.02 30.10 49.06
CA PHE I 130 26.17 29.51 50.10
C PHE I 130 26.75 29.87 51.45
N GLY I 131 25.91 30.34 52.36
CA GLY I 131 26.34 30.68 53.71
C GLY I 131 26.22 29.42 54.56
N CYS I 132 26.97 28.37 54.15
CA CYS I 132 26.84 27.09 54.80
C CYS I 132 28.10 26.23 54.66
N SER I 133 28.35 25.43 55.70
CA SER I 133 29.36 24.39 55.73
C SER I 133 28.65 23.11 56.15
N PHE I 134 29.08 21.98 55.60
CA PHE I 134 28.42 20.71 55.89
C PHE I 134 29.35 19.52 55.81
N MET I 135 28.95 18.45 56.48
CA MET I 135 29.73 17.24 56.52
C MET I 135 28.96 16.09 55.88
N LEU I 136 29.67 15.16 55.20
CA LEU I 136 29.04 13.98 54.63
C LEU I 136 29.69 12.73 55.23
N GLY I 137 28.87 11.82 55.74
CA GLY I 137 29.37 10.59 56.34
C GLY I 137 28.85 9.37 55.63
N SER I 138 29.67 8.32 55.54
CA SER I 138 29.27 7.08 54.88
C SER I 138 30.08 5.88 55.35
N TYR I 139 29.52 4.68 55.19
CA TYR I 139 30.21 3.45 55.52
C TYR I 139 29.80 2.33 54.60
N SER I 140 30.77 1.62 54.06
CA SER I 140 30.56 0.43 53.26
C SER I 140 31.74 -0.52 53.53
N VAL I 141 31.63 -1.81 53.17
CA VAL I 141 32.75 -2.74 53.43
C VAL I 141 33.90 -2.36 52.49
N ASN I 142 33.60 -2.15 51.21
CA ASN I 142 34.57 -1.79 50.19
C ASN I 142 35.31 -0.47 50.45
N ASP I 143 34.57 0.61 50.76
CA ASP I 143 35.21 1.92 50.97
C ASP I 143 35.60 2.23 52.40
N GLY I 144 34.98 1.56 53.35
CA GLY I 144 35.22 1.77 54.78
C GLY I 144 34.45 2.95 55.31
N ALA I 145 34.88 3.48 56.47
CA ALA I 145 34.22 4.65 57.04
C ALA I 145 34.79 5.93 56.39
N GLN I 146 33.93 6.88 55.98
CA GLN I 146 34.38 8.09 55.32
C GLN I 146 33.65 9.33 55.79
N LEU I 147 34.41 10.36 56.19
CA LEU I 147 33.83 11.62 56.64
C LEU I 147 34.49 12.75 55.83
N TYR I 148 33.69 13.60 55.18
CA TYR I 148 34.17 14.73 54.39
C TYR I 148 33.49 16.03 54.85
N MET I 149 34.13 17.18 54.60
CA MET I 149 33.52 18.46 54.92
C MET I 149 33.77 19.46 53.78
N ILE I 150 32.72 20.23 53.42
CA ILE I 150 32.73 21.26 52.38
C ILE I 150 32.44 22.64 53.01
N ASP I 151 33.17 23.71 52.62
CA ASP I 151 32.90 25.05 53.16
C ASP I 151 32.30 26.01 52.11
N PRO I 152 31.86 27.25 52.44
CA PRO I 152 31.28 28.13 51.40
C PRO I 152 32.16 28.38 50.17
N SER I 153 33.48 28.21 50.30
CA SER I 153 34.40 28.40 49.18
C SER I 153 34.36 27.27 48.14
N GLY I 154 33.87 26.09 48.53
CA GLY I 154 33.79 24.94 47.64
C GLY I 154 34.90 23.92 47.84
N VAL I 155 35.67 24.05 48.96
CA VAL I 155 36.80 23.19 49.33
C VAL I 155 36.24 21.92 50.00
N SER I 156 36.73 20.74 49.62
CA SER I 156 36.28 19.47 50.16
C SER I 156 37.47 18.67 50.68
N TYR I 157 37.52 18.36 51.98
CA TYR I 157 38.61 17.55 52.53
C TYR I 157 38.08 16.34 53.30
N GLY I 158 38.89 15.29 53.39
CA GLY I 158 38.50 14.09 54.13
C GLY I 158 38.99 14.21 55.55
N TYR I 159 38.14 13.81 56.53
CA TYR I 159 38.43 13.94 57.97
C TYR I 159 38.26 12.69 58.84
N TRP I 160 39.09 12.60 59.87
CA TRP I 160 39.02 11.62 60.96
C TRP I 160 38.12 12.16 62.10
N GLY I 161 38.12 13.48 62.26
CA GLY I 161 37.31 14.25 63.18
C GLY I 161 37.06 15.63 62.59
N CYS I 162 35.88 16.21 62.80
CA CYS I 162 35.57 17.53 62.22
C CYS I 162 34.51 18.29 63.03
N ALA I 163 34.64 19.64 63.09
CA ALA I 163 33.68 20.50 63.78
C ALA I 163 33.49 21.78 62.98
N ILE I 164 32.25 22.29 62.98
CA ILE I 164 31.90 23.50 62.23
C ILE I 164 30.96 24.39 63.08
N GLY I 165 31.12 25.70 63.04
CA GLY I 165 30.25 26.61 63.79
C GLY I 165 30.97 27.44 64.83
N LYS I 166 30.23 28.03 65.80
CA LYS I 166 30.77 28.88 66.89
C LYS I 166 32.02 28.26 67.53
N ALA I 167 31.86 27.05 68.10
CA ALA I 167 32.86 26.32 68.85
C ALA I 167 33.68 25.32 68.04
N ARG I 168 33.86 25.57 66.73
CA ARG I 168 34.67 24.72 65.83
C ARG I 168 36.07 24.41 66.44
N GLN I 169 36.83 25.44 66.90
CA GLN I 169 38.17 25.23 67.48
C GLN I 169 38.13 24.53 68.84
N ALA I 170 37.18 24.92 69.71
CA ALA I 170 37.07 24.30 71.03
C ALA I 170 36.71 22.81 70.92
N ALA I 171 35.80 22.48 70.00
CA ALA I 171 35.41 21.09 69.79
C ALA I 171 36.58 20.29 69.21
N LYS I 172 37.39 20.90 68.34
CA LYS I 172 38.57 20.26 67.76
C LYS I 172 39.60 19.85 68.85
N THR I 173 39.89 20.72 69.85
CA THR I 173 40.85 20.33 70.89
C THR I 173 40.33 19.20 71.80
N GLU I 174 39.01 18.97 71.80
CA GLU I 174 38.37 17.90 72.57
C GLU I 174 38.28 16.60 71.74
N ILE I 175 38.00 16.69 70.42
CA ILE I 175 37.97 15.50 69.54
C ILE I 175 39.39 14.90 69.44
N GLU I 176 40.43 15.78 69.43
CA GLU I 176 41.85 15.41 69.40
C GLU I 176 42.25 14.50 70.59
N LYS I 177 41.54 14.60 71.72
CA LYS I 177 41.82 13.76 72.87
C LYS I 177 41.42 12.30 72.62
N LEU I 178 40.39 12.08 71.77
CA LEU I 178 39.89 10.74 71.44
C LEU I 178 40.79 9.98 70.47
N GLN I 179 40.90 8.67 70.67
CA GLN I 179 41.65 7.80 69.77
C GLN I 179 40.56 7.05 68.99
N MET I 180 39.89 7.78 68.07
CA MET I 180 38.76 7.30 67.28
C MET I 180 39.07 6.18 66.29
N LYS I 181 40.30 6.16 65.75
CA LYS I 181 40.74 5.13 64.79
C LYS I 181 40.58 3.69 65.32
N GLU I 182 40.44 3.53 66.65
CA GLU I 182 40.29 2.24 67.32
C GLU I 182 38.99 2.14 68.13
N MET I 183 37.98 2.98 67.86
CA MET I 183 36.74 2.96 68.63
C MET I 183 35.53 2.51 67.84
N THR I 184 34.45 2.10 68.53
CA THR I 184 33.18 1.68 67.88
C THR I 184 32.23 2.90 67.74
N CYS I 185 31.11 2.74 67.03
CA CYS I 185 30.11 3.80 66.94
C CYS I 185 29.30 3.90 68.23
N ARG I 186 29.11 2.77 68.94
CA ARG I 186 28.41 2.77 70.23
C ARG I 186 29.27 3.55 71.23
N ASP I 187 30.60 3.37 71.19
CA ASP I 187 31.53 4.06 72.08
C ASP I 187 31.64 5.55 71.72
N ILE I 188 31.77 5.82 70.41
CA ILE I 188 31.95 7.18 69.91
C ILE I 188 30.67 8.01 70.07
N VAL I 189 29.46 7.39 70.09
CA VAL I 189 28.22 8.16 70.31
C VAL I 189 28.29 8.91 71.67
N LYS I 190 28.63 8.20 72.76
CA LYS I 190 28.76 8.75 74.11
C LYS I 190 29.71 9.94 74.12
N GLU I 191 30.82 9.81 73.40
CA GLU I 191 31.82 10.86 73.29
C GLU I 191 31.34 12.08 72.51
N VAL I 192 30.63 11.89 71.38
CA VAL I 192 30.08 12.99 70.57
C VAL I 192 29.16 13.87 71.43
N ALA I 193 28.26 13.23 72.23
CA ALA I 193 27.37 13.93 73.12
C ALA I 193 28.18 14.73 74.16
N LYS I 194 29.18 14.08 74.81
CA LYS I 194 30.05 14.71 75.80
C LYS I 194 30.73 15.97 75.23
N ILE I 195 31.27 15.89 73.99
CA ILE I 195 31.94 17.02 73.32
C ILE I 195 30.96 18.16 73.03
N ILE I 196 29.71 17.85 72.58
CA ILE I 196 28.69 18.86 72.29
C ILE I 196 28.25 19.59 73.58
N TYR I 197 28.03 18.85 74.67
CA TYR I 197 27.66 19.47 75.95
C TYR I 197 28.80 20.37 76.50
N ILE I 198 30.07 19.95 76.34
CA ILE I 198 31.22 20.73 76.79
C ILE I 198 31.32 22.07 76.05
N VAL I 199 31.24 22.05 74.70
CA VAL I 199 31.38 23.28 73.92
C VAL I 199 30.11 24.19 73.91
N HIS I 200 28.98 23.69 74.46
CA HIS I 200 27.76 24.48 74.56
C HIS I 200 27.94 25.61 75.60
N ASP I 201 27.39 26.80 75.32
CA ASP I 201 27.47 27.97 76.22
C ASP I 201 26.12 28.16 76.91
N GLU I 202 25.95 27.65 78.14
CA GLU I 202 24.67 27.77 78.85
C GLU I 202 24.33 29.23 79.20
N VAL I 203 25.34 30.07 79.46
CA VAL I 203 25.11 31.48 79.77
C VAL I 203 24.63 32.29 78.54
N LYS I 204 25.46 32.40 77.48
CA LYS I 204 25.17 33.15 76.26
C LYS I 204 24.03 32.58 75.42
N ASP I 205 23.93 31.24 75.35
CA ASP I 205 22.87 30.60 74.58
C ASP I 205 21.75 30.12 75.50
N LYS I 206 20.57 29.90 74.92
CA LYS I 206 19.43 29.38 75.66
C LYS I 206 19.56 27.83 75.72
N ALA I 207 18.43 27.10 75.92
CA ALA I 207 18.42 25.65 75.94
C ALA I 207 18.75 25.09 74.55
N PHE I 208 19.27 23.86 74.52
CA PHE I 208 19.59 23.20 73.28
C PHE I 208 19.03 21.77 73.25
N GLU I 209 18.91 21.22 72.06
CA GLU I 209 18.46 19.87 71.84
C GLU I 209 19.59 19.17 71.07
N LEU I 210 19.95 17.96 71.49
CA LEU I 210 21.03 17.22 70.86
C LEU I 210 20.51 16.31 69.77
N GLU I 211 21.07 16.44 68.55
CA GLU I 211 20.72 15.61 67.41
C GLU I 211 21.86 14.65 67.20
N LEU I 212 21.59 13.35 67.17
CA LEU I 212 22.63 12.36 66.98
C LEU I 212 22.23 11.43 65.84
N SER I 213 23.12 11.23 64.85
CA SER I 213 22.91 10.30 63.73
C SER I 213 24.18 9.49 63.44
N TRP I 214 24.06 8.30 62.86
CA TRP I 214 25.22 7.46 62.58
C TRP I 214 25.04 6.47 61.40
N VAL I 215 26.15 6.16 60.71
CA VAL I 215 26.19 5.23 59.60
C VAL I 215 27.43 4.39 59.81
N GLY I 216 27.25 3.08 59.89
CA GLY I 216 28.35 2.16 60.13
C GLY I 216 27.99 0.71 59.95
N GLU I 217 28.89 -0.17 60.39
CA GLU I 217 28.69 -1.61 60.32
C GLU I 217 27.45 -2.02 61.14
N LEU I 218 27.24 -1.36 62.29
CA LEU I 218 26.12 -1.58 63.17
C LEU I 218 24.76 -1.33 62.49
N THR I 219 24.72 -0.40 61.51
CA THR I 219 23.50 -0.05 60.76
C THR I 219 23.43 -0.71 59.36
N ASN I 220 24.42 -1.54 59.00
CA ASN I 220 24.56 -2.18 57.71
C ASN I 220 24.79 -1.16 56.59
N GLY I 221 25.61 -0.14 56.90
CA GLY I 221 25.93 0.92 55.96
C GLY I 221 24.81 1.89 55.66
N ARG I 222 23.77 1.94 56.52
CA ARG I 222 22.64 2.84 56.28
C ARG I 222 22.66 4.02 57.24
N HIS I 223 22.44 5.25 56.72
CA HIS I 223 22.43 6.44 57.55
C HIS I 223 21.15 6.52 58.35
N GLU I 224 21.29 6.41 59.66
CA GLU I 224 20.14 6.40 60.56
C GLU I 224 20.27 7.42 61.65
N ILE I 225 19.14 7.74 62.29
CA ILE I 225 19.16 8.55 63.49
C ILE I 225 19.56 7.56 64.62
N VAL I 226 20.24 8.08 65.66
CA VAL I 226 20.61 7.24 66.81
C VAL I 226 19.31 6.98 67.57
N PRO I 227 18.92 5.70 67.75
CA PRO I 227 17.64 5.43 68.44
C PRO I 227 17.50 6.12 69.79
N LYS I 228 16.27 6.41 70.23
CA LYS I 228 15.96 7.09 71.50
C LYS I 228 16.70 6.43 72.67
N ASP I 229 16.70 5.07 72.71
CA ASP I 229 17.38 4.27 73.73
C ASP I 229 18.87 4.67 73.89
N ILE I 230 19.64 4.61 72.81
CA ILE I 230 21.07 4.93 72.83
C ILE I 230 21.32 6.42 73.09
N ARG I 231 20.45 7.30 72.57
CA ARG I 231 20.60 8.75 72.72
C ARG I 231 20.45 9.18 74.16
N GLU I 232 19.44 8.63 74.87
CA GLU I 232 19.22 8.94 76.28
C GLU I 232 20.44 8.51 77.10
N GLU I 233 21.01 7.34 76.80
CA GLU I 233 22.21 6.81 77.46
C GLU I 233 23.43 7.70 77.24
N ALA I 234 23.60 8.29 76.04
CA ALA I 234 24.72 9.18 75.72
C ALA I 234 24.56 10.55 76.35
N GLU I 235 23.32 11.05 76.43
CA GLU I 235 23.02 12.34 77.05
C GLU I 235 23.23 12.24 78.58
N LYS I 236 22.91 11.07 79.19
CA LYS I 236 23.08 10.82 80.62
C LYS I 236 24.56 10.86 80.97
N TYR I 237 25.40 10.22 80.15
CA TYR I 237 26.86 10.20 80.33
C TYR I 237 27.45 11.59 80.12
N ALA I 238 26.92 12.35 79.14
CA ALA I 238 27.40 13.69 78.83
C ALA I 238 27.18 14.65 80.01
N LYS I 239 25.99 14.59 80.62
CA LYS I 239 25.66 15.43 81.76
C LYS I 239 26.49 15.02 82.98
N GLU I 240 26.61 13.69 83.22
CA GLU I 240 27.38 13.12 84.34
C GLU I 240 28.87 13.41 84.25
N SER I 241 29.39 13.56 83.02
CA SER I 241 30.81 13.85 82.83
C SER I 241 31.09 15.33 83.14
N LEU I 242 30.14 16.24 82.80
CA LEU I 242 30.25 17.69 83.03
C LEU I 242 30.48 18.03 84.51
N LYS I 243 29.95 17.19 85.42
CA LYS I 243 30.10 17.34 86.87
C LYS I 243 31.34 16.57 87.37
N THR J 1 27.48 -12.45 12.65
CA THR J 1 28.38 -12.39 13.80
C THR J 1 28.03 -13.42 14.85
N THR J 2 29.01 -13.92 15.60
CA THR J 2 28.76 -14.79 16.72
C THR J 2 29.63 -14.29 17.82
N ILE J 3 29.06 -13.73 18.88
CA ILE J 3 29.84 -13.26 20.04
C ILE J 3 29.53 -14.16 21.28
N MET J 4 30.48 -14.26 22.22
CA MET J 4 30.30 -15.11 23.40
C MET J 4 31.19 -14.66 24.57
N ALA J 5 30.68 -14.73 25.81
CA ALA J 5 31.47 -14.41 27.00
C ALA J 5 31.23 -15.49 28.06
N VAL J 6 32.27 -15.89 28.83
CA VAL J 6 32.14 -16.89 29.89
C VAL J 6 32.86 -16.46 31.18
N GLU J 7 32.15 -16.48 32.33
CA GLU J 7 32.76 -16.14 33.62
C GLU J 7 33.52 -17.33 34.18
N PHE J 8 34.61 -17.06 34.85
CA PHE J 8 35.38 -18.09 35.57
C PHE J 8 35.87 -17.48 36.90
N ASP J 9 36.64 -18.25 37.72
CA ASP J 9 37.11 -17.77 39.00
C ASP J 9 37.79 -16.37 38.94
N GLY J 10 38.92 -16.26 38.26
CA GLY J 10 39.65 -15.00 38.20
C GLY J 10 39.30 -14.02 37.10
N GLY J 11 38.13 -14.15 36.45
CA GLY J 11 37.77 -13.23 35.38
C GLY J 11 36.83 -13.76 34.33
N VAL J 12 37.04 -13.31 33.07
CA VAL J 12 36.21 -13.68 31.91
C VAL J 12 37.06 -14.04 30.66
N VAL J 13 36.45 -14.78 29.71
CA VAL J 13 36.91 -15.13 28.39
C VAL J 13 35.82 -14.55 27.43
N MET J 14 36.21 -13.83 26.39
CA MET J 14 35.26 -13.30 25.41
C MET J 14 35.77 -13.71 24.05
N GLY J 15 34.86 -14.09 23.17
CA GLY J 15 35.22 -14.50 21.83
C GLY J 15 34.30 -13.91 20.79
N SER J 16 34.73 -13.91 19.53
CA SER J 16 33.93 -13.43 18.41
C SER J 16 34.48 -14.02 17.14
N ASP J 17 33.65 -14.10 16.08
CA ASP J 17 34.18 -14.50 14.76
C ASP J 17 34.89 -13.23 14.15
N SER J 18 35.10 -13.16 12.81
CA SER J 18 35.74 -11.99 12.24
C SER J 18 35.02 -11.41 11.00
N ARG J 19 33.86 -11.93 10.64
CA ARG J 19 33.14 -11.50 9.44
C ARG J 19 32.33 -10.21 9.55
N VAL J 20 32.58 -9.28 8.62
CA VAL J 20 31.79 -8.06 8.45
C VAL J 20 31.13 -8.22 7.08
N SER J 21 29.81 -8.28 7.00
CA SER J 21 29.13 -8.44 5.73
C SER J 21 28.26 -7.22 5.36
N ALA J 22 27.87 -7.15 4.08
CA ALA J 22 27.00 -6.14 3.50
C ALA J 22 26.16 -6.94 2.53
N GLY J 23 25.07 -7.49 3.03
CA GLY J 23 24.23 -8.38 2.24
C GLY J 23 24.94 -9.72 2.21
N GLU J 24 25.04 -10.36 1.01
CA GLU J 24 25.76 -11.63 0.83
C GLU J 24 27.26 -11.42 0.59
N ALA J 25 27.79 -10.20 0.78
CA ALA J 25 29.16 -9.84 0.48
C ALA J 25 30.00 -9.69 1.70
N VAL J 26 31.13 -10.39 1.80
CA VAL J 26 32.04 -10.22 2.94
C VAL J 26 32.89 -8.99 2.69
N VAL J 27 32.71 -7.94 3.48
CA VAL J 27 33.37 -6.63 3.40
C VAL J 27 34.74 -6.66 4.07
N ASN J 28 34.79 -7.28 5.25
CA ASN J 28 36.04 -7.49 6.01
C ASN J 28 36.01 -8.95 6.50
N ARG J 29 37.05 -9.74 6.23
CA ARG J 29 37.05 -11.12 6.69
C ARG J 29 37.90 -11.32 7.95
N VAL J 30 38.62 -10.28 8.44
CA VAL J 30 39.45 -10.39 9.65
C VAL J 30 39.16 -9.28 10.69
N PHE J 31 37.89 -8.96 10.98
CA PHE J 31 37.58 -7.95 11.97
C PHE J 31 37.64 -8.47 13.41
N ASP J 32 38.26 -7.73 14.32
CA ASP J 32 38.27 -8.09 15.74
C ASP J 32 37.08 -7.41 16.42
N LYS J 33 36.04 -8.17 16.81
CA LYS J 33 34.83 -7.56 17.42
C LYS J 33 34.93 -7.34 18.96
N LEU J 34 36.07 -7.70 19.56
CA LEU J 34 36.29 -7.52 20.99
C LEU J 34 37.00 -6.17 21.20
N SER J 35 36.20 -5.18 21.53
CA SER J 35 36.64 -3.82 21.71
C SER J 35 36.81 -3.46 23.21
N PRO J 36 38.00 -2.95 23.58
CA PRO J 36 38.20 -2.54 24.98
C PRO J 36 37.45 -1.28 25.38
N LEU J 37 36.77 -1.32 26.52
CA LEU J 37 36.07 -0.18 27.12
C LEU J 37 36.88 0.46 28.26
N HIS J 38 37.83 -0.30 28.84
CA HIS J 38 38.78 0.11 29.85
C HIS J 38 39.86 -0.99 30.00
N GLU J 39 40.94 -0.73 30.74
CA GLU J 39 41.98 -1.72 31.04
C GLU J 39 41.26 -2.72 31.96
N ARG J 40 41.03 -3.94 31.45
CA ARG J 40 40.28 -5.00 32.13
C ARG J 40 38.72 -4.98 31.88
N ILE J 41 38.19 -4.17 30.96
CA ILE J 41 36.76 -4.18 30.62
C ILE J 41 36.68 -4.13 29.14
N TYR J 42 35.97 -5.09 28.54
CA TYR J 42 35.81 -5.22 27.11
C TYR J 42 34.35 -5.39 26.74
N CYS J 43 34.03 -5.15 25.47
CA CYS J 43 32.71 -5.46 24.97
C CYS J 43 32.81 -6.19 23.64
N ALA J 44 31.85 -7.08 23.36
CA ALA J 44 31.79 -7.83 22.12
C ALA J 44 30.73 -7.17 21.28
N LEU J 45 31.09 -6.75 20.05
CA LEU J 45 30.18 -6.03 19.15
C LEU J 45 29.34 -6.91 18.19
N SER J 46 28.07 -6.56 17.99
CA SER J 46 27.19 -7.24 17.04
C SER J 46 26.11 -6.28 16.50
N GLY J 47 25.50 -6.63 15.36
CA GLY J 47 24.45 -5.84 14.75
C GLY J 47 25.02 -4.83 13.79
N SER J 48 24.37 -3.64 13.68
CA SER J 48 24.88 -2.59 12.82
C SER J 48 26.30 -2.19 13.20
N ALA J 49 27.24 -2.26 12.28
CA ALA J 49 28.63 -1.91 12.52
C ALA J 49 28.76 -0.45 12.99
N ALA J 50 28.05 0.48 12.32
CA ALA J 50 28.07 1.89 12.63
C ALA J 50 27.49 2.16 14.00
N ASP J 51 26.39 1.48 14.36
CA ASP J 51 25.77 1.68 15.66
C ASP J 51 26.65 1.09 16.76
N ALA J 52 27.23 -0.09 16.54
CA ALA J 52 28.04 -0.77 17.55
C ALA J 52 29.31 0.00 17.85
N GLN J 53 29.97 0.53 16.81
CA GLN J 53 31.19 1.29 16.99
C GLN J 53 30.86 2.59 17.68
N ALA J 54 29.78 3.30 17.26
CA ALA J 54 29.36 4.53 17.94
C ALA J 54 29.14 4.33 19.45
N VAL J 55 28.35 3.32 19.86
CA VAL J 55 28.08 3.03 21.26
C VAL J 55 29.39 2.70 22.00
N ALA J 56 30.29 1.94 21.38
CA ALA J 56 31.55 1.58 22.02
C ALA J 56 32.45 2.80 22.25
N ASP J 57 32.50 3.68 21.27
CA ASP J 57 33.28 4.92 21.35
C ASP J 57 32.78 5.80 22.47
N MET J 58 31.46 5.91 22.61
CA MET J 58 30.86 6.75 23.64
C MET J 58 31.03 6.12 25.05
N ALA J 59 30.81 4.81 25.17
CA ALA J 59 30.97 4.08 26.42
C ALA J 59 32.42 4.16 26.91
N ALA J 60 33.43 3.97 26.04
CA ALA J 60 34.84 4.06 26.44
C ALA J 60 35.20 5.48 26.93
N TYR J 61 34.61 6.50 26.32
CA TYR J 61 34.81 7.90 26.66
C TYR J 61 34.23 8.18 28.02
N GLN J 62 32.94 7.81 28.22
CA GLN J 62 32.25 8.00 29.49
C GLN J 62 32.95 7.26 30.60
N LEU J 63 33.46 6.06 30.32
CA LEU J 63 34.14 5.26 31.32
C LEU J 63 35.53 5.76 31.65
N GLU J 64 36.21 6.38 30.69
CA GLU J 64 37.53 6.94 30.92
C GLU J 64 37.46 8.08 31.91
N LEU J 65 36.52 9.01 31.69
CA LEU J 65 36.32 10.14 32.58
C LEU J 65 35.78 9.68 33.93
N HIS J 66 34.89 8.68 33.94
CA HIS J 66 34.35 8.12 35.18
C HIS J 66 35.46 7.53 36.05
N GLY J 67 36.36 6.77 35.42
CA GLY J 67 37.49 6.14 36.10
C GLY J 67 38.44 7.14 36.71
N ILE J 68 38.75 8.22 35.96
CA ILE J 68 39.66 9.25 36.46
C ILE J 68 39.04 10.06 37.61
N GLU J 69 37.70 10.18 37.66
CA GLU J 69 37.04 10.92 38.73
C GLU J 69 36.98 10.10 40.01
N LEU J 70 36.70 8.80 39.90
CA LEU J 70 36.68 7.94 41.08
C LEU J 70 38.09 7.54 41.55
N GLU J 71 39.17 7.91 40.80
CA GLU J 71 40.58 7.57 41.08
C GLU J 71 40.70 6.04 41.25
N GLU J 72 40.04 5.29 40.35
CA GLU J 72 39.91 3.85 40.44
C GLU J 72 39.48 3.26 39.08
N PRO J 73 39.78 1.98 38.79
CA PRO J 73 39.25 1.38 37.55
C PRO J 73 37.73 1.20 37.69
N PRO J 74 36.94 1.59 36.67
CA PRO J 74 35.48 1.48 36.78
C PRO J 74 35.01 0.07 37.06
N LEU J 75 33.89 -0.06 37.75
CA LEU J 75 33.34 -1.38 37.99
C LEU J 75 32.73 -1.92 36.70
N VAL J 76 32.77 -3.23 36.50
CA VAL J 76 32.16 -3.85 35.31
C VAL J 76 30.64 -3.61 35.30
N LEU J 77 30.02 -3.43 36.48
CA LEU J 77 28.59 -3.12 36.56
C LEU J 77 28.33 -1.72 36.02
N ALA J 78 29.26 -0.77 36.30
CA ALA J 78 29.18 0.61 35.84
C ALA J 78 29.35 0.63 34.33
N ALA J 79 30.33 -0.13 33.78
CA ALA J 79 30.51 -0.21 32.33
C ALA J 79 29.29 -0.83 31.66
N ALA J 80 28.67 -1.86 32.27
CA ALA J 80 27.45 -2.50 31.76
C ALA J 80 26.26 -1.54 31.77
N ASN J 81 26.16 -0.70 32.80
CA ASN J 81 25.09 0.28 32.90
C ASN J 81 25.29 1.38 31.89
N VAL J 82 26.54 1.82 31.69
CA VAL J 82 26.92 2.82 30.71
C VAL J 82 26.42 2.42 29.32
N VAL J 83 26.82 1.24 28.80
CA VAL J 83 26.40 0.70 27.48
C VAL J 83 24.86 0.56 27.39
N ARG J 84 24.28 -0.10 28.41
CA ARG J 84 22.87 -0.37 28.59
C ARG J 84 21.99 0.87 28.46
N ASN J 85 22.38 1.95 29.11
CA ASN J 85 21.63 3.20 29.08
C ASN J 85 21.59 3.77 27.67
N ILE J 86 22.71 3.73 26.94
CA ILE J 86 22.79 4.26 25.58
C ILE J 86 21.90 3.41 24.68
N SER J 87 22.05 2.07 24.76
CA SER J 87 21.25 1.11 24.02
C SER J 87 19.77 1.23 24.34
N TYR J 88 19.41 1.66 25.57
CA TYR J 88 18.01 1.78 25.97
C TYR J 88 17.41 3.10 25.52
N LYS J 89 18.09 4.21 25.80
CA LYS J 89 17.65 5.54 25.41
C LYS J 89 17.41 5.60 23.87
N TYR J 90 18.33 4.99 23.07
CA TYR J 90 18.24 4.99 21.62
C TYR J 90 17.80 3.65 21.00
N ARG J 91 17.04 2.81 21.71
CA ARG J 91 16.60 1.50 21.22
C ARG J 91 15.77 1.54 19.93
N GLU J 92 15.07 2.65 19.66
CA GLU J 92 14.30 2.76 18.42
C GLU J 92 15.19 3.08 17.21
N ASP J 93 16.35 3.74 17.45
CA ASP J 93 17.24 4.14 16.39
C ASP J 93 18.51 3.31 16.30
N LEU J 94 18.83 2.51 17.33
CA LEU J 94 20.02 1.65 17.30
C LEU J 94 19.66 0.21 16.98
N SER J 95 20.54 -0.49 16.26
CA SER J 95 20.30 -1.90 15.92
C SER J 95 21.57 -2.70 16.16
N ALA J 96 22.14 -2.54 17.33
CA ALA J 96 23.38 -3.19 17.72
C ALA J 96 23.24 -3.82 19.11
N HIS J 97 23.96 -4.93 19.38
CA HIS J 97 23.98 -5.54 20.71
C HIS J 97 25.43 -5.58 21.17
N LEU J 98 25.74 -4.90 22.28
CA LEU J 98 27.08 -4.86 22.81
C LEU J 98 27.14 -5.61 24.16
N MET J 99 27.58 -6.86 24.15
CA MET J 99 27.80 -7.68 25.36
C MET J 99 28.95 -7.04 26.15
N VAL J 100 28.85 -6.89 27.48
CA VAL J 100 29.93 -6.29 28.27
C VAL J 100 30.51 -7.26 29.32
N ALA J 101 31.80 -7.58 29.23
CA ALA J 101 32.45 -8.45 30.22
C ALA J 101 33.85 -7.93 30.63
N GLY J 102 34.35 -8.35 31.79
CA GLY J 102 35.64 -7.90 32.28
C GLY J 102 35.93 -8.28 33.72
N TRP J 103 36.84 -7.54 34.38
CA TRP J 103 37.21 -7.86 35.76
C TRP J 103 37.18 -6.62 36.75
N ASP J 104 36.93 -6.90 38.05
CA ASP J 104 36.83 -5.94 39.14
C ASP J 104 37.56 -6.41 40.37
N GLN J 105 38.00 -5.48 41.23
CA GLN J 105 38.56 -5.87 42.53
C GLN J 105 37.39 -6.39 43.41
N ARG J 106 36.23 -5.70 43.37
CA ARG J 106 34.99 -6.02 44.09
C ARG J 106 34.36 -7.36 43.66
N GLU J 107 33.70 -7.42 42.50
CA GLU J 107 32.99 -8.62 42.06
C GLU J 107 33.74 -9.51 41.07
N GLY J 108 35.05 -9.36 40.95
CA GLY J 108 35.86 -10.20 40.05
C GLY J 108 35.43 -10.24 38.61
N GLY J 109 35.35 -11.44 38.04
CA GLY J 109 34.98 -11.62 36.64
C GLY J 109 33.49 -11.72 36.40
N GLN J 110 32.95 -10.76 35.65
CA GLN J 110 31.50 -10.76 35.36
C GLN J 110 31.15 -10.57 33.85
N VAL J 111 30.06 -11.24 33.40
CA VAL J 111 29.54 -11.23 32.05
C VAL J 111 28.14 -10.58 32.05
N TYR J 112 27.93 -9.57 31.17
CA TYR J 112 26.65 -8.88 31.11
C TYR J 112 26.03 -8.83 29.71
N GLY J 113 24.70 -8.86 29.70
CA GLY J 113 23.88 -8.73 28.51
C GLY J 113 23.24 -7.36 28.49
N THR J 114 23.26 -6.73 27.32
CA THR J 114 22.73 -5.39 27.12
C THR J 114 21.60 -5.34 26.07
N LEU J 115 21.13 -6.50 25.57
CA LEU J 115 20.15 -6.61 24.51
C LEU J 115 18.94 -5.65 24.60
N GLY J 116 18.95 -4.64 23.74
CA GLY J 116 17.85 -3.68 23.63
C GLY J 116 17.62 -2.78 24.82
N GLY J 117 18.68 -2.53 25.56
CA GLY J 117 18.59 -1.69 26.74
C GLY J 117 18.33 -2.43 28.04
N MET J 118 18.36 -3.77 28.00
CA MET J 118 18.13 -4.54 29.23
C MET J 118 19.49 -4.80 29.90
N LEU J 119 19.49 -5.34 31.12
CA LEU J 119 20.74 -5.64 31.81
C LEU J 119 20.60 -6.93 32.55
N THR J 120 21.49 -7.86 32.28
CA THR J 120 21.41 -9.17 32.92
C THR J 120 22.79 -9.79 33.09
N ARG J 121 23.09 -10.31 34.30
CA ARG J 121 24.36 -10.99 34.54
C ARG J 121 24.19 -12.46 34.17
N GLN J 122 25.15 -13.01 33.44
CA GLN J 122 25.07 -14.38 32.98
C GLN J 122 26.33 -15.18 33.31
N PRO J 123 26.21 -16.46 33.66
CA PRO J 123 27.43 -17.27 33.89
C PRO J 123 28.28 -17.39 32.61
N PHE J 124 27.58 -17.37 31.46
CA PHE J 124 28.06 -17.32 30.10
C PHE J 124 26.92 -16.70 29.26
N ALA J 125 27.27 -16.10 28.12
CA ALA J 125 26.28 -15.47 27.24
C ALA J 125 26.73 -15.52 25.77
N ILE J 126 25.76 -15.57 24.84
CA ILE J 126 26.02 -15.58 23.39
C ILE J 126 25.19 -14.52 22.66
N GLY J 127 25.68 -14.07 21.53
CA GLY J 127 24.99 -13.05 20.75
C GLY J 127 25.32 -13.10 19.27
N GLY J 128 24.63 -12.25 18.51
CA GLY J 128 24.82 -12.18 17.07
C GLY J 128 24.00 -13.22 16.32
N SER J 129 23.89 -13.04 15.00
CA SER J 129 23.14 -13.91 14.12
C SER J 129 23.49 -15.39 14.27
N GLY J 130 24.76 -15.67 14.55
CA GLY J 130 25.25 -17.03 14.69
C GLY J 130 24.83 -17.73 15.94
N SER J 131 24.52 -16.97 17.00
CA SER J 131 24.10 -17.57 18.26
C SER J 131 22.83 -18.42 18.13
N THR J 132 21.96 -18.12 17.17
CA THR J 132 20.72 -18.86 16.98
C THR J 132 20.92 -20.36 16.81
N PHE J 133 22.02 -20.78 16.17
CA PHE J 133 22.28 -22.19 15.86
C PHE J 133 23.10 -22.96 16.90
N ILE J 134 23.58 -22.25 17.95
CA ILE J 134 24.37 -22.89 19.01
C ILE J 134 23.71 -22.85 20.37
N TYR J 135 22.42 -22.47 20.47
CA TYR J 135 21.73 -22.46 21.77
C TYR J 135 21.74 -23.87 22.37
N GLY J 136 21.26 -24.87 21.62
CA GLY J 136 21.26 -26.27 22.04
C GLY J 136 22.65 -26.79 22.38
N TYR J 137 23.68 -26.31 21.65
CA TYR J 137 25.05 -26.72 21.92
C TYR J 137 25.51 -26.15 23.24
N VAL J 138 25.44 -24.82 23.45
CA VAL J 138 25.90 -24.21 24.70
C VAL J 138 25.10 -24.75 25.90
N ASP J 139 23.83 -25.13 25.71
CA ASP J 139 22.98 -25.67 26.77
C ASP J 139 23.47 -27.06 27.18
N ALA J 140 23.99 -27.85 26.22
CA ALA J 140 24.50 -29.19 26.49
C ALA J 140 25.96 -29.16 26.98
N ALA J 141 26.81 -28.32 26.36
CA ALA J 141 28.24 -28.22 26.64
C ALA J 141 28.65 -27.44 27.89
N TYR J 142 27.85 -26.45 28.34
CA TYR J 142 28.23 -25.67 29.53
C TYR J 142 28.13 -26.45 30.82
N LYS J 143 29.19 -26.40 31.63
CA LYS J 143 29.28 -27.03 32.94
C LYS J 143 29.91 -25.99 33.86
N PRO J 144 29.42 -25.82 35.09
CA PRO J 144 30.02 -24.80 35.97
C PRO J 144 31.40 -25.20 36.49
N GLY J 145 32.17 -24.22 36.94
CA GLY J 145 33.50 -24.47 37.47
C GLY J 145 34.58 -24.67 36.42
N MET J 146 34.35 -24.17 35.20
CA MET J 146 35.32 -24.29 34.11
C MET J 146 36.56 -23.40 34.32
N SER J 147 37.73 -23.97 34.06
CA SER J 147 39.00 -23.27 34.11
C SER J 147 39.08 -22.25 32.97
N PRO J 148 40.03 -21.27 32.99
CA PRO J 148 40.15 -20.34 31.86
C PRO J 148 40.41 -21.06 30.54
N GLU J 149 41.21 -22.16 30.55
CA GLU J 149 41.46 -22.95 29.34
C GLU J 149 40.19 -23.64 28.86
N GLU J 150 39.44 -24.25 29.79
CA GLU J 150 38.18 -24.90 29.46
C GLU J 150 37.18 -23.88 28.87
N CYS J 151 37.19 -22.61 29.38
CA CYS J 151 36.35 -21.51 28.90
C CYS J 151 36.71 -21.13 27.48
N ARG J 152 38.04 -21.06 27.18
CA ARG J 152 38.53 -20.75 25.84
C ARG J 152 38.13 -21.86 24.86
N ARG J 153 38.15 -23.13 25.32
CA ARG J 153 37.78 -24.28 24.50
C ARG J 153 36.29 -24.31 24.27
N PHE J 154 35.49 -23.97 25.28
CA PHE J 154 34.04 -23.88 25.14
C PHE J 154 33.69 -22.75 24.16
N THR J 155 34.37 -21.60 24.29
CA THR J 155 34.14 -20.43 23.43
C THR J 155 34.57 -20.70 21.99
N THR J 156 35.73 -21.33 21.80
CA THR J 156 36.23 -21.66 20.47
C THR J 156 35.35 -22.66 19.74
N ASP J 157 34.93 -23.72 20.44
CA ASP J 157 34.08 -24.74 19.85
C ASP J 157 32.73 -24.16 19.49
N ALA J 158 32.09 -23.43 20.43
CA ALA J 158 30.76 -22.87 20.15
C ALA J 158 30.77 -21.88 19.00
N ILE J 159 31.79 -21.02 18.92
CA ILE J 159 31.89 -20.04 17.83
C ILE J 159 32.22 -20.71 16.48
N ALA J 160 33.09 -21.73 16.47
CA ALA J 160 33.39 -22.45 15.23
C ALA J 160 32.12 -23.20 14.75
N LEU J 161 31.36 -23.77 15.70
CA LEU J 161 30.13 -24.48 15.36
C LEU J 161 29.12 -23.55 14.70
N ALA J 162 29.02 -22.30 15.21
CA ALA J 162 28.13 -21.30 14.64
C ALA J 162 28.66 -20.76 13.32
N MET J 163 29.99 -20.57 13.21
CA MET J 163 30.61 -20.03 12.01
C MET J 163 30.33 -20.86 10.79
N SER J 164 30.34 -22.18 10.97
CA SER J 164 30.07 -23.13 9.90
C SER J 164 28.64 -23.01 9.42
N ARG J 165 27.68 -22.96 10.33
CA ARG J 165 26.28 -22.88 9.99
C ARG J 165 25.77 -21.52 9.55
N ASP J 166 26.37 -20.43 10.02
CA ASP J 166 25.93 -19.06 9.73
C ASP J 166 26.72 -18.39 8.59
N GLY J 167 25.99 -17.94 7.57
CA GLY J 167 26.58 -17.23 6.44
C GLY J 167 27.14 -15.88 6.85
N SER J 168 26.48 -15.20 7.79
CA SER J 168 26.92 -13.90 8.32
C SER J 168 28.08 -14.01 9.33
N SER J 169 28.52 -15.24 9.65
CA SER J 169 29.63 -15.52 10.54
C SER J 169 30.67 -16.35 9.80
N GLY J 170 31.93 -16.11 10.13
CA GLY J 170 33.05 -16.81 9.53
C GLY J 170 34.37 -16.10 9.75
N GLY J 171 35.41 -16.64 9.16
CA GLY J 171 36.73 -16.06 9.24
C GLY J 171 37.59 -16.70 10.29
N VAL J 172 37.96 -15.92 11.27
CA VAL J 172 38.85 -16.28 12.36
C VAL J 172 38.09 -16.09 13.73
N ILE J 173 38.52 -16.78 14.81
CA ILE J 173 37.91 -16.57 16.12
C ILE J 173 38.93 -15.77 16.93
N TYR J 174 38.55 -14.58 17.46
CA TYR J 174 39.40 -13.75 18.31
C TYR J 174 39.04 -14.07 19.75
N LEU J 175 40.03 -14.44 20.58
CA LEU J 175 39.78 -14.75 22.00
C LEU J 175 40.45 -13.71 22.90
N VAL J 176 39.81 -13.40 24.02
CA VAL J 176 40.35 -12.43 24.96
C VAL J 176 40.13 -12.93 26.41
N THR J 177 41.19 -12.97 27.22
CA THR J 177 41.07 -13.45 28.59
C THR J 177 41.41 -12.33 29.56
N ILE J 178 40.38 -11.77 30.18
CA ILE J 178 40.56 -10.69 31.13
C ILE J 178 40.67 -11.28 32.52
N THR J 179 41.72 -10.91 33.24
CA THR J 179 42.02 -11.41 34.59
C THR J 179 42.64 -10.29 35.45
N ALA J 180 42.86 -10.50 36.76
CA ALA J 180 43.45 -9.44 37.62
C ALA J 180 44.81 -8.96 37.05
N ALA J 181 45.64 -9.91 36.61
CA ALA J 181 46.96 -9.72 36.01
C ALA J 181 46.93 -8.86 34.74
N GLY J 182 45.89 -9.01 33.94
CA GLY J 182 45.77 -8.26 32.70
C GLY J 182 44.94 -8.98 31.65
N VAL J 183 45.06 -8.56 30.39
CA VAL J 183 44.31 -9.12 29.27
C VAL J 183 45.20 -9.90 28.30
N ASP J 184 44.74 -11.09 27.88
CA ASP J 184 45.46 -11.91 26.91
C ASP J 184 44.65 -11.94 25.62
N HIS J 185 45.33 -11.73 24.49
CA HIS J 185 44.67 -11.74 23.16
C HIS J 185 45.10 -13.00 22.41
N ARG J 186 44.27 -13.86 21.98
CA ARG J 186 44.49 -15.04 21.16
C ARG J 186 43.76 -14.89 19.82
N VAL J 187 44.29 -15.49 18.85
CA VAL J 187 43.61 -15.56 17.53
C VAL J 187 43.64 -17.01 17.04
N ILE J 188 42.49 -17.59 16.72
CA ILE J 188 42.43 -18.94 16.18
C ILE J 188 42.17 -18.75 14.70
N LEU J 189 43.12 -19.13 13.86
CA LEU J 189 43.02 -18.92 12.41
C LEU J 189 41.98 -19.87 11.76
N GLY J 190 41.48 -19.51 10.57
CA GLY J 190 40.52 -20.32 9.82
C GLY J 190 41.03 -21.72 9.47
N ASN J 191 42.37 -21.90 9.49
CA ASN J 191 43.08 -23.16 9.25
C ASN J 191 43.10 -24.03 10.52
N GLU J 192 43.16 -23.38 11.71
CA GLU J 192 43.31 -24.04 13.01
C GLU J 192 42.02 -24.25 13.80
N LEU J 193 40.86 -23.94 13.20
CA LEU J 193 39.56 -24.09 13.86
C LEU J 193 39.26 -25.53 14.26
N PRO J 194 38.54 -25.78 15.38
CA PRO J 194 38.20 -27.16 15.74
C PRO J 194 37.26 -27.76 14.70
N LYS J 195 37.39 -29.08 14.45
CA LYS J 195 36.54 -29.70 13.44
C LYS J 195 35.46 -30.59 14.03
N PHE J 196 34.27 -30.48 13.44
CA PHE J 196 33.05 -31.23 13.80
C PHE J 196 32.37 -31.73 12.49
N TYR J 197 31.20 -32.40 12.57
CA TYR J 197 30.48 -32.85 11.37
C TYR J 197 30.11 -31.65 10.50
N ASP J 198 30.56 -31.63 9.23
CA ASP J 198 30.26 -30.49 8.37
C ASP J 198 29.69 -30.86 7.00
N GLU J 199 28.78 -31.85 6.95
CA GLU J 199 28.17 -32.32 5.70
C GLU J 199 26.64 -32.27 5.70
N SER K 1 8.73 13.16 -13.79
CA SER K 1 9.88 13.79 -13.12
C SER K 1 9.64 15.29 -12.88
N ILE K 2 10.27 15.83 -11.83
CA ILE K 2 10.15 17.24 -11.50
C ILE K 2 10.84 18.08 -12.56
N MET K 3 12.05 17.64 -12.99
CA MET K 3 12.86 18.32 -13.99
C MET K 3 12.20 18.38 -15.37
N SER K 4 11.34 17.42 -15.68
CA SER K 4 10.63 17.39 -16.94
C SER K 4 9.30 18.17 -16.93
N TYR K 5 8.91 18.79 -15.79
CA TYR K 5 7.65 19.54 -15.70
C TYR K 5 7.73 20.78 -16.56
N ASN K 6 8.89 21.41 -16.63
CA ASN K 6 9.09 22.60 -17.45
C ASN K 6 9.90 22.31 -18.73
N GLY K 7 10.80 21.32 -18.65
CA GLY K 7 11.61 20.93 -19.79
C GLY K 7 12.78 21.86 -20.00
N GLY K 8 13.24 21.96 -21.25
CA GLY K 8 14.33 22.84 -21.60
C GLY K 8 15.70 22.19 -21.67
N ALA K 9 16.66 22.88 -22.28
CA ALA K 9 18.01 22.40 -22.43
C ALA K 9 19.01 23.56 -22.42
N VAL K 10 20.19 23.29 -21.92
CA VAL K 10 21.29 24.24 -21.81
C VAL K 10 22.56 23.46 -22.22
N MET K 11 23.53 24.16 -22.82
CA MET K 11 24.75 23.56 -23.30
C MET K 11 25.90 24.60 -23.31
N ALA K 12 27.11 24.15 -23.03
CA ALA K 12 28.28 25.01 -23.11
C ALA K 12 29.37 24.26 -23.86
N MET K 13 30.23 25.02 -24.56
CA MET K 13 31.30 24.40 -25.40
C MET K 13 32.58 25.24 -25.36
N LYS K 14 33.74 24.58 -25.33
CA LYS K 14 35.05 25.28 -25.34
C LYS K 14 35.46 25.64 -26.78
N GLY K 15 36.41 26.59 -26.89
CA GLY K 15 36.97 27.10 -28.15
C GLY K 15 38.45 27.38 -27.99
N LYS K 16 39.17 27.71 -29.06
CA LYS K 16 40.63 27.94 -28.88
C LYS K 16 40.87 29.09 -27.89
N ASN K 17 40.19 30.23 -28.09
CA ASN K 17 40.33 31.39 -27.18
C ASN K 17 38.95 32.02 -26.95
N CYS K 18 37.91 31.22 -27.14
CA CYS K 18 36.50 31.68 -27.02
C CYS K 18 35.66 30.59 -26.33
N VAL K 19 34.47 30.93 -25.86
CA VAL K 19 33.59 29.90 -25.24
C VAL K 19 32.16 30.16 -25.73
N ALA K 20 31.35 29.10 -25.84
CA ALA K 20 29.96 29.27 -26.25
C ALA K 20 29.00 28.74 -25.20
N ILE K 21 27.81 29.35 -25.14
CA ILE K 21 26.74 28.94 -24.23
C ILE K 21 25.42 29.09 -24.97
N ALA K 22 24.58 28.06 -24.93
CA ALA K 22 23.31 28.06 -25.66
C ALA K 22 22.19 27.48 -24.82
N ALA K 23 20.95 27.84 -25.13
CA ALA K 23 19.77 27.29 -24.44
C ALA K 23 18.54 27.40 -25.35
N ASP K 24 17.49 26.59 -25.09
CA ASP K 24 16.25 26.75 -25.84
C ASP K 24 15.46 27.92 -25.17
N ARG K 25 14.31 28.31 -25.74
CA ARG K 25 13.55 29.44 -25.22
C ARG K 25 12.13 29.09 -24.77
N ARG K 26 11.76 27.81 -24.80
CA ARG K 26 10.43 27.38 -24.36
C ARG K 26 10.30 27.58 -22.87
N PHE K 27 9.09 27.97 -22.45
CA PHE K 27 8.62 28.00 -21.06
C PHE K 27 7.28 27.32 -21.20
N GLY K 28 7.16 26.11 -20.68
CA GLY K 28 5.88 25.39 -20.77
C GLY K 28 5.61 24.60 -19.51
N ILE K 29 4.33 24.33 -19.23
CA ILE K 29 3.97 23.51 -18.04
C ILE K 29 3.43 22.20 -18.60
N GLN K 30 4.14 21.10 -18.31
CA GLN K 30 3.74 19.76 -18.84
C GLN K 30 3.69 19.84 -20.37
N ALA K 31 2.55 19.45 -20.96
CA ALA K 31 2.39 19.42 -22.43
C ALA K 31 1.94 20.76 -23.00
N GLN K 32 1.70 21.78 -22.16
CA GLN K 32 1.23 23.08 -22.69
C GLN K 32 2.35 24.13 -22.67
N MET K 33 2.56 24.80 -23.81
CA MET K 33 3.58 25.86 -23.95
C MET K 33 2.96 27.18 -23.49
N VAL K 34 3.67 27.92 -22.62
CA VAL K 34 3.15 29.17 -22.11
C VAL K 34 3.80 30.34 -22.89
N THR K 35 5.15 30.53 -22.78
CA THR K 35 5.82 31.58 -23.55
C THR K 35 6.95 30.99 -24.44
N THR K 36 7.35 31.77 -25.44
CA THR K 36 8.36 31.36 -26.39
C THR K 36 9.64 32.22 -26.28
N ASP K 37 9.83 32.92 -25.14
CA ASP K 37 11.02 33.75 -24.94
C ASP K 37 11.55 33.70 -23.50
N PHE K 38 11.58 32.49 -22.90
CA PHE K 38 12.02 32.36 -21.50
C PHE K 38 13.53 32.45 -21.39
N GLN K 39 14.03 33.26 -20.48
CA GLN K 39 15.47 33.42 -20.31
C GLN K 39 16.05 32.35 -19.39
N LYS K 40 17.07 31.65 -19.88
CA LYS K 40 17.76 30.60 -19.16
C LYS K 40 19.26 30.85 -19.04
N ILE K 41 19.82 31.86 -19.73
CA ILE K 41 21.26 32.18 -19.60
C ILE K 41 21.35 33.58 -19.01
N PHE K 42 22.10 33.74 -17.93
CA PHE K 42 22.21 35.02 -17.26
C PHE K 42 23.66 35.48 -17.17
N PRO K 43 23.94 36.75 -17.54
CA PRO K 43 25.31 37.26 -17.40
C PRO K 43 25.71 37.40 -15.95
N MET K 44 26.90 36.91 -15.63
CA MET K 44 27.45 37.06 -14.28
C MET K 44 28.67 38.00 -14.26
N GLY K 45 29.24 38.30 -15.44
CA GLY K 45 30.35 39.22 -15.63
C GLY K 45 30.44 39.66 -17.09
N ASP K 46 31.54 40.31 -17.47
CA ASP K 46 31.72 40.76 -18.85
C ASP K 46 31.87 39.56 -19.75
N ARG K 47 32.70 38.60 -19.33
CA ARG K 47 32.94 37.39 -20.09
C ARG K 47 32.59 36.14 -19.27
N LEU K 48 31.47 36.15 -18.52
CA LEU K 48 31.10 34.99 -17.71
C LEU K 48 29.58 34.78 -17.69
N TYR K 49 29.08 33.62 -18.13
CA TYR K 49 27.65 33.37 -18.20
C TYR K 49 27.25 32.06 -17.55
N ILE K 50 26.04 31.98 -17.00
CA ILE K 50 25.53 30.76 -16.38
C ILE K 50 24.18 30.40 -17.00
N GLY K 51 24.02 29.14 -17.36
CA GLY K 51 22.81 28.64 -17.96
C GLY K 51 22.14 27.66 -17.04
N LEU K 52 20.83 27.83 -16.82
CA LEU K 52 20.10 26.95 -15.93
C LEU K 52 18.92 26.24 -16.56
N ALA K 53 18.96 24.89 -16.55
CA ALA K 53 17.86 24.03 -17.02
C ALA K 53 17.08 23.48 -15.79
N GLY K 54 15.90 22.92 -16.02
CA GLY K 54 15.08 22.35 -14.95
C GLY K 54 13.84 23.16 -14.65
N LEU K 55 13.34 23.06 -13.40
CA LEU K 55 12.14 23.72 -12.88
C LEU K 55 12.29 25.23 -12.93
N ALA K 56 11.46 25.91 -13.73
CA ALA K 56 11.46 27.35 -13.98
C ALA K 56 11.48 28.23 -12.72
N THR K 57 10.79 27.88 -11.61
CA THR K 57 10.91 28.66 -10.35
C THR K 57 12.35 28.60 -9.85
N ASP K 58 12.96 27.40 -9.83
CA ASP K 58 14.28 27.25 -9.26
C ASP K 58 15.36 27.78 -10.17
N VAL K 59 15.10 27.86 -11.49
CA VAL K 59 16.03 28.46 -12.43
C VAL K 59 16.10 29.96 -12.09
N GLN K 60 14.93 30.59 -11.92
CA GLN K 60 14.83 31.99 -11.56
C GLN K 60 15.35 32.27 -10.12
N THR K 61 14.98 31.43 -9.16
CA THR K 61 15.43 31.57 -7.77
C THR K 61 16.95 31.43 -7.64
N VAL K 62 17.55 30.35 -8.19
CA VAL K 62 18.99 30.14 -8.09
C VAL K 62 19.76 31.28 -8.73
N ALA K 63 19.32 31.73 -9.92
CA ALA K 63 19.96 32.84 -10.62
C ALA K 63 19.92 34.11 -9.75
N GLN K 64 18.77 34.41 -9.10
CA GLN K 64 18.62 35.59 -8.25
C GLN K 64 19.42 35.50 -6.94
N ARG K 65 19.37 34.35 -6.25
CA ARG K 65 20.14 34.18 -5.01
C ARG K 65 21.63 34.19 -5.32
N LEU K 66 22.03 33.71 -6.53
CA LEU K 66 23.43 33.72 -6.96
C LEU K 66 23.87 35.14 -7.29
N LYS K 67 23.02 35.94 -7.96
CA LYS K 67 23.36 37.32 -8.26
C LYS K 67 23.53 38.14 -6.97
N PHE K 68 22.75 37.84 -5.91
CA PHE K 68 22.86 38.51 -4.62
C PHE K 68 24.27 38.30 -4.03
N ARG K 69 24.70 37.04 -3.93
CA ARG K 69 26.00 36.69 -3.38
C ARG K 69 27.12 37.23 -4.25
N LEU K 70 26.96 37.17 -5.58
CA LEU K 70 27.94 37.70 -6.52
C LEU K 70 28.17 39.20 -6.33
N ASN K 71 27.10 39.99 -6.31
CA ASN K 71 27.19 41.42 -6.11
C ASN K 71 27.90 41.76 -4.80
N LEU K 72 27.52 41.09 -3.69
CA LEU K 72 28.20 41.31 -2.42
C LEU K 72 29.68 40.96 -2.51
N TYR K 73 30.01 39.82 -3.14
CA TYR K 73 31.37 39.36 -3.33
C TYR K 73 32.22 40.42 -4.06
N GLU K 74 31.75 40.91 -5.22
CA GLU K 74 32.48 41.89 -6.00
C GLU K 74 32.65 43.21 -5.27
N LEU K 75 31.72 43.55 -4.36
CA LEU K 75 31.77 44.79 -3.57
C LEU K 75 32.82 44.67 -2.46
N LYS K 76 32.88 43.50 -1.79
CA LYS K 76 33.85 43.27 -0.72
C LYS K 76 35.25 43.06 -1.27
N GLU K 77 35.34 42.38 -2.40
CA GLU K 77 36.56 41.99 -3.03
C GLU K 77 37.16 43.00 -3.96
N GLY K 78 36.36 43.91 -4.51
CA GLY K 78 36.83 44.92 -5.44
C GLY K 78 37.33 44.37 -6.77
N ARG K 79 36.89 43.15 -7.13
CA ARG K 79 37.28 42.50 -8.39
C ARG K 79 36.11 41.71 -8.99
N GLN K 80 36.16 41.50 -10.30
CA GLN K 80 35.17 40.67 -11.00
C GLN K 80 35.54 39.22 -10.67
N ILE K 81 34.55 38.36 -10.41
CA ILE K 81 34.81 36.96 -10.04
C ILE K 81 35.49 36.14 -11.17
N LYS K 82 36.38 35.19 -10.77
CA LYS K 82 37.04 34.29 -11.71
C LYS K 82 36.01 33.17 -12.03
N PRO K 83 36.00 32.66 -13.27
CA PRO K 83 35.03 31.63 -13.62
C PRO K 83 34.95 30.40 -12.67
N TYR K 84 36.13 29.87 -12.22
CA TYR K 84 36.22 28.72 -11.32
C TYR K 84 35.58 29.03 -9.97
N THR K 85 35.82 30.24 -9.48
CA THR K 85 35.29 30.74 -8.22
C THR K 85 33.76 30.86 -8.29
N LEU K 86 33.20 31.25 -9.46
CA LEU K 86 31.74 31.30 -9.60
C LEU K 86 31.16 29.88 -9.47
N MET K 87 31.84 28.87 -10.02
CA MET K 87 31.43 27.48 -9.94
C MET K 87 31.36 27.03 -8.49
N SER K 88 32.38 27.39 -7.69
CA SER K 88 32.44 27.06 -6.27
C SER K 88 31.33 27.80 -5.48
N MET K 89 30.95 28.99 -5.94
CA MET K 89 29.88 29.78 -5.34
C MET K 89 28.53 29.08 -5.60
N VAL K 90 28.32 28.56 -6.82
CA VAL K 90 27.09 27.84 -7.13
C VAL K 90 27.02 26.49 -6.40
N ALA K 91 28.17 25.78 -6.32
CA ALA K 91 28.25 24.47 -5.63
C ALA K 91 27.83 24.61 -4.17
N ASN K 92 28.33 25.66 -3.49
CA ASN K 92 28.05 25.93 -2.10
C ASN K 92 26.57 26.35 -1.91
N LEU K 93 26.00 27.11 -2.85
CA LEU K 93 24.61 27.55 -2.81
C LEU K 93 23.68 26.35 -3.00
N LEU K 94 24.00 25.49 -3.94
CA LEU K 94 23.19 24.32 -4.22
C LEU K 94 23.31 23.29 -3.11
N TYR K 95 24.55 23.00 -2.64
CA TYR K 95 24.79 22.02 -1.55
C TYR K 95 24.14 22.41 -0.23
N GLU K 96 23.90 23.72 0.01
CA GLU K 96 23.19 24.16 1.20
C GLU K 96 21.78 23.54 1.28
N LYS K 97 21.19 23.21 0.13
CA LYS K 97 19.89 22.60 0.03
C LYS K 97 19.99 21.10 -0.30
N ARG K 98 21.07 20.44 0.13
CA ARG K 98 21.35 19.04 -0.16
C ARG K 98 20.17 18.11 0.09
N PHE K 99 19.52 18.25 1.24
CA PHE K 99 18.42 17.37 1.61
C PHE K 99 17.03 17.94 1.29
N GLY K 100 16.94 18.88 0.36
CA GLY K 100 15.71 19.48 -0.14
C GLY K 100 16.13 20.44 -1.23
N PRO K 101 16.57 19.91 -2.40
CA PRO K 101 17.25 20.77 -3.36
C PRO K 101 16.38 21.52 -4.33
N TYR K 102 17.04 22.50 -4.99
CA TYR K 102 16.54 23.30 -6.10
C TYR K 102 16.60 22.38 -7.30
N TYR K 103 15.59 22.41 -8.17
CA TYR K 103 15.57 21.52 -9.33
C TYR K 103 16.16 22.20 -10.56
N THR K 104 17.47 22.40 -10.49
CA THR K 104 18.22 23.06 -11.54
C THR K 104 19.61 22.44 -11.66
N GLU K 105 20.10 22.30 -12.91
CA GLU K 105 21.41 21.73 -13.20
C GLU K 105 22.20 22.73 -14.02
N PRO K 106 22.97 23.59 -13.35
CA PRO K 106 23.65 24.68 -14.05
C PRO K 106 24.80 24.26 -14.96
N VAL K 107 25.19 25.19 -15.81
CA VAL K 107 26.26 25.07 -16.78
C VAL K 107 26.92 26.44 -16.79
N ILE K 108 28.23 26.48 -16.64
CA ILE K 108 28.95 27.75 -16.62
C ILE K 108 29.89 27.87 -17.80
N ALA K 109 29.92 29.04 -18.46
CA ALA K 109 30.80 29.28 -19.61
C ALA K 109 31.42 30.68 -19.47
N GLY K 110 32.74 30.77 -19.41
CA GLY K 110 33.39 32.06 -19.24
C GLY K 110 34.85 32.06 -19.64
N LEU K 111 35.53 33.21 -19.51
CA LEU K 111 36.96 33.31 -19.86
C LEU K 111 37.75 33.77 -18.65
N ASP K 112 38.92 33.15 -18.41
CA ASP K 112 39.82 33.46 -17.30
C ASP K 112 40.24 34.91 -17.37
N PRO K 113 40.35 35.59 -16.19
CA PRO K 113 40.80 37.00 -16.16
C PRO K 113 42.15 37.26 -16.82
N LYS K 114 42.91 36.18 -17.11
CA LYS K 114 44.10 36.28 -17.93
C LYS K 114 43.62 36.57 -19.40
N THR K 115 42.41 37.21 -19.55
CA THR K 115 41.57 37.59 -20.70
C THR K 115 41.59 36.51 -21.78
N PHE K 116 41.80 35.22 -21.40
CA PHE K 116 41.93 34.21 -22.43
C PHE K 116 41.33 32.85 -22.10
N LYS K 117 41.99 32.06 -21.23
CA LYS K 117 41.66 30.65 -20.98
C LYS K 117 40.19 30.37 -20.83
N PRO K 118 39.59 29.68 -21.81
CA PRO K 118 38.17 29.36 -21.69
C PRO K 118 37.94 28.40 -20.53
N PHE K 119 36.75 28.53 -19.91
CA PHE K 119 36.35 27.69 -18.82
C PHE K 119 34.92 27.24 -19.02
N ILE K 120 34.69 25.94 -18.95
CA ILE K 120 33.34 25.41 -18.96
C ILE K 120 33.15 24.42 -17.82
N CYS K 121 31.96 24.38 -17.27
CA CYS K 121 31.63 23.44 -16.22
C CYS K 121 30.11 23.23 -16.07
N SER K 122 29.72 22.33 -15.20
CA SER K 122 28.32 22.04 -14.90
C SER K 122 28.21 21.55 -13.46
N LEU K 123 27.05 21.73 -12.87
CA LEU K 123 26.81 21.27 -11.52
C LEU K 123 25.52 20.47 -11.48
N ASP K 124 25.48 19.38 -10.69
CA ASP K 124 24.24 18.61 -10.56
C ASP K 124 23.30 19.40 -9.63
N LEU K 125 22.07 18.92 -9.35
CA LEU K 125 21.13 19.68 -8.56
C LEU K 125 21.62 19.90 -7.10
N ILE K 126 22.52 19.06 -6.57
CA ILE K 126 23.07 19.21 -5.21
C ILE K 126 24.46 19.87 -5.20
N GLY K 127 24.83 20.54 -6.29
CA GLY K 127 26.07 21.29 -6.39
C GLY K 127 27.36 20.53 -6.53
N CYS K 128 27.42 19.54 -7.43
CA CYS K 128 28.69 18.85 -7.65
C CYS K 128 29.33 19.43 -8.85
N PRO K 129 30.50 20.09 -8.63
CA PRO K 129 31.20 20.73 -9.75
C PRO K 129 31.86 19.76 -10.70
N MET K 130 31.77 20.05 -11.99
CA MET K 130 32.38 19.20 -13.00
C MET K 130 32.93 20.03 -14.12
N VAL K 131 34.25 20.20 -14.17
CA VAL K 131 34.87 20.94 -15.25
C VAL K 131 35.27 19.99 -16.34
N THR K 132 34.99 20.37 -17.59
CA THR K 132 35.40 19.59 -18.76
C THR K 132 36.19 20.48 -19.72
N ASP K 133 37.01 19.87 -20.59
CA ASP K 133 37.76 20.64 -21.59
C ASP K 133 37.09 20.59 -22.97
N ASP K 134 35.83 20.17 -23.07
CA ASP K 134 35.15 20.04 -24.34
C ASP K 134 33.75 20.68 -24.33
N PHE K 135 32.76 20.01 -23.72
CA PHE K 135 31.37 20.48 -23.63
C PHE K 135 30.71 19.99 -22.35
N VAL K 136 29.63 20.66 -21.96
CA VAL K 136 28.80 20.26 -20.83
C VAL K 136 27.35 20.39 -21.27
N VAL K 137 26.51 19.42 -20.86
CA VAL K 137 25.09 19.50 -21.19
C VAL K 137 24.21 19.36 -19.96
N SER K 138 22.99 19.90 -20.03
CA SER K 138 22.01 19.80 -18.96
C SER K 138 20.63 20.07 -19.50
N GLY K 139 19.74 19.10 -19.37
CA GLY K 139 18.39 19.26 -19.86
C GLY K 139 17.62 17.96 -19.92
N THR K 140 16.39 18.04 -20.45
CA THR K 140 15.52 16.89 -20.65
C THR K 140 16.00 16.06 -21.84
N CYS K 141 16.84 16.67 -22.76
CA CYS K 141 17.42 16.04 -23.93
C CYS K 141 18.95 15.90 -23.77
N ALA K 142 19.44 15.57 -22.55
CA ALA K 142 20.86 15.37 -22.29
C ALA K 142 21.41 14.22 -23.12
N GLU K 143 20.65 13.13 -23.31
CA GLU K 143 21.08 11.99 -24.16
C GLU K 143 21.30 12.45 -25.61
N GLN K 144 20.38 13.27 -26.15
CA GLN K 144 20.46 13.82 -27.49
C GLN K 144 21.61 14.78 -27.60
N MET K 145 21.80 15.63 -26.61
CA MET K 145 22.86 16.60 -26.60
C MET K 145 24.22 15.93 -26.56
N TYR K 146 24.40 14.87 -25.75
CA TYR K 146 25.68 14.14 -25.68
C TYR K 146 26.03 13.53 -27.03
N GLY K 147 25.03 12.98 -27.72
CA GLY K 147 25.22 12.40 -29.03
C GLY K 147 25.70 13.41 -30.05
N MET K 148 25.01 14.56 -30.10
CA MET K 148 25.40 15.62 -31.02
C MET K 148 26.76 16.23 -30.67
N CYS K 149 27.02 16.51 -29.39
CA CYS K 149 28.27 17.10 -28.96
C CYS K 149 29.46 16.16 -29.19
N GLU K 150 29.30 14.88 -28.84
CA GLU K 150 30.36 13.89 -29.01
C GLU K 150 30.74 13.75 -30.50
N SER K 151 29.73 13.79 -31.40
CA SER K 151 29.99 13.68 -32.82
C SER K 151 30.54 14.97 -33.42
N LEU K 152 29.95 16.12 -33.06
CA LEU K 152 30.33 17.39 -33.66
C LEU K 152 31.57 18.12 -33.07
N TRP K 153 31.81 18.01 -31.76
CA TRP K 153 32.90 18.74 -31.13
C TRP K 153 34.28 18.34 -31.60
N GLU K 154 35.10 19.37 -31.83
CA GLU K 154 36.50 19.32 -32.24
C GLU K 154 37.29 20.19 -31.24
N PRO K 155 38.60 19.92 -31.06
CA PRO K 155 39.38 20.67 -30.08
C PRO K 155 39.51 22.21 -30.24
N ASN K 156 40.41 22.73 -31.09
CA ASN K 156 40.64 24.18 -31.15
C ASN K 156 39.77 24.88 -32.17
N MET K 157 38.48 24.93 -31.89
CA MET K 157 37.51 25.56 -32.79
C MET K 157 37.58 27.07 -32.83
N ASP K 158 37.59 27.66 -34.04
CA ASP K 158 37.53 29.11 -34.16
C ASP K 158 36.12 29.58 -33.75
N PRO K 159 35.91 30.87 -33.40
CA PRO K 159 34.56 31.29 -32.96
C PRO K 159 33.44 30.94 -33.94
N ASP K 160 33.71 31.03 -35.24
CA ASP K 160 32.77 30.74 -36.31
C ASP K 160 32.42 29.25 -36.37
N HIS K 161 33.43 28.39 -36.20
CA HIS K 161 33.32 26.93 -36.18
C HIS K 161 32.55 26.55 -34.90
N LEU K 162 32.89 27.18 -33.76
CA LEU K 162 32.23 26.94 -32.49
C LEU K 162 30.75 27.28 -32.59
N PHE K 163 30.43 28.39 -33.27
CA PHE K 163 29.06 28.81 -33.46
C PHE K 163 28.26 27.78 -34.25
N GLU K 164 28.80 27.28 -35.37
CA GLU K 164 28.08 26.31 -36.19
C GLU K 164 27.88 25.01 -35.42
N THR K 165 28.89 24.60 -34.64
CA THR K 165 28.85 23.35 -33.89
C THR K 165 27.83 23.38 -32.77
N ILE K 166 27.88 24.40 -31.88
CA ILE K 166 26.95 24.48 -30.77
C ILE K 166 25.53 24.72 -31.28
N SER K 167 25.36 25.45 -32.40
CA SER K 167 24.04 25.70 -32.97
C SER K 167 23.44 24.41 -33.49
N GLN K 168 24.21 23.63 -34.24
CA GLN K 168 23.71 22.38 -34.80
C GLN K 168 23.48 21.32 -33.75
N ALA K 169 24.27 21.32 -32.67
CA ALA K 169 24.11 20.33 -31.62
C ALA K 169 22.86 20.63 -30.77
N MET K 170 22.51 21.91 -30.60
CA MET K 170 21.32 22.30 -29.86
C MET K 170 20.08 22.05 -30.71
N LEU K 171 20.04 22.56 -31.94
CA LEU K 171 18.89 22.42 -32.81
C LEU K 171 18.46 20.98 -33.02
N ASN K 172 19.39 20.09 -33.37
CA ASN K 172 19.08 18.70 -33.63
C ASN K 172 18.73 17.89 -32.41
N ALA K 173 19.27 18.26 -31.25
CA ALA K 173 18.95 17.59 -30.00
C ALA K 173 17.49 17.96 -29.58
N VAL K 174 17.18 19.28 -29.44
CA VAL K 174 15.88 19.77 -28.99
C VAL K 174 14.75 19.52 -30.00
N ASP K 175 15.07 19.16 -31.25
CA ASP K 175 14.09 18.78 -32.26
C ASP K 175 13.58 17.33 -32.11
N ARG K 176 14.23 16.54 -31.20
CA ARG K 176 13.89 15.18 -30.77
C ARG K 176 13.37 15.15 -29.31
N ASP K 177 13.10 16.33 -28.73
CA ASP K 177 12.59 16.54 -27.37
C ASP K 177 11.31 17.34 -27.52
N ALA K 178 10.22 16.73 -27.02
CA ALA K 178 8.89 17.27 -27.09
C ALA K 178 8.78 18.52 -26.27
N VAL K 179 9.39 18.54 -25.06
CA VAL K 179 9.28 19.66 -24.12
C VAL K 179 10.47 20.66 -24.16
N SER K 180 11.24 20.67 -25.25
CA SER K 180 12.32 21.62 -25.47
C SER K 180 12.16 22.22 -26.85
N GLY K 181 12.52 23.47 -26.98
CA GLY K 181 12.48 24.14 -28.27
C GLY K 181 12.08 25.59 -28.22
N MET K 182 11.17 25.97 -29.15
CA MET K 182 10.58 27.31 -29.37
C MET K 182 11.63 28.38 -29.72
N GLY K 183 12.75 27.93 -30.27
CA GLY K 183 13.88 28.78 -30.60
C GLY K 183 15.13 28.41 -29.79
N VAL K 184 16.28 28.88 -30.23
CA VAL K 184 17.55 28.64 -29.54
C VAL K 184 18.29 29.97 -29.47
N ILE K 185 18.96 30.27 -28.36
CA ILE K 185 19.78 31.46 -28.25
C ILE K 185 21.22 31.00 -28.00
N VAL K 186 22.22 31.66 -28.62
CA VAL K 186 23.63 31.30 -28.50
C VAL K 186 24.47 32.54 -28.17
N HIS K 187 25.38 32.45 -27.19
CA HIS K 187 26.31 33.53 -26.87
C HIS K 187 27.72 33.06 -27.19
N ILE K 188 28.49 33.85 -27.97
CA ILE K 188 29.88 33.51 -28.28
C ILE K 188 30.72 34.52 -27.49
N ILE K 189 31.44 34.02 -26.49
CA ILE K 189 32.20 34.87 -25.58
C ILE K 189 33.68 34.90 -25.91
N GLU K 190 34.10 35.97 -26.59
CA GLU K 190 35.51 36.21 -26.98
C GLU K 190 36.12 37.31 -26.07
N LYS K 191 37.46 37.49 -26.10
CA LYS K 191 38.12 38.49 -25.25
C LYS K 191 37.63 39.88 -25.57
N ASP K 192 37.52 40.17 -26.85
CA ASP K 192 37.10 41.45 -27.38
C ASP K 192 35.59 41.69 -27.39
N LYS K 193 34.76 40.65 -27.57
CA LYS K 193 33.31 40.87 -27.68
C LYS K 193 32.42 39.66 -27.34
N ILE K 194 31.13 39.93 -27.17
CA ILE K 194 30.10 38.93 -26.98
C ILE K 194 29.21 39.03 -28.20
N THR K 195 28.87 37.89 -28.81
CA THR K 195 27.93 37.90 -29.93
C THR K 195 26.73 37.06 -29.53
N THR K 196 25.55 37.67 -29.49
CA THR K 196 24.34 36.94 -29.12
C THR K 196 23.48 36.73 -30.37
N ARG K 197 23.08 35.49 -30.60
CA ARG K 197 22.27 35.20 -31.76
C ARG K 197 21.10 34.33 -31.41
N THR K 198 19.94 34.62 -31.98
CA THR K 198 18.80 33.71 -31.85
C THR K 198 18.73 32.99 -33.19
N LEU K 199 18.62 31.67 -33.17
CA LEU K 199 18.59 30.88 -34.40
C LEU K 199 17.18 30.75 -34.92
N LYS K 200 17.02 30.46 -36.22
CA LYS K 200 15.71 30.20 -36.80
C LYS K 200 15.52 28.72 -36.59
N ALA K 201 14.72 28.38 -35.58
CA ALA K 201 14.48 27.01 -35.13
C ALA K 201 13.01 26.60 -35.30
N ARG K 202 12.70 25.29 -35.22
CA ARG K 202 11.33 24.81 -35.29
C ARG K 202 10.49 25.40 -34.18
N MET K 203 9.19 25.60 -34.45
CA MET K 203 8.28 26.17 -33.46
C MET K 203 7.21 25.20 -33.01
N ASP K 204 7.50 23.90 -33.04
CA ASP K 204 6.54 22.89 -32.57
C ASP K 204 7.13 21.96 -31.47
N MET L 1 -10.29 25.23 -14.05
CA MET L 1 -11.66 25.27 -13.48
C MET L 1 -12.29 26.72 -13.46
N GLU L 2 -11.45 27.72 -13.18
CA GLU L 2 -11.76 29.13 -13.24
C GLU L 2 -11.09 29.66 -14.52
N TYR L 3 -11.35 30.92 -14.90
CA TYR L 3 -10.76 31.45 -16.13
C TYR L 3 -10.17 32.84 -16.01
N LEU L 4 -8.94 33.00 -16.46
CA LEU L 4 -8.26 34.29 -16.47
C LEU L 4 -7.73 34.51 -17.88
N ILE L 5 -7.81 35.73 -18.39
CA ILE L 5 -7.26 36.06 -19.70
C ILE L 5 -6.71 37.46 -19.72
N GLY L 6 -5.63 37.64 -20.47
CA GLY L 6 -4.99 38.93 -20.63
C GLY L 6 -4.47 39.06 -22.05
N ILE L 7 -4.66 40.25 -22.64
CA ILE L 7 -4.18 40.59 -23.97
C ILE L 7 -3.51 41.95 -23.82
N GLN L 8 -2.21 42.07 -24.08
CA GLN L 8 -1.51 43.35 -23.94
C GLN L 8 -1.35 44.02 -25.32
N GLY L 9 -1.75 45.28 -25.39
CA GLY L 9 -1.60 46.03 -26.64
C GLY L 9 -0.35 46.89 -26.61
N PRO L 10 -0.23 47.83 -27.54
CA PRO L 10 0.95 48.71 -27.55
C PRO L 10 1.01 49.64 -26.34
N ASP L 11 -0.16 50.15 -25.88
CA ASP L 11 -0.24 51.10 -24.77
C ASP L 11 -1.29 50.79 -23.71
N TYR L 12 -1.75 49.55 -23.61
CA TYR L 12 -2.77 49.14 -22.65
C TYR L 12 -2.66 47.62 -22.34
N VAL L 13 -3.38 47.15 -21.32
CA VAL L 13 -3.47 45.72 -21.04
C VAL L 13 -4.95 45.45 -20.82
N LEU L 14 -5.51 44.50 -21.56
CA LEU L 14 -6.91 44.12 -21.41
C LEU L 14 -6.94 42.83 -20.61
N VAL L 15 -7.78 42.74 -19.57
CA VAL L 15 -7.91 41.50 -18.79
C VAL L 15 -9.37 41.13 -18.55
N ALA L 16 -9.63 39.84 -18.44
CA ALA L 16 -10.97 39.34 -18.14
C ALA L 16 -10.88 38.11 -17.25
N SER L 17 -11.91 37.87 -16.46
CA SER L 17 -11.95 36.73 -15.56
C SER L 17 -13.40 36.24 -15.38
N ASP L 18 -13.63 34.93 -15.21
CA ASP L 18 -15.01 34.44 -14.96
C ASP L 18 -15.59 35.06 -13.67
N ARG L 19 -16.91 34.99 -13.49
CA ARG L 19 -17.52 35.55 -12.29
C ARG L 19 -18.16 34.50 -11.38
N VAL L 20 -17.77 33.22 -11.55
CA VAL L 20 -18.36 32.14 -10.81
C VAL L 20 -17.61 31.83 -9.54
N ALA L 21 -18.35 31.81 -8.42
CA ALA L 21 -17.86 31.37 -7.13
C ALA L 21 -18.62 30.07 -6.95
N ALA L 22 -17.95 28.96 -7.16
CA ALA L 22 -18.59 27.65 -7.13
C ALA L 22 -18.08 26.83 -5.99
N SER L 23 -18.90 25.89 -5.52
CA SER L 23 -18.49 24.96 -4.50
C SER L 23 -19.16 23.65 -4.83
N ASN L 24 -18.38 22.56 -5.05
CA ASN L 24 -19.01 21.27 -5.33
C ASN L 24 -19.72 21.36 -6.72
N ILE L 25 -21.00 20.93 -6.88
CA ILE L 25 -21.71 21.04 -8.17
C ILE L 25 -22.52 22.33 -8.34
N VAL L 26 -22.57 23.19 -7.30
CA VAL L 26 -23.39 24.41 -7.34
C VAL L 26 -22.58 25.67 -7.62
N GLN L 27 -23.23 26.57 -8.36
CA GLN L 27 -22.76 27.88 -8.76
C GLN L 27 -23.29 28.77 -7.65
N MET L 28 -22.48 29.05 -6.63
CA MET L 28 -22.92 29.86 -5.49
C MET L 28 -23.08 31.32 -5.81
N LYS L 29 -22.24 31.84 -6.70
CA LYS L 29 -22.30 33.25 -7.07
C LYS L 29 -22.06 33.39 -8.55
N ASP L 30 -22.84 34.28 -9.18
CA ASP L 30 -22.75 34.66 -10.59
C ASP L 30 -21.98 35.99 -10.76
N ASP L 31 -21.79 36.80 -9.68
CA ASP L 31 -21.17 38.13 -9.72
C ASP L 31 -19.91 38.26 -8.89
N HIS L 32 -19.05 37.26 -8.98
CA HIS L 32 -17.83 37.20 -8.19
C HIS L 32 -16.62 37.83 -8.89
N ASP L 33 -16.06 38.89 -8.29
CA ASP L 33 -14.87 39.55 -8.85
C ASP L 33 -13.55 38.88 -8.40
N LYS L 34 -12.70 38.48 -9.39
CA LYS L 34 -11.40 37.82 -9.17
C LYS L 34 -10.16 38.73 -9.38
N MET L 35 -10.39 40.01 -9.65
CA MET L 35 -9.30 40.95 -9.84
C MET L 35 -9.09 41.77 -8.57
N PHE L 36 -7.84 42.01 -8.20
CA PHE L 36 -7.51 42.78 -7.01
C PHE L 36 -6.65 43.95 -7.43
N LYS L 37 -7.12 45.20 -7.28
CA LYS L 37 -6.31 46.38 -7.59
C LYS L 37 -5.16 46.49 -6.59
N MET L 38 -3.92 46.44 -7.06
CA MET L 38 -2.76 46.56 -6.17
C MET L 38 -2.35 48.03 -6.04
N SER L 39 -2.35 48.75 -7.15
CA SER L 39 -1.95 50.14 -7.31
C SER L 39 -2.96 50.87 -8.20
N GLU L 40 -2.66 52.12 -8.59
CA GLU L 40 -3.53 52.87 -9.50
C GLU L 40 -3.50 52.31 -10.90
N LYS L 41 -2.36 51.72 -11.28
CA LYS L 41 -2.14 51.14 -12.60
C LYS L 41 -1.75 49.64 -12.54
N ILE L 42 -2.16 48.88 -11.50
CA ILE L 42 -1.83 47.44 -11.39
C ILE L 42 -3.01 46.60 -10.92
N LEU L 43 -3.32 45.50 -11.62
CA LEU L 43 -4.39 44.57 -11.23
C LEU L 43 -3.77 43.20 -11.06
N LEU L 44 -4.14 42.49 -10.02
CA LEU L 44 -3.68 41.11 -9.81
C LEU L 44 -4.90 40.20 -9.95
N LEU L 45 -4.96 39.42 -11.01
CA LEU L 45 -6.07 38.48 -11.24
C LEU L 45 -5.62 37.16 -10.65
N CYS L 46 -6.40 36.59 -9.75
CA CYS L 46 -5.98 35.41 -9.04
C CYS L 46 -7.03 34.30 -9.01
N VAL L 47 -6.59 33.10 -9.35
CA VAL L 47 -7.42 31.90 -9.45
C VAL L 47 -6.74 30.73 -8.65
N GLY L 48 -7.50 29.69 -8.28
CA GLY L 48 -6.92 28.57 -7.56
C GLY L 48 -7.75 27.99 -6.43
N GLU L 49 -7.07 27.30 -5.51
CA GLU L 49 -7.67 26.63 -4.37
C GLU L 49 -8.48 27.55 -3.48
N ALA L 50 -9.57 26.95 -2.92
CA ALA L 50 -10.63 27.54 -2.11
C ALA L 50 -10.21 28.78 -1.27
N GLY L 51 -9.38 28.63 -0.23
CA GLY L 51 -9.02 29.76 0.63
C GLY L 51 -7.80 30.52 0.19
N ASP L 52 -6.78 29.77 -0.26
CA ASP L 52 -5.48 30.25 -0.70
C ASP L 52 -5.51 31.53 -1.51
N THR L 53 -6.47 31.66 -2.44
CA THR L 53 -6.48 32.79 -3.36
C THR L 53 -6.72 34.13 -2.70
N VAL L 54 -7.80 34.33 -1.93
CA VAL L 54 -8.06 35.63 -1.31
C VAL L 54 -6.97 35.95 -0.30
N GLN L 55 -6.55 34.96 0.49
CA GLN L 55 -5.50 35.06 1.49
C GLN L 55 -4.18 35.55 0.88
N PHE L 56 -3.71 34.91 -0.20
CA PHE L 56 -2.47 35.30 -0.88
C PHE L 56 -2.61 36.67 -1.56
N ALA L 57 -3.65 36.87 -2.40
CA ALA L 57 -3.86 38.14 -3.10
C ALA L 57 -3.96 39.33 -2.18
N GLU L 58 -4.72 39.21 -1.07
CA GLU L 58 -4.85 40.32 -0.13
C GLU L 58 -3.57 40.62 0.63
N TYR L 59 -2.76 39.60 0.99
CA TYR L 59 -1.48 39.86 1.65
C TYR L 59 -0.57 40.74 0.74
N ILE L 60 -0.49 40.39 -0.58
CA ILE L 60 0.31 41.12 -1.58
C ILE L 60 -0.24 42.56 -1.74
N GLN L 61 -1.56 42.70 -1.78
CA GLN L 61 -2.25 43.97 -1.93
C GLN L 61 -1.89 44.94 -0.82
N LYS L 62 -2.03 44.50 0.43
CA LYS L 62 -1.78 45.26 1.65
C LYS L 62 -0.30 45.67 1.75
N ASN L 63 0.62 44.80 1.27
CA ASN L 63 2.06 45.09 1.26
C ASN L 63 2.41 46.08 0.17
N VAL L 64 1.76 46.01 -1.01
CA VAL L 64 1.93 46.99 -2.08
C VAL L 64 1.37 48.36 -1.63
N GLN L 65 0.30 48.35 -0.82
CA GLN L 65 -0.31 49.54 -0.22
C GLN L 65 0.58 50.12 0.88
N LEU L 66 1.21 49.26 1.66
CA LEU L 66 2.17 49.68 2.68
C LEU L 66 3.39 50.34 2.01
N TYR L 67 3.79 49.87 0.82
CA TYR L 67 4.92 50.47 0.10
C TYR L 67 4.52 51.89 -0.32
N LYS L 68 3.29 52.08 -0.84
CA LYS L 68 2.81 53.38 -1.27
C LYS L 68 2.82 54.35 -0.10
N MET L 69 2.33 53.91 1.06
CA MET L 69 2.28 54.76 2.24
C MET L 69 3.67 55.08 2.77
N ARG L 70 4.54 54.07 2.80
CA ARG L 70 5.89 54.20 3.32
C ARG L 70 6.79 55.11 2.49
N ASN L 71 6.66 55.06 1.15
CA ASN L 71 7.59 55.78 0.28
C ASN L 71 7.03 56.95 -0.54
N GLY L 72 5.72 57.07 -0.61
CA GLY L 72 5.10 58.18 -1.34
C GLY L 72 4.84 57.92 -2.80
N TYR L 73 5.40 56.83 -3.34
CA TYR L 73 5.21 56.41 -4.73
C TYR L 73 4.86 54.91 -4.75
N GLU L 74 4.29 54.44 -5.86
CA GLU L 74 3.89 53.04 -5.97
C GLU L 74 4.95 52.16 -6.61
N LEU L 75 4.80 50.84 -6.43
CA LEU L 75 5.68 49.86 -7.08
C LEU L 75 5.37 49.84 -8.59
N SER L 76 6.35 49.50 -9.40
CA SER L 76 6.13 49.37 -10.84
C SER L 76 5.53 47.99 -11.08
N PRO L 77 4.79 47.76 -12.18
CA PRO L 77 4.28 46.40 -12.45
C PRO L 77 5.35 45.30 -12.36
N THR L 78 6.60 45.62 -12.75
CA THR L 78 7.72 44.70 -12.68
C THR L 78 8.10 44.39 -11.23
N ALA L 79 8.30 45.43 -10.42
CA ALA L 79 8.66 45.24 -9.02
C ALA L 79 7.51 44.54 -8.26
N ALA L 80 6.26 44.85 -8.61
CA ALA L 80 5.08 44.24 -7.98
C ALA L 80 4.90 42.79 -8.38
N ALA L 81 5.32 42.43 -9.62
CA ALA L 81 5.27 41.04 -10.10
C ALA L 81 6.37 40.21 -9.43
N ASN L 82 7.58 40.79 -9.30
CA ASN L 82 8.71 40.12 -8.68
C ASN L 82 8.55 39.96 -7.18
N PHE L 83 7.88 40.95 -6.53
CA PHE L 83 7.55 40.88 -5.12
C PHE L 83 6.52 39.78 -4.94
N THR L 84 5.49 39.70 -5.81
CA THR L 84 4.49 38.61 -5.73
C THR L 84 5.19 37.24 -5.84
N ARG L 85 6.13 37.13 -6.80
CA ARG L 85 6.91 35.92 -7.01
C ARG L 85 7.76 35.55 -5.80
N ARG L 86 8.47 36.53 -5.18
CA ARG L 86 9.33 36.24 -4.04
C ARG L 86 8.55 35.57 -2.89
N ASN L 87 7.37 36.10 -2.57
CA ASN L 87 6.54 35.53 -1.53
C ASN L 87 5.99 34.16 -1.90
N LEU L 88 5.43 33.99 -3.12
CA LEU L 88 4.89 32.70 -3.51
C LEU L 88 6.00 31.63 -3.51
N ALA L 89 7.18 31.96 -4.11
CA ALA L 89 8.31 31.04 -4.20
C ALA L 89 8.89 30.70 -2.86
N ASP L 90 8.81 31.62 -1.89
CA ASP L 90 9.31 31.39 -0.52
C ASP L 90 8.42 30.47 0.28
N CYS L 91 7.12 30.41 -0.05
CA CYS L 91 6.17 29.49 0.61
C CYS L 91 6.17 28.09 0.00
N LEU L 92 6.64 27.93 -1.24
CA LEU L 92 6.74 26.69 -1.98
C LEU L 92 7.30 25.49 -1.19
N ARG L 93 8.45 25.66 -0.52
CA ARG L 93 9.04 24.54 0.24
C ARG L 93 8.68 24.54 1.74
N SER L 94 7.75 25.45 2.14
CA SER L 94 7.26 25.62 3.49
C SER L 94 6.07 24.67 3.77
N ARG L 95 5.61 24.65 5.05
CA ARG L 95 4.49 23.81 5.49
C ARG L 95 3.19 24.21 4.78
N THR L 96 3.02 25.55 4.55
CA THR L 96 1.86 26.20 3.94
C THR L 96 2.10 26.75 2.49
N PRO L 97 2.21 25.89 1.46
CA PRO L 97 2.34 26.41 0.09
C PRO L 97 0.98 26.87 -0.43
N TYR L 98 0.97 27.95 -1.22
CA TYR L 98 -0.26 28.46 -1.81
C TYR L 98 -0.50 27.86 -3.18
N HIS L 99 -1.70 27.31 -3.41
CA HIS L 99 -2.05 26.84 -4.74
C HIS L 99 -2.80 27.96 -5.45
N VAL L 100 -2.04 28.97 -5.86
CA VAL L 100 -2.60 30.10 -6.60
C VAL L 100 -1.93 30.22 -7.94
N ASN L 101 -2.73 30.42 -8.95
CA ASN L 101 -2.28 30.68 -10.31
C ASN L 101 -2.81 32.09 -10.55
N LEU L 102 -1.93 33.00 -10.96
CA LEU L 102 -2.31 34.38 -11.13
C LEU L 102 -1.74 35.03 -12.40
N LEU L 103 -2.24 36.23 -12.72
CA LEU L 103 -1.84 37.08 -13.83
C LEU L 103 -1.66 38.48 -13.23
N LEU L 104 -0.62 39.23 -13.59
CA LEU L 104 -0.48 40.60 -13.08
C LEU L 104 -0.46 41.51 -14.27
N ALA L 105 -1.46 42.39 -14.39
CA ALA L 105 -1.50 43.34 -15.50
C ALA L 105 -1.18 44.71 -14.91
N GLY L 106 -0.56 45.58 -15.70
CA GLY L 106 -0.20 46.90 -15.20
C GLY L 106 0.33 47.84 -16.26
N TYR L 107 0.39 49.13 -15.94
CA TYR L 107 0.94 50.10 -16.88
C TYR L 107 2.01 50.93 -16.20
N ASP L 108 3.23 50.94 -16.73
CA ASP L 108 4.31 51.76 -16.16
C ASP L 108 4.51 53.01 -17.01
N GLU L 109 4.74 54.16 -16.36
CA GLU L 109 4.99 55.42 -17.08
C GLU L 109 6.27 55.36 -17.91
N HIS L 110 7.25 54.55 -17.49
CA HIS L 110 8.52 54.43 -18.21
C HIS L 110 8.56 53.22 -19.12
N GLU L 111 8.05 52.07 -18.68
CA GLU L 111 8.17 50.83 -19.49
C GLU L 111 6.92 50.46 -20.32
N GLY L 112 5.80 51.11 -20.04
CA GLY L 112 4.56 50.85 -20.76
C GLY L 112 3.74 49.71 -20.23
N PRO L 113 2.90 49.10 -21.07
CA PRO L 113 2.04 48.01 -20.58
C PRO L 113 2.77 46.70 -20.40
N ALA L 114 2.50 46.00 -19.29
CA ALA L 114 3.13 44.71 -19.02
C ALA L 114 2.12 43.70 -18.49
N LEU L 115 2.17 42.48 -19.00
CA LEU L 115 1.29 41.41 -18.54
C LEU L 115 2.19 40.24 -18.10
N TYR L 116 2.01 39.76 -16.87
CA TYR L 116 2.83 38.66 -16.35
C TYR L 116 2.04 37.41 -16.06
N TYR L 117 2.65 36.26 -16.28
CA TYR L 117 2.04 34.99 -16.02
C TYR L 117 2.82 34.35 -14.87
N MET L 118 2.10 33.90 -13.83
CA MET L 118 2.75 33.18 -12.75
C MET L 118 2.09 31.82 -12.45
N ASP L 119 2.93 30.78 -12.48
CA ASP L 119 2.62 29.36 -12.19
C ASP L 119 2.27 29.33 -10.70
N TYR L 120 1.66 28.22 -10.25
CA TYR L 120 1.48 28.05 -8.79
C TYR L 120 2.82 27.73 -8.11
N LEU L 121 3.81 27.27 -8.90
CA LEU L 121 5.19 27.03 -8.54
C LEU L 121 6.02 28.33 -8.44
N ALA L 122 5.54 29.45 -8.99
CA ALA L 122 6.13 30.79 -8.99
C ALA L 122 7.21 30.96 -10.02
N ALA L 123 6.89 30.53 -11.22
CA ALA L 123 7.69 30.78 -12.39
C ALA L 123 7.02 32.06 -12.93
N LEU L 124 7.82 33.06 -13.29
CA LEU L 124 7.30 34.31 -13.78
C LEU L 124 7.68 34.51 -15.20
N ALA L 125 6.67 34.77 -16.04
CA ALA L 125 6.89 34.94 -17.46
C ALA L 125 6.20 36.22 -17.93
N LYS L 126 6.84 37.02 -18.79
CA LYS L 126 6.20 38.20 -19.36
C LYS L 126 5.67 37.75 -20.72
N ALA L 127 4.37 37.92 -20.96
CA ALA L 127 3.76 37.44 -22.20
C ALA L 127 2.95 38.53 -22.85
N PRO L 128 2.83 38.49 -24.20
CA PRO L 128 1.98 39.48 -24.88
C PRO L 128 0.49 39.20 -24.60
N PHE L 129 0.13 37.93 -24.38
CA PHE L 129 -1.20 37.47 -24.01
C PHE L 129 -1.07 36.17 -23.15
N ALA L 130 -2.01 35.92 -22.24
CA ALA L 130 -1.96 34.71 -21.39
C ALA L 130 -3.34 34.25 -20.94
N ALA L 131 -3.46 33.00 -20.46
CA ALA L 131 -4.70 32.48 -19.94
C ALA L 131 -4.43 31.40 -18.93
N HIS L 132 -5.26 31.34 -17.89
CA HIS L 132 -5.13 30.36 -16.84
C HIS L 132 -6.42 29.51 -16.76
N GLY L 133 -6.30 28.26 -16.32
CA GLY L 133 -7.46 27.37 -16.19
C GLY L 133 -7.66 26.45 -17.38
N TYR L 134 -8.60 25.49 -17.27
CA TYR L 134 -8.87 24.56 -18.39
C TYR L 134 -9.25 25.29 -19.67
N GLY L 135 -9.89 26.44 -19.55
CA GLY L 135 -10.29 27.29 -20.66
C GLY L 135 -9.11 27.72 -21.52
N ALA L 136 -7.92 27.87 -20.92
CA ALA L 136 -6.71 28.22 -21.66
C ALA L 136 -6.39 27.22 -22.76
N PHE L 137 -6.77 25.95 -22.57
CA PHE L 137 -6.53 24.92 -23.59
C PHE L 137 -7.36 25.17 -24.84
N LEU L 138 -8.55 25.76 -24.70
CA LEU L 138 -9.43 26.06 -25.83
C LEU L 138 -9.22 27.46 -26.45
N THR L 139 -8.51 28.37 -25.78
CA THR L 139 -8.40 29.75 -26.22
C THR L 139 -6.99 30.26 -26.56
N LEU L 140 -5.93 29.58 -26.09
CA LEU L 140 -4.57 30.04 -26.38
C LEU L 140 -4.29 30.00 -27.88
N SER L 141 -4.86 29.03 -28.60
CA SER L 141 -4.71 28.91 -30.04
C SER L 141 -5.54 29.95 -30.78
N ILE L 142 -6.70 30.39 -30.24
CA ILE L 142 -7.48 31.47 -30.87
C ILE L 142 -6.63 32.75 -30.80
N LEU L 143 -6.03 33.02 -29.62
CA LEU L 143 -5.15 34.17 -29.43
C LEU L 143 -3.89 34.05 -30.30
N ASP L 144 -3.32 32.85 -30.47
CA ASP L 144 -2.14 32.62 -31.32
C ASP L 144 -2.44 33.04 -32.76
N ARG L 145 -3.63 32.65 -33.24
CA ARG L 145 -4.15 32.89 -34.57
C ARG L 145 -4.37 34.39 -34.90
N TYR L 146 -5.15 35.10 -34.07
CA TYR L 146 -5.51 36.47 -34.36
C TYR L 146 -4.73 37.57 -33.65
N TYR L 147 -4.02 37.29 -32.57
CA TYR L 147 -3.26 38.35 -31.87
C TYR L 147 -2.12 38.90 -32.71
N THR L 148 -1.99 40.25 -32.74
CA THR L 148 -0.90 41.03 -33.37
C THR L 148 -0.47 42.07 -32.33
N PRO L 149 0.82 42.47 -32.26
CA PRO L 149 1.24 43.43 -31.22
C PRO L 149 0.70 44.85 -31.33
N THR L 150 0.18 45.22 -32.51
CA THR L 150 -0.42 46.53 -32.73
C THR L 150 -1.94 46.52 -32.52
N ILE L 151 -2.51 45.44 -31.97
CA ILE L 151 -3.94 45.26 -31.76
C ILE L 151 -4.57 46.42 -30.95
N SER L 152 -5.51 47.15 -31.58
CA SER L 152 -6.23 48.24 -30.90
C SER L 152 -7.09 47.67 -29.76
N ARG L 153 -7.44 48.49 -28.74
CA ARG L 153 -8.26 47.98 -27.65
C ARG L 153 -9.61 47.48 -28.13
N GLU L 154 -10.23 48.19 -29.08
CA GLU L 154 -11.51 47.81 -29.67
C GLU L 154 -11.45 46.40 -30.34
N ARG L 155 -10.29 46.12 -30.98
CA ARG L 155 -10.00 44.85 -31.66
C ARG L 155 -9.71 43.74 -30.62
N ALA L 156 -8.96 44.06 -29.55
CA ALA L 156 -8.64 43.11 -28.47
C ALA L 156 -9.91 42.70 -27.76
N VAL L 157 -10.86 43.64 -27.57
CA VAL L 157 -12.13 43.34 -26.94
C VAL L 157 -12.91 42.35 -27.79
N GLU L 158 -12.90 42.52 -29.13
CA GLU L 158 -13.52 41.59 -30.08
C GLU L 158 -12.85 40.18 -30.00
N LEU L 159 -11.48 40.13 -29.94
CA LEU L 159 -10.66 38.90 -29.81
C LEU L 159 -10.97 38.20 -28.49
N LEU L 160 -11.16 38.99 -27.42
CA LEU L 160 -11.52 38.46 -26.12
C LEU L 160 -12.94 37.81 -26.20
N ARG L 161 -13.91 38.46 -26.87
CA ARG L 161 -15.25 37.91 -27.05
C ARG L 161 -15.20 36.58 -27.77
N LYS L 162 -14.32 36.42 -28.78
CA LYS L 162 -14.21 35.16 -29.50
C LYS L 162 -13.70 34.06 -28.58
N CYS L 163 -12.77 34.38 -27.67
CA CYS L 163 -12.27 33.41 -26.71
C CYS L 163 -13.39 33.01 -25.72
N LEU L 164 -14.17 34.00 -25.25
CA LEU L 164 -15.26 33.73 -24.32
C LEU L 164 -16.42 32.98 -24.99
N GLU L 165 -16.70 33.30 -26.26
CA GLU L 165 -17.70 32.59 -27.04
C GLU L 165 -17.26 31.12 -27.23
N GLU L 166 -15.94 30.87 -27.40
CA GLU L 166 -15.42 29.51 -27.55
C GLU L 166 -15.65 28.67 -26.29
N LEU L 167 -15.60 29.30 -25.12
CA LEU L 167 -15.86 28.59 -23.88
C LEU L 167 -17.37 28.23 -23.73
N GLN L 168 -18.26 29.01 -24.34
CA GLN L 168 -19.69 28.70 -24.31
C GLN L 168 -19.96 27.51 -25.22
N LYS L 169 -19.30 27.46 -26.41
CA LYS L 169 -19.51 26.41 -27.39
C LYS L 169 -18.93 25.08 -26.98
N ARG L 170 -17.70 25.09 -26.45
CA ARG L 170 -17.00 23.84 -26.15
C ARG L 170 -16.66 23.55 -24.73
N PHE L 171 -16.64 24.52 -23.81
CA PHE L 171 -16.23 24.22 -22.44
C PHE L 171 -17.34 23.56 -21.66
N ILE L 172 -17.07 22.43 -20.97
CA ILE L 172 -18.13 21.74 -20.22
C ILE L 172 -18.57 22.50 -18.97
N LEU L 173 -17.71 23.40 -18.44
CA LEU L 173 -18.07 24.19 -17.27
C LEU L 173 -18.85 25.39 -17.70
N ASN L 174 -19.90 25.67 -16.95
CA ASN L 174 -20.83 26.76 -17.15
C ASN L 174 -20.22 28.06 -16.64
N LEU L 175 -19.57 28.81 -17.52
CA LEU L 175 -19.00 30.10 -17.16
C LEU L 175 -19.80 31.16 -17.91
N PRO L 176 -20.92 31.63 -17.32
CA PRO L 176 -21.83 32.51 -18.07
C PRO L 176 -21.34 33.95 -18.32
N THR L 177 -20.95 34.68 -17.25
CA THR L 177 -20.49 36.09 -17.27
C THR L 177 -19.01 36.26 -16.91
N PHE L 178 -18.39 37.39 -17.33
CA PHE L 178 -16.98 37.67 -17.13
C PHE L 178 -16.74 39.15 -16.80
N SER L 179 -15.80 39.45 -15.90
CA SER L 179 -15.41 40.83 -15.56
C SER L 179 -14.45 41.32 -16.63
N VAL L 180 -14.61 42.54 -17.18
CA VAL L 180 -13.64 43.05 -18.16
C VAL L 180 -13.08 44.41 -17.73
N ARG L 181 -11.76 44.58 -17.80
CA ARG L 181 -11.11 45.82 -17.38
C ARG L 181 -9.88 46.12 -18.26
N ILE L 182 -9.57 47.42 -18.52
CA ILE L 182 -8.39 47.83 -19.30
C ILE L 182 -7.48 48.70 -18.40
N ILE L 183 -6.16 48.47 -18.39
CA ILE L 183 -5.24 49.33 -17.65
C ILE L 183 -4.47 50.15 -18.68
N ASP L 184 -4.47 51.49 -18.54
CA ASP L 184 -3.76 52.35 -19.50
C ASP L 184 -3.03 53.52 -18.78
N LYS L 185 -2.64 54.56 -19.53
CA LYS L 185 -1.87 55.66 -18.88
C LYS L 185 -2.69 56.31 -17.78
N ASN L 186 -4.03 56.30 -17.92
CA ASN L 186 -4.88 56.95 -16.93
C ASN L 186 -5.41 56.03 -15.84
N GLY L 187 -4.90 54.80 -15.77
CA GLY L 187 -5.29 53.85 -14.74
C GLY L 187 -6.18 52.70 -15.14
N ILE L 188 -6.85 52.13 -14.13
CA ILE L 188 -7.73 50.99 -14.34
C ILE L 188 -9.11 51.45 -14.77
N HIS L 189 -9.60 51.00 -15.92
CA HIS L 189 -10.93 51.38 -16.41
C HIS L 189 -11.83 50.17 -16.44
N ASP L 190 -12.97 50.22 -15.76
CA ASP L 190 -13.92 49.11 -15.78
C ASP L 190 -14.72 49.12 -17.09
N LEU L 191 -14.69 48.01 -17.86
CA LEU L 191 -15.50 47.93 -19.07
C LEU L 191 -16.79 47.11 -18.78
N ASP L 192 -17.74 47.08 -19.73
CA ASP L 192 -18.95 46.29 -19.58
C ASP L 192 -18.62 44.80 -19.46
N ASN L 193 -19.36 44.08 -18.61
CA ASN L 193 -19.12 42.66 -18.43
C ASN L 193 -19.54 41.91 -19.69
N ILE L 194 -18.73 40.92 -20.12
CA ILE L 194 -19.11 40.13 -21.27
C ILE L 194 -20.05 39.06 -20.73
N SER L 195 -21.34 39.12 -21.12
CA SER L 195 -22.32 38.16 -20.61
C SER L 195 -22.92 37.28 -21.73
N PHE L 196 -23.40 36.07 -21.35
CA PHE L 196 -24.03 35.10 -22.25
C PHE L 196 -25.29 34.53 -21.55
N THR M 1 -27.20 18.15 7.28
CA THR M 1 -27.60 19.50 7.58
C THR M 1 -28.13 20.20 6.34
N THR M 2 -28.96 21.20 6.53
CA THR M 2 -29.47 22.05 5.48
C THR M 2 -29.65 23.41 6.16
N THR M 3 -28.80 24.38 5.83
CA THR M 3 -28.94 25.72 6.31
C THR M 3 -29.20 26.59 5.08
N LEU M 4 -29.98 27.65 5.22
CA LEU M 4 -30.23 28.59 4.12
C LEU M 4 -30.40 29.99 4.66
N ALA M 5 -30.10 30.97 3.83
CA ALA M 5 -30.28 32.37 4.20
C ALA M 5 -30.46 33.19 2.95
N PHE M 6 -31.42 34.12 2.98
CA PHE M 6 -31.64 34.99 1.82
C PHE M 6 -32.07 36.38 2.20
N LYS M 7 -31.48 37.35 1.54
CA LYS M 7 -31.85 38.74 1.69
C LYS M 7 -33.15 38.93 0.89
N PHE M 8 -33.92 39.94 1.25
CA PHE M 8 -35.15 40.31 0.58
C PHE M 8 -35.61 41.72 1.07
N GLN M 9 -36.72 42.27 0.53
CA GLN M 9 -37.23 43.59 0.86
C GLN M 9 -37.27 43.89 2.33
N HIS M 10 -37.66 42.90 3.14
CA HIS M 10 -37.84 43.13 4.56
C HIS M 10 -36.75 42.58 5.45
N GLY M 11 -35.57 42.31 4.92
CA GLY M 11 -34.46 41.86 5.74
C GLY M 11 -33.77 40.61 5.28
N VAL M 12 -33.37 39.75 6.23
CA VAL M 12 -32.67 38.51 5.88
C VAL M 12 -33.32 37.35 6.61
N ILE M 13 -33.74 36.33 5.87
CA ILE M 13 -34.32 35.13 6.47
C ILE M 13 -33.20 34.08 6.64
N ALA M 14 -33.09 33.46 7.83
CA ALA M 14 -32.07 32.41 8.08
C ALA M 14 -32.76 31.18 8.68
N ALA M 15 -32.76 30.06 7.96
CA ALA M 15 -33.40 28.84 8.45
C ALA M 15 -32.41 27.67 8.48
N VAL M 16 -32.52 26.83 9.50
CA VAL M 16 -31.66 25.67 9.69
C VAL M 16 -32.46 24.42 10.00
N ASP M 17 -31.87 23.33 9.69
CA ASP M 17 -32.28 21.97 9.95
C ASP M 17 -31.96 21.68 11.48
N SER M 18 -32.20 20.46 12.03
CA SER M 18 -31.83 20.17 13.43
C SER M 18 -31.23 18.76 13.65
N ARG M 19 -30.81 18.08 12.58
CA ARG M 19 -30.27 16.72 12.68
C ARG M 19 -28.78 16.64 12.84
N ALA M 20 -28.31 15.75 13.75
CA ALA M 20 -26.89 15.43 13.95
C ALA M 20 -26.79 13.92 13.81
N SER M 21 -25.86 13.45 13.00
CA SER M 21 -25.73 12.02 12.76
C SER M 21 -24.31 11.47 12.91
N ALA M 22 -24.20 10.20 13.24
CA ALA M 22 -22.93 9.53 13.39
C ALA M 22 -23.04 8.27 12.56
N GLY M 23 -22.60 8.33 11.30
CA GLY M 23 -22.78 7.23 10.37
C GLY M 23 -24.23 7.32 9.93
N SER M 24 -24.98 6.21 10.05
CA SER M 24 -26.41 6.27 9.74
C SER M 24 -27.29 6.50 10.98
N TYR M 25 -26.69 6.52 12.19
CA TYR M 25 -27.41 6.73 13.43
C TYR M 25 -27.71 8.20 13.62
N ILE M 26 -28.91 8.52 14.15
CA ILE M 26 -29.24 9.91 14.44
C ILE M 26 -28.90 10.12 15.91
N SER M 27 -27.80 10.86 16.16
CA SER M 27 -27.29 11.19 17.48
C SER M 27 -28.19 12.18 18.21
N ALA M 28 -28.79 13.11 17.44
CA ALA M 28 -29.68 14.12 17.98
C ALA M 28 -30.75 14.47 16.98
N LEU M 29 -32.01 14.32 17.39
CA LEU M 29 -33.14 14.64 16.54
C LEU M 29 -33.28 16.17 16.43
N ARG M 30 -33.01 16.89 17.56
CA ARG M 30 -33.04 18.35 17.60
C ARG M 30 -31.77 18.93 18.20
N VAL M 31 -31.04 19.69 17.38
CA VAL M 31 -29.84 20.41 17.77
C VAL M 31 -29.95 21.85 17.25
N ASN M 32 -29.47 22.81 18.05
CA ASN M 32 -29.55 24.20 17.65
C ASN M 32 -28.40 24.50 16.76
N LYS M 33 -28.69 24.77 15.50
CA LYS M 33 -27.66 25.06 14.51
C LYS M 33 -27.55 26.57 14.20
N VAL M 34 -27.96 27.42 15.13
CA VAL M 34 -27.89 28.87 14.99
C VAL M 34 -27.33 29.43 16.31
N ILE M 35 -26.23 30.19 16.21
CA ILE M 35 -25.65 30.84 17.36
C ILE M 35 -26.13 32.29 17.33
N GLU M 36 -26.75 32.77 18.43
CA GLU M 36 -27.21 34.15 18.50
C GLU M 36 -26.06 34.94 19.13
N ILE M 37 -25.18 35.51 18.29
CA ILE M 37 -24.00 36.21 18.76
C ILE M 37 -24.38 37.47 19.57
N ASN M 38 -25.36 38.20 19.07
CA ASN M 38 -25.89 39.41 19.70
C ASN M 38 -27.28 39.73 19.09
N PRO M 39 -28.03 40.77 19.57
CA PRO M 39 -29.37 41.01 19.00
C PRO M 39 -29.41 41.27 17.50
N TYR M 40 -28.28 41.57 16.89
CA TYR M 40 -28.22 41.90 15.48
C TYR M 40 -27.28 41.00 14.69
N LEU M 41 -26.75 39.92 15.30
CA LEU M 41 -25.77 39.07 14.61
C LEU M 41 -25.97 37.61 14.96
N LEU M 42 -26.15 36.78 13.94
CA LEU M 42 -26.33 35.34 14.07
C LEU M 42 -25.27 34.58 13.23
N GLY M 43 -25.18 33.27 13.45
CA GLY M 43 -24.30 32.39 12.69
C GLY M 43 -24.96 31.03 12.51
N THR M 44 -25.03 30.50 11.28
CA THR M 44 -25.59 29.17 11.06
C THR M 44 -24.45 28.12 11.11
N MET M 45 -24.78 26.87 11.42
CA MET M 45 -23.75 25.83 11.53
C MET M 45 -24.04 24.57 10.72
N SER M 46 -23.00 24.05 10.08
CA SER M 46 -23.01 22.81 9.33
C SER M 46 -21.56 22.23 9.33
N GLY M 47 -21.45 20.91 9.23
CA GLY M 47 -20.16 20.26 9.23
C GLY M 47 -19.89 19.48 10.50
N CYS M 48 -18.69 19.62 11.04
CA CYS M 48 -18.33 18.95 12.28
C CYS M 48 -18.97 19.69 13.44
N ALA M 49 -19.72 19.01 14.27
CA ALA M 49 -20.41 19.62 15.39
C ALA M 49 -19.49 20.36 16.38
N ALA M 50 -18.38 19.73 16.78
CA ALA M 50 -17.45 20.33 17.73
C ALA M 50 -16.76 21.55 17.14
N ASP M 51 -16.40 21.48 15.87
CA ASP M 51 -15.77 22.59 15.16
C ASP M 51 -16.76 23.75 15.09
N CYS M 52 -18.01 23.48 14.74
CA CYS M 52 -19.05 24.49 14.65
C CYS M 52 -19.24 25.18 15.99
N GLN M 53 -19.53 24.41 17.04
CA GLN M 53 -19.74 24.97 18.38
C GLN M 53 -18.55 25.76 18.90
N TYR M 54 -17.35 25.17 18.92
CA TYR M 54 -16.18 25.87 19.44
C TYR M 54 -15.81 27.10 18.64
N TRP M 55 -15.68 26.98 17.32
CA TRP M 55 -15.25 28.10 16.49
C TRP M 55 -16.22 29.25 16.50
N GLU M 56 -17.53 28.97 16.36
CA GLU M 56 -18.50 30.06 16.39
C GLU M 56 -18.59 30.69 17.77
N ARG M 57 -18.42 29.91 18.86
CA ARG M 57 -18.39 30.46 20.21
C ARG M 57 -17.16 31.36 20.42
N LEU M 58 -16.06 31.09 19.70
CA LEU M 58 -14.83 31.86 19.74
C LEU M 58 -15.05 33.20 18.99
N LEU M 59 -15.82 33.18 17.88
CA LEU M 59 -16.13 34.41 17.15
C LEU M 59 -17.00 35.29 18.06
N ALA M 60 -18.01 34.67 18.73
CA ALA M 60 -18.90 35.35 19.66
C ALA M 60 -18.10 36.02 20.78
N LYS M 61 -17.11 35.31 21.36
CA LYS M 61 -16.27 35.87 22.42
C LYS M 61 -15.49 37.09 21.89
N GLU M 62 -14.97 37.00 20.68
CA GLU M 62 -14.24 38.09 20.06
C GLU M 62 -15.14 39.29 19.69
N CYS M 63 -16.41 39.01 19.35
CA CYS M 63 -17.41 40.02 19.02
C CYS M 63 -17.76 40.77 20.30
N ARG M 64 -17.97 40.03 21.39
CA ARG M 64 -18.27 40.61 22.69
C ARG M 64 -17.11 41.43 23.21
N LEU M 65 -15.91 40.96 23.01
CA LEU M 65 -14.72 41.66 23.42
C LEU M 65 -14.52 42.96 22.61
N TYR M 66 -14.95 42.98 21.34
CA TYR M 66 -14.88 44.15 20.45
C TYR M 66 -15.80 45.25 20.97
N TYR M 67 -17.03 44.88 21.41
CA TYR M 67 -18.02 45.81 21.93
C TYR M 67 -17.50 46.48 23.20
N LEU M 68 -16.85 45.72 24.08
CA LEU M 68 -16.31 46.27 25.30
C LEU M 68 -15.16 47.24 24.99
N ARG M 69 -14.36 46.97 23.97
CA ARG M 69 -13.25 47.83 23.58
C ARG M 69 -13.65 49.12 22.90
N ASN M 70 -14.57 49.05 21.92
CA ASN M 70 -14.98 50.20 21.13
C ASN M 70 -16.33 50.88 21.51
N GLY M 71 -17.17 50.18 22.26
CA GLY M 71 -18.49 50.69 22.63
C GLY M 71 -19.50 50.64 21.50
N GLU M 72 -19.13 50.00 20.38
CA GLU M 72 -19.93 49.79 19.17
C GLU M 72 -19.98 48.28 18.88
N ARG M 73 -21.02 47.85 18.17
CA ARG M 73 -21.12 46.44 17.76
C ARG M 73 -20.18 46.19 16.57
N ILE M 74 -19.67 44.95 16.46
CA ILE M 74 -18.83 44.57 15.33
C ILE M 74 -19.71 44.56 14.07
N SER M 75 -19.11 44.86 12.91
CA SER M 75 -19.85 44.83 11.66
C SER M 75 -19.95 43.38 11.16
N VAL M 76 -20.90 43.10 10.26
CA VAL M 76 -21.06 41.76 9.69
C VAL M 76 -19.81 41.38 8.92
N SER M 77 -19.17 42.35 8.21
CA SER M 77 -17.93 42.14 7.44
C SER M 77 -16.71 41.82 8.33
N ALA M 78 -16.62 42.41 9.53
CA ALA M 78 -15.51 42.13 10.42
C ALA M 78 -15.66 40.80 11.14
N ALA M 79 -16.90 40.44 11.53
CA ALA M 79 -17.22 39.17 12.18
C ALA M 79 -17.03 38.00 11.21
N SER M 80 -17.45 38.15 9.96
CA SER M 80 -17.28 37.09 8.96
C SER M 80 -15.80 36.94 8.61
N LYS M 81 -15.09 38.07 8.46
CA LYS M 81 -13.66 38.07 8.18
C LYS M 81 -12.84 37.49 9.33
N LEU M 82 -13.29 37.72 10.55
CA LEU M 82 -12.66 37.19 11.75
C LEU M 82 -12.69 35.66 11.74
N LEU M 83 -13.88 35.07 11.57
CA LEU M 83 -14.08 33.64 11.50
C LEU M 83 -13.24 32.99 10.39
N SER M 84 -13.25 33.54 9.16
CA SER M 84 -12.42 32.97 8.08
C SER M 84 -10.91 33.05 8.38
N ASN M 85 -10.45 34.06 9.14
CA ASN M 85 -9.04 34.12 9.51
C ASN M 85 -8.70 33.00 10.52
N MET M 86 -9.64 32.66 11.42
CA MET M 86 -9.45 31.57 12.38
C MET M 86 -9.30 30.25 11.63
N MET M 87 -10.17 30.04 10.61
CA MET M 87 -10.18 28.85 9.77
C MET M 87 -8.86 28.72 9.02
N CYS M 88 -8.36 29.85 8.49
CA CYS M 88 -7.12 29.98 7.74
C CYS M 88 -5.93 29.59 8.56
N GLN M 89 -5.91 29.94 9.85
CA GLN M 89 -4.80 29.52 10.70
C GLN M 89 -4.75 27.98 10.84
N TYR M 90 -5.90 27.30 10.75
CA TYR M 90 -5.96 25.86 10.90
C TYR M 90 -6.16 25.15 9.58
N ARG M 91 -5.48 25.62 8.54
CA ARG M 91 -5.61 25.04 7.22
C ARG M 91 -4.84 23.73 7.13
N GLY M 92 -5.51 22.71 6.63
CA GLY M 92 -4.95 21.37 6.55
C GLY M 92 -5.13 20.53 7.81
N MET M 93 -5.70 21.14 8.90
CA MET M 93 -5.93 20.46 10.16
C MET M 93 -7.14 19.53 10.20
N GLY M 94 -7.98 19.58 9.17
CA GLY M 94 -9.13 18.71 9.10
C GLY M 94 -10.41 19.27 9.70
N LEU M 95 -10.47 20.61 9.93
CA LEU M 95 -11.70 21.20 10.47
C LEU M 95 -12.79 21.11 9.40
N SER M 96 -14.05 20.99 9.81
CA SER M 96 -15.16 20.97 8.90
C SER M 96 -16.20 21.92 9.48
N MET M 97 -16.45 23.04 8.81
CA MET M 97 -17.40 24.02 9.28
C MET M 97 -17.89 24.89 8.13
N GLY M 98 -19.20 24.88 7.94
CA GLY M 98 -19.88 25.72 6.96
C GLY M 98 -20.84 26.62 7.70
N SER M 99 -20.66 27.93 7.55
CA SER M 99 -21.51 28.88 8.26
C SER M 99 -21.89 30.10 7.49
N MET M 100 -22.99 30.73 7.85
CA MET M 100 -23.42 31.96 7.23
C MET M 100 -23.57 32.98 8.33
N ILE M 101 -22.76 34.06 8.25
CA ILE M 101 -22.77 35.17 9.21
C ILE M 101 -23.80 36.18 8.73
N CYS M 102 -24.93 36.18 9.38
CA CYS M 102 -26.05 37.01 9.00
C CYS M 102 -26.24 38.09 10.04
N GLY M 103 -26.51 39.30 9.59
CA GLY M 103 -26.74 40.40 10.52
C GLY M 103 -27.23 41.70 9.92
N TRP M 104 -27.12 42.77 10.69
CA TRP M 104 -27.51 44.10 10.24
C TRP M 104 -26.57 45.10 10.90
N ASP M 105 -25.96 45.98 10.11
CA ASP M 105 -25.01 46.96 10.63
C ASP M 105 -25.21 48.34 9.97
N LYS M 106 -24.23 49.27 10.11
CA LYS M 106 -24.24 50.62 9.52
C LYS M 106 -24.43 50.59 7.98
N LYS M 107 -24.25 49.42 7.33
CA LYS M 107 -24.42 49.34 5.88
C LYS M 107 -25.61 48.46 5.45
N GLY M 108 -26.59 48.32 6.31
CA GLY M 108 -27.78 47.53 6.01
C GLY M 108 -27.64 46.06 6.36
N PRO M 109 -28.49 45.21 5.77
CA PRO M 109 -28.40 43.76 6.03
C PRO M 109 -27.11 43.18 5.51
N GLY M 110 -26.62 42.13 6.15
CA GLY M 110 -25.39 41.50 5.75
C GLY M 110 -25.45 39.98 5.81
N LEU M 111 -25.02 39.32 4.74
CA LEU M 111 -25.00 37.86 4.69
C LEU M 111 -23.73 37.42 4.04
N TYR M 112 -22.97 36.58 4.75
CA TYR M 112 -21.68 36.07 4.28
C TYR M 112 -21.64 34.56 4.43
N TYR M 113 -21.04 33.87 3.49
CA TYR M 113 -20.82 32.43 3.59
C TYR M 113 -19.34 32.27 3.95
N VAL M 114 -19.04 31.55 5.03
CA VAL M 114 -17.68 31.26 5.46
C VAL M 114 -17.54 29.73 5.55
N ASP M 115 -16.41 29.26 5.15
CA ASP M 115 -16.00 27.89 4.98
C ASP M 115 -14.70 27.60 5.78
N GLU M 116 -14.45 26.32 6.10
CA GLU M 116 -13.23 25.86 6.81
C GLU M 116 -11.95 26.14 6.04
N HIS M 117 -12.03 26.30 4.69
CA HIS M 117 -10.93 26.65 3.78
C HIS M 117 -10.53 28.13 3.87
N GLY M 118 -11.40 28.96 4.43
CA GLY M 118 -11.20 30.39 4.49
C GLY M 118 -11.93 31.09 3.35
N THR M 119 -12.97 30.46 2.80
CA THR M 119 -13.78 31.07 1.77
C THR M 119 -14.65 32.12 2.47
N ARG M 120 -14.78 33.30 1.90
CA ARG M 120 -15.59 34.35 2.45
C ARG M 120 -16.26 35.07 1.31
N LEU M 121 -17.55 34.79 1.15
CA LEU M 121 -18.35 35.37 0.09
C LEU M 121 -19.48 36.19 0.63
N SER M 122 -19.67 37.40 0.11
CA SER M 122 -20.85 38.19 0.44
C SER M 122 -21.85 37.86 -0.69
N GLY M 123 -23.11 37.73 -0.34
CA GLY M 123 -24.15 37.41 -1.30
C GLY M 123 -25.52 37.58 -0.73
N ASN M 124 -26.54 37.53 -1.58
CA ASN M 124 -27.91 37.69 -1.10
C ASN M 124 -28.66 36.35 -0.96
N MET M 125 -27.99 35.21 -1.24
CA MET M 125 -28.60 33.89 -1.07
C MET M 125 -27.54 32.80 -0.98
N PHE M 126 -27.54 32.02 0.11
CA PHE M 126 -26.64 30.88 0.26
C PHE M 126 -27.37 29.68 0.89
N SER M 127 -26.77 28.49 0.80
CA SER M 127 -27.29 27.27 1.39
C SER M 127 -26.10 26.35 1.63
N THR M 128 -26.01 25.78 2.84
CA THR M 128 -24.89 24.91 3.23
C THR M 128 -25.41 23.59 3.79
N GLY M 129 -24.57 22.57 3.74
CA GLY M 129 -24.92 21.27 4.31
C GLY M 129 -25.13 20.21 3.27
N SER M 130 -25.29 18.96 3.75
CA SER M 130 -25.52 17.78 2.91
C SER M 130 -26.79 17.87 2.06
N GLY M 131 -27.73 18.76 2.42
CA GLY M 131 -28.96 18.92 1.67
C GLY M 131 -29.11 20.28 1.00
N ASN M 132 -28.01 21.04 0.89
CA ASN M 132 -28.05 22.37 0.29
C ASN M 132 -28.64 22.38 -1.15
N THR M 133 -28.32 21.39 -2.00
CA THR M 133 -28.85 21.34 -3.37
C THR M 133 -30.39 21.29 -3.40
N TYR M 134 -31.00 20.52 -2.50
CA TYR M 134 -32.45 20.40 -2.47
C TYR M 134 -33.05 21.76 -2.05
N ALA M 135 -32.41 22.42 -1.05
CA ALA M 135 -32.82 23.73 -0.53
C ALA M 135 -32.68 24.81 -1.58
N TYR M 136 -31.62 24.77 -2.40
CA TYR M 136 -31.38 25.75 -3.46
C TYR M 136 -32.48 25.65 -4.51
N GLY M 137 -32.84 24.43 -4.90
CA GLY M 137 -33.91 24.18 -5.87
C GLY M 137 -35.26 24.82 -5.48
N VAL M 138 -35.72 24.60 -4.24
CA VAL M 138 -37.00 25.14 -3.79
C VAL M 138 -36.91 26.65 -3.58
N MET M 139 -35.82 27.10 -2.99
CA MET M 139 -35.58 28.51 -2.74
C MET M 139 -35.54 29.31 -4.08
N ASP M 140 -34.71 28.89 -5.02
CA ASP M 140 -34.60 29.57 -6.30
C ASP M 140 -35.92 29.74 -7.04
N SER M 141 -36.76 28.69 -7.04
CA SER M 141 -38.03 28.67 -7.74
C SER M 141 -39.03 29.72 -7.28
N GLY M 142 -39.19 29.87 -5.96
CA GLY M 142 -40.15 30.83 -5.43
C GLY M 142 -39.59 32.17 -4.94
N TYR M 143 -38.30 32.46 -5.19
CA TYR M 143 -37.72 33.71 -4.69
C TYR M 143 -37.88 34.91 -5.62
N ARG M 144 -38.39 35.99 -5.05
CA ARG M 144 -38.54 37.30 -5.67
C ARG M 144 -38.16 38.31 -4.58
N PRO M 145 -37.40 39.36 -4.92
CA PRO M 145 -36.91 40.28 -3.87
C PRO M 145 -38.01 41.00 -3.10
N ASN M 146 -39.22 41.08 -3.67
CA ASN M 146 -40.37 41.77 -3.09
C ASN M 146 -41.31 40.88 -2.27
N LEU M 147 -40.81 39.75 -1.73
CA LEU M 147 -41.60 38.80 -0.92
C LEU M 147 -42.04 39.41 0.42
N SER M 148 -43.30 39.14 0.83
CA SER M 148 -43.84 39.54 2.13
C SER M 148 -43.05 38.85 3.22
N PRO M 149 -43.02 39.34 4.48
CA PRO M 149 -42.34 38.59 5.54
C PRO M 149 -42.94 37.19 5.66
N GLU M 150 -44.28 37.05 5.68
CA GLU M 150 -44.97 35.76 5.73
C GLU M 150 -44.72 34.89 4.48
N GLU M 151 -44.59 35.50 3.31
CA GLU M 151 -44.30 34.74 2.07
C GLU M 151 -42.86 34.19 2.10
N ALA M 152 -41.91 34.96 2.67
CA ALA M 152 -40.51 34.58 2.83
C ALA M 152 -40.40 33.47 3.88
N TYR M 153 -41.21 33.53 4.96
CA TYR M 153 -41.22 32.47 5.98
C TYR M 153 -41.66 31.14 5.35
N ASP M 154 -42.54 31.17 4.33
CA ASP M 154 -42.98 29.95 3.67
C ASP M 154 -41.88 29.43 2.76
N LEU M 155 -41.20 30.33 2.04
CA LEU M 155 -40.10 29.93 1.17
C LEU M 155 -38.97 29.30 1.98
N GLY M 156 -38.64 29.86 3.14
CA GLY M 156 -37.59 29.31 3.98
C GLY M 156 -37.98 28.01 4.67
N ARG M 157 -39.25 27.89 4.99
CA ARG M 157 -39.85 26.75 5.67
C ARG M 157 -39.88 25.54 4.72
N ARG M 158 -40.41 25.75 3.50
CA ARG M 158 -40.52 24.75 2.46
C ARG M 158 -39.16 24.32 1.94
N ALA M 159 -38.21 25.25 1.78
CA ALA M 159 -36.89 24.90 1.30
C ALA M 159 -36.18 23.90 2.21
N ILE M 160 -36.26 24.08 3.53
CA ILE M 160 -35.68 23.16 4.50
C ILE M 160 -36.52 21.91 4.55
N ALA M 161 -37.87 22.06 4.66
CA ALA M 161 -38.78 20.91 4.68
C ALA M 161 -38.55 19.88 3.54
N TYR M 162 -38.42 20.36 2.29
CA TYR M 162 -38.21 19.46 1.16
C TYR M 162 -36.83 18.85 1.15
N ALA M 163 -35.82 19.56 1.71
CA ALA M 163 -34.45 19.07 1.80
C ALA M 163 -34.32 17.94 2.85
N THR M 164 -35.09 18.01 3.95
CA THR M 164 -35.08 16.94 4.95
C THR M 164 -35.73 15.68 4.37
N HIS M 165 -36.77 15.86 3.50
CA HIS M 165 -37.42 14.77 2.79
C HIS M 165 -36.42 13.95 1.96
N ARG M 166 -35.58 14.60 1.12
CA ARG M 166 -34.67 13.84 0.26
C ARG M 166 -33.31 13.54 0.90
N ASP M 167 -32.76 14.45 1.74
CA ASP M 167 -31.46 14.26 2.39
C ASP M 167 -31.54 13.47 3.71
N SER M 168 -30.95 12.27 3.76
CA SER M 168 -30.96 11.44 4.98
C SER M 168 -30.22 12.05 6.16
N TYR M 169 -29.33 13.00 5.91
CA TYR M 169 -28.59 13.67 6.98
C TYR M 169 -29.25 14.99 7.39
N SER M 170 -30.52 15.21 7.00
CA SER M 170 -31.36 16.36 7.41
C SER M 170 -32.73 15.89 7.89
N GLY M 171 -33.22 16.52 8.93
CA GLY M 171 -34.53 16.21 9.50
C GLY M 171 -34.78 16.97 10.80
N GLY M 172 -35.66 16.48 11.64
CA GLY M 172 -35.98 17.12 12.92
C GLY M 172 -36.96 18.28 12.85
N VAL M 173 -36.48 19.52 13.15
CA VAL M 173 -37.27 20.75 13.10
C VAL M 173 -36.55 21.82 12.28
N VAL M 174 -37.29 22.84 11.81
CA VAL M 174 -36.75 24.01 11.12
C VAL M 174 -36.68 25.09 12.14
N ASN M 175 -35.50 25.69 12.36
CA ASN M 175 -35.38 26.83 13.25
C ASN M 175 -35.15 28.03 12.32
N MET M 176 -36.12 28.95 12.27
CA MET M 176 -36.05 30.08 11.35
C MET M 176 -36.04 31.41 12.06
N TYR M 177 -35.15 32.31 11.61
CA TYR M 177 -34.96 33.67 12.14
C TYR M 177 -35.19 34.70 11.03
N HIS M 178 -35.68 35.87 11.40
CA HIS M 178 -35.88 36.97 10.47
C HIS M 178 -35.04 38.12 11.00
N MET M 179 -34.03 38.55 10.23
CA MET M 179 -33.14 39.66 10.59
C MET M 179 -33.73 40.99 10.12
N LYS M 180 -34.15 41.81 11.08
CA LYS M 180 -34.72 43.12 10.79
C LYS M 180 -33.72 44.24 11.16
N GLU M 181 -34.09 45.50 10.90
CA GLU M 181 -33.25 46.67 11.16
C GLU M 181 -32.91 46.85 12.64
N ASP M 182 -33.83 46.45 13.52
CA ASP M 182 -33.56 46.56 14.96
C ASP M 182 -33.37 45.20 15.63
N GLY M 183 -32.70 44.30 14.93
CA GLY M 183 -32.38 42.98 15.43
C GLY M 183 -33.19 41.86 14.83
N TRP M 184 -32.83 40.61 15.18
CA TRP M 184 -33.51 39.43 14.66
C TRP M 184 -34.70 39.04 15.56
N VAL M 185 -35.62 38.24 15.00
CA VAL M 185 -36.74 37.67 15.74
C VAL M 185 -36.80 36.20 15.33
N LYS M 186 -36.76 35.27 16.30
CA LYS M 186 -36.87 33.84 16.02
C LYS M 186 -38.34 33.57 15.64
N VAL M 187 -38.59 33.35 14.35
CA VAL M 187 -39.92 33.15 13.78
C VAL M 187 -40.60 31.88 14.27
N GLU M 188 -39.95 30.71 14.14
CA GLU M 188 -40.56 29.44 14.54
C GLU M 188 -39.53 28.32 14.70
N SER M 189 -39.96 27.19 15.29
CA SER M 189 -39.21 25.97 15.49
C SER M 189 -40.26 24.90 15.21
N THR M 190 -40.35 24.51 13.94
CA THR M 190 -41.41 23.65 13.43
C THR M 190 -40.96 22.27 12.93
N ASP M 191 -41.68 21.21 13.35
CA ASP M 191 -41.41 19.83 12.95
C ASP M 191 -41.62 19.64 11.46
N VAL M 192 -40.58 19.13 10.81
CA VAL M 192 -40.47 18.98 9.39
C VAL M 192 -41.37 17.93 8.82
N SER M 193 -41.52 16.77 9.51
CA SER M 193 -42.46 15.75 9.05
C SER M 193 -43.88 16.25 9.15
N ASP M 194 -44.23 17.06 10.19
CA ASP M 194 -45.60 17.63 10.29
C ASP M 194 -45.86 18.53 9.07
N LEU M 195 -44.83 19.30 8.63
CA LEU M 195 -44.94 20.18 7.47
C LEU M 195 -45.13 19.34 6.24
N LEU M 196 -44.24 18.34 5.99
CA LEU M 196 -44.30 17.44 4.82
C LEU M 196 -45.67 16.74 4.75
N HIS M 197 -46.21 16.29 5.89
CA HIS M 197 -47.52 15.65 5.97
C HIS M 197 -48.61 16.61 5.60
N GLN M 198 -48.48 17.89 5.98
CA GLN M 198 -49.42 18.95 5.64
C GLN M 198 -49.44 19.17 4.14
N TYR M 199 -48.25 19.15 3.49
CA TYR M 199 -48.15 19.30 2.04
C TYR M 199 -48.66 18.05 1.29
N ARG M 200 -48.45 16.84 1.86
CA ARG M 200 -48.92 15.59 1.24
C ARG M 200 -50.44 15.59 1.29
N GLU M 201 -51.03 15.84 2.48
CA GLU M 201 -52.49 15.91 2.72
C GLU M 201 -53.22 16.95 1.85
N ALA M 202 -52.46 17.87 1.22
CA ALA M 202 -52.95 18.89 0.31
C ALA M 202 -52.80 18.45 -1.16
N ASN M 203 -53.05 17.15 -1.43
CA ASN M 203 -53.00 16.54 -2.77
C ASN M 203 -54.05 15.39 -2.88
N ARG N 1 2.22 -1.16 14.11
CA ARG N 1 1.90 0.19 14.58
C ARG N 1 1.11 0.10 15.88
N PHE N 2 1.48 0.92 16.84
CA PHE N 2 0.82 0.94 18.14
C PHE N 2 -0.46 1.81 18.03
N SER N 3 -1.57 1.36 18.64
CA SER N 3 -2.77 2.16 18.64
C SER N 3 -2.97 2.63 20.06
N PRO N 4 -3.11 3.94 20.26
CA PRO N 4 -3.29 4.44 21.64
C PRO N 4 -4.69 4.25 22.20
N TYR N 5 -5.57 3.55 21.49
CA TYR N 5 -6.93 3.35 21.94
C TYR N 5 -7.34 1.90 21.97
N VAL N 6 -8.31 1.63 22.81
CA VAL N 6 -8.93 0.32 22.99
C VAL N 6 -10.37 0.59 23.41
N PHE N 7 -11.30 -0.30 23.03
CA PHE N 7 -12.69 -0.11 23.37
C PHE N 7 -13.02 -0.98 24.57
N ASN N 8 -13.36 -0.35 25.72
CA ASN N 8 -13.68 -1.07 26.96
C ASN N 8 -15.18 -1.18 27.28
N GLY N 9 -16.03 -0.68 26.37
CA GLY N 9 -17.47 -0.79 26.46
C GLY N 9 -18.15 -0.13 27.64
N GLY N 10 -19.38 -0.58 27.89
CA GLY N 10 -20.19 -0.01 28.95
C GLY N 10 -21.21 0.99 28.46
N THR N 11 -22.36 1.04 29.14
CA THR N 11 -23.48 1.90 28.80
C THR N 11 -23.78 2.89 29.90
N ILE N 12 -24.03 4.14 29.52
CA ILE N 12 -24.42 5.20 30.42
C ILE N 12 -25.77 5.78 29.93
N LEU N 13 -26.55 6.37 30.83
CA LEU N 13 -27.85 6.92 30.50
C LEU N 13 -28.22 7.98 31.56
N ALA N 14 -28.82 9.10 31.17
CA ALA N 14 -29.27 10.10 32.13
C ALA N 14 -30.67 10.59 31.80
N ILE N 15 -31.45 10.95 32.83
CA ILE N 15 -32.80 11.49 32.65
C ILE N 15 -32.95 12.74 33.51
N ALA N 16 -33.41 13.84 32.91
CA ALA N 16 -33.69 15.07 33.64
C ALA N 16 -35.16 15.14 34.00
N GLY N 17 -35.45 15.18 35.29
CA GLY N 17 -36.81 15.32 35.81
C GLY N 17 -37.10 16.70 36.36
N GLU N 18 -38.31 16.93 36.85
CA GLU N 18 -38.73 18.24 37.37
C GLU N 18 -37.85 18.75 38.48
N ASP N 19 -37.53 17.88 39.44
CA ASP N 19 -36.71 18.23 40.59
C ASP N 19 -35.59 17.23 40.86
N PHE N 20 -35.18 16.46 39.85
CA PHE N 20 -34.20 15.41 40.01
C PHE N 20 -33.46 15.17 38.70
N ALA N 21 -32.37 14.40 38.75
CA ALA N 21 -31.64 13.95 37.56
C ALA N 21 -31.05 12.58 37.90
N ILE N 22 -31.21 11.59 37.01
CA ILE N 22 -30.66 10.25 37.23
C ILE N 22 -29.50 10.06 36.28
N VAL N 23 -28.36 9.58 36.77
CA VAL N 23 -27.27 9.20 35.87
C VAL N 23 -26.99 7.72 36.19
N ALA N 24 -27.07 6.82 35.19
CA ALA N 24 -26.91 5.38 35.44
C ALA N 24 -25.89 4.72 34.51
N SER N 25 -25.33 3.59 34.95
CA SER N 25 -24.38 2.84 34.14
C SER N 25 -24.27 1.36 34.51
N ASP N 26 -23.77 0.56 33.59
CA ASP N 26 -23.46 -0.83 33.90
C ASP N 26 -22.08 -0.83 34.64
N THR N 27 -21.71 -1.99 35.20
CA THR N 27 -20.45 -2.09 35.90
C THR N 27 -19.44 -2.92 35.11
N ARG N 28 -19.73 -3.34 33.86
CA ARG N 28 -18.76 -4.14 33.09
C ARG N 28 -17.64 -3.34 32.43
N LEU N 29 -16.42 -3.89 32.49
CA LEU N 29 -15.25 -3.36 31.82
C LEU N 29 -14.67 -4.54 31.03
N SER N 30 -14.44 -4.36 29.73
CA SER N 30 -13.93 -5.45 28.90
C SER N 30 -12.89 -5.00 27.88
N GLU N 31 -12.43 -5.93 27.06
CA GLU N 31 -11.46 -5.70 26.02
C GLU N 31 -11.49 -6.96 25.18
N GLY N 32 -11.81 -6.82 23.91
CA GLY N 32 -11.94 -7.98 23.02
C GLY N 32 -13.09 -8.84 23.44
N PHE N 33 -12.83 -10.13 23.70
CA PHE N 33 -13.91 -11.00 24.23
C PHE N 33 -13.73 -11.32 25.74
N SER N 34 -12.87 -10.55 26.42
CA SER N 34 -12.54 -10.73 27.84
C SER N 34 -13.24 -9.68 28.72
N ILE N 35 -13.47 -10.01 30.00
CA ILE N 35 -14.03 -9.08 30.98
C ILE N 35 -12.88 -8.75 31.92
N HIS N 36 -12.55 -7.47 32.04
CA HIS N 36 -11.47 -7.02 32.90
C HIS N 36 -11.93 -7.17 34.33
N THR N 37 -13.08 -6.53 34.65
CA THR N 37 -13.72 -6.55 35.94
C THR N 37 -15.23 -6.42 35.78
N ARG N 38 -16.00 -6.98 36.76
CA ARG N 38 -17.46 -6.89 36.80
C ARG N 38 -17.95 -5.73 37.71
N ASP N 39 -17.04 -5.05 38.45
CA ASP N 39 -17.35 -3.94 39.32
C ASP N 39 -16.61 -2.72 38.86
N SER N 40 -17.09 -2.14 37.79
CA SER N 40 -16.55 -0.91 37.21
C SER N 40 -17.68 0.05 36.85
N PRO N 41 -18.28 0.69 37.86
CA PRO N 41 -19.37 1.64 37.58
C PRO N 41 -18.83 2.89 36.88
N LYS N 42 -19.61 3.43 35.94
CA LYS N 42 -19.21 4.57 35.15
C LYS N 42 -19.75 5.89 35.67
N CYS N 43 -20.17 5.96 36.94
CA CYS N 43 -20.68 7.22 37.50
C CYS N 43 -19.72 7.86 38.45
N TYR N 44 -19.52 9.15 38.25
CA TYR N 44 -18.55 9.92 38.99
C TYR N 44 -19.20 11.18 39.61
N LYS N 45 -19.15 11.29 40.96
CA LYS N 45 -19.72 12.44 41.66
C LYS N 45 -18.75 13.62 41.59
N LEU N 46 -19.23 14.75 41.05
CA LEU N 46 -18.40 15.93 40.88
C LEU N 46 -18.70 16.97 41.95
N THR N 47 -20.00 17.31 42.15
CA THR N 47 -20.49 18.22 43.21
C THR N 47 -21.73 17.58 43.85
N ASP N 48 -22.23 18.15 44.94
CA ASP N 48 -23.46 17.68 45.56
C ASP N 48 -24.69 17.85 44.65
N LYS N 49 -24.56 18.52 43.48
CA LYS N 49 -25.67 18.59 42.53
C LYS N 49 -25.28 18.23 41.10
N THR N 50 -24.10 17.63 40.89
CA THR N 50 -23.64 17.24 39.56
C THR N 50 -22.90 15.91 39.59
N VAL N 51 -23.37 14.96 38.74
CA VAL N 51 -22.84 13.62 38.51
C VAL N 51 -22.47 13.49 37.01
N ILE N 52 -21.48 12.65 36.66
CA ILE N 52 -21.13 12.45 35.24
C ILE N 52 -20.99 10.96 34.92
N GLY N 53 -21.45 10.56 33.73
CA GLY N 53 -21.34 9.21 33.22
C GLY N 53 -20.30 9.22 32.12
N CYS N 54 -19.34 8.31 32.18
CA CYS N 54 -18.24 8.26 31.23
C CYS N 54 -18.07 6.88 30.72
N SER N 55 -17.90 6.75 29.38
CA SER N 55 -17.83 5.45 28.70
C SER N 55 -16.95 5.53 27.44
N GLY N 56 -16.22 4.46 27.13
CA GLY N 56 -15.39 4.44 25.93
C GLY N 56 -14.05 3.79 26.19
N PHE N 57 -12.96 4.54 26.02
CA PHE N 57 -11.62 4.02 26.28
C PHE N 57 -11.38 4.32 27.76
N HIS N 58 -11.18 3.28 28.62
CA HIS N 58 -11.02 3.48 30.06
C HIS N 58 -9.83 4.36 30.45
N GLY N 59 -8.74 4.36 29.70
CA GLY N 59 -7.58 5.19 29.99
C GLY N 59 -7.93 6.66 29.94
N ASP N 60 -8.75 7.03 28.94
CA ASP N 60 -9.27 8.38 28.74
C ASP N 60 -10.34 8.72 29.76
N CYS N 61 -11.17 7.75 30.15
CA CYS N 61 -12.17 7.91 31.19
C CYS N 61 -11.51 8.28 32.50
N LEU N 62 -10.46 7.56 32.90
CA LEU N 62 -9.76 7.85 34.15
C LEU N 62 -9.08 9.21 34.14
N THR N 63 -8.50 9.57 33.02
CA THR N 63 -7.80 10.83 32.90
C THR N 63 -8.75 12.02 32.89
N LEU N 64 -9.74 12.03 32.00
CA LEU N 64 -10.69 13.13 31.91
C LEU N 64 -11.42 13.34 33.24
N THR N 65 -11.65 12.25 33.98
CA THR N 65 -12.27 12.26 35.29
C THR N 65 -11.36 12.99 36.32
N LYS N 66 -10.09 12.62 36.45
CA LYS N 66 -9.16 13.30 37.36
C LYS N 66 -9.00 14.77 36.96
N ILE N 67 -8.96 15.12 35.65
CA ILE N 67 -8.85 16.50 35.18
C ILE N 67 -10.08 17.30 35.58
N ILE N 68 -11.30 16.73 35.44
CA ILE N 68 -12.53 17.40 35.84
C ILE N 68 -12.49 17.66 37.34
N GLU N 69 -12.13 16.63 38.11
CA GLU N 69 -11.98 16.71 39.57
C GLU N 69 -11.00 17.85 39.96
N ALA N 70 -9.83 17.90 39.36
CA ALA N 70 -8.84 18.95 39.62
C ALA N 70 -9.33 20.35 39.22
N ARG N 71 -10.01 20.48 38.07
CA ARG N 71 -10.50 21.77 37.58
C ARG N 71 -11.59 22.36 38.49
N LEU N 72 -12.46 21.52 39.08
CA LEU N 72 -13.48 22.01 40.00
C LEU N 72 -12.81 22.61 41.22
N LYS N 73 -11.79 21.94 41.75
CA LYS N 73 -11.08 22.47 42.95
C LYS N 73 -10.46 23.82 42.60
N MET N 74 -9.85 23.91 41.41
CA MET N 74 -9.21 25.15 40.96
C MET N 74 -10.23 26.27 40.88
N TYR N 75 -11.43 25.98 40.37
CA TYR N 75 -12.50 26.96 40.22
C TYR N 75 -12.99 27.42 41.58
N LYS N 76 -13.17 26.48 42.53
CA LYS N 76 -13.61 26.75 43.90
C LYS N 76 -12.61 27.68 44.56
N HIS N 77 -11.31 27.40 44.42
CA HIS N 77 -10.28 28.26 45.01
C HIS N 77 -10.34 29.65 44.38
N SER N 78 -10.47 29.72 43.05
CA SER N 78 -10.51 31.01 42.36
C SER N 78 -11.81 31.85 42.60
N ASN N 79 -12.97 31.23 42.69
CA ASN N 79 -14.24 31.94 42.78
C ASN N 79 -14.98 31.83 44.11
N ASN N 80 -14.47 31.03 45.02
CA ASN N 80 -15.03 30.79 46.35
C ASN N 80 -16.48 30.33 46.26
N LYS N 81 -16.75 29.44 45.28
CA LYS N 81 -18.05 28.79 45.06
C LYS N 81 -17.89 27.54 44.19
N ALA N 82 -18.84 26.62 44.32
CA ALA N 82 -18.82 25.39 43.54
C ALA N 82 -19.31 25.67 42.14
N MET N 83 -18.79 24.94 41.15
CA MET N 83 -19.24 25.10 39.78
C MET N 83 -20.66 24.62 39.64
N THR N 84 -21.50 25.40 38.96
CA THR N 84 -22.87 24.97 38.66
C THR N 84 -22.79 23.85 37.59
N THR N 85 -23.91 23.12 37.36
CA THR N 85 -23.96 22.06 36.34
C THR N 85 -23.62 22.63 34.95
N GLY N 86 -24.18 23.78 34.60
CA GLY N 86 -23.93 24.46 33.35
C GLY N 86 -22.48 24.88 33.14
N ALA N 87 -21.80 25.31 34.20
CA ALA N 87 -20.39 25.71 34.10
C ALA N 87 -19.52 24.48 33.90
N ILE N 88 -19.83 23.36 34.58
CA ILE N 88 -19.09 22.11 34.36
C ILE N 88 -19.30 21.65 32.92
N ALA N 89 -20.55 21.72 32.39
CA ALA N 89 -20.78 21.32 30.98
C ALA N 89 -20.00 22.18 29.98
N ALA N 90 -20.09 23.52 30.13
CA ALA N 90 -19.37 24.44 29.27
C ALA N 90 -17.88 24.23 29.34
N MET N 91 -17.35 23.87 30.52
CA MET N 91 -15.92 23.67 30.69
C MET N 91 -15.48 22.39 30.04
N LEU N 92 -16.24 21.30 30.22
CA LEU N 92 -15.94 19.99 29.65
C LEU N 92 -15.85 20.07 28.14
N SER N 93 -16.70 20.88 27.51
CA SER N 93 -16.62 21.09 26.07
C SER N 93 -15.25 21.64 25.64
N THR N 94 -14.68 22.58 26.45
CA THR N 94 -13.37 23.17 26.11
C THR N 94 -12.23 22.19 26.35
N ILE N 95 -12.36 21.35 27.39
CA ILE N 95 -11.37 20.34 27.72
C ILE N 95 -11.36 19.30 26.61
N LEU N 96 -12.56 18.81 26.17
CA LEU N 96 -12.67 17.84 25.09
C LEU N 96 -12.13 18.41 23.78
N TYR N 97 -12.49 19.66 23.43
CA TYR N 97 -11.96 20.30 22.21
C TYR N 97 -10.47 20.63 22.31
N SER N 98 -9.89 20.67 23.52
CA SER N 98 -8.43 20.89 23.64
C SER N 98 -7.66 19.71 23.03
N ARG N 99 -8.33 18.53 22.91
CA ARG N 99 -7.82 17.31 22.29
C ARG N 99 -8.50 17.01 20.93
N ARG N 100 -8.89 18.07 20.19
CA ARG N 100 -9.50 17.97 18.86
C ARG N 100 -8.64 17.13 17.91
N PHE N 101 -7.31 17.21 18.04
CA PHE N 101 -6.44 16.45 17.14
C PHE N 101 -5.91 15.13 17.76
N PHE N 102 -6.22 14.82 19.01
CA PHE N 102 -5.85 13.54 19.64
C PHE N 102 -6.94 13.35 20.67
N PRO N 103 -8.15 13.00 20.22
CA PRO N 103 -9.29 13.00 21.13
C PRO N 103 -9.22 12.08 22.34
N TYR N 104 -10.10 12.42 23.33
CA TYR N 104 -10.41 11.61 24.48
C TYR N 104 -11.52 10.73 23.91
N TYR N 105 -11.32 9.43 23.83
CA TYR N 105 -12.34 8.51 23.31
C TYR N 105 -13.32 8.25 24.50
N VAL N 106 -14.12 9.26 24.85
CA VAL N 106 -15.06 9.22 25.96
C VAL N 106 -16.42 9.82 25.52
N TYR N 107 -17.52 9.17 25.92
CA TYR N 107 -18.90 9.62 25.73
C TYR N 107 -19.33 10.09 27.12
N ASN N 108 -19.63 11.39 27.25
CA ASN N 108 -19.95 11.97 28.54
C ASN N 108 -21.40 12.37 28.60
N ILE N 109 -22.05 12.13 29.74
CA ILE N 109 -23.39 12.60 29.96
C ILE N 109 -23.42 13.17 31.36
N ILE N 110 -23.49 14.49 31.49
CA ILE N 110 -23.60 15.16 32.79
C ILE N 110 -25.08 15.16 33.18
N GLY N 111 -25.33 14.99 34.47
CA GLY N 111 -26.66 15.01 35.04
C GLY N 111 -26.63 15.65 36.42
N GLY N 112 -27.52 16.60 36.65
CA GLY N 112 -27.61 17.27 37.92
C GLY N 112 -28.72 18.27 37.96
N LEU N 113 -28.62 19.28 38.85
CA LEU N 113 -29.66 20.30 38.94
C LEU N 113 -29.19 21.61 38.37
N ASP N 114 -30.14 22.38 37.81
CA ASP N 114 -29.84 23.72 37.33
C ASP N 114 -30.01 24.75 38.49
N GLU N 115 -29.79 26.06 38.21
CA GLU N 115 -29.94 27.09 39.23
C GLU N 115 -31.40 27.29 39.69
N GLU N 116 -32.39 26.75 38.95
CA GLU N 116 -33.77 26.78 39.43
C GLU N 116 -34.12 25.48 40.23
N GLY N 117 -33.17 24.57 40.45
CA GLY N 117 -33.40 23.31 41.16
C GLY N 117 -34.05 22.24 40.29
N LYS N 118 -34.18 22.49 38.97
CA LYS N 118 -34.77 21.52 38.06
C LYS N 118 -33.68 20.55 37.53
N GLY N 119 -34.11 19.48 36.87
CA GLY N 119 -33.20 18.49 36.30
C GLY N 119 -32.55 19.01 35.04
N ALA N 120 -31.26 18.72 34.92
CA ALA N 120 -30.45 19.14 33.80
C ALA N 120 -29.63 17.96 33.37
N VAL N 121 -29.58 17.71 32.06
CA VAL N 121 -28.77 16.68 31.43
C VAL N 121 -28.02 17.36 30.29
N TYR N 122 -26.71 17.13 30.18
CA TYR N 122 -25.91 17.68 29.09
C TYR N 122 -25.18 16.49 28.45
N SER N 123 -25.33 16.29 27.14
CA SER N 123 -24.71 15.14 26.49
C SER N 123 -23.62 15.59 25.55
N PHE N 124 -22.49 14.86 25.49
CA PHE N 124 -21.36 15.26 24.67
C PHE N 124 -20.84 14.18 23.68
N ASP N 125 -20.12 14.62 22.64
CA ASP N 125 -19.42 13.69 21.74
C ASP N 125 -17.93 13.78 22.14
N PRO N 126 -17.13 12.76 21.81
CA PRO N 126 -15.70 12.79 22.18
C PRO N 126 -14.93 14.10 21.94
N VAL N 127 -15.33 14.89 20.93
CA VAL N 127 -14.57 16.09 20.54
C VAL N 127 -15.11 17.40 21.15
N GLY N 128 -16.23 17.35 21.90
CA GLY N 128 -16.70 18.52 22.63
C GLY N 128 -17.99 19.20 22.27
N SER N 129 -18.74 18.70 21.26
CA SER N 129 -20.04 19.28 20.97
C SER N 129 -21.04 18.77 22.00
N TYR N 130 -21.82 19.68 22.59
CA TYR N 130 -22.80 19.30 23.58
C TYR N 130 -24.08 20.08 23.46
N GLN N 131 -25.13 19.63 24.17
CA GLN N 131 -26.42 20.29 24.24
C GLN N 131 -27.14 19.86 25.54
N ARG N 132 -28.11 20.65 25.98
CA ARG N 132 -28.92 20.24 27.12
C ARG N 132 -30.01 19.30 26.60
N ASP N 133 -30.28 18.21 27.32
CA ASP N 133 -31.30 17.25 26.94
C ASP N 133 -32.34 16.93 28.06
N SER N 134 -33.50 16.43 27.65
CA SER N 134 -34.48 15.90 28.55
C SER N 134 -34.01 14.53 29.10
N PHE N 135 -33.28 13.78 28.28
CA PHE N 135 -32.73 12.45 28.54
C PHE N 135 -31.76 12.10 27.41
N LYS N 136 -30.90 11.11 27.65
CA LYS N 136 -29.94 10.64 26.65
C LYS N 136 -29.26 9.34 27.09
N ALA N 137 -28.93 8.46 26.12
CA ALA N 137 -28.15 7.24 26.30
C ALA N 137 -26.80 7.38 25.54
N GLY N 138 -25.76 6.79 26.11
CA GLY N 138 -24.41 6.75 25.56
C GLY N 138 -23.73 5.41 25.84
N GLY N 139 -22.60 5.16 25.20
CA GLY N 139 -21.87 3.90 25.40
C GLY N 139 -22.33 2.78 24.47
N SER N 140 -21.78 1.57 24.66
CA SER N 140 -22.03 0.42 23.79
C SER N 140 -23.50 0.13 23.41
N ALA N 141 -24.44 0.15 24.37
CA ALA N 141 -25.85 -0.11 24.04
C ALA N 141 -26.69 1.16 23.83
N SER N 142 -26.01 2.30 23.55
CA SER N 142 -26.60 3.60 23.29
C SER N 142 -27.76 3.54 22.30
N ALA N 143 -27.55 2.89 21.18
CA ALA N 143 -28.51 2.79 20.09
C ALA N 143 -29.69 1.86 20.38
N MET N 144 -29.58 1.00 21.40
CA MET N 144 -30.67 0.11 21.77
C MET N 144 -31.63 0.88 22.68
N LEU N 145 -31.06 1.62 23.66
CA LEU N 145 -31.83 2.32 24.66
C LEU N 145 -32.39 3.63 24.19
N GLN N 146 -31.71 4.31 23.25
CA GLN N 146 -32.18 5.64 22.83
C GLN N 146 -33.56 5.61 22.20
N PRO N 147 -33.91 4.66 21.30
CA PRO N 147 -35.25 4.65 20.75
C PRO N 147 -36.32 4.43 21.80
N LEU N 148 -36.05 3.60 22.84
CA LEU N 148 -37.05 3.41 23.90
C LEU N 148 -37.21 4.65 24.76
N LEU N 149 -36.13 5.42 25.01
CA LEU N 149 -36.21 6.66 25.77
C LEU N 149 -37.06 7.66 24.96
N ASP N 150 -36.79 7.80 23.65
CA ASP N 150 -37.55 8.65 22.75
C ASP N 150 -39.05 8.33 22.83
N ASN N 151 -39.41 7.05 22.87
CA ASN N 151 -40.80 6.60 22.95
C ASN N 151 -41.46 6.78 24.34
N GLN N 152 -40.93 6.11 25.35
CA GLN N 152 -41.50 6.11 26.67
C GLN N 152 -41.28 7.38 27.48
N VAL N 153 -40.15 8.04 27.31
CA VAL N 153 -39.87 9.26 28.05
C VAL N 153 -40.20 10.53 27.26
N GLY N 154 -40.13 10.47 25.94
CA GLY N 154 -40.45 11.60 25.08
C GLY N 154 -41.83 11.56 24.46
N PHE N 155 -42.55 10.43 24.62
CA PHE N 155 -43.91 10.20 24.09
C PHE N 155 -44.00 10.22 22.55
N LYS N 156 -42.88 9.98 21.87
CA LYS N 156 -42.81 10.03 20.42
C LYS N 156 -43.59 8.88 19.74
N ASN N 157 -44.20 9.18 18.60
CA ASN N 157 -45.02 8.26 17.83
C ASN N 157 -46.32 7.83 18.52
N MET N 158 -46.71 8.55 19.57
CA MET N 158 -47.94 8.24 20.29
C MET N 158 -48.93 9.39 20.24
N GLN N 159 -50.03 9.18 19.47
CA GLN N 159 -51.18 10.07 19.33
C GLN N 159 -52.20 9.72 20.39
N ASN N 160 -53.05 10.68 20.77
CA ASN N 160 -54.09 10.43 21.79
C ASN N 160 -53.51 9.86 23.10
N VAL N 161 -52.33 10.34 23.51
CA VAL N 161 -51.69 9.87 24.73
C VAL N 161 -51.55 11.03 25.69
N GLU N 162 -51.84 10.80 26.98
CA GLU N 162 -51.70 11.85 27.97
C GLU N 162 -50.22 12.04 28.30
N HIS N 163 -49.70 13.23 28.03
CA HIS N 163 -48.30 13.55 28.29
C HIS N 163 -48.02 13.78 29.77
N VAL N 164 -48.01 12.71 30.61
CA VAL N 164 -47.70 12.88 32.03
C VAL N 164 -46.18 12.95 32.23
N PRO N 165 -45.65 14.04 32.83
CA PRO N 165 -44.19 14.11 33.06
C PRO N 165 -43.72 12.98 33.97
N LEU N 166 -42.50 12.50 33.78
CA LEU N 166 -41.99 11.37 34.54
C LEU N 166 -41.66 11.68 35.99
N SER N 167 -42.01 10.76 36.88
CA SER N 167 -41.68 10.89 38.28
C SER N 167 -40.40 10.09 38.55
N LEU N 168 -39.72 10.36 39.68
CA LEU N 168 -38.50 9.65 40.07
C LEU N 168 -38.73 8.15 40.14
N ASP N 169 -39.87 7.74 40.65
CA ASP N 169 -40.22 6.33 40.80
C ASP N 169 -40.38 5.66 39.43
N ARG N 170 -41.03 6.35 38.50
CA ARG N 170 -41.35 5.85 37.18
C ARG N 170 -40.11 5.82 36.27
N ALA N 171 -39.22 6.81 36.42
CA ALA N 171 -37.96 6.91 35.69
C ALA N 171 -36.97 5.85 36.19
N MET N 172 -36.93 5.62 37.51
CA MET N 172 -36.10 4.57 38.12
C MET N 172 -36.54 3.22 37.61
N ARG N 173 -37.84 2.99 37.46
CA ARG N 173 -38.33 1.71 36.94
C ARG N 173 -37.96 1.53 35.46
N LEU N 174 -37.91 2.62 34.70
CA LEU N 174 -37.56 2.59 33.30
C LEU N 174 -36.08 2.33 33.13
N VAL N 175 -35.22 2.95 33.98
CA VAL N 175 -33.75 2.74 33.92
C VAL N 175 -33.45 1.28 34.22
N LYS N 176 -34.13 0.69 35.21
CA LYS N 176 -33.95 -0.70 35.57
C LYS N 176 -34.40 -1.63 34.45
N ASP N 177 -35.47 -1.30 33.72
CA ASP N 177 -35.93 -2.15 32.62
C ASP N 177 -35.13 -1.98 31.32
N VAL N 178 -34.55 -0.80 31.05
CA VAL N 178 -33.78 -0.61 29.82
C VAL N 178 -32.42 -1.24 29.96
N PHE N 179 -31.77 -1.15 31.13
CA PHE N 179 -30.50 -1.82 31.32
C PHE N 179 -30.66 -3.36 31.28
N ILE N 180 -31.83 -3.91 31.66
CA ILE N 180 -32.07 -5.35 31.55
C ILE N 180 -32.12 -5.74 30.06
N SER N 181 -32.74 -4.91 29.22
CA SER N 181 -32.78 -5.17 27.76
C SER N 181 -31.42 -4.96 27.11
N ALA N 182 -30.66 -3.95 27.54
CA ALA N 182 -29.32 -3.68 27.03
C ALA N 182 -28.42 -4.87 27.37
N ALA N 183 -28.52 -5.41 28.60
CA ALA N 183 -27.69 -6.54 29.00
C ALA N 183 -28.02 -7.83 28.29
N GLU N 184 -29.25 -7.97 27.75
CA GLU N 184 -29.70 -9.16 27.00
C GLU N 184 -29.15 -9.24 25.58
N ARG N 185 -28.92 -8.07 24.95
CA ARG N 185 -28.54 -7.96 23.57
C ARG N 185 -27.16 -7.37 23.31
N ASP N 186 -26.63 -6.56 24.24
CA ASP N 186 -25.30 -5.99 24.07
C ASP N 186 -24.35 -6.78 24.94
N VAL N 187 -23.31 -7.43 24.31
CA VAL N 187 -22.28 -8.25 25.00
C VAL N 187 -21.43 -7.41 25.98
N TYR N 188 -21.29 -6.11 25.74
CA TYR N 188 -20.47 -5.23 26.56
C TYR N 188 -21.18 -4.67 27.82
N THR N 189 -22.50 -4.90 27.92
CA THR N 189 -23.32 -4.40 29.01
C THR N 189 -23.79 -5.56 29.89
N GLY N 190 -23.62 -5.42 31.21
CA GLY N 190 -23.94 -6.47 32.16
C GLY N 190 -23.30 -6.39 33.54
N ASP N 191 -23.43 -7.49 34.29
CA ASP N 191 -22.97 -7.71 35.65
C ASP N 191 -23.85 -6.96 36.69
N ALA N 192 -23.89 -5.60 36.68
CA ALA N 192 -24.75 -4.79 37.53
C ALA N 192 -25.07 -3.40 36.92
N LEU N 193 -26.14 -2.74 37.43
CA LEU N 193 -26.59 -1.41 37.05
C LEU N 193 -26.37 -0.53 38.27
N ARG N 194 -25.59 0.54 38.13
CA ARG N 194 -25.32 1.51 39.20
C ARG N 194 -26.13 2.75 38.84
N ILE N 195 -27.00 3.18 39.72
CA ILE N 195 -27.85 4.34 39.47
C ILE N 195 -27.51 5.49 40.44
N CYS N 196 -27.28 6.72 39.93
CA CYS N 196 -27.05 7.89 40.76
C CYS N 196 -28.27 8.81 40.69
N ILE N 197 -28.86 9.14 41.82
CA ILE N 197 -30.01 10.04 41.85
C ILE N 197 -29.63 11.38 42.47
N VAL N 198 -29.83 12.48 41.73
CA VAL N 198 -29.49 13.81 42.24
C VAL N 198 -30.77 14.57 42.51
N THR N 199 -30.93 15.04 43.75
CA THR N 199 -32.07 15.83 44.24
C THR N 199 -31.57 17.00 45.14
N LYS N 200 -32.47 17.89 45.61
CA LYS N 200 -32.07 18.99 46.53
C LYS N 200 -31.32 18.47 47.76
N GLU N 201 -31.68 17.28 48.20
CA GLU N 201 -31.12 16.58 49.34
C GLU N 201 -29.71 15.98 49.09
N GLY N 202 -29.32 15.89 47.84
CA GLY N 202 -28.02 15.33 47.48
C GLY N 202 -28.08 14.10 46.62
N ILE N 203 -27.00 13.32 46.64
CA ILE N 203 -26.86 12.14 45.82
C ILE N 203 -27.07 10.82 46.55
N ARG N 204 -27.91 9.95 46.00
CA ARG N 204 -28.09 8.58 46.48
C ARG N 204 -27.59 7.64 45.36
N GLU N 205 -27.13 6.45 45.74
CA GLU N 205 -26.67 5.44 44.78
C GLU N 205 -27.44 4.15 45.00
N GLU N 206 -27.90 3.53 43.93
CA GLU N 206 -28.61 2.27 44.02
C GLU N 206 -27.89 1.29 43.06
N THR N 207 -27.76 0.01 43.42
CA THR N 207 -27.06 -0.96 42.59
C THR N 207 -27.91 -2.19 42.39
N VAL N 208 -28.52 -2.35 41.21
CA VAL N 208 -29.34 -3.51 40.89
C VAL N 208 -28.46 -4.46 40.03
N SER N 209 -28.74 -5.78 40.00
CA SER N 209 -27.91 -6.69 39.20
C SER N 209 -28.43 -6.97 37.78
N LEU N 210 -27.49 -7.21 36.84
CA LEU N 210 -27.68 -7.57 35.44
C LEU N 210 -26.94 -8.91 35.16
N ARG N 211 -27.21 -9.55 34.01
CA ARG N 211 -26.60 -10.83 33.63
C ARG N 211 -25.08 -10.83 33.71
N LYS N 212 -24.53 -11.92 34.25
CA LYS N 212 -23.07 -12.16 34.45
C LYS N 212 -22.37 -12.59 33.14
N ASP N 213 -23.12 -12.95 32.10
CA ASP N 213 -22.52 -13.38 30.83
C ASP N 213 -22.57 -12.23 29.77
N THR O 1 8.92 2.66 23.27
CA THR O 1 9.07 1.36 22.62
C THR O 1 7.86 1.09 21.77
N GLN O 2 8.06 1.09 20.46
CA GLN O 2 7.03 0.81 19.47
C GLN O 2 6.95 -0.71 19.15
N ASN O 3 8.08 -1.41 19.34
CA ASN O 3 8.20 -2.82 19.02
C ASN O 3 8.97 -3.48 20.15
N PRO O 4 8.29 -4.31 20.96
CA PRO O 4 8.97 -4.96 22.09
C PRO O 4 10.02 -5.98 21.63
N MET O 5 11.01 -6.25 22.50
CA MET O 5 12.07 -7.24 22.17
C MET O 5 11.92 -8.49 23.04
N VAL O 6 12.44 -8.46 24.27
CA VAL O 6 12.32 -9.62 25.15
C VAL O 6 11.03 -9.44 25.93
N THR O 7 10.09 -10.37 25.80
CA THR O 7 8.81 -10.23 26.50
C THR O 7 8.49 -11.31 27.55
N GLY O 8 7.76 -10.91 28.57
CA GLY O 8 7.26 -11.79 29.61
C GLY O 8 5.79 -12.09 29.35
N THR O 9 5.34 -13.29 29.68
CA THR O 9 3.95 -13.68 29.47
C THR O 9 3.08 -13.31 30.74
N SER O 10 1.93 -13.99 30.99
CA SER O 10 1.01 -13.74 32.08
C SER O 10 1.67 -13.49 33.44
N VAL O 11 1.03 -12.63 34.24
CA VAL O 11 1.33 -12.34 35.63
C VAL O 11 0.00 -12.60 36.36
N LEU O 12 0.02 -13.44 37.39
CA LEU O 12 -1.20 -13.82 38.10
C LEU O 12 -1.31 -13.09 39.42
N GLY O 13 -2.52 -12.94 39.92
CA GLY O 13 -2.74 -12.27 41.20
C GLY O 13 -4.07 -12.60 41.84
N VAL O 14 -4.08 -12.82 43.16
CA VAL O 14 -5.33 -13.12 43.88
C VAL O 14 -5.21 -12.71 45.34
N LYS O 15 -6.22 -11.99 45.87
CA LYS O 15 -6.13 -11.59 47.25
C LYS O 15 -6.75 -12.63 48.16
N PHE O 16 -6.16 -12.76 49.34
CA PHE O 16 -6.64 -13.71 50.32
C PHE O 16 -6.90 -12.96 51.64
N GLU O 17 -7.30 -13.69 52.69
CA GLU O 17 -7.54 -13.06 53.97
C GLU O 17 -6.23 -12.79 54.66
N GLY O 18 -5.79 -11.53 54.60
CA GLY O 18 -4.55 -11.10 55.25
C GLY O 18 -3.42 -10.71 54.32
N GLY O 19 -3.69 -10.65 53.03
CA GLY O 19 -2.68 -10.24 52.05
C GLY O 19 -3.04 -10.52 50.62
N VAL O 20 -2.04 -10.49 49.74
CA VAL O 20 -2.19 -10.75 48.30
C VAL O 20 -1.02 -11.63 47.82
N VAL O 21 -1.29 -12.53 46.87
CA VAL O 21 -0.27 -13.38 46.26
C VAL O 21 -0.21 -13.09 44.74
N ILE O 22 1.01 -12.96 44.21
CA ILE O 22 1.25 -12.70 42.80
C ILE O 22 2.24 -13.72 42.23
N ALA O 23 2.04 -14.19 41.00
CA ALA O 23 2.91 -15.20 40.41
C ALA O 23 3.34 -14.86 38.99
N ALA O 24 4.56 -15.27 38.61
CA ALA O 24 5.04 -15.02 37.25
C ALA O 24 6.19 -15.95 36.88
N ASP O 25 6.20 -16.53 35.66
CA ASP O 25 7.33 -17.34 35.25
C ASP O 25 8.59 -16.46 35.05
N MET O 26 9.76 -17.08 35.04
CA MET O 26 11.02 -16.37 34.96
C MET O 26 11.59 -16.41 33.58
N LEU O 27 10.72 -16.24 32.57
CA LEU O 27 11.12 -16.31 31.18
C LEU O 27 11.00 -14.98 30.45
N GLY O 28 12.00 -14.69 29.63
CA GLY O 28 12.03 -13.60 28.67
C GLY O 28 12.17 -14.19 27.29
N SER O 29 11.14 -14.03 26.44
CA SER O 29 11.13 -14.61 25.11
C SER O 29 11.39 -13.58 24.01
N TYR O 30 12.12 -13.99 22.98
CA TYR O 30 12.39 -13.18 21.84
C TYR O 30 11.59 -13.86 20.76
N GLY O 31 10.34 -13.50 20.67
CA GLY O 31 9.41 -14.17 19.77
C GLY O 31 9.07 -15.52 20.35
N SER O 32 9.32 -16.57 19.60
CA SER O 32 9.11 -17.92 20.06
C SER O 32 10.31 -18.42 20.89
N LEU O 33 11.51 -17.84 20.73
CA LEU O 33 12.70 -18.29 21.42
C LEU O 33 12.70 -18.01 22.90
N ALA O 34 12.87 -19.05 23.72
CA ALA O 34 13.00 -18.91 25.16
C ALA O 34 14.45 -18.48 25.39
N ARG O 35 14.73 -17.20 25.22
CA ARG O 35 16.10 -16.69 25.28
C ARG O 35 16.64 -16.56 26.73
N PHE O 36 15.85 -16.07 27.68
CA PHE O 36 16.31 -15.97 29.08
C PHE O 36 15.36 -16.76 29.94
N ARG O 37 15.76 -17.97 30.44
CA ARG O 37 14.87 -18.82 31.24
C ARG O 37 15.01 -18.65 32.75
N ASN O 38 15.66 -17.57 33.19
CA ASN O 38 15.87 -17.34 34.61
C ASN O 38 15.96 -15.86 34.98
N ILE O 39 15.00 -15.03 34.51
CA ILE O 39 14.97 -13.60 34.87
C ILE O 39 13.75 -13.36 35.77
N SER O 40 13.90 -12.57 36.83
CA SER O 40 12.75 -12.29 37.70
C SER O 40 11.88 -11.24 37.08
N ARG O 41 10.60 -11.48 37.03
CA ARG O 41 9.66 -10.50 36.51
C ARG O 41 8.78 -9.85 37.61
N ILE O 42 9.12 -10.10 38.88
CA ILE O 42 8.44 -9.60 40.06
C ILE O 42 9.39 -8.67 40.82
N MET O 43 8.83 -7.67 41.48
CA MET O 43 9.61 -6.67 42.18
C MET O 43 8.93 -6.30 43.47
N ARG O 44 9.70 -6.11 44.58
CA ARG O 44 9.14 -5.62 45.83
C ARG O 44 9.27 -4.12 45.69
N VAL O 45 8.15 -3.37 45.70
CA VAL O 45 8.20 -1.92 45.54
C VAL O 45 8.66 -1.27 46.84
N ASN O 46 7.97 -1.63 47.91
CA ASN O 46 8.21 -1.20 49.27
C ASN O 46 7.60 -2.26 50.27
N ASN O 47 7.52 -1.97 51.56
CA ASN O 47 7.02 -2.92 52.54
C ASN O 47 5.55 -3.37 52.38
N SER O 48 4.72 -2.52 51.74
CA SER O 48 3.31 -2.86 51.53
C SER O 48 2.97 -3.20 50.07
N THR O 49 3.81 -2.82 49.08
CA THR O 49 3.43 -3.10 47.68
C THR O 49 4.52 -3.90 46.86
N MET O 50 4.02 -4.70 45.90
CA MET O 50 4.80 -5.55 44.98
C MET O 50 4.20 -5.50 43.54
N LEU O 51 5.07 -5.52 42.52
CA LEU O 51 4.64 -5.41 41.13
C LEU O 51 5.21 -6.54 40.27
N GLY O 52 4.35 -7.17 39.48
CA GLY O 52 4.73 -8.18 38.49
C GLY O 52 4.48 -7.60 37.09
N ALA O 53 5.36 -7.90 36.09
CA ALA O 53 5.17 -7.32 34.77
C ALA O 53 5.26 -8.24 33.56
N SER O 54 4.27 -8.09 32.67
CA SER O 54 4.19 -8.78 31.39
C SER O 54 4.71 -7.79 30.34
N GLY O 55 5.05 -8.27 29.13
CA GLY O 55 5.56 -7.45 28.05
C GLY O 55 7.06 -7.25 28.11
N ASP O 56 7.55 -6.23 27.44
CA ASP O 56 8.96 -5.91 27.30
C ASP O 56 9.76 -5.85 28.61
N TYR O 57 10.84 -6.64 28.70
CA TYR O 57 11.72 -6.65 29.88
C TYR O 57 12.57 -5.39 30.08
N ALA O 58 13.08 -4.78 29.00
CA ALA O 58 13.89 -3.57 29.13
C ALA O 58 13.06 -2.43 29.72
N ASP O 59 11.76 -2.36 29.36
CA ASP O 59 10.83 -1.34 29.86
C ASP O 59 10.44 -1.62 31.29
N PHE O 60 10.33 -2.92 31.66
CA PHE O 60 10.01 -3.31 33.03
C PHE O 60 11.20 -2.87 33.92
N GLN O 61 12.45 -3.24 33.50
CA GLN O 61 13.66 -2.87 34.22
C GLN O 61 13.81 -1.36 34.45
N TYR O 62 13.35 -0.59 33.46
CA TYR O 62 13.35 0.86 33.52
C TYR O 62 12.37 1.33 34.61
N LEU O 63 11.14 0.78 34.63
CA LEU O 63 10.15 1.13 35.63
C LEU O 63 10.61 0.71 37.02
N LYS O 64 11.28 -0.43 37.12
CA LYS O 64 11.86 -0.96 38.36
C LYS O 64 12.92 0.00 38.86
N GLN O 65 13.64 0.67 37.96
CA GLN O 65 14.66 1.65 38.29
C GLN O 65 13.95 2.89 38.80
N VAL O 66 12.99 3.45 38.03
CA VAL O 66 12.23 4.66 38.38
C VAL O 66 11.46 4.51 39.71
N LEU O 67 10.77 3.40 39.90
CA LEU O 67 10.06 3.12 41.14
C LEU O 67 11.03 2.98 42.29
N GLY O 68 12.08 2.15 42.11
CA GLY O 68 13.08 1.88 43.13
C GLY O 68 13.67 3.14 43.73
N GLN O 69 13.97 4.11 42.86
CA GLN O 69 14.50 5.40 43.25
C GLN O 69 13.45 6.21 44.01
N MET O 70 12.19 6.25 43.56
CA MET O 70 11.10 6.98 44.22
C MET O 70 10.97 6.56 45.66
N VAL O 71 11.14 5.26 45.94
CA VAL O 71 11.06 4.66 47.27
C VAL O 71 12.22 5.14 48.11
N ILE O 72 13.45 5.05 47.57
CA ILE O 72 14.67 5.55 48.23
C ILE O 72 14.49 7.05 48.61
N ASP O 73 13.96 7.84 47.66
CA ASP O 73 13.68 9.26 47.79
C ASP O 73 12.79 9.52 48.98
N GLU O 74 11.69 8.76 49.08
CA GLU O 74 10.73 8.91 50.17
C GLU O 74 11.34 8.61 51.51
N GLU O 75 12.04 7.46 51.61
CA GLU O 75 12.68 6.95 52.81
C GLU O 75 13.73 7.90 53.39
N LEU O 76 14.37 8.75 52.57
CA LEU O 76 15.32 9.74 53.11
C LEU O 76 14.59 10.76 53.98
N LEU O 77 13.33 11.09 53.67
CA LEU O 77 12.58 12.06 54.46
C LEU O 77 12.29 11.54 55.89
N GLY O 78 11.85 10.28 55.98
CA GLY O 78 11.53 9.64 57.27
C GLY O 78 10.48 10.40 58.05
N ASP O 79 9.41 10.83 57.38
CA ASP O 79 8.36 11.64 57.99
C ASP O 79 7.13 10.87 58.47
N GLY O 80 7.18 9.55 58.48
CA GLY O 80 6.04 8.75 58.88
C GLY O 80 4.98 8.59 57.80
N HIS O 81 5.33 8.90 56.56
CA HIS O 81 4.44 8.76 55.41
C HIS O 81 5.13 7.87 54.39
N SER O 82 4.38 6.96 53.80
CA SER O 82 4.94 6.08 52.77
C SER O 82 3.90 5.78 51.72
N TYR O 83 4.35 5.46 50.49
CA TYR O 83 3.43 5.17 49.41
C TYR O 83 2.65 3.93 49.69
N SER O 84 1.32 4.08 49.70
CA SER O 84 0.43 2.94 49.87
C SER O 84 0.47 2.14 48.57
N PRO O 85 0.01 0.87 48.58
CA PRO O 85 -0.02 0.12 47.31
C PRO O 85 -0.89 0.86 46.27
N ARG O 86 -2.03 1.42 46.74
CA ARG O 86 -2.98 2.18 45.95
C ARG O 86 -2.33 3.44 45.33
N ALA O 87 -1.38 4.10 46.05
CA ALA O 87 -0.68 5.30 45.55
C ALA O 87 0.32 4.91 44.46
N ILE O 88 0.99 3.75 44.61
CA ILE O 88 1.90 3.23 43.57
C ILE O 88 1.08 2.89 42.33
N HIS O 89 -0.10 2.28 42.51
CA HIS O 89 -1.00 1.98 41.39
C HIS O 89 -1.48 3.27 40.68
N SER O 90 -1.80 4.32 41.45
CA SER O 90 -2.22 5.59 40.88
C SER O 90 -1.08 6.22 40.08
N TRP O 91 0.15 6.28 40.64
CA TRP O 91 1.33 6.83 39.93
C TRP O 91 1.57 6.07 38.63
N LEU O 92 1.55 4.73 38.72
CA LEU O 92 1.84 3.87 37.57
C LEU O 92 0.81 4.00 36.46
N THR O 93 -0.46 4.29 36.79
CA THR O 93 -1.49 4.54 35.79
C THR O 93 -1.14 5.83 35.02
N ARG O 94 -0.83 6.93 35.76
CA ARG O 94 -0.43 8.23 35.19
C ARG O 94 0.82 8.09 34.38
N ALA O 95 1.77 7.23 34.81
CA ALA O 95 3.02 6.97 34.08
C ALA O 95 2.76 6.30 32.74
N MET O 96 1.92 5.25 32.71
CA MET O 96 1.61 4.56 31.48
C MET O 96 0.81 5.43 30.52
N TYR O 97 -0.23 6.10 31.02
CA TYR O 97 -1.04 6.98 30.20
C TYR O 97 -0.19 8.10 29.56
N SER O 98 0.69 8.71 30.35
CA SER O 98 1.57 9.80 29.88
C SER O 98 2.47 9.35 28.72
N ARG O 99 3.10 8.17 28.84
CA ARG O 99 3.95 7.64 27.77
C ARG O 99 3.12 7.28 26.56
N ARG O 100 1.93 6.69 26.77
CA ARG O 100 1.00 6.33 25.69
C ARG O 100 0.58 7.58 24.88
N SER O 101 0.34 8.70 25.58
CA SER O 101 -0.07 9.96 24.95
C SER O 101 1.04 10.64 24.17
N LYS O 102 2.28 10.34 24.48
CA LYS O 102 3.40 10.86 23.69
C LYS O 102 3.72 9.90 22.50
N MET O 103 2.86 8.85 22.28
CA MET O 103 3.00 7.82 21.26
C MET O 103 4.31 7.05 21.40
N ASN O 104 4.77 6.88 22.63
CA ASN O 104 6.00 6.18 22.96
C ASN O 104 5.67 5.37 24.23
N PRO O 105 4.90 4.28 24.10
CA PRO O 105 4.49 3.53 25.29
C PRO O 105 5.61 2.72 25.91
N LEU O 106 5.42 2.35 27.17
CA LEU O 106 6.30 1.42 27.86
C LEU O 106 5.49 0.14 27.64
N TRP O 107 6.03 -0.82 26.90
CA TRP O 107 5.32 -2.03 26.51
C TRP O 107 5.09 -3.04 27.64
N ASN O 108 4.31 -2.66 28.69
CA ASN O 108 4.05 -3.55 29.81
C ASN O 108 2.59 -3.59 30.21
N THR O 109 2.20 -4.71 30.85
CA THR O 109 0.91 -4.94 31.50
C THR O 109 1.29 -5.46 32.88
N MET O 110 1.00 -4.68 33.92
CA MET O 110 1.44 -5.02 35.25
C MET O 110 0.35 -5.28 36.24
N VAL O 111 0.69 -6.04 37.28
CA VAL O 111 -0.19 -6.37 38.39
C VAL O 111 0.48 -5.87 39.68
N ILE O 112 -0.24 -5.06 40.46
CA ILE O 112 0.25 -4.54 41.71
C ILE O 112 -0.55 -5.16 42.85
N GLY O 113 0.16 -5.81 43.78
CA GLY O 113 -0.42 -6.43 44.97
C GLY O 113 0.04 -5.68 46.21
N GLY O 114 -0.84 -5.55 47.18
CA GLY O 114 -0.51 -4.83 48.41
C GLY O 114 -1.31 -5.19 49.63
N TYR O 115 -0.87 -4.68 50.78
CA TYR O 115 -1.59 -4.88 52.03
C TYR O 115 -1.30 -3.70 52.94
N ALA O 116 -2.28 -2.80 53.10
CA ALA O 116 -2.14 -1.62 53.96
C ALA O 116 -3.39 -1.42 54.76
N ASP O 117 -3.24 -1.25 56.10
CA ASP O 117 -4.31 -1.02 57.07
C ASP O 117 -5.34 -2.13 57.03
N GLY O 118 -4.86 -3.37 57.08
CA GLY O 118 -5.73 -4.53 57.07
C GLY O 118 -6.46 -4.82 55.77
N GLU O 119 -6.23 -3.99 54.74
CA GLU O 119 -6.88 -4.16 53.45
C GLU O 119 -5.96 -4.69 52.41
N SER O 120 -6.44 -5.69 51.66
CA SER O 120 -5.71 -6.28 50.54
C SER O 120 -5.91 -5.39 49.33
N PHE O 121 -4.89 -5.26 48.49
CA PHE O 121 -4.99 -4.46 47.27
C PHE O 121 -4.52 -5.27 46.07
N LEU O 122 -5.24 -5.18 44.94
CA LEU O 122 -4.84 -5.85 43.72
C LEU O 122 -5.29 -4.96 42.56
N GLY O 123 -4.34 -4.39 41.83
CA GLY O 123 -4.65 -3.48 40.73
C GLY O 123 -3.91 -3.78 39.45
N TYR O 124 -4.59 -3.57 38.30
CA TYR O 124 -4.07 -3.83 36.96
C TYR O 124 -3.77 -2.51 36.25
N VAL O 125 -2.65 -2.40 35.51
CA VAL O 125 -2.32 -1.19 34.75
C VAL O 125 -1.72 -1.69 33.45
N ASP O 126 -2.19 -1.22 32.29
CA ASP O 126 -1.59 -1.65 31.02
C ASP O 126 -0.87 -0.47 30.30
N MET O 127 -0.23 -0.74 29.15
CA MET O 127 0.54 0.24 28.38
C MET O 127 -0.24 1.48 27.94
N LEU O 128 -1.57 1.43 27.99
CA LEU O 128 -2.44 2.56 27.59
C LEU O 128 -3.00 3.39 28.76
N GLY O 129 -2.74 2.97 29.99
CA GLY O 129 -3.27 3.65 31.14
C GLY O 129 -4.63 3.11 31.60
N VAL O 130 -4.99 1.87 31.18
CA VAL O 130 -6.24 1.26 31.61
C VAL O 130 -5.92 0.64 32.96
N ALA O 131 -6.60 1.11 34.00
CA ALA O 131 -6.36 0.60 35.34
C ALA O 131 -7.66 0.29 36.03
N TYR O 132 -7.61 -0.69 36.94
CA TYR O 132 -8.77 -1.12 37.71
C TYR O 132 -8.32 -2.05 38.84
N GLU O 133 -9.19 -2.26 39.81
CA GLU O 133 -8.92 -3.18 40.90
C GLU O 133 -9.84 -4.37 40.75
N ALA O 134 -9.36 -5.54 41.18
CA ALA O 134 -10.18 -6.74 41.12
C ALA O 134 -9.77 -7.75 42.21
N PRO O 135 -10.66 -8.68 42.60
CA PRO O 135 -10.28 -9.71 43.58
C PRO O 135 -9.20 -10.67 43.04
N SER O 136 -9.15 -10.84 41.71
CA SER O 136 -8.13 -11.64 41.06
C SER O 136 -7.80 -11.02 39.71
N LEU O 137 -6.55 -11.16 39.27
CA LEU O 137 -6.12 -10.64 37.97
C LEU O 137 -5.30 -11.71 37.25
N ALA O 138 -5.27 -11.62 35.92
CA ALA O 138 -4.42 -12.47 35.11
C ALA O 138 -4.13 -11.71 33.78
N THR O 139 -2.85 -11.39 33.53
CA THR O 139 -2.47 -10.64 32.32
C THR O 139 -2.16 -11.56 31.14
N GLY O 140 -2.07 -10.99 29.93
CA GLY O 140 -1.75 -11.75 28.75
C GLY O 140 -2.70 -12.87 28.47
N TYR O 141 -2.14 -14.02 28.10
CA TYR O 141 -2.87 -15.24 27.79
C TYR O 141 -3.56 -15.80 29.07
N GLY O 142 -3.05 -15.44 30.26
CA GLY O 142 -3.62 -15.83 31.53
C GLY O 142 -5.04 -15.32 31.70
N ALA O 143 -5.41 -14.22 31.04
CA ALA O 143 -6.79 -13.70 31.09
C ALA O 143 -7.85 -14.70 30.48
N TYR O 144 -7.36 -15.64 29.66
CA TYR O 144 -8.15 -16.66 28.97
C TYR O 144 -8.06 -18.01 29.65
N LEU O 145 -6.91 -18.33 30.24
CA LEU O 145 -6.70 -19.63 30.89
C LEU O 145 -6.88 -19.59 32.41
N ALA O 146 -6.09 -18.77 33.10
CA ALA O 146 -6.09 -18.68 34.55
C ALA O 146 -7.23 -17.89 35.14
N GLN O 147 -7.65 -16.74 34.53
CA GLN O 147 -8.73 -15.95 35.14
C GLN O 147 -10.02 -16.77 35.32
N PRO O 148 -10.46 -17.61 34.36
CA PRO O 148 -11.62 -18.46 34.62
C PRO O 148 -11.49 -19.39 35.83
N LEU O 149 -10.28 -19.87 36.19
CA LEU O 149 -10.11 -20.78 37.33
C LEU O 149 -10.12 -20.00 38.64
N LEU O 150 -9.49 -18.81 38.65
CA LEU O 150 -9.49 -17.92 39.81
C LEU O 150 -10.92 -17.48 40.11
N ARG O 151 -11.66 -17.04 39.10
CA ARG O 151 -13.04 -16.60 39.26
C ARG O 151 -13.99 -17.75 39.64
N GLU O 152 -13.70 -18.97 39.20
CA GLU O 152 -14.50 -20.15 39.49
C GLU O 152 -14.44 -20.43 40.98
N VAL O 153 -13.22 -20.40 41.55
CA VAL O 153 -13.03 -20.62 42.97
C VAL O 153 -13.62 -19.45 43.74
N LEU O 154 -13.30 -18.22 43.36
CA LEU O 154 -13.82 -17.04 44.07
C LEU O 154 -15.37 -16.88 44.03
N GLU O 155 -16.01 -17.63 43.14
CA GLU O 155 -17.47 -17.63 43.04
C GLU O 155 -18.05 -18.54 44.14
N LYS O 156 -17.43 -19.72 44.36
CA LYS O 156 -17.80 -20.68 45.39
C LYS O 156 -17.47 -20.06 46.75
N GLN O 157 -16.20 -19.69 46.98
CA GLN O 157 -15.70 -19.14 48.25
C GLN O 157 -15.01 -17.80 48.03
N PRO O 158 -15.69 -16.66 48.23
CA PRO O 158 -15.04 -15.35 48.02
C PRO O 158 -13.86 -15.00 48.93
N VAL O 159 -13.80 -15.55 50.15
CA VAL O 159 -12.66 -15.25 51.05
C VAL O 159 -11.77 -16.50 51.12
N LEU O 160 -10.52 -16.40 50.65
CA LEU O 160 -9.61 -17.55 50.66
C LEU O 160 -8.52 -17.42 51.71
N SER O 161 -8.06 -18.53 52.31
CA SER O 161 -6.92 -18.46 53.24
C SER O 161 -5.62 -18.29 52.41
N GLN O 162 -4.50 -17.93 53.05
CA GLN O 162 -3.21 -17.82 52.38
C GLN O 162 -2.81 -19.15 51.74
N THR O 163 -3.09 -20.30 52.40
CA THR O 163 -2.80 -21.61 51.82
C THR O 163 -3.73 -21.91 50.62
N GLU O 164 -5.07 -21.72 50.74
CA GLU O 164 -5.97 -21.97 49.59
C GLU O 164 -5.58 -21.11 48.39
N ALA O 165 -5.29 -19.82 48.62
CA ALA O 165 -4.87 -18.91 47.57
C ALA O 165 -3.58 -19.40 46.86
N ARG O 166 -2.63 -19.90 47.66
CA ARG O 166 -1.34 -20.42 47.19
C ARG O 166 -1.50 -21.68 46.33
N ASP O 167 -2.38 -22.60 46.75
CA ASP O 167 -2.63 -23.81 45.97
C ASP O 167 -3.35 -23.51 44.69
N LEU O 168 -4.25 -22.50 44.70
CA LEU O 168 -4.98 -22.06 43.52
C LEU O 168 -4.01 -21.46 42.51
N VAL O 169 -3.01 -20.72 42.97
CA VAL O 169 -2.01 -20.13 42.09
C VAL O 169 -1.12 -21.22 41.48
N GLU O 170 -0.76 -22.26 42.25
CA GLU O 170 0.05 -23.37 41.73
C GLU O 170 -0.72 -24.16 40.66
N ARG O 171 -2.05 -24.32 40.86
CA ARG O 171 -2.89 -24.99 39.88
C ARG O 171 -2.95 -24.20 38.57
N CYS O 172 -2.97 -22.86 38.67
CA CYS O 172 -3.03 -21.96 37.52
C CYS O 172 -1.73 -21.93 36.77
N MET O 173 -0.60 -22.03 37.48
CA MET O 173 0.69 -22.03 36.78
C MET O 173 0.90 -23.33 35.98
N ARG O 174 0.35 -24.43 36.51
CA ARG O 174 0.41 -25.77 35.84
C ARG O 174 -0.37 -25.71 34.52
N VAL O 175 -1.58 -25.13 34.55
CA VAL O 175 -2.39 -24.96 33.35
C VAL O 175 -1.67 -24.06 32.34
N LEU O 176 -1.16 -22.90 32.79
CA LEU O 176 -0.42 -21.98 31.90
C LEU O 176 0.80 -22.65 31.24
N TYR O 177 1.52 -23.49 31.98
CA TYR O 177 2.68 -24.19 31.42
C TYR O 177 2.25 -25.19 30.32
N TYR O 178 1.07 -25.79 30.46
CA TYR O 178 0.56 -26.73 29.47
C TYR O 178 0.01 -26.05 28.22
N ARG O 179 -0.60 -24.89 28.38
CA ARG O 179 -1.36 -24.24 27.32
C ARG O 179 -0.73 -23.03 26.67
N ASP O 180 0.06 -22.26 27.40
CA ASP O 180 0.72 -21.09 26.85
C ASP O 180 2.03 -21.55 26.24
N ALA O 181 2.19 -21.33 24.92
CA ALA O 181 3.40 -21.68 24.18
C ALA O 181 4.54 -20.67 24.37
N ARG O 182 4.35 -19.64 25.23
CA ARG O 182 5.38 -18.65 25.56
C ARG O 182 5.73 -18.69 27.06
N SER O 183 5.38 -19.80 27.77
CA SER O 183 5.66 -19.98 29.18
C SER O 183 6.86 -20.90 29.44
N TYR O 184 7.25 -21.05 30.72
CA TYR O 184 8.35 -21.92 31.09
C TYR O 184 8.09 -22.53 32.43
N ASN O 185 8.59 -23.75 32.69
CA ASN O 185 8.35 -24.37 34.00
C ASN O 185 9.30 -23.87 35.11
N ARG O 186 9.44 -22.55 35.23
CA ARG O 186 10.24 -21.90 36.25
C ARG O 186 9.51 -20.62 36.61
N PHE O 187 9.07 -20.46 37.88
CA PHE O 187 8.31 -19.27 38.25
C PHE O 187 8.56 -18.76 39.68
N GLN O 188 7.99 -17.61 40.02
CA GLN O 188 8.10 -17.03 41.34
C GLN O 188 6.72 -16.76 41.94
N ILE O 189 6.63 -16.91 43.26
CA ILE O 189 5.40 -16.63 43.98
C ILE O 189 5.77 -15.56 45.01
N ALA O 190 5.23 -14.35 44.87
CA ALA O 190 5.49 -13.27 45.81
C ALA O 190 4.24 -13.04 46.67
N THR O 191 4.43 -12.87 47.99
CA THR O 191 3.29 -12.69 48.89
C THR O 191 3.46 -11.45 49.81
N VAL O 192 2.41 -10.61 49.93
CA VAL O 192 2.45 -9.44 50.80
C VAL O 192 1.40 -9.60 51.92
N THR O 193 1.85 -9.62 53.18
CA THR O 193 0.97 -9.78 54.35
C THR O 193 1.32 -8.62 55.35
N GLU O 194 0.89 -8.72 56.64
CA GLU O 194 1.20 -7.75 57.70
C GLU O 194 2.75 -7.63 57.85
N LYS O 195 3.46 -8.77 57.76
CA LYS O 195 4.92 -8.88 57.85
C LYS O 195 5.68 -8.17 56.73
N GLY O 196 5.06 -8.08 55.55
CA GLY O 196 5.70 -7.46 54.41
C GLY O 196 5.82 -8.39 53.22
N VAL O 197 6.51 -7.93 52.17
CA VAL O 197 6.65 -8.66 50.89
C VAL O 197 7.68 -9.79 50.95
N GLU O 198 7.29 -10.99 50.51
CA GLU O 198 8.16 -12.15 50.46
C GLU O 198 8.14 -12.79 49.07
N ILE O 199 9.25 -12.71 48.30
CA ILE O 199 9.36 -13.31 46.95
C ILE O 199 10.01 -14.69 47.05
N GLU O 200 9.34 -15.75 46.58
CA GLU O 200 9.85 -17.12 46.62
C GLU O 200 10.16 -17.65 45.23
N GLY O 201 11.28 -18.34 45.10
CA GLY O 201 11.68 -18.91 43.82
C GLY O 201 13.02 -19.59 43.82
N PRO O 202 13.37 -20.31 42.74
CA PRO O 202 12.55 -20.61 41.56
C PRO O 202 11.66 -21.82 41.85
N LEU O 203 10.41 -21.78 41.43
CA LEU O 203 9.47 -22.87 41.65
C LEU O 203 9.12 -23.56 40.34
N SER O 204 8.58 -24.78 40.42
CA SER O 204 8.19 -25.53 39.24
C SER O 204 7.00 -26.37 39.59
N THR O 205 6.02 -26.47 38.68
CA THR O 205 4.82 -27.30 38.94
C THR O 205 5.04 -28.69 38.34
N GLU O 206 4.72 -29.75 39.10
CA GLU O 206 4.87 -31.15 38.62
C GLU O 206 3.93 -31.35 37.42
N THR O 207 4.40 -32.07 36.39
CA THR O 207 3.60 -32.28 35.16
C THR O 207 3.20 -33.75 35.00
N ASN O 208 2.05 -33.98 34.37
CA ASN O 208 1.51 -35.32 34.12
C ASN O 208 1.27 -35.45 32.64
N TRP O 209 1.87 -36.49 32.04
CA TRP O 209 1.74 -36.70 30.61
C TRP O 209 1.16 -38.06 30.29
N ASP O 210 0.26 -38.59 31.15
CA ASP O 210 -0.38 -39.89 30.92
C ASP O 210 -1.30 -39.89 29.70
N ILE O 211 -1.83 -38.71 29.32
CA ILE O 211 -2.68 -38.55 28.12
C ILE O 211 -1.93 -38.97 26.84
N ALA O 212 -0.56 -38.94 26.85
CA ALA O 212 0.27 -39.42 25.73
C ALA O 212 0.00 -40.90 25.43
N HIS O 213 -0.34 -41.67 26.48
CA HIS O 213 -0.64 -43.09 26.35
C HIS O 213 -2.13 -43.38 26.14
N MET O 214 -2.84 -42.44 25.49
CA MET O 214 -4.27 -42.61 25.23
C MET O 214 -4.58 -42.61 23.73
N GLY P 1 -37.02 -69.78 -26.83
CA GLY P 1 -35.78 -69.00 -26.75
C GLY P 1 -35.53 -68.11 -27.96
N SER P 2 -36.44 -67.16 -28.23
CA SER P 2 -36.39 -66.27 -29.39
C SER P 2 -35.36 -65.11 -29.40
N SER P 3 -35.03 -64.67 -30.63
CA SER P 3 -34.16 -63.54 -30.92
C SER P 3 -34.90 -62.55 -31.86
N ALA P 4 -34.62 -61.26 -31.70
CA ALA P 4 -35.19 -60.16 -32.47
C ALA P 4 -34.20 -59.00 -32.44
N GLY P 5 -33.78 -58.54 -33.61
CA GLY P 5 -32.84 -57.43 -33.69
C GLY P 5 -31.43 -57.83 -33.32
N PHE P 6 -30.71 -56.95 -32.61
CA PHE P 6 -29.33 -57.21 -32.21
C PHE P 6 -29.22 -57.71 -30.77
N ASP P 7 -30.18 -58.53 -30.34
CA ASP P 7 -30.21 -59.01 -28.96
C ASP P 7 -29.16 -60.09 -28.66
N ARG P 8 -28.54 -60.68 -29.68
CA ARG P 8 -27.46 -61.65 -29.44
C ARG P 8 -26.07 -61.03 -29.69
N HIS P 9 -26.00 -59.74 -30.10
CA HIS P 9 -24.78 -59.03 -30.41
C HIS P 9 -24.42 -58.01 -29.36
N ILE P 10 -25.45 -57.33 -28.80
CA ILE P 10 -25.28 -56.30 -27.79
C ILE P 10 -26.16 -56.58 -26.56
N THR P 11 -25.87 -55.85 -25.44
CA THR P 11 -26.64 -56.02 -24.21
C THR P 11 -27.90 -55.20 -24.26
N ILE P 12 -28.89 -55.71 -24.97
CA ILE P 12 -30.26 -55.21 -25.10
C ILE P 12 -31.16 -56.44 -24.87
N PHE P 13 -32.36 -56.24 -24.32
CA PHE P 13 -33.25 -57.37 -24.00
C PHE P 13 -33.66 -58.18 -25.19
N SER P 14 -33.88 -59.47 -24.98
CA SER P 14 -34.41 -60.38 -26.00
C SER P 14 -35.97 -60.42 -25.84
N PRO P 15 -36.74 -61.01 -26.78
CA PRO P 15 -38.20 -61.05 -26.59
C PRO P 15 -38.65 -61.67 -25.26
N GLU P 16 -37.83 -62.54 -24.66
CA GLU P 16 -38.17 -63.16 -23.39
C GLU P 16 -37.67 -62.40 -22.12
N GLY P 17 -36.98 -61.27 -22.33
CA GLY P 17 -36.41 -60.45 -21.27
C GLY P 17 -35.04 -60.93 -20.83
N ARG P 18 -34.35 -61.67 -21.69
CA ARG P 18 -33.01 -62.20 -21.39
C ARG P 18 -31.91 -61.32 -21.99
N LEU P 19 -30.68 -61.49 -21.51
CA LEU P 19 -29.55 -60.75 -22.05
C LEU P 19 -28.56 -61.76 -22.55
N TYR P 20 -28.78 -62.21 -23.79
CA TYR P 20 -27.92 -63.19 -24.43
C TYR P 20 -26.42 -62.93 -24.33
N GLN P 21 -25.96 -61.66 -24.49
CA GLN P 21 -24.55 -61.32 -24.37
C GLN P 21 -23.99 -61.61 -22.96
N VAL P 22 -24.83 -61.43 -21.94
CA VAL P 22 -24.45 -61.73 -20.55
C VAL P 22 -24.38 -63.27 -20.40
N GLU P 23 -25.35 -64.01 -20.96
CA GLU P 23 -25.36 -65.46 -20.95
C GLU P 23 -24.10 -66.04 -21.59
N TYR P 24 -23.64 -65.43 -22.68
CA TYR P 24 -22.42 -65.84 -23.40
C TYR P 24 -21.14 -65.60 -22.55
N ALA P 25 -21.13 -64.53 -21.74
CA ALA P 25 -20.03 -64.22 -20.81
C ALA P 25 -19.86 -65.33 -19.75
N PHE P 26 -20.94 -66.05 -19.41
CA PHE P 26 -20.88 -67.16 -18.46
C PHE P 26 -20.20 -68.37 -19.07
N LYS P 27 -20.40 -68.57 -20.39
CA LYS P 27 -19.79 -69.61 -21.20
C LYS P 27 -18.29 -69.30 -21.45
N ALA P 28 -17.89 -68.01 -21.41
CA ALA P 28 -16.51 -67.57 -21.55
C ALA P 28 -15.68 -68.00 -20.35
N ILE P 29 -16.28 -68.03 -19.16
CA ILE P 29 -15.62 -68.49 -17.93
C ILE P 29 -15.10 -69.94 -18.10
N ASN P 30 -15.91 -70.79 -18.73
CA ASN P 30 -15.57 -72.19 -18.96
C ASN P 30 -14.49 -72.38 -20.02
N GLN P 31 -14.31 -71.38 -20.92
CA GLN P 31 -13.30 -71.40 -21.98
C GLN P 31 -11.88 -71.53 -21.43
N GLY P 32 -11.65 -71.04 -20.20
CA GLY P 32 -10.36 -71.16 -19.52
C GLY P 32 -9.95 -72.60 -19.24
N GLY P 33 -10.96 -73.48 -19.10
CA GLY P 33 -10.75 -74.90 -18.84
C GLY P 33 -10.67 -75.27 -17.37
N LEU P 34 -10.50 -74.28 -16.47
CA LEU P 34 -10.32 -74.53 -15.03
C LEU P 34 -11.60 -74.48 -14.18
N THR P 35 -11.55 -75.09 -12.98
CA THR P 35 -12.64 -75.11 -11.99
C THR P 35 -12.08 -74.63 -10.65
N SER P 36 -12.88 -73.88 -9.88
CA SER P 36 -12.42 -73.32 -8.60
C SER P 36 -13.41 -73.63 -7.50
N VAL P 37 -12.94 -73.89 -6.29
CA VAL P 37 -13.77 -74.19 -5.13
C VAL P 37 -13.43 -73.25 -3.95
N ALA P 38 -14.43 -72.82 -3.18
CA ALA P 38 -14.20 -71.99 -2.01
C ALA P 38 -15.08 -72.47 -0.87
N VAL P 39 -14.50 -72.76 0.32
CA VAL P 39 -15.28 -73.24 1.46
C VAL P 39 -15.01 -72.34 2.67
N ARG P 40 -16.07 -72.06 3.44
CA ARG P 40 -16.02 -71.24 4.63
C ARG P 40 -16.12 -72.15 5.81
N GLY P 41 -15.16 -72.04 6.72
CA GLY P 41 -15.13 -72.84 7.94
C GLY P 41 -15.58 -72.08 9.16
N LYS P 42 -15.31 -72.65 10.35
CA LYS P 42 -15.65 -72.10 11.66
C LYS P 42 -14.86 -70.81 11.92
N ASP P 43 -13.57 -70.87 11.61
CA ASP P 43 -12.61 -69.81 11.87
C ASP P 43 -11.65 -69.62 10.69
N CYS P 44 -12.09 -69.93 9.44
CA CYS P 44 -11.24 -69.81 8.25
C CYS P 44 -12.05 -69.74 6.94
N ALA P 45 -11.38 -69.42 5.83
CA ALA P 45 -12.00 -69.43 4.52
C ALA P 45 -10.91 -69.81 3.52
N VAL P 46 -11.13 -70.89 2.75
CA VAL P 46 -10.16 -71.43 1.78
C VAL P 46 -10.64 -71.29 0.33
N ILE P 47 -9.70 -71.08 -0.60
CA ILE P 47 -9.94 -71.04 -2.03
C ILE P 47 -8.97 -72.00 -2.69
N VAL P 48 -9.42 -72.76 -3.68
CA VAL P 48 -8.56 -73.70 -4.39
C VAL P 48 -8.92 -73.78 -5.87
N THR P 49 -7.89 -73.90 -6.72
CA THR P 49 -8.11 -73.99 -8.17
C THR P 49 -7.03 -74.88 -8.83
N GLN P 50 -7.23 -75.23 -10.11
CA GLN P 50 -6.26 -76.05 -10.84
C GLN P 50 -5.07 -75.19 -11.22
N LYS P 51 -3.91 -75.83 -11.34
CA LYS P 51 -2.69 -75.14 -11.71
C LYS P 51 -2.11 -75.92 -12.89
N LYS P 52 -2.65 -75.63 -14.08
CA LYS P 52 -2.24 -76.29 -15.31
C LYS P 52 -1.05 -75.58 -15.95
N VAL P 53 0.16 -76.13 -15.78
CA VAL P 53 1.40 -75.63 -16.39
C VAL P 53 1.85 -76.74 -17.35
N PRO P 54 1.41 -76.68 -18.63
CA PRO P 54 1.69 -77.77 -19.57
C PRO P 54 3.14 -77.86 -20.07
N ASP P 55 3.81 -76.73 -20.37
CA ASP P 55 5.21 -76.77 -20.79
C ASP P 55 6.10 -76.43 -19.62
N LYS P 56 7.22 -77.13 -19.47
CA LYS P 56 8.21 -76.77 -18.44
C LYS P 56 8.87 -75.39 -18.80
N LEU P 57 8.67 -74.89 -20.05
CA LEU P 57 9.18 -73.62 -20.52
C LEU P 57 8.58 -72.40 -19.81
N LEU P 58 7.45 -72.56 -19.10
CA LEU P 58 6.87 -71.46 -18.32
C LEU P 58 7.62 -71.34 -16.97
N ASP P 59 7.54 -70.15 -16.35
CA ASP P 59 8.07 -69.95 -15.00
C ASP P 59 6.82 -70.21 -14.16
N SER P 60 6.72 -71.40 -13.55
CA SER P 60 5.57 -71.89 -12.76
C SER P 60 5.02 -70.90 -11.71
N SER P 61 5.88 -70.05 -11.13
CA SER P 61 5.46 -69.08 -10.13
C SER P 61 4.64 -67.90 -10.71
N THR P 62 4.75 -67.63 -12.01
CA THR P 62 3.96 -66.59 -12.68
C THR P 62 2.58 -67.09 -13.14
N VAL P 63 2.35 -68.40 -13.13
CA VAL P 63 1.09 -68.97 -13.53
C VAL P 63 0.23 -69.11 -12.28
N THR P 64 -0.71 -68.17 -12.10
CA THR P 64 -1.61 -68.16 -10.96
C THR P 64 -3.00 -67.59 -11.28
N HIS P 65 -3.98 -68.05 -10.52
CA HIS P 65 -5.36 -67.60 -10.53
C HIS P 65 -5.77 -66.98 -9.16
N LEU P 66 -4.91 -67.09 -8.12
CA LEU P 66 -5.08 -66.54 -6.80
C LEU P 66 -4.40 -65.16 -6.76
N PHE P 67 -5.03 -64.17 -6.13
CA PHE P 67 -4.49 -62.83 -6.07
C PHE P 67 -4.71 -62.18 -4.73
N LYS P 68 -3.79 -61.32 -4.31
CA LYS P 68 -3.95 -60.56 -3.08
C LYS P 68 -4.60 -59.23 -3.45
N ILE P 69 -5.82 -58.97 -2.99
CA ILE P 69 -6.47 -57.70 -3.27
C ILE P 69 -5.91 -56.70 -2.26
N THR P 70 -6.04 -57.02 -0.96
CA THR P 70 -5.51 -56.23 0.18
C THR P 70 -4.74 -57.19 1.13
N GLU P 71 -4.16 -56.71 2.24
CA GLU P 71 -3.48 -57.57 3.20
C GLU P 71 -4.39 -58.70 3.71
N ASN P 72 -5.66 -58.38 4.03
CA ASN P 72 -6.60 -59.36 4.55
C ASN P 72 -7.60 -59.89 3.55
N ILE P 73 -7.58 -59.43 2.29
CA ILE P 73 -8.51 -59.95 1.26
C ILE P 73 -7.78 -60.55 0.07
N GLY P 74 -8.15 -61.76 -0.26
CA GLY P 74 -7.62 -62.47 -1.42
C GLY P 74 -8.73 -62.98 -2.32
N CYS P 75 -8.38 -63.40 -3.55
CA CYS P 75 -9.41 -63.84 -4.48
C CYS P 75 -8.94 -64.92 -5.43
N VAL P 76 -9.89 -65.74 -5.89
CA VAL P 76 -9.63 -66.74 -6.92
C VAL P 76 -10.45 -66.34 -8.13
N MET P 77 -9.76 -66.12 -9.26
CA MET P 77 -10.43 -65.72 -10.49
C MET P 77 -10.66 -66.92 -11.37
N THR P 78 -11.83 -67.00 -12.01
CA THR P 78 -12.09 -68.10 -12.94
C THR P 78 -12.61 -67.54 -14.29
N GLY P 79 -12.03 -67.96 -15.40
CA GLY P 79 -12.45 -67.50 -16.71
C GLY P 79 -11.32 -67.00 -17.61
N MET P 80 -11.64 -65.97 -18.43
CA MET P 80 -10.68 -65.35 -19.32
C MET P 80 -9.62 -64.64 -18.48
N THR P 81 -8.41 -65.15 -18.53
CA THR P 81 -7.26 -64.69 -17.75
C THR P 81 -7.02 -63.17 -17.77
N ALA P 82 -6.94 -62.50 -18.94
CA ALA P 82 -6.72 -61.05 -18.98
C ALA P 82 -7.90 -60.26 -18.42
N ASP P 83 -9.14 -60.74 -18.68
CA ASP P 83 -10.35 -60.17 -18.09
C ASP P 83 -10.26 -60.29 -16.56
N SER P 84 -9.80 -61.45 -16.07
CA SER P 84 -9.57 -61.69 -14.66
C SER P 84 -8.53 -60.72 -14.07
N ARG P 85 -7.34 -60.51 -14.73
CA ARG P 85 -6.30 -59.59 -14.23
C ARG P 85 -6.88 -58.18 -14.15
N SER P 86 -7.62 -57.74 -15.18
CA SER P 86 -8.28 -56.44 -15.23
C SER P 86 -9.18 -56.21 -14.00
N GLN P 87 -9.98 -57.21 -13.64
CA GLN P 87 -10.89 -57.16 -12.50
C GLN P 87 -10.12 -57.12 -11.19
N VAL P 88 -8.99 -57.83 -11.11
CA VAL P 88 -8.16 -57.81 -9.91
C VAL P 88 -7.52 -56.43 -9.73
N GLN P 89 -7.06 -55.77 -10.84
CA GLN P 89 -6.48 -54.42 -10.74
C GLN P 89 -7.55 -53.44 -10.20
N ARG P 90 -8.78 -53.49 -10.75
CA ARG P 90 -9.90 -52.66 -10.30
C ARG P 90 -10.27 -52.96 -8.83
N ALA P 91 -10.27 -54.24 -8.41
CA ALA P 91 -10.58 -54.62 -7.04
C ALA P 91 -9.57 -53.98 -6.11
N ARG P 92 -8.28 -54.04 -6.46
CA ARG P 92 -7.20 -53.44 -5.70
C ARG P 92 -7.37 -51.93 -5.63
N TYR P 93 -7.80 -51.30 -6.74
CA TYR P 93 -7.98 -49.85 -6.77
C TYR P 93 -9.10 -49.43 -5.83
N GLU P 94 -10.27 -50.04 -6.00
CA GLU P 94 -11.46 -49.76 -5.20
C GLU P 94 -11.19 -49.95 -3.72
N ALA P 95 -10.45 -51.01 -3.35
CA ALA P 95 -10.12 -51.28 -1.96
C ALA P 95 -9.20 -50.23 -1.36
N ALA P 96 -8.10 -49.84 -2.08
CA ALA P 96 -7.16 -48.82 -1.60
C ALA P 96 -7.84 -47.45 -1.52
N ASN P 97 -8.71 -47.16 -2.50
CA ASN P 97 -9.45 -45.93 -2.57
C ASN P 97 -10.40 -45.86 -1.39
N TRP P 98 -11.11 -46.96 -1.07
CA TRP P 98 -12.03 -47.05 0.09
C TRP P 98 -11.35 -46.64 1.42
N LYS P 99 -10.20 -47.27 1.76
CA LYS P 99 -9.47 -46.93 2.98
C LYS P 99 -9.01 -45.47 2.97
N TYR P 100 -8.75 -44.89 1.80
CA TYR P 100 -8.32 -43.51 1.69
C TYR P 100 -9.45 -42.53 2.03
N LYS P 101 -10.68 -42.80 1.57
CA LYS P 101 -11.81 -41.92 1.79
C LYS P 101 -12.44 -42.14 3.14
N TYR P 102 -12.49 -43.39 3.60
CA TYR P 102 -13.23 -43.75 4.80
C TYR P 102 -12.39 -44.11 6.03
N GLY P 103 -11.09 -44.24 5.87
CA GLY P 103 -10.19 -44.53 6.99
C GLY P 103 -10.28 -45.90 7.61
N TYR P 104 -10.87 -46.85 6.89
CA TYR P 104 -10.98 -48.23 7.36
C TYR P 104 -10.96 -49.19 6.20
N GLU P 105 -10.43 -50.39 6.41
CA GLU P 105 -10.31 -51.37 5.34
C GLU P 105 -11.67 -51.81 4.80
N ILE P 106 -11.81 -51.91 3.47
CA ILE P 106 -13.06 -52.33 2.83
C ILE P 106 -13.59 -53.72 3.27
N PRO P 107 -14.85 -53.83 3.70
CA PRO P 107 -15.43 -55.16 4.00
C PRO P 107 -15.48 -56.05 2.75
N VAL P 108 -15.30 -57.38 2.88
CA VAL P 108 -15.36 -58.34 1.75
C VAL P 108 -16.61 -58.15 0.94
N ASP P 109 -17.75 -58.01 1.61
CA ASP P 109 -19.01 -57.82 0.91
C ASP P 109 -19.06 -56.52 0.12
N MET P 110 -18.53 -55.41 0.66
CA MET P 110 -18.51 -54.11 -0.02
C MET P 110 -17.66 -54.10 -1.28
N LEU P 111 -16.52 -54.79 -1.25
CA LEU P 111 -15.64 -54.96 -2.41
C LEU P 111 -16.33 -55.86 -3.45
N CYS P 112 -17.07 -56.90 -2.97
CA CYS P 112 -17.84 -57.73 -3.92
C CYS P 112 -19.04 -57.00 -4.54
N LYS P 113 -19.81 -56.25 -3.76
CA LYS P 113 -20.91 -55.43 -4.25
C LYS P 113 -20.35 -54.39 -5.24
N ARG P 114 -19.18 -53.79 -4.94
CA ARG P 114 -18.57 -52.76 -5.78
C ARG P 114 -18.18 -53.30 -7.14
N ILE P 115 -17.42 -54.41 -7.15
CA ILE P 115 -17.01 -55.01 -8.40
C ILE P 115 -18.24 -55.48 -9.21
N ALA P 116 -19.28 -56.01 -8.51
CA ALA P 116 -20.51 -56.48 -9.13
C ALA P 116 -21.28 -55.31 -9.76
N ASP P 117 -21.26 -54.14 -9.12
CA ASP P 117 -21.92 -52.96 -9.63
C ASP P 117 -21.21 -52.46 -10.88
N ILE P 118 -19.85 -52.51 -10.89
CA ILE P 118 -19.05 -52.10 -12.05
C ILE P 118 -19.41 -53.02 -13.23
N SER P 119 -19.48 -54.34 -12.97
CA SER P 119 -19.87 -55.40 -13.93
C SER P 119 -21.28 -55.20 -14.50
N GLN P 120 -22.19 -54.63 -13.71
CA GLN P 120 -23.56 -54.39 -14.17
C GLN P 120 -23.58 -53.34 -15.28
N VAL P 121 -22.70 -52.36 -15.23
CA VAL P 121 -22.66 -51.28 -16.22
C VAL P 121 -22.52 -51.84 -17.63
N TYR P 122 -21.64 -52.83 -17.76
CA TYR P 122 -21.36 -53.53 -19.01
C TYR P 122 -22.59 -54.25 -19.54
N THR P 123 -23.45 -54.71 -18.62
CA THR P 123 -24.72 -55.42 -18.82
C THR P 123 -25.83 -54.45 -19.34
N GLN P 124 -25.67 -53.12 -19.12
CA GLN P 124 -26.66 -52.12 -19.51
C GLN P 124 -26.24 -51.22 -20.67
N ASN P 125 -24.93 -50.89 -20.77
CA ASN P 125 -24.38 -50.07 -21.86
C ASN P 125 -23.96 -50.97 -22.98
N ALA P 126 -24.32 -50.63 -24.23
CA ALA P 126 -24.05 -51.51 -25.37
C ALA P 126 -22.69 -51.45 -25.97
N GLU P 127 -21.95 -50.34 -25.79
CA GLU P 127 -20.66 -50.16 -26.45
C GLU P 127 -19.51 -51.03 -25.92
N MET P 128 -19.74 -51.80 -24.85
CA MET P 128 -18.69 -52.69 -24.32
C MET P 128 -19.28 -54.04 -23.91
N ARG P 129 -18.43 -55.06 -23.83
CA ARG P 129 -18.89 -56.41 -23.49
C ARG P 129 -18.65 -56.74 -22.03
N PRO P 130 -19.48 -57.61 -21.43
CA PRO P 130 -19.18 -58.05 -20.05
C PRO P 130 -17.80 -58.71 -19.94
N LEU P 131 -17.26 -58.87 -18.72
CA LEU P 131 -16.00 -59.57 -18.56
C LEU P 131 -16.28 -61.08 -18.51
N GLY P 132 -15.54 -61.89 -19.25
CA GLY P 132 -15.75 -63.34 -19.25
C GLY P 132 -15.09 -64.02 -18.05
N CYS P 133 -15.42 -63.56 -16.84
CA CYS P 133 -14.79 -64.08 -15.63
C CYS P 133 -15.64 -63.92 -14.37
N CYS P 134 -15.30 -64.73 -13.38
CA CYS P 134 -15.95 -64.92 -12.09
C CYS P 134 -14.93 -64.59 -11.00
N MET P 135 -15.28 -63.74 -10.01
CA MET P 135 -14.36 -63.43 -8.91
C MET P 135 -14.89 -64.00 -7.60
N ILE P 136 -14.05 -64.70 -6.84
CA ILE P 136 -14.44 -65.21 -5.53
C ILE P 136 -13.49 -64.57 -4.53
N LEU P 137 -13.98 -63.80 -3.54
CA LEU P 137 -13.19 -63.12 -2.52
C LEU P 137 -13.30 -63.79 -1.13
N ILE P 138 -12.19 -63.90 -0.41
CA ILE P 138 -12.19 -64.44 0.95
C ILE P 138 -11.54 -63.44 1.91
N GLY P 139 -11.96 -63.46 3.18
CA GLY P 139 -11.43 -62.58 4.19
C GLY P 139 -12.11 -62.76 5.54
N ILE P 140 -11.44 -62.36 6.64
CA ILE P 140 -12.00 -62.48 7.97
C ILE P 140 -12.61 -61.15 8.45
N ASP P 141 -13.92 -61.10 8.69
CA ASP P 141 -14.59 -59.90 9.17
C ASP P 141 -14.41 -59.71 10.69
N GLU P 142 -14.07 -58.48 11.12
CA GLU P 142 -13.85 -58.15 12.53
C GLU P 142 -15.07 -58.43 13.41
N GLU P 143 -16.28 -58.41 12.83
CA GLU P 143 -17.49 -58.65 13.58
C GLU P 143 -18.34 -59.80 13.04
N GLN P 144 -18.12 -60.25 11.77
CA GLN P 144 -18.93 -61.31 11.15
C GLN P 144 -18.19 -62.63 10.89
N GLY P 145 -16.90 -62.68 11.19
CA GLY P 145 -16.13 -63.91 11.00
C GLY P 145 -15.73 -64.16 9.56
N PRO P 146 -15.32 -65.38 9.20
CA PRO P 146 -14.92 -65.64 7.81
C PRO P 146 -16.01 -65.30 6.79
N GLN P 147 -15.61 -64.74 5.63
CA GLN P 147 -16.49 -64.36 4.54
C GLN P 147 -16.03 -64.96 3.21
N VAL P 148 -16.99 -65.47 2.41
CA VAL P 148 -16.78 -66.00 1.06
C VAL P 148 -17.82 -65.32 0.18
N TYR P 149 -17.40 -64.52 -0.81
CA TYR P 149 -18.31 -63.82 -1.71
C TYR P 149 -17.93 -64.08 -3.18
N LYS P 150 -18.94 -64.13 -4.08
CA LYS P 150 -18.66 -64.37 -5.49
C LYS P 150 -19.49 -63.41 -6.37
N CYS P 151 -18.90 -62.88 -7.46
CA CYS P 151 -19.66 -62.04 -8.39
C CYS P 151 -19.53 -62.52 -9.83
N ASP P 152 -20.59 -62.27 -10.60
CA ASP P 152 -20.86 -62.75 -11.95
C ASP P 152 -20.62 -61.70 -13.01
N PRO P 153 -20.41 -62.13 -14.27
CA PRO P 153 -20.45 -61.18 -15.39
C PRO P 153 -21.86 -60.53 -15.56
N ALA P 154 -22.88 -61.09 -14.90
CA ALA P 154 -24.24 -60.57 -14.88
C ALA P 154 -24.38 -59.36 -13.95
N GLY P 155 -23.46 -59.21 -13.01
CA GLY P 155 -23.54 -58.19 -11.99
C GLY P 155 -24.12 -58.72 -10.69
N TYR P 156 -24.57 -59.98 -10.65
CA TYR P 156 -25.10 -60.56 -9.43
C TYR P 156 -23.93 -60.82 -8.48
N TYR P 157 -24.20 -60.83 -7.17
CA TYR P 157 -23.20 -61.16 -6.17
C TYR P 157 -23.89 -61.75 -4.96
N CYS P 158 -23.16 -62.55 -4.17
CA CYS P 158 -23.71 -63.14 -2.97
C CYS P 158 -22.60 -63.65 -2.02
N GLY P 159 -22.99 -63.91 -0.77
CA GLY P 159 -22.16 -64.57 0.23
C GLY P 159 -22.47 -66.07 0.23
N PHE P 160 -21.49 -66.90 0.60
CA PHE P 160 -21.67 -68.35 0.59
C PHE P 160 -21.02 -69.09 1.74
N LYS P 161 -21.61 -70.23 2.11
CA LYS P 161 -21.03 -71.19 3.05
C LYS P 161 -19.90 -71.96 2.28
N ALA P 162 -20.12 -72.21 0.98
CA ALA P 162 -19.22 -72.83 0.05
C ALA P 162 -19.70 -72.49 -1.36
N THR P 163 -18.78 -72.39 -2.31
CA THR P 163 -19.11 -72.07 -3.70
C THR P 163 -18.11 -72.67 -4.70
N ALA P 164 -18.48 -72.65 -5.98
CA ALA P 164 -17.65 -73.11 -7.08
C ALA P 164 -17.84 -72.22 -8.36
N ALA P 165 -16.88 -72.30 -9.29
CA ALA P 165 -16.91 -71.59 -10.55
C ALA P 165 -16.14 -72.41 -11.62
N GLY P 166 -16.43 -72.16 -12.89
CA GLY P 166 -15.71 -72.85 -13.96
C GLY P 166 -16.41 -74.05 -14.58
N VAL P 167 -15.64 -74.85 -15.34
CA VAL P 167 -16.07 -76.03 -16.09
C VAL P 167 -16.97 -76.98 -15.28
N LYS P 168 -16.51 -77.41 -14.10
CA LYS P 168 -17.28 -78.35 -13.30
C LYS P 168 -17.96 -77.70 -12.10
N GLN P 169 -18.49 -76.46 -12.27
CA GLN P 169 -19.15 -75.72 -11.21
C GLN P 169 -20.35 -76.45 -10.67
N THR P 170 -21.21 -76.94 -11.57
CA THR P 170 -22.46 -77.66 -11.28
C THR P 170 -22.23 -78.88 -10.39
N GLU P 171 -21.22 -79.69 -10.75
CA GLU P 171 -20.85 -80.89 -10.02
C GLU P 171 -20.19 -80.53 -8.69
N SER P 172 -19.34 -79.49 -8.70
CA SER P 172 -18.65 -79.04 -7.49
C SER P 172 -19.65 -78.52 -6.46
N THR P 173 -20.68 -77.79 -6.92
CA THR P 173 -21.70 -77.30 -6.02
C THR P 173 -22.55 -78.45 -5.51
N SER P 174 -22.92 -79.42 -6.39
CA SER P 174 -23.69 -80.62 -6.01
C SER P 174 -22.97 -81.37 -4.88
N PHE P 175 -21.63 -81.52 -4.99
CA PHE P 175 -20.78 -82.16 -3.99
C PHE P 175 -20.75 -81.31 -2.73
N LEU P 176 -20.44 -80.00 -2.84
CA LEU P 176 -20.32 -79.13 -1.69
C LEU P 176 -21.61 -79.07 -0.86
N GLU P 177 -22.79 -79.14 -1.51
CA GLU P 177 -24.05 -79.11 -0.75
C GLU P 177 -24.31 -80.42 0.00
N LYS P 178 -23.78 -81.54 -0.49
CA LYS P 178 -23.93 -82.85 0.14
C LYS P 178 -23.10 -82.95 1.43
N LYS P 179 -21.96 -82.25 1.50
CA LYS P 179 -21.11 -82.30 2.68
C LYS P 179 -21.58 -81.31 3.75
N VAL P 180 -22.10 -80.13 3.34
CA VAL P 180 -22.60 -79.12 4.26
C VAL P 180 -23.91 -79.58 4.92
N LYS P 181 -24.71 -80.44 4.24
CA LYS P 181 -25.96 -80.98 4.78
C LYS P 181 -25.66 -81.86 6.00
N LYS P 182 -24.63 -82.73 5.90
CA LYS P 182 -24.19 -83.58 7.02
C LYS P 182 -23.26 -82.77 7.93
N ASP P 185 -17.87 -80.47 12.66
CA ASP P 185 -17.42 -79.07 12.92
C ASP P 185 -16.34 -78.69 11.90
N TRP P 186 -16.50 -77.52 11.26
CA TRP P 186 -15.58 -77.02 10.27
C TRP P 186 -14.29 -76.43 10.81
N THR P 187 -13.33 -77.29 11.14
CA THR P 187 -12.00 -76.85 11.56
C THR P 187 -11.21 -76.40 10.29
N PHE P 188 -10.02 -75.82 10.48
CA PHE P 188 -9.18 -75.40 9.37
C PHE P 188 -8.79 -76.61 8.49
N GLU P 189 -8.49 -77.74 9.11
CA GLU P 189 -8.12 -78.94 8.37
C GLU P 189 -9.32 -79.50 7.64
N GLN P 190 -10.47 -79.51 8.29
CA GLN P 190 -11.71 -80.00 7.70
C GLN P 190 -12.11 -79.13 6.49
N THR P 191 -11.88 -77.81 6.60
CA THR P 191 -12.20 -76.87 5.52
C THR P 191 -11.23 -76.98 4.34
N VAL P 192 -9.95 -77.18 4.62
CA VAL P 192 -8.96 -77.33 3.56
C VAL P 192 -9.19 -78.65 2.85
N GLU P 193 -9.36 -79.72 3.62
CA GLU P 193 -9.55 -81.08 3.04
C GLU P 193 -10.79 -81.13 2.15
N THR P 194 -11.87 -80.45 2.54
CA THR P 194 -13.11 -80.50 1.77
C THR P 194 -12.93 -79.86 0.40
N ALA P 195 -12.39 -78.65 0.38
CA ALA P 195 -12.13 -77.94 -0.86
C ALA P 195 -11.22 -78.71 -1.82
N ILE P 196 -10.17 -79.40 -1.29
CA ILE P 196 -9.25 -80.19 -2.12
C ILE P 196 -9.94 -81.41 -2.68
N THR P 197 -10.69 -82.15 -1.83
CA THR P 197 -11.39 -83.36 -2.29
C THR P 197 -12.64 -83.06 -3.13
N CYS P 198 -13.09 -81.80 -3.19
CA CYS P 198 -14.19 -81.45 -4.07
C CYS P 198 -13.62 -81.34 -5.48
N LEU P 199 -12.50 -80.62 -5.64
CA LEU P 199 -11.84 -80.46 -6.92
C LEU P 199 -11.37 -81.82 -7.44
N SER P 200 -10.82 -82.66 -6.55
CA SER P 200 -10.31 -83.98 -6.91
C SER P 200 -11.39 -84.98 -7.35
N THR P 201 -12.49 -85.12 -6.61
CA THR P 201 -13.56 -86.05 -6.96
C THR P 201 -14.38 -85.60 -8.15
N VAL P 202 -14.48 -84.28 -8.38
CA VAL P 202 -15.25 -83.71 -9.47
C VAL P 202 -14.46 -83.76 -10.79
N LEU P 203 -13.13 -83.57 -10.72
CA LEU P 203 -12.29 -83.67 -11.90
C LEU P 203 -11.72 -85.10 -12.11
N SER P 204 -11.91 -86.00 -11.12
CA SER P 204 -11.42 -87.39 -11.10
C SER P 204 -9.91 -87.41 -11.31
N ILE P 205 -9.18 -86.60 -10.50
CA ILE P 205 -7.74 -86.45 -10.53
C ILE P 205 -7.17 -86.56 -9.11
N ASP P 206 -6.27 -87.53 -8.87
CA ASP P 206 -5.61 -87.64 -7.56
C ASP P 206 -4.39 -86.70 -7.64
N PHE P 207 -4.52 -85.52 -7.02
CA PHE P 207 -3.56 -84.43 -7.12
C PHE P 207 -2.15 -84.64 -6.61
N LYS P 208 -1.24 -83.96 -7.29
CA LYS P 208 0.18 -83.78 -6.98
C LYS P 208 0.30 -82.32 -6.48
N PRO P 209 1.25 -81.99 -5.59
CA PRO P 209 1.32 -80.62 -5.02
C PRO P 209 1.46 -79.47 -6.00
N SER P 210 1.93 -79.73 -7.22
CA SER P 210 2.08 -78.69 -8.24
C SER P 210 0.81 -78.51 -9.11
N GLU P 211 -0.17 -79.42 -8.98
CA GLU P 211 -1.39 -79.42 -9.77
C GLU P 211 -2.51 -78.51 -9.23
N ILE P 212 -2.41 -78.04 -7.99
CA ILE P 212 -3.43 -77.14 -7.42
C ILE P 212 -2.80 -75.98 -6.67
N GLU P 213 -3.57 -74.89 -6.46
CA GLU P 213 -3.11 -73.77 -5.66
C GLU P 213 -4.14 -73.45 -4.58
N VAL P 214 -3.70 -73.38 -3.31
CA VAL P 214 -4.57 -73.16 -2.16
C VAL P 214 -4.26 -71.79 -1.55
N GLY P 215 -5.31 -71.05 -1.20
CA GLY P 215 -5.23 -69.75 -0.56
C GLY P 215 -6.13 -69.73 0.66
N VAL P 216 -5.66 -69.15 1.78
CA VAL P 216 -6.45 -69.17 3.02
C VAL P 216 -6.35 -67.88 3.88
N VAL P 217 -7.43 -67.58 4.62
CA VAL P 217 -7.53 -66.51 5.61
C VAL P 217 -7.98 -67.20 6.91
N THR P 218 -7.34 -66.89 8.03
CA THR P 218 -7.62 -67.56 9.30
C THR P 218 -7.98 -66.54 10.37
N VAL P 219 -8.85 -66.89 11.36
CA VAL P 219 -9.20 -65.94 12.41
C VAL P 219 -7.93 -65.59 13.25
N GLU P 220 -7.06 -66.59 13.48
CA GLU P 220 -5.79 -66.43 14.17
C GLU P 220 -4.81 -65.55 13.38
N ASN P 221 -4.80 -65.66 12.03
CA ASN P 221 -3.95 -64.89 11.10
C ASN P 221 -4.79 -64.49 9.88
N PRO P 222 -5.49 -63.34 9.98
CA PRO P 222 -6.38 -62.92 8.89
C PRO P 222 -5.68 -62.51 7.60
N LYS P 223 -4.34 -62.29 7.62
CA LYS P 223 -3.62 -61.93 6.40
C LYS P 223 -3.75 -63.06 5.38
N PHE P 224 -4.20 -62.73 4.15
CA PHE P 224 -4.34 -63.67 3.06
C PHE P 224 -3.01 -64.37 2.77
N ARG P 225 -3.01 -65.68 2.94
CA ARG P 225 -1.84 -66.52 2.85
C ARG P 225 -2.01 -67.46 1.66
N ILE P 226 -0.99 -67.62 0.81
CA ILE P 226 -1.04 -68.59 -0.30
C ILE P 226 -0.15 -69.76 0.12
N LEU P 227 -0.66 -71.00 0.08
CA LEU P 227 0.05 -72.20 0.51
C LEU P 227 1.21 -72.66 -0.40
N THR P 228 2.32 -73.10 0.22
CA THR P 228 3.52 -73.63 -0.44
C THR P 228 3.22 -75.02 -1.02
N GLU P 229 4.08 -75.56 -1.92
CA GLU P 229 3.88 -76.92 -2.41
C GLU P 229 4.02 -77.93 -1.24
N ALA P 230 4.90 -77.64 -0.26
CA ALA P 230 5.11 -78.49 0.92
C ALA P 230 3.89 -78.46 1.83
N GLU P 231 3.30 -77.26 2.03
CA GLU P 231 2.09 -77.03 2.82
C GLU P 231 0.89 -77.73 2.18
N ILE P 232 0.81 -77.68 0.83
CA ILE P 232 -0.23 -78.34 0.03
C ILE P 232 -0.06 -79.87 0.11
N ASP P 233 1.19 -80.34 0.08
CA ASP P 233 1.50 -81.76 0.18
C ASP P 233 1.09 -82.30 1.55
N ALA P 234 1.35 -81.54 2.63
CA ALA P 234 0.96 -81.98 3.99
C ALA P 234 -0.54 -82.21 4.11
N HIS P 235 -1.35 -81.53 3.30
CA HIS P 235 -2.79 -81.73 3.30
C HIS P 235 -3.14 -82.90 2.42
N LEU P 236 -2.51 -82.98 1.23
CA LEU P 236 -2.74 -84.06 0.27
C LEU P 236 -2.45 -85.43 0.87
N VAL P 237 -1.33 -85.57 1.61
CA VAL P 237 -0.93 -86.84 2.21
C VAL P 237 -1.87 -87.25 3.34
N ALA P 238 -2.30 -86.29 4.19
CA ALA P 238 -3.24 -86.55 5.28
C ALA P 238 -4.62 -86.99 4.79
N LEU P 239 -5.03 -86.54 3.60
CA LEU P 239 -6.30 -86.97 3.01
C LEU P 239 -6.21 -88.41 2.53
N ALA P 240 -5.03 -88.82 2.00
CA ALA P 240 -4.77 -90.18 1.52
C ALA P 240 -4.72 -91.19 2.68
N GLU P 241 -4.28 -90.73 3.88
CA GLU P 241 -4.22 -91.54 5.11
C GLU P 241 -5.60 -92.08 5.45
N ARG P 242 -6.64 -91.23 5.27
CA ARG P 242 -8.05 -91.57 5.53
C ARG P 242 -8.58 -92.66 4.57
N GLY Q 1 -18.93 -43.05 -26.54
CA GLY Q 1 -20.02 -44.03 -26.40
C GLY Q 1 -20.95 -44.11 -27.60
N TYR Q 2 -22.11 -44.82 -27.45
CA TYR Q 2 -23.11 -44.88 -28.52
C TYR Q 2 -24.09 -43.78 -28.23
N SER Q 3 -24.11 -42.71 -29.04
CA SER Q 3 -25.00 -41.58 -28.73
C SER Q 3 -26.47 -41.71 -29.17
N PHE Q 4 -26.85 -42.77 -29.83
CA PHE Q 4 -28.20 -42.97 -30.35
C PHE Q 4 -29.07 -43.82 -29.45
N SER Q 5 -30.40 -43.66 -29.49
CA SER Q 5 -31.28 -44.49 -28.66
C SER Q 5 -31.21 -45.93 -29.08
N LEU Q 6 -31.36 -46.85 -28.11
CA LEU Q 6 -31.49 -48.30 -28.34
C LEU Q 6 -32.98 -48.77 -28.24
N THR Q 7 -33.88 -47.91 -27.71
CA THR Q 7 -35.32 -48.11 -27.60
C THR Q 7 -35.96 -47.14 -28.61
N THR Q 8 -36.63 -47.66 -29.63
CA THR Q 8 -37.30 -46.86 -30.66
C THR Q 8 -38.74 -47.37 -30.86
N PHE Q 9 -39.57 -46.57 -31.55
CA PHE Q 9 -40.95 -46.95 -31.82
C PHE Q 9 -41.04 -47.91 -33.00
N SER Q 10 -41.68 -49.06 -32.80
CA SER Q 10 -41.96 -50.03 -33.86
C SER Q 10 -43.05 -49.45 -34.77
N PRO Q 11 -43.23 -49.94 -36.02
CA PRO Q 11 -44.28 -49.38 -36.88
C PRO Q 11 -45.70 -49.38 -36.29
N SER Q 12 -45.98 -50.32 -35.36
CA SER Q 12 -47.29 -50.36 -34.69
C SER Q 12 -47.44 -49.33 -33.56
N GLY Q 13 -46.36 -48.62 -33.19
CA GLY Q 13 -46.36 -47.60 -32.17
C GLY Q 13 -45.90 -48.04 -30.79
N LYS Q 14 -45.23 -49.19 -30.71
CA LYS Q 14 -44.79 -49.73 -29.43
C LYS Q 14 -43.31 -49.54 -29.19
N LEU Q 15 -42.92 -49.26 -27.95
CA LEU Q 15 -41.51 -49.14 -27.60
C LEU Q 15 -41.12 -50.55 -27.14
N VAL Q 16 -40.79 -51.40 -28.11
CA VAL Q 16 -40.55 -52.83 -27.93
C VAL Q 16 -39.48 -53.17 -26.85
N GLN Q 17 -38.38 -52.37 -26.70
CA GLN Q 17 -37.39 -52.66 -25.65
C GLN Q 17 -38.03 -52.55 -24.24
N ILE Q 18 -38.98 -51.63 -24.06
CA ILE Q 18 -39.70 -51.46 -22.79
C ILE Q 18 -40.61 -52.68 -22.57
N GLU Q 19 -41.24 -53.18 -23.63
CA GLU Q 19 -42.09 -54.37 -23.59
C GLU Q 19 -41.24 -55.59 -23.18
N TYR Q 20 -40.04 -55.73 -23.77
CA TYR Q 20 -39.11 -56.80 -23.45
C TYR Q 20 -38.52 -56.69 -22.03
N ALA Q 21 -38.37 -55.45 -21.51
CA ALA Q 21 -37.92 -55.20 -20.13
C ALA Q 21 -39.00 -55.64 -19.15
N LEU Q 22 -40.29 -55.38 -19.48
CA LEU Q 22 -41.43 -55.84 -18.69
C LEU Q 22 -41.50 -57.37 -18.63
N ALA Q 23 -40.99 -58.06 -19.66
CA ALA Q 23 -40.96 -59.52 -19.68
C ALA Q 23 -39.97 -60.03 -18.64
N ALA Q 24 -38.83 -59.33 -18.47
CA ALA Q 24 -37.82 -59.66 -17.47
C ALA Q 24 -38.42 -59.58 -16.07
N VAL Q 25 -39.28 -58.58 -15.84
CA VAL Q 25 -39.96 -58.37 -14.57
C VAL Q 25 -40.96 -59.47 -14.31
N ALA Q 26 -41.81 -59.79 -15.32
CA ALA Q 26 -42.85 -60.82 -15.23
C ALA Q 26 -42.32 -62.24 -15.04
N GLY Q 27 -41.02 -62.44 -15.23
CA GLY Q 27 -40.32 -63.70 -15.00
C GLY Q 27 -39.48 -63.73 -13.73
N GLY Q 28 -39.49 -62.65 -12.97
CA GLY Q 28 -38.73 -62.56 -11.72
C GLY Q 28 -39.49 -63.14 -10.54
N ALA Q 29 -38.82 -63.31 -9.37
CA ALA Q 29 -39.50 -63.88 -8.20
C ALA Q 29 -40.60 -62.94 -7.75
N PRO Q 30 -41.73 -63.47 -7.24
CA PRO Q 30 -42.84 -62.59 -6.86
C PRO Q 30 -42.57 -61.68 -5.68
N SER Q 31 -43.19 -60.48 -5.70
CA SER Q 31 -43.13 -59.45 -4.67
C SER Q 31 -44.57 -58.94 -4.40
N VAL Q 32 -44.86 -58.51 -3.16
CA VAL Q 32 -46.18 -58.03 -2.75
C VAL Q 32 -46.06 -56.75 -1.93
N GLY Q 33 -47.00 -55.84 -2.10
CA GLY Q 33 -47.09 -54.63 -1.31
C GLY Q 33 -48.52 -54.47 -0.84
N ILE Q 34 -48.75 -54.19 0.45
CA ILE Q 34 -50.11 -54.01 0.98
C ILE Q 34 -50.14 -52.77 1.86
N LYS Q 35 -50.98 -51.79 1.50
CA LYS Q 35 -51.17 -50.57 2.28
C LYS Q 35 -52.27 -50.80 3.33
N ALA Q 36 -51.84 -51.03 4.59
CA ALA Q 36 -52.74 -51.19 5.74
C ALA Q 36 -53.23 -49.77 6.20
N ALA Q 37 -54.14 -49.70 7.19
CA ALA Q 37 -54.62 -48.42 7.68
C ALA Q 37 -53.53 -47.67 8.46
N ASN Q 38 -52.76 -48.41 9.25
CA ASN Q 38 -51.71 -47.84 10.08
C ASN Q 38 -50.28 -48.19 9.66
N GLY Q 39 -50.11 -48.64 8.42
CA GLY Q 39 -48.78 -49.00 7.92
C GLY Q 39 -48.78 -49.55 6.52
N VAL Q 40 -47.62 -50.07 6.05
CA VAL Q 40 -47.39 -50.69 4.73
C VAL Q 40 -46.50 -51.95 4.89
N VAL Q 41 -46.81 -53.04 4.15
CA VAL Q 41 -46.04 -54.29 4.13
C VAL Q 41 -45.44 -54.50 2.72
N LEU Q 42 -44.22 -55.04 2.67
CA LEU Q 42 -43.51 -55.40 1.46
C LEU Q 42 -43.01 -56.82 1.70
N ALA Q 43 -43.39 -57.74 0.82
CA ALA Q 43 -43.03 -59.15 0.98
C ALA Q 43 -42.47 -59.71 -0.33
N THR Q 44 -41.47 -60.60 -0.25
CA THR Q 44 -40.91 -61.17 -1.46
C THR Q 44 -40.42 -62.60 -1.25
N GLU Q 45 -40.29 -63.34 -2.35
CA GLU Q 45 -39.75 -64.68 -2.36
C GLU Q 45 -38.21 -64.55 -2.48
N LYS Q 46 -37.51 -64.98 -1.45
CA LYS Q 46 -36.05 -64.95 -1.34
C LYS Q 46 -35.57 -66.41 -1.39
N LYS Q 47 -36.07 -67.19 -2.36
CA LYS Q 47 -35.64 -68.59 -2.49
C LYS Q 47 -34.37 -68.68 -3.36
N GLN Q 48 -33.25 -69.16 -2.78
CA GLN Q 48 -31.98 -69.31 -3.49
C GLN Q 48 -31.80 -70.76 -4.00
N LYS Q 49 -30.96 -70.92 -5.04
CA LYS Q 49 -30.71 -72.18 -5.76
C LYS Q 49 -30.18 -73.37 -4.92
N SER Q 50 -29.42 -73.14 -3.83
CA SER Q 50 -28.88 -74.24 -3.02
C SER Q 50 -28.71 -73.86 -1.54
N ILE Q 51 -28.51 -74.86 -0.66
CA ILE Q 51 -28.27 -74.64 0.79
C ILE Q 51 -26.98 -73.80 0.99
N LEU Q 52 -25.99 -73.94 0.07
CA LEU Q 52 -24.70 -73.26 0.06
C LEU Q 52 -24.77 -71.72 0.13
N TYR Q 53 -25.83 -71.10 -0.39
CA TYR Q 53 -25.96 -69.64 -0.35
C TYR Q 53 -26.09 -69.18 1.08
N ASP Q 54 -25.57 -67.99 1.39
CA ASP Q 54 -25.74 -67.40 2.71
C ASP Q 54 -26.83 -66.34 2.54
N GLU Q 55 -28.05 -66.70 2.93
CA GLU Q 55 -29.24 -65.83 2.76
C GLU Q 55 -29.04 -64.51 3.50
N ARG Q 56 -28.34 -64.56 4.64
CA ARG Q 56 -28.16 -63.35 5.44
C ARG Q 56 -27.26 -62.27 4.76
N SER Q 57 -26.56 -62.64 3.67
CA SER Q 57 -25.58 -61.78 2.99
C SER Q 57 -26.13 -60.69 2.08
N VAL Q 58 -27.21 -60.97 1.34
CA VAL Q 58 -27.79 -59.98 0.43
C VAL Q 58 -29.30 -59.87 0.70
N HIS Q 59 -29.91 -58.70 0.44
CA HIS Q 59 -31.33 -58.42 0.69
C HIS Q 59 -32.10 -57.98 -0.55
N LYS Q 60 -33.40 -58.31 -0.61
CA LYS Q 60 -34.30 -57.89 -1.66
C LYS Q 60 -35.12 -56.68 -1.14
N VAL Q 61 -35.54 -56.69 0.16
CA VAL Q 61 -36.26 -55.57 0.81
C VAL Q 61 -35.21 -54.59 1.36
N GLU Q 62 -35.14 -53.38 0.80
CA GLU Q 62 -34.10 -52.43 1.22
C GLU Q 62 -34.59 -51.08 1.71
N PRO Q 63 -33.90 -50.51 2.72
CA PRO Q 63 -34.23 -49.14 3.15
C PRO Q 63 -33.68 -48.10 2.14
N ILE Q 64 -34.35 -46.94 2.04
CA ILE Q 64 -33.89 -45.84 1.17
C ILE Q 64 -33.42 -44.69 2.08
N THR Q 65 -34.28 -44.34 3.03
CA THR Q 65 -34.09 -43.39 4.11
C THR Q 65 -34.89 -43.96 5.33
N LYS Q 66 -35.00 -43.22 6.41
CA LYS Q 66 -35.62 -43.69 7.64
C LYS Q 66 -37.09 -44.12 7.48
N HIS Q 67 -37.82 -43.40 6.62
CA HIS Q 67 -39.25 -43.61 6.42
C HIS Q 67 -39.67 -44.28 5.09
N ILE Q 68 -38.74 -44.47 4.11
CA ILE Q 68 -39.02 -45.10 2.80
C ILE Q 68 -38.32 -46.47 2.71
N GLY Q 69 -38.99 -47.43 2.07
CA GLY Q 69 -38.50 -48.77 1.83
C GLY Q 69 -38.73 -49.23 0.41
N LEU Q 70 -38.10 -50.34 0.00
CA LEU Q 70 -38.16 -50.76 -1.41
C LEU Q 70 -38.11 -52.26 -1.59
N VAL Q 71 -38.69 -52.75 -2.68
CA VAL Q 71 -38.67 -54.16 -3.10
C VAL Q 71 -38.81 -54.23 -4.63
N TYR Q 72 -38.50 -55.37 -5.25
CA TYR Q 72 -38.57 -55.48 -6.71
C TYR Q 72 -38.93 -56.86 -7.22
N SER Q 73 -39.18 -56.92 -8.55
CA SER Q 73 -39.32 -58.11 -9.35
C SER Q 73 -38.50 -57.86 -10.64
N GLY Q 74 -37.62 -58.80 -11.00
CA GLY Q 74 -36.82 -58.68 -12.21
C GLY Q 74 -35.35 -58.88 -12.00
N MET Q 75 -34.54 -58.02 -12.64
CA MET Q 75 -33.09 -58.07 -12.60
C MET Q 75 -32.49 -57.50 -11.34
N GLY Q 76 -31.92 -58.40 -10.55
CA GLY Q 76 -31.27 -58.07 -9.29
C GLY Q 76 -30.22 -56.99 -9.37
N PRO Q 77 -29.22 -57.09 -10.28
CA PRO Q 77 -28.17 -56.05 -10.36
C PRO Q 77 -28.70 -54.69 -10.82
N ASP Q 78 -29.76 -54.68 -11.67
CA ASP Q 78 -30.39 -53.44 -12.11
C ASP Q 78 -31.00 -52.73 -10.90
N TYR Q 79 -31.66 -53.48 -10.01
CA TYR Q 79 -32.29 -52.99 -8.80
C TYR Q 79 -31.31 -52.22 -7.94
N ARG Q 80 -30.11 -52.77 -7.72
CA ARG Q 80 -29.09 -52.13 -6.91
C ARG Q 80 -28.73 -50.74 -7.41
N VAL Q 81 -28.76 -50.52 -8.71
CA VAL Q 81 -28.49 -49.23 -9.32
C VAL Q 81 -29.56 -48.22 -8.89
N LEU Q 82 -30.80 -48.63 -8.98
CA LEU Q 82 -31.93 -47.81 -8.58
C LEU Q 82 -31.97 -47.58 -7.08
N VAL Q 83 -31.53 -48.57 -6.25
CA VAL Q 83 -31.48 -48.40 -4.81
C VAL Q 83 -30.51 -47.28 -4.48
N HIS Q 84 -29.27 -47.34 -4.99
CA HIS Q 84 -28.30 -46.28 -4.74
C HIS Q 84 -28.79 -44.92 -5.20
N ARG Q 85 -29.38 -44.86 -6.39
CA ARG Q 85 -29.88 -43.62 -6.95
C ARG Q 85 -31.00 -43.03 -6.09
N ALA Q 86 -31.90 -43.89 -5.62
CA ALA Q 86 -33.03 -43.51 -4.77
C ALA Q 86 -32.54 -42.96 -3.41
N ARG Q 87 -31.59 -43.66 -2.77
CA ARG Q 87 -31.01 -43.20 -1.52
C ARG Q 87 -30.33 -41.84 -1.72
N LYS Q 88 -29.62 -41.65 -2.83
CA LYS Q 88 -28.96 -40.38 -3.14
C LYS Q 88 -30.01 -39.27 -3.30
N LEU Q 89 -31.05 -39.50 -4.14
CA LEU Q 89 -32.14 -38.56 -4.38
C LEU Q 89 -32.83 -38.16 -3.09
N ALA Q 90 -33.02 -39.11 -2.16
CA ALA Q 90 -33.66 -38.85 -0.87
C ALA Q 90 -32.79 -37.95 0.02
N GLN Q 91 -31.45 -38.01 -0.13
CA GLN Q 91 -30.56 -37.16 0.63
C GLN Q 91 -30.54 -35.78 0.03
N GLN Q 92 -30.61 -35.64 -1.32
CA GLN Q 92 -30.64 -34.32 -1.96
C GLN Q 92 -31.87 -33.54 -1.49
N TYR Q 93 -33.02 -34.21 -1.34
CA TYR Q 93 -34.23 -33.53 -0.88
C TYR Q 93 -34.08 -33.11 0.56
N TYR Q 94 -33.60 -34.02 1.41
CA TYR Q 94 -33.41 -33.73 2.82
C TYR Q 94 -32.40 -32.61 3.03
N LEU Q 95 -31.35 -32.54 2.21
CA LEU Q 95 -30.36 -31.50 2.35
C LEU Q 95 -30.97 -30.13 2.08
N VAL Q 96 -31.85 -30.01 1.07
CA VAL Q 96 -32.47 -28.75 0.72
C VAL Q 96 -33.63 -28.36 1.62
N TYR Q 97 -34.61 -29.27 1.78
CA TYR Q 97 -35.85 -28.97 2.50
C TYR Q 97 -35.87 -29.33 3.98
N GLN Q 98 -34.87 -30.08 4.47
CA GLN Q 98 -34.74 -30.45 5.88
C GLN Q 98 -35.98 -31.12 6.42
N GLU Q 99 -36.59 -31.96 5.59
CA GLU Q 99 -37.84 -32.65 5.88
C GLU Q 99 -37.78 -33.97 5.16
N PRO Q 100 -38.25 -35.10 5.77
CA PRO Q 100 -38.24 -36.38 5.05
C PRO Q 100 -38.98 -36.28 3.71
N ILE Q 101 -38.36 -36.75 2.65
CA ILE Q 101 -38.97 -36.71 1.31
C ILE Q 101 -40.32 -37.40 1.25
N PRO Q 102 -41.34 -36.71 0.73
CA PRO Q 102 -42.64 -37.37 0.52
C PRO Q 102 -42.46 -38.56 -0.43
N THR Q 103 -43.12 -39.68 -0.15
CA THR Q 103 -43.01 -40.90 -0.96
C THR Q 103 -43.34 -40.63 -2.43
N ALA Q 104 -44.39 -39.84 -2.76
CA ALA Q 104 -44.73 -39.49 -4.14
C ALA Q 104 -43.55 -38.78 -4.82
N GLN Q 105 -42.85 -37.93 -4.05
CA GLN Q 105 -41.71 -37.20 -4.52
C GLN Q 105 -40.56 -38.12 -4.80
N LEU Q 106 -40.25 -39.09 -3.88
CA LEU Q 106 -39.17 -40.04 -4.17
C LEU Q 106 -39.46 -40.85 -5.46
N VAL Q 107 -40.65 -41.47 -5.52
CA VAL Q 107 -41.16 -42.27 -6.64
C VAL Q 107 -41.10 -41.51 -7.95
N GLN Q 108 -41.47 -40.24 -8.01
CA GLN Q 108 -41.36 -39.44 -9.25
C GLN Q 108 -39.89 -39.22 -9.69
N ARG Q 109 -38.99 -38.99 -8.71
CA ARG Q 109 -37.56 -38.79 -8.96
C ARG Q 109 -36.91 -40.09 -9.43
N VAL Q 110 -37.33 -41.23 -8.86
CA VAL Q 110 -36.79 -42.52 -9.29
C VAL Q 110 -37.37 -42.94 -10.65
N ALA Q 111 -38.64 -42.65 -10.88
CA ALA Q 111 -39.29 -42.95 -12.15
C ALA Q 111 -38.70 -42.13 -13.32
N SER Q 112 -38.16 -40.95 -13.03
CA SER Q 112 -37.54 -40.12 -14.07
C SER Q 112 -36.21 -40.73 -14.55
N VAL Q 113 -35.49 -41.39 -13.64
CA VAL Q 113 -34.26 -42.07 -14.00
C VAL Q 113 -34.59 -43.27 -14.86
N MET Q 114 -35.67 -43.99 -14.55
CA MET Q 114 -36.11 -45.12 -15.33
C MET Q 114 -36.49 -44.69 -16.75
N GLN Q 115 -37.23 -43.54 -16.90
CA GLN Q 115 -37.57 -42.98 -18.22
C GLN Q 115 -36.31 -42.66 -19.01
N GLU Q 116 -35.28 -42.14 -18.34
CA GLU Q 116 -34.01 -41.79 -18.98
C GLU Q 116 -33.41 -42.95 -19.73
N TYR Q 117 -33.43 -44.15 -19.14
CA TYR Q 117 -32.85 -45.32 -19.78
C TYR Q 117 -33.70 -45.87 -20.95
N THR Q 118 -34.85 -45.25 -21.24
CA THR Q 118 -35.68 -45.61 -22.40
C THR Q 118 -35.45 -44.65 -23.58
N GLN Q 119 -34.66 -43.59 -23.41
CA GLN Q 119 -34.45 -42.60 -24.45
C GLN Q 119 -32.99 -42.25 -24.60
N SER Q 120 -32.22 -42.25 -23.50
CA SER Q 120 -30.79 -41.93 -23.56
C SER Q 120 -30.07 -42.91 -24.43
N GLY Q 121 -29.01 -42.44 -25.07
CA GLY Q 121 -28.27 -43.22 -26.02
C GLY Q 121 -27.41 -44.35 -25.49
N GLY Q 122 -27.44 -45.47 -26.21
CA GLY Q 122 -26.58 -46.60 -25.96
C GLY Q 122 -26.79 -47.39 -24.69
N VAL Q 123 -27.98 -47.24 -24.08
CA VAL Q 123 -28.38 -47.96 -22.89
C VAL Q 123 -29.73 -48.67 -23.13
N ARG Q 124 -29.99 -49.73 -22.39
CA ARG Q 124 -31.27 -50.44 -22.46
C ARG Q 124 -32.10 -50.01 -21.22
N PRO Q 125 -33.44 -50.13 -21.25
CA PRO Q 125 -34.22 -49.82 -20.04
C PRO Q 125 -33.89 -50.79 -18.89
N PHE Q 126 -34.21 -50.43 -17.63
CA PHE Q 126 -33.96 -51.34 -16.52
C PHE Q 126 -34.95 -52.52 -16.61
N GLY Q 127 -34.49 -53.74 -16.34
CA GLY Q 127 -35.33 -54.91 -16.37
C GLY Q 127 -35.90 -55.20 -15.00
N VAL Q 128 -36.46 -54.17 -14.37
CA VAL Q 128 -36.99 -54.27 -13.01
C VAL Q 128 -38.22 -53.36 -12.77
N SER Q 129 -39.16 -53.82 -11.92
CA SER Q 129 -40.29 -53.02 -11.46
C SER Q 129 -40.13 -52.87 -9.96
N LEU Q 130 -40.15 -51.63 -9.45
CA LEU Q 130 -39.98 -51.39 -8.03
C LEU Q 130 -41.34 -51.26 -7.31
N LEU Q 131 -41.37 -51.56 -6.02
CA LEU Q 131 -42.55 -51.39 -5.17
C LEU Q 131 -42.02 -50.57 -4.02
N ILE Q 132 -42.37 -49.29 -3.99
CA ILE Q 132 -41.85 -48.31 -3.03
C ILE Q 132 -42.88 -47.97 -1.94
N CYS Q 133 -42.52 -48.17 -0.66
CA CYS Q 133 -43.44 -47.85 0.44
C CYS Q 133 -42.88 -46.75 1.33
N GLY Q 134 -43.75 -45.94 1.90
CA GLY Q 134 -43.31 -44.86 2.78
C GLY Q 134 -44.33 -44.40 3.80
N TRP Q 135 -43.92 -43.49 4.69
CA TRP Q 135 -44.79 -42.93 5.72
C TRP Q 135 -44.47 -41.45 5.81
N ASN Q 136 -45.43 -40.60 5.52
CA ASN Q 136 -45.25 -39.15 5.61
C ASN Q 136 -46.59 -38.48 5.69
N GLU Q 137 -46.63 -37.30 6.36
CA GLU Q 137 -47.85 -36.55 6.68
C GLU Q 137 -48.89 -37.49 7.38
N GLY Q 138 -48.36 -38.29 8.32
CA GLY Q 138 -49.08 -39.25 9.14
C GLY Q 138 -49.84 -40.34 8.40
N ARG Q 139 -49.46 -40.63 7.12
CA ARG Q 139 -50.21 -41.65 6.40
C ARG Q 139 -49.34 -42.56 5.54
N PRO Q 140 -49.77 -43.82 5.30
CA PRO Q 140 -48.94 -44.75 4.51
C PRO Q 140 -49.08 -44.59 2.99
N TYR Q 141 -48.01 -44.96 2.24
CA TYR Q 141 -47.97 -44.87 0.78
C TYR Q 141 -47.42 -46.13 0.15
N LEU Q 142 -47.99 -46.53 -0.98
CA LEU Q 142 -47.50 -47.69 -1.71
C LEU Q 142 -47.50 -47.34 -3.20
N PHE Q 143 -46.32 -47.37 -3.80
CA PHE Q 143 -46.18 -47.05 -5.22
C PHE Q 143 -45.47 -48.15 -5.97
N GLN Q 144 -45.60 -48.15 -7.29
CA GLN Q 144 -44.93 -49.08 -8.16
C GLN Q 144 -44.38 -48.26 -9.30
N SER Q 145 -43.17 -48.57 -9.75
CA SER Q 145 -42.53 -47.86 -10.86
C SER Q 145 -42.07 -48.93 -11.80
N ASP Q 146 -42.39 -48.82 -13.08
CA ASP Q 146 -42.05 -49.90 -14.01
C ASP Q 146 -40.94 -49.48 -15.02
N PRO Q 147 -40.42 -50.42 -15.85
CA PRO Q 147 -39.31 -50.08 -16.75
C PRO Q 147 -39.51 -48.91 -17.72
N SER Q 148 -40.76 -48.50 -18.04
CA SER Q 148 -40.98 -47.35 -18.92
C SER Q 148 -40.70 -46.00 -18.23
N GLY Q 149 -40.82 -45.99 -16.91
CA GLY Q 149 -40.69 -44.83 -16.04
C GLY Q 149 -42.03 -44.36 -15.49
N ALA Q 150 -43.10 -45.17 -15.68
CA ALA Q 150 -44.46 -44.90 -15.24
C ALA Q 150 -44.66 -45.38 -13.81
N TYR Q 151 -45.36 -44.57 -13.00
CA TYR Q 151 -45.60 -44.92 -11.62
C TYR Q 151 -47.07 -45.01 -11.33
N PHE Q 152 -47.41 -45.85 -10.34
CA PHE Q 152 -48.78 -46.15 -9.96
C PHE Q 152 -48.91 -46.19 -8.47
N ALA Q 153 -49.96 -45.59 -7.90
CA ALA Q 153 -50.17 -45.65 -6.44
C ALA Q 153 -51.15 -46.78 -6.18
N TRP Q 154 -50.73 -47.78 -5.41
CA TRP Q 154 -51.56 -48.93 -5.12
C TRP Q 154 -52.01 -49.01 -3.67
N LYS Q 155 -53.14 -49.67 -3.45
CA LYS Q 155 -53.66 -50.00 -2.13
C LYS Q 155 -53.08 -51.40 -1.75
N ALA Q 156 -52.90 -52.29 -2.73
CA ALA Q 156 -52.30 -53.60 -2.62
C ALA Q 156 -52.00 -54.11 -4.06
N THR Q 157 -50.84 -54.80 -4.30
CA THR Q 157 -50.53 -55.33 -5.64
C THR Q 157 -49.45 -56.44 -5.62
N ALA Q 158 -49.30 -57.18 -6.74
CA ALA Q 158 -48.32 -58.24 -6.91
C ALA Q 158 -47.53 -58.04 -8.19
N MET Q 159 -46.27 -58.49 -8.18
CA MET Q 159 -45.35 -58.41 -9.32
C MET Q 159 -44.65 -59.75 -9.53
N GLY Q 160 -44.03 -59.95 -10.69
CA GLY Q 160 -43.26 -61.16 -10.95
C GLY Q 160 -44.10 -62.38 -11.24
N LYS Q 161 -43.48 -63.57 -11.14
CA LYS Q 161 -44.12 -64.86 -11.39
C LYS Q 161 -45.45 -65.00 -10.64
N ASN Q 162 -46.53 -65.36 -11.36
CA ASN Q 162 -47.90 -65.50 -10.87
C ASN Q 162 -48.46 -64.21 -10.25
N TYR Q 163 -48.24 -63.05 -10.90
CA TYR Q 163 -48.78 -61.79 -10.38
C TYR Q 163 -50.28 -61.65 -10.69
N VAL Q 164 -50.77 -62.25 -11.78
CA VAL Q 164 -52.19 -62.16 -12.14
C VAL Q 164 -53.06 -62.81 -11.07
N ASN Q 165 -52.60 -63.96 -10.53
CA ASN Q 165 -53.28 -64.72 -9.49
C ASN Q 165 -53.19 -64.03 -8.14
N GLY Q 166 -52.02 -63.47 -7.85
CA GLY Q 166 -51.80 -62.75 -6.60
C GLY Q 166 -52.64 -61.50 -6.55
N LYS Q 167 -52.84 -60.82 -7.69
CA LYS Q 167 -53.64 -59.60 -7.75
C LYS Q 167 -55.10 -59.92 -7.56
N THR Q 168 -55.60 -61.04 -8.14
CA THR Q 168 -57.00 -61.42 -7.92
C THR Q 168 -57.21 -61.82 -6.47
N PHE Q 169 -56.22 -62.54 -5.89
CA PHE Q 169 -56.27 -62.96 -4.48
C PHE Q 169 -56.35 -61.72 -3.61
N LEU Q 170 -55.48 -60.72 -3.84
CA LEU Q 170 -55.48 -59.50 -3.03
C LEU Q 170 -56.79 -58.75 -3.13
N GLU Q 171 -57.38 -58.66 -4.33
CA GLU Q 171 -58.62 -57.92 -4.52
C GLU Q 171 -59.75 -58.52 -3.69
N LYS Q 172 -59.94 -59.85 -3.81
CA LYS Q 172 -60.99 -60.49 -3.05
C LYS Q 172 -60.67 -60.67 -1.58
N ARG Q 173 -59.44 -61.10 -1.25
CA ARG Q 173 -59.06 -61.38 0.13
C ARG Q 173 -59.22 -60.20 1.08
N TYR Q 174 -58.47 -59.11 0.89
CA TYR Q 174 -58.57 -58.00 1.88
C TYR Q 174 -58.80 -56.64 1.23
N ASN Q 175 -59.40 -55.74 2.03
CA ASN Q 175 -59.76 -54.35 1.65
C ASN Q 175 -59.17 -53.40 2.70
N GLU Q 176 -59.71 -52.18 2.78
CA GLU Q 176 -59.29 -51.13 3.75
C GLU Q 176 -59.72 -51.46 5.18
N ASP Q 177 -59.07 -50.78 6.14
CA ASP Q 177 -59.20 -50.87 7.64
C ASP Q 177 -58.35 -52.04 8.17
N LEU Q 178 -57.59 -52.69 7.30
CA LEU Q 178 -56.69 -53.78 7.74
C LEU Q 178 -55.62 -53.20 8.67
N GLU Q 179 -55.29 -53.91 9.75
CA GLU Q 179 -54.25 -53.47 10.68
C GLU Q 179 -52.95 -53.95 10.07
N LEU Q 180 -51.84 -53.30 10.37
CA LEU Q 180 -50.53 -53.69 9.84
C LEU Q 180 -50.18 -55.18 10.16
N GLU Q 181 -50.50 -55.65 11.39
CA GLU Q 181 -50.25 -57.06 11.78
C GLU Q 181 -51.00 -58.02 10.82
N ASP Q 182 -52.31 -57.75 10.55
CA ASP Q 182 -53.18 -58.48 9.63
C ASP Q 182 -52.62 -58.48 8.20
N ALA Q 183 -52.21 -57.30 7.72
CA ALA Q 183 -51.65 -57.07 6.40
C ALA Q 183 -50.37 -57.87 6.16
N ILE Q 184 -49.50 -58.04 7.19
CA ILE Q 184 -48.29 -58.87 7.02
C ILE Q 184 -48.69 -60.34 6.83
N HIS Q 185 -49.76 -60.78 7.54
CA HIS Q 185 -50.28 -62.12 7.39
C HIS Q 185 -50.88 -62.29 5.98
N THR Q 186 -51.52 -61.25 5.43
CA THR Q 186 -52.09 -61.27 4.08
C THR Q 186 -50.97 -61.34 3.03
N ALA Q 187 -49.90 -60.51 3.19
CA ALA Q 187 -48.77 -60.50 2.29
C ALA Q 187 -48.10 -61.88 2.23
N ILE Q 188 -47.98 -62.55 3.36
CA ILE Q 188 -47.40 -63.89 3.42
C ILE Q 188 -48.34 -64.91 2.71
N LEU Q 189 -49.66 -64.75 2.88
CA LEU Q 189 -50.67 -65.61 2.27
C LEU Q 189 -50.75 -65.48 0.75
N THR Q 190 -50.52 -64.27 0.23
CA THR Q 190 -50.55 -64.06 -1.22
C THR Q 190 -49.25 -64.67 -1.83
N LEU Q 191 -48.12 -64.64 -1.09
CA LEU Q 191 -46.89 -65.29 -1.52
C LEU Q 191 -47.08 -66.82 -1.57
N LYS Q 192 -47.85 -67.38 -0.61
CA LYS Q 192 -48.23 -68.80 -0.47
C LYS Q 192 -49.08 -69.34 -1.67
N GLU Q 193 -49.75 -68.43 -2.43
CA GLU Q 193 -50.54 -68.76 -3.62
C GLU Q 193 -49.69 -69.26 -4.77
N SER Q 194 -48.42 -68.85 -4.84
CA SER Q 194 -47.51 -69.24 -5.90
C SER Q 194 -46.16 -69.52 -5.26
N PHE Q 195 -46.15 -70.38 -4.23
CA PHE Q 195 -44.94 -70.75 -3.52
C PHE Q 195 -44.66 -72.24 -3.64
N GLU Q 196 -43.65 -72.60 -4.44
CA GLU Q 196 -43.30 -74.00 -4.60
C GLU Q 196 -42.27 -74.39 -3.53
N GLY Q 197 -42.75 -75.07 -2.49
CA GLY Q 197 -41.89 -75.51 -1.40
C GLY Q 197 -42.37 -75.14 -0.01
N GLN Q 198 -41.55 -75.44 0.99
CA GLN Q 198 -41.87 -75.13 2.38
C GLN Q 198 -41.36 -73.73 2.64
N MET Q 199 -42.25 -72.87 3.14
CA MET Q 199 -41.94 -71.47 3.45
C MET Q 199 -41.23 -71.35 4.76
N THR Q 200 -40.06 -70.74 4.76
CA THR Q 200 -39.29 -70.55 5.98
C THR Q 200 -38.90 -69.07 6.14
N GLU Q 201 -38.49 -68.69 7.35
CA GLU Q 201 -38.00 -67.35 7.63
C GLU Q 201 -36.67 -67.02 6.93
N ASP Q 202 -36.20 -67.90 6.02
CA ASP Q 202 -34.99 -67.63 5.25
C ASP Q 202 -35.31 -67.50 3.76
N ASN Q 203 -36.38 -68.17 3.26
CA ASN Q 203 -36.70 -68.08 1.83
C ASN Q 203 -37.79 -67.06 1.47
N ILE Q 204 -38.18 -66.20 2.43
CA ILE Q 204 -39.10 -65.08 2.22
C ILE Q 204 -38.53 -63.87 2.94
N GLU Q 205 -38.86 -62.66 2.45
CA GLU Q 205 -38.36 -61.46 3.10
C GLU Q 205 -39.46 -60.40 3.24
N VAL Q 206 -39.62 -59.88 4.45
CA VAL Q 206 -40.66 -58.88 4.72
C VAL Q 206 -40.08 -57.59 5.27
N GLY Q 207 -40.70 -56.48 4.90
CA GLY Q 207 -40.38 -55.15 5.38
C GLY Q 207 -41.66 -54.41 5.74
N ILE Q 208 -41.63 -53.65 6.82
CA ILE Q 208 -42.80 -52.88 7.25
C ILE Q 208 -42.49 -51.38 7.33
N CYS Q 209 -43.54 -50.55 7.23
CA CYS Q 209 -43.43 -49.10 7.28
C CYS Q 209 -44.56 -48.54 8.14
N ASN Q 210 -44.27 -47.78 9.21
CA ASN Q 210 -45.34 -47.19 10.04
C ASN Q 210 -44.90 -45.83 10.62
N GLU Q 211 -45.53 -45.34 11.70
CA GLU Q 211 -45.19 -44.10 12.40
C GLU Q 211 -43.69 -44.05 12.75
N ALA Q 212 -43.10 -45.23 13.09
CA ALA Q 212 -41.70 -45.42 13.48
C ALA Q 212 -40.71 -45.55 12.30
N GLY Q 213 -41.17 -45.28 11.09
CA GLY Q 213 -40.34 -45.41 9.90
C GLY Q 213 -40.45 -46.79 9.28
N PHE Q 214 -39.53 -47.08 8.35
CA PHE Q 214 -39.45 -48.33 7.62
C PHE Q 214 -38.36 -49.21 8.22
N ARG Q 215 -38.61 -50.51 8.29
CA ARG Q 215 -37.62 -51.47 8.73
C ARG Q 215 -37.94 -52.85 8.19
N ARG Q 216 -36.91 -53.64 8.00
CA ARG Q 216 -37.02 -55.00 7.50
C ARG Q 216 -37.30 -55.91 8.72
N LEU Q 217 -38.30 -56.79 8.61
CA LEU Q 217 -38.59 -57.72 9.70
C LEU Q 217 -37.45 -58.72 9.88
N THR Q 218 -37.10 -59.07 11.13
CA THR Q 218 -36.05 -60.07 11.42
C THR Q 218 -36.57 -61.48 11.12
N PRO Q 219 -35.69 -62.49 10.89
CA PRO Q 219 -36.21 -63.86 10.61
C PRO Q 219 -37.03 -64.43 11.77
N THR Q 220 -36.74 -64.00 13.01
CA THR Q 220 -37.48 -64.43 14.20
C THR Q 220 -38.90 -63.85 14.19
N GLU Q 221 -39.07 -62.63 13.64
CA GLU Q 221 -40.37 -61.97 13.49
C GLU Q 221 -41.14 -62.67 12.39
N VAL Q 222 -40.49 -62.99 11.28
CA VAL Q 222 -41.10 -63.74 10.19
C VAL Q 222 -41.51 -65.13 10.67
N LYS Q 223 -40.68 -65.78 11.50
CA LYS Q 223 -40.96 -67.10 12.08
C LYS Q 223 -42.25 -67.09 12.87
N ASP Q 224 -42.49 -66.04 13.66
CA ASP Q 224 -43.72 -65.95 14.45
C ASP Q 224 -44.94 -65.69 13.56
N TYR Q 225 -44.76 -65.02 12.42
CA TYR Q 225 -45.84 -64.84 11.47
C TYR Q 225 -46.18 -66.16 10.77
N LEU Q 226 -45.14 -66.98 10.48
CA LEU Q 226 -45.26 -68.31 9.87
C LEU Q 226 -45.80 -69.38 10.86
N ALA Q 227 -45.67 -69.13 12.18
CA ALA Q 227 -46.23 -70.00 13.23
C ALA Q 227 -47.76 -70.01 13.15
N ALA Q 228 -48.37 -68.90 12.68
CA ALA Q 228 -49.82 -68.76 12.48
C ALA Q 228 -50.32 -69.23 11.10
N ILE Q 229 -49.54 -70.10 10.41
CA ILE Q 229 -49.83 -70.69 9.09
C ILE Q 229 -50.07 -69.63 8.02
N SER R 1 -21.21 -46.94 -33.14
CA SER R 1 -21.19 -47.96 -34.19
C SER R 1 -22.40 -47.81 -35.09
N ARG R 2 -22.12 -47.88 -36.36
CA ARG R 2 -23.00 -47.68 -37.49
C ARG R 2 -24.03 -48.80 -37.60
N ARG R 3 -23.60 -50.07 -37.31
CA ARG R 3 -24.46 -51.26 -37.39
C ARG R 3 -25.66 -51.13 -36.47
N TYR R 4 -25.43 -50.71 -35.21
CA TYR R 4 -26.51 -50.65 -34.24
C TYR R 4 -27.34 -49.39 -34.28
N ASP R 5 -26.98 -48.40 -35.11
CA ASP R 5 -27.72 -47.14 -35.15
C ASP R 5 -29.06 -47.28 -35.82
N SER R 6 -30.08 -46.84 -35.12
CA SER R 6 -31.50 -46.87 -35.48
C SER R 6 -31.84 -45.92 -36.61
N ARG R 7 -31.07 -44.80 -36.74
CA ARG R 7 -31.28 -43.69 -37.69
C ARG R 7 -32.64 -43.04 -37.45
N THR R 8 -32.87 -42.52 -36.23
CA THR R 8 -34.16 -41.92 -35.87
C THR R 8 -34.42 -40.52 -36.43
N THR R 9 -33.37 -39.81 -36.83
CA THR R 9 -33.53 -38.43 -37.32
C THR R 9 -33.28 -38.32 -38.83
N ILE R 10 -33.78 -39.27 -39.62
CA ILE R 10 -33.57 -39.25 -41.07
C ILE R 10 -34.89 -39.36 -41.85
N PHE R 11 -34.90 -38.77 -43.04
CA PHE R 11 -36.06 -38.78 -43.92
C PHE R 11 -36.16 -40.09 -44.71
N SER R 12 -37.40 -40.54 -44.94
CA SER R 12 -37.73 -41.71 -45.77
C SER R 12 -37.83 -41.24 -47.23
N PRO R 13 -37.84 -42.13 -48.25
CA PRO R 13 -37.86 -41.66 -49.64
C PRO R 13 -38.96 -40.66 -50.01
N GLU R 14 -40.11 -40.67 -49.32
CA GLU R 14 -41.20 -39.75 -49.64
C GLU R 14 -41.23 -38.49 -48.76
N GLY R 15 -40.12 -38.19 -48.10
CA GLY R 15 -40.01 -37.03 -47.22
C GLY R 15 -40.74 -37.22 -45.91
N ARG R 16 -40.73 -38.45 -45.40
CA ARG R 16 -41.42 -38.75 -44.15
C ARG R 16 -40.46 -39.10 -43.01
N LEU R 17 -40.83 -38.70 -41.79
CA LEU R 17 -40.03 -39.10 -40.60
C LEU R 17 -40.77 -40.29 -39.99
N TYR R 18 -40.22 -41.50 -40.14
CA TYR R 18 -40.88 -42.74 -39.67
C TYR R 18 -41.04 -42.76 -38.14
N GLN R 19 -40.01 -42.34 -37.40
CA GLN R 19 -40.08 -42.35 -35.92
C GLN R 19 -41.20 -41.43 -35.44
N VAL R 20 -41.34 -40.26 -36.09
CA VAL R 20 -42.37 -39.30 -35.73
C VAL R 20 -43.72 -39.94 -36.00
N GLU R 21 -43.89 -40.60 -37.16
CA GLU R 21 -45.12 -41.28 -37.56
C GLU R 21 -45.47 -42.48 -36.70
N TYR R 22 -44.45 -43.23 -36.25
CA TYR R 22 -44.65 -44.38 -35.37
C TYR R 22 -44.97 -43.91 -33.93
N ALA R 23 -44.55 -42.68 -33.55
CA ALA R 23 -44.89 -42.08 -32.25
C ALA R 23 -46.37 -41.65 -32.23
N MET R 24 -46.88 -41.26 -33.40
CA MET R 24 -48.32 -40.89 -33.54
C MET R 24 -49.17 -42.15 -33.26
N GLU R 25 -48.68 -43.31 -33.71
CA GLU R 25 -49.38 -44.57 -33.58
C GLU R 25 -49.57 -44.88 -32.10
N ALA R 26 -48.54 -44.63 -31.27
CA ALA R 26 -48.57 -44.87 -29.82
C ALA R 26 -49.68 -44.06 -29.16
N ILE R 27 -49.87 -42.81 -29.60
CA ILE R 27 -50.88 -41.87 -29.11
C ILE R 27 -52.31 -42.36 -29.42
N GLY R 28 -52.49 -43.02 -30.56
CA GLY R 28 -53.79 -43.59 -30.90
C GLY R 28 -54.23 -44.67 -29.92
N HIS R 29 -53.26 -45.36 -29.29
CA HIS R 29 -53.53 -46.41 -28.32
C HIS R 29 -53.80 -45.90 -26.91
N ALA R 30 -53.35 -44.68 -26.61
CA ALA R 30 -53.55 -43.99 -25.34
C ALA R 30 -55.02 -43.58 -25.17
N GLY R 31 -55.41 -43.21 -23.95
CA GLY R 31 -56.77 -42.78 -23.67
C GLY R 31 -57.20 -41.57 -24.46
N THR R 32 -58.51 -41.54 -24.80
CA THR R 32 -59.14 -40.43 -25.51
C THR R 32 -59.06 -39.21 -24.61
N CYS R 33 -58.75 -38.07 -25.17
CA CYS R 33 -58.53 -36.85 -24.40
C CYS R 33 -58.99 -35.68 -25.27
N LEU R 34 -60.00 -34.93 -24.83
CA LEU R 34 -60.55 -33.83 -25.64
C LEU R 34 -60.48 -32.49 -24.97
N GLY R 35 -60.54 -31.46 -25.78
CA GLY R 35 -60.54 -30.08 -25.31
C GLY R 35 -61.58 -29.30 -26.07
N ILE R 36 -62.35 -28.45 -25.35
CA ILE R 36 -63.41 -27.61 -25.93
C ILE R 36 -63.28 -26.18 -25.39
N LEU R 37 -63.17 -25.20 -26.28
CA LEU R 37 -63.08 -23.79 -25.92
C LEU R 37 -64.51 -23.20 -25.88
N ALA R 38 -64.85 -22.42 -24.84
CA ALA R 38 -66.15 -21.76 -24.70
C ALA R 38 -65.97 -20.22 -24.38
N ASN R 39 -67.05 -19.41 -24.32
CA ASN R 39 -66.92 -17.96 -24.08
C ASN R 39 -66.54 -17.61 -22.65
N ASP R 40 -67.06 -18.37 -21.68
CA ASP R 40 -66.82 -18.17 -20.25
C ASP R 40 -65.73 -19.06 -19.65
N GLY R 41 -65.04 -19.84 -20.47
CA GLY R 41 -63.98 -20.72 -20.01
C GLY R 41 -63.52 -21.71 -21.05
N VAL R 42 -62.72 -22.68 -20.63
CA VAL R 42 -62.19 -23.71 -21.52
C VAL R 42 -62.01 -25.02 -20.70
N LEU R 43 -62.31 -26.19 -21.29
CA LEU R 43 -62.26 -27.44 -20.55
C LEU R 43 -61.40 -28.54 -21.16
N LEU R 44 -61.05 -29.54 -20.32
CA LEU R 44 -60.30 -30.73 -20.70
C LEU R 44 -61.05 -31.95 -20.19
N ALA R 45 -61.38 -32.89 -21.08
CA ALA R 45 -62.07 -34.11 -20.66
C ALA R 45 -61.34 -35.36 -21.19
N ALA R 46 -60.72 -36.15 -20.29
CA ALA R 46 -59.96 -37.33 -20.67
C ALA R 46 -60.44 -38.65 -20.05
N GLU R 47 -60.23 -39.73 -20.77
CA GLU R 47 -60.54 -41.08 -20.38
C GLU R 47 -59.46 -41.53 -19.41
N ARG R 48 -59.85 -41.91 -18.20
CA ARG R 48 -58.89 -42.44 -17.22
C ARG R 48 -58.54 -43.88 -17.64
N ARG R 49 -57.25 -44.24 -17.64
CA ARG R 49 -56.85 -45.61 -18.00
C ARG R 49 -56.28 -46.39 -16.80
N ASN R 50 -56.09 -45.74 -15.64
CA ASN R 50 -55.71 -46.38 -14.40
C ASN R 50 -57.07 -46.62 -13.74
N ILE R 51 -57.80 -47.63 -14.19
CA ILE R 51 -59.16 -47.89 -13.71
C ILE R 51 -59.31 -49.25 -13.00
N HIS R 52 -58.35 -49.65 -12.14
CA HIS R 52 -58.39 -50.90 -11.36
C HIS R 52 -58.89 -50.63 -9.95
N LYS R 53 -59.56 -51.60 -9.32
CA LYS R 53 -60.15 -51.46 -7.98
C LYS R 53 -59.14 -51.24 -6.84
N LEU R 54 -57.93 -51.81 -6.94
CA LEU R 54 -56.92 -51.65 -5.90
C LEU R 54 -56.00 -50.43 -6.06
N LEU R 55 -56.36 -49.47 -6.92
CA LEU R 55 -55.57 -48.25 -7.08
C LEU R 55 -55.90 -47.26 -5.95
N ASP R 56 -54.87 -46.56 -5.42
CA ASP R 56 -55.01 -45.72 -4.24
C ASP R 56 -55.54 -44.30 -4.45
N GLU R 57 -55.28 -43.64 -5.59
CA GLU R 57 -55.79 -42.26 -5.78
C GLU R 57 -55.16 -41.25 -4.79
N VAL R 58 -53.84 -41.05 -4.90
CA VAL R 58 -53.05 -40.14 -4.06
C VAL R 58 -53.05 -38.73 -4.66
N PHE R 59 -52.99 -38.63 -5.99
CA PHE R 59 -52.93 -37.37 -6.73
C PHE R 59 -54.30 -36.80 -7.07
N PHE R 60 -54.37 -35.50 -7.37
CA PHE R 60 -55.62 -34.82 -7.72
C PHE R 60 -56.13 -35.20 -9.15
N SER R 61 -55.26 -35.79 -9.98
CA SER R 61 -55.50 -36.17 -11.37
C SER R 61 -54.65 -37.38 -11.82
N GLU R 62 -54.76 -37.75 -13.11
CA GLU R 62 -54.02 -38.83 -13.77
C GLU R 62 -53.41 -38.27 -15.08
N LYS R 63 -54.22 -37.56 -15.84
CA LYS R 63 -53.81 -36.99 -17.11
C LYS R 63 -53.82 -35.47 -17.08
N ILE R 64 -54.52 -34.81 -16.13
CA ILE R 64 -54.56 -33.34 -16.08
C ILE R 64 -53.40 -32.76 -15.21
N TYR R 65 -52.59 -31.86 -15.81
CA TYR R 65 -51.41 -31.24 -15.19
C TYR R 65 -51.52 -29.72 -15.13
N LYS R 66 -51.41 -29.10 -13.94
CA LYS R 66 -51.36 -27.64 -13.85
C LYS R 66 -49.95 -27.25 -14.31
N LEU R 67 -49.81 -26.21 -15.15
CA LEU R 67 -48.48 -25.80 -15.62
C LEU R 67 -48.07 -24.43 -15.04
N ASN R 68 -49.05 -23.55 -15.01
CA ASN R 68 -48.94 -22.16 -14.66
C ASN R 68 -50.11 -21.78 -13.76
N GLU R 69 -50.13 -20.52 -13.26
CA GLU R 69 -51.28 -20.00 -12.52
C GLU R 69 -52.48 -19.91 -13.49
N ASP R 70 -52.22 -19.61 -14.79
CA ASP R 70 -53.24 -19.47 -15.83
C ASP R 70 -53.38 -20.65 -16.81
N MET R 71 -52.53 -21.70 -16.71
CA MET R 71 -52.57 -22.79 -17.68
C MET R 71 -52.52 -24.22 -17.14
N ALA R 72 -53.19 -25.12 -17.84
CA ALA R 72 -53.22 -26.55 -17.52
C ALA R 72 -53.08 -27.37 -18.82
N CYS R 73 -52.83 -28.67 -18.73
CA CYS R 73 -52.70 -29.52 -19.92
C CYS R 73 -53.11 -30.98 -19.67
N SER R 74 -53.41 -31.69 -20.75
CA SER R 74 -53.66 -33.11 -20.67
C SER R 74 -52.81 -33.87 -21.71
N VAL R 75 -52.51 -35.14 -21.44
CA VAL R 75 -51.64 -35.91 -22.31
C VAL R 75 -52.25 -37.20 -22.90
N ALA R 76 -51.70 -37.64 -24.04
CA ALA R 76 -52.10 -38.89 -24.66
C ALA R 76 -50.82 -39.50 -25.23
N GLY R 77 -50.38 -40.61 -24.67
CA GLY R 77 -49.19 -41.30 -25.16
C GLY R 77 -48.42 -41.98 -24.06
N ILE R 78 -47.08 -41.95 -24.15
CA ILE R 78 -46.21 -42.58 -23.16
C ILE R 78 -46.23 -41.67 -21.92
N THR R 79 -46.82 -42.14 -20.81
CA THR R 79 -46.98 -41.29 -19.62
C THR R 79 -45.65 -40.81 -19.04
N SER R 80 -44.58 -41.63 -19.11
CA SER R 80 -43.29 -41.22 -18.59
C SER R 80 -42.70 -40.11 -19.45
N ASP R 81 -42.94 -40.17 -20.78
CA ASP R 81 -42.49 -39.14 -21.72
C ASP R 81 -43.24 -37.84 -21.42
N ALA R 82 -44.55 -37.94 -21.14
CA ALA R 82 -45.44 -36.84 -20.78
C ALA R 82 -45.02 -36.17 -19.47
N ASN R 83 -44.43 -36.93 -18.54
CA ASN R 83 -43.95 -36.36 -17.28
C ASN R 83 -42.77 -35.44 -17.60
N VAL R 84 -41.85 -35.88 -18.47
CA VAL R 84 -40.72 -35.05 -18.87
C VAL R 84 -41.20 -33.71 -19.46
N LEU R 85 -42.09 -33.78 -20.44
CA LEU R 85 -42.59 -32.61 -21.15
C LEU R 85 -43.38 -31.65 -20.26
N THR R 86 -44.25 -32.16 -19.37
CA THR R 86 -45.01 -31.28 -18.47
C THR R 86 -44.09 -30.61 -17.48
N ASN R 87 -43.05 -31.30 -16.98
CA ASN R 87 -42.07 -30.72 -16.07
C ASN R 87 -41.28 -29.64 -16.77
N GLU R 88 -40.96 -29.83 -18.04
CA GLU R 88 -40.24 -28.81 -18.81
C GLU R 88 -41.13 -27.60 -19.07
N LEU R 89 -42.43 -27.82 -19.32
CA LEU R 89 -43.42 -26.77 -19.49
C LEU R 89 -43.48 -25.88 -18.25
N ARG R 90 -43.45 -26.47 -17.06
CA ARG R 90 -43.47 -25.73 -15.79
C ARG R 90 -42.21 -24.84 -15.61
N LEU R 91 -41.04 -25.31 -16.10
CA LEU R 91 -39.76 -24.61 -16.03
C LEU R 91 -39.70 -23.47 -17.02
N ILE R 92 -40.28 -23.65 -18.20
CA ILE R 92 -40.33 -22.60 -19.22
C ILE R 92 -41.24 -21.47 -18.70
N ALA R 93 -42.40 -21.82 -18.11
CA ALA R 93 -43.33 -20.83 -17.57
C ALA R 93 -42.71 -20.02 -16.44
N GLN R 94 -41.80 -20.62 -15.64
CA GLN R 94 -41.14 -19.91 -14.56
C GLN R 94 -39.95 -19.09 -15.02
N ARG R 95 -39.30 -19.50 -16.12
CA ARG R 95 -38.19 -18.72 -16.66
C ARG R 95 -38.74 -17.43 -17.28
N TYR R 96 -39.95 -17.48 -17.90
CA TYR R 96 -40.59 -16.33 -18.50
C TYR R 96 -40.99 -15.41 -17.36
N LEU R 97 -41.70 -15.94 -16.35
CA LEU R 97 -42.13 -15.16 -15.19
C LEU R 97 -40.98 -14.45 -14.44
N LEU R 98 -39.86 -15.14 -14.24
CA LEU R 98 -38.71 -14.55 -13.57
C LEU R 98 -38.17 -13.35 -14.35
N GLN R 99 -38.16 -13.47 -15.69
CA GLN R 99 -37.59 -12.48 -16.59
C GLN R 99 -38.48 -11.24 -16.85
N TYR R 100 -39.77 -11.47 -17.16
CA TYR R 100 -40.66 -10.38 -17.50
C TYR R 100 -41.58 -9.93 -16.35
N GLN R 101 -41.71 -10.76 -15.31
CA GLN R 101 -42.58 -10.55 -14.15
C GLN R 101 -44.03 -10.40 -14.59
N GLU R 102 -44.45 -11.29 -15.48
CA GLU R 102 -45.77 -11.47 -16.07
C GLU R 102 -45.83 -12.94 -16.47
N PRO R 103 -47.00 -13.60 -16.39
CA PRO R 103 -47.07 -15.02 -16.79
C PRO R 103 -46.90 -15.19 -18.29
N ILE R 104 -46.28 -16.31 -18.72
CA ILE R 104 -46.05 -16.61 -20.13
C ILE R 104 -47.37 -16.67 -20.95
N PRO R 105 -47.46 -15.89 -22.05
CA PRO R 105 -48.65 -16.00 -22.92
C PRO R 105 -48.77 -17.42 -23.49
N CYS R 106 -49.97 -18.00 -23.45
CA CYS R 106 -50.28 -19.38 -23.82
C CYS R 106 -49.54 -19.93 -25.05
N GLU R 107 -49.70 -19.33 -26.24
CA GLU R 107 -49.06 -19.81 -27.46
C GLU R 107 -47.55 -19.89 -27.34
N GLN R 108 -46.92 -18.97 -26.58
CA GLN R 108 -45.46 -18.98 -26.39
C GLN R 108 -44.98 -20.22 -25.63
N LEU R 109 -45.74 -20.67 -24.62
CA LEU R 109 -45.36 -21.84 -23.85
C LEU R 109 -45.45 -23.07 -24.74
N VAL R 110 -46.49 -23.16 -25.58
CA VAL R 110 -46.64 -24.28 -26.51
C VAL R 110 -45.49 -24.31 -27.52
N THR R 111 -45.16 -23.15 -28.15
CA THR R 111 -44.06 -23.09 -29.12
C THR R 111 -42.74 -23.54 -28.50
N ALA R 112 -42.42 -23.05 -27.29
CA ALA R 112 -41.17 -23.42 -26.64
C ALA R 112 -40.97 -24.94 -26.49
N LEU R 113 -42.02 -25.69 -26.06
CA LEU R 113 -41.92 -27.15 -25.92
C LEU R 113 -41.83 -27.80 -27.30
N CYS R 114 -42.61 -27.28 -28.26
CA CYS R 114 -42.60 -27.75 -29.64
C CYS R 114 -41.24 -27.59 -30.30
N ASP R 115 -40.41 -26.62 -29.83
CA ASP R 115 -39.06 -26.45 -30.35
C ASP R 115 -38.11 -27.53 -29.81
N ILE R 116 -38.40 -28.06 -28.61
CA ILE R 116 -37.67 -29.17 -28.01
C ILE R 116 -38.11 -30.45 -28.74
N LYS R 117 -39.43 -30.62 -28.99
CA LYS R 117 -39.94 -31.79 -29.69
C LYS R 117 -39.39 -31.89 -31.11
N GLN R 118 -39.30 -30.74 -31.81
CA GLN R 118 -38.79 -30.66 -33.17
C GLN R 118 -37.32 -31.06 -33.17
N ALA R 119 -36.52 -30.58 -32.19
CA ALA R 119 -35.10 -30.92 -32.11
C ALA R 119 -34.88 -32.42 -32.05
N TYR R 120 -35.79 -33.16 -31.40
CA TYR R 120 -35.74 -34.63 -31.31
C TYR R 120 -35.96 -35.33 -32.68
N THR R 121 -36.57 -34.62 -33.65
CA THR R 121 -36.83 -35.11 -35.01
C THR R 121 -35.68 -34.74 -35.99
N GLN R 122 -34.90 -33.66 -35.69
CA GLN R 122 -33.83 -33.21 -36.59
C GLN R 122 -32.42 -33.62 -36.21
N PHE R 123 -32.11 -33.77 -34.90
CA PHE R 123 -30.75 -34.15 -34.52
C PHE R 123 -30.67 -34.92 -33.20
N GLY R 124 -29.50 -35.51 -32.93
CA GLY R 124 -29.28 -36.20 -31.67
C GLY R 124 -29.30 -37.71 -31.75
N GLY R 125 -30.00 -38.24 -32.73
CA GLY R 125 -30.09 -39.68 -32.91
C GLY R 125 -30.94 -40.39 -31.87
N LYS R 126 -31.73 -39.64 -31.10
CA LYS R 126 -32.60 -40.21 -30.07
C LYS R 126 -34.01 -40.39 -30.63
N ARG R 127 -34.81 -41.26 -30.01
CA ARG R 127 -36.20 -41.45 -30.46
C ARG R 127 -36.99 -40.19 -29.99
N PRO R 128 -38.15 -39.86 -30.62
CA PRO R 128 -38.91 -38.69 -30.16
C PRO R 128 -39.72 -38.99 -28.90
N PHE R 129 -40.44 -37.98 -28.40
CA PHE R 129 -41.33 -38.15 -27.27
C PHE R 129 -42.66 -38.68 -27.82
N GLY R 130 -43.17 -39.76 -27.24
CA GLY R 130 -44.42 -40.36 -27.71
C GLY R 130 -45.65 -39.73 -27.09
N VAL R 131 -45.73 -38.40 -27.14
CA VAL R 131 -46.84 -37.69 -26.51
C VAL R 131 -47.47 -36.63 -27.39
N SER R 132 -48.79 -36.51 -27.27
CA SER R 132 -49.60 -35.42 -27.80
C SER R 132 -50.21 -34.71 -26.59
N LEU R 133 -50.20 -33.37 -26.63
CA LEU R 133 -50.73 -32.58 -25.53
C LEU R 133 -51.92 -31.72 -25.95
N LEU R 134 -52.80 -31.41 -25.00
CA LEU R 134 -53.90 -30.48 -25.21
C LEU R 134 -53.69 -29.44 -24.11
N TYR R 135 -53.55 -28.17 -24.47
CA TYR R 135 -53.28 -27.13 -23.49
C TYR R 135 -54.49 -26.21 -23.35
N ILE R 136 -54.86 -25.87 -22.11
CA ILE R 136 -55.94 -24.92 -21.88
C ILE R 136 -55.37 -23.74 -21.10
N GLY R 137 -55.86 -22.54 -21.38
CA GLY R 137 -55.33 -21.38 -20.69
C GLY R 137 -56.02 -20.06 -20.90
N TRP R 138 -55.47 -19.03 -20.23
CA TRP R 138 -55.92 -17.65 -20.30
C TRP R 138 -54.73 -16.74 -20.32
N ASP R 139 -54.72 -15.75 -21.23
CA ASP R 139 -53.68 -14.72 -21.23
C ASP R 139 -54.29 -13.36 -21.62
N LYS R 140 -53.58 -12.27 -21.32
CA LYS R 140 -54.06 -10.93 -21.60
C LYS R 140 -54.10 -10.54 -23.08
N HIS R 141 -53.75 -11.44 -23.99
CA HIS R 141 -53.69 -11.13 -25.41
C HIS R 141 -54.80 -11.79 -26.19
N TYR R 142 -55.03 -13.08 -25.92
CA TYR R 142 -56.06 -13.81 -26.66
C TYR R 142 -57.10 -14.47 -25.77
N GLY R 143 -57.10 -14.19 -24.47
CA GLY R 143 -58.08 -14.75 -23.54
C GLY R 143 -58.05 -16.26 -23.42
N PHE R 144 -59.23 -16.89 -23.44
CA PHE R 144 -59.32 -18.34 -23.32
C PHE R 144 -58.77 -18.98 -24.57
N GLN R 145 -57.80 -19.90 -24.40
CA GLN R 145 -57.14 -20.57 -25.51
C GLN R 145 -57.09 -22.07 -25.35
N LEU R 146 -57.07 -22.79 -26.48
CA LEU R 146 -56.97 -24.23 -26.49
C LEU R 146 -55.93 -24.63 -27.56
N TYR R 147 -54.85 -25.31 -27.17
CA TYR R 147 -53.82 -25.74 -28.11
C TYR R 147 -53.70 -27.26 -28.20
N GLN R 148 -53.00 -27.73 -29.22
CA GLN R 148 -52.70 -29.12 -29.38
C GLN R 148 -51.33 -29.24 -30.00
N SER R 149 -50.49 -30.13 -29.47
CA SER R 149 -49.17 -30.37 -30.06
C SER R 149 -48.88 -31.86 -30.12
N ASP R 150 -48.11 -32.31 -31.11
CA ASP R 150 -47.81 -33.71 -31.28
C ASP R 150 -46.28 -33.99 -31.37
N PRO R 151 -45.82 -35.26 -31.53
CA PRO R 151 -44.38 -35.54 -31.46
C PRO R 151 -43.51 -34.83 -32.48
N SER R 152 -44.08 -34.46 -33.62
CA SER R 152 -43.30 -33.71 -34.63
C SER R 152 -42.89 -32.31 -34.19
N GLY R 153 -43.46 -31.84 -33.08
CA GLY R 153 -43.24 -30.48 -32.63
C GLY R 153 -44.14 -29.53 -33.39
N ASN R 154 -45.24 -30.04 -33.99
CA ASN R 154 -46.20 -29.23 -34.70
C ASN R 154 -47.31 -28.91 -33.72
N TYR R 155 -47.86 -27.69 -33.79
CA TYR R 155 -48.94 -27.30 -32.90
C TYR R 155 -50.04 -26.52 -33.63
N GLY R 156 -51.16 -26.32 -32.97
CA GLY R 156 -52.24 -25.52 -33.52
C GLY R 156 -53.23 -25.09 -32.45
N GLY R 157 -53.92 -24.00 -32.72
CA GLY R 157 -54.98 -23.48 -31.85
C GLY R 157 -56.29 -24.07 -32.30
N TRP R 158 -57.17 -24.40 -31.35
CA TRP R 158 -58.45 -25.02 -31.68
C TRP R 158 -59.59 -24.49 -30.85
N LYS R 159 -60.79 -24.64 -31.38
CA LYS R 159 -62.04 -24.30 -30.73
C LYS R 159 -62.62 -25.60 -30.07
N ALA R 160 -62.22 -26.79 -30.59
CA ALA R 160 -62.57 -28.12 -30.10
C ALA R 160 -61.64 -29.12 -30.80
N THR R 161 -61.01 -30.00 -30.02
CA THR R 161 -60.11 -31.00 -30.58
C THR R 161 -60.07 -32.26 -29.72
N CYS R 162 -59.56 -33.34 -30.28
CA CYS R 162 -59.42 -34.60 -29.57
C CYS R 162 -58.15 -35.31 -30.00
N ILE R 163 -57.54 -36.00 -29.04
CA ILE R 163 -56.33 -36.78 -29.21
C ILE R 163 -56.50 -38.15 -28.50
N GLY R 164 -55.87 -39.20 -29.00
CA GLY R 164 -55.94 -40.50 -28.37
C GLY R 164 -56.80 -41.52 -29.07
N ASN R 165 -57.35 -42.46 -28.29
CA ASN R 165 -58.21 -43.54 -28.77
C ASN R 165 -59.45 -42.95 -29.40
N ASN R 166 -59.75 -43.36 -30.64
CA ASN R 166 -60.90 -42.88 -31.41
C ASN R 166 -60.92 -41.37 -31.57
N SER R 167 -59.75 -40.72 -31.68
CA SER R 167 -59.64 -39.26 -31.85
C SER R 167 -60.42 -38.82 -33.09
N ALA R 168 -60.24 -39.55 -34.21
CA ALA R 168 -60.88 -39.26 -35.49
C ALA R 168 -62.40 -39.18 -35.38
N ALA R 169 -63.02 -40.18 -34.72
CA ALA R 169 -64.47 -40.24 -34.54
C ALA R 169 -64.98 -39.09 -33.68
N ALA R 170 -64.22 -38.73 -32.64
CA ALA R 170 -64.56 -37.66 -31.73
C ALA R 170 -64.47 -36.31 -32.42
N VAL R 171 -63.50 -36.11 -33.35
CA VAL R 171 -63.38 -34.83 -34.04
C VAL R 171 -64.52 -34.65 -35.04
N SER R 172 -65.01 -35.74 -35.67
CA SER R 172 -66.17 -35.65 -36.57
C SER R 172 -67.45 -35.36 -35.76
N MET R 173 -67.56 -35.95 -34.56
CA MET R 173 -68.67 -35.75 -33.66
C MET R 173 -68.68 -34.33 -33.05
N LEU R 174 -67.48 -33.80 -32.71
CA LEU R 174 -67.27 -32.46 -32.15
C LEU R 174 -67.56 -31.41 -33.24
N LYS R 175 -67.17 -31.73 -34.47
CA LYS R 175 -67.34 -30.79 -35.62
C LYS R 175 -68.83 -30.50 -35.82
N GLN R 176 -69.65 -31.54 -35.77
CA GLN R 176 -71.13 -31.42 -35.99
C GLN R 176 -71.86 -30.66 -34.88
N ASP R 177 -71.56 -30.93 -33.61
CA ASP R 177 -72.32 -30.32 -32.48
C ASP R 177 -71.69 -29.03 -31.95
N TYR R 178 -70.54 -28.62 -32.48
CA TYR R 178 -69.90 -27.39 -32.00
C TYR R 178 -70.51 -26.15 -32.63
N LYS R 179 -70.83 -25.16 -31.78
CA LYS R 179 -71.41 -23.89 -32.22
C LYS R 179 -70.48 -22.70 -31.90
N GLU R 180 -69.61 -22.33 -32.88
CA GLU R 180 -68.61 -21.26 -32.82
C GLU R 180 -69.14 -19.95 -32.27
N GLY R 181 -68.58 -19.54 -31.13
CA GLY R 181 -68.93 -18.29 -30.47
C GLY R 181 -70.16 -18.34 -29.60
N GLU R 182 -71.03 -19.33 -29.82
CA GLU R 182 -72.26 -19.46 -29.02
C GLU R 182 -72.10 -20.52 -27.93
N MET R 183 -70.88 -20.97 -27.62
CA MET R 183 -70.69 -22.03 -26.63
C MET R 183 -70.37 -21.53 -25.24
N THR R 184 -71.03 -22.10 -24.22
CA THR R 184 -70.71 -21.79 -22.83
C THR R 184 -70.21 -23.05 -22.13
N LEU R 185 -69.48 -22.89 -21.00
CA LEU R 185 -68.93 -24.02 -20.24
C LEU R 185 -70.00 -25.06 -19.90
N LYS R 186 -71.25 -24.61 -19.66
CA LYS R 186 -72.38 -25.49 -19.36
C LYS R 186 -72.75 -26.39 -20.56
N SER R 187 -72.84 -25.80 -21.77
CA SER R 187 -73.18 -26.54 -22.99
C SER R 187 -72.00 -27.36 -23.51
N ALA R 188 -70.79 -26.85 -23.34
CA ALA R 188 -69.58 -27.54 -23.76
C ALA R 188 -69.31 -28.74 -22.87
N LEU R 189 -69.62 -28.66 -21.56
CA LEU R 189 -69.46 -29.81 -20.67
C LEU R 189 -70.45 -30.92 -21.10
N ALA R 190 -71.68 -30.55 -21.52
CA ALA R 190 -72.69 -31.51 -22.01
C ALA R 190 -72.15 -32.23 -23.26
N LEU R 191 -71.50 -31.47 -24.16
CA LEU R 191 -70.89 -31.96 -25.40
C LEU R 191 -69.69 -32.87 -25.09
N ALA R 192 -68.88 -32.52 -24.09
CA ALA R 192 -67.74 -33.33 -23.69
C ALA R 192 -68.18 -34.73 -23.27
N ILE R 193 -69.24 -34.83 -22.42
CA ILE R 193 -69.81 -36.11 -21.96
C ILE R 193 -70.52 -36.87 -23.14
N LYS R 194 -71.20 -36.14 -24.05
CA LYS R 194 -71.85 -36.72 -25.22
C LYS R 194 -70.83 -37.42 -26.12
N VAL R 195 -69.66 -36.78 -26.33
CA VAL R 195 -68.60 -37.31 -27.19
C VAL R 195 -67.90 -38.51 -26.57
N LEU R 196 -67.37 -38.36 -25.33
CA LEU R 196 -66.67 -39.44 -24.61
C LEU R 196 -67.54 -40.70 -24.46
N ASN R 197 -68.87 -40.55 -24.37
CA ASN R 197 -69.78 -41.69 -24.24
C ASN R 197 -69.66 -42.58 -25.50
N LYS R 198 -69.69 -41.96 -26.69
CA LYS R 198 -69.60 -42.71 -27.94
C LYS R 198 -68.19 -43.20 -28.25
N THR R 199 -67.13 -42.43 -27.90
CA THR R 199 -65.75 -42.82 -28.20
C THR R 199 -65.12 -43.80 -27.20
N MET R 200 -65.86 -44.22 -26.17
CA MET R 200 -65.36 -45.17 -25.17
C MET R 200 -66.13 -46.52 -25.24
N ASP R 201 -65.55 -47.58 -24.65
CA ASP R 201 -66.21 -48.90 -24.60
C ASP R 201 -66.69 -49.22 -23.16
N LEU R 205 -69.32 -45.92 -19.74
CA LEU R 205 -68.70 -44.76 -19.08
C LEU R 205 -69.31 -44.44 -17.70
N SER R 206 -68.44 -44.27 -16.68
CA SER R 206 -68.75 -43.89 -15.29
C SER R 206 -67.72 -42.83 -14.80
N ALA R 207 -68.00 -42.14 -13.68
CA ALA R 207 -67.08 -41.10 -13.17
C ALA R 207 -65.66 -41.62 -12.85
N GLU R 208 -65.53 -42.93 -12.61
CA GLU R 208 -64.22 -43.54 -12.35
C GLU R 208 -63.42 -43.68 -13.66
N LYS R 209 -64.12 -43.85 -14.80
CA LYS R 209 -63.50 -44.01 -16.11
C LYS R 209 -63.24 -42.68 -16.86
N VAL R 210 -63.61 -41.53 -16.27
CA VAL R 210 -63.39 -40.24 -16.92
C VAL R 210 -62.83 -39.19 -15.91
N GLU R 211 -62.34 -38.07 -16.44
CA GLU R 211 -61.69 -37.07 -15.62
C GLU R 211 -61.79 -35.70 -16.31
N ILE R 212 -62.58 -34.79 -15.75
CA ILE R 212 -62.78 -33.47 -16.36
C ILE R 212 -62.11 -32.34 -15.55
N ALA R 213 -61.74 -31.24 -16.22
CA ALA R 213 -61.15 -30.07 -15.58
C ALA R 213 -61.58 -28.82 -16.33
N THR R 214 -61.79 -27.71 -15.61
CA THR R 214 -62.18 -26.45 -16.26
C THR R 214 -61.28 -25.29 -15.87
N LEU R 215 -61.18 -24.31 -16.75
CA LEU R 215 -60.39 -23.12 -16.54
C LEU R 215 -61.34 -21.95 -16.77
N THR R 216 -61.53 -21.13 -15.74
CA THR R 216 -62.46 -20.00 -15.74
C THR R 216 -61.83 -18.71 -15.18
N ARG R 217 -62.55 -17.57 -15.24
CA ARG R 217 -62.03 -16.30 -14.72
C ARG R 217 -62.92 -15.75 -13.59
N GLU R 218 -62.44 -15.86 -12.34
CA GLU R 218 -63.20 -15.40 -11.18
C GLU R 218 -62.51 -14.28 -10.43
N ASN R 219 -63.08 -13.05 -10.50
CA ASN R 219 -62.59 -11.82 -9.86
C ASN R 219 -61.21 -11.39 -10.36
N GLY R 220 -60.97 -11.54 -11.65
CA GLY R 220 -59.69 -11.14 -12.25
C GLY R 220 -58.53 -12.09 -12.03
N LYS R 221 -58.82 -13.31 -11.57
CA LYS R 221 -57.85 -14.36 -11.34
C LYS R 221 -58.36 -15.64 -12.00
N THR R 222 -57.44 -16.42 -12.57
CA THR R 222 -57.81 -17.65 -13.25
C THR R 222 -58.08 -18.76 -12.24
N VAL R 223 -59.13 -19.56 -12.48
CA VAL R 223 -59.50 -20.66 -11.60
C VAL R 223 -59.46 -21.98 -12.34
N ILE R 224 -58.50 -22.85 -12.01
CA ILE R 224 -58.39 -24.17 -12.62
C ILE R 224 -58.98 -25.16 -11.63
N ARG R 225 -59.92 -26.02 -12.08
CA ARG R 225 -60.51 -27.00 -11.17
C ARG R 225 -60.86 -28.33 -11.82
N VAL R 226 -60.33 -29.44 -11.27
CA VAL R 226 -60.71 -30.76 -11.76
C VAL R 226 -62.05 -31.08 -11.07
N LEU R 227 -63.08 -31.44 -11.85
CA LEU R 227 -64.41 -31.70 -11.27
C LEU R 227 -64.42 -32.96 -10.42
N LYS R 228 -65.22 -32.94 -9.33
CA LYS R 228 -65.34 -34.07 -8.41
C LYS R 228 -66.18 -35.22 -9.00
N GLN R 229 -66.02 -36.44 -8.47
CA GLN R 229 -66.76 -37.61 -8.94
C GLN R 229 -68.27 -37.38 -8.96
N LYS R 230 -68.85 -36.77 -7.91
CA LYS R 230 -70.30 -36.49 -7.86
C LYS R 230 -70.74 -35.43 -8.88
N GLU R 231 -69.82 -34.53 -9.31
CA GLU R 231 -70.12 -33.51 -10.32
C GLU R 231 -70.18 -34.21 -11.68
N VAL R 232 -69.14 -35.00 -11.98
CA VAL R 232 -69.01 -35.78 -13.19
C VAL R 232 -70.17 -36.79 -13.30
N GLU R 233 -70.54 -37.42 -12.17
CA GLU R 233 -71.63 -38.38 -12.09
C GLU R 233 -72.93 -37.72 -12.53
N GLN R 234 -73.20 -36.50 -12.05
CA GLN R 234 -74.40 -35.76 -12.42
C GLN R 234 -74.40 -35.37 -13.91
N LEU R 235 -73.23 -35.07 -14.48
CA LEU R 235 -73.09 -34.69 -15.89
C LEU R 235 -73.34 -35.90 -16.82
N ILE R 236 -73.01 -37.12 -16.37
CA ILE R 236 -73.27 -38.34 -17.16
C ILE R 236 -74.71 -38.80 -16.94
N LYS R 237 -75.27 -38.59 -15.72
CA LYS R 237 -76.66 -38.92 -15.41
C LYS R 237 -77.56 -38.02 -16.26
N LYS R 238 -77.23 -36.71 -16.34
CA LYS R 238 -77.95 -35.71 -17.15
C LYS R 238 -77.95 -36.10 -18.65
N HIS R 239 -76.82 -36.59 -19.15
CA HIS R 239 -76.71 -37.04 -20.55
C HIS R 239 -77.62 -38.25 -20.75
N GLU R 240 -77.57 -39.20 -19.82
CA GLU R 240 -78.38 -40.42 -19.85
C GLU R 240 -79.87 -40.08 -19.92
N GLU R 241 -80.29 -39.00 -19.25
CA GLU R 241 -81.69 -38.58 -19.26
C GLU R 241 -82.09 -37.97 -20.60
N GLU R 242 -81.24 -37.09 -21.17
CA GLU R 242 -81.57 -36.47 -22.46
C GLU R 242 -81.54 -37.49 -23.62
N GLU R 243 -80.71 -38.53 -23.48
CA GLU R 243 -80.58 -39.60 -24.47
C GLU R 243 -81.83 -40.50 -24.46
N ALA R 244 -82.36 -40.76 -23.27
CA ALA R 244 -83.56 -41.57 -23.12
C ALA R 244 -84.78 -40.79 -23.59
N LYS R 245 -84.85 -39.49 -23.25
CA LYS R 245 -85.97 -38.64 -23.67
C LYS R 245 -85.88 -38.23 -25.16
N ALA R 246 -84.87 -38.72 -25.89
CA ALA R 246 -84.70 -38.44 -27.32
C ALA R 246 -85.52 -39.41 -28.18
N GLU R 247 -85.68 -40.66 -27.73
CA GLU R 247 -86.49 -41.63 -28.48
C GLU R 247 -88.01 -41.35 -28.29
N ARG R 248 -88.39 -40.93 -27.05
CA ARG R 248 -89.77 -40.61 -26.67
C ARG R 248 -90.28 -39.35 -27.38
N ASN S 1 -16.18 -59.52 -47.85
CA ASN S 1 -17.56 -59.03 -47.98
C ASN S 1 -17.93 -58.24 -46.70
N GLN S 2 -17.76 -58.88 -45.52
CA GLN S 2 -18.07 -58.29 -44.21
C GLN S 2 -16.88 -57.64 -43.53
N TYR S 3 -15.69 -58.07 -43.88
CA TYR S 3 -14.46 -57.61 -43.24
C TYR S 3 -13.73 -56.50 -44.01
N ASP S 4 -14.45 -55.84 -44.96
CA ASP S 4 -13.94 -54.80 -45.84
C ASP S 4 -14.19 -53.41 -45.32
N ASN S 5 -15.32 -53.21 -44.62
CA ASN S 5 -15.85 -51.92 -44.18
C ASN S 5 -14.96 -51.03 -43.29
N ASP S 6 -14.47 -51.52 -42.14
CA ASP S 6 -13.75 -50.69 -41.19
C ASP S 6 -12.38 -51.16 -40.84
N VAL S 7 -11.47 -50.22 -40.50
CA VAL S 7 -10.10 -50.57 -40.12
C VAL S 7 -10.01 -51.33 -38.80
N THR S 8 -11.02 -51.21 -37.94
CA THR S 8 -11.03 -51.94 -36.68
C THR S 8 -11.42 -53.40 -36.83
N VAL S 9 -11.86 -53.83 -38.03
CA VAL S 9 -12.29 -55.20 -38.23
C VAL S 9 -11.17 -56.04 -38.82
N TRP S 10 -10.83 -57.10 -38.10
CA TRP S 10 -9.86 -58.12 -38.45
C TRP S 10 -10.64 -59.15 -39.26
N SER S 11 -10.06 -59.61 -40.37
CA SER S 11 -10.68 -60.67 -41.18
C SER S 11 -10.34 -62.03 -40.52
N PRO S 12 -11.08 -63.12 -40.81
CA PRO S 12 -10.74 -64.42 -40.19
C PRO S 12 -9.37 -65.00 -40.58
N GLN S 13 -8.66 -64.31 -41.48
CA GLN S 13 -7.31 -64.63 -41.93
C GLN S 13 -6.21 -63.83 -41.15
N GLY S 14 -6.60 -62.95 -40.25
CA GLY S 14 -5.65 -62.10 -39.54
C GLY S 14 -5.12 -61.03 -40.48
N ARG S 15 -6.04 -60.42 -41.25
CA ARG S 15 -5.75 -59.36 -42.20
C ARG S 15 -6.70 -58.19 -42.01
N ILE S 16 -6.27 -56.98 -42.36
CA ILE S 16 -7.14 -55.80 -42.27
C ILE S 16 -7.32 -55.28 -43.66
N HIS S 17 -8.45 -55.59 -44.29
CA HIS S 17 -8.66 -55.26 -45.69
C HIS S 17 -8.63 -53.75 -45.97
N GLN S 18 -9.08 -52.90 -45.06
CA GLN S 18 -9.01 -51.44 -45.28
C GLN S 18 -7.58 -50.92 -45.46
N ILE S 19 -6.62 -51.51 -44.72
CA ILE S 19 -5.21 -51.17 -44.86
C ILE S 19 -4.73 -51.58 -46.24
N GLU S 20 -5.12 -52.77 -46.69
CA GLU S 20 -4.74 -53.30 -48.00
C GLU S 20 -5.36 -52.49 -49.14
N TYR S 21 -6.57 -51.93 -48.93
CA TYR S 21 -7.25 -51.11 -49.93
C TYR S 21 -6.60 -49.76 -50.06
N ALA S 22 -6.08 -49.20 -48.94
CA ALA S 22 -5.37 -47.91 -48.94
C ALA S 22 -4.05 -48.04 -49.67
N MET S 23 -3.35 -49.17 -49.52
CA MET S 23 -2.10 -49.42 -50.21
C MET S 23 -2.26 -49.48 -51.72
N GLU S 24 -3.46 -49.84 -52.19
CA GLU S 24 -3.78 -49.83 -53.60
C GLU S 24 -3.76 -48.40 -54.15
N ALA S 25 -3.89 -47.36 -53.30
CA ALA S 25 -3.84 -45.99 -53.79
C ALA S 25 -2.42 -45.67 -54.25
N VAL S 26 -1.40 -46.12 -53.49
CA VAL S 26 0.01 -45.92 -53.85
C VAL S 26 0.32 -46.51 -55.22
N LYS S 27 -0.16 -47.76 -55.44
CA LYS S 27 0.03 -48.58 -56.64
C LYS S 27 -0.63 -47.99 -57.90
N GLN S 28 -1.66 -47.16 -57.70
CA GLN S 28 -2.42 -46.50 -58.76
C GLN S 28 -1.77 -45.14 -59.19
N GLY S 29 -0.88 -44.59 -58.38
CA GLY S 29 -0.20 -43.34 -58.70
C GLY S 29 0.93 -43.53 -59.71
N SER S 30 1.48 -42.44 -60.26
CA SER S 30 2.59 -42.54 -61.21
C SER S 30 3.89 -42.95 -60.49
N ALA S 31 4.80 -43.63 -61.19
CA ALA S 31 6.02 -44.13 -60.57
C ALA S 31 6.95 -43.06 -60.02
N THR S 32 7.54 -43.35 -58.86
CA THR S 32 8.58 -42.52 -58.26
C THR S 32 9.75 -43.42 -57.84
N VAL S 33 10.97 -42.88 -57.90
CA VAL S 33 12.21 -43.58 -57.62
C VAL S 33 13.10 -42.80 -56.65
N GLY S 34 13.72 -43.49 -55.70
CA GLY S 34 14.65 -42.86 -54.78
C GLY S 34 15.87 -43.73 -54.61
N LEU S 35 17.07 -43.14 -54.64
CA LEU S 35 18.30 -43.91 -54.49
C LEU S 35 19.41 -43.08 -53.84
N LYS S 36 20.44 -43.73 -53.28
CA LYS S 36 21.49 -43.00 -52.60
C LYS S 36 22.89 -43.49 -52.88
N SER S 37 23.84 -42.55 -52.82
CA SER S 37 25.26 -42.79 -52.94
C SER S 37 25.90 -42.55 -51.53
N LYS S 38 27.25 -42.51 -51.44
CA LYS S 38 27.91 -42.27 -50.16
C LYS S 38 27.73 -40.81 -49.70
N THR S 39 27.44 -39.89 -50.63
CA THR S 39 27.29 -38.48 -50.28
C THR S 39 25.93 -37.90 -50.63
N HIS S 40 25.14 -38.54 -51.51
CA HIS S 40 23.86 -37.94 -51.91
C HIS S 40 22.61 -38.86 -51.85
N ALA S 41 21.41 -38.26 -51.77
CA ALA S 41 20.13 -38.96 -51.81
C ALA S 41 19.33 -38.28 -52.94
N VAL S 42 18.87 -39.07 -53.90
CA VAL S 42 18.17 -38.56 -55.07
C VAL S 42 16.75 -39.07 -55.14
N LEU S 43 15.85 -38.21 -55.57
CA LEU S 43 14.45 -38.56 -55.80
C LEU S 43 14.16 -38.17 -57.22
N VAL S 44 13.59 -39.06 -58.01
CA VAL S 44 13.18 -38.76 -59.37
C VAL S 44 11.74 -39.28 -59.51
N ALA S 45 10.90 -38.55 -60.24
CA ALA S 45 9.52 -39.00 -60.43
C ALA S 45 8.98 -38.64 -61.81
N LEU S 46 8.17 -39.57 -62.36
CA LEU S 46 7.51 -39.33 -63.62
C LEU S 46 6.25 -38.55 -63.24
N LYS S 47 6.21 -37.27 -63.59
CA LYS S 47 5.03 -36.46 -63.34
C LYS S 47 4.04 -36.81 -64.46
N ARG S 48 2.78 -37.12 -64.12
CA ARG S 48 1.79 -37.53 -65.12
C ARG S 48 0.73 -36.42 -65.35
N ALA S 49 0.37 -36.12 -66.61
CA ALA S 49 -0.65 -35.10 -66.89
C ALA S 49 -2.03 -35.68 -67.23
N GLN S 50 -3.10 -34.90 -66.91
CA GLN S 50 -4.49 -35.32 -67.17
C GLN S 50 -4.93 -35.16 -68.64
N SER S 51 -4.16 -34.42 -69.45
CA SER S 51 -4.32 -34.14 -70.89
C SER S 51 -3.15 -33.27 -71.32
N GLU S 52 -2.91 -33.13 -72.64
CA GLU S 52 -1.81 -32.29 -73.14
C GLU S 52 -1.90 -30.86 -72.57
N LEU S 53 -3.15 -30.33 -72.47
CA LEU S 53 -3.45 -28.99 -71.97
C LEU S 53 -3.20 -28.84 -70.46
N ALA S 54 -3.43 -29.89 -69.68
CA ALA S 54 -3.18 -29.83 -68.23
C ALA S 54 -1.67 -30.02 -67.92
N ALA S 55 -1.22 -29.59 -66.74
CA ALA S 55 0.18 -29.73 -66.37
C ALA S 55 0.44 -31.05 -65.62
N HIS S 56 1.71 -31.46 -65.57
CA HIS S 56 2.14 -32.68 -64.89
C HIS S 56 2.28 -32.34 -63.40
N GLN S 57 1.40 -32.95 -62.57
CA GLN S 57 1.26 -32.74 -61.11
C GLN S 57 2.59 -32.74 -60.33
N LYS S 58 2.68 -31.89 -59.27
CA LYS S 58 3.88 -31.80 -58.45
C LYS S 58 4.11 -33.11 -57.66
N LYS S 59 5.05 -33.99 -58.10
CA LYS S 59 5.34 -35.27 -57.43
C LYS S 59 6.40 -35.20 -56.31
N ILE S 60 7.12 -34.07 -56.19
CA ILE S 60 8.21 -33.86 -55.21
C ILE S 60 8.01 -32.57 -54.42
N LEU S 61 7.99 -32.67 -53.08
CA LEU S 61 7.75 -31.52 -52.20
C LEU S 61 8.91 -31.33 -51.18
N HIS S 62 9.13 -30.07 -50.72
CA HIS S 62 10.18 -29.72 -49.74
C HIS S 62 9.69 -30.02 -48.31
N VAL S 63 10.57 -30.58 -47.43
CA VAL S 63 10.16 -30.81 -46.03
C VAL S 63 11.02 -29.94 -45.10
N ASP S 64 12.33 -29.94 -45.30
CA ASP S 64 13.26 -29.07 -44.58
C ASP S 64 14.52 -28.84 -45.44
N ASN S 65 15.51 -28.13 -44.89
CA ASN S 65 16.76 -27.89 -45.59
C ASN S 65 17.47 -29.20 -45.92
N HIS S 66 17.36 -30.20 -45.03
CA HIS S 66 18.02 -31.50 -45.20
C HIS S 66 17.08 -32.66 -45.62
N ILE S 67 15.79 -32.40 -45.82
CA ILE S 67 14.82 -33.46 -46.13
C ILE S 67 13.87 -33.01 -47.25
N GLY S 68 13.63 -33.92 -48.19
CA GLY S 68 12.67 -33.73 -49.27
C GLY S 68 11.93 -35.03 -49.53
N ILE S 69 10.71 -34.97 -50.06
CA ILE S 69 9.92 -36.19 -50.29
C ILE S 69 9.31 -36.32 -51.70
N SER S 70 8.94 -37.54 -52.10
CA SER S 70 8.19 -37.78 -53.31
C SER S 70 6.97 -38.64 -52.93
N ILE S 71 5.81 -38.23 -53.42
CA ILE S 71 4.54 -38.82 -53.04
C ILE S 71 3.98 -39.78 -54.07
N ALA S 72 3.11 -40.68 -53.64
CA ALA S 72 2.43 -41.64 -54.49
C ALA S 72 1.10 -42.01 -53.82
N GLY S 73 -0.02 -41.50 -54.32
CA GLY S 73 -1.31 -41.79 -53.72
C GLY S 73 -2.22 -40.58 -53.63
N LEU S 74 -3.08 -40.54 -52.59
CA LEU S 74 -4.03 -39.45 -52.38
C LEU S 74 -3.24 -38.16 -52.12
N THR S 75 -3.33 -37.18 -53.06
CA THR S 75 -2.57 -35.92 -52.99
C THR S 75 -2.96 -35.09 -51.77
N ALA S 76 -4.22 -35.18 -51.32
CA ALA S 76 -4.66 -34.44 -50.12
C ALA S 76 -4.05 -35.05 -48.87
N ASP S 77 -3.90 -36.38 -48.82
CA ASP S 77 -3.24 -37.05 -47.70
C ASP S 77 -1.75 -36.81 -47.70
N ALA S 78 -1.16 -36.68 -48.89
CA ALA S 78 0.24 -36.38 -49.07
C ALA S 78 0.54 -34.99 -48.54
N ARG S 79 -0.36 -34.01 -48.79
CA ARG S 79 -0.21 -32.65 -48.25
C ARG S 79 -0.45 -32.60 -46.72
N LEU S 80 -1.30 -33.49 -46.17
CA LEU S 80 -1.51 -33.55 -44.72
C LEU S 80 -0.20 -34.08 -44.12
N LEU S 81 0.36 -35.18 -44.67
CA LEU S 81 1.59 -35.76 -44.16
C LEU S 81 2.80 -34.87 -44.35
N CYS S 82 2.84 -34.09 -45.43
CA CYS S 82 3.95 -33.18 -45.69
C CYS S 82 4.01 -32.07 -44.62
N ASN S 83 2.87 -31.48 -44.26
CA ASN S 83 2.80 -30.41 -43.28
C ASN S 83 3.12 -30.89 -41.86
N PHE S 84 2.83 -32.17 -41.57
CA PHE S 84 3.16 -32.78 -40.28
C PHE S 84 4.69 -32.88 -40.22
N MET S 85 5.32 -33.38 -41.30
CA MET S 85 6.77 -33.53 -41.42
C MET S 85 7.50 -32.18 -41.33
N ARG S 86 7.03 -31.18 -42.11
CA ARG S 86 7.55 -29.82 -42.15
C ARG S 86 7.51 -29.24 -40.74
N GLN S 87 6.39 -29.45 -40.01
CA GLN S 87 6.17 -28.93 -38.67
C GLN S 87 7.04 -29.63 -37.64
N GLU S 88 7.16 -30.96 -37.71
CA GLU S 88 8.02 -31.71 -36.79
C GLU S 88 9.46 -31.26 -36.88
N CYS S 89 9.90 -30.94 -38.11
CA CYS S 89 11.20 -30.41 -38.46
C CYS S 89 11.38 -28.99 -37.88
N LEU S 90 10.34 -28.15 -37.96
CA LEU S 90 10.36 -26.80 -37.42
C LEU S 90 10.50 -26.84 -35.94
N ASP S 91 9.76 -27.75 -35.25
CA ASP S 91 9.80 -27.91 -33.80
C ASP S 91 11.21 -28.23 -33.34
N SER S 92 11.91 -29.18 -34.04
CA SER S 92 13.25 -29.61 -33.73
C SER S 92 14.30 -28.49 -33.83
N ARG S 93 14.21 -27.65 -34.87
CA ARG S 93 15.11 -26.51 -35.02
C ARG S 93 14.76 -25.39 -34.04
N PHE S 94 13.48 -25.25 -33.67
CA PHE S 94 13.07 -24.25 -32.68
C PHE S 94 13.63 -24.64 -31.33
N VAL S 95 13.35 -25.89 -30.90
CA VAL S 95 13.77 -26.40 -29.59
C VAL S 95 15.26 -26.65 -29.47
N PHE S 96 15.87 -27.42 -30.41
CA PHE S 96 17.27 -27.85 -30.39
C PHE S 96 18.27 -27.09 -31.28
N ASP S 97 17.80 -26.30 -32.25
CA ASP S 97 18.67 -25.54 -33.14
C ASP S 97 19.63 -26.47 -33.90
N ARG S 98 19.07 -27.57 -34.39
CA ARG S 98 19.77 -28.69 -34.97
C ARG S 98 18.74 -29.46 -35.78
N PRO S 99 19.11 -29.91 -36.99
CA PRO S 99 18.14 -30.60 -37.85
C PRO S 99 17.63 -31.87 -37.25
N LEU S 100 16.34 -32.19 -37.49
CA LEU S 100 15.73 -33.40 -36.97
C LEU S 100 16.34 -34.62 -37.67
N PRO S 101 16.97 -35.54 -36.91
CA PRO S 101 17.55 -36.74 -37.56
C PRO S 101 16.51 -37.48 -38.41
N VAL S 102 16.80 -37.68 -39.71
CA VAL S 102 15.90 -38.29 -40.70
C VAL S 102 15.18 -39.56 -40.21
N SER S 103 15.91 -40.50 -39.57
CA SER S 103 15.29 -41.72 -39.06
C SER S 103 14.28 -41.40 -37.97
N ARG S 104 14.51 -40.34 -37.19
CA ARG S 104 13.58 -39.93 -36.15
C ARG S 104 12.33 -39.37 -36.74
N LEU S 105 12.42 -38.59 -37.83
CA LEU S 105 11.23 -38.05 -38.48
C LEU S 105 10.35 -39.19 -39.00
N VAL S 106 10.97 -40.19 -39.60
CA VAL S 106 10.30 -41.34 -40.17
C VAL S 106 9.57 -42.17 -39.10
N SER S 107 10.15 -42.26 -37.87
CA SER S 107 9.51 -42.96 -36.74
C SER S 107 8.22 -42.24 -36.36
N LEU S 108 8.24 -40.89 -36.36
CA LEU S 108 7.08 -40.09 -36.06
C LEU S 108 6.01 -40.27 -37.10
N ILE S 109 6.37 -40.49 -38.37
CA ILE S 109 5.39 -40.76 -39.42
C ILE S 109 4.73 -42.15 -39.18
N GLY S 110 5.55 -43.14 -38.85
CA GLY S 110 5.05 -44.47 -38.55
C GLY S 110 4.15 -44.52 -37.34
N SER S 111 4.43 -43.65 -36.35
CA SER S 111 3.69 -43.57 -35.10
C SER S 111 2.35 -42.83 -35.28
N LYS S 112 2.36 -41.70 -35.98
CA LYS S 112 1.13 -40.96 -36.20
C LYS S 112 0.23 -41.64 -37.22
N THR S 113 0.79 -42.27 -38.28
CA THR S 113 -0.04 -42.93 -39.28
C THR S 113 -0.59 -44.31 -38.82
N GLN S 114 -0.14 -44.82 -37.68
CA GLN S 114 -0.68 -46.08 -37.14
C GLN S 114 -1.96 -45.82 -36.36
N ILE S 115 -2.02 -44.70 -35.63
CA ILE S 115 -3.16 -44.29 -34.82
C ILE S 115 -4.53 -44.49 -35.54
N PRO S 116 -4.74 -43.96 -36.77
CA PRO S 116 -6.04 -44.18 -37.42
C PRO S 116 -6.33 -45.63 -37.75
N THR S 117 -5.31 -46.48 -37.95
CA THR S 117 -5.52 -47.88 -38.29
C THR S 117 -6.12 -48.72 -37.14
N GLN S 118 -6.32 -48.13 -35.95
CA GLN S 118 -6.86 -48.85 -34.81
C GLN S 118 -8.06 -48.16 -34.17
N ARG S 119 -8.63 -47.10 -34.80
CA ARG S 119 -9.77 -46.37 -34.20
C ARG S 119 -10.98 -46.40 -35.14
N TYR S 120 -12.17 -46.70 -34.63
CA TYR S 120 -13.40 -46.81 -35.40
C TYR S 120 -13.81 -45.49 -36.02
N GLY S 121 -14.21 -45.56 -37.29
CA GLY S 121 -14.56 -44.37 -38.08
C GLY S 121 -13.35 -43.67 -38.69
N ARG S 122 -12.17 -44.25 -38.47
CA ARG S 122 -10.95 -43.69 -38.98
C ARG S 122 -10.43 -44.54 -40.14
N ARG S 123 -9.57 -43.92 -40.95
CA ARG S 123 -9.03 -44.60 -42.12
C ARG S 123 -7.55 -44.42 -42.20
N PRO S 124 -6.83 -45.36 -42.82
CA PRO S 124 -5.39 -45.14 -43.01
C PRO S 124 -5.10 -43.96 -43.96
N TYR S 125 -3.84 -43.57 -44.06
CA TYR S 125 -3.47 -42.54 -45.01
C TYR S 125 -3.36 -43.27 -46.37
N GLY S 126 -3.96 -42.71 -47.41
CA GLY S 126 -3.88 -43.30 -48.74
C GLY S 126 -2.65 -42.81 -49.49
N VAL S 127 -1.56 -42.57 -48.75
CA VAL S 127 -0.33 -42.08 -49.42
C VAL S 127 0.88 -42.86 -48.91
N GLY S 128 1.85 -43.02 -49.80
CA GLY S 128 3.13 -43.65 -49.53
C GLY S 128 4.17 -42.67 -49.98
N LEU S 129 5.22 -42.52 -49.21
CA LEU S 129 6.27 -41.56 -49.54
C LEU S 129 7.64 -42.20 -49.71
N LEU S 130 8.50 -41.53 -50.47
CA LEU S 130 9.94 -41.86 -50.61
C LEU S 130 10.61 -40.60 -50.01
N ILE S 131 11.42 -40.77 -48.96
CA ILE S 131 12.02 -39.64 -48.26
C ILE S 131 13.52 -39.56 -48.55
N ALA S 132 14.03 -38.39 -48.94
CA ALA S 132 15.45 -38.19 -49.22
C ALA S 132 16.00 -37.26 -48.16
N GLY S 133 17.06 -37.68 -47.47
CA GLY S 133 17.59 -36.86 -46.40
C GLY S 133 19.08 -36.97 -46.19
N TYR S 134 19.62 -36.05 -45.41
CA TYR S 134 21.03 -36.05 -45.08
C TYR S 134 21.21 -35.56 -43.64
N ASP S 135 21.99 -36.29 -42.84
CA ASP S 135 22.23 -35.88 -41.46
C ASP S 135 23.66 -36.35 -41.02
N ASP S 136 23.91 -36.53 -39.71
CA ASP S 136 25.20 -37.01 -39.22
C ASP S 136 25.51 -38.44 -39.69
N MET S 137 24.50 -39.21 -40.12
CA MET S 137 24.73 -40.56 -40.63
C MET S 137 24.78 -40.60 -42.18
N GLY S 138 25.10 -39.46 -42.81
CA GLY S 138 25.14 -39.37 -44.26
C GLY S 138 23.78 -39.31 -44.90
N PRO S 139 23.67 -39.75 -46.16
CA PRO S 139 22.39 -39.68 -46.86
C PRO S 139 21.49 -40.89 -46.60
N HIS S 140 20.18 -40.68 -46.71
CA HIS S 140 19.20 -41.72 -46.45
C HIS S 140 18.09 -41.71 -47.46
N ILE S 141 17.50 -42.89 -47.68
CA ILE S 141 16.33 -43.06 -48.52
C ILE S 141 15.36 -43.91 -47.69
N PHE S 142 14.19 -43.36 -47.34
CA PHE S 142 13.19 -44.09 -46.56
C PHE S 142 11.88 -44.28 -47.34
N GLN S 143 11.09 -45.29 -46.97
CA GLN S 143 9.82 -45.57 -47.65
C GLN S 143 8.73 -45.71 -46.63
N THR S 144 7.66 -44.94 -46.75
CA THR S 144 6.53 -45.07 -45.83
C THR S 144 5.32 -45.58 -46.60
N CYS S 145 4.40 -46.27 -45.93
CA CYS S 145 3.24 -46.81 -46.60
C CYS S 145 1.94 -46.75 -45.74
N PRO S 146 0.75 -46.76 -46.38
CA PRO S 146 -0.52 -46.67 -45.63
C PRO S 146 -0.67 -47.61 -44.43
N SER S 147 0.07 -48.73 -44.49
CA SER S 147 0.19 -49.76 -43.47
C SER S 147 0.67 -49.19 -42.09
N ALA S 148 1.37 -48.01 -42.16
CA ALA S 148 2.13 -47.27 -41.15
C ALA S 148 3.54 -47.87 -40.92
N ASN S 149 3.92 -48.85 -41.75
CA ASN S 149 5.20 -49.52 -41.69
C ASN S 149 6.19 -48.69 -42.55
N TYR S 150 7.45 -48.65 -42.15
CA TYR S 150 8.45 -47.85 -42.87
C TYR S 150 9.75 -48.62 -43.05
N PHE S 151 10.52 -48.25 -44.08
CA PHE S 151 11.72 -49.01 -44.40
C PHE S 151 12.92 -48.13 -44.69
N ASP S 152 14.09 -48.57 -44.22
CA ASP S 152 15.34 -47.91 -44.53
C ASP S 152 15.82 -48.58 -45.84
N CYS S 153 16.06 -47.78 -46.89
CA CYS S 153 16.37 -48.31 -48.21
C CYS S 153 17.70 -47.87 -48.77
N ARG S 154 18.34 -48.73 -49.55
CA ARG S 154 19.55 -48.41 -50.31
C ARG S 154 19.12 -47.69 -51.66
N ALA S 155 17.93 -48.05 -52.16
CA ALA S 155 17.22 -47.56 -53.33
C ALA S 155 15.78 -48.09 -53.27
N MET S 156 14.84 -47.47 -54.01
CA MET S 156 13.44 -47.88 -53.93
C MET S 156 12.56 -47.25 -55.02
N SER S 157 11.41 -47.88 -55.30
CA SER S 157 10.48 -47.38 -56.28
C SER S 157 9.04 -47.71 -55.90
N ILE S 158 8.16 -46.72 -55.84
CA ILE S 158 6.74 -46.95 -55.55
C ILE S 158 5.84 -46.37 -56.68
N GLY S 159 4.62 -46.87 -56.80
CA GLY S 159 3.70 -46.41 -57.84
C GLY S 159 3.35 -47.46 -58.88
N ALA S 160 2.78 -47.02 -60.02
CA ALA S 160 2.36 -47.90 -61.10
C ALA S 160 3.54 -48.25 -61.96
N ARG S 161 3.65 -49.53 -62.31
CA ARG S 161 4.73 -50.09 -63.11
C ARG S 161 6.11 -49.91 -62.45
N SER S 162 6.12 -49.71 -61.10
CA SER S 162 7.29 -49.51 -60.25
C SER S 162 8.15 -50.77 -60.09
N GLN S 163 7.55 -51.96 -60.24
CA GLN S 163 8.28 -53.21 -60.15
C GLN S 163 9.42 -53.28 -61.21
N SER S 164 9.24 -52.57 -62.35
CA SER S 164 10.20 -52.45 -63.44
C SER S 164 11.40 -51.58 -63.05
N ALA S 165 11.13 -50.53 -62.26
CA ALA S 165 12.18 -49.67 -61.75
C ALA S 165 13.04 -50.40 -60.71
N ARG S 166 12.39 -51.27 -59.91
CA ARG S 166 12.94 -52.08 -58.81
C ARG S 166 13.97 -53.10 -59.28
N THR S 167 13.73 -53.66 -60.45
CA THR S 167 14.65 -54.63 -61.01
C THR S 167 15.90 -53.91 -61.53
N TYR S 168 15.76 -52.67 -62.05
CA TYR S 168 16.93 -51.92 -62.49
C TYR S 168 17.75 -51.55 -61.24
N LEU S 169 17.07 -51.10 -60.15
CA LEU S 169 17.74 -50.70 -58.92
C LEU S 169 18.44 -51.89 -58.24
N GLU S 170 17.84 -53.07 -58.33
CA GLU S 170 18.42 -54.27 -57.73
C GLU S 170 19.67 -54.70 -58.54
N ARG S 171 19.60 -54.60 -59.88
CA ARG S 171 20.70 -55.01 -60.76
C ARG S 171 21.87 -54.03 -60.74
N HIS S 172 21.60 -52.75 -60.53
CA HIS S 172 22.66 -51.75 -60.50
C HIS S 172 23.07 -51.30 -59.10
N MET S 173 22.42 -51.85 -58.05
CA MET S 173 22.58 -51.62 -56.62
C MET S 173 24.03 -51.42 -56.18
N SER S 174 24.91 -52.30 -56.63
CA SER S 174 26.32 -52.28 -56.26
C SER S 174 27.08 -51.02 -56.70
N GLU S 175 26.70 -50.42 -57.84
CA GLU S 175 27.39 -49.23 -58.37
C GLU S 175 27.02 -47.93 -57.68
N PHE S 176 25.86 -47.89 -56.98
CA PHE S 176 25.30 -46.68 -56.36
C PHE S 176 26.18 -45.99 -55.32
N MET S 177 26.77 -46.72 -54.36
CA MET S 177 27.57 -46.06 -53.32
C MET S 177 28.77 -45.27 -53.86
N GLU S 178 29.52 -45.81 -54.84
CA GLU S 178 30.67 -45.11 -55.40
C GLU S 178 30.32 -44.14 -56.55
N CYS S 179 29.03 -44.01 -56.90
CA CYS S 179 28.52 -43.12 -57.95
C CYS S 179 28.76 -41.65 -57.64
N ASN S 180 28.99 -40.87 -58.67
CA ASN S 180 29.05 -39.41 -58.53
C ASN S 180 27.58 -38.89 -58.66
N LEU S 181 27.32 -37.57 -58.45
CA LEU S 181 25.94 -37.07 -58.57
C LEU S 181 25.34 -37.31 -59.99
N ASN S 182 26.04 -36.92 -61.09
CA ASN S 182 25.52 -37.12 -62.46
C ASN S 182 25.16 -38.58 -62.74
N GLU S 183 26.02 -39.52 -62.32
CA GLU S 183 25.78 -40.95 -62.51
C GLU S 183 24.66 -41.47 -61.61
N LEU S 184 24.61 -41.04 -60.33
CA LEU S 184 23.55 -41.48 -59.42
C LEU S 184 22.17 -41.03 -59.94
N VAL S 185 22.10 -39.79 -60.43
CA VAL S 185 20.85 -39.24 -61.03
C VAL S 185 20.51 -40.10 -62.26
N LYS S 186 21.52 -40.47 -63.05
CA LYS S 186 21.30 -41.30 -64.26
C LYS S 186 20.71 -42.65 -63.85
N HIS S 187 21.23 -43.24 -62.77
CA HIS S 187 20.71 -44.57 -62.33
C HIS S 187 19.21 -44.43 -62.00
N GLY S 188 18.83 -43.30 -61.39
CA GLY S 188 17.44 -43.07 -61.01
C GLY S 188 16.57 -42.86 -62.22
N LEU S 189 16.99 -41.95 -63.13
CA LEU S 189 16.31 -41.62 -64.39
C LEU S 189 16.07 -42.87 -65.22
N ARG S 190 17.04 -43.80 -65.23
CA ARG S 190 16.99 -45.10 -65.94
C ARG S 190 15.98 -46.09 -65.32
N ALA S 191 15.91 -46.16 -63.96
CA ALA S 191 14.91 -46.98 -63.30
C ALA S 191 13.53 -46.37 -63.57
N LEU S 192 13.42 -45.04 -63.58
CA LEU S 192 12.16 -44.34 -63.84
C LEU S 192 11.70 -44.63 -65.26
N ARG S 193 12.63 -44.60 -66.21
CA ARG S 193 12.37 -44.90 -67.61
C ARG S 193 11.70 -46.28 -67.81
N GLU S 194 12.26 -47.35 -67.20
CA GLU S 194 11.77 -48.73 -67.35
C GLU S 194 10.30 -48.94 -67.00
N THR S 195 9.73 -48.01 -66.24
CA THR S 195 8.33 -48.08 -65.83
C THR S 195 7.48 -47.67 -67.04
N LEU S 196 7.80 -46.50 -67.66
CA LEU S 196 7.14 -45.91 -68.82
C LEU S 196 7.08 -46.93 -69.94
N PRO S 197 5.96 -47.03 -70.66
CA PRO S 197 5.90 -48.00 -71.77
C PRO S 197 7.03 -47.85 -72.78
N ALA S 198 7.30 -48.89 -73.57
CA ALA S 198 8.33 -48.80 -74.61
C ALA S 198 7.96 -47.74 -75.70
N GLU S 199 6.69 -47.31 -75.70
CA GLU S 199 6.08 -46.29 -76.54
C GLU S 199 6.69 -44.93 -76.22
N GLN S 200 6.92 -44.64 -74.91
CA GLN S 200 7.41 -43.34 -74.45
C GLN S 200 8.77 -43.37 -73.69
N ASP S 201 9.42 -42.17 -73.63
CA ASP S 201 10.71 -41.89 -72.99
C ASP S 201 10.57 -40.67 -72.02
N LEU S 202 11.59 -40.44 -71.16
CA LEU S 202 11.59 -39.33 -70.20
C LEU S 202 11.70 -38.00 -70.94
N THR S 203 11.03 -36.98 -70.42
CA THR S 203 10.99 -35.67 -71.06
C THR S 203 11.25 -34.55 -70.06
N THR S 204 11.70 -33.41 -70.56
CA THR S 204 11.90 -32.23 -69.75
C THR S 204 10.57 -31.69 -69.14
N LYS S 205 9.41 -32.23 -69.57
CA LYS S 205 8.10 -31.83 -69.09
C LYS S 205 7.61 -32.79 -68.03
N ASN S 206 7.76 -34.10 -68.29
CA ASN S 206 7.26 -35.11 -67.36
C ASN S 206 8.28 -35.70 -66.36
N VAL S 207 9.39 -35.02 -66.11
CA VAL S 207 10.41 -35.52 -65.19
C VAL S 207 10.64 -34.49 -64.12
N SER S 208 10.73 -34.97 -62.86
CA SER S 208 11.04 -34.15 -61.71
C SER S 208 12.21 -34.77 -60.94
N ILE S 209 13.15 -33.94 -60.48
CA ILE S 209 14.29 -34.43 -59.72
C ILE S 209 14.43 -33.66 -58.39
N GLY S 210 14.84 -34.34 -57.33
CA GLY S 210 15.10 -33.74 -56.05
C GLY S 210 16.43 -34.25 -55.54
N ILE S 211 17.37 -33.34 -55.19
CA ILE S 211 18.67 -33.76 -54.69
C ILE S 211 19.03 -33.12 -53.34
N VAL S 212 19.56 -33.94 -52.40
CA VAL S 212 20.06 -33.52 -51.09
C VAL S 212 21.37 -34.31 -50.81
N GLY S 213 22.36 -33.66 -50.22
CA GLY S 213 23.62 -34.31 -49.90
C GLY S 213 24.60 -33.51 -49.07
N LYS S 214 25.84 -34.00 -48.97
CA LYS S 214 26.95 -33.42 -48.21
C LYS S 214 27.05 -31.89 -48.28
N ASP S 215 27.06 -31.27 -49.49
CA ASP S 215 27.10 -29.80 -49.58
C ASP S 215 25.80 -29.16 -50.09
N LEU S 216 24.92 -29.96 -50.71
CA LEU S 216 23.68 -29.43 -51.30
C LEU S 216 22.47 -29.59 -50.41
N GLU S 217 21.74 -28.48 -50.18
CA GLU S 217 20.46 -28.53 -49.44
C GLU S 217 19.42 -29.13 -50.37
N PHE S 218 18.28 -29.65 -49.85
CA PHE S 218 17.27 -30.24 -50.74
C PHE S 218 16.79 -29.27 -51.85
N THR S 219 17.11 -29.60 -53.12
CA THR S 219 16.79 -28.77 -54.27
C THR S 219 15.89 -29.54 -55.26
N ILE S 220 14.85 -28.87 -55.82
CA ILE S 220 13.97 -29.49 -56.80
C ILE S 220 14.18 -28.92 -58.21
N TYR S 221 14.56 -29.78 -59.17
CA TYR S 221 14.80 -29.44 -60.58
C TYR S 221 13.58 -29.91 -61.34
N ASP S 222 12.96 -29.00 -62.15
CA ASP S 222 11.73 -29.41 -62.83
C ASP S 222 11.67 -29.33 -64.37
N ASP S 223 12.06 -28.21 -65.03
CA ASP S 223 11.91 -28.19 -66.49
C ASP S 223 13.26 -27.99 -67.20
N ASP S 224 13.74 -26.75 -67.45
CA ASP S 224 15.07 -26.58 -68.07
C ASP S 224 16.20 -26.92 -67.05
N ASP S 225 15.87 -26.94 -65.72
CA ASP S 225 16.73 -27.38 -64.61
C ASP S 225 17.02 -28.90 -64.73
N VAL S 226 16.06 -29.67 -65.30
CA VAL S 226 16.19 -31.10 -65.49
C VAL S 226 17.12 -31.43 -66.68
N SER S 227 17.10 -30.56 -67.72
CA SER S 227 17.87 -30.70 -68.97
C SER S 227 19.34 -31.17 -68.79
N PRO S 228 20.19 -30.57 -67.93
CA PRO S 228 21.57 -31.07 -67.80
C PRO S 228 21.69 -32.57 -67.53
N PHE S 229 20.78 -33.11 -66.70
CA PHE S 229 20.74 -34.53 -66.35
C PHE S 229 20.31 -35.40 -67.53
N LEU S 230 19.28 -34.96 -68.25
CA LEU S 230 18.77 -35.70 -69.38
C LEU S 230 19.70 -35.66 -70.62
N GLU S 231 20.70 -34.76 -70.64
CA GLU S 231 21.65 -34.61 -71.75
C GLU S 231 22.72 -35.73 -71.89
N GLY S 232 22.37 -36.95 -71.50
CA GLY S 232 23.27 -38.11 -71.62
C GLY S 232 22.53 -39.41 -71.87
N LEU S 233 21.31 -39.51 -71.33
CA LEU S 233 20.47 -40.71 -71.54
C LEU S 233 19.85 -40.65 -72.94
N GLU S 234 19.93 -41.74 -73.70
CA GLU S 234 19.28 -41.76 -75.02
C GLU S 234 18.97 -43.14 -75.62
N GLU S 235 19.30 -44.22 -74.88
CA GLU S 235 19.07 -45.59 -75.38
C GLU S 235 17.85 -46.23 -74.72
N ARG S 236 16.92 -46.74 -75.54
CA ARG S 236 15.69 -47.41 -75.04
C ARG S 236 15.01 -46.51 -73.99
N SER T 1 -13.49 -69.47 -36.80
CA SER T 1 -14.16 -68.44 -37.60
C SER T 1 -15.68 -68.66 -37.77
N ILE T 2 -16.54 -67.98 -36.97
CA ILE T 2 -17.99 -68.10 -37.12
C ILE T 2 -18.57 -66.82 -37.73
N GLY T 3 -18.65 -66.81 -39.06
CA GLY T 3 -19.13 -65.67 -39.84
C GLY T 3 -20.63 -65.41 -39.80
N THR T 4 -21.14 -64.94 -38.64
CA THR T 4 -22.56 -64.63 -38.45
C THR T 4 -22.74 -63.33 -37.61
N GLY T 5 -21.83 -62.38 -37.80
CA GLY T 5 -21.87 -61.12 -37.06
C GLY T 5 -21.18 -61.20 -35.72
N TYR T 6 -21.17 -62.41 -35.12
CA TYR T 6 -20.54 -62.63 -33.81
C TYR T 6 -19.03 -62.39 -33.78
N ASP T 7 -18.41 -62.20 -34.96
CA ASP T 7 -16.97 -62.00 -35.10
C ASP T 7 -16.53 -60.64 -35.65
N LEU T 8 -17.39 -59.60 -35.62
CA LEU T 8 -17.04 -58.28 -36.18
C LEU T 8 -16.61 -57.22 -35.14
N SER T 9 -16.88 -57.46 -33.87
CA SER T 9 -16.58 -56.49 -32.81
C SER T 9 -15.93 -57.16 -31.61
N ALA T 10 -15.06 -56.43 -30.90
CA ALA T 10 -14.48 -56.96 -29.67
C ALA T 10 -15.48 -56.77 -28.46
N SER T 11 -16.56 -55.99 -28.62
CA SER T 11 -17.58 -55.85 -27.59
C SER T 11 -18.74 -56.89 -27.78
N THR T 12 -18.47 -57.95 -28.56
CA THR T 12 -19.43 -58.99 -28.87
C THR T 12 -18.84 -60.38 -28.65
N PHE T 13 -19.48 -61.15 -27.76
CA PHE T 13 -19.14 -62.55 -27.50
C PHE T 13 -19.93 -63.40 -28.51
N SER T 14 -19.37 -64.53 -28.90
CA SER T 14 -20.06 -65.48 -29.74
C SER T 14 -20.89 -66.39 -28.79
N PRO T 15 -21.89 -67.13 -29.29
CA PRO T 15 -22.69 -67.98 -28.40
C PRO T 15 -21.89 -68.99 -27.58
N ASP T 16 -20.72 -69.42 -28.07
CA ASP T 16 -19.88 -70.36 -27.30
C ASP T 16 -18.88 -69.66 -26.34
N GLY T 17 -19.09 -68.35 -26.09
CA GLY T 17 -18.31 -67.54 -25.18
C GLY T 17 -16.96 -67.12 -25.70
N ARG T 18 -16.83 -66.83 -26.99
CA ARG T 18 -15.54 -66.42 -27.57
C ARG T 18 -15.52 -65.00 -28.11
N VAL T 19 -14.33 -64.39 -28.13
CA VAL T 19 -14.19 -63.05 -28.71
C VAL T 19 -13.35 -63.24 -29.95
N PHE T 20 -14.01 -63.39 -31.10
CA PHE T 20 -13.33 -63.70 -32.33
C PHE T 20 -12.41 -62.61 -32.84
N GLN T 21 -12.70 -61.33 -32.56
CA GLN T 21 -11.82 -60.24 -33.00
C GLN T 21 -10.40 -60.38 -32.41
N VAL T 22 -10.29 -60.91 -31.18
CA VAL T 22 -9.00 -61.15 -30.53
C VAL T 22 -8.32 -62.38 -31.16
N GLU T 23 -9.11 -63.42 -31.48
CA GLU T 23 -8.63 -64.65 -32.11
C GLU T 23 -8.10 -64.39 -33.52
N TYR T 24 -8.78 -63.52 -34.28
CA TYR T 24 -8.33 -63.09 -35.61
C TYR T 24 -7.08 -62.24 -35.50
N ALA T 25 -6.95 -61.44 -34.41
CA ALA T 25 -5.75 -60.64 -34.18
C ALA T 25 -4.59 -61.58 -33.81
N MET T 26 -4.86 -62.68 -33.08
CA MET T 26 -3.84 -63.67 -32.73
C MET T 26 -3.34 -64.36 -33.97
N LYS T 27 -4.20 -64.55 -34.99
CA LYS T 27 -3.87 -65.14 -36.30
C LYS T 27 -2.87 -64.28 -37.06
N ALA T 28 -2.81 -62.96 -36.82
CA ALA T 28 -1.77 -62.12 -37.45
C ALA T 28 -0.38 -62.50 -36.90
N VAL T 29 -0.30 -62.90 -35.63
CA VAL T 29 0.95 -63.33 -35.05
C VAL T 29 1.27 -64.71 -35.59
N GLU T 30 0.28 -65.60 -35.71
CA GLU T 30 0.44 -66.93 -36.30
C GLU T 30 1.02 -66.88 -37.73
N ASN T 31 0.72 -65.83 -38.52
CA ASN T 31 1.25 -65.61 -39.88
C ASN T 31 2.62 -64.88 -39.89
N SER T 32 3.13 -64.49 -38.74
CA SER T 32 4.35 -63.71 -38.66
C SER T 32 5.62 -64.53 -38.62
N SER T 33 6.72 -63.84 -38.91
CA SER T 33 8.08 -64.42 -38.81
C SER T 33 8.34 -64.70 -37.32
N THR T 34 8.96 -65.82 -37.02
CA THR T 34 9.22 -66.26 -35.64
C THR T 34 10.30 -65.43 -34.87
N ALA T 35 9.96 -65.14 -33.60
CA ALA T 35 10.81 -64.47 -32.63
C ALA T 35 10.95 -65.39 -31.43
N ILE T 36 12.18 -65.53 -30.89
CA ILE T 36 12.43 -66.40 -29.74
C ILE T 36 13.22 -65.66 -28.65
N GLY T 37 13.00 -66.04 -27.40
CA GLY T 37 13.68 -65.46 -26.25
C GLY T 37 13.99 -66.53 -25.23
N ILE T 38 15.22 -66.52 -24.67
CA ILE T 38 15.60 -67.56 -23.73
C ILE T 38 16.17 -66.94 -22.44
N ARG T 39 15.70 -67.42 -21.27
CA ARG T 39 16.15 -66.95 -19.99
C ARG T 39 17.17 -67.94 -19.46
N CYS T 40 18.39 -67.48 -19.13
CA CYS T 40 19.43 -68.36 -18.60
C CYS T 40 19.98 -67.89 -17.22
N LYS T 41 20.93 -68.66 -16.63
CA LYS T 41 21.53 -68.41 -15.33
C LYS T 41 21.96 -66.94 -15.09
N ASP T 42 22.46 -66.21 -16.13
CA ASP T 42 22.90 -64.83 -15.90
C ASP T 42 22.29 -63.74 -16.84
N GLY T 43 21.09 -63.97 -17.36
CA GLY T 43 20.45 -63.00 -18.24
C GLY T 43 19.38 -63.54 -19.16
N VAL T 44 18.98 -62.73 -20.14
CA VAL T 44 17.95 -63.05 -21.13
C VAL T 44 18.49 -62.72 -22.54
N VAL T 45 18.20 -63.58 -23.53
CA VAL T 45 18.71 -63.38 -24.89
C VAL T 45 17.56 -63.43 -25.91
N PHE T 46 17.51 -62.47 -26.87
CA PHE T 46 16.50 -62.44 -27.92
C PHE T 46 17.09 -62.73 -29.30
N GLY T 47 16.33 -63.42 -30.13
CA GLY T 47 16.67 -63.71 -31.52
C GLY T 47 15.45 -63.65 -32.42
N VAL T 48 15.58 -62.98 -33.59
CA VAL T 48 14.43 -62.84 -34.50
C VAL T 48 14.77 -63.21 -35.94
N GLU T 49 13.90 -64.04 -36.55
CA GLU T 49 13.98 -64.41 -37.95
C GLU T 49 13.36 -63.21 -38.70
N LYS T 50 14.18 -62.25 -39.09
CA LYS T 50 13.68 -61.06 -39.78
C LYS T 50 13.73 -61.36 -41.31
N LEU T 51 12.62 -61.79 -41.92
CA LEU T 51 12.61 -62.10 -43.35
C LEU T 51 12.93 -60.86 -44.21
N VAL T 52 13.80 -61.03 -45.24
CA VAL T 52 14.26 -59.98 -46.17
C VAL T 52 13.23 -59.87 -47.31
N LEU T 53 12.31 -58.90 -47.21
CA LEU T 53 11.26 -58.70 -48.20
C LEU T 53 11.81 -58.22 -49.54
N SER T 54 12.91 -57.44 -49.51
CA SER T 54 13.53 -56.95 -50.72
C SER T 54 15.04 -56.79 -50.57
N LYS T 55 15.79 -57.15 -51.61
CA LYS T 55 17.24 -56.94 -51.62
C LYS T 55 17.57 -55.41 -51.50
N LEU T 56 16.60 -54.53 -51.88
CA LEU T 56 16.70 -53.07 -51.85
C LEU T 56 16.78 -52.49 -50.44
N TYR T 57 16.19 -53.17 -49.45
CA TYR T 57 16.21 -52.66 -48.07
C TYR T 57 17.61 -52.74 -47.46
N GLU T 58 17.84 -51.85 -46.48
CA GLU T 58 19.11 -51.75 -45.76
C GLU T 58 19.25 -52.88 -44.75
N GLU T 59 20.51 -53.22 -44.40
CA GLU T 59 20.77 -54.23 -43.38
C GLU T 59 20.40 -53.59 -42.06
N GLY T 60 19.38 -54.13 -41.41
CA GLY T 60 18.92 -53.58 -40.14
C GLY T 60 17.66 -52.75 -40.25
N SER T 61 16.95 -52.82 -41.40
CA SER T 61 15.69 -52.13 -41.58
C SER T 61 14.63 -52.98 -40.90
N ASN T 62 13.55 -52.35 -40.42
CA ASN T 62 12.46 -53.05 -39.74
C ASN T 62 12.95 -53.83 -38.54
N LYS T 63 13.69 -53.17 -37.64
CA LYS T 63 14.14 -53.84 -36.42
C LYS T 63 12.94 -54.36 -35.60
N ARG T 64 12.96 -55.65 -35.35
CA ARG T 64 11.96 -56.36 -34.56
C ARG T 64 12.47 -56.55 -33.11
N LEU T 65 13.51 -55.81 -32.72
CA LEU T 65 14.05 -55.79 -31.38
C LEU T 65 14.12 -54.30 -30.97
N PHE T 66 13.61 -53.95 -29.78
CA PHE T 66 13.61 -52.56 -29.35
C PHE T 66 14.13 -52.40 -27.95
N ASN T 67 14.61 -51.20 -27.60
CA ASN T 67 14.98 -50.90 -26.23
C ASN T 67 13.76 -50.17 -25.69
N VAL T 68 13.03 -50.80 -24.77
CA VAL T 68 11.85 -50.20 -24.12
C VAL T 68 12.29 -49.30 -22.91
N ASP T 69 13.40 -49.66 -22.28
CA ASP T 69 14.08 -48.93 -21.20
C ASP T 69 15.58 -49.33 -21.26
N ARG T 70 16.46 -48.62 -20.51
CA ARG T 70 17.89 -48.96 -20.51
C ARG T 70 18.13 -50.43 -20.09
N HIS T 71 17.27 -51.00 -19.25
CA HIS T 71 17.40 -52.39 -18.81
C HIS T 71 16.39 -53.34 -19.42
N VAL T 72 15.44 -52.84 -20.23
CA VAL T 72 14.40 -53.68 -20.78
C VAL T 72 14.47 -53.72 -22.29
N GLY T 73 14.29 -54.94 -22.84
CA GLY T 73 14.27 -55.18 -24.28
C GLY T 73 12.95 -55.78 -24.73
N MET T 74 12.60 -55.56 -26.00
CA MET T 74 11.32 -56.07 -26.53
C MET T 74 11.53 -56.78 -27.85
N ALA T 75 11.01 -58.01 -27.96
CA ALA T 75 11.08 -58.79 -29.19
C ALA T 75 9.66 -58.91 -29.70
N VAL T 76 9.38 -58.45 -30.94
CA VAL T 76 8.01 -58.49 -31.46
C VAL T 76 7.78 -59.55 -32.59
N ALA T 77 6.52 -59.89 -32.84
CA ALA T 77 5.99 -60.78 -33.89
C ALA T 77 4.59 -60.29 -34.18
N GLY T 78 4.24 -60.14 -35.44
CA GLY T 78 2.93 -59.62 -35.83
C GLY T 78 3.01 -58.33 -36.62
N LEU T 79 1.89 -57.59 -36.68
CA LEU T 79 1.75 -56.35 -37.43
C LEU T 79 2.66 -55.25 -36.83
N LEU T 80 3.83 -55.03 -37.47
CA LEU T 80 4.89 -54.12 -37.02
C LEU T 80 4.46 -52.72 -36.56
N ALA T 81 3.51 -52.05 -37.24
CA ALA T 81 3.09 -50.73 -36.78
C ALA T 81 2.37 -50.80 -35.40
N ASP T 82 1.67 -51.92 -35.13
CA ASP T 82 1.01 -52.15 -33.84
C ASP T 82 2.12 -52.42 -32.83
N ALA T 83 3.08 -53.32 -33.16
CA ALA T 83 4.24 -53.67 -32.35
C ALA T 83 5.07 -52.44 -31.92
N ARG T 84 5.30 -51.51 -32.85
CA ARG T 84 6.04 -50.28 -32.55
C ARG T 84 5.24 -49.31 -31.69
N SER T 85 3.90 -49.32 -31.85
CA SER T 85 3.02 -48.49 -31.04
C SER T 85 3.04 -49.03 -29.59
N LEU T 86 3.15 -50.35 -29.40
CA LEU T 86 3.26 -50.97 -28.09
C LEU T 86 4.63 -50.66 -27.48
N ALA T 87 5.69 -50.57 -28.27
CA ALA T 87 7.02 -50.21 -27.81
C ALA T 87 7.01 -48.80 -27.17
N ASP T 88 6.30 -47.85 -27.79
CA ASP T 88 6.15 -46.49 -27.31
C ASP T 88 5.34 -46.45 -26.01
N ILE T 89 4.29 -47.30 -25.91
CA ILE T 89 3.50 -47.39 -24.68
C ILE T 89 4.40 -47.91 -23.55
N ALA T 90 5.03 -49.08 -23.72
CA ALA T 90 5.97 -49.66 -22.76
C ALA T 90 7.06 -48.67 -22.35
N ARG T 91 7.63 -47.91 -23.33
CA ARG T 91 8.64 -46.90 -23.06
C ARG T 91 8.12 -45.87 -22.09
N GLU T 92 6.92 -45.33 -22.37
CA GLU T 92 6.29 -44.32 -21.53
C GLU T 92 5.92 -44.87 -20.16
N GLU T 93 5.55 -46.13 -20.08
CA GLU T 93 5.22 -46.78 -18.83
C GLU T 93 6.47 -46.87 -17.94
N ALA T 94 7.61 -47.23 -18.51
CA ALA T 94 8.87 -47.33 -17.79
C ALA T 94 9.34 -45.92 -17.33
N SER T 95 9.19 -44.93 -18.23
CA SER T 95 9.52 -43.53 -18.01
C SER T 95 8.68 -42.97 -16.86
N ASN T 96 7.38 -43.33 -16.81
CA ASN T 96 6.50 -42.83 -15.78
C ASN T 96 6.79 -43.47 -14.42
N PHE T 97 7.31 -44.72 -14.40
CA PHE T 97 7.66 -45.34 -13.12
C PHE T 97 8.83 -44.60 -12.46
N ARG T 98 9.90 -44.28 -13.22
CA ARG T 98 11.05 -43.57 -12.70
C ARG T 98 10.65 -42.16 -12.20
N SER T 99 9.79 -41.47 -12.93
CA SER T 99 9.30 -40.15 -12.52
C SER T 99 8.46 -40.23 -11.22
N ASN T 100 7.82 -41.35 -10.97
CA ASN T 100 6.98 -41.53 -9.80
C ASN T 100 7.71 -42.06 -8.57
N PHE T 101 8.62 -43.03 -8.77
CA PHE T 101 9.28 -43.74 -7.67
C PHE T 101 10.81 -43.61 -7.63
N GLY T 102 11.41 -42.99 -8.64
CA GLY T 102 12.84 -42.71 -8.64
C GLY T 102 13.80 -43.86 -8.90
N TYR T 103 13.33 -44.97 -9.48
CA TYR T 103 14.20 -46.11 -9.80
C TYR T 103 13.66 -46.89 -11.01
N ASN T 104 14.47 -47.78 -11.60
CA ASN T 104 14.06 -48.57 -12.77
C ASN T 104 12.83 -49.47 -12.55
N ILE T 105 11.87 -49.38 -13.47
CA ILE T 105 10.66 -50.20 -13.40
C ILE T 105 10.96 -51.69 -13.35
N PRO T 106 10.44 -52.38 -12.33
CA PRO T 106 10.62 -53.85 -12.28
C PRO T 106 9.92 -54.53 -13.47
N LEU T 107 10.60 -55.49 -14.16
CA LEU T 107 10.06 -56.13 -15.38
C LEU T 107 8.66 -56.69 -15.23
N LYS T 108 8.39 -57.48 -14.15
CA LYS T 108 7.03 -57.97 -13.90
C LYS T 108 5.97 -56.84 -13.93
N HIS T 109 6.27 -55.74 -13.24
CA HIS T 109 5.39 -54.59 -13.19
C HIS T 109 5.18 -53.95 -14.57
N LEU T 110 6.25 -53.73 -15.36
CA LEU T 110 6.10 -53.20 -16.72
C LEU T 110 5.22 -54.12 -17.57
N ALA T 111 5.47 -55.45 -17.52
CA ALA T 111 4.69 -56.46 -18.24
C ALA T 111 3.21 -56.35 -17.89
N ASP T 112 2.89 -56.18 -16.58
CA ASP T 112 1.54 -56.04 -16.07
C ASP T 112 0.88 -54.78 -16.59
N ARG T 113 1.56 -53.64 -16.49
CA ARG T 113 1.01 -52.37 -16.97
C ARG T 113 0.71 -52.37 -18.48
N VAL T 114 1.68 -52.76 -19.34
CA VAL T 114 1.54 -52.79 -20.78
C VAL T 114 0.50 -53.83 -21.20
N ALA T 115 0.45 -54.98 -20.51
CA ALA T 115 -0.54 -56.01 -20.82
C ALA T 115 -1.96 -55.52 -20.62
N MET T 116 -2.18 -54.51 -19.75
CA MET T 116 -3.50 -53.94 -19.50
C MET T 116 -3.89 -52.84 -20.52
N TYR T 117 -2.90 -52.21 -21.16
CA TYR T 117 -3.17 -51.29 -22.27
C TYR T 117 -3.61 -52.19 -23.46
N VAL T 118 -2.95 -53.37 -23.64
CA VAL T 118 -3.31 -54.37 -24.64
C VAL T 118 -4.73 -54.88 -24.35
N HIS T 119 -4.99 -55.33 -23.11
CA HIS T 119 -6.31 -55.84 -22.71
C HIS T 119 -7.44 -54.87 -23.03
N ALA T 120 -7.21 -53.59 -22.78
CA ALA T 120 -8.18 -52.53 -22.99
C ALA T 120 -8.70 -52.50 -24.41
N TYR T 121 -7.85 -52.84 -25.40
CA TYR T 121 -8.28 -52.84 -26.80
C TYR T 121 -9.09 -54.13 -27.19
N THR T 122 -9.37 -55.02 -26.23
CA THR T 122 -10.11 -56.27 -26.44
C THR T 122 -11.52 -56.21 -25.82
N LEU T 123 -12.09 -55.00 -25.62
CA LEU T 123 -13.41 -54.87 -24.98
C LEU T 123 -14.44 -54.04 -25.74
N TYR T 124 -14.03 -53.36 -26.82
CA TYR T 124 -14.92 -52.36 -27.45
C TYR T 124 -15.07 -52.44 -28.93
N SER T 125 -16.22 -51.93 -29.42
CA SER T 125 -16.46 -51.80 -30.86
C SER T 125 -15.62 -50.61 -31.40
N ALA T 126 -15.39 -49.58 -30.54
CA ALA T 126 -14.65 -48.37 -30.84
C ALA T 126 -13.21 -48.59 -31.27
N VAL T 127 -12.54 -49.62 -30.72
CA VAL T 127 -11.12 -49.86 -31.05
C VAL T 127 -10.87 -51.34 -31.50
N ARG T 128 -9.70 -51.59 -32.04
CA ARG T 128 -9.27 -52.87 -32.58
C ARG T 128 -8.18 -53.49 -31.71
N PRO T 129 -8.22 -54.80 -31.40
CA PRO T 129 -7.10 -55.41 -30.66
C PRO T 129 -5.77 -55.27 -31.38
N PHE T 130 -4.64 -55.33 -30.66
CA PHE T 130 -3.34 -55.25 -31.31
C PHE T 130 -3.04 -56.60 -31.99
N GLY T 131 -2.63 -56.58 -33.24
CA GLY T 131 -2.29 -57.80 -33.96
C GLY T 131 -0.83 -58.09 -33.69
N CYS T 132 -0.49 -58.30 -32.41
CA CYS T 132 0.90 -58.44 -32.01
C CYS T 132 1.07 -59.22 -30.73
N SER T 133 2.17 -59.96 -30.64
CA SER T 133 2.66 -60.61 -29.42
C SER T 133 4.11 -60.15 -29.24
N PHE T 134 4.53 -59.97 -27.99
CA PHE T 134 5.88 -59.48 -27.71
C PHE T 134 6.45 -60.00 -26.41
N MET T 135 7.79 -59.97 -26.31
CA MET T 135 8.47 -60.44 -25.10
C MET T 135 9.26 -59.32 -24.50
N LEU T 136 9.35 -59.30 -23.17
CA LEU T 136 10.15 -58.32 -22.46
C LEU T 136 11.23 -59.05 -21.66
N GLY T 137 12.46 -58.64 -21.83
CA GLY T 137 13.58 -59.22 -21.11
C GLY T 137 14.29 -58.21 -20.23
N SER T 138 14.78 -58.68 -19.07
CA SER T 138 15.50 -57.80 -18.16
C SER T 138 16.41 -58.58 -17.21
N TYR T 139 17.43 -57.89 -16.69
CA TYR T 139 18.33 -58.48 -15.72
C TYR T 139 18.80 -57.45 -14.73
N SER T 140 18.72 -57.77 -13.46
CA SER T 140 19.25 -56.95 -12.37
C SER T 140 19.75 -57.91 -11.28
N VAL T 141 20.59 -57.45 -10.33
CA VAL T 141 21.06 -58.35 -9.26
C VAL T 141 19.89 -58.73 -8.37
N ASN T 142 19.10 -57.71 -7.94
CA ASN T 142 17.96 -57.89 -7.09
C ASN T 142 16.86 -58.79 -7.66
N ASP T 143 16.43 -58.54 -8.90
CA ASP T 143 15.34 -59.32 -9.49
C ASP T 143 15.78 -60.56 -10.29
N GLY T 144 17.03 -60.58 -10.73
CA GLY T 144 17.58 -61.68 -11.51
C GLY T 144 17.23 -61.57 -12.97
N ALA T 145 17.33 -62.68 -13.70
CA ALA T 145 16.95 -62.67 -15.11
C ALA T 145 15.42 -62.87 -15.23
N GLN T 146 14.75 -62.07 -16.09
CA GLN T 146 13.30 -62.16 -16.23
C GLN T 146 12.86 -62.04 -17.68
N LEU T 147 12.04 -62.99 -18.12
CA LEU T 147 11.51 -62.99 -19.47
C LEU T 147 10.00 -63.14 -19.38
N TYR T 148 9.23 -62.20 -19.99
CA TYR T 148 7.77 -62.22 -19.99
C TYR T 148 7.24 -62.14 -21.41
N MET T 149 6.03 -62.64 -21.66
CA MET T 149 5.41 -62.52 -22.97
C MET T 149 3.94 -62.11 -22.85
N ILE T 150 3.50 -61.17 -23.70
CA ILE T 150 2.12 -60.67 -23.77
C ILE T 150 1.50 -61.02 -25.14
N ASP T 151 0.24 -61.49 -25.20
CA ASP T 151 -0.40 -61.80 -26.48
C ASP T 151 -1.52 -60.79 -26.84
N PRO T 152 -2.16 -60.83 -28.05
CA PRO T 152 -3.22 -59.84 -28.36
C PRO T 152 -4.38 -59.76 -27.36
N SER T 153 -4.59 -60.83 -26.58
CA SER T 153 -5.65 -60.86 -25.57
C SER T 153 -5.34 -60.02 -24.31
N GLY T 154 -4.06 -59.74 -24.06
CA GLY T 154 -3.64 -58.98 -22.90
C GLY T 154 -3.08 -59.81 -21.75
N VAL T 155 -2.84 -61.12 -22.02
CA VAL T 155 -2.32 -62.11 -21.05
C VAL T 155 -0.82 -61.95 -20.92
N SER T 156 -0.29 -61.95 -19.70
CA SER T 156 1.14 -61.78 -19.46
C SER T 156 1.66 -62.91 -18.57
N TYR T 157 2.58 -63.73 -19.08
CA TYR T 157 3.16 -64.82 -18.28
C TYR T 157 4.69 -64.74 -18.24
N GLY T 158 5.29 -65.29 -17.19
CA GLY T 158 6.74 -65.32 -17.06
C GLY T 158 7.25 -66.61 -17.67
N TYR T 159 8.38 -66.53 -18.44
CA TYR T 159 8.97 -67.66 -19.14
C TYR T 159 10.46 -67.91 -18.94
N TRP T 160 10.84 -69.20 -19.00
CA TRP T 160 12.22 -69.70 -19.03
C TRP T 160 12.73 -69.76 -20.50
N GLY T 161 11.81 -70.02 -21.42
CA GLY T 161 11.97 -70.06 -22.86
C GLY T 161 10.65 -69.67 -23.52
N CYS T 162 10.71 -68.93 -24.63
CA CYS T 162 9.49 -68.48 -25.31
C CYS T 162 9.68 -68.26 -26.78
N ALA T 163 8.65 -68.58 -27.56
CA ALA T 163 8.69 -68.40 -29.01
C ALA T 163 7.33 -67.91 -29.46
N ILE T 164 7.30 -67.03 -30.47
CA ILE T 164 6.06 -66.46 -31.00
C ILE T 164 6.12 -66.37 -32.54
N GLY T 165 5.03 -66.68 -33.23
CA GLY T 165 5.00 -66.58 -34.69
C GLY T 165 4.61 -67.85 -35.43
N LYS T 166 4.98 -67.93 -36.74
CA LYS T 166 4.70 -69.09 -37.61
C LYS T 166 5.16 -70.39 -36.95
N ALA T 167 6.48 -70.45 -36.64
CA ALA T 167 7.15 -71.60 -36.08
C ALA T 167 7.19 -71.63 -34.58
N ARG T 168 6.19 -71.01 -33.93
CA ARG T 168 5.97 -70.97 -32.49
C ARG T 168 6.18 -72.34 -31.82
N GLN T 169 5.45 -73.38 -32.27
CA GLN T 169 5.56 -74.71 -31.69
C GLN T 169 6.86 -75.43 -32.04
N ALA T 170 7.33 -75.31 -33.29
CA ALA T 170 8.57 -75.98 -33.71
C ALA T 170 9.79 -75.45 -32.95
N ALA T 171 9.87 -74.11 -32.76
CA ALA T 171 10.95 -73.47 -32.02
C ALA T 171 10.91 -73.96 -30.58
N LYS T 172 9.69 -74.03 -29.97
CA LYS T 172 9.48 -74.48 -28.60
C LYS T 172 10.04 -75.89 -28.35
N THR T 173 9.81 -76.88 -29.26
CA THR T 173 10.34 -78.22 -29.04
C THR T 173 11.88 -78.27 -29.11
N GLU T 174 12.52 -77.24 -29.68
CA GLU T 174 13.96 -77.15 -29.80
C GLU T 174 14.55 -76.43 -28.59
N ILE T 175 13.86 -75.40 -28.11
CA ILE T 175 14.26 -74.61 -26.92
C ILE T 175 14.21 -75.54 -25.66
N GLU T 176 13.19 -76.44 -25.63
CA GLU T 176 12.97 -77.46 -24.59
C GLU T 176 14.16 -78.41 -24.45
N LYS T 177 14.94 -78.59 -25.53
CA LYS T 177 16.14 -79.41 -25.51
C LYS T 177 17.24 -78.77 -24.63
N LEU T 178 17.28 -77.43 -24.55
CA LEU T 178 18.29 -76.70 -23.79
C LEU T 178 18.04 -76.65 -22.29
N GLN T 179 19.12 -76.75 -21.51
CA GLN T 179 19.09 -76.66 -20.06
C GLN T 179 19.61 -75.26 -19.75
N MET T 180 18.77 -74.25 -20.02
CA MET T 180 19.08 -72.83 -19.89
C MET T 180 19.34 -72.36 -18.48
N LYS T 181 18.63 -72.95 -17.51
CA LYS T 181 18.75 -72.58 -16.10
C LYS T 181 20.18 -72.61 -15.57
N GLU T 182 21.09 -73.32 -16.28
CA GLU T 182 22.50 -73.49 -15.94
C GLU T 182 23.46 -72.99 -17.04
N MET T 183 22.99 -72.14 -17.97
CA MET T 183 23.82 -71.65 -19.06
C MET T 183 24.13 -70.16 -19.01
N THR T 184 25.16 -69.70 -19.74
CA THR T 184 25.46 -68.27 -19.75
C THR T 184 25.05 -67.61 -21.09
N CYS T 185 24.98 -66.26 -21.13
CA CYS T 185 24.54 -65.56 -22.35
C CYS T 185 25.49 -65.71 -23.52
N ARG T 186 26.78 -66.01 -23.26
CA ARG T 186 27.75 -66.22 -24.33
C ARG T 186 27.50 -67.58 -25.01
N ASP T 187 27.10 -68.59 -24.22
CA ASP T 187 26.79 -69.94 -24.71
C ASP T 187 25.39 -69.98 -25.31
N ILE T 188 24.39 -69.41 -24.61
CA ILE T 188 22.99 -69.40 -25.04
C ILE T 188 22.82 -68.62 -26.38
N VAL T 189 23.60 -67.55 -26.65
CA VAL T 189 23.50 -66.83 -27.94
C VAL T 189 23.66 -67.81 -29.13
N LYS T 190 24.70 -68.67 -29.11
CA LYS T 190 24.97 -69.67 -30.15
C LYS T 190 23.74 -70.57 -30.38
N GLU T 191 23.08 -70.95 -29.29
CA GLU T 191 21.89 -71.77 -29.35
C GLU T 191 20.68 -71.05 -29.93
N VAL T 192 20.45 -69.77 -29.57
CA VAL T 192 19.34 -68.97 -30.11
C VAL T 192 19.44 -68.90 -31.64
N ALA T 193 20.64 -68.65 -32.17
CA ALA T 193 20.88 -68.58 -33.61
C ALA T 193 20.57 -69.96 -34.24
N LYS T 194 21.12 -71.05 -33.65
CA LYS T 194 20.88 -72.43 -34.11
C LYS T 194 19.38 -72.75 -34.22
N ILE T 195 18.58 -72.38 -33.18
CA ILE T 195 17.14 -72.61 -33.14
C ILE T 195 16.42 -71.81 -34.23
N ILE T 196 16.81 -70.53 -34.46
CA ILE T 196 16.20 -69.68 -35.50
C ILE T 196 16.48 -70.23 -36.91
N TYR T 197 17.72 -70.67 -37.18
CA TYR T 197 18.06 -71.26 -38.48
C TYR T 197 17.30 -72.57 -38.73
N ILE T 198 17.15 -73.41 -37.69
CA ILE T 198 16.43 -74.70 -37.79
C ILE T 198 14.96 -74.48 -38.16
N VAL T 199 14.32 -73.55 -37.46
CA VAL T 199 12.91 -73.21 -37.60
C VAL T 199 12.55 -72.50 -38.94
N HIS T 200 13.54 -71.86 -39.55
CA HIS T 200 13.36 -71.10 -40.77
C HIS T 200 12.98 -72.02 -41.94
N ASP T 201 12.08 -71.55 -42.83
CA ASP T 201 11.65 -72.32 -44.01
C ASP T 201 12.30 -71.71 -45.26
N GLU T 202 13.43 -72.28 -45.72
CA GLU T 202 14.13 -71.75 -46.89
C GLU T 202 13.31 -71.88 -48.19
N VAL T 203 12.48 -72.94 -48.31
CA VAL T 203 11.65 -73.12 -49.50
C VAL T 203 10.50 -72.08 -49.57
N LYS T 204 9.56 -72.09 -48.58
CA LYS T 204 8.40 -71.19 -48.52
C LYS T 204 8.74 -69.72 -48.32
N ASP T 205 9.75 -69.44 -47.50
CA ASP T 205 10.17 -68.05 -47.25
C ASP T 205 11.40 -67.70 -48.06
N LYS T 206 11.62 -66.40 -48.25
CA LYS T 206 12.80 -65.92 -48.95
C LYS T 206 14.00 -65.88 -47.95
N ALA T 207 15.05 -65.07 -48.25
CA ALA T 207 16.20 -64.94 -47.36
C ALA T 207 15.77 -64.24 -46.04
N PHE T 208 16.55 -64.46 -44.98
CA PHE T 208 16.27 -63.83 -43.69
C PHE T 208 17.54 -63.22 -43.11
N GLU T 209 17.35 -62.36 -42.13
CA GLU T 209 18.40 -61.65 -41.43
C GLU T 209 18.18 -61.92 -39.94
N LEU T 210 19.23 -62.37 -39.25
CA LEU T 210 19.14 -62.70 -37.84
C LEU T 210 19.44 -61.49 -36.95
N GLU T 211 18.48 -61.17 -36.06
CA GLU T 211 18.62 -60.10 -35.11
C GLU T 211 18.87 -60.73 -33.77
N LEU T 212 19.97 -60.34 -33.10
CA LEU T 212 20.28 -60.90 -31.80
C LEU T 212 20.52 -59.76 -30.80
N SER T 213 19.84 -59.82 -29.63
CA SER T 213 20.01 -58.84 -28.56
C SER T 213 20.05 -59.55 -27.19
N TRP T 214 20.57 -58.87 -26.17
CA TRP T 214 20.65 -59.47 -24.83
C TRP T 214 20.72 -58.45 -23.72
N VAL T 215 20.45 -58.91 -22.50
CA VAL T 215 20.53 -58.11 -21.28
C VAL T 215 20.89 -59.10 -20.18
N GLY T 216 21.99 -58.85 -19.51
CA GLY T 216 22.46 -59.74 -18.46
C GLY T 216 23.61 -59.18 -17.65
N GLU T 217 24.23 -60.05 -16.85
CA GLU T 217 25.36 -59.66 -16.03
C GLU T 217 26.53 -59.18 -16.90
N LEU T 218 26.71 -59.82 -18.07
CA LEU T 218 27.74 -59.47 -19.04
C LEU T 218 27.61 -58.02 -19.56
N THR T 219 26.38 -57.49 -19.62
CA THR T 219 26.09 -56.13 -20.09
C THR T 219 25.84 -55.11 -18.95
N ASN T 220 25.97 -55.57 -17.68
CA ASN T 220 25.71 -54.77 -16.48
C ASN T 220 24.23 -54.39 -16.39
N GLY T 221 23.35 -55.33 -16.75
CA GLY T 221 21.92 -55.13 -16.71
C GLY T 221 21.36 -54.20 -17.77
N ARG T 222 22.11 -53.94 -18.83
CA ARG T 222 21.67 -53.02 -19.90
C ARG T 222 21.27 -53.78 -21.16
N HIS T 223 20.13 -53.43 -21.77
CA HIS T 223 19.68 -54.11 -22.99
C HIS T 223 20.48 -53.63 -24.18
N GLU T 224 21.25 -54.53 -24.75
CA GLU T 224 22.13 -54.21 -25.85
C GLU T 224 21.93 -55.14 -27.03
N ILE T 225 22.42 -54.72 -28.19
CA ILE T 225 22.46 -55.60 -29.34
C ILE T 225 23.72 -56.50 -29.12
N VAL T 226 23.67 -57.73 -29.65
CA VAL T 226 24.81 -58.64 -29.56
C VAL T 226 25.86 -58.07 -30.53
N PRO T 227 27.07 -57.75 -30.05
CA PRO T 227 28.08 -57.18 -30.96
C PRO T 227 28.33 -58.00 -32.22
N LYS T 228 28.75 -57.35 -33.32
CA LYS T 228 29.02 -57.99 -34.62
C LYS T 228 29.90 -59.22 -34.48
N ASP T 229 30.97 -59.09 -33.66
CA ASP T 229 31.92 -60.17 -33.36
C ASP T 229 31.22 -61.47 -32.87
N ILE T 230 30.42 -61.38 -31.80
CA ILE T 230 29.71 -62.52 -31.24
C ILE T 230 28.62 -63.04 -32.18
N ARG T 231 27.94 -62.14 -32.91
CA ARG T 231 26.85 -62.51 -33.82
C ARG T 231 27.35 -63.35 -34.97
N GLU T 232 28.49 -62.95 -35.58
CA GLU T 232 29.08 -63.70 -36.69
C GLU T 232 29.47 -65.10 -36.23
N GLU T 233 30.04 -65.22 -35.01
CA GLU T 233 30.41 -66.49 -34.39
C GLU T 233 29.20 -67.41 -34.15
N ALA T 234 28.04 -66.84 -33.77
CA ALA T 234 26.82 -67.62 -33.53
C ALA T 234 26.16 -68.05 -34.83
N GLU T 235 26.22 -67.18 -35.86
CA GLU T 235 25.67 -67.50 -37.17
C GLU T 235 26.51 -68.61 -37.86
N LYS T 236 27.85 -68.60 -37.64
CA LYS T 236 28.77 -69.59 -38.19
C LYS T 236 28.45 -70.95 -37.60
N TYR T 237 28.23 -71.02 -36.28
CA TYR T 237 27.86 -72.26 -35.57
C TYR T 237 26.47 -72.75 -36.00
N ALA T 238 25.51 -71.83 -36.20
CA ALA T 238 24.15 -72.16 -36.62
C ALA T 238 24.11 -72.78 -38.01
N LYS T 239 24.93 -72.28 -38.94
CA LYS T 239 24.99 -72.82 -40.29
C LYS T 239 25.70 -74.17 -40.26
N GLU T 240 26.83 -74.27 -39.50
CA GLU T 240 27.61 -75.49 -39.35
C GLU T 240 26.84 -76.62 -38.68
N SER T 241 25.90 -76.28 -37.81
CA SER T 241 25.11 -77.29 -37.12
C SER T 241 24.03 -77.84 -38.06
N LEU T 242 23.45 -76.99 -38.94
CA LEU T 242 22.41 -77.37 -39.89
C LEU T 242 22.87 -78.52 -40.83
N LYS T 243 24.17 -78.58 -41.13
CA LYS T 243 24.78 -79.62 -41.96
C LYS T 243 25.26 -80.80 -41.12
N THR U 1 7.67 -27.31 16.20
CA THR U 1 7.94 -28.73 16.05
C THR U 1 9.43 -28.98 15.93
N THR U 2 9.90 -30.14 16.39
CA THR U 2 11.28 -30.54 16.17
C THR U 2 11.20 -31.99 15.74
N ILE U 3 11.55 -32.30 14.48
CA ILE U 3 11.57 -33.68 14.00
C ILE U 3 13.04 -34.10 13.73
N MET U 4 13.33 -35.41 13.79
CA MET U 4 14.69 -35.90 13.60
C MET U 4 14.71 -37.38 13.16
N ALA U 5 15.62 -37.77 12.25
CA ALA U 5 15.77 -39.17 11.85
C ALA U 5 17.26 -39.49 11.81
N VAL U 6 17.64 -40.73 12.21
CA VAL U 6 19.04 -41.17 12.20
C VAL U 6 19.20 -42.58 11.61
N GLU U 7 20.09 -42.76 10.62
CA GLU U 7 20.35 -44.08 10.04
C GLU U 7 21.33 -44.84 10.91
N PHE U 8 21.15 -46.14 10.98
CA PHE U 8 22.07 -47.05 11.65
C PHE U 8 22.18 -48.33 10.81
N ASP U 9 22.98 -49.31 11.24
CA ASP U 9 23.18 -50.53 10.48
C ASP U 9 21.84 -51.23 10.03
N GLY U 10 21.04 -51.69 10.97
CA GLY U 10 19.79 -52.36 10.63
C GLY U 10 18.53 -51.55 10.40
N GLY U 11 18.65 -50.24 10.21
CA GLY U 11 17.47 -49.40 10.01
C GLY U 11 17.58 -47.94 10.42
N VAL U 12 16.48 -47.36 10.91
CA VAL U 12 16.40 -45.96 11.34
C VAL U 12 15.68 -45.79 12.69
N VAL U 13 15.92 -44.63 13.34
CA VAL U 13 15.31 -44.09 14.55
C VAL U 13 14.69 -42.74 14.11
N MET U 14 13.43 -42.47 14.42
CA MET U 14 12.81 -41.18 14.09
C MET U 14 12.21 -40.67 15.38
N GLY U 15 12.32 -39.36 15.61
CA GLY U 15 11.76 -38.75 16.79
C GLY U 15 11.04 -37.46 16.48
N SER U 16 10.20 -37.02 17.40
CA SER U 16 9.46 -35.76 17.28
C SER U 16 9.03 -35.29 18.67
N ASP U 17 8.84 -33.98 18.85
CA ASP U 17 8.26 -33.47 20.09
C ASP U 17 6.71 -33.79 20.04
N SER U 18 5.83 -33.07 20.77
CA SER U 18 4.40 -33.32 20.70
C SER U 18 3.51 -32.05 20.66
N ARG U 19 4.10 -30.87 20.58
CA ARG U 19 3.33 -29.62 20.56
C ARG U 19 2.61 -29.33 19.26
N VAL U 20 1.38 -28.87 19.35
CA VAL U 20 0.60 -28.43 18.19
C VAL U 20 0.08 -27.07 18.57
N SER U 21 0.65 -26.00 18.03
CA SER U 21 0.24 -24.65 18.40
C SER U 21 -0.58 -23.91 17.32
N ALA U 22 -1.22 -22.82 17.73
CA ALA U 22 -2.00 -21.91 16.90
C ALA U 22 -1.68 -20.57 17.50
N GLY U 23 -0.62 -19.97 16.99
CA GLY U 23 -0.10 -18.72 17.52
C GLY U 23 0.65 -19.07 18.78
N GLU U 24 0.41 -18.29 19.89
CA GLU U 24 1.04 -18.59 21.20
C GLU U 24 0.21 -19.60 22.02
N ALA U 25 -0.80 -20.25 21.41
CA ALA U 25 -1.70 -21.17 22.10
C ALA U 25 -1.41 -22.61 21.80
N VAL U 26 -1.21 -23.44 22.83
CA VAL U 26 -1.02 -24.87 22.61
C VAL U 26 -2.39 -25.51 22.43
N VAL U 27 -2.67 -26.01 21.21
CA VAL U 27 -3.91 -26.65 20.75
C VAL U 27 -3.98 -28.14 21.18
N ASN U 28 -2.89 -28.89 21.00
CA ASN U 28 -2.83 -30.28 21.48
C ASN U 28 -1.41 -30.46 21.96
N ARG U 29 -1.22 -30.82 23.23
CA ARG U 29 0.15 -30.87 23.81
C ARG U 29 0.81 -32.25 23.71
N VAL U 30 0.07 -33.27 23.28
CA VAL U 30 0.63 -34.64 23.16
C VAL U 30 0.24 -35.27 21.81
N PHE U 31 0.63 -34.66 20.69
CA PHE U 31 0.41 -35.24 19.37
C PHE U 31 1.64 -36.01 18.79
N ASP U 32 1.40 -37.22 18.26
CA ASP U 32 2.47 -38.06 17.72
C ASP U 32 2.71 -37.68 16.26
N LYS U 33 3.85 -37.02 15.97
CA LYS U 33 4.13 -36.57 14.60
C LYS U 33 4.78 -37.64 13.68
N LEU U 34 5.00 -38.84 14.21
CA LEU U 34 5.58 -39.93 13.44
C LEU U 34 4.43 -40.76 12.86
N SER U 35 4.13 -40.50 11.60
CA SER U 35 3.05 -41.13 10.88
C SER U 35 3.52 -42.23 9.94
N PRO U 36 2.96 -43.44 10.08
CA PRO U 36 3.36 -44.54 9.19
C PRO U 36 2.86 -44.38 7.75
N LEU U 37 3.76 -44.60 6.78
CA LEU U 37 3.43 -44.58 5.34
C LEU U 37 3.27 -46.01 4.77
N HIS U 38 3.84 -47.00 5.46
CA HIS U 38 3.82 -48.43 5.17
C HIS U 38 4.39 -49.21 6.38
N GLU U 39 4.31 -50.56 6.36
CA GLU U 39 4.75 -51.42 7.47
C GLU U 39 6.09 -51.04 8.09
N ARG U 40 7.09 -50.77 7.26
CA ARG U 40 8.42 -50.41 7.74
C ARG U 40 8.90 -49.01 7.21
N ILE U 41 7.95 -48.15 6.81
CA ILE U 41 8.23 -46.79 6.34
C ILE U 41 7.39 -45.82 7.16
N TYR U 42 8.00 -44.75 7.62
CA TYR U 42 7.35 -43.71 8.40
C TYR U 42 7.76 -42.35 7.89
N CYS U 43 6.98 -41.34 8.23
CA CYS U 43 7.38 -39.97 7.98
C CYS U 43 7.17 -39.11 9.22
N ALA U 44 8.01 -38.09 9.40
CA ALA U 44 7.90 -37.18 10.52
C ALA U 44 7.29 -35.91 9.97
N LEU U 45 6.17 -35.45 10.58
CA LEU U 45 5.42 -34.28 10.11
C LEU U 45 5.85 -32.95 10.73
N SER U 46 5.92 -31.89 9.91
CA SER U 46 6.18 -30.53 10.39
C SER U 46 5.52 -29.48 9.49
N GLY U 47 5.35 -28.27 10.00
CA GLY U 47 4.73 -27.17 9.28
C GLY U 47 3.23 -27.15 9.45
N SER U 48 2.48 -26.74 8.41
CA SER U 48 1.03 -26.71 8.51
C SER U 48 0.48 -28.10 8.81
N ALA U 49 -0.30 -28.22 9.89
CA ALA U 49 -0.91 -29.47 10.32
C ALA U 49 -1.81 -30.05 9.22
N ALA U 50 -2.66 -29.20 8.60
CA ALA U 50 -3.54 -29.62 7.53
C ALA U 50 -2.78 -30.08 6.31
N ASP U 51 -1.69 -29.37 5.95
CA ASP U 51 -0.91 -29.73 4.78
C ASP U 51 -0.13 -31.03 5.01
N ALA U 52 0.48 -31.21 6.21
CA ALA U 52 1.28 -32.38 6.56
C ALA U 52 0.41 -33.63 6.60
N GLN U 53 -0.80 -33.51 7.16
CA GLN U 53 -1.71 -34.65 7.25
C GLN U 53 -2.22 -35.00 5.86
N ALA U 54 -2.62 -34.00 5.04
CA ALA U 54 -3.05 -34.25 3.67
C ALA U 54 -1.99 -35.01 2.85
N VAL U 55 -0.72 -34.54 2.82
CA VAL U 55 0.36 -35.19 2.08
C VAL U 55 0.57 -36.62 2.60
N ALA U 56 0.52 -36.82 3.94
CA ALA U 56 0.74 -38.15 4.51
C ALA U 56 -0.38 -39.12 4.11
N ASP U 57 -1.62 -38.66 4.12
CA ASP U 57 -2.77 -39.46 3.74
C ASP U 57 -2.67 -39.91 2.29
N MET U 58 -2.24 -39.01 1.42
CA MET U 58 -2.13 -39.31 0.00
C MET U 58 -0.92 -40.24 -0.29
N ALA U 59 0.22 -39.97 0.34
CA ALA U 59 1.43 -40.79 0.20
C ALA U 59 1.16 -42.22 0.69
N ALA U 60 0.51 -42.42 1.84
CA ALA U 60 0.22 -43.75 2.35
C ALA U 60 -0.72 -44.54 1.37
N TYR U 61 -1.66 -43.82 0.75
CA TYR U 61 -2.61 -44.38 -0.20
C TYR U 61 -1.88 -44.81 -1.45
N GLN U 62 -1.07 -43.91 -2.03
CA GLN U 62 -0.29 -44.20 -3.23
C GLN U 62 0.69 -45.34 -2.98
N LEU U 63 1.28 -45.41 -1.80
CA LEU U 63 2.23 -46.44 -1.47
C LEU U 63 1.58 -47.77 -1.20
N GLU U 64 0.34 -47.78 -0.67
CA GLU U 64 -0.39 -49.01 -0.42
C GLU U 64 -0.69 -49.72 -1.74
N LEU U 65 -1.22 -48.98 -2.73
CA LEU U 65 -1.52 -49.53 -4.04
C LEU U 65 -0.24 -49.90 -4.78
N HIS U 66 0.82 -49.11 -4.65
CA HIS U 66 2.11 -49.41 -5.26
C HIS U 66 2.68 -50.73 -4.74
N GLY U 67 2.63 -50.93 -3.42
CA GLY U 67 3.10 -52.14 -2.77
C GLY U 67 2.36 -53.38 -3.19
N ILE U 68 1.03 -53.28 -3.30
CA ILE U 68 0.20 -54.41 -3.71
C ILE U 68 0.42 -54.78 -5.19
N GLU U 69 0.79 -53.80 -6.03
CA GLU U 69 1.02 -54.08 -7.45
C GLU U 69 2.38 -54.75 -7.66
N LEU U 70 3.42 -54.29 -6.94
CA LEU U 70 4.74 -54.91 -7.04
C LEU U 70 4.84 -56.23 -6.25
N GLU U 71 3.79 -56.63 -5.48
CA GLU U 71 3.76 -57.82 -4.63
C GLU U 71 4.99 -57.83 -3.71
N GLU U 72 5.28 -56.67 -3.12
CA GLU U 72 6.48 -56.42 -2.31
C GLU U 72 6.31 -55.17 -1.46
N PRO U 73 7.02 -55.06 -0.33
CA PRO U 73 6.97 -53.80 0.44
C PRO U 73 7.71 -52.71 -0.35
N PRO U 74 7.11 -51.51 -0.48
CA PRO U 74 7.74 -50.45 -1.27
C PRO U 74 9.14 -50.10 -0.76
N LEU U 75 10.01 -49.70 -1.68
CA LEU U 75 11.33 -49.24 -1.30
C LEU U 75 11.20 -47.86 -0.61
N VAL U 76 12.08 -47.58 0.36
CA VAL U 76 12.09 -46.29 1.04
C VAL U 76 12.39 -45.16 0.03
N LEU U 77 13.10 -45.45 -1.06
CA LEU U 77 13.37 -44.47 -2.09
C LEU U 77 12.08 -44.11 -2.82
N ALA U 78 11.21 -45.13 -3.07
CA ALA U 78 9.92 -44.97 -3.71
C ALA U 78 9.01 -44.13 -2.81
N ALA U 79 8.96 -44.43 -1.48
CA ALA U 79 8.18 -43.65 -0.54
C ALA U 79 8.68 -42.20 -0.45
N ALA U 80 10.00 -41.98 -0.50
CA ALA U 80 10.61 -40.64 -0.49
C ALA U 80 10.27 -39.87 -1.76
N ASN U 81 10.23 -40.56 -2.90
CA ASN U 81 9.88 -39.92 -4.16
C ASN U 81 8.43 -39.57 -4.20
N VAL U 82 7.56 -40.47 -3.68
CA VAL U 82 6.11 -40.26 -3.58
C VAL U 82 5.82 -38.96 -2.84
N VAL U 83 6.37 -38.77 -1.60
CA VAL U 83 6.23 -37.57 -0.76
C VAL U 83 6.86 -36.33 -1.42
N ARG U 84 8.07 -36.48 -1.96
CA ARG U 84 8.81 -35.41 -2.64
C ARG U 84 8.04 -34.80 -3.81
N ASN U 85 7.43 -35.65 -4.63
CA ASN U 85 6.70 -35.22 -5.80
C ASN U 85 5.48 -34.38 -5.43
N ILE U 86 4.74 -34.78 -4.39
CA ILE U 86 3.56 -34.05 -3.92
C ILE U 86 4.00 -32.69 -3.38
N SER U 87 5.03 -32.69 -2.54
CA SER U 87 5.60 -31.48 -1.96
C SER U 87 6.17 -30.56 -3.02
N TYR U 88 6.63 -31.11 -4.17
CA TYR U 88 7.21 -30.31 -5.22
C TYR U 88 6.15 -29.73 -6.14
N LYS U 89 5.24 -30.57 -6.62
CA LYS U 89 4.14 -30.15 -7.50
C LYS U 89 3.31 -29.00 -6.83
N TYR U 90 3.04 -29.14 -5.49
CA TYR U 90 2.27 -28.18 -4.73
C TYR U 90 3.08 -27.28 -3.79
N ARG U 91 4.36 -27.01 -4.08
CA ARG U 91 5.23 -26.20 -3.22
C ARG U 91 4.77 -24.78 -3.00
N GLU U 92 4.00 -24.20 -3.93
CA GLU U 92 3.49 -22.84 -3.74
C GLU U 92 2.26 -22.81 -2.79
N ASP U 93 1.53 -23.93 -2.71
CA ASP U 93 0.34 -24.03 -1.89
C ASP U 93 0.52 -24.82 -0.62
N LEU U 94 1.59 -25.61 -0.49
CA LEU U 94 1.86 -26.39 0.72
C LEU U 94 2.90 -25.71 1.60
N SER U 95 2.75 -25.82 2.92
CA SER U 95 3.72 -25.22 3.85
C SER U 95 4.06 -26.24 4.95
N ALA U 96 4.41 -27.44 4.51
CA ALA U 96 4.73 -28.55 5.40
C ALA U 96 6.03 -29.21 4.95
N HIS U 97 6.77 -29.82 5.88
CA HIS U 97 7.97 -30.60 5.54
C HIS U 97 7.78 -32.00 6.11
N LEU U 98 7.77 -33.01 5.24
CA LEU U 98 7.59 -34.38 5.67
C LEU U 98 8.88 -35.18 5.44
N MET U 99 9.69 -35.36 6.48
CA MET U 99 10.90 -36.18 6.46
C MET U 99 10.47 -37.64 6.26
N VAL U 100 11.14 -38.43 5.39
CA VAL U 100 10.76 -39.84 5.18
C VAL U 100 11.88 -40.82 5.53
N ALA U 101 11.66 -41.71 6.50
CA ALA U 101 12.67 -42.71 6.87
C ALA U 101 12.05 -44.11 7.09
N GLY U 102 12.87 -45.17 6.99
CA GLY U 102 12.42 -46.54 7.18
C GLY U 102 13.46 -47.59 6.83
N TRP U 103 13.01 -48.85 6.60
CA TRP U 103 13.88 -50.00 6.22
C TRP U 103 13.39 -50.75 4.93
N ASP U 104 14.33 -51.41 4.18
CA ASP U 104 14.21 -52.20 2.91
C ASP U 104 15.08 -53.43 2.91
N GLN U 105 14.71 -54.47 2.15
CA GLN U 105 15.59 -55.63 1.95
C GLN U 105 16.84 -55.15 1.17
N ARG U 106 16.62 -54.30 0.13
CA ARG U 106 17.67 -53.75 -0.74
C ARG U 106 18.65 -52.80 -0.01
N GLU U 107 18.23 -51.56 0.23
CA GLU U 107 19.11 -50.56 0.77
C GLU U 107 19.13 -50.43 2.28
N GLY U 108 18.32 -51.21 2.99
CA GLY U 108 18.32 -51.19 4.44
C GLY U 108 17.76 -49.91 5.02
N GLY U 109 18.35 -49.45 6.12
CA GLY U 109 17.86 -48.26 6.79
C GLY U 109 18.27 -46.95 6.16
N GLN U 110 17.30 -46.18 5.65
CA GLN U 110 17.61 -44.90 5.02
C GLN U 110 16.75 -43.72 5.51
N VAL U 111 17.36 -42.52 5.56
CA VAL U 111 16.77 -41.25 6.00
C VAL U 111 16.72 -40.28 4.82
N TYR U 112 15.54 -39.70 4.55
CA TYR U 112 15.39 -38.76 3.45
C TYR U 112 14.78 -37.43 3.85
N GLY U 113 15.25 -36.39 3.20
CA GLY U 113 14.72 -35.05 3.35
C GLY U 113 13.94 -34.71 2.11
N THR U 114 12.78 -34.08 2.29
CA THR U 114 11.82 -33.71 1.27
C THR U 114 11.56 -32.18 1.20
N LEU U 115 12.33 -31.36 1.94
CA LEU U 115 12.12 -29.93 2.04
C LEU U 115 11.82 -29.18 0.73
N GLY U 116 10.56 -28.81 0.55
CA GLY U 116 10.13 -28.01 -0.59
C GLY U 116 10.21 -28.69 -1.94
N GLY U 117 10.07 -30.00 -1.92
CA GLY U 117 10.12 -30.79 -3.13
C GLY U 117 11.49 -31.29 -3.52
N MET U 118 12.49 -31.12 -2.65
CA MET U 118 13.84 -31.60 -2.95
C MET U 118 13.97 -33.02 -2.41
N LEU U 119 15.07 -33.72 -2.74
CA LEU U 119 15.28 -35.07 -2.24
C LEU U 119 16.74 -35.25 -1.90
N THR U 120 17.03 -35.63 -0.68
CA THR U 120 18.41 -35.86 -0.26
C THR U 120 18.46 -36.97 0.77
N ARG U 121 19.44 -37.87 0.63
CA ARG U 121 19.65 -38.91 1.64
C ARG U 121 20.62 -38.36 2.67
N GLN U 122 20.33 -38.56 3.94
CA GLN U 122 21.14 -38.00 5.01
C GLN U 122 21.52 -39.08 6.03
N PRO U 123 22.74 -39.02 6.60
CA PRO U 123 23.10 -39.99 7.65
C PRO U 123 22.20 -39.84 8.88
N PHE U 124 21.77 -38.59 9.11
CA PHE U 124 20.82 -38.12 10.09
C PHE U 124 20.22 -36.81 9.52
N ALA U 125 19.03 -36.43 9.96
CA ALA U 125 18.39 -35.20 9.50
C ALA U 125 17.47 -34.62 10.57
N ILE U 126 17.31 -33.29 10.59
CA ILE U 126 16.45 -32.56 11.52
C ILE U 126 15.50 -31.61 10.79
N GLY U 127 14.37 -31.32 11.40
CA GLY U 127 13.38 -30.43 10.80
C GLY U 127 12.49 -29.74 11.82
N GLY U 128 11.66 -28.84 11.31
CA GLY U 128 10.75 -28.08 12.14
C GLY U 128 11.40 -26.86 12.75
N SER U 129 10.57 -25.97 13.30
CA SER U 129 11.00 -24.72 13.92
C SER U 129 12.11 -24.90 14.97
N GLY U 130 12.07 -26.01 15.69
CA GLY U 130 13.01 -26.29 16.74
C GLY U 130 14.39 -26.68 16.27
N SER U 131 14.48 -27.21 15.05
CA SER U 131 15.78 -27.61 14.51
C SER U 131 16.78 -26.44 14.42
N THR U 132 16.30 -25.21 14.26
CA THR U 132 17.16 -24.05 14.13
C THR U 132 18.16 -23.90 15.27
N PHE U 133 17.78 -24.27 16.48
CA PHE U 133 18.60 -24.09 17.69
C PHE U 133 19.51 -25.28 18.04
N ILE U 134 19.40 -26.38 17.31
CA ILE U 134 20.22 -27.56 17.57
C ILE U 134 21.15 -27.93 16.44
N TYR U 135 21.33 -27.07 15.41
CA TYR U 135 22.25 -27.38 14.31
C TYR U 135 23.66 -27.58 14.85
N GLY U 136 24.20 -26.61 15.61
CA GLY U 136 25.51 -26.71 16.23
C GLY U 136 25.64 -27.91 17.17
N TYR U 137 24.54 -28.27 17.87
CA TYR U 137 24.55 -29.43 18.75
C TYR U 137 24.68 -30.71 17.93
N VAL U 138 23.79 -30.94 16.95
CA VAL U 138 23.83 -32.17 16.15
C VAL U 138 25.17 -32.28 15.38
N ASP U 139 25.78 -31.13 15.00
CA ASP U 139 27.05 -31.09 14.29
C ASP U 139 28.18 -31.53 15.20
N ALA U 140 28.10 -31.20 16.51
CA ALA U 140 29.12 -31.60 17.49
C ALA U 140 28.88 -33.03 18.02
N ALA U 141 27.62 -33.38 18.33
CA ALA U 141 27.22 -34.66 18.92
C ALA U 141 27.15 -35.89 17.97
N TYR U 142 26.93 -35.68 16.66
CA TYR U 142 26.84 -36.82 15.74
C TYR U 142 28.20 -37.45 15.48
N LYS U 143 28.25 -38.78 15.59
CA LYS U 143 29.43 -39.61 15.31
C LYS U 143 28.91 -40.79 14.49
N PRO U 144 29.62 -41.22 13.43
CA PRO U 144 29.12 -42.35 12.63
C PRO U 144 29.28 -43.69 13.37
N GLY U 145 28.52 -44.69 12.93
CA GLY U 145 28.58 -46.01 13.56
C GLY U 145 27.82 -46.14 14.86
N MET U 146 26.82 -45.27 15.07
CA MET U 146 26.01 -45.31 16.28
C MET U 146 25.06 -46.49 16.31
N SER U 147 24.97 -47.13 17.48
CA SER U 147 24.06 -48.24 17.71
C SER U 147 22.60 -47.71 17.73
N PRO U 148 21.57 -48.58 17.62
CA PRO U 148 20.19 -48.08 17.72
C PRO U 148 19.93 -47.35 19.05
N GLU U 149 20.50 -47.84 20.17
CA GLU U 149 20.32 -47.15 21.44
C GLU U 149 21.01 -45.79 21.43
N GLU U 150 22.25 -45.72 20.91
CA GLU U 150 22.97 -44.46 20.80
C GLU U 150 22.20 -43.46 19.94
N CYS U 151 21.52 -43.95 18.88
CA CYS U 151 20.68 -43.14 17.98
C CYS U 151 19.49 -42.57 18.73
N ARG U 152 18.88 -43.38 19.63
CA ARG U 152 17.74 -43.03 20.46
C ARG U 152 18.12 -42.01 21.50
N ARG U 153 19.30 -42.14 22.12
CA ARG U 153 19.75 -41.10 23.09
C ARG U 153 20.07 -39.81 22.35
N PHE U 154 20.77 -39.90 21.22
CA PHE U 154 21.12 -38.74 20.40
C PHE U 154 19.85 -37.99 20.01
N THR U 155 18.83 -38.72 19.48
CA THR U 155 17.54 -38.15 19.07
C THR U 155 16.81 -37.55 20.26
N THR U 156 16.85 -38.23 21.43
CA THR U 156 16.21 -37.74 22.67
C THR U 156 16.85 -36.48 23.16
N ASP U 157 18.17 -36.44 23.18
CA ASP U 157 18.90 -35.29 23.67
C ASP U 157 18.71 -34.10 22.75
N ALA U 158 18.87 -34.28 21.43
CA ALA U 158 18.72 -33.18 20.49
C ALA U 158 17.32 -32.59 20.51
N ILE U 159 16.28 -33.43 20.57
CA ILE U 159 14.89 -32.95 20.61
C ILE U 159 14.56 -32.26 21.94
N ALA U 160 15.06 -32.77 23.09
CA ALA U 160 14.84 -32.13 24.37
C ALA U 160 15.56 -30.76 24.39
N LEU U 161 16.77 -30.70 23.81
CA LEU U 161 17.52 -29.46 23.76
C LEU U 161 16.78 -28.40 22.96
N ALA U 162 16.13 -28.80 21.85
CA ALA U 162 15.34 -27.90 21.04
C ALA U 162 14.00 -27.54 21.71
N MET U 163 13.38 -28.50 22.38
CA MET U 163 12.09 -28.29 23.04
C MET U 163 12.14 -27.21 24.06
N SER U 164 13.25 -27.13 24.80
CA SER U 164 13.46 -26.15 25.85
C SER U 164 13.58 -24.77 25.24
N ARG U 165 14.36 -24.63 24.17
CA ARG U 165 14.58 -23.34 23.53
C ARG U 165 13.45 -22.82 22.64
N ASP U 166 12.67 -23.74 22.03
CA ASP U 166 11.62 -23.39 21.08
C ASP U 166 10.21 -23.35 21.73
N GLY U 167 9.54 -22.22 21.59
CA GLY U 167 8.18 -22.05 22.10
C GLY U 167 7.20 -22.89 21.31
N SER U 168 7.43 -23.07 20.00
CA SER U 168 6.57 -23.91 19.15
C SER U 168 6.83 -25.44 19.31
N SER U 169 7.82 -25.80 20.15
CA SER U 169 8.14 -27.19 20.46
C SER U 169 8.02 -27.42 21.97
N GLY U 170 7.57 -28.61 22.33
CA GLY U 170 7.33 -29.03 23.70
C GLY U 170 6.53 -30.31 23.78
N GLY U 171 6.14 -30.64 25.00
CA GLY U 171 5.40 -31.85 25.34
C GLY U 171 6.27 -33.05 25.69
N VAL U 172 5.93 -34.20 25.11
CA VAL U 172 6.65 -35.45 25.27
C VAL U 172 7.49 -35.64 23.98
N ILE U 173 8.33 -36.69 23.93
CA ILE U 173 9.10 -37.03 22.74
C ILE U 173 8.59 -38.41 22.33
N TYR U 174 8.30 -38.57 21.06
CA TYR U 174 7.86 -39.85 20.53
C TYR U 174 9.03 -40.43 19.76
N LEU U 175 9.46 -41.66 20.10
CA LEU U 175 10.56 -42.32 19.39
C LEU U 175 10.05 -43.53 18.63
N VAL U 176 10.63 -43.80 17.46
CA VAL U 176 10.22 -44.92 16.64
C VAL U 176 11.47 -45.59 16.03
N THR U 177 11.62 -46.90 16.20
CA THR U 177 12.78 -47.62 15.68
C THR U 177 12.34 -48.64 14.64
N ILE U 178 12.57 -48.30 13.35
CA ILE U 178 12.22 -49.15 12.20
C ILE U 178 13.39 -50.05 11.83
N THR U 179 13.19 -51.38 11.91
CA THR U 179 14.22 -52.37 11.62
C THR U 179 13.64 -53.53 10.76
N ALA U 180 14.45 -54.50 10.30
CA ALA U 180 13.91 -55.62 9.50
C ALA U 180 12.81 -56.39 10.26
N ALA U 181 13.04 -56.62 11.56
CA ALA U 181 12.14 -57.28 12.51
C ALA U 181 10.78 -56.55 12.68
N GLY U 182 10.77 -55.22 12.63
CA GLY U 182 9.54 -54.45 12.75
C GLY U 182 9.75 -53.02 13.22
N VAL U 183 8.75 -52.46 13.92
CA VAL U 183 8.77 -51.11 14.44
C VAL U 183 8.57 -51.07 15.96
N ASP U 184 9.39 -50.28 16.66
CA ASP U 184 9.24 -50.11 18.10
C ASP U 184 8.80 -48.68 18.37
N HIS U 185 7.83 -48.49 19.26
CA HIS U 185 7.34 -47.17 19.60
C HIS U 185 7.62 -46.88 21.08
N ARG U 186 8.31 -45.77 21.35
CA ARG U 186 8.62 -45.30 22.70
C ARG U 186 8.05 -43.91 22.92
N VAL U 187 7.81 -43.53 24.16
CA VAL U 187 7.35 -42.19 24.50
C VAL U 187 8.14 -41.74 25.70
N ILE U 188 8.89 -40.64 25.58
CA ILE U 188 9.65 -40.10 26.69
C ILE U 188 8.79 -38.97 27.22
N LEU U 189 8.30 -39.11 28.45
CA LEU U 189 7.38 -38.12 29.04
C LEU U 189 8.10 -36.80 29.41
N GLY U 190 7.35 -35.71 29.55
CA GLY U 190 7.89 -34.39 29.91
C GLY U 190 8.61 -34.37 31.26
N ASN U 191 8.32 -35.36 32.12
CA ASN U 191 8.92 -35.58 33.44
C ASN U 191 10.26 -36.33 33.32
N GLU U 192 10.39 -37.22 32.30
CA GLU U 192 11.55 -38.08 32.11
C GLU U 192 12.59 -37.57 31.09
N LEU U 193 12.40 -36.36 30.55
CA LEU U 193 13.29 -35.78 29.55
C LEU U 193 14.72 -35.63 30.07
N PRO U 194 15.78 -35.78 29.22
CA PRO U 194 17.14 -35.54 29.70
C PRO U 194 17.34 -34.09 30.11
N LYS U 195 18.15 -33.86 31.16
CA LYS U 195 18.36 -32.51 31.65
C LYS U 195 19.73 -31.95 31.28
N PHE U 196 19.72 -30.69 30.87
CA PHE U 196 20.89 -29.90 30.49
C PHE U 196 20.73 -28.47 31.12
N TYR U 197 21.68 -27.54 30.89
CA TYR U 197 21.60 -26.18 31.39
C TYR U 197 20.33 -25.51 30.88
N ASP U 198 19.48 -25.03 31.79
CA ASP U 198 18.22 -24.40 31.35
C ASP U 198 17.94 -23.03 31.99
N GLU U 199 18.98 -22.18 32.12
CA GLU U 199 18.85 -20.85 32.72
C GLU U 199 19.36 -19.72 31.81
N SER V 1 -20.47 0.47 4.18
CA SER V 1 -20.96 -0.90 4.03
C SER V 1 -21.87 -1.04 2.81
N ILE V 2 -21.92 -2.24 2.23
CA ILE V 2 -22.77 -2.52 1.08
C ILE V 2 -24.23 -2.50 1.51
N MET V 3 -24.52 -3.10 2.68
CA MET V 3 -25.88 -3.17 3.25
C MET V 3 -26.48 -1.80 3.58
N SER V 4 -25.61 -0.82 3.89
CA SER V 4 -26.07 0.52 4.21
C SER V 4 -26.22 1.43 2.96
N TYR V 5 -25.95 0.91 1.74
CA TYR V 5 -26.05 1.71 0.51
C TYR V 5 -27.48 2.05 0.23
N ASN V 6 -28.40 1.14 0.52
CA ASN V 6 -29.83 1.36 0.33
C ASN V 6 -30.56 1.59 1.66
N GLY V 7 -30.07 0.98 2.73
CA GLY V 7 -30.67 1.14 4.04
C GLY V 7 -31.89 0.25 4.22
N GLY V 8 -32.79 0.67 5.09
CA GLY V 8 -34.01 -0.08 5.33
C GLY V 8 -33.99 -0.99 6.55
N ALA V 9 -35.19 -1.42 6.97
CA ALA V 9 -35.35 -2.29 8.10
C ALA V 9 -36.57 -3.22 7.91
N VAL V 10 -36.46 -4.40 8.46
CA VAL V 10 -37.48 -5.42 8.41
C VAL V 10 -37.55 -6.04 9.82
N MET V 11 -38.74 -6.50 10.23
CA MET V 11 -38.95 -7.08 11.55
C MET V 11 -40.12 -8.08 11.52
N ALA V 12 -40.08 -9.12 12.36
CA ALA V 12 -41.20 -10.07 12.48
C ALA V 12 -41.38 -10.38 13.94
N MET V 13 -42.63 -10.64 14.36
CA MET V 13 -42.92 -10.87 15.77
C MET V 13 -43.99 -11.93 15.97
N LYS V 14 -43.83 -12.78 16.98
CA LYS V 14 -44.81 -13.83 17.29
C LYS V 14 -45.94 -13.28 18.19
N GLY V 15 -47.14 -13.84 18.08
CA GLY V 15 -48.31 -13.50 18.91
C GLY V 15 -48.98 -14.76 19.45
N LYS V 16 -50.26 -14.67 19.89
CA LYS V 16 -51.01 -15.83 20.41
C LYS V 16 -51.16 -16.89 19.27
N ASN V 17 -52.15 -16.73 18.37
CA ASN V 17 -52.28 -17.61 17.22
C ASN V 17 -52.30 -16.77 15.92
N CYS V 18 -51.44 -15.75 15.92
CA CYS V 18 -51.23 -14.71 14.93
C CYS V 18 -49.70 -14.45 14.82
N VAL V 19 -49.27 -13.75 13.75
CA VAL V 19 -47.85 -13.44 13.56
C VAL V 19 -47.74 -12.10 12.80
N ALA V 20 -46.75 -11.25 13.12
CA ALA V 20 -46.65 -9.96 12.44
C ALA V 20 -45.35 -9.79 11.66
N ILE V 21 -45.39 -8.98 10.59
CA ILE V 21 -44.23 -8.68 9.77
C ILE V 21 -44.32 -7.22 9.34
N ALA V 22 -43.23 -6.47 9.51
CA ALA V 22 -43.21 -5.05 9.19
C ALA V 22 -41.93 -4.65 8.49
N ALA V 23 -41.97 -3.54 7.74
CA ALA V 23 -40.79 -3.00 7.09
C ALA V 23 -40.97 -1.51 6.82
N ASP V 24 -39.85 -0.76 6.62
CA ASP V 24 -39.97 0.64 6.24
C ASP V 24 -40.23 0.69 4.71
N ARG V 25 -40.47 1.89 4.17
CA ARG V 25 -40.81 2.03 2.74
C ARG V 25 -39.83 2.84 1.92
N ARG V 26 -38.73 3.30 2.53
CA ARG V 26 -37.73 4.08 1.82
C ARG V 26 -36.98 3.22 0.82
N PHE V 27 -36.65 3.83 -0.33
CA PHE V 27 -35.76 3.33 -1.37
C PHE V 27 -34.87 4.52 -1.63
N GLY V 28 -33.60 4.42 -1.26
CA GLY V 28 -32.69 5.55 -1.51
C GLY V 28 -31.29 5.08 -1.86
N ILE V 29 -30.54 5.93 -2.56
CA ILE V 29 -29.13 5.58 -2.88
C ILE V 29 -28.28 6.47 -1.98
N GLN V 30 -27.54 5.85 -1.04
CA GLN V 30 -26.72 6.62 -0.08
C GLN V 30 -27.60 7.60 0.69
N ALA V 31 -27.26 8.89 0.66
CA ALA V 31 -28.00 9.93 1.42
C ALA V 31 -29.15 10.53 0.60
N GLN V 32 -29.39 10.05 -0.62
CA GLN V 32 -30.49 10.63 -1.45
C GLN V 32 -31.67 9.66 -1.50
N MET V 33 -32.87 10.14 -1.17
CA MET V 33 -34.11 9.33 -1.19
C MET V 33 -34.66 9.33 -2.63
N VAL V 34 -34.96 8.15 -3.17
CA VAL V 34 -35.46 8.05 -4.53
C VAL V 34 -36.99 7.89 -4.50
N THR V 35 -37.53 6.78 -3.92
CA THR V 35 -38.99 6.62 -3.77
C THR V 35 -39.39 6.38 -2.30
N THR V 36 -40.66 6.65 -1.97
CA THR V 36 -41.18 6.43 -0.62
C THR V 36 -42.12 5.22 -0.53
N ASP V 37 -42.19 4.35 -1.57
CA ASP V 37 -43.10 3.20 -1.56
C ASP V 37 -42.43 1.90 -2.01
N PHE V 38 -41.19 1.64 -1.57
CA PHE V 38 -40.47 0.45 -1.98
C PHE V 38 -40.96 -0.80 -1.27
N GLN V 39 -41.25 -1.86 -2.02
CA GLN V 39 -41.75 -3.10 -1.45
C GLN V 39 -40.62 -3.99 -0.94
N LYS V 40 -40.70 -4.36 0.33
CA LYS V 40 -39.73 -5.22 0.99
C LYS V 40 -40.35 -6.49 1.58
N ILE V 41 -41.68 -6.59 1.63
CA ILE V 41 -42.35 -7.80 2.13
C ILE V 41 -43.11 -8.43 0.99
N PHE V 42 -42.87 -9.72 0.71
CA PHE V 42 -43.51 -10.40 -0.41
C PHE V 42 -44.28 -11.62 0.06
N PRO V 43 -45.54 -11.77 -0.39
CA PRO V 43 -46.32 -12.95 0.00
C PRO V 43 -45.76 -14.20 -0.64
N MET V 44 -45.60 -15.25 0.16
CA MET V 44 -45.14 -16.53 -0.35
C MET V 44 -46.26 -17.60 -0.26
N GLY V 45 -47.32 -17.32 0.50
CA GLY V 45 -48.51 -18.15 0.63
C GLY V 45 -49.67 -17.35 1.20
N ASP V 46 -50.76 -18.03 1.61
CA ASP V 46 -51.92 -17.34 2.18
C ASP V 46 -51.54 -16.75 3.51
N ARG V 47 -50.84 -17.53 4.35
CA ARG V 47 -50.41 -17.09 5.66
C ARG V 47 -48.87 -17.17 5.80
N LEU V 48 -48.10 -16.78 4.77
CA LEU V 48 -46.64 -16.86 4.85
C LEU V 48 -45.98 -15.70 4.12
N TYR V 49 -45.19 -14.88 4.81
CA TYR V 49 -44.57 -13.71 4.20
C TYR V 49 -43.07 -13.66 4.47
N ILE V 50 -42.30 -13.07 3.52
CA ILE V 50 -40.87 -12.92 3.67
C ILE V 50 -40.50 -11.46 3.49
N GLY V 51 -39.67 -10.95 4.40
CA GLY V 51 -39.22 -9.58 4.36
C GLY V 51 -37.74 -9.53 4.12
N LEU V 52 -37.32 -8.69 3.18
CA LEU V 52 -35.92 -8.58 2.84
C LEU V 52 -35.33 -7.19 2.97
N ALA V 53 -34.31 -7.05 3.84
CA ALA V 53 -33.56 -5.81 4.02
C ALA V 53 -32.21 -5.92 3.27
N GLY V 54 -31.53 -4.79 3.08
CA GLY V 54 -30.23 -4.76 2.42
C GLY V 54 -30.27 -4.10 1.06
N LEU V 55 -29.33 -4.49 0.16
CA LEU V 55 -29.13 -3.98 -1.19
C LEU V 55 -30.36 -4.28 -2.03
N ALA V 56 -31.07 -3.20 -2.48
CA ALA V 56 -32.33 -3.24 -3.25
C ALA V 56 -32.32 -4.15 -4.46
N THR V 57 -31.20 -4.22 -5.21
CA THR V 57 -31.10 -5.12 -6.33
C THR V 57 -31.18 -6.59 -5.87
N ASP V 58 -30.54 -6.96 -4.73
CA ASP V 58 -30.54 -8.34 -4.23
C ASP V 58 -31.81 -8.67 -3.45
N VAL V 59 -32.50 -7.66 -2.92
CA VAL V 59 -33.79 -7.86 -2.28
C VAL V 59 -34.77 -8.32 -3.38
N GLN V 60 -34.78 -7.61 -4.51
CA GLN V 60 -35.62 -7.94 -5.64
C GLN V 60 -35.21 -9.28 -6.31
N THR V 61 -33.90 -9.49 -6.53
CA THR V 61 -33.39 -10.72 -7.12
C THR V 61 -33.70 -11.96 -6.27
N VAL V 62 -33.39 -11.94 -4.95
CA VAL V 62 -33.65 -13.07 -4.07
C VAL V 62 -35.15 -13.39 -4.01
N ALA V 63 -36.00 -12.36 -3.90
CA ALA V 63 -37.44 -12.57 -3.88
C ALA V 63 -37.93 -13.25 -5.18
N GLN V 64 -37.42 -12.81 -6.34
CA GLN V 64 -37.80 -13.39 -7.63
C GLN V 64 -37.25 -14.80 -7.86
N ARG V 65 -35.97 -15.05 -7.54
CA ARG V 65 -35.41 -16.39 -7.67
C ARG V 65 -36.08 -17.36 -6.68
N LEU V 66 -36.50 -16.84 -5.50
CA LEU V 66 -37.22 -17.63 -4.51
C LEU V 66 -38.64 -17.95 -4.97
N LYS V 67 -39.33 -16.99 -5.59
CA LYS V 67 -40.68 -17.23 -6.10
C LYS V 67 -40.65 -18.29 -7.21
N PHE V 68 -39.59 -18.32 -8.02
CA PHE V 68 -39.43 -19.30 -9.10
C PHE V 68 -39.41 -20.72 -8.50
N ARG V 69 -38.54 -20.95 -7.53
CA ARG V 69 -38.39 -22.23 -6.87
C ARG V 69 -39.64 -22.63 -6.14
N LEU V 70 -40.27 -21.66 -5.46
CA LEU V 70 -41.52 -21.87 -4.71
C LEU V 70 -42.64 -22.36 -5.64
N ASN V 71 -42.88 -21.65 -6.74
CA ASN V 71 -43.91 -22.04 -7.69
C ASN V 71 -43.69 -23.46 -8.22
N LEU V 72 -42.46 -23.78 -8.62
CA LEU V 72 -42.14 -25.14 -9.08
C LEU V 72 -42.41 -26.17 -7.97
N TYR V 73 -41.99 -25.86 -6.72
CA TYR V 73 -42.19 -26.71 -5.57
C TYR V 73 -43.66 -27.03 -5.36
N GLU V 74 -44.52 -26.00 -5.31
CA GLU V 74 -45.95 -26.21 -5.08
C GLU V 74 -46.63 -26.97 -6.19
N LEU V 75 -46.09 -26.88 -7.43
CA LEU V 75 -46.63 -27.58 -8.59
C LEU V 75 -46.27 -29.05 -8.54
N LYS V 76 -45.03 -29.38 -8.12
CA LYS V 76 -44.57 -30.76 -8.03
C LYS V 76 -45.14 -31.44 -6.80
N GLU V 77 -45.27 -30.70 -5.69
CA GLU V 77 -45.73 -31.20 -4.41
C GLU V 77 -47.24 -31.24 -4.25
N GLY V 78 -47.95 -30.39 -5.00
CA GLY V 78 -49.39 -30.32 -4.87
C GLY V 78 -49.86 -29.79 -3.52
N ARG V 79 -49.00 -29.03 -2.82
CA ARG V 79 -49.33 -28.44 -1.50
C ARG V 79 -48.67 -27.08 -1.33
N GLN V 80 -49.24 -26.25 -0.46
CA GLN V 80 -48.65 -24.94 -0.11
C GLN V 80 -47.45 -25.26 0.82
N ILE V 81 -46.33 -24.57 0.65
CA ILE V 81 -45.15 -24.81 1.48
C ILE V 81 -45.35 -24.53 3.00
N LYS V 82 -44.70 -25.36 3.85
CA LYS V 82 -44.74 -25.14 5.30
C LYS V 82 -43.72 -24.02 5.61
N PRO V 83 -43.99 -23.18 6.61
CA PRO V 83 -43.06 -22.07 6.90
C PRO V 83 -41.59 -22.49 7.13
N TYR V 84 -41.35 -23.61 7.85
CA TYR V 84 -39.99 -24.07 8.14
C TYR V 84 -39.28 -24.46 6.83
N THR V 85 -40.01 -25.11 5.93
CA THR V 85 -39.53 -25.56 4.64
C THR V 85 -39.16 -24.35 3.75
N LEU V 86 -39.92 -23.23 3.85
CA LEU V 86 -39.56 -22.02 3.10
C LEU V 86 -38.22 -21.48 3.58
N MET V 87 -37.97 -21.54 4.90
CA MET V 87 -36.71 -21.11 5.51
C MET V 87 -35.56 -21.91 4.96
N SER V 88 -35.73 -23.25 4.85
CA SER V 88 -34.71 -24.14 4.31
C SER V 88 -34.46 -23.87 2.82
N MET V 89 -35.51 -23.43 2.11
CA MET V 89 -35.42 -23.09 0.69
C MET V 89 -34.59 -21.82 0.54
N VAL V 90 -34.78 -20.83 1.41
CA VAL V 90 -34.02 -19.59 1.37
C VAL V 90 -32.56 -19.84 1.80
N ALA V 91 -32.36 -20.68 2.83
CA ALA V 91 -31.00 -21.00 3.32
C ALA V 91 -30.15 -21.63 2.20
N ASN V 92 -30.74 -22.57 1.44
CA ASN V 92 -30.08 -23.28 0.36
C ASN V 92 -29.84 -22.32 -0.82
N LEU V 93 -30.81 -21.42 -1.09
CA LEU V 93 -30.75 -20.41 -2.16
C LEU V 93 -29.60 -19.42 -1.90
N LEU V 94 -29.47 -18.95 -0.62
CA LEU V 94 -28.46 -18.00 -0.20
C LEU V 94 -27.09 -18.67 -0.08
N TYR V 95 -27.01 -19.88 0.53
CA TYR V 95 -25.74 -20.60 0.71
C TYR V 95 -25.10 -21.00 -0.61
N GLU V 96 -25.89 -21.13 -1.69
CA GLU V 96 -25.33 -21.42 -3.02
C GLU V 96 -24.34 -20.32 -3.45
N LYS V 97 -24.55 -19.09 -2.93
CA LYS V 97 -23.71 -17.94 -3.23
C LYS V 97 -22.79 -17.62 -2.04
N ARG V 98 -22.37 -18.64 -1.26
CA ARG V 98 -21.55 -18.48 -0.07
C ARG V 98 -20.33 -17.62 -0.27
N PHE V 99 -19.58 -17.85 -1.33
CA PHE V 99 -18.35 -17.09 -1.56
C PHE V 99 -18.50 -15.89 -2.51
N GLY V 100 -19.72 -15.40 -2.66
CA GLY V 100 -20.07 -14.22 -3.45
C GLY V 100 -21.54 -13.98 -3.24
N PRO V 101 -21.92 -13.52 -2.03
CA PRO V 101 -23.33 -13.55 -1.67
C PRO V 101 -24.16 -12.37 -2.07
N TYR V 102 -25.47 -12.58 -1.99
CA TYR V 102 -26.53 -11.60 -2.17
C TYR V 102 -26.53 -10.76 -0.91
N TYR V 103 -26.69 -9.45 -1.03
CA TYR V 103 -26.65 -8.58 0.16
C TYR V 103 -28.03 -8.36 0.70
N THR V 104 -28.60 -9.42 1.26
CA THR V 104 -29.92 -9.43 1.84
C THR V 104 -29.95 -10.33 3.09
N GLU V 105 -30.68 -9.89 4.12
CA GLU V 105 -30.83 -10.62 5.38
C GLU V 105 -32.32 -10.84 5.63
N PRO V 106 -32.86 -11.97 5.15
CA PRO V 106 -34.31 -12.19 5.22
C PRO V 106 -34.86 -12.44 6.61
N VAL V 107 -36.18 -12.33 6.70
CA VAL V 107 -36.96 -12.51 7.89
C VAL V 107 -38.23 -13.20 7.39
N ILE V 108 -38.61 -14.31 8.02
CA ILE V 108 -39.82 -15.03 7.61
C ILE V 108 -40.85 -15.01 8.70
N ALA V 109 -42.11 -14.74 8.34
CA ALA V 109 -43.22 -14.72 9.31
C ALA V 109 -44.42 -15.43 8.71
N GLY V 110 -44.87 -16.47 9.37
CA GLY V 110 -46.01 -17.23 8.88
C GLY V 110 -46.71 -18.03 9.95
N LEU V 111 -47.90 -18.56 9.60
CA LEU V 111 -48.67 -19.45 10.46
C LEU V 111 -48.57 -20.86 9.87
N ASP V 112 -48.46 -21.87 10.71
CA ASP V 112 -48.44 -23.26 10.24
C ASP V 112 -49.79 -23.57 9.49
N PRO V 113 -49.82 -24.40 8.42
CA PRO V 113 -51.09 -24.58 7.68
C PRO V 113 -52.09 -25.56 8.30
N LYS V 114 -51.75 -26.21 9.42
CA LYS V 114 -52.68 -27.14 10.06
C LYS V 114 -52.91 -26.71 11.49
N THR V 115 -51.82 -26.38 12.20
CA THR V 115 -51.87 -25.91 13.59
C THR V 115 -52.18 -24.42 13.68
N PHE V 116 -51.86 -23.64 12.62
CA PHE V 116 -51.99 -22.17 12.58
C PHE V 116 -51.16 -21.50 13.73
N LYS V 117 -50.14 -22.28 14.22
CA LYS V 117 -49.16 -21.94 15.23
C LYS V 117 -48.13 -21.12 14.50
N PRO V 118 -47.85 -19.91 14.99
CA PRO V 118 -46.90 -19.03 14.30
C PRO V 118 -45.49 -19.57 14.15
N PHE V 119 -44.78 -18.99 13.21
CA PHE V 119 -43.40 -19.29 12.91
C PHE V 119 -42.70 -18.01 12.55
N ILE V 120 -41.58 -17.72 13.21
CA ILE V 120 -40.75 -16.62 12.79
C ILE V 120 -39.31 -17.10 12.69
N CYS V 121 -38.56 -16.49 11.78
CA CYS V 121 -37.15 -16.77 11.62
C CYS V 121 -36.44 -15.66 10.84
N SER V 122 -35.13 -15.81 10.72
CA SER V 122 -34.29 -14.89 9.95
C SER V 122 -33.08 -15.65 9.41
N LEU V 123 -32.52 -15.15 8.31
CA LEU V 123 -31.34 -15.76 7.73
C LEU V 123 -30.28 -14.69 7.51
N ASP V 124 -28.99 -15.03 7.75
CA ASP V 124 -27.93 -14.08 7.47
C ASP V 124 -27.72 -14.05 5.94
N LEU V 125 -26.79 -13.23 5.40
CA LEU V 125 -26.64 -13.12 3.97
C LEU V 125 -26.17 -14.41 3.32
N ILE V 126 -25.51 -15.33 4.07
CA ILE V 126 -25.07 -16.64 3.52
C ILE V 126 -26.03 -17.78 3.88
N GLY V 127 -27.26 -17.45 4.23
CA GLY V 127 -28.29 -18.44 4.50
C GLY V 127 -28.20 -19.24 5.77
N CYS V 128 -27.94 -18.60 6.94
CA CYS V 128 -27.96 -19.33 8.20
C CYS V 128 -29.27 -19.14 8.84
N PRO V 129 -30.04 -20.25 8.96
CA PRO V 129 -31.38 -20.16 9.54
C PRO V 129 -31.38 -19.95 11.04
N MET V 130 -32.28 -19.11 11.51
CA MET V 130 -32.40 -18.85 12.95
C MET V 130 -33.85 -18.69 13.34
N VAL V 131 -34.43 -19.69 13.99
CA VAL V 131 -35.82 -19.59 14.45
C VAL V 131 -35.83 -19.05 15.88
N THR V 132 -36.69 -18.07 16.16
CA THR V 132 -36.87 -17.54 17.51
C THR V 132 -38.34 -17.64 17.90
N ASP V 133 -38.63 -17.65 19.22
CA ASP V 133 -40.01 -17.70 19.69
C ASP V 133 -40.54 -16.32 20.12
N ASP V 134 -39.84 -15.23 19.75
CA ASP V 134 -40.24 -13.91 20.14
C ASP V 134 -40.26 -12.92 18.93
N PHE V 135 -39.09 -12.47 18.47
CA PHE V 135 -38.94 -11.53 17.35
C PHE V 135 -37.64 -11.75 16.61
N VAL V 136 -37.58 -11.26 15.37
CA VAL V 136 -36.38 -11.29 14.56
C VAL V 136 -36.25 -9.92 13.90
N VAL V 137 -35.02 -9.39 13.82
CA VAL V 137 -34.80 -8.11 13.17
C VAL V 137 -33.70 -8.20 12.10
N SER V 138 -33.76 -7.31 11.12
CA SER V 138 -32.74 -7.21 10.06
C SER V 138 -32.80 -5.85 9.42
N GLY V 139 -31.69 -5.14 9.44
CA GLY V 139 -31.63 -3.82 8.84
C GLY V 139 -30.43 -3.02 9.30
N THR V 140 -30.37 -1.75 8.85
CA THR V 140 -29.30 -0.81 9.23
C THR V 140 -29.48 -0.33 10.65
N CYS V 141 -30.74 -0.44 11.23
CA CYS V 141 -31.10 -0.08 12.58
C CYS V 141 -31.43 -1.33 13.42
N ALA V 142 -30.68 -2.44 13.23
CA ALA V 142 -30.85 -3.67 14.00
C ALA V 142 -30.62 -3.41 15.49
N GLU V 143 -29.61 -2.59 15.85
CA GLU V 143 -29.35 -2.24 17.26
C GLU V 143 -30.56 -1.53 17.91
N GLN V 144 -31.20 -0.60 17.18
CA GLN V 144 -32.38 0.13 17.61
C GLN V 144 -33.57 -0.81 17.70
N MET V 145 -33.73 -1.68 16.70
CA MET V 145 -34.82 -2.63 16.67
C MET V 145 -34.74 -3.61 17.86
N TYR V 146 -33.54 -4.13 18.18
CA TYR V 146 -33.36 -5.05 19.28
C TYR V 146 -33.74 -4.40 20.61
N GLY V 147 -33.40 -3.12 20.78
CA GLY V 147 -33.72 -2.36 21.98
C GLY V 147 -35.22 -2.21 22.15
N MET V 148 -35.90 -1.80 21.07
CA MET V 148 -37.36 -1.66 21.11
C MET V 148 -38.06 -2.99 21.30
N CYS V 149 -37.66 -4.02 20.57
CA CYS V 149 -38.29 -5.34 20.66
C CYS V 149 -38.10 -5.96 22.04
N GLU V 150 -36.87 -5.89 22.57
CA GLU V 150 -36.53 -6.48 23.86
C GLU V 150 -37.37 -5.81 24.96
N SER V 151 -37.57 -4.49 24.88
CA SER V 151 -38.37 -3.78 25.87
C SER V 151 -39.87 -3.99 25.67
N LEU V 152 -40.36 -3.91 24.44
CA LEU V 152 -41.79 -3.99 24.16
C LEU V 152 -42.42 -5.40 24.07
N TRP V 153 -41.69 -6.39 23.55
CA TRP V 153 -42.25 -7.72 23.38
C TRP V 153 -42.67 -8.42 24.67
N GLU V 154 -43.85 -9.03 24.62
CA GLU V 154 -44.51 -9.83 25.63
C GLU V 154 -44.88 -11.17 24.99
N PRO V 155 -45.02 -12.24 25.80
CA PRO V 155 -45.32 -13.56 25.25
C PRO V 155 -46.63 -13.74 24.45
N ASN V 156 -47.79 -13.97 25.08
CA ASN V 156 -49.00 -14.28 24.32
C ASN V 156 -49.82 -13.07 23.93
N MET V 157 -49.28 -12.26 23.06
CA MET V 157 -49.93 -11.06 22.59
C MET V 157 -51.13 -11.30 21.68
N ASP V 158 -52.26 -10.62 21.95
CA ASP V 158 -53.42 -10.70 21.05
C ASP V 158 -53.07 -9.96 19.74
N PRO V 159 -53.77 -10.21 18.62
CA PRO V 159 -53.39 -9.53 17.35
C PRO V 159 -53.31 -8.00 17.47
N ASP V 160 -54.20 -7.41 18.25
CA ASP V 160 -54.27 -5.96 18.47
C ASP V 160 -53.06 -5.44 19.25
N HIS V 161 -52.64 -6.21 20.28
CA HIS V 161 -51.49 -5.93 21.13
C HIS V 161 -50.23 -6.10 20.26
N LEU V 162 -50.18 -7.16 19.45
CA LEU V 162 -49.08 -7.44 18.55
C LEU V 162 -48.91 -6.29 17.56
N PHE V 163 -50.03 -5.77 17.03
CA PHE V 163 -50.00 -4.64 16.11
C PHE V 163 -49.39 -3.41 16.75
N GLU V 164 -49.80 -3.05 17.97
CA GLU V 164 -49.28 -1.86 18.63
C GLU V 164 -47.80 -2.02 18.91
N THR V 165 -47.38 -3.22 19.32
CA THR V 165 -46.01 -3.51 19.69
C THR V 165 -45.06 -3.45 18.50
N ILE V 166 -45.36 -4.17 17.41
CA ILE V 166 -44.50 -4.16 16.24
C ILE V 166 -44.49 -2.78 15.57
N SER V 167 -45.61 -2.04 15.62
CA SER V 167 -45.68 -0.72 15.04
C SER V 167 -44.79 0.24 15.81
N GLN V 168 -44.88 0.23 17.14
CA GLN V 168 -44.08 1.12 17.96
C GLN V 168 -42.61 0.78 17.95
N ALA V 169 -42.26 -0.51 17.80
CA ALA V 169 -40.88 -0.93 17.76
C ALA V 169 -40.21 -0.55 16.43
N MET V 170 -40.97 -0.52 15.33
CA MET V 170 -40.45 -0.14 14.02
C MET V 170 -40.33 1.37 13.96
N LEU V 171 -41.41 2.13 14.30
CA LEU V 171 -41.41 3.57 14.22
C LEU V 171 -40.30 4.22 15.00
N ASN V 172 -40.11 3.82 16.25
CA ASN V 172 -39.10 4.43 17.11
C ASN V 172 -37.68 4.03 16.78
N ALA V 173 -37.49 2.84 16.21
CA ALA V 173 -36.16 2.38 15.78
C ALA V 173 -35.73 3.18 14.54
N VAL V 174 -36.54 3.17 13.48
CA VAL V 174 -36.32 3.75 12.16
C VAL V 174 -36.16 5.27 12.24
N ASP V 175 -36.82 5.91 13.27
CA ASP V 175 -36.74 7.36 13.54
C ASP V 175 -35.37 7.83 14.08
N ARG V 176 -34.50 6.86 14.46
CA ARG V 176 -33.10 7.05 14.89
C ARG V 176 -32.10 6.53 13.83
N ASP V 177 -32.59 6.18 12.62
CA ASP V 177 -31.82 5.71 11.46
C ASP V 177 -32.11 6.70 10.34
N ALA V 178 -31.02 7.30 9.86
CA ALA V 178 -31.01 8.30 8.81
C ALA V 178 -31.48 7.70 7.48
N VAL V 179 -31.03 6.46 7.17
CA VAL V 179 -31.33 5.81 5.89
C VAL V 179 -32.49 4.80 5.95
N SER V 180 -33.35 4.88 6.97
CA SER V 180 -34.55 4.06 7.08
C SER V 180 -35.72 4.98 7.35
N GLY V 181 -36.88 4.65 6.79
CA GLY V 181 -38.09 5.43 7.03
C GLY V 181 -39.06 5.54 5.89
N MET V 182 -39.53 6.78 5.63
CA MET V 182 -40.51 7.10 4.60
C MET V 182 -41.83 6.31 4.71
N GLY V 183 -42.20 5.97 5.93
CA GLY V 183 -43.40 5.19 6.20
C GLY V 183 -43.09 3.79 6.66
N VAL V 184 -44.05 3.12 7.26
CA VAL V 184 -43.90 1.74 7.73
C VAL V 184 -45.13 0.96 7.26
N ILE V 185 -44.97 -0.28 6.86
CA ILE V 185 -46.09 -1.15 6.50
C ILE V 185 -46.08 -2.36 7.44
N VAL V 186 -47.26 -2.78 7.93
CA VAL V 186 -47.37 -3.90 8.86
C VAL V 186 -48.41 -4.92 8.38
N HIS V 187 -48.09 -6.22 8.40
CA HIS V 187 -49.04 -7.27 8.07
C HIS V 187 -49.33 -8.07 9.32
N ILE V 188 -50.60 -8.31 9.64
CA ILE V 188 -50.98 -9.14 10.78
C ILE V 188 -51.54 -10.40 10.17
N ILE V 189 -50.88 -11.50 10.42
CA ILE V 189 -51.24 -12.79 9.85
C ILE V 189 -51.99 -13.69 10.84
N GLU V 190 -53.29 -13.82 10.67
CA GLU V 190 -54.08 -14.72 11.51
C GLU V 190 -54.66 -15.88 10.67
N LYS V 191 -55.24 -16.92 11.30
CA LYS V 191 -55.82 -18.06 10.60
C LYS V 191 -56.96 -17.62 9.68
N ASP V 192 -57.74 -16.70 10.15
CA ASP V 192 -58.89 -16.20 9.45
C ASP V 192 -58.58 -15.15 8.40
N LYS V 193 -57.61 -14.24 8.64
CA LYS V 193 -57.36 -13.12 7.73
C LYS V 193 -55.97 -12.49 7.84
N ILE V 194 -55.60 -11.69 6.82
CA ILE V 194 -54.39 -10.87 6.79
C ILE V 194 -54.89 -9.43 6.88
N THR V 195 -54.28 -8.60 7.74
CA THR V 195 -54.62 -7.18 7.83
C THR V 195 -53.37 -6.38 7.51
N THR V 196 -53.42 -5.56 6.46
CA THR V 196 -52.27 -4.77 6.05
C THR V 196 -52.53 -3.31 6.39
N ARG V 197 -51.58 -2.70 7.07
CA ARG V 197 -51.72 -1.31 7.45
C ARG V 197 -50.47 -0.53 7.15
N THR V 198 -50.62 0.68 6.62
CA THR V 198 -49.49 1.59 6.50
C THR V 198 -49.65 2.58 7.63
N LEU V 199 -48.58 2.82 8.38
CA LEU V 199 -48.63 3.73 9.52
C LEU V 199 -48.34 5.15 9.08
N LYS V 200 -48.75 6.13 9.86
CA LYS V 200 -48.46 7.53 9.59
C LYS V 200 -47.14 7.70 10.32
N ALA V 201 -46.07 7.72 9.57
CA ALA V 201 -44.70 7.82 10.09
C ALA V 201 -44.00 9.10 9.64
N ARG V 202 -42.87 9.47 10.26
CA ARG V 202 -42.09 10.62 9.84
C ARG V 202 -41.61 10.47 8.40
N MET V 203 -41.47 11.60 7.71
CA MET V 203 -41.04 11.61 6.32
C MET V 203 -39.68 12.26 6.11
N ASP V 204 -38.83 12.23 7.13
CA ASP V 204 -37.49 12.80 7.00
C ASP V 204 -36.36 11.77 7.29
N MET W 1 -23.46 13.80 -14.06
CA MET W 1 -22.78 14.53 -15.17
C MET W 1 -23.78 14.76 -16.30
N GLU W 2 -24.59 13.74 -16.61
CA GLU W 2 -25.60 13.82 -17.67
C GLU W 2 -26.94 14.00 -16.93
N TYR W 3 -28.03 14.28 -17.68
CA TYR W 3 -29.31 14.53 -17.03
C TYR W 3 -30.49 13.82 -17.65
N LEU W 4 -31.26 13.13 -16.81
CA LEU W 4 -32.47 12.46 -17.25
C LEU W 4 -33.59 12.91 -16.33
N ILE W 5 -34.79 13.13 -16.88
CA ILE W 5 -35.95 13.50 -16.07
C ILE W 5 -37.20 12.89 -16.63
N GLY W 6 -38.11 12.53 -15.74
CA GLY W 6 -39.39 11.98 -16.10
C GLY W 6 -40.45 12.47 -15.13
N ILE W 7 -41.62 12.84 -15.66
CA ILE W 7 -42.77 13.28 -14.89
C ILE W 7 -43.94 12.50 -15.48
N GLN W 8 -44.62 11.67 -14.68
CA GLN W 8 -45.76 10.90 -15.19
C GLN W 8 -47.07 11.57 -14.79
N GLY W 9 -47.95 11.77 -15.76
CA GLY W 9 -49.26 12.34 -15.47
C GLY W 9 -50.31 11.27 -15.35
N PRO W 10 -51.60 11.65 -15.37
CA PRO W 10 -52.66 10.64 -15.26
C PRO W 10 -52.72 9.70 -16.48
N ASP W 11 -52.46 10.23 -17.69
CA ASP W 11 -52.55 9.47 -18.94
C ASP W 11 -51.38 9.63 -19.90
N TYR W 12 -50.22 10.09 -19.41
CA TYR W 12 -49.03 10.31 -20.24
C TYR W 12 -47.74 10.22 -19.40
N VAL W 13 -46.57 10.19 -20.04
CA VAL W 13 -45.30 10.25 -19.35
C VAL W 13 -44.49 11.29 -20.10
N LEU W 14 -44.00 12.31 -19.42
CA LEU W 14 -43.17 13.34 -20.02
C LEU W 14 -41.71 13.02 -19.66
N VAL W 15 -40.80 13.03 -20.64
CA VAL W 15 -39.40 12.77 -20.35
C VAL W 15 -38.49 13.77 -21.05
N ALA W 16 -37.36 14.06 -20.44
CA ALA W 16 -36.37 14.94 -21.03
C ALA W 16 -34.97 14.47 -20.70
N SER W 17 -34.01 14.79 -21.55
CA SER W 17 -32.62 14.40 -21.34
C SER W 17 -31.67 15.46 -21.93
N ASP W 18 -30.49 15.70 -21.31
CA ASP W 18 -29.55 16.68 -21.89
C ASP W 18 -29.09 16.22 -23.30
N ARG W 19 -28.50 17.12 -24.08
CA ARG W 19 -28.06 16.77 -25.42
C ARG W 19 -26.53 16.82 -25.59
N VAL W 20 -25.79 16.80 -24.47
CA VAL W 20 -24.35 16.93 -24.52
C VAL W 20 -23.64 15.60 -24.60
N ALA W 21 -22.76 15.47 -25.60
CA ALA W 21 -21.87 14.34 -25.74
C ALA W 21 -20.53 14.99 -25.44
N ALA W 22 -19.94 14.66 -24.30
CA ALA W 22 -18.68 15.35 -23.90
C ALA W 22 -17.55 14.38 -23.59
N SER W 23 -16.35 14.76 -24.02
CA SER W 23 -15.09 14.03 -23.74
C SER W 23 -14.13 15.02 -23.07
N ASN W 24 -13.54 14.65 -21.92
CA ASN W 24 -12.62 15.54 -21.19
C ASN W 24 -13.34 16.85 -20.86
N ILE W 25 -12.72 18.00 -21.17
CA ILE W 25 -13.31 19.34 -20.87
C ILE W 25 -14.08 19.88 -22.08
N VAL W 26 -14.11 19.14 -23.20
CA VAL W 26 -14.83 19.63 -24.37
C VAL W 26 -16.23 19.02 -24.56
N GLN W 27 -17.12 19.85 -25.06
CA GLN W 27 -18.50 19.57 -25.40
C GLN W 27 -18.39 19.16 -26.87
N MET W 28 -18.30 17.86 -27.15
CA MET W 28 -18.15 17.37 -28.52
C MET W 28 -19.40 17.51 -29.35
N LYS W 29 -20.57 17.36 -28.71
CA LYS W 29 -21.83 17.46 -29.43
C LYS W 29 -22.84 18.18 -28.59
N ASP W 30 -23.62 19.05 -29.24
CA ASP W 30 -24.72 19.81 -28.66
C ASP W 30 -26.09 19.16 -28.99
N ASP W 31 -26.16 18.24 -29.97
CA ASP W 31 -27.40 17.62 -30.46
C ASP W 31 -27.45 16.10 -30.28
N HIS W 32 -27.00 15.63 -29.14
CA HIS W 32 -26.92 14.21 -28.86
C HIS W 32 -28.18 13.65 -28.22
N ASP W 33 -28.85 12.69 -28.88
CA ASP W 33 -30.07 12.07 -28.34
C ASP W 33 -29.73 10.85 -27.45
N LYS W 34 -30.26 10.88 -26.19
CA LYS W 34 -30.06 9.84 -25.16
C LYS W 34 -31.30 8.91 -24.94
N MET W 35 -32.34 9.08 -25.74
CA MET W 35 -33.53 8.27 -25.62
C MET W 35 -33.53 7.20 -26.71
N PHE W 36 -33.93 5.98 -26.36
CA PHE W 36 -33.97 4.86 -27.31
C PHE W 36 -35.37 4.32 -27.33
N LYS W 37 -36.08 4.43 -28.47
CA LYS W 37 -37.43 3.87 -28.60
C LYS W 37 -37.34 2.35 -28.57
N MET W 38 -37.97 1.68 -27.60
CA MET W 38 -37.95 0.23 -27.52
C MET W 38 -39.13 -0.37 -28.29
N SER W 39 -40.31 0.25 -28.13
CA SER W 39 -41.59 -0.14 -28.71
C SER W 39 -42.30 1.12 -29.27
N GLU W 40 -43.56 0.98 -29.71
CA GLU W 40 -44.35 2.13 -30.16
C GLU W 40 -44.74 3.04 -29.01
N LYS W 41 -44.88 2.48 -27.81
CA LYS W 41 -45.25 3.20 -26.60
C LYS W 41 -44.19 3.07 -25.47
N ILE W 42 -42.88 2.82 -25.77
CA ILE W 42 -41.83 2.69 -24.73
C ILE W 42 -40.53 3.41 -25.13
N LEU W 43 -39.98 4.23 -24.23
CA LEU W 43 -38.70 4.92 -24.43
C LEU W 43 -37.77 4.51 -23.30
N LEU W 44 -36.52 4.23 -23.62
CA LEU W 44 -35.51 3.91 -22.62
C LEU W 44 -34.48 5.04 -22.64
N LEU W 45 -34.45 5.86 -21.61
CA LEU W 45 -33.50 6.97 -21.51
C LEU W 45 -32.33 6.42 -20.72
N CYS W 46 -31.12 6.57 -21.25
CA CYS W 46 -29.96 5.91 -20.68
C CYS W 46 -28.71 6.80 -20.58
N VAL W 47 -28.15 6.95 -19.40
CA VAL W 47 -26.90 7.67 -19.17
C VAL W 47 -25.88 6.71 -18.47
N GLY W 48 -24.66 7.15 -18.22
CA GLY W 48 -23.65 6.31 -17.57
C GLY W 48 -22.28 6.40 -18.21
N GLU W 49 -21.50 5.33 -18.04
CA GLU W 49 -20.12 5.24 -18.54
C GLU W 49 -20.02 5.29 -20.06
N ALA W 50 -18.85 5.78 -20.52
CA ALA W 50 -18.42 5.99 -21.90
C ALA W 50 -19.07 5.02 -22.96
N GLY W 51 -18.71 3.72 -22.97
CA GLY W 51 -19.25 2.82 -23.98
C GLY W 51 -20.51 2.10 -23.57
N ASP W 52 -20.57 1.73 -22.28
CA ASP W 52 -21.62 0.96 -21.62
C ASP W 52 -23.02 1.36 -21.98
N THR W 53 -23.28 2.65 -22.15
CA THR W 53 -24.64 3.12 -22.39
C THR W 53 -25.23 2.70 -23.72
N VAL W 54 -24.57 3.00 -24.86
CA VAL W 54 -25.13 2.64 -26.16
C VAL W 54 -25.20 1.13 -26.31
N GLN W 55 -24.14 0.44 -25.88
CA GLN W 55 -24.01 -1.01 -25.89
C GLN W 55 -25.16 -1.69 -25.17
N PHE W 56 -25.43 -1.29 -23.91
CA PHE W 56 -26.52 -1.84 -23.11
C PHE W 56 -27.89 -1.48 -23.68
N ALA W 57 -28.17 -0.19 -23.93
CA ALA W 57 -29.46 0.24 -24.46
C ALA W 57 -29.83 -0.43 -25.77
N GLU W 58 -28.88 -0.53 -26.72
CA GLU W 58 -29.16 -1.16 -28.00
C GLU W 58 -29.38 -2.66 -27.89
N TYR W 59 -28.69 -3.36 -26.97
CA TYR W 59 -28.93 -4.80 -26.76
C TYR W 59 -30.41 -5.03 -26.33
N ILE W 60 -30.88 -4.27 -25.34
CA ILE W 60 -32.25 -4.37 -24.88
C ILE W 60 -33.24 -4.02 -26.01
N GLN W 61 -32.97 -2.94 -26.77
CA GLN W 61 -33.80 -2.49 -27.89
C GLN W 61 -34.04 -3.60 -28.91
N LYS W 62 -32.96 -4.23 -29.42
CA LYS W 62 -33.00 -5.30 -30.40
C LYS W 62 -33.71 -6.57 -29.85
N ASN W 63 -33.59 -6.83 -28.54
CA ASN W 63 -34.29 -7.96 -27.91
C ASN W 63 -35.78 -7.67 -27.75
N VAL W 64 -36.15 -6.40 -27.45
CA VAL W 64 -37.56 -5.98 -27.39
C VAL W 64 -38.17 -6.05 -28.81
N GLN W 65 -37.35 -5.73 -29.84
CA GLN W 65 -37.74 -5.80 -31.24
C GLN W 65 -37.88 -7.25 -31.70
N LEU W 66 -36.98 -8.13 -31.23
CA LEU W 66 -37.06 -9.55 -31.52
C LEU W 66 -38.34 -10.14 -30.89
N TYR W 67 -38.79 -9.61 -29.73
CA TYR W 67 -40.03 -10.08 -29.10
C TYR W 67 -41.20 -9.70 -30.00
N LYS W 68 -41.22 -8.46 -30.51
CA LYS W 68 -42.29 -7.99 -31.37
C LYS W 68 -42.39 -8.85 -32.62
N MET W 69 -41.23 -9.16 -33.24
CA MET W 69 -41.23 -9.97 -34.45
C MET W 69 -41.62 -11.42 -34.15
N ARG W 70 -41.14 -11.97 -33.05
CA ARG W 70 -41.40 -13.35 -32.66
C ARG W 70 -42.85 -13.62 -32.31
N ASN W 71 -43.53 -12.67 -31.63
CA ASN W 71 -44.86 -12.91 -31.10
C ASN W 71 -46.02 -12.12 -31.72
N GLY W 72 -45.72 -11.06 -32.46
CA GLY W 72 -46.76 -10.28 -33.12
C GLY W 72 -47.29 -9.12 -32.30
N TYR W 73 -46.94 -9.08 -31.02
CA TYR W 73 -47.32 -8.00 -30.12
C TYR W 73 -46.09 -7.54 -29.33
N GLU W 74 -46.16 -6.35 -28.74
CA GLU W 74 -45.01 -5.79 -28.03
C GLU W 74 -45.04 -6.10 -26.53
N LEU W 75 -43.88 -5.92 -25.88
CA LEU W 75 -43.78 -6.08 -24.44
C LEU W 75 -44.49 -4.90 -23.78
N SER W 76 -45.01 -5.11 -22.57
CA SER W 76 -45.63 -4.00 -21.84
C SER W 76 -44.50 -3.21 -21.17
N PRO W 77 -44.69 -1.92 -20.85
CA PRO W 77 -43.63 -1.18 -20.13
C PRO W 77 -43.11 -1.92 -18.88
N THR W 78 -43.99 -2.66 -18.18
CA THR W 78 -43.62 -3.45 -16.99
C THR W 78 -42.71 -4.63 -17.38
N ALA W 79 -43.13 -5.44 -18.37
CA ALA W 79 -42.31 -6.57 -18.81
C ALA W 79 -40.98 -6.09 -19.40
N ALA W 80 -41.00 -4.93 -20.11
CA ALA W 80 -39.80 -4.36 -20.72
C ALA W 80 -38.84 -3.78 -19.66
N ALA W 81 -39.39 -3.28 -18.53
CA ALA W 81 -38.59 -2.76 -17.42
C ALA W 81 -37.96 -3.93 -16.65
N ASN W 82 -38.74 -5.01 -16.42
CA ASN W 82 -38.25 -6.18 -15.69
C ASN W 82 -37.24 -6.99 -16.51
N PHE W 83 -37.39 -7.01 -17.86
CA PHE W 83 -36.45 -7.63 -18.75
C PHE W 83 -35.18 -6.79 -18.72
N THR W 84 -35.27 -5.44 -18.76
CA THR W 84 -34.06 -4.57 -18.66
C THR W 84 -33.33 -4.84 -17.33
N ARG W 85 -34.10 -4.98 -16.25
CA ARG W 85 -33.62 -5.28 -14.92
C ARG W 85 -32.92 -6.63 -14.80
N ARG W 86 -33.48 -7.67 -15.44
CA ARG W 86 -32.88 -9.00 -15.39
C ARG W 86 -31.49 -9.01 -16.02
N ASN W 87 -31.34 -8.39 -17.18
CA ASN W 87 -30.05 -8.33 -17.86
C ASN W 87 -29.02 -7.51 -17.13
N LEU W 88 -29.41 -6.31 -16.65
CA LEU W 88 -28.47 -5.48 -15.92
C LEU W 88 -27.99 -6.17 -14.66
N ALA W 89 -28.92 -6.77 -13.87
CA ALA W 89 -28.61 -7.48 -12.62
C ALA W 89 -27.78 -8.75 -12.85
N ASP W 90 -27.97 -9.40 -14.00
CA ASP W 90 -27.22 -10.62 -14.34
C ASP W 90 -25.76 -10.33 -14.68
N CYS W 91 -25.45 -9.13 -15.19
CA CYS W 91 -24.07 -8.74 -15.49
C CYS W 91 -23.32 -8.20 -14.28
N LEU W 92 -24.05 -7.74 -13.24
CA LEU W 92 -23.53 -7.18 -12.00
C LEU W 92 -22.37 -7.96 -11.37
N ARG W 93 -22.50 -9.27 -11.19
CA ARG W 93 -21.42 -10.06 -10.58
C ARG W 93 -20.48 -10.75 -11.61
N SER W 94 -20.64 -10.38 -12.90
CA SER W 94 -19.86 -10.90 -14.02
C SER W 94 -18.61 -10.04 -14.24
N ARG W 95 -17.73 -10.50 -15.16
CA ARG W 95 -16.47 -9.82 -15.50
C ARG W 95 -16.74 -8.43 -16.09
N THR W 96 -17.83 -8.33 -16.91
CA THR W 96 -18.29 -7.13 -17.62
C THR W 96 -19.60 -6.47 -17.05
N PRO W 97 -19.54 -5.79 -15.90
CA PRO W 97 -20.74 -5.10 -15.41
C PRO W 97 -20.95 -3.80 -16.17
N TYR W 98 -22.20 -3.44 -16.42
CA TYR W 98 -22.51 -2.20 -17.11
C TYR W 98 -22.71 -1.05 -16.13
N HIS W 99 -21.98 0.07 -16.34
CA HIS W 99 -22.23 1.24 -15.52
C HIS W 99 -23.23 2.10 -16.26
N VAL W 100 -24.50 1.74 -16.18
CA VAL W 100 -25.55 2.51 -16.82
C VAL W 100 -26.64 2.87 -15.83
N ASN W 101 -27.16 4.08 -15.93
CA ASN W 101 -28.25 4.57 -15.10
C ASN W 101 -29.35 4.93 -16.06
N LEU W 102 -30.57 4.47 -15.81
CA LEU W 102 -31.65 4.70 -16.77
C LEU W 102 -33.05 4.95 -16.17
N LEU W 103 -33.95 5.44 -17.04
CA LEU W 103 -35.36 5.64 -16.81
C LEU W 103 -36.12 4.97 -17.99
N LEU W 104 -37.18 4.19 -17.70
CA LEU W 104 -37.98 3.58 -18.76
C LEU W 104 -39.35 4.21 -18.66
N ALA W 105 -39.76 4.93 -19.70
CA ALA W 105 -41.09 5.53 -19.74
C ALA W 105 -41.91 4.74 -20.74
N GLY W 106 -43.22 4.66 -20.53
CA GLY W 106 -44.08 3.90 -21.43
C GLY W 106 -45.54 4.06 -21.16
N TYR W 107 -46.38 3.65 -22.12
CA TYR W 107 -47.83 3.70 -21.92
C TYR W 107 -48.46 2.34 -22.22
N ASP W 108 -49.15 1.75 -21.23
CA ASP W 108 -49.81 0.46 -21.45
C ASP W 108 -51.31 0.69 -21.63
N GLU W 109 -51.93 -0.03 -22.59
CA GLU W 109 -53.37 0.09 -22.83
C GLU W 109 -54.20 -0.37 -21.61
N HIS W 110 -53.66 -1.29 -20.80
CA HIS W 110 -54.36 -1.81 -19.63
C HIS W 110 -53.94 -1.12 -18.34
N GLU W 111 -52.62 -0.86 -18.15
CA GLU W 111 -52.17 -0.28 -16.87
C GLU W 111 -51.92 1.24 -16.88
N GLY W 112 -51.93 1.85 -18.07
CA GLY W 112 -51.73 3.28 -18.21
C GLY W 112 -50.29 3.73 -18.27
N PRO W 113 -50.01 4.98 -17.89
CA PRO W 113 -48.62 5.48 -17.97
C PRO W 113 -47.75 4.96 -16.84
N ALA W 114 -46.52 4.55 -17.15
CA ALA W 114 -45.61 4.06 -16.12
C ALA W 114 -44.21 4.63 -16.34
N LEU W 115 -43.56 5.04 -15.25
CA LEU W 115 -42.21 5.57 -15.31
C LEU W 115 -41.37 4.74 -14.32
N TYR W 116 -40.26 4.17 -14.78
CA TYR W 116 -39.40 3.35 -13.91
C TYR W 116 -38.02 3.93 -13.73
N TYR W 117 -37.47 3.76 -12.55
CA TYR W 117 -36.14 4.23 -12.22
C TYR W 117 -35.26 3.00 -12.02
N MET W 118 -34.08 3.02 -12.62
CA MET W 118 -33.12 1.93 -12.42
C MET W 118 -31.70 2.48 -12.26
N ASP W 119 -30.99 2.11 -11.16
CA ASP W 119 -29.60 2.55 -11.02
C ASP W 119 -28.66 1.46 -11.59
N TYR W 120 -27.34 1.73 -11.67
CA TYR W 120 -26.43 0.73 -12.27
C TYR W 120 -26.40 -0.59 -11.53
N LEU W 121 -26.83 -0.60 -10.26
CA LEU W 121 -26.91 -1.85 -9.49
C LEU W 121 -28.11 -2.73 -9.89
N ALA W 122 -29.07 -2.18 -10.66
CA ALA W 122 -30.29 -2.79 -11.17
C ALA W 122 -31.40 -2.91 -10.12
N ALA W 123 -31.60 -1.86 -9.34
CA ALA W 123 -32.72 -1.79 -8.42
C ALA W 123 -33.80 -1.13 -9.29
N LEU W 124 -35.03 -1.65 -9.26
CA LEU W 124 -36.09 -1.11 -10.09
C LEU W 124 -37.17 -0.53 -9.23
N ALA W 125 -37.52 0.72 -9.53
CA ALA W 125 -38.50 1.45 -8.73
C ALA W 125 -39.49 2.11 -9.65
N LYS W 126 -40.79 2.05 -9.34
CA LYS W 126 -41.80 2.76 -10.13
C LYS W 126 -42.04 4.07 -9.41
N ALA W 127 -41.90 5.20 -10.09
CA ALA W 127 -42.03 6.50 -9.46
C ALA W 127 -42.95 7.40 -10.24
N PRO W 128 -43.65 8.33 -9.56
CA PRO W 128 -44.48 9.29 -10.29
C PRO W 128 -43.62 10.28 -11.09
N PHE W 129 -42.40 10.59 -10.61
CA PHE W 129 -41.40 11.43 -11.24
C PHE W 129 -39.98 10.97 -10.79
N ALA W 130 -38.96 11.14 -11.64
CA ALA W 130 -37.60 10.72 -11.30
C ALA W 130 -36.53 11.54 -12.06
N ALA W 131 -35.28 11.48 -11.59
CA ALA W 131 -34.19 12.16 -12.24
C ALA W 131 -32.87 11.44 -11.94
N HIS W 132 -31.99 11.41 -12.94
CA HIS W 132 -30.67 10.79 -12.82
C HIS W 132 -29.60 11.88 -13.04
N GLY W 133 -28.44 11.68 -12.43
CA GLY W 133 -27.33 12.61 -12.58
C GLY W 133 -27.21 13.62 -11.45
N TYR W 134 -26.10 14.40 -11.41
CA TYR W 134 -25.91 15.42 -10.37
C TYR W 134 -27.06 16.44 -10.36
N GLY W 135 -27.65 16.69 -11.53
CA GLY W 135 -28.80 17.59 -11.69
C GLY W 135 -29.99 17.18 -10.84
N ALA W 136 -30.16 15.88 -10.59
CA ALA W 136 -31.25 15.37 -9.75
C ALA W 136 -31.18 15.93 -8.34
N PHE W 137 -29.98 16.28 -7.85
CA PHE W 137 -29.85 16.87 -6.51
C PHE W 137 -30.46 18.27 -6.44
N LEU W 138 -30.43 19.01 -7.55
CA LEU W 138 -30.98 20.36 -7.63
C LEU W 138 -32.49 20.42 -8.08
N THR W 139 -33.04 19.32 -8.60
CA THR W 139 -34.38 19.32 -9.18
C THR W 139 -35.42 18.40 -8.55
N LEU W 140 -34.99 17.38 -7.79
CA LEU W 140 -35.95 16.46 -7.15
C LEU W 140 -36.84 17.21 -6.18
N SER W 141 -36.30 18.24 -5.50
CA SER W 141 -37.06 19.05 -4.55
C SER W 141 -37.98 20.03 -5.26
N ILE W 142 -37.64 20.51 -6.47
CA ILE W 142 -38.57 21.35 -7.23
C ILE W 142 -39.79 20.50 -7.63
N LEU W 143 -39.53 19.25 -8.10
CA LEU W 143 -40.59 18.30 -8.44
C LEU W 143 -41.41 17.92 -7.19
N ASP W 144 -40.76 17.75 -6.01
CA ASP W 144 -41.45 17.42 -4.75
C ASP W 144 -42.47 18.50 -4.42
N ARG W 145 -42.05 19.77 -4.57
CA ARG W 145 -42.80 20.98 -4.32
C ARG W 145 -44.04 21.14 -5.21
N TYR W 146 -43.87 21.13 -6.51
CA TYR W 146 -44.95 21.41 -7.44
C TYR W 146 -45.66 20.22 -8.09
N TYR W 147 -45.07 19.02 -8.11
CA TYR W 147 -45.74 17.86 -8.73
C TYR W 147 -47.01 17.46 -7.98
N THR W 148 -48.10 17.23 -8.74
CA THR W 148 -49.41 16.69 -8.31
C THR W 148 -49.77 15.57 -9.29
N PRO W 149 -50.48 14.51 -8.87
CA PRO W 149 -50.77 13.40 -9.81
C PRO W 149 -51.73 13.73 -10.94
N THR W 150 -52.50 14.83 -10.81
CA THR W 150 -53.42 15.26 -11.86
C THR W 150 -52.78 16.29 -12.81
N ILE W 151 -51.45 16.50 -12.73
CA ILE W 151 -50.72 17.48 -13.53
C ILE W 151 -50.96 17.30 -15.06
N SER W 152 -51.55 18.33 -15.72
CA SER W 152 -51.78 18.24 -17.17
C SER W 152 -50.44 18.32 -17.90
N ARG W 153 -50.37 17.82 -19.15
CA ARG W 153 -49.10 17.82 -19.88
C ARG W 153 -48.54 19.22 -20.06
N GLU W 154 -49.41 20.21 -20.32
CA GLU W 154 -49.02 21.61 -20.48
C GLU W 154 -48.35 22.14 -19.22
N ARG W 155 -48.87 21.72 -18.04
CA ARG W 155 -48.36 22.10 -16.73
C ARG W 155 -47.07 21.36 -16.45
N ALA W 156 -46.99 20.08 -16.80
CA ALA W 156 -45.79 19.30 -16.59
C ALA W 156 -44.62 19.85 -17.38
N VAL W 157 -44.88 20.47 -18.55
CA VAL W 157 -43.84 21.10 -19.36
C VAL W 157 -43.34 22.40 -18.66
N GLU W 158 -44.24 23.13 -17.98
CA GLU W 158 -43.80 24.30 -17.21
C GLU W 158 -42.97 23.88 -15.98
N LEU W 159 -43.28 22.70 -15.42
CA LEU W 159 -42.56 22.12 -14.29
C LEU W 159 -41.19 21.67 -14.75
N LEU W 160 -41.13 20.95 -15.86
CA LEU W 160 -39.88 20.50 -16.45
C LEU W 160 -38.97 21.73 -16.79
N ARG W 161 -39.59 22.84 -17.26
CA ARG W 161 -38.92 24.10 -17.58
C ARG W 161 -38.34 24.71 -16.31
N LYS W 162 -39.05 24.60 -15.17
CA LYS W 162 -38.56 25.14 -13.90
C LYS W 162 -37.31 24.35 -13.47
N CYS W 163 -37.29 23.01 -13.71
CA CYS W 163 -36.15 22.14 -13.37
C CYS W 163 -34.97 22.41 -14.28
N LEU W 164 -35.21 22.60 -15.58
CA LEU W 164 -34.14 22.87 -16.52
C LEU W 164 -33.56 24.26 -16.32
N GLU W 165 -34.40 25.24 -15.98
CA GLU W 165 -33.95 26.60 -15.66
C GLU W 165 -33.06 26.55 -14.40
N GLU W 166 -33.40 25.69 -13.42
CA GLU W 166 -32.61 25.54 -12.19
C GLU W 166 -31.21 25.05 -12.47
N LEU W 167 -31.05 24.19 -13.47
CA LEU W 167 -29.75 23.68 -13.85
C LEU W 167 -28.89 24.79 -14.53
N GLN W 168 -29.54 25.76 -15.18
CA GLN W 168 -28.81 26.87 -15.79
C GLN W 168 -28.30 27.82 -14.71
N LYS W 169 -29.12 28.05 -13.66
CA LYS W 169 -28.79 28.99 -12.60
C LYS W 169 -27.75 28.44 -11.66
N ARG W 170 -27.88 27.16 -11.26
CA ARG W 170 -26.99 26.60 -10.25
C ARG W 170 -26.08 25.48 -10.64
N PHE W 171 -26.34 24.76 -11.74
CA PHE W 171 -25.47 23.63 -12.07
C PHE W 171 -24.16 24.09 -12.69
N ILE W 172 -23.00 23.59 -12.19
CA ILE W 172 -21.71 24.00 -12.74
C ILE W 172 -21.46 23.49 -14.15
N LEU W 173 -22.23 22.49 -14.61
CA LEU W 173 -22.08 21.98 -15.95
C LEU W 173 -22.93 22.71 -16.95
N ASN W 174 -22.39 22.90 -18.13
CA ASN W 174 -23.03 23.55 -19.24
C ASN W 174 -23.91 22.48 -19.91
N LEU W 175 -25.23 22.57 -19.69
CA LEU W 175 -26.26 21.69 -20.26
C LEU W 175 -27.29 22.66 -20.81
N PRO W 176 -27.08 23.19 -22.02
CA PRO W 176 -27.99 24.23 -22.53
C PRO W 176 -29.18 23.76 -23.37
N THR W 177 -29.14 22.54 -23.91
CA THR W 177 -30.26 22.01 -24.71
C THR W 177 -30.72 20.67 -24.18
N PHE W 178 -32.01 20.36 -24.34
CA PHE W 178 -32.59 19.12 -23.85
C PHE W 178 -33.60 18.55 -24.82
N SER W 179 -33.63 17.22 -25.00
CA SER W 179 -34.62 16.53 -25.84
C SER W 179 -35.91 16.41 -25.02
N VAL W 180 -37.09 16.73 -25.58
CA VAL W 180 -38.34 16.55 -24.83
C VAL W 180 -39.33 15.67 -25.61
N ARG W 181 -39.94 14.69 -24.96
CA ARG W 181 -40.85 13.76 -25.62
C ARG W 181 -41.97 13.34 -24.66
N ILE W 182 -43.21 13.10 -25.16
CA ILE W 182 -44.34 12.63 -24.34
C ILE W 182 -44.80 11.26 -24.88
N ILE W 183 -45.04 10.27 -23.99
CA ILE W 183 -45.61 8.98 -24.42
C ILE W 183 -47.06 8.94 -23.95
N ASP W 184 -48.03 8.63 -24.82
CA ASP W 184 -49.44 8.59 -24.41
C ASP W 184 -50.21 7.42 -25.11
N LYS W 185 -51.56 7.47 -25.20
CA LYS W 185 -52.37 6.44 -25.88
C LYS W 185 -52.04 6.29 -27.35
N ASN W 186 -51.49 7.34 -27.97
CA ASN W 186 -51.17 7.30 -29.39
C ASN W 186 -49.68 7.10 -29.69
N GLY W 187 -48.88 6.76 -28.68
CA GLY W 187 -47.46 6.50 -28.87
C GLY W 187 -46.54 7.61 -28.40
N ILE W 188 -45.30 7.65 -28.96
CA ILE W 188 -44.23 8.61 -28.64
C ILE W 188 -44.36 9.88 -29.48
N HIS W 189 -44.50 11.03 -28.84
CA HIS W 189 -44.64 12.30 -29.54
C HIS W 189 -43.43 13.17 -29.27
N ASP W 190 -42.72 13.61 -30.32
CA ASP W 190 -41.56 14.49 -30.12
C ASP W 190 -42.06 15.92 -29.84
N LEU W 191 -41.64 16.53 -28.72
CA LEU W 191 -41.96 17.93 -28.43
C LEU W 191 -40.76 18.82 -28.78
N ASP W 192 -40.95 20.16 -28.78
CA ASP W 192 -39.85 21.08 -29.07
C ASP W 192 -38.75 20.94 -28.01
N ASN W 193 -37.49 21.07 -28.44
CA ASN W 193 -36.38 20.95 -27.50
C ASN W 193 -36.37 22.16 -26.58
N ILE W 194 -36.15 21.95 -25.28
CA ILE W 194 -36.06 23.07 -24.34
C ILE W 194 -34.64 23.58 -24.47
N SER W 195 -34.47 24.79 -25.02
CA SER W 195 -33.12 25.33 -25.21
C SER W 195 -32.88 26.62 -24.40
N PHE W 196 -31.60 26.89 -24.10
CA PHE W 196 -31.16 28.06 -23.32
C PHE W 196 -30.06 28.85 -24.06
N PRO W 197 -30.52 29.86 -24.82
CA PRO W 197 -29.58 30.61 -25.66
C PRO W 197 -29.29 32.00 -25.10
N THR X 1 -0.76 14.05 -30.43
CA THR X 1 -1.50 14.01 -31.68
C THR X 1 -2.55 15.09 -31.73
N THR X 2 -2.94 15.48 -32.93
CA THR X 2 -4.01 16.42 -33.18
C THR X 2 -4.61 15.94 -34.50
N THR X 3 -5.82 15.40 -34.45
CA THR X 3 -6.55 15.03 -35.65
C THR X 3 -7.80 15.89 -35.67
N LEU X 4 -8.27 16.26 -36.83
CA LEU X 4 -9.52 17.03 -36.97
C LEU X 4 -10.23 16.64 -38.25
N ALA X 5 -11.55 16.80 -38.25
CA ALA X 5 -12.35 16.53 -39.43
C ALA X 5 -13.62 17.35 -39.38
N PHE X 6 -13.99 17.96 -40.51
CA PHE X 6 -15.22 18.75 -40.56
C PHE X 6 -15.94 18.68 -41.90
N LYS X 7 -17.24 18.51 -41.82
CA LYS X 7 -18.10 18.51 -42.98
C LYS X 7 -18.28 19.98 -43.37
N PHE X 8 -18.59 20.22 -44.64
CA PHE X 8 -18.83 21.55 -45.19
C PHE X 8 -19.48 21.41 -46.60
N GLN X 9 -19.83 22.55 -47.24
CA GLN X 9 -20.49 22.57 -48.56
C GLN X 9 -19.89 21.63 -49.57
N HIS X 10 -18.55 21.54 -49.60
CA HIS X 10 -17.88 20.76 -50.61
C HIS X 10 -17.33 19.41 -50.15
N GLY X 11 -17.84 18.86 -49.04
CA GLY X 11 -17.41 17.55 -48.60
C GLY X 11 -16.91 17.48 -47.17
N VAL X 12 -15.86 16.69 -46.92
CA VAL X 12 -15.33 16.54 -45.56
C VAL X 12 -13.83 16.73 -45.57
N ILE X 13 -13.32 17.65 -44.76
CA ILE X 13 -11.88 17.86 -44.65
C ILE X 13 -11.35 17.02 -43.46
N ALA X 14 -10.25 16.26 -43.64
CA ALA X 14 -9.65 15.47 -42.56
C ALA X 14 -8.15 15.76 -42.48
N ALA X 15 -7.69 16.34 -41.39
CA ALA X 15 -6.27 16.68 -41.24
C ALA X 15 -5.68 16.07 -39.97
N VAL X 16 -4.42 15.61 -40.07
CA VAL X 16 -3.71 14.98 -38.98
C VAL X 16 -2.32 15.55 -38.80
N ASP X 17 -1.85 15.46 -37.60
CA ASP X 17 -0.53 15.78 -37.11
C ASP X 17 0.42 14.59 -37.58
N SER X 18 1.74 14.58 -37.24
CA SER X 18 2.59 13.42 -37.59
C SER X 18 3.57 12.99 -36.50
N ARG X 19 3.43 13.48 -35.25
CA ARG X 19 4.33 13.18 -34.13
C ARG X 19 3.98 11.94 -33.32
N ALA X 20 5.02 11.14 -32.99
CA ALA X 20 4.91 9.95 -32.13
C ALA X 20 5.94 10.16 -31.04
N SER X 21 5.53 10.01 -29.77
CA SER X 21 6.44 10.27 -28.66
C SER X 21 6.45 9.17 -27.62
N ALA X 22 7.56 9.02 -26.92
CA ALA X 22 7.71 8.03 -25.88
C ALA X 22 8.27 8.78 -24.70
N GLY X 23 7.37 9.23 -23.82
CA GLY X 23 7.73 10.10 -22.70
C GLY X 23 7.94 11.46 -23.33
N SER X 24 9.10 12.10 -23.10
CA SER X 24 9.40 13.38 -23.73
C SER X 24 10.23 13.23 -25.01
N TYR X 25 10.65 12.01 -25.36
CA TYR X 25 11.42 11.74 -26.55
C TYR X 25 10.52 11.70 -27.77
N ILE X 26 10.97 12.24 -28.91
CA ILE X 26 10.18 12.14 -30.14
C ILE X 26 10.73 10.93 -30.89
N SER X 27 9.94 9.85 -30.89
CA SER X 27 10.24 8.58 -31.55
C SER X 27 10.18 8.70 -33.08
N ALA X 28 9.27 9.54 -33.57
CA ALA X 28 9.08 9.75 -34.99
C ALA X 28 8.61 11.17 -35.24
N LEU X 29 9.36 11.88 -36.07
CA LEU X 29 9.02 13.24 -36.47
C LEU X 29 7.83 13.20 -37.47
N ARG X 30 7.82 12.20 -38.36
CA ARG X 30 6.75 12.00 -39.32
C ARG X 30 6.22 10.56 -39.32
N VAL X 31 4.94 10.43 -38.98
CA VAL X 31 4.21 9.14 -38.98
C VAL X 31 2.86 9.38 -39.68
N ASN X 32 2.41 8.43 -40.49
CA ASN X 32 1.17 8.57 -41.22
C ASN X 32 0.04 8.20 -40.27
N LYS X 33 -0.78 9.18 -39.92
CA LYS X 33 -1.89 8.97 -39.00
C LYS X 33 -3.22 8.88 -39.72
N VAL X 34 -3.24 8.51 -41.00
CA VAL X 34 -4.43 8.34 -41.80
C VAL X 34 -4.33 7.00 -42.55
N ILE X 35 -5.31 6.13 -42.37
CA ILE X 35 -5.36 4.87 -43.10
C ILE X 35 -6.34 5.08 -44.27
N GLU X 36 -5.92 4.77 -45.51
CA GLU X 36 -6.81 4.91 -46.65
C GLU X 36 -7.44 3.55 -46.84
N ILE X 37 -8.63 3.34 -46.26
CA ILE X 37 -9.29 2.03 -46.29
C ILE X 37 -9.70 1.63 -47.69
N ASN X 38 -10.31 2.58 -48.38
CA ASN X 38 -10.73 2.46 -49.77
C ASN X 38 -10.81 3.89 -50.39
N PRO X 39 -10.94 4.03 -51.73
CA PRO X 39 -10.99 5.37 -52.31
C PRO X 39 -12.07 6.29 -51.73
N TYR X 40 -13.05 5.73 -51.01
CA TYR X 40 -14.15 6.49 -50.42
C TYR X 40 -14.14 6.48 -48.90
N LEU X 41 -13.18 5.80 -48.24
CA LEU X 41 -13.20 5.68 -46.78
C LEU X 41 -11.82 5.86 -46.14
N LEU X 42 -11.69 6.81 -45.21
CA LEU X 42 -10.46 7.14 -44.46
C LEU X 42 -10.66 6.94 -42.94
N GLY X 43 -9.56 6.71 -42.23
CA GLY X 43 -9.59 6.62 -40.78
C GLY X 43 -8.44 7.39 -40.19
N THR X 44 -8.69 8.28 -39.22
CA THR X 44 -7.60 9.03 -38.55
C THR X 44 -7.15 8.26 -37.29
N MET X 45 -5.91 8.47 -36.85
CA MET X 45 -5.40 7.75 -35.69
C MET X 45 -4.79 8.63 -34.60
N SER X 46 -5.11 8.32 -33.35
CA SER X 46 -4.58 8.95 -32.15
C SER X 46 -4.61 7.96 -30.98
N GLY X 47 -3.70 8.10 -30.03
CA GLY X 47 -3.58 7.21 -28.90
C GLY X 47 -2.36 6.31 -28.98
N CYS X 48 -2.56 5.02 -28.72
CA CYS X 48 -1.46 4.06 -28.73
C CYS X 48 -1.21 3.71 -30.19
N ALA X 49 0.03 3.83 -30.64
CA ALA X 49 0.38 3.57 -32.01
C ALA X 49 0.04 2.15 -32.50
N ALA X 50 0.38 1.10 -31.72
CA ALA X 50 0.13 -0.28 -32.10
C ALA X 50 -1.35 -0.56 -32.16
N ASP X 51 -2.13 -0.03 -31.21
CA ASP X 51 -3.57 -0.19 -31.17
C ASP X 51 -4.17 0.44 -32.40
N CYS X 52 -3.76 1.67 -32.73
CA CYS X 52 -4.23 2.39 -33.92
C CYS X 52 -3.96 1.56 -35.18
N GLN X 53 -2.69 1.23 -35.46
CA GLN X 53 -2.32 0.48 -36.62
C GLN X 53 -3.03 -0.86 -36.74
N TYR X 54 -2.97 -1.73 -35.70
CA TYR X 54 -3.61 -3.04 -35.78
C TYR X 54 -5.12 -2.97 -35.91
N TRP X 55 -5.79 -2.21 -35.05
CA TRP X 55 -7.24 -2.15 -35.07
C TRP X 55 -7.79 -1.55 -36.35
N GLU X 56 -7.20 -0.46 -36.85
CA GLU X 56 -7.69 0.13 -38.09
C GLU X 56 -7.38 -0.77 -39.30
N ARG X 57 -6.25 -1.49 -39.28
CA ARG X 57 -5.94 -2.45 -40.33
C ARG X 57 -6.93 -3.63 -40.32
N LEU X 58 -7.48 -3.96 -39.14
CA LEU X 58 -8.47 -5.02 -38.96
C LEU X 58 -9.83 -4.55 -39.53
N LEU X 59 -10.18 -3.27 -39.35
CA LEU X 59 -11.41 -2.71 -39.92
C LEU X 59 -11.28 -2.74 -41.44
N ALA X 60 -10.11 -2.32 -41.98
CA ALA X 60 -9.81 -2.33 -43.41
C ALA X 60 -9.96 -3.74 -43.99
N LYS X 61 -9.45 -4.77 -43.29
CA LYS X 61 -9.56 -6.15 -43.74
C LYS X 61 -11.06 -6.55 -43.81
N GLU X 62 -11.84 -6.15 -42.82
CA GLU X 62 -13.26 -6.46 -42.78
C GLU X 62 -14.06 -5.68 -43.84
N CYS X 63 -13.60 -4.47 -44.18
CA CYS X 63 -14.21 -3.62 -45.20
C CYS X 63 -13.96 -4.26 -46.56
N ARG X 64 -12.72 -4.72 -46.79
CA ARG X 64 -12.34 -5.40 -48.02
C ARG X 64 -13.07 -6.70 -48.17
N LEU X 65 -13.23 -7.43 -47.09
CA LEU X 65 -13.95 -8.69 -47.10
C LEU X 65 -15.44 -8.49 -47.40
N TYR X 66 -16.01 -7.36 -46.98
CA TYR X 66 -17.40 -6.99 -47.21
C TYR X 66 -17.64 -6.78 -48.70
N TYR X 67 -16.72 -6.05 -49.36
CA TYR X 67 -16.79 -5.74 -50.79
C TYR X 67 -16.76 -7.03 -51.64
N LEU X 68 -15.91 -7.98 -51.26
CA LEU X 68 -15.83 -9.25 -51.96
C LEU X 68 -17.12 -10.04 -51.80
N ARG X 69 -17.75 -9.98 -50.62
CA ARG X 69 -19.00 -10.70 -50.37
C ARG X 69 -20.23 -10.11 -51.05
N ASN X 70 -20.41 -8.78 -50.96
CA ASN X 70 -21.60 -8.10 -51.48
C ASN X 70 -21.45 -7.40 -52.85
N GLY X 71 -20.22 -7.13 -53.26
CA GLY X 71 -19.99 -6.40 -54.51
C GLY X 71 -20.25 -4.89 -54.40
N GLU X 72 -20.51 -4.41 -53.18
CA GLU X 72 -20.76 -3.02 -52.82
C GLU X 72 -19.74 -2.61 -51.74
N ARG X 73 -19.45 -1.31 -51.65
CA ARG X 73 -18.54 -0.82 -50.62
C ARG X 73 -19.32 -0.74 -49.28
N ILE X 74 -18.62 -0.92 -48.16
CA ILE X 74 -19.25 -0.80 -46.85
C ILE X 74 -19.67 0.66 -46.64
N SER X 75 -20.76 0.89 -45.88
CA SER X 75 -21.19 2.26 -45.59
C SER X 75 -20.34 2.83 -44.45
N VAL X 76 -20.30 4.16 -44.33
CA VAL X 76 -19.53 4.80 -43.26
C VAL X 76 -20.08 4.38 -41.89
N SER X 77 -21.43 4.21 -41.77
CA SER X 77 -22.11 3.77 -40.55
C SER X 77 -21.77 2.34 -40.14
N ALA X 78 -21.58 1.44 -41.11
CA ALA X 78 -21.26 0.05 -40.81
C ALA X 78 -19.79 -0.11 -40.43
N ALA X 79 -18.88 0.64 -41.10
CA ALA X 79 -17.44 0.63 -40.83
C ALA X 79 -17.15 1.25 -39.47
N SER X 80 -17.83 2.36 -39.11
CA SER X 80 -17.61 2.98 -37.81
C SER X 80 -18.19 2.09 -36.70
N LYS X 81 -19.39 1.50 -36.94
CA LYS X 81 -20.01 0.59 -35.99
C LYS X 81 -19.20 -0.69 -35.80
N LEU X 82 -18.55 -1.16 -36.86
CA LEU X 82 -17.69 -2.32 -36.83
C LEU X 82 -16.51 -2.09 -35.87
N LEU X 83 -15.79 -0.97 -36.04
CA LEU X 83 -14.65 -0.58 -35.21
C LEU X 83 -15.04 -0.45 -33.73
N SER X 84 -16.15 0.26 -33.42
CA SER X 84 -16.57 0.38 -32.03
C SER X 84 -16.94 -0.96 -31.41
N ASN X 85 -17.45 -1.93 -32.19
CA ASN X 85 -17.76 -3.24 -31.64
C ASN X 85 -16.46 -3.99 -31.28
N MET X 86 -15.39 -3.81 -32.09
CA MET X 86 -14.09 -4.42 -31.82
C MET X 86 -13.54 -3.88 -30.50
N MET X 87 -13.65 -2.56 -30.30
CA MET X 87 -13.19 -1.85 -29.11
C MET X 87 -13.94 -2.37 -27.87
N CYS X 88 -15.27 -2.55 -28.03
CA CYS X 88 -16.18 -3.04 -27.00
C CYS X 88 -15.81 -4.42 -26.55
N GLN X 89 -15.39 -5.30 -27.45
CA GLN X 89 -14.96 -6.64 -27.04
C GLN X 89 -13.73 -6.58 -26.12
N TYR X 90 -12.88 -5.55 -26.27
CA TYR X 90 -11.67 -5.42 -25.47
C TYR X 90 -11.79 -4.33 -24.43
N ARG X 91 -12.96 -4.26 -23.78
CA ARG X 91 -13.22 -3.25 -22.76
C ARG X 91 -12.51 -3.63 -21.47
N GLY X 92 -11.79 -2.65 -20.93
CA GLY X 92 -11.00 -2.85 -19.71
C GLY X 92 -9.61 -3.39 -19.96
N MET X 93 -9.28 -3.69 -21.24
CA MET X 93 -7.97 -4.22 -21.64
C MET X 93 -6.88 -3.18 -21.72
N GLY X 94 -7.23 -1.90 -21.68
CA GLY X 94 -6.25 -0.84 -21.73
C GLY X 94 -5.91 -0.32 -23.11
N LEU X 95 -6.74 -0.63 -24.15
CA LEU X 95 -6.46 -0.12 -25.50
C LEU X 95 -6.61 1.40 -25.49
N SER X 96 -5.87 2.08 -26.32
CA SER X 96 -5.95 3.53 -26.42
C SER X 96 -6.08 3.81 -27.91
N MET X 97 -7.29 4.15 -28.37
CA MET X 97 -7.55 4.36 -29.79
C MET X 97 -8.64 5.45 -30.05
N GLY X 98 -8.24 6.56 -30.65
CA GLY X 98 -9.17 7.64 -30.97
C GLY X 98 -9.15 7.91 -32.45
N SER X 99 -10.24 7.58 -33.13
CA SER X 99 -10.27 7.70 -34.59
C SER X 99 -11.51 8.34 -35.14
N MET X 100 -11.43 8.87 -36.35
CA MET X 100 -12.57 9.42 -37.03
C MET X 100 -12.71 8.70 -38.36
N ILE X 101 -13.84 7.99 -38.55
CA ILE X 101 -14.16 7.26 -39.76
C ILE X 101 -14.85 8.23 -40.72
N CYS X 102 -14.10 8.70 -41.69
CA CYS X 102 -14.57 9.72 -42.62
C CYS X 102 -14.73 9.17 -44.05
N GLY X 103 -15.91 9.32 -44.65
CA GLY X 103 -16.14 8.80 -45.99
C GLY X 103 -17.31 9.39 -46.75
N TRP X 104 -17.74 8.69 -47.79
CA TRP X 104 -18.87 9.11 -48.59
C TRP X 104 -19.58 7.85 -49.06
N ASP X 105 -20.90 7.76 -48.83
CA ASP X 105 -21.66 6.58 -49.23
C ASP X 105 -23.03 6.98 -49.86
N LYS X 106 -23.97 6.01 -50.00
CA LYS X 106 -25.30 6.25 -50.56
C LYS X 106 -26.11 7.34 -49.80
N LYS X 107 -25.65 7.76 -48.60
CA LYS X 107 -26.34 8.79 -47.85
C LYS X 107 -25.51 10.08 -47.69
N GLY X 108 -24.60 10.33 -48.63
CA GLY X 108 -23.77 11.53 -48.62
C GLY X 108 -22.50 11.39 -47.79
N PRO X 109 -21.90 12.53 -47.40
CA PRO X 109 -20.67 12.48 -46.59
C PRO X 109 -20.93 11.90 -45.22
N GLY X 110 -19.93 11.25 -44.65
CA GLY X 110 -20.07 10.64 -43.34
C GLY X 110 -18.87 10.85 -42.47
N LEU X 111 -19.10 11.27 -41.23
CA LEU X 111 -18.01 11.48 -40.28
C LEU X 111 -18.44 10.96 -38.94
N TYR X 112 -17.66 10.03 -38.37
CA TYR X 112 -17.95 9.42 -37.08
C TYR X 112 -16.72 9.48 -36.20
N TYR X 113 -16.92 9.70 -34.91
CA TYR X 113 -15.83 9.67 -33.94
C TYR X 113 -15.99 8.34 -33.23
N VAL X 114 -14.90 7.56 -33.15
CA VAL X 114 -14.90 6.29 -32.46
C VAL X 114 -13.76 6.23 -31.41
N ASP X 115 -14.08 5.65 -30.28
CA ASP X 115 -13.29 5.52 -29.05
C ASP X 115 -12.93 4.09 -28.74
N GLU X 116 -11.91 3.89 -27.90
CA GLU X 116 -11.59 2.57 -27.34
C GLU X 116 -12.66 2.09 -26.37
N HIS X 117 -13.48 3.03 -25.83
CA HIS X 117 -14.60 2.77 -24.94
C HIS X 117 -15.83 2.24 -25.66
N GLY X 118 -15.86 2.43 -26.98
CA GLY X 118 -16.99 2.06 -27.80
C GLY X 118 -17.93 3.23 -28.03
N THR X 119 -17.41 4.45 -27.89
CA THR X 119 -18.20 5.64 -28.18
C THR X 119 -18.29 5.73 -29.71
N ARG X 120 -19.46 6.03 -30.22
CA ARG X 120 -19.68 6.16 -31.64
C ARG X 120 -20.64 7.31 -31.87
N LEU X 121 -20.07 8.43 -32.32
CA LEU X 121 -20.84 9.63 -32.53
C LEU X 121 -20.79 10.02 -33.98
N SER X 122 -21.95 10.35 -34.56
CA SER X 122 -21.97 10.95 -35.89
C SER X 122 -22.03 12.46 -35.63
N GLY X 123 -21.31 13.22 -36.43
CA GLY X 123 -21.26 14.66 -36.27
C GLY X 123 -20.61 15.33 -37.44
N ASN X 124 -20.71 16.66 -37.50
CA ASN X 124 -20.11 17.39 -38.61
C ASN X 124 -18.77 18.04 -38.25
N MET X 125 -18.29 17.86 -37.01
CA MET X 125 -16.99 18.39 -36.62
C MET X 125 -16.45 17.65 -35.38
N PHE X 126 -15.25 17.07 -35.48
CA PHE X 126 -14.59 16.42 -34.35
C PHE X 126 -13.09 16.73 -34.33
N SER X 127 -12.43 16.47 -33.19
CA SER X 127 -11.00 16.66 -33.02
C SER X 127 -10.55 15.70 -31.92
N THR X 128 -9.48 14.95 -32.17
CA THR X 128 -8.96 13.97 -31.21
C THR X 128 -7.46 14.18 -30.97
N GLY X 129 -6.97 13.68 -29.85
CA GLY X 129 -5.56 13.77 -29.53
C GLY X 129 -5.24 14.72 -28.39
N SER X 130 -3.99 14.69 -27.97
CA SER X 130 -3.47 15.55 -26.91
C SER X 130 -3.60 17.05 -27.20
N GLY X 131 -3.78 17.43 -28.45
CA GLY X 131 -3.90 18.83 -28.84
C GLY X 131 -5.24 19.19 -29.43
N ASN X 132 -6.26 18.32 -29.24
CA ASN X 132 -7.60 18.56 -29.76
C ASN X 132 -8.22 19.90 -29.31
N THR X 133 -8.03 20.31 -28.05
CA THR X 133 -8.57 21.61 -27.57
C THR X 133 -8.05 22.81 -28.38
N TYR X 134 -6.75 22.81 -28.71
CA TYR X 134 -6.16 23.90 -29.48
C TYR X 134 -6.77 23.91 -30.89
N ALA X 135 -6.94 22.70 -31.49
CA ALA X 135 -7.52 22.53 -32.82
C ALA X 135 -8.97 22.95 -32.86
N TYR X 136 -9.75 22.67 -31.80
CA TYR X 136 -11.16 23.02 -31.71
C TYR X 136 -11.30 24.56 -31.69
N GLY X 137 -10.46 25.24 -30.91
CA GLY X 137 -10.44 26.69 -30.82
C GLY X 137 -10.26 27.39 -32.15
N VAL X 138 -9.26 26.97 -32.94
CA VAL X 138 -8.99 27.59 -34.24
C VAL X 138 -10.04 27.21 -35.27
N MET X 139 -10.45 25.96 -35.27
CA MET X 139 -11.47 25.45 -36.18
C MET X 139 -12.81 26.18 -35.93
N ASP X 140 -13.30 26.21 -34.69
CA ASP X 140 -14.57 26.86 -34.37
C ASP X 140 -14.62 28.32 -34.80
N SER X 141 -13.53 29.07 -34.59
CA SER X 141 -13.44 30.48 -34.92
C SER X 141 -13.65 30.84 -36.40
N GLY X 142 -13.03 30.07 -37.29
CA GLY X 142 -13.14 30.35 -38.71
C GLY X 142 -14.09 29.48 -39.50
N TYR X 143 -14.87 28.64 -38.82
CA TYR X 143 -15.76 27.72 -39.51
C TYR X 143 -17.07 28.32 -39.96
N ARG X 144 -17.38 28.16 -41.26
CA ARG X 144 -18.66 28.49 -41.88
C ARG X 144 -19.02 27.31 -42.79
N PRO X 145 -20.30 26.87 -42.84
CA PRO X 145 -20.62 25.72 -43.70
C PRO X 145 -20.42 25.97 -45.19
N ASN X 146 -20.38 27.25 -45.61
CA ASN X 146 -20.22 27.68 -47.00
C ASN X 146 -18.75 27.99 -47.40
N LEU X 147 -17.77 27.39 -46.70
CA LEU X 147 -16.34 27.61 -46.97
C LEU X 147 -15.91 27.03 -48.32
N SER X 148 -15.07 27.77 -49.07
CA SER X 148 -14.49 27.32 -50.34
C SER X 148 -13.62 26.11 -50.06
N PRO X 149 -13.31 25.23 -51.05
CA PRO X 149 -12.37 24.13 -50.77
C PRO X 149 -11.02 24.69 -50.29
N GLU X 150 -10.48 25.72 -50.98
CA GLU X 150 -9.23 26.37 -50.57
C GLU X 150 -9.32 27.08 -49.20
N GLU X 151 -10.48 27.66 -48.86
CA GLU X 151 -10.67 28.31 -47.56
C GLU X 151 -10.71 27.26 -46.42
N ALA X 152 -11.30 26.08 -46.70
CA ALA X 152 -11.39 24.95 -45.78
C ALA X 152 -10.00 24.34 -45.57
N TYR X 153 -9.19 24.25 -46.64
CA TYR X 153 -7.80 23.74 -46.55
C TYR X 153 -6.98 24.65 -45.61
N ASP X 154 -7.27 25.98 -45.57
CA ASP X 154 -6.56 26.88 -44.68
C ASP X 154 -7.03 26.68 -43.26
N LEU X 155 -8.34 26.50 -43.05
CA LEU X 155 -8.89 26.27 -41.72
C LEU X 155 -8.33 24.98 -41.13
N GLY X 156 -8.23 23.92 -41.93
CA GLY X 156 -7.69 22.65 -41.45
C GLY X 156 -6.20 22.67 -41.23
N ARG X 157 -5.50 23.45 -42.04
CA ARG X 157 -4.06 23.61 -42.01
C ARG X 157 -3.65 24.38 -40.73
N ARG X 158 -4.30 25.54 -40.50
CA ARG X 158 -4.07 26.41 -39.36
C ARG X 158 -4.48 25.75 -38.05
N ALA X 159 -5.60 25.01 -38.03
CA ALA X 159 -6.04 24.34 -36.82
C ALA X 159 -4.99 23.35 -36.28
N ILE X 160 -4.38 22.55 -37.17
CA ILE X 160 -3.32 21.61 -36.81
C ILE X 160 -2.05 22.37 -36.50
N ALA X 161 -1.59 23.31 -37.39
CA ALA X 161 -0.40 24.15 -37.14
C ALA X 161 -0.38 24.83 -35.76
N TYR X 162 -1.49 25.47 -35.33
CA TYR X 162 -1.53 26.13 -34.02
C TYR X 162 -1.53 25.16 -32.86
N ALA X 163 -2.14 23.97 -33.05
CA ALA X 163 -2.16 22.89 -32.06
C ALA X 163 -0.74 22.33 -31.88
N THR X 164 0.04 22.21 -32.96
CA THR X 164 1.43 21.75 -32.85
C THR X 164 2.33 22.74 -32.12
N HIS X 165 2.01 24.04 -32.23
CA HIS X 165 2.68 25.12 -31.53
C HIS X 165 2.52 24.96 -30.01
N ARG X 166 1.29 24.78 -29.50
CA ARG X 166 1.08 24.73 -28.05
C ARG X 166 1.21 23.32 -27.43
N ASP X 167 0.80 22.25 -28.16
CA ASP X 167 0.87 20.87 -27.67
C ASP X 167 2.23 20.21 -27.94
N SER X 168 2.99 19.89 -26.88
CA SER X 168 4.30 19.25 -27.03
C SER X 168 4.26 17.85 -27.65
N TYR X 169 3.09 17.20 -27.62
CA TYR X 169 2.94 15.87 -28.20
C TYR X 169 2.39 15.94 -29.63
N SER X 170 2.45 17.13 -30.28
CA SER X 170 2.04 17.35 -31.67
C SER X 170 3.09 18.19 -32.38
N GLY X 171 3.39 17.83 -33.60
CA GLY X 171 4.36 18.50 -34.46
C GLY X 171 4.58 17.79 -35.79
N GLY X 172 5.73 18.01 -36.41
CA GLY X 172 6.06 17.36 -37.68
C GLY X 172 5.43 17.98 -38.92
N VAL X 173 4.48 17.26 -39.56
CA VAL X 173 3.77 17.71 -40.79
C VAL X 173 2.24 17.60 -40.65
N VAL X 174 1.49 18.28 -41.52
CA VAL X 174 0.03 18.18 -41.55
C VAL X 174 -0.25 17.32 -42.75
N ASN X 175 -0.99 16.21 -42.57
CA ASN X 175 -1.41 15.42 -43.71
C ASN X 175 -2.93 15.67 -43.81
N MET X 176 -3.35 16.32 -44.90
CA MET X 176 -4.74 16.70 -45.06
C MET X 176 -5.37 16.07 -46.30
N TYR X 177 -6.60 15.56 -46.11
CA TYR X 177 -7.39 14.92 -47.15
C TYR X 177 -8.73 15.68 -47.32
N HIS X 178 -9.27 15.68 -48.53
CA HIS X 178 -10.56 16.28 -48.82
C HIS X 178 -11.42 15.14 -49.37
N MET X 179 -12.51 14.80 -48.67
CA MET X 179 -13.44 13.75 -49.07
C MET X 179 -14.52 14.32 -49.98
N LYS X 180 -14.49 13.95 -51.25
CA LYS X 180 -15.47 14.41 -52.23
C LYS X 180 -16.45 13.26 -52.60
N GLU X 181 -17.44 13.54 -53.47
CA GLU X 181 -18.45 12.59 -53.88
C GLU X 181 -17.86 11.39 -54.61
N ASP X 182 -16.76 11.61 -55.38
CA ASP X 182 -16.12 10.51 -56.09
C ASP X 182 -14.77 10.10 -55.48
N GLY X 183 -14.71 10.12 -54.15
CA GLY X 183 -13.55 9.70 -53.40
C GLY X 183 -12.76 10.84 -52.79
N TRP X 184 -11.74 10.49 -51.99
CA TRP X 184 -10.89 11.49 -51.34
C TRP X 184 -9.71 11.89 -52.24
N VAL X 185 -9.11 13.06 -51.95
CA VAL X 185 -7.91 13.53 -52.60
C VAL X 185 -6.97 14.02 -51.51
N LYS X 186 -5.76 13.49 -51.43
CA LYS X 186 -4.77 13.92 -50.44
C LYS X 186 -4.28 15.31 -50.87
N VAL X 187 -4.75 16.35 -50.18
CA VAL X 187 -4.47 17.75 -50.47
C VAL X 187 -3.01 18.12 -50.31
N GLU X 188 -2.41 17.83 -49.16
CA GLU X 188 -1.01 18.22 -48.92
C GLU X 188 -0.40 17.46 -47.74
N SER X 189 0.93 17.55 -47.61
CA SER X 189 1.74 16.99 -46.54
C SER X 189 2.76 18.12 -46.30
N THR X 190 2.41 19.05 -45.42
CA THR X 190 3.14 20.29 -45.19
C THR X 190 3.75 20.41 -43.81
N ASP X 191 5.01 20.82 -43.73
CA ASP X 191 5.70 21.03 -42.47
C ASP X 191 5.00 22.07 -41.63
N VAL X 192 4.52 21.70 -40.43
CA VAL X 192 3.81 22.61 -39.52
C VAL X 192 4.68 23.78 -39.02
N SER X 193 6.00 23.56 -38.83
CA SER X 193 6.86 24.64 -38.35
C SER X 193 7.09 25.67 -39.43
N ASP X 194 7.24 25.22 -40.68
CA ASP X 194 7.40 26.12 -41.82
C ASP X 194 6.16 27.00 -42.03
N LEU X 195 4.96 26.50 -41.64
CA LEU X 195 3.69 27.20 -41.72
C LEU X 195 3.65 28.21 -40.59
N LEU X 196 4.00 27.82 -39.35
CA LEU X 196 4.03 28.73 -38.20
C LEU X 196 4.97 29.90 -38.45
N HIS X 197 6.09 29.66 -39.16
CA HIS X 197 7.02 30.73 -39.51
C HIS X 197 6.38 31.67 -40.53
N GLN X 198 5.59 31.13 -41.45
CA GLN X 198 4.87 31.89 -42.46
C GLN X 198 3.85 32.81 -41.80
N TYR X 199 3.21 32.36 -40.72
CA TYR X 199 2.25 33.18 -40.01
C TYR X 199 2.96 34.29 -39.21
N ARG X 200 4.11 33.96 -38.60
CA ARG X 200 4.89 34.91 -37.79
C ARG X 200 5.49 36.01 -38.66
N GLU X 201 6.08 35.62 -39.82
CA GLU X 201 6.68 36.56 -40.79
C GLU X 201 5.64 37.57 -41.26
N ALA X 202 4.35 37.18 -41.28
CA ALA X 202 3.20 38.00 -41.65
C ALA X 202 2.79 38.96 -40.53
N ASN X 203 3.77 39.53 -39.81
CA ASN X 203 3.61 40.52 -38.73
C ASN X 203 4.82 41.49 -38.71
N THR Y 1 32.21 3.40 -9.86
CA THR Y 1 33.51 3.72 -9.32
C THR Y 1 34.26 2.47 -8.89
N THR Y 2 35.59 2.48 -9.03
CA THR Y 2 36.43 1.42 -8.50
C THR Y 2 37.54 2.14 -7.77
N ILE Y 3 37.48 2.16 -6.44
CA ILE Y 3 38.54 2.79 -5.64
C ILE Y 3 39.22 1.71 -4.82
N ALA Y 4 40.54 1.79 -4.66
CA ALA Y 4 41.26 0.73 -3.97
C ALA Y 4 42.45 1.20 -3.16
N GLY Y 5 42.80 0.42 -2.15
CA GLY Y 5 43.95 0.72 -1.31
C GLY Y 5 44.85 -0.47 -1.05
N LEU Y 6 46.08 -0.19 -0.66
CA LEU Y 6 47.09 -1.20 -0.43
C LEU Y 6 48.11 -0.72 0.58
N VAL Y 7 48.63 -1.61 1.44
CA VAL Y 7 49.68 -1.23 2.37
C VAL Y 7 50.91 -2.06 2.04
N PHE Y 8 51.95 -1.40 1.50
CA PHE Y 8 53.20 -2.07 1.13
C PHE Y 8 54.32 -1.83 2.18
N GLN Y 9 55.53 -2.35 1.93
CA GLN Y 9 56.66 -2.26 2.86
C GLN Y 9 57.03 -0.85 3.29
N ASP Y 10 56.93 0.13 2.38
CA ASP Y 10 57.29 1.50 2.72
C ASP Y 10 56.12 2.52 2.69
N GLY Y 11 54.88 2.06 2.68
CA GLY Y 11 53.75 2.99 2.67
C GLY Y 11 52.40 2.45 2.20
N VAL Y 12 51.64 3.31 1.53
CA VAL Y 12 50.30 3.04 1.05
C VAL Y 12 50.13 3.46 -0.42
N ILE Y 13 49.37 2.70 -1.21
CA ILE Y 13 49.05 3.10 -2.58
C ILE Y 13 47.51 3.24 -2.66
N LEU Y 14 47.03 4.31 -3.30
CA LEU Y 14 45.59 4.52 -3.45
C LEU Y 14 45.28 4.58 -4.92
N GLY Y 15 44.28 3.86 -5.39
CA GLY Y 15 43.92 3.86 -6.80
C GLY Y 15 42.49 4.26 -7.02
N ALA Y 16 42.22 4.84 -8.19
CA ALA Y 16 40.85 5.27 -8.53
C ALA Y 16 40.65 5.34 -10.04
N ASP Y 17 39.42 5.13 -10.50
CA ASP Y 17 39.11 5.30 -11.92
C ASP Y 17 38.69 6.79 -12.14
N THR Y 18 38.30 7.15 -13.36
CA THR Y 18 37.95 8.51 -13.69
C THR Y 18 36.54 8.65 -14.26
N ARG Y 19 35.64 7.68 -14.01
CA ARG Y 19 34.27 7.78 -14.51
C ARG Y 19 33.25 8.31 -13.50
N ALA Y 20 32.45 9.29 -13.95
CA ALA Y 20 31.32 9.82 -13.23
C ALA Y 20 30.14 9.50 -14.11
N THR Y 21 29.15 8.85 -13.57
CA THR Y 21 27.96 8.45 -14.31
C THR Y 21 26.69 9.13 -13.82
N ASN Y 22 25.85 9.55 -14.74
CA ASN Y 22 24.56 10.12 -14.42
C ASN Y 22 23.47 9.22 -15.07
N ASP Y 23 23.09 8.14 -14.37
CA ASP Y 23 22.05 7.21 -14.82
C ASP Y 23 22.34 6.57 -16.19
N SER Y 24 23.30 5.60 -16.22
CA SER Y 24 23.73 4.88 -17.44
C SER Y 24 24.36 5.74 -18.55
N VAL Y 25 24.60 7.02 -18.30
CA VAL Y 25 25.25 7.91 -19.26
C VAL Y 25 26.52 8.39 -18.62
N VAL Y 26 27.64 8.28 -19.31
CA VAL Y 26 28.91 8.78 -18.78
C VAL Y 26 28.88 10.31 -18.83
N ALA Y 27 28.94 10.98 -17.68
CA ALA Y 27 28.95 12.45 -17.66
C ALA Y 27 30.38 12.98 -17.77
N ASP Y 28 31.31 12.38 -17.02
CA ASP Y 28 32.70 12.80 -17.06
C ASP Y 28 33.56 11.60 -17.37
N LYS Y 29 34.46 11.75 -18.36
CA LYS Y 29 35.38 10.67 -18.69
C LYS Y 29 36.61 10.72 -17.78
N SER Y 30 36.94 11.89 -17.16
CA SER Y 30 38.09 11.96 -16.26
C SER Y 30 37.91 12.91 -15.07
N CYS Y 31 37.30 12.40 -14.01
CA CYS Y 31 37.15 13.14 -12.75
C CYS Y 31 38.26 12.70 -11.77
N GLU Y 32 38.50 13.50 -10.71
CA GLU Y 32 39.55 13.17 -9.74
C GLU Y 32 38.92 12.60 -8.49
N LYS Y 33 39.07 11.30 -8.27
CA LYS Y 33 38.51 10.65 -7.11
C LYS Y 33 39.49 10.56 -5.92
N ILE Y 34 40.80 10.81 -6.14
CA ILE Y 34 41.80 10.79 -5.06
C ILE Y 34 41.98 12.23 -4.56
N HIS Y 35 41.54 12.48 -3.33
CA HIS Y 35 41.58 13.81 -2.74
C HIS Y 35 42.57 13.98 -1.63
N PHE Y 36 43.15 15.16 -1.52
CA PHE Y 36 44.09 15.52 -0.46
C PHE Y 36 43.36 15.77 0.88
N ILE Y 37 43.92 15.27 2.00
CA ILE Y 37 43.44 15.56 3.37
C ILE Y 37 44.56 16.38 4.06
N ALA Y 38 45.78 15.84 4.03
CA ALA Y 38 46.97 16.42 4.59
C ALA Y 38 48.13 16.00 3.68
N PRO Y 39 49.31 16.62 3.80
CA PRO Y 39 50.44 16.20 2.95
C PRO Y 39 50.66 14.69 2.85
N LYS Y 40 50.54 13.95 3.97
CA LYS Y 40 50.72 12.49 3.94
C LYS Y 40 49.44 11.69 4.22
N ILE Y 41 48.25 12.27 3.92
CA ILE Y 41 46.97 11.60 4.04
C ILE Y 41 46.12 11.93 2.80
N TYR Y 42 45.72 10.91 2.06
CA TYR Y 42 44.83 11.08 0.93
C TYR Y 42 43.57 10.20 1.11
N CYS Y 43 42.50 10.48 0.37
CA CYS Y 43 41.24 9.79 0.51
C CYS Y 43 40.57 9.56 -0.85
N CYS Y 44 40.06 8.36 -1.10
CA CYS Y 44 39.34 8.07 -2.34
C CYS Y 44 37.86 8.16 -2.02
N GLY Y 45 37.09 8.79 -2.88
CA GLY Y 45 35.65 8.89 -2.66
C GLY Y 45 34.83 8.12 -3.69
N ALA Y 46 33.75 7.46 -3.25
CA ALA Y 46 32.87 6.73 -4.15
C ALA Y 46 31.42 6.92 -3.66
N GLY Y 47 30.47 7.07 -4.57
CA GLY Y 47 29.07 7.26 -4.22
C GLY Y 47 28.50 8.51 -4.82
N VAL Y 48 27.73 9.27 -4.05
CA VAL Y 48 27.18 10.55 -4.51
C VAL Y 48 28.36 11.51 -4.58
N ALA Y 49 28.74 11.93 -5.79
CA ALA Y 49 29.92 12.75 -5.99
C ALA Y 49 29.98 14.03 -5.20
N ALA Y 50 28.83 14.66 -4.91
CA ALA Y 50 28.84 15.90 -4.12
C ALA Y 50 29.13 15.59 -2.65
N ASP Y 51 28.64 14.46 -2.15
CA ASP Y 51 28.83 14.02 -0.77
C ASP Y 51 30.27 13.62 -0.54
N ALA Y 52 30.88 12.93 -1.51
CA ALA Y 52 32.28 12.54 -1.39
C ALA Y 52 33.18 13.82 -1.46
N GLU Y 53 32.85 14.75 -2.38
CA GLU Y 53 33.56 15.99 -2.56
C GLU Y 53 33.53 16.85 -1.31
N MET Y 54 32.34 17.09 -0.76
CA MET Y 54 32.21 17.95 0.40
C MET Y 54 32.69 17.30 1.70
N THR Y 55 32.50 15.98 1.92
CA THR Y 55 32.97 15.41 3.19
C THR Y 55 34.52 15.32 3.22
N THR Y 56 35.14 15.14 2.04
CA THR Y 56 36.62 15.17 1.91
C THR Y 56 37.15 16.59 2.16
N ARG Y 57 36.49 17.60 1.58
CA ARG Y 57 36.86 19.00 1.70
C ARG Y 57 36.78 19.45 3.16
N MET Y 58 35.72 19.05 3.88
CA MET Y 58 35.49 19.44 5.26
C MET Y 58 36.52 18.87 6.21
N VAL Y 59 36.86 17.59 6.06
CA VAL Y 59 37.86 16.93 6.91
C VAL Y 59 39.26 17.43 6.59
N ALA Y 60 39.55 17.79 5.31
CA ALA Y 60 40.89 18.33 4.96
C ALA Y 60 41.09 19.67 5.65
N SER Y 61 40.02 20.52 5.65
CA SER Y 61 39.96 21.83 6.27
C SER Y 61 40.07 21.68 7.80
N LYS Y 62 39.39 20.69 8.38
CA LYS Y 62 39.48 20.43 9.82
C LYS Y 62 40.88 19.95 10.18
N MET Y 63 41.52 19.16 9.30
CA MET Y 63 42.89 18.71 9.55
C MET Y 63 43.92 19.84 9.40
N GLU Y 64 43.61 20.91 8.62
CA GLU Y 64 44.53 22.03 8.55
C GLU Y 64 44.45 22.76 9.86
N LEU Y 65 43.22 23.02 10.38
CA LEU Y 65 43.06 23.65 11.68
C LEU Y 65 43.69 22.79 12.80
N HIS Y 66 43.59 21.45 12.68
CA HIS Y 66 44.21 20.57 13.67
C HIS Y 66 45.75 20.75 13.71
N ALA Y 67 46.42 20.49 12.58
CA ALA Y 67 47.85 20.63 12.41
C ALA Y 67 48.39 22.03 12.76
N LEU Y 68 47.65 23.10 12.42
CA LEU Y 68 48.10 24.46 12.72
C LEU Y 68 48.16 24.67 14.23
N SER Y 69 47.16 24.17 14.94
CA SER Y 69 47.08 24.29 16.38
C SER Y 69 48.12 23.41 17.08
N THR Y 70 48.20 22.12 16.75
CA THR Y 70 49.11 21.17 17.38
C THR Y 70 50.56 21.38 17.03
N GLY Y 71 50.80 21.85 15.81
CA GLY Y 71 52.14 22.03 15.28
C GLY Y 71 52.77 20.72 14.84
N ARG Y 72 51.95 19.67 14.69
CA ARG Y 72 52.43 18.34 14.31
C ARG Y 72 51.78 17.85 13.02
N GLU Y 73 52.36 16.79 12.41
CA GLU Y 73 51.75 16.15 11.25
C GLU Y 73 50.48 15.47 11.75
N PRO Y 74 49.38 15.53 11.00
CA PRO Y 74 48.14 14.88 11.45
C PRO Y 74 48.23 13.36 11.47
N ARG Y 75 47.43 12.71 12.31
CA ARG Y 75 47.40 11.26 12.38
C ARG Y 75 46.24 10.73 11.52
N VAL Y 76 46.42 9.57 10.88
CA VAL Y 76 45.34 8.96 10.07
C VAL Y 76 44.14 8.55 10.96
N ALA Y 77 44.36 8.27 12.26
CA ALA Y 77 43.26 7.94 13.17
C ALA Y 77 42.31 9.11 13.32
N THR Y 78 42.86 10.35 13.32
CA THR Y 78 42.08 11.58 13.47
C THR Y 78 41.16 11.75 12.28
N VAL Y 79 41.67 11.60 11.04
CA VAL Y 79 40.82 11.74 9.85
C VAL Y 79 39.73 10.68 9.83
N THR Y 80 40.03 9.45 10.28
CA THR Y 80 39.03 8.38 10.37
C THR Y 80 37.94 8.74 11.36
N ARG Y 81 38.33 9.27 12.54
CA ARG Y 81 37.36 9.60 13.54
C ARG Y 81 36.51 10.77 13.16
N ILE Y 82 37.12 11.87 12.72
CA ILE Y 82 36.37 13.06 12.28
C ILE Y 82 35.31 12.69 11.22
N LEU Y 83 35.72 11.85 10.23
CA LEU Y 83 34.86 11.35 9.16
C LEU Y 83 33.73 10.51 9.71
N ARG Y 84 34.02 9.48 10.54
CA ARG Y 84 32.98 8.61 11.07
C ARG Y 84 31.94 9.30 11.88
N GLN Y 85 32.35 10.14 12.83
CA GLN Y 85 31.42 10.85 13.69
C GLN Y 85 30.52 11.79 12.89
N THR Y 86 30.99 12.32 11.74
CA THR Y 86 30.19 13.17 10.87
C THR Y 86 29.21 12.32 10.08
N LEU Y 87 29.69 11.25 9.44
CA LEU Y 87 28.80 10.38 8.68
C LEU Y 87 27.74 9.70 9.55
N PHE Y 88 28.09 9.24 10.76
CA PHE Y 88 27.14 8.60 11.66
C PHE Y 88 26.02 9.52 12.03
N ARG Y 89 26.35 10.76 12.30
CA ARG Y 89 25.38 11.79 12.64
C ARG Y 89 24.31 11.96 11.52
N TYR Y 90 24.72 11.75 10.26
CA TYR Y 90 23.80 11.90 9.11
C TYR Y 90 23.05 10.60 8.79
N GLN Y 91 23.40 9.52 9.48
CA GLN Y 91 22.71 8.20 9.37
C GLN Y 91 22.69 7.64 7.95
N GLY Y 92 23.77 7.79 7.19
CA GLY Y 92 23.86 7.22 5.83
C GLY Y 92 23.27 8.08 4.73
N HIS Y 93 22.72 9.24 5.06
CA HIS Y 93 22.17 10.17 4.06
C HIS Y 93 23.26 10.95 3.33
N VAL Y 94 24.46 11.03 3.91
CA VAL Y 94 25.59 11.55 3.21
C VAL Y 94 26.25 10.28 2.60
N GLY Y 95 26.01 10.06 1.32
CA GLY Y 95 26.45 8.86 0.60
C GLY Y 95 27.88 8.82 0.10
N ALA Y 96 28.86 8.98 1.02
CA ALA Y 96 30.28 8.92 0.71
C ALA Y 96 30.89 7.65 1.27
N SER Y 97 31.50 6.82 0.41
CA SER Y 97 32.19 5.58 0.76
C SER Y 97 33.65 5.91 0.54
N LEU Y 98 34.47 5.90 1.59
CA LEU Y 98 35.83 6.38 1.48
C LEU Y 98 36.92 5.38 1.81
N ILE Y 99 38.06 5.52 1.13
CA ILE Y 99 39.25 4.75 1.39
C ILE Y 99 40.32 5.77 1.82
N VAL Y 100 40.62 5.81 3.12
CA VAL Y 100 41.62 6.76 3.65
C VAL Y 100 42.95 6.05 3.80
N GLY Y 101 43.98 6.60 3.17
CA GLY Y 101 45.32 6.04 3.26
C GLY Y 101 46.28 7.13 3.64
N GLY Y 102 47.31 6.78 4.39
CA GLY Y 102 48.30 7.76 4.82
C GLY Y 102 49.40 7.24 5.69
N VAL Y 103 50.33 8.15 6.06
CA VAL Y 103 51.49 7.85 6.87
C VAL Y 103 51.65 8.89 7.95
N ASP Y 104 51.77 8.45 9.20
CA ASP Y 104 52.03 9.34 10.33
C ASP Y 104 53.18 8.72 11.19
N LEU Y 105 53.49 9.30 12.38
CA LEU Y 105 54.54 8.78 13.29
C LEU Y 105 54.35 7.28 13.64
N THR Y 106 53.13 6.77 13.48
CA THR Y 106 52.82 5.38 13.79
C THR Y 106 52.78 4.48 12.54
N GLY Y 107 53.42 4.91 11.46
CA GLY Y 107 53.48 4.13 10.24
C GLY Y 107 52.35 4.33 9.25
N PRO Y 108 52.31 3.46 8.23
CA PRO Y 108 51.29 3.61 7.19
C PRO Y 108 50.00 2.92 7.57
N GLN Y 109 48.86 3.53 7.25
CA GLN Y 109 47.58 2.97 7.58
C GLN Y 109 46.59 3.08 6.43
N LEU Y 110 45.70 2.08 6.33
CA LEU Y 110 44.65 2.07 5.31
C LEU Y 110 43.30 1.76 6.00
N TYR Y 111 42.29 2.62 5.77
CA TYR Y 111 40.96 2.49 6.36
C TYR Y 111 39.83 2.56 5.34
N GLY Y 112 38.76 1.81 5.63
CA GLY Y 112 37.55 1.85 4.84
C GLY Y 112 36.49 2.50 5.72
N VAL Y 113 35.85 3.61 5.25
CA VAL Y 113 34.81 4.30 6.01
C VAL Y 113 33.51 4.24 5.18
N HIS Y 114 32.41 3.75 5.77
CA HIS Y 114 31.17 3.59 5.03
C HIS Y 114 30.16 4.73 5.33
N PRO Y 115 29.13 4.96 4.47
CA PRO Y 115 28.23 6.11 4.66
C PRO Y 115 27.52 6.22 6.01
N HIS Y 116 27.25 5.09 6.67
CA HIS Y 116 26.61 5.13 7.97
C HIS Y 116 27.57 5.44 9.12
N GLY Y 117 28.88 5.46 8.87
CA GLY Y 117 29.88 5.78 9.88
C GLY Y 117 30.65 4.62 10.47
N SER Y 118 30.60 3.46 9.82
CA SER Y 118 31.38 2.29 10.29
C SER Y 118 32.72 2.31 9.62
N TYR Y 119 33.75 1.77 10.27
CA TYR Y 119 35.07 1.73 9.67
C TYR Y 119 35.85 0.43 9.99
N SER Y 120 36.88 0.19 9.17
CA SER Y 120 37.78 -0.98 9.36
C SER Y 120 39.22 -0.58 9.00
N ARG Y 121 40.21 -1.09 9.75
CA ARG Y 121 41.61 -0.86 9.43
C ARG Y 121 42.00 -2.13 8.65
N LEU Y 122 42.38 -1.99 7.41
CA LEU Y 122 42.63 -3.11 6.52
C LEU Y 122 44.03 -3.05 5.85
N PRO Y 123 44.62 -4.19 5.43
CA PRO Y 123 45.90 -4.11 4.71
C PRO Y 123 45.73 -3.79 3.21
N PHE Y 124 44.51 -3.99 2.69
CA PHE Y 124 44.06 -3.74 1.33
C PHE Y 124 42.53 -3.66 1.35
N THR Y 125 41.94 -2.82 0.48
CA THR Y 125 40.49 -2.64 0.44
C THR Y 125 40.01 -2.11 -0.91
N ALA Y 126 38.72 -2.21 -1.19
CA ALA Y 126 38.13 -1.70 -2.40
C ALA Y 126 36.69 -1.29 -2.14
N LEU Y 127 36.32 -0.13 -2.65
CA LEU Y 127 34.96 0.38 -2.52
C LEU Y 127 34.44 0.82 -3.91
N GLY Y 128 33.13 1.06 -4.00
CA GLY Y 128 32.47 1.46 -5.24
C GLY Y 128 31.77 0.35 -5.98
N SER Y 129 31.07 0.69 -7.07
CA SER Y 129 30.35 -0.32 -7.85
C SER Y 129 31.24 -1.39 -8.45
N GLY Y 130 32.53 -1.13 -8.55
CA GLY Y 130 33.49 -2.09 -9.10
C GLY Y 130 34.42 -2.66 -8.06
N GLN Y 131 34.09 -2.53 -6.77
CA GLN Y 131 34.91 -3.00 -5.68
C GLN Y 131 35.18 -4.49 -5.73
N ASP Y 132 34.24 -5.32 -6.20
CA ASP Y 132 34.42 -6.77 -6.22
C ASP Y 132 35.45 -7.23 -7.23
N ALA Y 133 35.55 -6.54 -8.37
CA ALA Y 133 36.55 -6.85 -9.37
C ALA Y 133 37.94 -6.51 -8.81
N ALA Y 134 38.07 -5.38 -8.11
CA ALA Y 134 39.32 -4.96 -7.52
C ALA Y 134 39.68 -5.87 -6.32
N LEU Y 135 38.70 -6.19 -5.48
CA LEU Y 135 38.89 -7.03 -4.30
C LEU Y 135 39.29 -8.46 -4.68
N ALA Y 136 38.90 -8.93 -5.89
CA ALA Y 136 39.29 -10.25 -6.39
C ALA Y 136 40.77 -10.24 -6.74
N VAL Y 137 41.24 -9.18 -7.42
CA VAL Y 137 42.65 -9.04 -7.81
C VAL Y 137 43.53 -8.93 -6.55
N LEU Y 138 43.11 -8.09 -5.58
CA LEU Y 138 43.82 -7.93 -4.33
C LEU Y 138 43.89 -9.25 -3.54
N GLU Y 139 42.77 -9.98 -3.41
CA GLU Y 139 42.77 -11.27 -2.69
C GLU Y 139 43.66 -12.28 -3.38
N ASP Y 140 43.60 -12.30 -4.71
CA ASP Y 140 44.34 -13.24 -5.53
C ASP Y 140 45.84 -13.05 -5.48
N ARG Y 141 46.33 -11.79 -5.40
CA ARG Y 141 47.77 -11.57 -5.48
C ARG Y 141 48.38 -10.68 -4.41
N PHE Y 142 47.69 -10.40 -3.29
CA PHE Y 142 48.31 -9.57 -2.24
C PHE Y 142 49.18 -10.43 -1.37
N GLN Y 143 50.39 -9.96 -1.12
CA GLN Y 143 51.34 -10.55 -0.19
C GLN Y 143 51.85 -9.37 0.69
N PRO Y 144 52.03 -9.56 2.01
CA PRO Y 144 52.50 -8.43 2.84
C PRO Y 144 53.93 -8.04 2.53
N ASN Y 145 54.27 -6.76 2.73
CA ASN Y 145 55.61 -6.18 2.50
C ASN Y 145 56.00 -6.14 1.04
N MET Y 146 55.05 -5.86 0.15
CA MET Y 146 55.35 -5.76 -1.27
C MET Y 146 56.24 -4.55 -1.54
N THR Y 147 57.01 -4.60 -2.61
CA THR Y 147 57.86 -3.50 -3.01
C THR Y 147 56.97 -2.43 -3.67
N LEU Y 148 57.43 -1.17 -3.75
CA LEU Y 148 56.65 -0.09 -4.36
C LEU Y 148 56.19 -0.45 -5.79
N GLU Y 149 57.11 -0.98 -6.61
CA GLU Y 149 56.88 -1.38 -7.99
C GLU Y 149 55.86 -2.51 -8.07
N ALA Y 150 55.95 -3.47 -7.15
CA ALA Y 150 55.06 -4.62 -7.06
C ALA Y 150 53.66 -4.20 -6.61
N ALA Y 151 53.59 -3.27 -5.65
CA ALA Y 151 52.33 -2.76 -5.10
C ALA Y 151 51.61 -1.88 -6.10
N GLN Y 152 52.32 -0.99 -6.79
CA GLN Y 152 51.75 -0.16 -7.85
C GLN Y 152 51.13 -1.05 -8.94
N GLY Y 153 51.85 -2.11 -9.33
CA GLY Y 153 51.44 -3.05 -10.37
C GLY Y 153 50.15 -3.75 -10.01
N LEU Y 154 50.03 -4.20 -8.75
CA LEU Y 154 48.86 -4.90 -8.25
C LEU Y 154 47.67 -3.93 -8.15
N LEU Y 155 47.91 -2.72 -7.65
CA LEU Y 155 46.88 -1.71 -7.54
C LEU Y 155 46.30 -1.34 -8.91
N VAL Y 156 47.17 -1.13 -9.92
CA VAL Y 156 46.77 -0.75 -11.28
C VAL Y 156 45.87 -1.85 -11.83
N GLU Y 157 46.30 -3.12 -11.65
CA GLU Y 157 45.54 -4.30 -12.07
C GLU Y 157 44.18 -4.40 -11.38
N ALA Y 158 44.12 -4.02 -10.10
CA ALA Y 158 42.90 -4.09 -9.32
C ALA Y 158 41.90 -3.05 -9.81
N VAL Y 159 42.35 -1.81 -10.00
CA VAL Y 159 41.50 -0.77 -10.55
C VAL Y 159 41.10 -1.11 -12.00
N THR Y 160 42.05 -1.64 -12.81
CA THR Y 160 41.76 -1.98 -14.19
C THR Y 160 40.68 -3.05 -14.31
N ALA Y 161 40.72 -4.08 -13.42
CA ALA Y 161 39.69 -5.12 -13.45
C ALA Y 161 38.31 -4.55 -13.26
N GLY Y 162 38.19 -3.54 -12.41
CA GLY Y 162 36.94 -2.82 -12.18
C GLY Y 162 36.59 -1.95 -13.37
N ILE Y 163 37.60 -1.25 -13.98
CA ILE Y 163 37.33 -0.42 -15.16
C ILE Y 163 36.67 -1.24 -16.31
N LEU Y 164 37.21 -2.43 -16.61
CA LEU Y 164 36.65 -3.24 -17.68
C LEU Y 164 35.41 -4.09 -17.28
N GLY Y 165 35.30 -4.48 -16.00
CA GLY Y 165 34.19 -5.32 -15.55
C GLY Y 165 32.95 -4.60 -15.03
N ASP Y 166 33.10 -3.35 -14.58
CA ASP Y 166 31.98 -2.58 -14.04
C ASP Y 166 31.52 -1.50 -15.02
N LEU Y 167 30.23 -1.53 -15.38
CA LEU Y 167 29.68 -0.50 -16.28
C LEU Y 167 29.69 0.87 -15.64
N GLY Y 168 29.66 0.94 -14.31
CA GLY Y 168 29.73 2.21 -13.57
C GLY Y 168 31.13 2.77 -13.36
N SER Y 169 32.16 2.13 -14.00
CA SER Y 169 33.59 2.42 -13.92
C SER Y 169 34.23 2.42 -15.31
N GLY Y 170 35.23 3.27 -15.45
CA GLY Y 170 35.94 3.42 -16.70
C GLY Y 170 36.99 4.49 -16.64
N GLY Y 171 37.45 4.93 -17.81
CA GLY Y 171 38.48 5.95 -17.88
C GLY Y 171 39.89 5.41 -17.67
N ASN Y 172 40.70 6.18 -16.93
CA ASN Y 172 42.10 5.87 -16.60
C ASN Y 172 42.24 5.47 -15.12
N VAL Y 173 43.41 4.97 -14.76
CA VAL Y 173 43.74 4.62 -13.40
C VAL Y 173 44.60 5.74 -12.81
N ASP Y 174 44.06 6.46 -11.84
CA ASP Y 174 44.79 7.48 -11.08
C ASP Y 174 45.33 6.80 -9.85
N ALA Y 175 46.51 7.19 -9.42
CA ALA Y 175 47.13 6.57 -8.27
C ALA Y 175 47.83 7.58 -7.36
N CYS Y 176 48.07 7.19 -6.11
CA CYS Y 176 48.79 8.02 -5.18
C CYS Y 176 49.64 7.13 -4.30
N VAL Y 177 50.95 7.35 -4.28
CA VAL Y 177 51.85 6.58 -3.42
C VAL Y 177 52.20 7.45 -2.23
N ILE Y 178 52.01 6.95 -1.00
CA ILE Y 178 52.33 7.72 0.20
C ILE Y 178 53.41 6.99 1.00
N THR Y 179 54.53 7.66 1.21
CA THR Y 179 55.65 7.09 1.95
C THR Y 179 56.06 8.03 3.09
N LYS Y 180 57.01 7.62 3.96
CA LYS Y 180 57.45 8.45 5.10
C LYS Y 180 57.90 9.84 4.66
N THR Y 181 58.44 9.96 3.44
CA THR Y 181 58.95 11.22 2.87
C THR Y 181 57.90 12.09 2.10
N GLY Y 182 56.64 11.67 2.07
CA GLY Y 182 55.60 12.42 1.36
C GLY Y 182 54.80 11.62 0.35
N ALA Y 183 53.96 12.31 -0.44
CA ALA Y 183 53.10 11.63 -1.41
C ALA Y 183 53.38 12.00 -2.87
N LYS Y 184 53.36 11.00 -3.77
CA LYS Y 184 53.52 11.23 -5.21
C LYS Y 184 52.19 10.96 -5.90
N LEU Y 185 51.55 12.01 -6.41
CA LEU Y 185 50.25 11.88 -7.07
C LEU Y 185 50.41 11.50 -8.53
N LEU Y 186 50.35 10.20 -8.82
CA LEU Y 186 50.50 9.73 -10.19
C LEU Y 186 49.16 9.78 -10.96
N ARG Y 187 48.80 10.96 -11.52
CA ARG Y 187 47.56 11.06 -12.28
C ARG Y 187 47.75 10.35 -13.60
N THR Y 188 46.67 9.68 -14.07
CA THR Y 188 46.57 8.87 -15.28
C THR Y 188 47.83 7.97 -15.41
N LEU Y 189 48.16 7.25 -14.31
CA LEU Y 189 49.27 6.31 -14.26
C LEU Y 189 49.10 5.21 -15.32
N SER Y 190 47.87 4.79 -15.55
CA SER Y 190 47.54 3.76 -16.54
C SER Y 190 46.30 4.16 -17.34
N SER Y 191 46.25 3.79 -18.61
CA SER Y 191 45.13 4.12 -19.48
C SER Y 191 44.77 2.84 -20.17
N PRO Y 192 43.84 2.06 -19.60
CA PRO Y 192 43.49 0.75 -20.22
C PRO Y 192 42.85 0.82 -21.60
N THR Y 193 42.43 2.01 -22.04
CA THR Y 193 41.83 2.21 -23.37
C THR Y 193 42.76 3.14 -24.17
N GLU Y 194 43.32 2.67 -25.31
CA GLU Y 194 44.19 3.45 -26.19
C GLU Y 194 43.41 4.66 -26.77
N PRO Y 195 44.11 5.79 -27.06
CA PRO Y 195 43.40 7.00 -27.56
C PRO Y 195 42.35 6.75 -28.64
N VAL Y 196 41.07 7.07 -28.32
CA VAL Y 196 39.94 6.83 -29.22
C VAL Y 196 40.01 7.73 -30.46
N LYS Y 197 40.03 7.08 -31.64
CA LYS Y 197 40.13 7.74 -32.93
C LYS Y 197 38.87 7.55 -33.78
N ARG Y 198 38.45 8.64 -34.42
CA ARG Y 198 37.30 8.69 -35.33
C ARG Y 198 37.76 9.35 -36.66
N SER Y 199 36.95 9.21 -37.72
CA SER Y 199 37.25 9.86 -39.00
C SER Y 199 36.31 11.07 -39.17
N GLY Y 200 36.17 11.85 -38.09
CA GLY Y 200 35.30 13.02 -37.94
C GLY Y 200 35.38 14.07 -39.02
N ARG Y 201 34.33 14.12 -39.84
CA ARG Y 201 34.18 15.08 -40.94
C ARG Y 201 32.88 15.85 -40.68
N TYR Y 202 32.77 16.41 -39.49
CA TYR Y 202 31.58 17.14 -39.10
C TYR Y 202 31.83 18.62 -39.04
N HIS Y 203 32.27 19.16 -40.17
CA HIS Y 203 32.51 20.58 -40.30
C HIS Y 203 31.25 21.20 -40.93
N PHE Y 204 30.85 22.37 -40.41
CA PHE Y 204 29.70 23.07 -40.96
C PHE Y 204 30.23 24.34 -41.58
N VAL Y 205 29.89 24.55 -42.85
CA VAL Y 205 30.31 25.73 -43.62
C VAL Y 205 29.68 26.95 -42.97
N PRO Y 206 30.48 28.00 -42.69
CA PRO Y 206 29.92 29.20 -42.08
C PRO Y 206 28.68 29.70 -42.84
N GLY Y 207 27.59 29.93 -42.11
CA GLY Y 207 26.33 30.38 -42.69
C GLY Y 207 25.28 29.29 -42.81
N THR Y 208 25.68 28.00 -42.69
CA THR Y 208 24.71 26.90 -42.81
C THR Y 208 23.61 26.99 -41.76
N THR Y 209 23.94 27.45 -40.52
CA THR Y 209 22.93 27.65 -39.44
C THR Y 209 22.11 28.93 -39.73
N ALA Y 210 20.77 28.79 -39.80
CA ALA Y 210 19.90 29.93 -40.07
C ALA Y 210 19.79 30.81 -38.83
N VAL Y 211 20.29 32.05 -38.93
CA VAL Y 211 20.30 33.00 -37.83
C VAL Y 211 19.17 34.00 -38.02
N LEU Y 212 18.38 34.25 -36.98
CA LEU Y 212 17.26 35.19 -37.05
C LEU Y 212 17.62 36.54 -36.44
N THR Y 213 18.40 36.56 -35.35
CA THR Y 213 18.77 37.76 -34.61
C THR Y 213 20.26 37.77 -34.31
N GLN Y 214 20.91 38.94 -34.36
CA GLN Y 214 22.33 39.05 -34.04
C GLN Y 214 22.63 40.39 -33.46
N THR Y 215 23.18 40.37 -32.23
CA THR Y 215 23.58 41.56 -31.47
C THR Y 215 25.04 41.38 -31.10
N VAL Y 216 25.90 42.41 -31.27
CA VAL Y 216 27.31 42.30 -30.89
C VAL Y 216 27.70 43.33 -29.83
N LYS Y 217 28.16 42.86 -28.68
CA LYS Y 217 28.56 43.71 -27.57
C LYS Y 217 30.07 43.79 -27.49
N PRO Y 218 30.67 44.92 -27.89
CA PRO Y 218 32.14 45.06 -27.76
C PRO Y 218 32.53 45.19 -26.27
N LEU Y 219 33.71 44.67 -25.89
CA LEU Y 219 34.16 44.66 -24.48
C LEU Y 219 35.48 45.39 -24.26
N SER Z 1 -22.05 -36.68 -27.76
CA SER Z 1 -22.71 -36.17 -28.97
C SER Z 1 -22.82 -37.21 -30.09
N TYR Z 2 -23.86 -37.03 -30.93
CA TYR Z 2 -24.20 -37.89 -32.07
C TYR Z 2 -23.41 -37.51 -33.32
N ASP Z 3 -22.29 -38.21 -33.55
CA ASP Z 3 -21.39 -37.96 -34.68
C ASP Z 3 -21.67 -38.97 -35.84
N ARG Z 4 -22.77 -38.77 -36.60
CA ARG Z 4 -23.07 -39.71 -37.66
C ARG Z 4 -23.44 -38.98 -38.91
N ALA Z 5 -22.81 -39.30 -40.04
CA ALA Z 5 -23.09 -38.67 -41.31
C ALA Z 5 -24.50 -39.04 -41.81
N ILE Z 6 -25.41 -38.07 -41.87
CA ILE Z 6 -26.78 -38.33 -42.31
C ILE Z 6 -26.89 -38.10 -43.82
N THR Z 7 -26.43 -36.94 -44.30
CA THR Z 7 -26.48 -36.64 -45.73
C THR Z 7 -25.17 -37.02 -46.40
N VAL Z 8 -25.19 -38.06 -47.23
CA VAL Z 8 -24.00 -38.51 -47.96
C VAL Z 8 -24.28 -38.65 -49.48
N PHE Z 9 -23.21 -38.80 -50.28
CA PHE Z 9 -23.35 -39.00 -51.72
C PHE Z 9 -23.67 -40.46 -52.00
N SER Z 10 -24.61 -40.68 -52.89
CA SER Z 10 -25.01 -41.98 -53.41
C SER Z 10 -24.14 -42.30 -54.64
N PRO Z 11 -24.02 -43.57 -55.09
CA PRO Z 11 -23.11 -43.87 -56.20
C PRO Z 11 -23.32 -43.07 -57.49
N ASP Z 12 -24.54 -42.63 -57.77
CA ASP Z 12 -24.82 -41.81 -58.94
C ASP Z 12 -24.58 -40.28 -58.72
N GLY Z 13 -23.98 -39.90 -57.59
CA GLY Z 13 -23.70 -38.51 -57.28
C GLY Z 13 -24.82 -37.75 -56.63
N HIS Z 14 -25.86 -38.45 -56.14
CA HIS Z 14 -27.00 -37.76 -55.49
C HIS Z 14 -26.83 -37.58 -53.98
N LEU Z 15 -27.48 -36.55 -53.41
CA LEU Z 15 -27.49 -36.39 -51.96
C LEU Z 15 -28.92 -36.80 -51.59
N PHE Z 16 -29.13 -38.10 -51.40
CA PHE Z 16 -30.47 -38.64 -51.17
C PHE Z 16 -31.26 -37.95 -50.06
N GLN Z 17 -30.67 -37.61 -48.89
CA GLN Z 17 -31.42 -36.92 -47.82
C GLN Z 17 -31.98 -35.56 -48.22
N VAL Z 18 -31.32 -34.85 -49.15
CA VAL Z 18 -31.76 -33.55 -49.65
C VAL Z 18 -32.92 -33.72 -50.65
N GLU Z 19 -32.87 -34.78 -51.46
CA GLU Z 19 -33.94 -35.09 -52.40
C GLU Z 19 -35.18 -35.58 -51.63
N TYR Z 20 -34.99 -36.30 -50.52
CA TYR Z 20 -36.11 -36.72 -49.65
C TYR Z 20 -36.68 -35.48 -48.94
N ALA Z 21 -35.82 -34.48 -48.57
CA ALA Z 21 -36.25 -33.22 -47.98
C ALA Z 21 -37.04 -32.41 -49.04
N GLN Z 22 -36.71 -32.52 -50.35
CA GLN Z 22 -37.46 -31.87 -51.42
C GLN Z 22 -38.81 -32.56 -51.66
N GLU Z 23 -38.89 -33.88 -51.41
CA GLU Z 23 -40.16 -34.62 -51.47
C GLU Z 23 -41.09 -34.17 -50.33
N ALA Z 24 -40.54 -33.74 -49.19
CA ALA Z 24 -41.34 -33.21 -48.07
C ALA Z 24 -41.84 -31.79 -48.39
N VAL Z 25 -41.08 -31.00 -49.17
CA VAL Z 25 -41.45 -29.66 -49.59
C VAL Z 25 -42.63 -29.77 -50.55
N LYS Z 26 -42.52 -30.70 -51.52
CA LYS Z 26 -43.54 -31.00 -52.54
C LYS Z 26 -44.89 -31.39 -51.94
N LYS Z 27 -44.91 -31.86 -50.69
CA LYS Z 27 -46.15 -32.24 -50.01
C LYS Z 27 -46.79 -31.11 -49.18
N GLY Z 28 -46.10 -29.98 -49.03
CA GLY Z 28 -46.61 -28.83 -48.27
C GLY Z 28 -47.66 -28.04 -49.02
N SER Z 29 -48.33 -27.10 -48.35
CA SER Z 29 -49.38 -26.30 -48.98
C SER Z 29 -48.78 -25.34 -50.01
N THR Z 30 -49.44 -25.20 -51.17
CA THR Z 30 -48.97 -24.35 -52.28
C THR Z 30 -48.74 -22.92 -51.82
N ALA Z 31 -47.57 -22.35 -52.14
CA ALA Z 31 -47.20 -20.99 -51.76
C ALA Z 31 -46.75 -20.24 -53.01
N VAL Z 32 -47.35 -19.09 -53.27
CA VAL Z 32 -47.04 -18.29 -54.46
C VAL Z 32 -46.50 -16.94 -54.02
N GLY Z 33 -45.52 -16.43 -54.74
CA GLY Z 33 -44.96 -15.12 -54.49
C GLY Z 33 -44.84 -14.36 -55.79
N VAL Z 34 -45.31 -13.10 -55.80
CA VAL Z 34 -45.22 -12.23 -56.98
C VAL Z 34 -44.55 -10.92 -56.58
N ARG Z 35 -43.51 -10.54 -57.34
CA ARG Z 35 -42.75 -9.32 -57.12
C ARG Z 35 -43.31 -8.24 -58.04
N GLY Z 36 -43.88 -7.20 -57.44
CA GLY Z 36 -44.47 -6.10 -58.18
C GLY Z 36 -43.50 -4.95 -58.38
N ARG Z 37 -44.03 -3.73 -58.63
CA ARG Z 37 -43.22 -2.52 -58.84
C ARG Z 37 -43.19 -1.67 -57.58
N ASP Z 38 -44.33 -1.57 -56.90
CA ASP Z 38 -44.41 -0.87 -55.62
C ASP Z 38 -45.01 -1.78 -54.51
N ILE Z 39 -45.18 -3.10 -54.80
CA ILE Z 39 -45.74 -4.07 -53.89
C ILE Z 39 -45.08 -5.47 -54.08
N VAL Z 40 -45.36 -6.41 -53.16
CA VAL Z 40 -44.90 -7.80 -53.18
C VAL Z 40 -45.99 -8.65 -52.50
N VAL Z 41 -46.62 -9.57 -53.25
CA VAL Z 41 -47.71 -10.38 -52.72
C VAL Z 41 -47.32 -11.87 -52.54
N LEU Z 42 -47.55 -12.41 -51.34
CA LEU Z 42 -47.33 -13.82 -51.00
C LEU Z 42 -48.70 -14.44 -50.68
N GLY Z 43 -48.99 -15.62 -51.22
CA GLY Z 43 -50.26 -16.30 -50.98
C GLY Z 43 -50.08 -17.77 -50.68
N VAL Z 44 -50.96 -18.38 -49.87
CA VAL Z 44 -50.84 -19.79 -49.52
C VAL Z 44 -52.18 -20.53 -49.61
N GLU Z 45 -52.16 -21.86 -49.68
CA GLU Z 45 -53.38 -22.67 -49.73
C GLU Z 45 -53.76 -23.18 -48.31
N LYS Z 46 -55.07 -23.31 -48.03
CA LYS Z 46 -55.56 -23.82 -46.74
C LYS Z 46 -56.04 -25.28 -46.88
N ALA Z 50 -59.60 -26.80 -41.09
CA ALA Z 50 -60.68 -27.32 -40.25
C ALA Z 50 -61.53 -26.18 -39.66
N LYS Z 51 -62.86 -26.37 -39.58
CA LYS Z 51 -63.77 -25.36 -39.03
C LYS Z 51 -63.51 -25.10 -37.53
N LEU Z 52 -63.06 -26.13 -36.80
CA LEU Z 52 -62.75 -25.99 -35.38
C LEU Z 52 -61.31 -25.48 -35.15
N GLN Z 53 -60.57 -25.07 -36.19
CA GLN Z 53 -59.20 -24.60 -36.02
C GLN Z 53 -59.11 -23.07 -36.02
N ASP Z 54 -58.15 -22.54 -35.24
CA ASP Z 54 -57.85 -21.11 -35.15
C ASP Z 54 -56.89 -20.73 -36.28
N GLU Z 55 -57.40 -19.98 -37.27
CA GLU Z 55 -56.65 -19.55 -38.47
C GLU Z 55 -55.38 -18.78 -38.14
N ARG Z 56 -55.43 -18.00 -37.06
CA ARG Z 56 -54.30 -17.18 -36.65
C ARG Z 56 -53.06 -18.02 -36.33
N THR Z 57 -53.24 -19.17 -35.67
CA THR Z 57 -52.16 -20.04 -35.23
C THR Z 57 -51.55 -20.93 -36.32
N VAL Z 58 -52.11 -20.90 -37.54
CA VAL Z 58 -51.62 -21.74 -38.62
C VAL Z 58 -51.26 -20.88 -39.87
N ARG Z 59 -50.81 -19.63 -39.66
CA ARG Z 59 -50.43 -18.75 -40.77
C ARG Z 59 -49.04 -19.12 -41.31
N LYS Z 60 -48.88 -19.13 -42.64
CA LYS Z 60 -47.62 -19.51 -43.25
C LYS Z 60 -46.83 -18.33 -43.86
N ILE Z 61 -47.30 -17.09 -43.63
CA ILE Z 61 -46.61 -15.88 -44.07
C ILE Z 61 -46.12 -15.22 -42.77
N CYS Z 62 -44.81 -15.05 -42.63
CA CYS Z 62 -44.22 -14.52 -41.42
C CYS Z 62 -43.37 -13.31 -41.70
N ALA Z 63 -43.39 -12.34 -40.80
CA ALA Z 63 -42.53 -11.18 -40.93
C ALA Z 63 -41.26 -11.48 -40.17
N LEU Z 64 -40.12 -11.35 -40.84
CA LEU Z 64 -38.83 -11.55 -40.18
C LEU Z 64 -38.33 -10.24 -39.57
N ASP Z 65 -38.60 -9.13 -40.25
CA ASP Z 65 -38.27 -7.78 -39.85
C ASP Z 65 -39.16 -6.78 -40.65
N ASP Z 66 -39.03 -5.48 -40.36
CA ASP Z 66 -39.82 -4.44 -41.02
C ASP Z 66 -39.62 -4.38 -42.55
N ASN Z 67 -38.41 -4.73 -43.04
CA ASN Z 67 -38.12 -4.70 -44.47
C ASN Z 67 -38.38 -6.04 -45.16
N VAL Z 68 -38.16 -7.17 -44.45
CA VAL Z 68 -38.28 -8.52 -45.01
C VAL Z 68 -39.37 -9.38 -44.35
N CYS Z 69 -40.05 -10.21 -45.15
CA CYS Z 69 -41.05 -11.21 -44.74
C CYS Z 69 -41.01 -12.43 -45.68
N MET Z 70 -41.42 -13.63 -45.21
CA MET Z 70 -41.32 -14.84 -46.02
C MET Z 70 -42.50 -15.80 -45.91
N ALA Z 71 -42.64 -16.69 -46.89
CA ALA Z 71 -43.64 -17.75 -46.90
C ALA Z 71 -42.91 -19.10 -47.04
N PHE Z 72 -43.57 -20.21 -46.67
CA PHE Z 72 -42.90 -21.53 -46.74
C PHE Z 72 -43.79 -22.69 -47.24
N ALA Z 73 -43.14 -23.78 -47.63
CA ALA Z 73 -43.81 -25.01 -48.05
C ALA Z 73 -43.01 -26.17 -47.48
N GLY Z 74 -43.70 -27.10 -46.82
CA GLY Z 74 -43.04 -28.25 -46.22
C GLY Z 74 -43.34 -28.40 -44.75
N LEU Z 75 -42.40 -29.01 -44.01
CA LEU Z 75 -42.53 -29.25 -42.57
C LEU Z 75 -42.64 -27.97 -41.76
N THR Z 76 -43.82 -27.73 -41.17
CA THR Z 76 -44.16 -26.52 -40.44
C THR Z 76 -43.28 -26.30 -39.20
N ALA Z 77 -42.97 -27.38 -38.45
CA ALA Z 77 -42.12 -27.30 -37.27
C ALA Z 77 -40.67 -26.95 -37.68
N ASP Z 78 -40.21 -27.48 -38.83
CA ASP Z 78 -38.88 -27.19 -39.38
C ASP Z 78 -38.82 -25.72 -39.77
N ALA Z 79 -39.89 -25.23 -40.40
CA ALA Z 79 -40.00 -23.86 -40.86
C ALA Z 79 -39.96 -22.89 -39.70
N ARG Z 80 -40.55 -23.24 -38.56
CA ARG Z 80 -40.58 -22.36 -37.39
C ARG Z 80 -39.16 -22.11 -36.88
N ILE Z 81 -38.32 -23.15 -36.89
CA ILE Z 81 -36.94 -23.05 -36.43
C ILE Z 81 -36.12 -22.15 -37.37
N VAL Z 82 -36.38 -22.23 -38.68
CA VAL Z 82 -35.67 -21.39 -39.66
C VAL Z 82 -36.10 -19.92 -39.54
N ILE Z 83 -37.43 -19.69 -39.43
CA ILE Z 83 -38.07 -18.37 -39.30
C ILE Z 83 -37.58 -17.64 -38.04
N ASN Z 84 -37.39 -18.39 -36.95
CA ASN Z 84 -36.92 -17.80 -35.71
C ASN Z 84 -35.44 -17.53 -35.77
N ARG Z 85 -34.64 -18.41 -36.40
CA ARG Z 85 -33.20 -18.18 -36.51
C ARG Z 85 -32.91 -16.98 -37.44
N ALA Z 86 -33.79 -16.75 -38.44
CA ALA Z 86 -33.67 -15.60 -39.33
C ALA Z 86 -34.06 -14.31 -38.59
N ARG Z 87 -35.14 -14.34 -37.77
CA ARG Z 87 -35.60 -13.22 -36.97
C ARG Z 87 -34.47 -12.74 -36.04
N VAL Z 88 -33.74 -13.70 -35.40
CA VAL Z 88 -32.63 -13.40 -34.51
C VAL Z 88 -31.48 -12.76 -35.29
N GLU Z 89 -31.16 -13.32 -36.47
CA GLU Z 89 -30.10 -12.81 -37.32
C GLU Z 89 -30.40 -11.39 -37.86
N CYS Z 90 -31.68 -11.03 -38.04
CA CYS Z 90 -32.02 -9.68 -38.48
C CYS Z 90 -31.62 -8.66 -37.41
N GLN Z 91 -31.94 -8.97 -36.14
CA GLN Z 91 -31.59 -8.08 -35.04
C GLN Z 91 -30.10 -8.11 -34.75
N SER Z 92 -29.49 -9.30 -34.72
CA SER Z 92 -28.05 -9.41 -34.50
C SER Z 92 -27.26 -8.67 -35.61
N HIS Z 93 -27.85 -8.54 -36.83
CA HIS Z 93 -27.24 -7.83 -37.95
C HIS Z 93 -27.28 -6.31 -37.68
N ARG Z 94 -28.41 -5.81 -37.14
CA ARG Z 94 -28.56 -4.41 -36.78
C ARG Z 94 -27.66 -4.06 -35.60
N LEU Z 95 -27.38 -5.02 -34.71
CA LEU Z 95 -26.47 -4.80 -33.60
C LEU Z 95 -25.00 -4.70 -34.09
N THR Z 96 -24.56 -5.60 -35.02
CA THR Z 96 -23.17 -5.63 -35.52
C THR Z 96 -22.89 -4.48 -36.51
N VAL Z 97 -23.54 -4.51 -37.68
CA VAL Z 97 -23.56 -3.45 -38.70
C VAL Z 97 -24.62 -2.45 -38.14
N GLU Z 98 -24.70 -1.20 -38.62
CA GLU Z 98 -25.75 -0.31 -38.05
C GLU Z 98 -27.07 -0.40 -38.84
N ASP Z 99 -26.94 -0.61 -40.15
CA ASP Z 99 -28.03 -0.71 -41.12
C ASP Z 99 -28.87 -1.99 -40.97
N PRO Z 100 -30.17 -1.96 -41.38
CA PRO Z 100 -30.97 -3.19 -41.37
C PRO Z 100 -30.60 -4.18 -42.50
N VAL Z 101 -31.15 -5.39 -42.43
CA VAL Z 101 -30.87 -6.48 -43.38
C VAL Z 101 -31.43 -6.20 -44.78
N THR Z 102 -30.62 -6.48 -45.82
CA THR Z 102 -31.04 -6.38 -47.23
C THR Z 102 -31.83 -7.68 -47.55
N VAL Z 103 -32.83 -7.65 -48.47
CA VAL Z 103 -33.60 -8.88 -48.82
C VAL Z 103 -32.68 -10.03 -49.27
N GLU Z 104 -31.50 -9.72 -49.82
CA GLU Z 104 -30.53 -10.74 -50.22
C GLU Z 104 -29.76 -11.30 -49.02
N TYR Z 105 -29.40 -10.45 -48.05
CA TYR Z 105 -28.63 -10.86 -46.88
C TYR Z 105 -29.26 -11.98 -46.10
N ILE Z 106 -30.51 -11.80 -45.67
CA ILE Z 106 -31.20 -12.81 -44.87
C ILE Z 106 -31.52 -14.05 -45.72
N THR Z 107 -31.64 -13.92 -47.06
CA THR Z 107 -31.89 -15.06 -47.93
C THR Z 107 -30.60 -15.90 -47.99
N ARG Z 108 -29.46 -15.22 -48.16
CA ARG Z 108 -28.13 -15.79 -48.16
C ARG Z 108 -27.89 -16.47 -46.78
N TYR Z 109 -28.35 -15.84 -45.67
CA TYR Z 109 -28.27 -16.38 -44.31
C TYR Z 109 -29.07 -17.69 -44.20
N ILE Z 110 -30.39 -17.67 -44.53
CA ILE Z 110 -31.29 -18.83 -44.49
C ILE Z 110 -30.71 -19.96 -45.34
N ALA Z 111 -30.19 -19.61 -46.53
CA ALA Z 111 -29.59 -20.56 -47.47
C ALA Z 111 -28.34 -21.20 -46.88
N SER Z 112 -27.52 -20.40 -46.18
CA SER Z 112 -26.31 -20.89 -45.55
C SER Z 112 -26.67 -21.86 -44.44
N LEU Z 113 -27.69 -21.54 -43.63
CA LEU Z 113 -28.18 -22.41 -42.56
C LEU Z 113 -28.66 -23.74 -43.16
N LYS Z 114 -29.46 -23.65 -44.24
CA LYS Z 114 -29.96 -24.83 -44.93
C LYS Z 114 -28.84 -25.72 -45.44
N GLN Z 115 -27.85 -25.14 -46.14
CA GLN Z 115 -26.71 -25.89 -46.68
C GLN Z 115 -25.96 -26.64 -45.58
N ARG Z 116 -25.69 -25.98 -44.46
CA ARG Z 116 -24.97 -26.53 -43.32
C ARG Z 116 -25.60 -27.82 -42.78
N TYR Z 117 -26.93 -27.90 -42.80
CA TYR Z 117 -27.64 -29.11 -42.34
C TYR Z 117 -27.56 -30.30 -43.33
N THR Z 118 -27.09 -30.02 -44.56
CA THR Z 118 -26.81 -31.04 -45.58
C THR Z 118 -25.32 -31.50 -45.52
N GLN Z 119 -24.47 -30.82 -44.73
CA GLN Z 119 -23.06 -31.16 -44.65
C GLN Z 119 -22.50 -31.32 -43.22
N SER Z 120 -23.36 -31.28 -42.17
CA SER Z 120 -22.83 -31.49 -40.80
C SER Z 120 -23.42 -32.74 -40.13
N ASN Z 121 -22.64 -33.35 -39.23
CA ASN Z 121 -23.00 -34.59 -38.57
C ASN Z 121 -24.18 -34.54 -37.59
N GLY Z 122 -24.91 -35.65 -37.60
CA GLY Z 122 -26.06 -35.93 -36.76
C GLY Z 122 -27.33 -35.20 -37.11
N ARG Z 123 -27.32 -34.38 -38.16
CA ARG Z 123 -28.48 -33.56 -38.52
C ARG Z 123 -29.03 -33.95 -39.90
N ARG Z 124 -30.36 -33.94 -40.05
CA ARG Z 124 -30.98 -34.16 -41.35
C ARG Z 124 -31.32 -32.76 -41.93
N PRO Z 125 -31.42 -32.63 -43.27
CA PRO Z 125 -31.75 -31.30 -43.83
C PRO Z 125 -33.11 -30.76 -43.38
N PHE Z 126 -33.33 -29.46 -43.58
CA PHE Z 126 -34.60 -28.86 -43.25
C PHE Z 126 -35.56 -29.20 -44.38
N GLY Z 127 -36.70 -29.80 -44.07
CA GLY Z 127 -37.69 -30.17 -45.09
C GLY Z 127 -38.57 -29.01 -45.50
N ILE Z 128 -37.98 -27.83 -45.81
CA ILE Z 128 -38.72 -26.64 -46.24
C ILE Z 128 -38.05 -25.84 -47.37
N SER Z 129 -38.89 -25.18 -48.15
CA SER Z 129 -38.52 -24.20 -49.15
C SER Z 129 -39.18 -22.88 -48.68
N ALA Z 130 -38.58 -21.75 -49.03
CA ALA Z 130 -39.11 -20.46 -48.61
C ALA Z 130 -39.13 -19.44 -49.74
N LEU Z 131 -40.12 -18.56 -49.75
CA LEU Z 131 -40.22 -17.47 -50.72
C LEU Z 131 -40.07 -16.18 -49.88
N ILE Z 132 -38.89 -15.54 -49.92
CA ILE Z 132 -38.56 -14.36 -49.13
C ILE Z 132 -38.77 -13.03 -49.88
N VAL Z 133 -39.83 -12.27 -49.54
CA VAL Z 133 -40.16 -11.01 -50.21
C VAL Z 133 -39.92 -9.77 -49.31
N GLY Z 134 -39.77 -8.62 -49.94
CA GLY Z 134 -39.55 -7.37 -49.24
C GLY Z 134 -38.95 -6.29 -50.11
N PHE Z 135 -38.46 -5.21 -49.47
CA PHE Z 135 -37.83 -4.07 -50.12
C PHE Z 135 -36.49 -3.79 -49.43
N ASP Z 136 -35.49 -3.45 -50.23
CA ASP Z 136 -34.18 -3.09 -49.69
C ASP Z 136 -34.19 -1.64 -49.09
N PHE Z 137 -33.05 -1.12 -48.55
CA PHE Z 137 -33.01 0.26 -48.05
C PHE Z 137 -33.17 1.27 -49.22
N ASP Z 138 -32.71 0.89 -50.43
CA ASP Z 138 -32.85 1.73 -51.62
C ASP Z 138 -34.29 1.74 -52.20
N GLY Z 139 -35.13 0.78 -51.79
CA GLY Z 139 -36.51 0.68 -52.24
C GLY Z 139 -36.79 -0.17 -53.47
N THR Z 140 -35.92 -1.16 -53.73
CA THR Z 140 -36.10 -2.07 -54.87
C THR Z 140 -36.89 -3.29 -54.38
N PRO Z 141 -37.96 -3.71 -55.09
CA PRO Z 141 -38.74 -4.86 -54.61
C PRO Z 141 -38.03 -6.17 -54.95
N ARG Z 142 -37.83 -7.04 -53.94
CA ARG Z 142 -37.09 -8.27 -54.17
C ARG Z 142 -37.82 -9.51 -53.68
N LEU Z 143 -37.82 -10.55 -54.53
CA LEU Z 143 -38.42 -11.84 -54.23
C LEU Z 143 -37.32 -12.87 -54.40
N TYR Z 144 -37.13 -13.75 -53.41
CA TYR Z 144 -36.12 -14.81 -53.47
C TYR Z 144 -36.73 -16.17 -53.15
N GLN Z 145 -35.94 -17.24 -53.39
CA GLN Z 145 -36.42 -18.59 -53.09
C GLN Z 145 -35.29 -19.51 -52.64
N THR Z 146 -35.46 -20.19 -51.50
CA THR Z 146 -34.46 -21.14 -50.96
C THR Z 146 -35.01 -22.60 -51.02
N ASP Z 147 -34.14 -23.61 -50.93
CA ASP Z 147 -34.59 -25.00 -50.92
C ASP Z 147 -33.70 -25.85 -50.01
N PRO Z 148 -34.14 -27.06 -49.57
CA PRO Z 148 -33.33 -27.85 -48.63
C PRO Z 148 -31.82 -27.96 -48.93
N SER Z 149 -31.41 -27.91 -50.21
CA SER Z 149 -29.99 -27.98 -50.59
C SER Z 149 -29.17 -26.80 -50.03
N GLY Z 150 -29.78 -25.64 -50.05
CA GLY Z 150 -29.12 -24.41 -49.70
C GLY Z 150 -29.04 -23.42 -50.86
N THR Z 151 -29.47 -23.83 -52.08
CA THR Z 151 -29.41 -22.93 -53.23
C THR Z 151 -30.51 -21.86 -53.16
N TYR Z 152 -30.21 -20.68 -53.68
CA TYR Z 152 -31.16 -19.57 -53.68
C TYR Z 152 -31.02 -18.72 -54.93
N HIS Z 153 -32.13 -18.14 -55.38
CA HIS Z 153 -32.19 -17.29 -56.58
C HIS Z 153 -33.29 -16.24 -56.39
N ALA Z 154 -33.26 -15.20 -57.21
CA ALA Z 154 -34.30 -14.18 -57.21
C ALA Z 154 -35.33 -14.49 -58.28
N TRP Z 155 -36.56 -14.00 -58.10
CA TRP Z 155 -37.64 -14.26 -59.06
C TRP Z 155 -38.56 -13.05 -59.22
N LYS Z 156 -39.16 -12.97 -60.41
CA LYS Z 156 -40.21 -12.02 -60.75
C LYS Z 156 -41.51 -12.56 -60.11
N ALA Z 157 -41.68 -13.90 -60.10
CA ALA Z 157 -42.78 -14.65 -59.52
C ALA Z 157 -42.32 -16.12 -59.37
N ASN Z 158 -42.80 -16.82 -58.33
CA ASN Z 158 -42.45 -18.24 -58.16
C ASN Z 158 -43.52 -19.00 -57.34
N ALA Z 159 -43.44 -20.33 -57.31
CA ALA Z 159 -44.39 -21.15 -56.56
C ALA Z 159 -43.68 -22.38 -56.00
N ILE Z 160 -44.05 -22.78 -54.78
CA ILE Z 160 -43.47 -23.95 -54.09
C ILE Z 160 -44.54 -24.77 -53.38
N GLY Z 161 -44.37 -26.08 -53.32
CA GLY Z 161 -45.33 -26.94 -52.64
C GLY Z 161 -46.22 -27.78 -53.54
N ARG Z 162 -47.32 -28.29 -52.97
CA ARG Z 162 -48.30 -29.15 -53.65
C ARG Z 162 -48.88 -28.47 -54.87
N GLY Z 163 -48.33 -28.76 -56.04
CA GLY Z 163 -48.80 -28.19 -57.28
C GLY Z 163 -47.98 -27.00 -57.75
N ALA Z 164 -46.68 -26.94 -57.37
CA ALA Z 164 -45.79 -25.86 -57.78
C ALA Z 164 -45.53 -25.84 -59.28
N LYS Z 165 -45.53 -27.02 -59.93
CA LYS Z 165 -45.25 -27.12 -61.36
C LYS Z 165 -46.33 -26.47 -62.21
N SER Z 166 -47.60 -26.72 -61.88
CA SER Z 166 -48.72 -26.14 -62.63
C SER Z 166 -48.91 -24.65 -62.39
N VAL Z 167 -48.61 -24.16 -61.17
CA VAL Z 167 -48.72 -22.74 -60.87
C VAL Z 167 -47.55 -21.98 -61.54
N ARG Z 168 -46.36 -22.61 -61.60
CA ARG Z 168 -45.20 -22.01 -62.27
C ARG Z 168 -45.51 -21.87 -63.75
N GLU Z 169 -46.13 -22.90 -64.37
CA GLU Z 169 -46.50 -22.88 -65.78
C GLU Z 169 -47.51 -21.76 -66.05
N PHE Z 170 -48.45 -21.53 -65.13
CA PHE Z 170 -49.44 -20.44 -65.27
C PHE Z 170 -48.75 -19.08 -65.15
N LEU Z 171 -47.90 -18.90 -64.12
CA LEU Z 171 -47.18 -17.65 -63.85
C LEU Z 171 -46.16 -17.30 -64.93
N GLU Z 172 -45.60 -18.31 -65.62
CA GLU Z 172 -44.65 -18.07 -66.70
C GLU Z 172 -45.37 -17.41 -67.90
N LYS Z 173 -46.62 -17.87 -68.17
CA LYS Z 173 -47.45 -17.37 -69.26
C LYS Z 173 -48.27 -16.13 -68.89
N ASN Z 174 -48.42 -15.82 -67.58
CA ASN Z 174 -49.26 -14.70 -67.16
C ASN Z 174 -48.52 -13.53 -66.50
N TYR Z 175 -47.20 -13.64 -66.25
CA TYR Z 175 -46.46 -12.52 -65.65
C TYR Z 175 -46.08 -11.51 -66.74
N THR Z 176 -46.92 -10.47 -66.90
CA THR Z 176 -46.73 -9.43 -67.91
C THR Z 176 -46.59 -8.05 -67.27
N ASP Z 177 -46.08 -7.05 -68.04
CA ASP Z 177 -45.96 -5.68 -67.54
C ASP Z 177 -47.35 -5.09 -67.21
N GLU Z 178 -48.41 -5.54 -67.93
CA GLU Z 178 -49.80 -5.14 -67.68
C GLU Z 178 -50.26 -5.59 -66.29
N ALA Z 179 -49.80 -6.77 -65.83
CA ALA Z 179 -50.11 -7.34 -64.51
C ALA Z 179 -49.33 -6.66 -63.37
N ILE Z 180 -48.21 -6.01 -63.68
CA ILE Z 180 -47.41 -5.27 -62.71
C ILE Z 180 -47.80 -3.75 -62.76
N GLU Z 181 -48.89 -3.37 -63.47
CA GLU Z 181 -49.28 -1.96 -63.60
C GLU Z 181 -49.89 -1.39 -62.33
N THR Z 182 -51.04 -1.90 -61.85
CA THR Z 182 -51.67 -1.39 -60.62
C THR Z 182 -51.51 -2.44 -59.51
N ASP Z 183 -51.38 -1.99 -58.25
CA ASP Z 183 -51.20 -2.88 -57.11
C ASP Z 183 -52.28 -3.99 -57.02
N ASP Z 184 -53.55 -3.65 -57.36
CA ASP Z 184 -54.67 -4.62 -57.32
C ASP Z 184 -54.57 -5.67 -58.45
N LEU Z 185 -53.89 -5.33 -59.56
CA LEU Z 185 -53.68 -6.28 -60.66
C LEU Z 185 -52.57 -7.29 -60.30
N THR Z 186 -51.58 -6.88 -59.47
CA THR Z 186 -50.53 -7.77 -58.99
C THR Z 186 -51.19 -8.77 -58.03
N ILE Z 187 -52.09 -8.29 -57.14
CA ILE Z 187 -52.83 -9.11 -56.18
C ILE Z 187 -53.73 -10.12 -56.90
N LYS Z 188 -54.36 -9.69 -58.00
CA LYS Z 188 -55.23 -10.53 -58.80
C LYS Z 188 -54.45 -11.67 -59.48
N LEU Z 189 -53.18 -11.44 -59.84
CA LEU Z 189 -52.34 -12.46 -60.47
C LEU Z 189 -52.08 -13.60 -59.48
N VAL Z 190 -51.79 -13.26 -58.21
CA VAL Z 190 -51.55 -14.24 -57.16
C VAL Z 190 -52.80 -15.07 -56.91
N ILE Z 191 -53.95 -14.41 -56.74
CA ILE Z 191 -55.20 -15.13 -56.49
C ILE Z 191 -55.60 -16.00 -57.67
N LYS Z 192 -55.44 -15.50 -58.91
CA LYS Z 192 -55.77 -16.30 -60.09
C LYS Z 192 -54.83 -17.50 -60.22
N ALA Z 193 -53.53 -17.33 -59.88
CA ALA Z 193 -52.55 -18.41 -59.93
C ALA Z 193 -52.87 -19.49 -58.91
N LEU Z 194 -53.29 -19.08 -57.70
CA LEU Z 194 -53.63 -20.02 -56.65
C LEU Z 194 -54.97 -20.72 -56.97
N LEU Z 195 -55.91 -20.01 -57.61
CA LEU Z 195 -57.20 -20.58 -57.99
C LEU Z 195 -57.06 -21.80 -58.93
N GLU Z 196 -55.86 -21.97 -59.57
CA GLU Z 196 -55.51 -23.06 -60.49
C GLU Z 196 -55.08 -24.38 -59.81
N VAL Z 197 -54.99 -24.38 -58.46
CA VAL Z 197 -54.67 -25.55 -57.65
C VAL Z 197 -55.68 -25.65 -56.47
N VAL Z 198 -55.86 -24.56 -55.69
CA VAL Z 198 -56.84 -24.53 -54.58
C VAL Z 198 -58.27 -24.32 -55.11
N GLN Z 199 -59.29 -24.64 -54.29
CA GLN Z 199 -60.70 -24.54 -54.71
C GLN Z 199 -61.26 -23.10 -54.71
N LYS Z 203 -62.58 -19.29 -48.63
CA LYS Z 203 -61.86 -19.39 -47.35
C LYS Z 203 -60.68 -20.35 -47.42
N ASN Z 204 -60.10 -20.53 -48.61
CA ASN Z 204 -58.97 -21.43 -48.77
C ASN Z 204 -57.66 -20.72 -49.14
N ILE Z 205 -57.63 -19.37 -49.11
CA ILE Z 205 -56.43 -18.61 -49.45
C ILE Z 205 -56.03 -17.68 -48.29
N GLU Z 206 -54.74 -17.36 -48.18
CA GLU Z 206 -54.21 -16.42 -47.20
C GLU Z 206 -53.19 -15.55 -47.95
N LEU Z 207 -53.50 -14.26 -48.15
CA LEU Z 207 -52.59 -13.37 -48.87
C LEU Z 207 -52.03 -12.27 -47.97
N ALA Z 208 -50.79 -11.88 -48.24
CA ALA Z 208 -50.13 -10.83 -47.48
C ALA Z 208 -49.45 -9.92 -48.47
N VAL Z 209 -49.54 -8.61 -48.23
CA VAL Z 209 -48.97 -7.64 -49.15
C VAL Z 209 -47.98 -6.71 -48.46
N MET Z 210 -46.98 -6.26 -49.20
CA MET Z 210 -45.99 -5.34 -48.66
C MET Z 210 -45.81 -4.20 -49.63
N ARG Z 211 -46.24 -3.00 -49.25
CA ARG Z 211 -46.08 -1.82 -50.10
C ARG Z 211 -44.90 -0.99 -49.55
N ARG Z 212 -43.98 -0.59 -50.43
CA ARG Z 212 -42.73 0.16 -50.21
C ARG Z 212 -42.40 0.46 -48.69
N ASP Z 213 -42.77 1.64 -48.14
CA ASP Z 213 -42.40 2.01 -46.79
C ASP Z 213 -43.36 1.51 -45.70
N GLN Z 214 -44.63 1.25 -46.03
CA GLN Z 214 -45.56 0.75 -45.03
C GLN Z 214 -45.25 -0.72 -44.62
N SER Z 215 -45.85 -1.18 -43.53
CA SER Z 215 -45.64 -2.51 -42.96
C SER Z 215 -46.34 -3.63 -43.75
N LEU Z 216 -46.04 -4.90 -43.39
CA LEU Z 216 -46.66 -6.08 -43.98
C LEU Z 216 -48.15 -6.12 -43.61
N LYS Z 217 -49.04 -5.99 -44.62
CA LYS Z 217 -50.49 -6.00 -44.42
C LYS Z 217 -51.07 -7.39 -44.71
N ILE Z 218 -51.63 -8.06 -43.70
CA ILE Z 218 -52.26 -9.37 -43.91
C ILE Z 218 -53.74 -9.13 -44.14
N LEU Z 219 -54.19 -9.17 -45.42
CA LEU Z 219 -55.60 -8.92 -45.79
C LEU Z 219 -56.59 -9.85 -45.08
N ASN Z 220 -57.86 -9.40 -44.94
CA ASN Z 220 -58.88 -10.20 -44.27
C ASN Z 220 -59.72 -11.03 -45.29
N PRO Z 221 -60.47 -12.07 -44.87
CA PRO Z 221 -61.21 -12.90 -45.85
C PRO Z 221 -62.22 -12.18 -46.72
N GLU Z 222 -62.89 -11.13 -46.19
CA GLU Z 222 -63.85 -10.31 -46.93
C GLU Z 222 -63.12 -9.54 -48.04
N GLU Z 223 -61.94 -8.99 -47.72
CA GLU Z 223 -61.10 -8.28 -48.69
C GLU Z 223 -60.63 -9.22 -49.79
N ILE Z 224 -60.30 -10.48 -49.44
CA ILE Z 224 -59.90 -11.50 -50.42
C ILE Z 224 -61.09 -11.81 -51.32
N GLU Z 225 -62.28 -12.00 -50.72
CA GLU Z 225 -63.52 -12.27 -51.48
C GLU Z 225 -63.90 -11.11 -52.42
N LYS Z 226 -63.44 -9.88 -52.12
CA LYS Z 226 -63.66 -8.72 -52.98
C LYS Z 226 -62.91 -8.93 -54.31
N TYR Z 227 -61.68 -9.46 -54.24
CA TYR Z 227 -60.89 -9.74 -55.44
C TYR Z 227 -61.37 -11.04 -56.11
N VAL Z 228 -61.75 -12.06 -55.33
CA VAL Z 228 -62.23 -13.34 -55.85
C VAL Z 228 -63.48 -13.17 -56.73
N ALA Z 229 -64.37 -12.24 -56.34
CA ALA Z 229 -65.60 -11.95 -57.09
C ALA Z 229 -65.29 -11.35 -58.47
N GLU Z 230 -64.32 -10.43 -58.54
CA GLU Z 230 -63.92 -9.79 -59.79
C GLU Z 230 -63.17 -10.75 -60.75
N ILE Z 231 -62.59 -11.83 -60.22
CA ILE Z 231 -61.89 -12.81 -61.05
C ILE Z 231 -62.90 -13.62 -61.86
N GLU Z 232 -64.02 -14.01 -61.25
CA GLU Z 232 -65.07 -14.74 -61.95
C GLU Z 232 -65.75 -13.86 -63.02
N LYS Z 233 -65.85 -12.54 -62.74
CA LYS Z 233 -66.46 -11.57 -63.65
C LYS Z 233 -65.64 -11.31 -64.91
N GLU Z 234 -64.31 -11.18 -64.78
CA GLU Z 234 -63.44 -10.91 -65.92
C GLU Z 234 -63.33 -12.07 -66.91
N LYS Z 235 -63.75 -13.29 -66.52
CA LYS Z 235 -63.70 -14.46 -67.40
C LYS Z 235 -64.86 -14.43 -68.42
N ASP AA 1 -24.59 -50.20 -44.38
CA ASP AA 1 -23.89 -48.91 -44.51
C ASP AA 1 -22.34 -49.06 -44.30
N ARG AA 2 -21.60 -48.05 -44.74
CA ARG AA 2 -20.15 -47.98 -44.58
C ARG AA 2 -19.76 -46.54 -44.22
N GLY AA 3 -18.61 -46.37 -43.57
CA GLY AA 3 -18.16 -45.05 -43.15
C GLY AA 3 -17.84 -44.14 -44.31
N VAL AA 4 -17.98 -42.82 -44.14
CA VAL AA 4 -17.65 -41.87 -45.20
C VAL AA 4 -16.14 -41.92 -45.60
N ASN AA 5 -15.31 -42.48 -44.72
CA ASN AA 5 -13.88 -42.60 -44.94
C ASN AA 5 -13.53 -44.07 -45.23
N THR AA 6 -14.36 -44.74 -46.06
CA THR AA 6 -14.09 -46.12 -46.45
C THR AA 6 -13.39 -46.12 -47.82
N PHE AA 7 -12.36 -46.94 -47.97
CA PHE AA 7 -11.65 -47.08 -49.23
C PHE AA 7 -12.27 -48.23 -50.02
N SER AA 8 -12.33 -48.05 -51.34
CA SER AA 8 -12.79 -49.07 -52.27
C SER AA 8 -11.64 -50.01 -52.51
N PRO AA 9 -11.89 -51.25 -52.97
CA PRO AA 9 -10.77 -52.17 -53.21
C PRO AA 9 -9.69 -51.65 -54.19
N GLU AA 10 -9.99 -50.58 -54.93
CA GLU AA 10 -9.08 -49.95 -55.88
C GLU AA 10 -8.19 -48.85 -55.29
N GLY AA 11 -8.46 -48.42 -54.06
CA GLY AA 11 -7.67 -47.42 -53.40
C GLY AA 11 -8.24 -46.03 -53.43
N ARG AA 12 -9.55 -45.89 -53.70
CA ARG AA 12 -10.18 -44.55 -53.68
C ARG AA 12 -11.34 -44.51 -52.69
N LEU AA 13 -11.50 -43.39 -51.97
CA LEU AA 13 -12.59 -43.25 -51.00
C LEU AA 13 -13.89 -43.18 -51.76
N PHE AA 14 -14.86 -44.04 -51.39
CA PHE AA 14 -16.14 -44.08 -52.08
C PHE AA 14 -16.85 -42.73 -52.09
N GLN AA 15 -16.79 -41.96 -51.00
CA GLN AA 15 -17.46 -40.66 -50.94
C GLN AA 15 -16.89 -39.66 -51.94
N VAL AA 16 -15.55 -39.67 -52.15
CA VAL AA 16 -14.88 -38.80 -53.11
C VAL AA 16 -15.22 -39.19 -54.55
N GLU AA 17 -15.30 -40.52 -54.83
CA GLU AA 17 -15.68 -41.08 -56.12
C GLU AA 17 -17.07 -40.56 -56.51
N TYR AA 18 -18.02 -40.61 -55.58
CA TYR AA 18 -19.40 -40.23 -55.81
C TYR AA 18 -19.59 -38.72 -55.94
N ALA AA 19 -18.74 -37.93 -55.26
CA ALA AA 19 -18.74 -36.47 -55.31
C ALA AA 19 -18.31 -35.99 -56.69
N ILE AA 20 -17.39 -36.74 -57.36
CA ILE AA 20 -16.89 -36.51 -58.72
C ILE AA 20 -18.05 -36.77 -59.72
N GLU AA 21 -18.88 -37.81 -59.46
CA GLU AA 21 -20.06 -38.15 -60.26
C GLU AA 21 -21.10 -37.03 -60.17
N ALA AA 22 -21.22 -36.35 -59.01
CA ALA AA 22 -22.14 -35.24 -58.86
C ALA AA 22 -21.74 -34.09 -59.80
N ILE AA 23 -20.43 -33.89 -60.06
CA ILE AA 23 -19.95 -32.84 -60.96
C ILE AA 23 -20.39 -33.09 -62.41
N LYS AA 24 -20.55 -34.35 -62.80
CA LYS AA 24 -21.07 -34.72 -64.12
C LYS AA 24 -22.51 -34.22 -64.34
N LEU AA 25 -23.22 -33.80 -63.27
CA LEU AA 25 -24.58 -33.25 -63.32
C LEU AA 25 -24.61 -31.71 -63.41
N GLY AA 26 -23.50 -31.05 -63.08
CA GLY AA 26 -23.42 -29.59 -63.09
C GLY AA 26 -23.18 -28.95 -64.44
N SER AA 27 -23.51 -27.64 -64.55
CA SER AA 27 -23.36 -26.80 -65.74
C SER AA 27 -21.94 -26.83 -66.24
N THR AA 28 -21.78 -26.84 -67.54
CA THR AA 28 -20.46 -26.90 -68.15
C THR AA 28 -19.82 -25.51 -68.13
N ALA AA 29 -18.52 -25.48 -67.75
CA ALA AA 29 -17.70 -24.27 -67.61
C ALA AA 29 -16.33 -24.49 -68.25
N ILE AA 30 -15.76 -23.46 -68.88
CA ILE AA 30 -14.47 -23.54 -69.54
C ILE AA 30 -13.52 -22.41 -69.06
N GLY AA 31 -12.22 -22.72 -69.00
CA GLY AA 31 -11.19 -21.76 -68.67
C GLY AA 31 -10.04 -21.89 -69.67
N ILE AA 32 -9.49 -20.76 -70.17
CA ILE AA 32 -8.36 -20.77 -71.11
C ILE AA 32 -7.30 -19.78 -70.63
N GLN AA 33 -6.06 -20.25 -70.45
CA GLN AA 33 -4.94 -19.43 -69.97
C GLN AA 33 -4.10 -18.93 -71.13
N THR AA 34 -4.05 -17.62 -71.28
CA THR AA 34 -3.35 -16.99 -72.37
C THR AA 34 -2.30 -16.00 -71.85
N SER AA 35 -1.29 -15.69 -72.65
CA SER AA 35 -0.22 -14.73 -72.33
C SER AA 35 -0.77 -13.32 -71.97
N GLU AA 36 -1.94 -12.99 -72.51
CA GLU AA 36 -2.64 -11.72 -72.33
C GLU AA 36 -3.73 -11.76 -71.23
N GLY AA 37 -3.85 -12.88 -70.52
CA GLY AA 37 -4.82 -13.08 -69.47
C GLY AA 37 -5.60 -14.39 -69.52
N VAL AA 38 -6.39 -14.68 -68.47
CA VAL AA 38 -7.17 -15.91 -68.42
C VAL AA 38 -8.63 -15.59 -68.68
N CYS AA 39 -9.31 -16.41 -69.49
CA CYS AA 39 -10.75 -16.21 -69.69
C CYS AA 39 -11.57 -17.35 -69.03
N LEU AA 40 -12.72 -17.02 -68.45
CA LEU AA 40 -13.61 -17.95 -67.76
C LEU AA 40 -14.99 -17.80 -68.36
N ALA AA 41 -15.63 -18.91 -68.70
CA ALA AA 41 -16.98 -18.88 -69.26
C ALA AA 41 -17.81 -20.01 -68.68
N VAL AA 42 -19.11 -19.77 -68.45
CA VAL AA 42 -19.96 -20.82 -67.88
C VAL AA 42 -21.40 -20.71 -68.39
N GLU AA 43 -22.07 -21.85 -68.64
CA GLU AA 43 -23.48 -21.82 -69.01
C GLU AA 43 -24.31 -21.69 -67.72
N LYS AA 44 -25.28 -20.77 -67.69
CA LYS AA 44 -26.11 -20.57 -66.50
C LYS AA 44 -27.12 -21.68 -66.29
N ARG AA 45 -27.63 -22.30 -67.39
CA ARG AA 45 -28.63 -23.35 -67.37
C ARG AA 45 -29.91 -22.86 -66.70
N ILE AA 46 -30.63 -21.93 -67.37
CA ILE AA 46 -31.85 -21.33 -66.81
C ILE AA 46 -33.06 -22.26 -67.00
N THR AA 47 -33.78 -22.56 -65.90
CA THR AA 47 -34.92 -23.48 -65.98
C THR AA 47 -36.30 -22.83 -66.10
N SER AA 48 -36.37 -21.49 -65.99
CA SER AA 48 -37.64 -20.79 -66.08
C SER AA 48 -37.42 -19.33 -66.50
N PRO AA 49 -38.27 -18.80 -67.37
CA PRO AA 49 -38.16 -17.37 -67.71
C PRO AA 49 -38.36 -16.46 -66.49
N LEU AA 50 -39.16 -16.94 -65.49
CA LEU AA 50 -39.44 -16.25 -64.24
C LEU AA 50 -38.20 -16.10 -63.34
N MET AA 51 -37.20 -16.97 -63.52
CA MET AA 51 -35.96 -16.91 -62.76
C MET AA 51 -35.11 -15.71 -63.19
N GLU AA 52 -34.56 -14.96 -62.22
CA GLU AA 52 -33.71 -13.83 -62.53
C GLU AA 52 -32.35 -14.35 -62.95
N PRO AA 53 -31.93 -14.14 -64.22
CA PRO AA 53 -30.61 -14.65 -64.64
C PRO AA 53 -29.44 -14.03 -63.89
N SER AA 54 -29.61 -12.80 -63.41
CA SER AA 54 -28.60 -12.08 -62.62
C SER AA 54 -28.30 -12.79 -61.28
N SER AA 55 -29.30 -13.53 -60.73
CA SER AA 55 -29.21 -14.30 -59.48
C SER AA 55 -28.43 -15.64 -59.59
N ILE AA 56 -27.95 -15.96 -60.79
CA ILE AA 56 -27.10 -17.12 -61.02
C ILE AA 56 -25.68 -16.53 -61.15
N GLU AA 57 -24.82 -16.81 -60.17
CA GLU AA 57 -23.46 -16.23 -60.16
C GLU AA 57 -22.46 -17.37 -60.11
N LYS AA 58 -22.26 -18.02 -61.26
CA LYS AA 58 -21.34 -19.16 -61.36
C LYS AA 58 -19.87 -18.74 -61.60
N ILE AA 59 -19.62 -17.45 -61.91
CA ILE AA 59 -18.27 -16.89 -62.00
C ILE AA 59 -18.19 -15.84 -60.86
N VAL AA 60 -17.26 -16.01 -59.90
CA VAL AA 60 -17.14 -15.05 -58.79
C VAL AA 60 -15.74 -14.44 -58.70
N GLU AA 61 -15.62 -13.28 -58.07
CA GLU AA 61 -14.34 -12.62 -57.87
C GLU AA 61 -13.85 -13.02 -56.49
N ILE AA 62 -12.66 -13.60 -56.41
CA ILE AA 62 -12.07 -13.99 -55.11
C ILE AA 62 -11.30 -12.77 -54.55
N ASP AA 63 -10.59 -12.08 -55.40
CA ASP AA 63 -9.83 -10.88 -55.13
C ASP AA 63 -9.74 -10.12 -56.50
N ALA AA 64 -9.19 -8.91 -56.50
CA ALA AA 64 -9.03 -8.11 -57.71
C ALA AA 64 -8.29 -8.82 -58.85
N HIS AA 65 -7.43 -9.78 -58.54
CA HIS AA 65 -6.66 -10.48 -59.56
C HIS AA 65 -7.00 -11.96 -59.70
N ILE AA 66 -8.01 -12.47 -58.98
CA ILE AA 66 -8.36 -13.89 -59.05
C ILE AA 66 -9.87 -14.09 -59.16
N GLY AA 67 -10.26 -14.90 -60.12
CA GLY AA 67 -11.65 -15.24 -60.34
C GLY AA 67 -11.87 -16.74 -60.20
N CYS AA 68 -13.14 -17.14 -60.11
CA CYS AA 68 -13.45 -18.53 -59.94
C CYS AA 68 -14.65 -19.00 -60.73
N ALA AA 69 -14.51 -20.14 -61.38
CA ALA AA 69 -15.58 -20.77 -62.12
C ALA AA 69 -15.97 -22.03 -61.35
N MET AA 70 -17.27 -22.30 -61.19
CA MET AA 70 -17.69 -23.46 -60.42
C MET AA 70 -18.70 -24.36 -61.11
N SER AA 71 -18.73 -25.63 -60.74
CA SER AA 71 -19.69 -26.58 -61.29
C SER AA 71 -20.00 -27.67 -60.26
N GLY AA 72 -21.23 -28.19 -60.29
CA GLY AA 72 -21.65 -29.22 -59.38
C GLY AA 72 -22.76 -28.69 -58.49
N LEU AA 73 -22.69 -28.96 -57.16
CA LEU AA 73 -23.65 -28.48 -56.16
C LEU AA 73 -23.23 -27.07 -55.80
N ILE AA 74 -23.92 -26.05 -56.34
CA ILE AA 74 -23.52 -24.65 -56.19
C ILE AA 74 -23.69 -24.13 -54.74
N ALA AA 75 -24.45 -24.84 -53.89
CA ALA AA 75 -24.53 -24.45 -52.49
C ALA AA 75 -23.23 -24.86 -51.75
N ASP AA 76 -22.63 -26.01 -52.13
CA ASP AA 76 -21.38 -26.46 -51.56
C ASP AA 76 -20.24 -25.52 -51.96
N ALA AA 77 -20.32 -24.92 -53.15
CA ALA AA 77 -19.31 -24.00 -53.66
C ALA AA 77 -19.33 -22.70 -52.89
N LYS AA 78 -20.50 -22.21 -52.48
CA LYS AA 78 -20.61 -20.95 -51.75
C LYS AA 78 -19.77 -20.90 -50.46
N THR AA 79 -19.63 -22.06 -49.78
CA THR AA 79 -18.83 -22.19 -48.55
C THR AA 79 -17.34 -22.05 -48.83
N LEU AA 80 -16.87 -22.72 -49.90
CA LEU AA 80 -15.46 -22.68 -50.29
C LEU AA 80 -15.08 -21.32 -50.87
N ILE AA 81 -16.04 -20.63 -51.53
CA ILE AA 81 -15.76 -19.31 -52.09
C ILE AA 81 -15.47 -18.32 -50.99
N ASP AA 82 -16.29 -18.36 -49.91
CA ASP AA 82 -16.10 -17.51 -48.75
C ASP AA 82 -14.78 -17.85 -48.06
N LYS AA 83 -14.43 -19.13 -47.97
CA LYS AA 83 -13.17 -19.53 -47.36
C LYS AA 83 -11.99 -18.96 -48.15
N ALA AA 84 -12.12 -18.88 -49.49
CA ALA AA 84 -11.09 -18.33 -50.36
C ALA AA 84 -10.96 -16.81 -50.17
N ARG AA 85 -12.09 -16.07 -50.15
CA ARG AA 85 -12.07 -14.62 -49.96
C ARG AA 85 -11.50 -14.23 -48.56
N VAL AA 86 -11.85 -14.99 -47.52
CA VAL AA 86 -11.35 -14.73 -46.14
C VAL AA 86 -9.81 -14.92 -46.13
N GLU AA 87 -9.34 -16.01 -46.78
CA GLU AA 87 -7.93 -16.37 -46.89
C GLU AA 87 -7.09 -15.27 -47.48
N THR AA 88 -7.53 -14.69 -48.61
CA THR AA 88 -6.82 -13.59 -49.28
C THR AA 88 -6.71 -12.36 -48.41
N GLN AA 89 -7.75 -12.07 -47.63
CA GLN AA 89 -7.75 -10.88 -46.78
C GLN AA 89 -6.97 -11.08 -45.48
N ASN AA 90 -6.88 -12.33 -45.00
CA ASN AA 90 -6.06 -12.65 -43.84
C ASN AA 90 -4.57 -12.56 -44.24
N HIS AA 91 -4.24 -12.95 -45.50
CA HIS AA 91 -2.87 -12.88 -46.05
C HIS AA 91 -2.52 -11.40 -46.28
N TRP AA 92 -3.48 -10.60 -46.79
CA TRP AA 92 -3.28 -9.18 -46.98
C TRP AA 92 -3.00 -8.51 -45.61
N PHE AA 93 -3.78 -8.89 -44.60
CA PHE AA 93 -3.64 -8.33 -43.29
C PHE AA 93 -2.25 -8.64 -42.68
N THR AA 94 -1.86 -9.92 -42.71
CA THR AA 94 -0.64 -10.38 -42.07
C THR AA 94 0.63 -9.97 -42.82
N TYR AA 95 0.61 -10.06 -44.17
CA TYR AA 95 1.77 -9.84 -45.02
C TYR AA 95 1.77 -8.63 -45.95
N ASN AA 96 0.72 -7.79 -45.95
CA ASN AA 96 0.62 -6.63 -46.82
C ASN AA 96 0.90 -6.93 -48.30
N GLU AA 97 0.25 -7.98 -48.84
CA GLU AA 97 0.45 -8.35 -50.22
C GLU AA 97 -0.68 -9.25 -50.73
N THR AA 98 -0.68 -9.49 -52.07
CA THR AA 98 -1.66 -10.35 -52.68
C THR AA 98 -1.15 -11.80 -52.72
N MET AA 99 -2.08 -12.75 -52.84
CA MET AA 99 -1.75 -14.16 -52.91
C MET AA 99 -1.57 -14.60 -54.37
N THR AA 100 -0.72 -15.61 -54.57
CA THR AA 100 -0.55 -16.18 -55.90
C THR AA 100 -1.80 -17.03 -56.19
N VAL AA 101 -2.10 -17.27 -57.47
CA VAL AA 101 -3.28 -18.07 -57.86
C VAL AA 101 -3.18 -19.48 -57.25
N GLU AA 102 -1.97 -20.05 -57.27
CA GLU AA 102 -1.69 -21.37 -56.72
C GLU AA 102 -1.90 -21.41 -55.23
N SER AA 103 -1.49 -20.37 -54.51
CA SER AA 103 -1.63 -20.29 -53.05
C SER AA 103 -3.08 -20.28 -52.63
N VAL AA 104 -3.93 -19.61 -53.42
CA VAL AA 104 -5.34 -19.58 -53.13
C VAL AA 104 -5.94 -20.95 -53.44
N THR AA 105 -5.59 -21.52 -54.59
CA THR AA 105 -6.06 -22.85 -54.97
C THR AA 105 -5.71 -23.92 -53.93
N GLN AA 106 -4.48 -23.85 -53.38
CA GLN AA 106 -3.97 -24.77 -52.36
C GLN AA 106 -4.72 -24.60 -51.07
N ALA AA 107 -5.02 -23.34 -50.70
CA ALA AA 107 -5.77 -23.06 -49.48
C ALA AA 107 -7.15 -23.73 -49.53
N VAL AA 108 -7.89 -23.54 -50.63
CA VAL AA 108 -9.21 -24.16 -50.77
C VAL AA 108 -9.09 -25.68 -50.75
N SER AA 109 -8.04 -26.21 -51.41
CA SER AA 109 -7.73 -27.63 -51.52
C SER AA 109 -7.46 -28.33 -50.19
N ASN AA 110 -6.93 -27.61 -49.19
CA ASN AA 110 -6.68 -28.21 -47.88
C ASN AA 110 -7.96 -28.64 -47.16
N LEU AA 111 -9.12 -28.04 -47.50
CA LEU AA 111 -10.39 -28.38 -46.86
C LEU AA 111 -11.09 -29.59 -47.47
N ALA AA 112 -10.49 -30.27 -48.44
CA ALA AA 112 -11.17 -31.33 -49.19
C ALA AA 112 -11.38 -32.66 -48.47
N LEU AA 113 -10.35 -33.30 -47.88
CA LEU AA 113 -10.59 -34.55 -47.15
C LEU AA 113 -10.87 -34.30 -45.66
N GLN AA 114 -11.37 -33.09 -45.34
CA GLN AA 114 -11.72 -32.69 -43.99
C GLN AA 114 -13.17 -32.97 -43.78
N PHE AA 115 -13.48 -34.26 -43.78
CA PHE AA 115 -14.80 -34.78 -43.52
C PHE AA 115 -14.66 -36.06 -42.70
N GLY AA 116 -15.70 -36.39 -41.94
CA GLY AA 116 -15.66 -37.59 -41.11
C GLY AA 116 -16.77 -37.67 -40.08
N GLU AA 117 -16.83 -38.80 -39.37
CA GLU AA 117 -17.85 -39.01 -38.35
C GLU AA 117 -17.18 -39.10 -36.96
N GLU AA 118 -16.53 -40.23 -36.63
CA GLU AA 118 -15.89 -40.39 -35.33
C GLU AA 118 -14.61 -39.58 -35.21
N ASP AA 119 -14.33 -39.10 -33.97
CA ASP AA 119 -13.15 -38.35 -33.53
C ASP AA 119 -13.01 -36.95 -34.15
N ALA AA 120 -14.13 -36.33 -34.59
CA ALA AA 120 -14.07 -35.01 -35.24
C ALA AA 120 -14.70 -33.85 -34.40
N ASP AA 121 -14.40 -32.58 -34.78
CA ASP AA 121 -14.87 -31.34 -34.14
C ASP AA 121 -16.39 -31.27 -34.06
N PRO AA 122 -16.95 -30.52 -33.09
CA PRO AA 122 -18.42 -30.45 -32.94
C PRO AA 122 -19.19 -29.92 -34.15
N GLY AA 123 -18.50 -29.24 -35.07
CA GLY AA 123 -19.12 -28.69 -36.28
C GLY AA 123 -18.45 -29.17 -37.56
N ALA AA 124 -17.90 -30.41 -37.54
CA ALA AA 124 -17.17 -30.99 -38.69
C ALA AA 124 -18.06 -31.49 -39.85
N MET AA 125 -17.47 -31.49 -41.07
CA MET AA 125 -18.15 -31.88 -42.30
C MET AA 125 -18.41 -33.36 -42.33
N SER AA 126 -19.59 -33.76 -42.74
CA SER AA 126 -19.95 -35.17 -42.80
C SER AA 126 -19.54 -35.80 -44.12
N ARG AA 127 -19.51 -35.02 -45.20
CA ARG AA 127 -19.24 -35.50 -46.56
C ARG AA 127 -18.35 -34.49 -47.34
N PRO AA 128 -17.77 -34.89 -48.49
CA PRO AA 128 -16.97 -33.95 -49.27
C PRO AA 128 -17.83 -32.89 -49.99
N PHE AA 129 -17.18 -31.96 -50.67
CA PHE AA 129 -17.87 -30.92 -51.39
C PHE AA 129 -18.10 -31.41 -52.81
N GLY AA 130 -19.35 -31.39 -53.28
CA GLY AA 130 -19.67 -31.87 -54.62
C GLY AA 130 -19.43 -30.83 -55.70
N VAL AA 131 -18.27 -30.20 -55.69
CA VAL AA 131 -17.95 -29.10 -56.60
C VAL AA 131 -16.58 -29.26 -57.24
N ALA AA 132 -16.41 -28.67 -58.43
CA ALA AA 132 -15.14 -28.55 -59.13
C ALA AA 132 -14.94 -27.05 -59.32
N LEU AA 133 -13.69 -26.56 -59.20
CA LEU AA 133 -13.42 -25.14 -59.37
C LEU AA 133 -12.33 -24.89 -60.38
N LEU AA 134 -12.41 -23.74 -61.06
CA LEU AA 134 -11.37 -23.27 -61.98
C LEU AA 134 -10.94 -21.91 -61.46
N PHE AA 135 -9.66 -21.75 -61.10
CA PHE AA 135 -9.15 -20.49 -60.57
C PHE AA 135 -8.31 -19.81 -61.64
N GLY AA 136 -8.86 -18.77 -62.27
CA GLY AA 136 -8.15 -18.01 -63.27
C GLY AA 136 -7.76 -16.65 -62.73
N GLY AA 137 -6.48 -16.33 -62.75
CA GLY AA 137 -6.00 -15.05 -62.26
C GLY AA 137 -4.60 -14.70 -62.73
N VAL AA 138 -4.10 -13.52 -62.34
CA VAL AA 138 -2.75 -13.09 -62.74
C VAL AA 138 -1.87 -12.75 -61.52
N ASP AA 139 -0.61 -13.20 -61.52
CA ASP AA 139 0.36 -12.92 -60.47
C ASP AA 139 1.75 -12.66 -61.12
N GLU AA 140 2.86 -12.71 -60.36
CA GLU AA 140 4.20 -12.48 -60.92
C GLU AA 140 4.62 -13.57 -61.93
N LYS AA 141 4.08 -14.80 -61.76
CA LYS AA 141 4.32 -15.87 -62.73
C LYS AA 141 3.51 -15.71 -64.03
N GLY AA 142 2.73 -14.63 -64.13
CA GLY AA 142 1.88 -14.32 -65.27
C GLY AA 142 0.46 -14.82 -65.07
N PRO AA 143 -0.28 -14.96 -66.18
CA PRO AA 143 -1.64 -15.48 -66.06
C PRO AA 143 -1.56 -16.97 -65.74
N GLN AA 144 -2.38 -17.40 -64.77
CA GLN AA 144 -2.44 -18.77 -64.31
C GLN AA 144 -3.88 -19.25 -64.22
N LEU AA 145 -4.15 -20.51 -64.62
CA LEU AA 145 -5.48 -21.12 -64.52
C LEU AA 145 -5.30 -22.47 -63.82
N PHE AA 146 -6.06 -22.72 -62.75
CA PHE AA 146 -5.93 -23.94 -61.94
C PHE AA 146 -7.23 -24.70 -61.82
N HIS AA 147 -7.16 -26.02 -61.84
CA HIS AA 147 -8.33 -26.86 -61.66
C HIS AA 147 -8.27 -27.53 -60.27
N MET AA 148 -9.43 -27.77 -59.69
CA MET AA 148 -9.53 -28.49 -58.43
C MET AA 148 -10.80 -29.34 -58.42
N ASP AA 149 -10.72 -30.53 -57.84
CA ASP AA 149 -11.87 -31.45 -57.75
C ASP AA 149 -12.12 -31.90 -56.28
N PRO AA 150 -13.21 -32.64 -55.95
CA PRO AA 150 -13.42 -33.07 -54.56
C PRO AA 150 -12.32 -33.94 -53.91
N SER AA 151 -11.33 -34.42 -54.66
CA SER AA 151 -10.22 -35.18 -54.05
C SER AA 151 -9.11 -34.27 -53.43
N GLY AA 152 -9.28 -32.96 -53.52
CA GLY AA 152 -8.25 -32.01 -53.09
C GLY AA 152 -7.11 -31.89 -54.09
N THR AA 153 -7.20 -32.57 -55.26
CA THR AA 153 -6.14 -32.52 -56.23
C THR AA 153 -6.24 -31.29 -57.09
N PHE AA 154 -5.24 -30.41 -57.02
CA PHE AA 154 -5.24 -29.23 -57.85
C PHE AA 154 -4.08 -29.26 -58.86
N VAL AA 155 -4.35 -28.89 -60.10
CA VAL AA 155 -3.34 -28.88 -61.15
C VAL AA 155 -3.44 -27.60 -61.96
N GLN AA 156 -2.34 -27.19 -62.60
CA GLN AA 156 -2.36 -26.00 -63.43
C GLN AA 156 -2.73 -26.39 -64.86
N CYS AA 157 -3.65 -25.66 -65.50
CA CYS AA 157 -4.12 -25.99 -66.83
C CYS AA 157 -3.96 -24.88 -67.81
N ASP AA 158 -3.63 -25.24 -69.04
CA ASP AA 158 -3.60 -24.31 -70.15
C ASP AA 158 -5.07 -24.10 -70.57
N ALA AA 159 -5.84 -25.19 -70.71
CA ALA AA 159 -7.26 -25.11 -70.97
C ALA AA 159 -7.97 -26.27 -70.26
N ARG AA 160 -9.11 -25.97 -69.65
CA ARG AA 160 -9.88 -27.02 -68.94
C ARG AA 160 -11.37 -26.74 -69.06
N ALA AA 161 -12.14 -27.83 -69.06
CA ALA AA 161 -13.59 -27.82 -69.06
C ALA AA 161 -14.08 -28.74 -67.94
N ILE AA 162 -15.15 -28.33 -67.24
CA ILE AA 162 -15.75 -29.11 -66.15
C ILE AA 162 -17.26 -29.09 -66.25
N GLY AA 163 -17.89 -30.18 -65.85
CA GLY AA 163 -19.35 -30.27 -65.90
C GLY AA 163 -19.85 -31.39 -66.78
N SER AA 164 -21.15 -31.35 -67.06
CA SER AA 164 -21.85 -32.36 -67.84
C SER AA 164 -21.18 -32.70 -69.18
N ALA AA 165 -20.81 -31.69 -69.97
CA ALA AA 165 -20.16 -31.94 -71.26
C ALA AA 165 -18.65 -31.70 -71.19
N SER AA 166 -18.01 -32.20 -70.11
CA SER AA 166 -16.56 -32.04 -69.91
C SER AA 166 -15.75 -32.79 -70.97
N GLU AA 167 -16.15 -34.05 -71.29
CA GLU AA 167 -15.46 -34.90 -72.29
C GLU AA 167 -15.38 -34.24 -73.65
N GLY AA 168 -16.53 -33.77 -74.15
CA GLY AA 168 -16.65 -33.12 -75.43
C GLY AA 168 -15.97 -31.77 -75.51
N ALA AA 169 -16.20 -30.89 -74.51
CA ALA AA 169 -15.60 -29.55 -74.54
C ALA AA 169 -14.07 -29.59 -74.49
N GLN AA 170 -13.50 -30.53 -73.71
CA GLN AA 170 -12.05 -30.68 -73.62
C GLN AA 170 -11.47 -31.14 -74.94
N SER AA 171 -12.19 -32.05 -75.64
CA SER AA 171 -11.78 -32.56 -76.95
C SER AA 171 -11.67 -31.40 -77.94
N SER AA 172 -12.68 -30.50 -77.94
CA SER AA 172 -12.72 -29.32 -78.80
C SER AA 172 -11.61 -28.34 -78.44
N LEU AA 173 -11.40 -28.11 -77.13
CA LEU AA 173 -10.35 -27.22 -76.62
C LEU AA 173 -8.96 -27.68 -77.11
N GLN AA 174 -8.69 -29.01 -77.03
CA GLN AA 174 -7.46 -29.66 -77.43
C GLN AA 174 -7.12 -29.40 -78.91
N GLU AA 175 -8.14 -29.45 -79.78
CA GLU AA 175 -7.93 -29.24 -81.20
C GLU AA 175 -7.68 -27.77 -81.57
N VAL AA 176 -8.11 -26.80 -80.74
CA VAL AA 176 -7.98 -25.38 -81.06
C VAL AA 176 -6.92 -24.63 -80.18
N TYR AA 177 -6.49 -25.18 -79.04
CA TYR AA 177 -5.54 -24.49 -78.15
C TYR AA 177 -4.08 -24.51 -78.64
N HIS AA 178 -3.47 -23.31 -78.66
CA HIS AA 178 -2.05 -23.03 -78.97
C HIS AA 178 -1.51 -22.11 -77.87
N LYS AA 179 -0.32 -22.39 -77.31
CA LYS AA 179 0.20 -21.59 -76.19
C LYS AA 179 0.34 -20.08 -76.49
N SER AA 180 0.42 -19.69 -77.77
CA SER AA 180 0.51 -18.28 -78.12
C SER AA 180 -0.73 -17.76 -78.84
N MET AA 181 -1.91 -18.10 -78.30
CA MET AA 181 -3.16 -17.59 -78.86
C MET AA 181 -3.61 -16.36 -78.09
N THR AA 182 -4.23 -15.42 -78.80
CA THR AA 182 -4.66 -14.17 -78.17
C THR AA 182 -5.86 -14.38 -77.25
N LEU AA 183 -6.04 -13.46 -76.30
CA LEU AA 183 -7.18 -13.53 -75.39
C LEU AA 183 -8.52 -13.32 -76.14
N LYS AA 184 -8.50 -12.59 -77.28
CA LYS AA 184 -9.68 -12.40 -78.12
C LYS AA 184 -10.07 -13.77 -78.70
N GLU AA 185 -9.08 -14.54 -79.21
CA GLU AA 185 -9.28 -15.88 -79.76
C GLU AA 185 -9.68 -16.89 -78.69
N ALA AA 186 -9.20 -16.69 -77.45
CA ALA AA 186 -9.51 -17.53 -76.29
C ALA AA 186 -10.99 -17.39 -75.89
N ILE AA 187 -11.50 -16.16 -75.91
CA ILE AA 187 -12.90 -15.87 -75.59
C ILE AA 187 -13.78 -16.45 -76.70
N LYS AA 188 -13.41 -16.25 -77.97
CA LYS AA 188 -14.19 -16.75 -79.09
C LYS AA 188 -14.30 -18.27 -79.06
N SER AA 189 -13.18 -18.98 -78.89
CA SER AA 189 -13.17 -20.45 -78.82
C SER AA 189 -14.05 -20.95 -77.68
N SER AA 190 -13.97 -20.28 -76.50
CA SER AA 190 -14.77 -20.65 -75.32
C SER AA 190 -16.24 -20.49 -75.61
N LEU AA 191 -16.62 -19.37 -76.24
CA LEU AA 191 -18.01 -19.09 -76.56
C LEU AA 191 -18.56 -20.04 -77.65
N ILE AA 192 -17.71 -20.39 -78.66
CA ILE AA 192 -18.09 -21.36 -79.70
C ILE AA 192 -18.31 -22.72 -79.04
N ILE AA 193 -17.30 -23.23 -78.30
CA ILE AA 193 -17.35 -24.53 -77.61
C ILE AA 193 -18.53 -24.61 -76.64
N LEU AA 194 -18.86 -23.49 -76.00
CA LEU AA 194 -19.98 -23.46 -75.06
C LEU AA 194 -21.30 -23.53 -75.83
N LYS AA 195 -21.40 -22.83 -76.98
CA LYS AA 195 -22.59 -22.85 -77.81
C LYS AA 195 -22.89 -24.28 -78.29
N GLN AA 196 -21.82 -24.99 -78.68
CA GLN AA 196 -21.93 -26.37 -79.17
C GLN AA 196 -22.50 -27.34 -78.15
N VAL AA 197 -22.00 -27.31 -76.89
CA VAL AA 197 -22.40 -28.27 -75.86
C VAL AA 197 -23.76 -28.03 -75.20
N MET AA 198 -24.33 -26.81 -75.29
CA MET AA 198 -25.62 -26.53 -74.63
C MET AA 198 -26.85 -27.05 -75.36
N GLU AA 199 -27.86 -27.47 -74.58
CA GLU AA 199 -29.15 -27.91 -75.12
C GLU AA 199 -29.90 -26.66 -75.60
N GLU AA 200 -29.98 -25.62 -74.75
CA GLU AA 200 -30.64 -24.36 -75.14
C GLU AA 200 -29.70 -23.53 -76.03
N LYS AA 201 -30.27 -22.64 -76.87
CA LYS AA 201 -29.45 -21.77 -77.74
C LYS AA 201 -28.67 -20.75 -76.90
N LEU AA 202 -27.51 -20.28 -77.40
CA LEU AA 202 -26.69 -19.32 -76.67
C LEU AA 202 -27.33 -17.90 -76.70
N ASN AA 203 -27.34 -17.20 -75.55
CA ASN AA 203 -27.90 -15.86 -75.37
C ASN AA 203 -27.06 -15.04 -74.38
N ALA AA 204 -27.22 -13.70 -74.38
CA ALA AA 204 -26.50 -12.85 -73.42
C ALA AA 204 -27.00 -13.05 -71.97
N THR AA 205 -28.20 -13.67 -71.80
CA THR AA 205 -28.79 -14.02 -70.50
C THR AA 205 -28.32 -15.42 -70.06
N ASN AA 206 -28.22 -16.34 -71.04
CA ASN AA 206 -27.87 -17.75 -70.90
C ASN AA 206 -26.45 -18.02 -70.41
N ILE AA 207 -25.48 -17.12 -70.62
CA ILE AA 207 -24.09 -17.39 -70.23
C ILE AA 207 -23.45 -16.28 -69.35
N GLU AA 208 -22.23 -16.55 -68.83
CA GLU AA 208 -21.40 -15.66 -68.03
C GLU AA 208 -19.98 -15.73 -68.60
N LEU AA 209 -19.37 -14.58 -68.83
CA LEU AA 209 -18.01 -14.49 -69.34
C LEU AA 209 -17.23 -13.50 -68.45
N ALA AA 210 -15.94 -13.79 -68.21
CA ALA AA 210 -15.09 -12.97 -67.35
C ALA AA 210 -13.63 -13.20 -67.67
N THR AA 211 -12.82 -12.15 -67.56
CA THR AA 211 -11.40 -12.24 -67.88
C THR AA 211 -10.53 -11.55 -66.83
N VAL AA 212 -9.31 -12.06 -66.69
CA VAL AA 212 -8.27 -11.42 -65.82
C VAL AA 212 -7.03 -11.25 -66.71
N GLN AA 213 -6.59 -10.01 -66.92
CA GLN AA 213 -5.42 -9.74 -67.80
C GLN AA 213 -4.48 -8.76 -67.08
N PRO AA 214 -3.16 -8.80 -67.32
CA PRO AA 214 -2.25 -7.87 -66.66
C PRO AA 214 -2.66 -6.44 -67.05
N GLY AA 215 -2.69 -5.53 -66.07
CA GLY AA 215 -3.10 -4.14 -66.32
C GLY AA 215 -4.60 -3.95 -66.17
N GLN AA 216 -5.32 -5.01 -65.78
CA GLN AA 216 -6.80 -4.92 -65.58
C GLN AA 216 -7.21 -5.79 -64.39
N ASN AA 217 -8.37 -5.51 -63.79
CA ASN AA 217 -8.89 -6.30 -62.64
C ASN AA 217 -9.92 -7.32 -63.13
N PHE AA 218 -10.15 -8.38 -62.36
CA PHE AA 218 -11.13 -9.41 -62.74
C PHE AA 218 -12.34 -8.68 -63.28
N HIS AA 219 -12.71 -8.98 -64.53
CA HIS AA 219 -13.85 -8.27 -65.17
C HIS AA 219 -14.99 -9.23 -65.51
N MET AA 220 -16.18 -8.92 -65.04
CA MET AA 220 -17.39 -9.73 -65.35
C MET AA 220 -18.04 -9.05 -66.55
N PHE AA 221 -18.13 -9.74 -67.68
CA PHE AA 221 -18.70 -9.11 -68.89
C PHE AA 221 -20.17 -8.75 -68.66
N THR AA 222 -20.52 -7.51 -69.02
CA THR AA 222 -21.90 -7.03 -68.94
C THR AA 222 -22.75 -7.59 -70.10
N LYS AA 223 -24.09 -7.40 -70.09
CA LYS AA 223 -24.96 -7.87 -71.18
C LYS AA 223 -24.59 -7.17 -72.47
N GLU AA 224 -24.29 -5.86 -72.39
CA GLU AA 224 -23.87 -5.08 -73.55
C GLU AA 224 -22.53 -5.56 -74.12
N GLU AA 225 -21.57 -5.92 -73.24
CA GLU AA 225 -20.26 -6.43 -73.64
C GLU AA 225 -20.35 -7.84 -74.19
N LEU AA 226 -21.26 -8.67 -73.62
CA LEU AA 226 -21.49 -10.05 -74.05
C LEU AA 226 -22.22 -10.10 -75.40
N GLU AA 227 -23.09 -9.10 -75.67
CA GLU AA 227 -23.77 -8.99 -76.95
C GLU AA 227 -22.76 -8.72 -78.08
N GLU AA 228 -21.77 -7.81 -77.89
CA GLU AA 228 -20.78 -7.55 -78.95
C GLU AA 228 -19.77 -8.71 -79.12
N VAL AA 229 -19.65 -9.60 -78.12
CA VAL AA 229 -18.79 -10.78 -78.25
C VAL AA 229 -19.59 -11.85 -79.03
N ILE AA 230 -20.86 -12.08 -78.66
CA ILE AA 230 -21.75 -13.04 -79.33
C ILE AA 230 -22.04 -12.60 -80.79
N THR BA 1 -18.45 -18.79 21.09
CA THR BA 1 -18.83 -20.16 21.32
C THR BA 1 -17.87 -20.85 22.27
N THR BA 2 -18.39 -21.76 23.10
CA THR BA 2 -17.57 -22.61 23.95
C THR BA 2 -18.09 -24.01 23.71
N ILE BA 3 -17.35 -24.81 22.93
CA ILE BA 3 -17.73 -26.19 22.70
C ILE BA 3 -16.67 -27.10 23.30
N ALA BA 4 -17.09 -28.22 23.92
CA ALA BA 4 -16.13 -29.07 24.61
C ALA BA 4 -16.45 -30.56 24.55
N GLY BA 5 -15.40 -31.36 24.66
CA GLY BA 5 -15.54 -32.82 24.64
C GLY BA 5 -14.77 -33.51 25.75
N LEU BA 6 -15.19 -34.73 26.04
CA LEU BA 6 -14.61 -35.52 27.11
C LEU BA 6 -14.77 -37.01 26.81
N VAL BA 7 -13.78 -37.83 27.19
CA VAL BA 7 -13.91 -39.28 27.04
C VAL BA 7 -13.87 -39.90 28.43
N PHE BA 8 -15.01 -40.46 28.87
CA PHE BA 8 -15.11 -41.09 30.18
C PHE BA 8 -15.08 -42.64 30.08
N GLN BA 9 -15.22 -43.37 31.20
CA GLN BA 9 -15.14 -44.84 31.24
C GLN BA 9 -16.11 -45.55 30.34
N ASP BA 10 -17.32 -45.01 30.15
CA ASP BA 10 -18.30 -45.68 29.28
C ASP BA 10 -18.72 -44.89 28.04
N GLY BA 11 -17.96 -43.86 27.65
CA GLY BA 11 -18.31 -43.09 26.46
C GLY BA 11 -17.71 -41.71 26.31
N VAL BA 12 -18.49 -40.81 25.70
CA VAL BA 12 -18.10 -39.45 25.40
C VAL BA 12 -19.18 -38.45 25.84
N ILE BA 13 -18.79 -37.26 26.34
CA ILE BA 13 -19.74 -36.20 26.66
C ILE BA 13 -19.40 -34.99 25.77
N LEU BA 14 -20.40 -34.36 25.18
CA LEU BA 14 -20.18 -33.19 24.32
C LEU BA 14 -20.94 -32.04 24.91
N GLY BA 15 -20.29 -30.88 25.07
CA GLY BA 15 -20.95 -29.72 25.65
C GLY BA 15 -20.92 -28.55 24.72
N ALA BA 16 -21.93 -27.66 24.83
CA ALA BA 16 -21.99 -26.46 23.99
C ALA BA 16 -22.82 -25.38 24.65
N ASP BA 17 -22.50 -24.10 24.34
CA ASP BA 17 -23.32 -23.00 24.83
C ASP BA 17 -24.44 -22.71 23.79
N THR BA 18 -25.27 -21.69 24.02
CA THR BA 18 -26.38 -21.38 23.13
C THR BA 18 -26.33 -19.97 22.59
N ARG BA 19 -25.16 -19.31 22.58
CA ARG BA 19 -25.06 -17.96 22.02
C ARG BA 19 -24.57 -17.88 20.57
N ALA BA 20 -25.30 -17.09 19.76
CA ALA BA 20 -24.93 -16.74 18.40
C ALA BA 20 -24.80 -15.23 18.43
N THR BA 21 -23.66 -14.73 18.02
CA THR BA 21 -23.38 -13.29 18.04
C THR BA 21 -23.18 -12.72 16.66
N ASN BA 22 -23.77 -11.56 16.41
CA ASN BA 22 -23.61 -10.84 15.15
C ASN BA 22 -22.92 -9.49 15.46
N ASP BA 23 -21.59 -9.49 15.57
CA ASP BA 23 -20.79 -8.29 15.83
C ASP BA 23 -21.19 -7.54 17.09
N SER BA 24 -20.80 -8.08 18.27
CA SER BA 24 -21.07 -7.51 19.60
C SER BA 24 -22.57 -7.44 20.01
N VAL BA 25 -23.47 -7.99 19.21
CA VAL BA 25 -24.88 -8.02 19.53
C VAL BA 25 -25.28 -9.47 19.60
N VAL BA 26 -25.97 -9.89 20.65
CA VAL BA 26 -26.43 -11.27 20.77
C VAL BA 26 -27.63 -11.42 19.84
N ALA BA 27 -27.52 -12.28 18.81
CA ALA BA 27 -28.63 -12.47 17.88
C ALA BA 27 -29.57 -13.58 18.40
N ASP BA 28 -28.99 -14.70 18.85
CA ASP BA 28 -29.77 -15.80 19.37
C ASP BA 28 -29.33 -16.11 20.76
N LYS BA 29 -30.29 -16.20 21.69
CA LYS BA 29 -29.98 -16.54 23.06
C LYS BA 29 -29.89 -18.08 23.24
N SER BA 30 -30.54 -18.86 22.34
CA SER BA 30 -30.49 -20.31 22.45
C SER BA 30 -30.49 -21.05 21.09
N CYS BA 31 -29.31 -21.18 20.50
CA CYS BA 31 -29.14 -21.94 19.27
C CYS BA 31 -28.62 -23.38 19.62
N GLU BA 32 -28.73 -24.35 18.68
CA GLU BA 32 -28.27 -25.70 18.97
C GLU BA 32 -26.94 -25.94 18.29
N LYS BA 33 -25.89 -26.03 19.06
CA LYS BA 33 -24.55 -26.25 18.55
C LYS BA 33 -24.15 -27.74 18.50
N ILE BA 34 -24.90 -28.63 19.19
CA ILE BA 34 -24.61 -30.07 19.15
C ILE BA 34 -25.50 -30.71 18.09
N HIS BA 35 -24.88 -31.17 16.99
CA HIS BA 35 -25.59 -31.73 15.85
C HIS BA 35 -25.42 -33.21 15.69
N PHE BA 36 -26.48 -33.88 15.21
CA PHE BA 36 -26.45 -35.32 14.91
C PHE BA 36 -25.67 -35.62 13.63
N ILE BA 37 -24.87 -36.70 13.65
CA ILE BA 37 -24.18 -37.18 12.46
C ILE BA 37 -24.75 -38.60 12.16
N ALA BA 38 -24.75 -39.46 13.18
CA ALA BA 38 -25.29 -40.82 13.17
C ALA BA 38 -25.86 -41.06 14.57
N PRO BA 39 -26.66 -42.13 14.78
CA PRO BA 39 -27.21 -42.39 16.12
C PRO BA 39 -26.17 -42.30 17.27
N LYS BA 40 -24.95 -42.81 17.06
CA LYS BA 40 -23.91 -42.76 18.10
C LYS BA 40 -22.72 -41.86 17.75
N ILE BA 41 -22.94 -40.86 16.88
CA ILE BA 41 -21.92 -39.86 16.51
C ILE BA 41 -22.57 -38.46 16.50
N TYR BA 42 -22.07 -37.57 17.35
CA TYR BA 42 -22.55 -36.20 17.37
C TYR BA 42 -21.35 -35.24 17.13
N CYS BA 43 -21.64 -33.99 16.76
CA CYS BA 43 -20.60 -33.03 16.41
C CYS BA 43 -20.95 -31.63 16.91
N CYS BA 44 -20.00 -30.93 17.55
CA CYS BA 44 -20.23 -29.57 18.02
C CYS BA 44 -19.63 -28.65 16.97
N GLY BA 45 -20.34 -27.59 16.59
CA GLY BA 45 -19.84 -26.65 15.61
C GLY BA 45 -19.54 -25.28 16.21
N ALA BA 46 -18.44 -24.65 15.79
CA ALA BA 46 -18.08 -23.31 16.25
C ALA BA 46 -17.49 -22.55 15.06
N GLY BA 47 -17.80 -21.27 14.94
CA GLY BA 47 -17.28 -20.44 13.85
C GLY BA 47 -18.39 -19.77 13.09
N VAL BA 48 -18.29 -19.74 11.77
CA VAL BA 48 -19.32 -19.18 10.91
C VAL BA 48 -20.50 -20.16 10.98
N ALA BA 49 -21.63 -19.75 11.58
CA ALA BA 49 -22.77 -20.62 11.82
C ALA BA 49 -23.31 -21.32 10.62
N ALA BA 50 -23.25 -20.71 9.43
CA ALA BA 50 -23.75 -21.37 8.22
C ALA BA 50 -22.81 -22.48 7.78
N ASP BA 51 -21.50 -22.28 7.95
CA ASP BA 51 -20.48 -23.23 7.58
C ASP BA 51 -20.51 -24.42 8.52
N ALA BA 52 -20.73 -24.19 9.83
CA ALA BA 52 -20.84 -25.31 10.78
C ALA BA 52 -22.13 -26.10 10.50
N GLU BA 53 -23.23 -25.39 10.23
CA GLU BA 53 -24.53 -25.98 9.93
C GLU BA 53 -24.49 -26.84 8.68
N MET BA 54 -23.95 -26.31 7.58
CA MET BA 54 -23.94 -27.05 6.34
C MET BA 54 -22.89 -28.16 6.31
N THR BA 55 -21.70 -27.98 6.92
CA THR BA 55 -20.71 -29.08 6.84
C THR BA 55 -21.13 -30.25 7.74
N THR BA 56 -21.90 -29.99 8.79
CA THR BA 56 -22.46 -31.00 9.70
C THR BA 56 -23.62 -31.76 9.02
N ARG BA 57 -24.45 -31.03 8.25
CA ARG BA 57 -25.57 -31.57 7.52
C ARG BA 57 -25.08 -32.48 6.40
N MET BA 58 -24.02 -32.07 5.69
CA MET BA 58 -23.50 -32.83 4.56
C MET BA 58 -22.86 -34.13 4.98
N VAL BA 59 -22.09 -34.13 6.06
CA VAL BA 59 -21.43 -35.32 6.56
C VAL BA 59 -22.45 -36.28 7.20
N ALA BA 60 -23.53 -35.76 7.82
CA ALA BA 60 -24.57 -36.63 8.40
C ALA BA 60 -25.29 -37.39 7.27
N SER BA 61 -25.59 -36.67 6.17
CA SER BA 61 -26.23 -37.20 4.98
C SER BA 61 -25.29 -38.20 4.27
N LYS BA 62 -23.98 -37.92 4.22
CA LYS BA 62 -23.02 -38.85 3.64
C LYS BA 62 -22.91 -40.09 4.51
N MET BA 63 -23.00 -39.94 5.86
CA MET BA 63 -22.98 -41.09 6.75
C MET BA 63 -24.25 -41.92 6.68
N GLU BA 64 -25.40 -41.33 6.26
CA GLU BA 64 -26.60 -42.15 6.09
C GLU BA 64 -26.40 -43.01 4.85
N LEU BA 65 -25.90 -42.42 3.74
CA LEU BA 65 -25.59 -43.20 2.54
C LEU BA 65 -24.53 -44.27 2.84
N HIS BA 66 -23.53 -43.95 3.69
CA HIS BA 66 -22.52 -44.92 4.06
C HIS BA 66 -23.15 -46.15 4.77
N ALA BA 67 -23.79 -45.93 5.92
CA ALA BA 67 -24.46 -46.94 6.70
C ALA BA 67 -25.53 -47.76 5.91
N LEU BA 68 -26.28 -47.12 5.00
CA LEU BA 68 -27.29 -47.83 4.21
C LEU BA 68 -26.60 -48.84 3.29
N SER BA 69 -25.50 -48.44 2.68
CA SER BA 69 -24.74 -49.29 1.78
C SER BA 69 -24.03 -50.43 2.53
N THR BA 70 -23.28 -50.11 3.60
CA THR BA 70 -22.52 -51.09 4.35
C THR BA 70 -23.37 -52.02 5.20
N GLY BA 71 -24.47 -51.49 5.70
CA GLY BA 71 -25.35 -52.21 6.61
C GLY BA 71 -24.81 -52.24 8.03
N ARG BA 72 -23.83 -51.39 8.34
CA ARG BA 72 -23.20 -51.36 9.65
C ARG BA 72 -23.32 -49.98 10.30
N GLU BA 73 -23.08 -49.90 11.61
CA GLU BA 73 -23.01 -48.61 12.31
C GLU BA 73 -21.77 -47.89 11.77
N PRO BA 74 -21.86 -46.57 11.53
CA PRO BA 74 -20.69 -45.83 11.02
C PRO BA 74 -19.56 -45.74 12.03
N ARG BA 75 -18.33 -45.58 11.56
CA ARG BA 75 -17.16 -45.42 12.42
C ARG BA 75 -16.86 -43.93 12.58
N VAL BA 76 -16.38 -43.51 13.76
CA VAL BA 76 -16.01 -42.11 13.98
C VAL BA 76 -14.81 -41.71 13.10
N ALA BA 77 -13.96 -42.67 12.69
CA ALA BA 77 -12.83 -42.34 11.80
C ALA BA 77 -13.32 -41.86 10.44
N THR BA 78 -14.44 -42.44 9.95
CA THR BA 78 -15.04 -42.08 8.68
C THR BA 78 -15.53 -40.65 8.72
N VAL BA 79 -16.28 -40.24 9.75
CA VAL BA 79 -16.76 -38.86 9.84
C VAL BA 79 -15.61 -37.88 9.92
N THR BA 80 -14.52 -38.24 10.62
CA THR BA 80 -13.33 -37.40 10.71
C THR BA 80 -12.68 -37.21 9.34
N ARG BA 81 -12.51 -38.32 8.59
CA ARG BA 81 -11.89 -38.23 7.29
C ARG BA 81 -12.76 -37.53 6.25
N ILE BA 82 -14.08 -37.82 6.18
CA ILE BA 82 -14.99 -37.15 5.25
C ILE BA 82 -14.95 -35.63 5.47
N LEU BA 83 -15.00 -35.20 6.76
CA LEU BA 83 -14.92 -33.80 7.19
C LEU BA 83 -13.59 -33.18 6.81
N ARG BA 84 -12.45 -33.80 7.17
CA ARG BA 84 -11.13 -33.24 6.84
C ARG BA 84 -10.89 -33.03 5.40
N GLN BA 85 -11.15 -34.04 4.57
CA GLN BA 85 -10.91 -33.94 3.15
C GLN BA 85 -11.78 -32.87 2.49
N THR BA 86 -12.96 -32.58 3.05
CA THR BA 86 -13.85 -31.53 2.55
C THR BA 86 -13.32 -30.17 2.99
N LEU BA 87 -12.99 -30.01 4.28
CA LEU BA 87 -12.47 -28.74 4.77
C LEU BA 87 -11.11 -28.37 4.12
N PHE BA 88 -10.20 -29.35 3.95
CA PHE BA 88 -8.89 -29.11 3.34
C PHE BA 88 -9.04 -28.57 1.93
N ARG BA 89 -9.96 -29.15 1.19
CA ARG BA 89 -10.24 -28.75 -0.19
C ARG BA 89 -10.63 -27.25 -0.25
N TYR BA 90 -11.28 -26.73 0.81
CA TYR BA 90 -11.72 -25.34 0.86
C TYR BA 90 -10.76 -24.36 1.53
N GLN BA 91 -9.55 -24.78 1.81
CA GLN BA 91 -8.43 -23.98 2.33
C GLN BA 91 -8.75 -23.05 3.50
N GLY BA 92 -9.61 -23.51 4.40
CA GLY BA 92 -10.01 -22.75 5.57
C GLY BA 92 -11.10 -21.73 5.31
N HIS BA 93 -11.59 -21.62 4.08
CA HIS BA 93 -12.67 -20.69 3.74
C HIS BA 93 -14.01 -21.16 4.27
N VAL BA 94 -14.15 -22.47 4.55
CA VAL BA 94 -15.31 -22.97 5.22
C VAL BA 94 -14.90 -22.92 6.72
N GLY BA 95 -15.37 -21.90 7.42
CA GLY BA 95 -14.99 -21.64 8.80
C GLY BA 95 -15.70 -22.42 9.88
N ALA BA 96 -15.64 -23.77 9.81
CA ALA BA 96 -16.24 -24.64 10.82
C ALA BA 96 -15.14 -25.30 11.65
N SER BA 97 -15.19 -25.14 12.97
CA SER BA 97 -14.26 -25.74 13.94
C SER BA 97 -15.12 -26.75 14.66
N LEU BA 98 -14.80 -28.05 14.54
CA LEU BA 98 -15.69 -29.08 15.06
C LEU BA 98 -15.09 -30.00 16.12
N ILE BA 99 -15.95 -30.46 17.01
CA ILE BA 99 -15.60 -31.43 18.02
C ILE BA 99 -16.50 -32.66 17.72
N VAL BA 100 -15.93 -33.72 17.15
CA VAL BA 100 -16.68 -34.92 16.82
C VAL BA 100 -16.51 -35.95 17.93
N GLY BA 101 -17.60 -36.38 18.52
CA GLY BA 101 -17.57 -37.39 19.55
C GLY BA 101 -18.50 -38.52 19.19
N GLY BA 102 -18.15 -39.75 19.57
CA GLY BA 102 -19.00 -40.88 19.26
C GLY BA 102 -18.47 -42.21 19.71
N VAL BA 103 -19.28 -43.26 19.48
CA VAL BA 103 -18.99 -44.64 19.86
C VAL BA 103 -19.24 -45.56 18.68
N ASP BA 104 -18.25 -46.37 18.34
CA ASP BA 104 -18.39 -47.38 17.29
C ASP BA 104 -17.83 -48.73 17.84
N LEU BA 105 -17.74 -49.79 17.00
CA LEU BA 105 -17.21 -51.11 17.42
C LEU BA 105 -15.84 -51.06 18.14
N THR BA 106 -15.03 -49.99 17.88
CA THR BA 106 -13.70 -49.82 18.47
C THR BA 106 -13.68 -48.95 19.72
N GLY BA 107 -14.85 -48.61 20.27
CA GLY BA 107 -14.94 -47.82 21.47
C GLY BA 107 -15.28 -46.36 21.26
N PRO BA 108 -15.18 -45.59 22.35
CA PRO BA 108 -15.51 -44.16 22.25
C PRO BA 108 -14.33 -43.33 21.78
N GLN BA 109 -14.61 -42.34 20.94
CA GLN BA 109 -13.57 -41.49 20.37
C GLN BA 109 -13.96 -40.02 20.35
N LEU BA 110 -12.96 -39.14 20.58
CA LEU BA 110 -13.17 -37.69 20.56
C LEU BA 110 -12.13 -37.05 19.65
N TYR BA 111 -12.57 -36.25 18.66
CA TYR BA 111 -11.70 -35.60 17.69
C TYR BA 111 -11.93 -34.11 17.56
N GLY BA 112 -10.85 -33.39 17.28
CA GLY BA 112 -10.92 -31.97 17.01
C GLY BA 112 -10.60 -31.79 15.53
N VAL BA 113 -11.48 -31.14 14.76
CA VAL BA 113 -11.24 -30.90 13.33
C VAL BA 113 -11.24 -29.39 13.11
N HIS BA 114 -10.18 -28.85 12.49
CA HIS BA 114 -10.04 -27.41 12.29
C HIS BA 114 -10.42 -26.96 10.87
N PRO BA 115 -10.75 -25.67 10.64
CA PRO BA 115 -11.22 -25.25 9.30
C PRO BA 115 -10.33 -25.55 8.10
N HIS BA 116 -9.02 -25.62 8.30
CA HIS BA 116 -8.10 -25.94 7.22
C HIS BA 116 -8.00 -27.45 6.93
N GLY BA 117 -8.59 -28.30 7.78
CA GLY BA 117 -8.60 -29.74 7.57
C GLY BA 117 -7.64 -30.57 8.39
N SER BA 118 -7.10 -29.99 9.46
CA SER BA 118 -6.20 -30.73 10.35
C SER BA 118 -7.05 -31.33 11.45
N TYR BA 119 -6.60 -32.44 12.03
CA TYR BA 119 -7.34 -33.07 13.12
C TYR BA 119 -6.41 -33.70 14.18
N SER BA 120 -6.97 -33.98 15.36
CA SER BA 120 -6.28 -34.75 16.39
C SER BA 120 -7.30 -35.60 17.18
N ARG BA 121 -6.85 -36.75 17.67
CA ARG BA 121 -7.67 -37.63 18.50
C ARG BA 121 -7.23 -37.27 19.91
N LEU BA 122 -8.17 -36.79 20.72
CA LEU BA 122 -7.87 -36.27 22.04
C LEU BA 122 -8.74 -36.93 23.14
N PRO BA 123 -8.30 -36.97 24.42
CA PRO BA 123 -9.17 -37.50 25.47
C PRO BA 123 -10.19 -36.47 25.98
N PHE BA 124 -9.92 -35.17 25.72
CA PHE BA 124 -10.70 -33.99 26.05
C PHE BA 124 -10.25 -32.84 25.14
N THR BA 125 -11.18 -31.97 24.76
CA THR BA 125 -10.87 -30.87 23.86
C THR BA 125 -11.86 -29.71 23.99
N ALA BA 126 -11.50 -28.53 23.50
CA ALA BA 126 -12.37 -27.39 23.52
C ALA BA 126 -12.07 -26.50 22.33
N LEU BA 127 -13.12 -26.04 21.65
CA LEU BA 127 -13.00 -25.14 20.51
C LEU BA 127 -13.92 -23.92 20.70
N GLY BA 128 -13.73 -22.89 19.88
CA GLY BA 128 -14.50 -21.66 19.94
C GLY BA 128 -13.82 -20.49 20.67
N SER BA 129 -14.45 -19.31 20.65
CA SER BA 129 -13.88 -18.16 21.31
C SER BA 129 -13.68 -18.33 22.82
N GLY BA 130 -14.37 -19.29 23.41
CA GLY BA 130 -14.23 -19.54 24.84
C GLY BA 130 -13.54 -20.86 25.17
N GLN BA 131 -12.85 -21.43 24.19
CA GLN BA 131 -12.15 -22.69 24.35
C GLN BA 131 -11.13 -22.67 25.47
N ASP BA 132 -10.44 -21.54 25.71
CA ASP BA 132 -9.40 -21.48 26.73
C ASP BA 132 -9.94 -21.56 28.16
N ALA BA 133 -11.13 -21.00 28.40
CA ALA BA 133 -11.76 -21.10 29.71
C ALA BA 133 -12.16 -22.55 29.96
N ALA BA 134 -12.68 -23.24 28.92
CA ALA BA 134 -13.08 -24.65 29.04
C ALA BA 134 -11.84 -25.55 29.16
N LEU BA 135 -10.81 -25.29 28.35
CA LEU BA 135 -9.58 -26.07 28.34
C LEU BA 135 -8.82 -25.95 29.67
N ALA BA 136 -8.99 -24.82 30.41
CA ALA BA 136 -8.38 -24.64 31.72
C ALA BA 136 -9.06 -25.57 32.73
N VAL BA 137 -10.42 -25.65 32.71
CA VAL BA 137 -11.19 -26.49 33.60
C VAL BA 137 -10.87 -27.95 33.31
N LEU BA 138 -10.84 -28.35 32.04
CA LEU BA 138 -10.51 -29.71 31.64
C LEU BA 138 -9.08 -30.10 32.07
N GLU BA 139 -8.08 -29.24 31.84
CA GLU BA 139 -6.70 -29.53 32.24
C GLU BA 139 -6.59 -29.65 33.75
N ASP BA 140 -7.28 -28.75 34.48
CA ASP BA 140 -7.27 -28.69 35.93
C ASP BA 140 -7.88 -29.89 36.62
N ARG BA 141 -8.96 -30.48 36.05
CA ARG BA 141 -9.67 -31.55 36.73
C ARG BA 141 -9.96 -32.80 35.94
N PHE BA 142 -9.32 -33.01 34.76
CA PHE BA 142 -9.59 -34.24 34.01
C PHE BA 142 -8.74 -35.36 34.56
N GLN BA 143 -9.37 -36.51 34.80
CA GLN BA 143 -8.72 -37.75 35.18
C GLN BA 143 -9.29 -38.83 34.26
N PRO BA 144 -8.48 -39.78 33.75
CA PRO BA 144 -9.03 -40.80 32.84
C PRO BA 144 -9.98 -41.75 33.53
N ASN BA 145 -10.84 -42.38 32.72
CA ASN BA 145 -11.84 -43.34 33.16
C ASN BA 145 -12.73 -42.77 34.24
N MET BA 146 -13.29 -41.58 33.96
CA MET BA 146 -14.22 -40.91 34.86
C MET BA 146 -15.59 -41.63 34.77
N THR BA 147 -16.44 -41.38 35.77
CA THR BA 147 -17.79 -41.90 35.80
C THR BA 147 -18.70 -40.94 35.03
N LEU BA 148 -19.87 -41.43 34.61
CA LEU BA 148 -20.84 -40.64 33.87
C LEU BA 148 -21.13 -39.25 34.47
N GLU BA 149 -21.47 -39.19 35.76
CA GLU BA 149 -21.82 -37.93 36.40
C GLU BA 149 -20.60 -37.06 36.73
N ALA BA 150 -19.43 -37.67 36.98
CA ALA BA 150 -18.21 -36.88 37.23
C ALA BA 150 -17.81 -36.18 35.93
N ALA BA 151 -17.94 -36.89 34.79
CA ALA BA 151 -17.62 -36.30 33.51
C ALA BA 151 -18.67 -35.24 33.16
N GLN BA 152 -19.96 -35.53 33.34
CA GLN BA 152 -21.04 -34.58 33.08
C GLN BA 152 -20.84 -33.29 33.90
N GLY BA 153 -20.40 -33.44 35.14
CA GLY BA 153 -20.15 -32.31 36.01
C GLY BA 153 -18.97 -31.48 35.51
N LEU BA 154 -17.86 -32.15 35.16
CA LEU BA 154 -16.66 -31.47 34.67
C LEU BA 154 -16.97 -30.74 33.36
N LEU BA 155 -17.71 -31.39 32.46
CA LEU BA 155 -18.08 -30.79 31.20
C LEU BA 155 -18.93 -29.55 31.40
N VAL BA 156 -19.93 -29.60 32.28
CA VAL BA 156 -20.83 -28.47 32.56
C VAL BA 156 -20.00 -27.31 33.06
N GLU BA 157 -19.07 -27.56 33.99
CA GLU BA 157 -18.14 -26.59 34.55
C GLU BA 157 -17.23 -25.98 33.48
N ALA BA 158 -16.80 -26.79 32.52
CA ALA BA 158 -15.91 -26.35 31.46
C ALA BA 158 -16.65 -25.42 30.51
N VAL BA 159 -17.85 -25.78 30.09
CA VAL BA 159 -18.67 -24.92 29.25
C VAL BA 159 -19.09 -23.65 30.04
N THR BA 160 -19.51 -23.81 31.32
CA THR BA 160 -19.87 -22.69 32.18
C THR BA 160 -18.75 -21.68 32.34
N ALA BA 161 -17.47 -22.12 32.47
CA ALA BA 161 -16.38 -21.18 32.61
C ALA BA 161 -16.26 -20.30 31.38
N GLY BA 162 -16.52 -20.87 30.20
CA GLY BA 162 -16.54 -20.17 28.92
C GLY BA 162 -17.74 -19.25 28.81
N ILE BA 163 -18.93 -19.72 29.19
CA ILE BA 163 -20.15 -18.90 29.16
C ILE BA 163 -19.97 -17.59 29.96
N LEU BA 164 -19.41 -17.70 31.14
CA LEU BA 164 -19.17 -16.56 32.01
C LEU BA 164 -17.96 -15.69 31.60
N GLY BA 165 -16.86 -16.32 31.15
CA GLY BA 165 -15.64 -15.60 30.80
C GLY BA 165 -15.47 -15.08 29.39
N ASP BA 166 -16.23 -15.65 28.45
CA ASP BA 166 -16.13 -15.23 27.05
C ASP BA 166 -17.33 -14.37 26.64
N LEU BA 167 -17.08 -13.15 26.12
CA LEU BA 167 -18.17 -12.29 25.64
C LEU BA 167 -18.88 -12.91 24.42
N GLY BA 168 -18.19 -13.74 23.65
CA GLY BA 168 -18.77 -14.41 22.50
C GLY BA 168 -19.54 -15.67 22.81
N SER BA 169 -19.73 -15.98 24.13
CA SER BA 169 -20.40 -17.15 24.69
C SER BA 169 -21.36 -16.77 25.81
N GLY BA 170 -22.42 -17.54 25.92
CA GLY BA 170 -23.44 -17.33 26.92
C GLY BA 170 -24.59 -18.30 26.77
N GLY BA 171 -25.72 -17.96 27.37
CA GLY BA 171 -26.91 -18.81 27.34
C GLY BA 171 -26.83 -19.97 28.32
N ASN BA 172 -27.27 -21.15 27.89
CA ASN BA 172 -27.33 -22.39 28.68
C ASN BA 172 -26.26 -23.37 28.21
N VAL BA 173 -26.05 -24.44 28.98
CA VAL BA 173 -25.14 -25.50 28.64
C VAL BA 173 -25.96 -26.67 28.10
N ASP BA 174 -25.78 -26.97 26.82
CA ASP BA 174 -26.39 -28.13 26.17
C ASP BA 174 -25.36 -29.24 26.24
N ALA BA 175 -25.80 -30.49 26.37
CA ALA BA 175 -24.88 -31.62 26.53
C ALA BA 175 -25.39 -32.85 25.84
N CYS BA 176 -24.48 -33.75 25.48
CA CYS BA 176 -24.86 -35.00 24.83
C CYS BA 176 -23.97 -36.10 25.37
N VAL BA 177 -24.55 -37.15 25.96
CA VAL BA 177 -23.78 -38.26 26.47
C VAL BA 177 -23.91 -39.40 25.46
N ILE BA 178 -22.79 -39.97 25.01
CA ILE BA 178 -22.83 -41.07 24.05
C ILE BA 178 -22.18 -42.30 24.66
N THR BA 179 -22.94 -43.38 24.74
CA THR BA 179 -22.47 -44.64 25.30
C THR BA 179 -22.68 -45.79 24.31
N LYS BA 180 -22.20 -47.00 24.61
CA LYS BA 180 -22.37 -48.17 23.71
C LYS BA 180 -23.84 -48.41 23.31
N THR BA 181 -24.78 -48.07 24.20
CA THR BA 181 -26.22 -48.25 24.02
C THR BA 181 -26.96 -47.07 23.31
N GLY BA 182 -26.23 -46.04 22.89
CA GLY BA 182 -26.86 -44.89 22.24
C GLY BA 182 -26.55 -43.54 22.86
N ALA BA 183 -27.24 -42.47 22.40
CA ALA BA 183 -26.96 -41.12 22.87
C ALA BA 183 -28.12 -40.45 23.58
N LYS BA 184 -27.85 -39.76 24.70
CA LYS BA 184 -28.87 -39.02 25.44
C LYS BA 184 -28.62 -37.51 25.26
N LEU BA 185 -29.50 -36.85 24.51
CA LEU BA 185 -29.34 -35.44 24.21
C LEU BA 185 -29.89 -34.57 25.34
N LEU BA 186 -29.03 -34.17 26.26
CA LEU BA 186 -29.43 -33.35 27.39
C LEU BA 186 -29.47 -31.88 27.00
N ARG BA 187 -30.59 -31.39 26.41
CA ARG BA 187 -30.70 -29.96 26.07
C ARG BA 187 -30.95 -29.18 27.34
N THR BA 188 -30.35 -27.97 27.42
CA THR BA 188 -30.38 -27.03 28.53
C THR BA 188 -30.17 -27.79 29.88
N LEU BA 189 -29.13 -28.64 29.94
CA LEU BA 189 -28.75 -29.40 31.12
C LEU BA 189 -28.44 -28.46 32.28
N SER BA 190 -27.82 -27.30 31.98
CA SER BA 190 -27.47 -26.30 32.99
C SER BA 190 -27.83 -24.91 32.48
N SER BA 191 -28.24 -24.02 33.40
CA SER BA 191 -28.61 -22.66 33.02
C SER BA 191 -27.88 -21.76 34.00
N PRO BA 192 -26.67 -21.31 33.68
CA PRO BA 192 -25.91 -20.49 34.63
C PRO BA 192 -26.52 -19.12 34.96
N THR BA 193 -27.53 -18.68 34.19
CA THR BA 193 -28.20 -17.40 34.40
C THR BA 193 -29.67 -17.70 34.71
N GLU BA 194 -30.16 -17.35 35.93
CA GLU BA 194 -31.57 -17.57 36.30
C GLU BA 194 -32.48 -16.67 35.45
N PRO BA 195 -33.73 -17.10 35.15
CA PRO BA 195 -34.60 -16.28 34.27
C PRO BA 195 -34.67 -14.78 34.61
N VAL BA 196 -34.22 -13.94 33.66
CA VAL BA 196 -34.18 -12.49 33.81
C VAL BA 196 -35.57 -11.90 33.87
N LYS BA 197 -35.85 -11.18 34.97
CA LYS BA 197 -37.16 -10.58 35.25
C LYS BA 197 -37.14 -9.06 35.24
N ARG BA 198 -38.17 -8.48 34.63
CA ARG BA 198 -38.40 -7.04 34.54
C ARG BA 198 -39.81 -6.69 35.07
N SER BA 199 -40.07 -5.41 35.33
CA SER BA 199 -41.40 -4.96 35.74
C SER BA 199 -42.08 -4.27 34.54
N GLY BA 200 -42.04 -4.97 33.39
CA GLY BA 200 -42.57 -4.56 32.08
C GLY BA 200 -43.98 -4.03 32.06
N ARG BA 201 -44.07 -2.72 31.84
CA ARG BA 201 -45.34 -1.99 31.76
C ARG BA 201 -45.36 -1.30 30.39
N TYR BA 202 -45.10 -2.09 29.34
CA TYR BA 202 -45.04 -1.54 27.99
C TYR BA 202 -46.24 -1.94 27.16
N HIS BA 203 -47.42 -1.61 27.68
CA HIS BA 203 -48.66 -1.85 27.00
C HIS BA 203 -49.06 -0.55 26.27
N PHE BA 204 -49.54 -0.67 25.03
CA PHE BA 204 -49.99 0.48 24.28
C PHE BA 204 -51.48 0.35 24.13
N VAL BA 205 -52.26 1.37 24.55
CA VAL BA 205 -53.72 1.27 24.44
C VAL BA 205 -54.10 1.27 22.95
N PRO BA 206 -54.95 0.34 22.48
CA PRO BA 206 -55.26 0.27 21.04
C PRO BA 206 -55.73 1.61 20.47
N GLY BA 207 -55.09 2.03 19.38
CA GLY BA 207 -55.37 3.32 18.78
C GLY BA 207 -54.23 4.31 18.94
N THR BA 208 -53.26 4.05 19.83
CA THR BA 208 -52.13 4.97 20.04
C THR BA 208 -51.34 5.16 18.78
N THR BA 209 -51.11 4.07 18.01
CA THR BA 209 -50.40 4.12 16.74
C THR BA 209 -51.27 4.74 15.63
N ALA BA 210 -50.79 5.81 15.00
CA ALA BA 210 -51.55 6.47 13.94
C ALA BA 210 -51.45 5.65 12.66
N VAL BA 211 -52.60 5.16 12.21
CA VAL BA 211 -52.71 4.31 11.02
C VAL BA 211 -53.19 5.16 9.85
N LEU BA 212 -52.57 5.03 8.68
CA LEU BA 212 -52.96 5.79 7.50
C LEU BA 212 -53.83 4.97 6.55
N THR BA 213 -53.52 3.67 6.39
CA THR BA 213 -54.19 2.77 5.45
C THR BA 213 -54.50 1.44 6.12
N GLN BA 214 -55.63 0.83 5.80
CA GLN BA 214 -55.99 -0.48 6.36
C GLN BA 214 -56.82 -1.24 5.38
N THR BA 215 -56.31 -2.39 4.96
CA THR BA 215 -56.95 -3.31 4.04
C THR BA 215 -57.00 -4.68 4.75
N VAL BA 216 -58.15 -5.37 4.72
CA VAL BA 216 -58.25 -6.69 5.35
C VAL BA 216 -58.60 -7.76 4.31
N LYS BA 217 -57.75 -8.78 4.17
CA LYS BA 217 -57.99 -9.86 3.23
C LYS BA 217 -58.49 -11.09 3.97
N PRO BA 218 -59.78 -11.41 3.86
CA PRO BA 218 -60.28 -12.63 4.53
C PRO BA 218 -59.73 -13.89 3.83
N LEU BA 219 -59.47 -14.96 4.60
CA LEU BA 219 -58.92 -16.21 4.05
C LEU BA 219 -59.82 -17.42 4.42
N THR BA 220 -59.43 -18.63 3.99
CA THR BA 220 -60.17 -19.86 4.30
C THR BA 220 -59.18 -21.05 4.28
#